data_6NIN
#
_entry.id   6NIN
#
_cell.length_a   356.661
_cell.length_b   145.752
_cell.length_c   162.223
_cell.angle_alpha   90.000
_cell.angle_beta   104.970
_cell.angle_gamma   90.000
#
_symmetry.space_group_name_H-M   'C 1 2 1'
#
loop_
_entity.id
_entity.type
_entity.pdbx_description
1 polymer 'Cytochrome b'
2 polymer 'Cytochrome c1'
3 polymer 'Ubiquinol-cytochrome c reductase iron-sulfur subunit'
4 non-polymer 'PROTOPORPHYRIN IX CONTAINING FE'
5 non-polymer 'STIGMATELLIN A'
6 non-polymer 1,2-DIHEXANOYL-SN-GLYCERO-3-PHOSPHOETHANOLAMINE
7 non-polymer 'HEME C'
8 non-polymer 'STRONTIUM ION'
9 non-polymer 'octyl beta-D-glucopyranoside'
10 non-polymer 'FE2/S2 (INORGANIC) CLUSTER'
#
loop_
_entity_poly.entity_id
_entity_poly.type
_entity_poly.pdbx_seq_one_letter_code
_entity_poly.pdbx_strand_id
1 'polypeptide(L)'
;MSGIPHDHYEPRTGIEKWLHSRLPIVALAYDTIMIPTPRNLNWMWIWGVVLAFCLVLQIVTGIVLAMHYTPHVDLAFASV
EHIMRNVNGGFMLRYLHANGASLFFIAVYLHIFRGLYYGSYKAPREVTWIVGMLIYLAMMATAFMGYVLPWGQMSFWGAT
VITGLFGAIPGIGHSIQTWLLGGPCVDNATLNRFFSLHYLLPFVIAALVAIHIWAFHSTGNNNPTGVEVRRTSKAEAQKD
TVPFWPYFIIKDVFALAVVLLVFFAIVGFMPNYLGHPDNYIEANPLSTPAHIVPEWYFLPFYAILRAFTADVWVVQIANF
ISFGIIDAKFFGVLAMFGAILVMALVPWLDTSPVRSGRYRPMFKIYFWLLAADFVILTWVGAQQTTFPYDWISLIASAYW
FAYFLVILPILGAIEKPVAPPATIEEDFNAHYSPATGGTKTVVAE
;
A,E,K,O,S,W
2 'polypeptide(L)'
;AGGGHVEDVPFSFEGPFGTFDQHQLQRGLQVYTEVCAACHGMKFVPIRSLSEPGGPELPEDQVRAYATQFTVTDEETGED
REGKPTDHFPHSALENAPDLSLMAKARAGFHGPMGTGISQLFNGIGGPEYIYSVLTGFPEEPPKCAEGHEPDGFYYNRAF
QNGSVPDTCKDANGVKTTAGSWIAMPPPLMDDLVEYADGHDASVHAMAEDVSAFLMWAAEPKLMARKQAGFTAVMFLTVL
SVLLYLTNKRLWAGVKGKKKTNVGTGHHHHHH
;
B,F,L,P,T,X
3 'polypeptide(L)'
;MSNAEDHAGTRRDFLYYATAGAGAVATGAAVWPLINQMNPSADVQALASIFVDVSSVEPGVQLTVKFLGCPIFIRRRTEA
DIELGRSVQLGQLVDTNARNANIDAGAEATDQNRTLDEAGEWLVMWGVCTHLGCVPIGGVSGDFGGWFCPCHGSHYDSAG
RIRKGPAPENLPIPLAKFIDETTIQLG
;
C,G,M,Q,U,Y
#
loop_
_chem_comp.id
_chem_comp.type
_chem_comp.name
_chem_comp.formula
6PE non-polymer 1,2-DIHEXANOYL-SN-GLYCERO-3-PHOSPHOETHANOLAMINE 'C17 H33 N O8 P -1'
BOG D-saccharide 'octyl beta-D-glucopyranoside' 'C14 H28 O6'
FES non-polymer 'FE2/S2 (INORGANIC) CLUSTER' 'Fe2 S2'
HEC non-polymer 'HEME C' 'C34 H34 Fe N4 O4'
HEM non-polymer 'PROTOPORPHYRIN IX CONTAINING FE' 'C34 H32 Fe N4 O4'
SMA non-polymer 'STIGMATELLIN A' 'C30 H42 O7'
SR non-polymer 'STRONTIUM ION' 'Sr 2'
#
# COMPACT_ATOMS: atom_id res chain seq x y z
N GLY A 3 -48.16 -53.57 91.03
CA GLY A 3 -48.58 -54.23 92.25
C GLY A 3 -50.09 -54.31 92.39
N ILE A 4 -50.73 -53.15 92.34
CA ILE A 4 -52.20 -53.06 92.44
C ILE A 4 -52.74 -53.33 91.03
N PRO A 5 -53.89 -54.00 90.86
CA PRO A 5 -54.39 -54.21 89.49
C PRO A 5 -54.81 -52.88 88.86
N HIS A 6 -54.35 -52.65 87.64
CA HIS A 6 -54.62 -51.40 86.93
C HIS A 6 -54.35 -51.63 85.45
N ASP A 7 -54.83 -50.69 84.62
CA ASP A 7 -54.60 -50.74 83.19
C ASP A 7 -53.26 -50.09 82.87
N HIS A 8 -52.64 -50.55 81.79
CA HIS A 8 -51.29 -50.14 81.42
C HIS A 8 -51.29 -49.18 80.23
N TYR A 9 -50.11 -48.63 79.97
CA TYR A 9 -49.88 -47.64 78.93
C TYR A 9 -49.94 -48.30 77.55
N GLU A 10 -50.32 -47.50 76.54
CA GLU A 10 -50.34 -47.91 75.14
C GLU A 10 -49.97 -46.73 74.23
N PRO A 11 -48.90 -46.81 73.44
CA PRO A 11 -48.55 -45.66 72.57
C PRO A 11 -49.60 -45.41 71.50
N ARG A 12 -49.91 -44.12 71.30
CA ARG A 12 -50.93 -43.69 70.35
C ARG A 12 -50.32 -42.86 69.23
N THR A 13 -49.62 -41.77 69.54
CA THR A 13 -48.98 -40.97 68.49
C THR A 13 -47.82 -41.75 67.86
N GLY A 14 -47.50 -41.38 66.62
CA GLY A 14 -46.37 -42.00 65.96
C GLY A 14 -45.05 -41.79 66.68
N ILE A 15 -44.89 -40.62 67.32
CA ILE A 15 -43.68 -40.36 68.09
C ILE A 15 -43.64 -41.25 69.33
N GLU A 16 -44.81 -41.55 69.91
CA GLU A 16 -44.87 -42.39 71.09
C GLU A 16 -44.57 -43.85 70.75
N LYS A 17 -45.13 -44.35 69.64
CA LYS A 17 -44.82 -45.71 69.21
C LYS A 17 -43.33 -45.87 68.95
N TRP A 18 -42.70 -44.85 68.39
CA TRP A 18 -41.27 -44.89 68.10
C TRP A 18 -40.45 -44.96 69.38
N LEU A 19 -40.74 -44.08 70.34
CA LEU A 19 -39.97 -44.02 71.58
C LEU A 19 -40.22 -45.23 72.47
N HIS A 20 -41.48 -45.69 72.55
CA HIS A 20 -41.81 -46.79 73.47
C HIS A 20 -41.11 -48.09 73.09
N SER A 21 -40.85 -48.31 71.82
CA SER A 21 -40.16 -49.52 71.38
C SER A 21 -38.65 -49.44 71.54
N ARG A 22 -38.12 -48.36 72.12
CA ARG A 22 -36.69 -48.16 72.29
C ARG A 22 -36.34 -47.85 73.74
N LEU A 23 -37.09 -46.95 74.35
CA LEU A 23 -36.90 -46.58 75.75
C LEU A 23 -38.27 -46.28 76.35
N PRO A 24 -38.86 -47.22 77.18
CA PRO A 24 -40.22 -47.02 77.72
C PRO A 24 -40.30 -46.00 78.87
N ILE A 25 -39.68 -44.84 78.68
CA ILE A 25 -39.67 -43.83 79.73
C ILE A 25 -41.05 -43.20 79.88
N VAL A 26 -41.81 -43.08 78.79
CA VAL A 26 -43.16 -42.56 78.90
C VAL A 26 -44.03 -43.57 79.64
N ALA A 27 -43.84 -44.87 79.36
CA ALA A 27 -44.57 -45.91 80.06
C ALA A 27 -44.29 -45.86 81.56
N LEU A 28 -43.05 -45.54 81.93
CA LEU A 28 -42.68 -45.49 83.34
C LEU A 28 -43.34 -44.29 84.01
N ALA A 29 -43.34 -43.14 83.35
CA ALA A 29 -44.00 -41.96 83.89
C ALA A 29 -45.50 -42.19 84.00
N TYR A 30 -46.08 -42.92 83.06
CA TYR A 30 -47.51 -43.20 83.12
C TYR A 30 -47.84 -44.09 84.32
N ASP A 31 -47.17 -45.24 84.42
CA ASP A 31 -47.43 -46.16 85.52
C ASP A 31 -47.11 -45.54 86.87
N THR A 32 -46.21 -44.57 86.92
CA THR A 32 -45.90 -43.90 88.17
C THR A 32 -47.01 -42.93 88.54
N ILE A 33 -47.42 -42.08 87.58
CA ILE A 33 -48.33 -40.98 87.90
C ILE A 33 -49.79 -41.44 87.97
N MET A 34 -50.08 -42.67 87.54
CA MET A 34 -51.44 -43.20 87.49
C MET A 34 -51.66 -44.33 88.51
N ILE A 35 -50.76 -44.46 89.49
CA ILE A 35 -50.87 -45.51 90.51
C ILE A 35 -52.22 -45.41 91.23
N PRO A 36 -52.99 -46.49 91.38
CA PRO A 36 -54.23 -46.40 92.17
C PRO A 36 -53.93 -46.14 93.64
N THR A 37 -54.44 -45.02 94.16
CA THR A 37 -54.19 -44.54 95.50
C THR A 37 -55.48 -44.63 96.32
N PRO A 38 -55.43 -45.01 97.60
CA PRO A 38 -56.66 -45.10 98.41
C PRO A 38 -57.49 -43.82 98.37
N ARG A 39 -58.80 -44.00 98.21
CA ARG A 39 -59.72 -42.87 98.07
C ARG A 39 -59.78 -42.00 99.30
N ASN A 40 -59.45 -42.54 100.48
CA ASN A 40 -59.76 -41.92 101.76
C ASN A 40 -58.58 -41.21 102.40
N LEU A 41 -57.61 -40.77 101.60
CA LEU A 41 -56.49 -40.03 102.17
C LEU A 41 -56.96 -38.66 102.61
N ASN A 42 -56.55 -38.25 103.81
CA ASN A 42 -56.89 -36.97 104.39
C ASN A 42 -55.71 -35.99 104.21
N TRP A 43 -55.83 -34.81 104.83
CA TRP A 43 -54.89 -33.72 104.60
C TRP A 43 -53.50 -33.99 105.18
N MET A 44 -53.31 -35.05 105.96
CA MET A 44 -51.98 -35.38 106.48
C MET A 44 -51.12 -36.13 105.47
N TRP A 45 -51.64 -36.42 104.28
CA TRP A 45 -50.87 -37.11 103.25
C TRP A 45 -50.21 -36.14 102.27
N ILE A 46 -50.29 -34.83 102.54
CA ILE A 46 -49.72 -33.84 101.63
C ILE A 46 -48.24 -33.58 101.88
N TRP A 47 -47.73 -33.92 103.06
CA TRP A 47 -46.39 -33.46 103.43
C TRP A 47 -45.30 -34.14 102.61
N GLY A 48 -45.62 -35.25 101.95
CA GLY A 48 -44.65 -35.84 101.04
C GLY A 48 -44.36 -34.95 99.86
N VAL A 49 -45.40 -34.36 99.27
CA VAL A 49 -45.24 -33.46 98.12
C VAL A 49 -44.58 -32.16 98.56
N VAL A 50 -44.92 -31.67 99.75
CA VAL A 50 -44.30 -30.46 100.27
C VAL A 50 -42.80 -30.67 100.45
N LEU A 51 -42.41 -31.83 101.00
CA LEU A 51 -40.99 -32.13 101.15
C LEU A 51 -40.29 -32.19 99.81
N ALA A 52 -40.95 -32.77 98.79
CA ALA A 52 -40.35 -32.84 97.47
C ALA A 52 -40.12 -31.45 96.91
N PHE A 53 -41.11 -30.56 97.06
CA PHE A 53 -40.93 -29.19 96.58
C PHE A 53 -39.76 -28.52 97.30
N CYS A 54 -39.70 -28.69 98.63
CA CYS A 54 -38.61 -28.08 99.41
C CYS A 54 -37.25 -28.52 98.89
N LEU A 55 -37.09 -29.81 98.60
CA LEU A 55 -35.79 -30.30 98.12
C LEU A 55 -35.43 -29.62 96.81
N VAL A 56 -36.40 -29.44 95.93
CA VAL A 56 -36.16 -28.74 94.66
C VAL A 56 -35.88 -27.27 94.91
N LEU A 57 -36.69 -26.63 95.77
CA LEU A 57 -36.48 -25.23 96.11
C LEU A 57 -35.08 -24.99 96.66
N GLN A 58 -34.67 -25.83 97.62
CA GLN A 58 -33.35 -25.66 98.23
C GLN A 58 -32.24 -25.84 97.21
N ILE A 59 -32.38 -26.81 96.31
CA ILE A 59 -31.33 -27.09 95.36
C ILE A 59 -31.17 -25.93 94.38
N VAL A 60 -32.28 -25.43 93.82
CA VAL A 60 -32.16 -24.39 92.81
C VAL A 60 -31.73 -23.08 93.45
N THR A 61 -32.27 -22.76 94.62
CA THR A 61 -31.81 -21.56 95.32
C THR A 61 -30.40 -21.75 95.86
N GLY A 62 -30.06 -22.97 96.24
CA GLY A 62 -28.71 -23.24 96.72
C GLY A 62 -27.68 -23.03 95.63
N ILE A 63 -27.91 -23.64 94.47
CA ILE A 63 -27.01 -23.52 93.32
C ILE A 63 -26.83 -22.06 92.95
N VAL A 64 -27.92 -21.31 92.94
CA VAL A 64 -27.88 -19.90 92.59
C VAL A 64 -27.06 -19.12 93.62
N LEU A 65 -27.28 -19.39 94.91
CA LEU A 65 -26.49 -18.73 95.93
C LEU A 65 -25.01 -19.05 95.78
N ALA A 66 -24.68 -20.29 95.40
CA ALA A 66 -23.29 -20.67 95.24
C ALA A 66 -22.60 -19.96 94.07
N MET A 67 -23.36 -19.32 93.19
CA MET A 67 -22.76 -18.56 92.10
C MET A 67 -22.20 -17.23 92.58
N HIS A 68 -22.51 -16.82 93.81
CA HIS A 68 -22.15 -15.52 94.34
C HIS A 68 -21.48 -15.60 95.71
N TYR A 69 -21.35 -16.80 96.27
CA TYR A 69 -20.82 -17.00 97.62
C TYR A 69 -19.37 -17.46 97.51
N THR A 70 -18.54 -17.01 98.45
CA THR A 70 -17.12 -17.37 98.50
C THR A 70 -16.80 -18.14 99.77
N PRO A 71 -16.47 -19.45 99.71
CA PRO A 71 -16.15 -20.20 100.95
C PRO A 71 -14.74 -19.93 101.47
N HIS A 72 -14.52 -18.71 101.96
CA HIS A 72 -13.25 -18.35 102.59
C HIS A 72 -13.54 -17.43 103.75
N VAL A 73 -12.84 -17.66 104.87
CA VAL A 73 -13.13 -16.99 106.13
C VAL A 73 -13.01 -15.47 106.02
N ASP A 74 -12.12 -14.99 105.17
CA ASP A 74 -11.98 -13.55 104.97
C ASP A 74 -13.06 -12.96 104.10
N LEU A 75 -13.80 -13.81 103.36
CA LEU A 75 -14.74 -13.36 102.34
C LEU A 75 -16.14 -13.93 102.49
N ALA A 76 -16.31 -15.01 103.27
CA ALA A 76 -17.60 -15.69 103.33
C ALA A 76 -18.71 -14.76 103.79
N PHE A 77 -18.56 -14.19 104.99
CA PHE A 77 -19.57 -13.28 105.52
C PHE A 77 -19.77 -12.08 104.59
N ALA A 78 -18.68 -11.48 104.11
CA ALA A 78 -18.79 -10.35 103.20
C ALA A 78 -19.50 -10.74 101.91
N SER A 79 -19.28 -11.97 101.44
CA SER A 79 -19.88 -12.40 100.18
C SER A 79 -21.38 -12.63 100.34
N VAL A 80 -21.84 -12.98 101.54
CA VAL A 80 -23.26 -13.12 101.78
C VAL A 80 -23.94 -11.75 101.78
N GLU A 81 -23.28 -10.74 102.36
CA GLU A 81 -23.82 -9.38 102.27
C GLU A 81 -23.77 -8.86 100.84
N HIS A 82 -22.78 -9.31 100.05
CA HIS A 82 -22.75 -8.94 98.65
C HIS A 82 -23.99 -9.47 97.94
N ILE A 83 -24.35 -10.72 98.20
CA ILE A 83 -25.59 -11.29 97.69
C ILE A 83 -26.79 -10.45 98.13
N MET A 84 -26.89 -10.18 99.42
CA MET A 84 -28.04 -9.46 99.96
C MET A 84 -28.19 -8.07 99.36
N ARG A 85 -27.07 -7.37 99.11
CA ARG A 85 -27.12 -5.96 98.73
C ARG A 85 -26.97 -5.70 97.24
N ASN A 86 -26.16 -6.49 96.53
CA ASN A 86 -25.77 -6.17 95.16
C ASN A 86 -26.37 -7.09 94.11
N VAL A 87 -26.45 -8.39 94.38
CA VAL A 87 -26.95 -9.34 93.39
C VAL A 87 -28.44 -9.11 93.18
N ASN A 88 -28.84 -9.07 91.91
CA ASN A 88 -30.25 -8.93 91.54
C ASN A 88 -31.09 -10.02 92.20
N GLY A 89 -32.03 -9.60 93.05
CA GLY A 89 -32.87 -10.53 93.77
C GLY A 89 -32.17 -11.38 94.81
N GLY A 90 -30.93 -11.03 95.16
CA GLY A 90 -30.15 -11.88 96.05
C GLY A 90 -30.74 -11.97 97.44
N PHE A 91 -31.29 -10.86 97.93
CA PHE A 91 -31.90 -10.85 99.26
C PHE A 91 -33.02 -11.87 99.35
N MET A 92 -33.81 -12.03 98.28
CA MET A 92 -34.95 -12.92 98.32
C MET A 92 -34.49 -14.37 98.18
N LEU A 93 -33.49 -14.63 97.33
CA LEU A 93 -32.99 -15.98 97.17
C LEU A 93 -32.33 -16.47 98.45
N ARG A 94 -31.62 -15.58 99.15
CA ARG A 94 -30.98 -15.93 100.41
C ARG A 94 -32.04 -16.26 101.46
N TYR A 95 -33.05 -15.40 101.59
CA TYR A 95 -34.09 -15.64 102.57
C TYR A 95 -34.91 -16.89 102.22
N LEU A 96 -35.08 -17.17 100.92
CA LEU A 96 -35.82 -18.37 100.53
C LEU A 96 -35.05 -19.62 100.92
N HIS A 97 -33.73 -19.62 100.71
CA HIS A 97 -32.92 -20.78 101.05
C HIS A 97 -32.89 -20.97 102.56
N ALA A 98 -32.76 -19.89 103.31
CA ALA A 98 -32.66 -19.99 104.76
C ALA A 98 -34.00 -20.42 105.37
N ASN A 99 -35.06 -19.65 105.10
CA ASN A 99 -36.37 -20.03 105.59
C ASN A 99 -36.89 -21.30 104.94
N GLY A 100 -36.42 -21.60 103.72
CA GLY A 100 -36.83 -22.85 103.10
C GLY A 100 -36.37 -24.05 103.87
N ALA A 101 -35.21 -23.95 104.53
CA ALA A 101 -34.74 -25.03 105.37
C ALA A 101 -35.69 -25.24 106.55
N SER A 102 -36.23 -24.14 107.09
CA SER A 102 -37.18 -24.25 108.19
C SER A 102 -38.46 -24.93 107.72
N LEU A 103 -38.99 -24.51 106.57
CA LEU A 103 -40.18 -25.15 106.02
C LEU A 103 -39.91 -26.63 105.77
N PHE A 104 -38.70 -26.95 105.28
CA PHE A 104 -38.31 -28.32 105.02
C PHE A 104 -38.45 -29.17 106.27
N PHE A 105 -38.09 -28.63 107.43
CA PHE A 105 -38.06 -29.38 108.67
C PHE A 105 -39.43 -29.42 109.34
N ILE A 106 -40.23 -28.36 109.20
CA ILE A 106 -41.63 -28.40 109.63
C ILE A 106 -42.33 -29.56 108.93
N ALA A 107 -42.03 -29.75 107.65
CA ALA A 107 -42.69 -30.78 106.85
C ALA A 107 -42.27 -32.18 107.27
N VAL A 108 -40.98 -32.41 107.54
CA VAL A 108 -40.56 -33.75 107.96
C VAL A 108 -41.19 -34.15 109.28
N TYR A 109 -41.26 -33.22 110.24
CA TYR A 109 -41.76 -33.60 111.54
C TYR A 109 -43.24 -33.98 111.48
N LEU A 110 -44.03 -33.24 110.70
CA LEU A 110 -45.41 -33.63 110.46
C LEU A 110 -45.49 -34.93 109.67
N HIS A 111 -44.65 -35.05 108.65
CA HIS A 111 -44.52 -36.28 107.88
C HIS A 111 -44.19 -37.47 108.78
N ILE A 112 -43.22 -37.30 109.69
CA ILE A 112 -42.81 -38.41 110.55
C ILE A 112 -43.93 -38.79 111.52
N PHE A 113 -44.53 -37.78 112.18
CA PHE A 113 -45.56 -38.09 113.17
C PHE A 113 -46.82 -38.62 112.51
N ARG A 114 -47.08 -38.26 111.25
CA ARG A 114 -48.14 -38.93 110.50
C ARG A 114 -47.88 -40.42 110.45
N GLY A 115 -46.67 -40.79 110.02
CA GLY A 115 -46.31 -42.20 109.94
C GLY A 115 -46.40 -42.93 111.26
N LEU A 116 -45.97 -42.27 112.34
CA LEU A 116 -45.97 -42.90 113.66
C LEU A 116 -47.39 -43.17 114.16
N TYR A 117 -48.37 -42.36 113.73
CA TYR A 117 -49.75 -42.51 114.18
C TYR A 117 -50.48 -43.61 113.42
N TYR A 118 -50.34 -43.62 112.11
CA TYR A 118 -51.10 -44.50 111.23
C TYR A 118 -50.40 -45.83 110.96
N GLY A 119 -49.24 -46.06 111.58
CA GLY A 119 -48.53 -47.31 111.41
C GLY A 119 -48.00 -47.48 110.01
N SER A 120 -47.55 -46.38 109.40
CA SER A 120 -46.98 -46.43 108.06
C SER A 120 -45.59 -47.05 108.06
N TYR A 121 -45.02 -47.33 109.22
CA TYR A 121 -43.73 -47.98 109.37
C TYR A 121 -43.85 -49.50 109.50
N LYS A 122 -45.03 -49.98 109.86
CA LYS A 122 -45.25 -51.40 110.06
C LYS A 122 -45.23 -52.12 108.72
N ALA A 123 -44.98 -53.44 108.80
CA ALA A 123 -44.91 -54.30 107.63
C ALA A 123 -46.11 -54.05 106.70
N PRO A 124 -45.91 -54.04 105.37
CA PRO A 124 -44.69 -54.28 104.58
C PRO A 124 -43.86 -53.03 104.28
N ARG A 125 -43.95 -52.00 105.14
CA ARG A 125 -43.39 -50.69 104.82
C ARG A 125 -42.13 -50.37 105.61
N GLU A 126 -41.40 -51.39 106.09
CA GLU A 126 -40.18 -51.14 106.85
C GLU A 126 -39.14 -50.42 106.00
N VAL A 127 -38.98 -50.83 104.74
CA VAL A 127 -37.93 -50.25 103.90
C VAL A 127 -38.20 -48.77 103.67
N THR A 128 -39.45 -48.39 103.41
CA THR A 128 -39.78 -46.98 103.26
C THR A 128 -39.35 -46.18 104.49
N TRP A 129 -39.58 -46.75 105.68
CA TRP A 129 -39.28 -46.06 106.93
C TRP A 129 -37.77 -45.91 107.12
N ILE A 130 -37.02 -46.98 106.86
CA ILE A 130 -35.57 -46.92 107.04
C ILE A 130 -34.93 -45.97 106.03
N VAL A 131 -35.39 -46.01 104.79
CA VAL A 131 -34.90 -45.05 103.80
C VAL A 131 -35.23 -43.64 104.24
N GLY A 132 -36.41 -43.44 104.81
CA GLY A 132 -36.76 -42.15 105.37
C GLY A 132 -35.78 -41.69 106.44
N MET A 133 -35.40 -42.60 107.34
CA MET A 133 -34.47 -42.25 108.41
C MET A 133 -33.11 -41.83 107.86
N LEU A 134 -32.65 -42.50 106.80
CA LEU A 134 -31.39 -42.10 106.18
C LEU A 134 -31.50 -40.70 105.60
N ILE A 135 -32.62 -40.41 104.94
CA ILE A 135 -32.86 -39.07 104.40
C ILE A 135 -32.82 -38.05 105.52
N TYR A 136 -33.43 -38.39 106.66
CA TYR A 136 -33.51 -37.46 107.78
C TYR A 136 -32.14 -37.13 108.33
N LEU A 137 -31.26 -38.14 108.50
CA LEU A 137 -29.90 -37.86 108.94
C LEU A 137 -29.16 -36.97 107.95
N ALA A 138 -29.35 -37.23 106.65
CA ALA A 138 -28.67 -36.42 105.65
C ALA A 138 -29.16 -34.98 105.68
N MET A 139 -30.46 -34.79 105.86
CA MET A 139 -31.00 -33.44 105.94
C MET A 139 -30.37 -32.67 107.09
N MET A 140 -30.30 -33.28 108.27
CA MET A 140 -29.73 -32.60 109.43
C MET A 140 -28.26 -32.28 109.19
N ALA A 141 -27.50 -33.26 108.70
CA ALA A 141 -26.10 -33.02 108.40
C ALA A 141 -25.96 -31.95 107.33
N THR A 142 -26.83 -32.00 106.31
CA THR A 142 -26.82 -31.00 105.26
C THR A 142 -27.17 -29.63 105.82
N ALA A 143 -28.24 -29.56 106.62
CA ALA A 143 -28.69 -28.28 107.16
C ALA A 143 -27.65 -27.70 108.10
N PHE A 144 -26.97 -28.56 108.85
CA PHE A 144 -25.90 -28.12 109.73
C PHE A 144 -24.82 -27.41 108.93
N MET A 145 -24.31 -28.07 107.88
CA MET A 145 -23.20 -27.50 107.12
C MET A 145 -23.61 -26.22 106.41
N GLY A 146 -24.86 -26.14 105.96
CA GLY A 146 -25.33 -24.91 105.35
C GLY A 146 -25.25 -23.74 106.31
N TYR A 147 -25.62 -23.97 107.57
CA TYR A 147 -25.66 -22.92 108.57
C TYR A 147 -24.26 -22.42 108.90
N VAL A 148 -23.23 -23.24 108.65
CA VAL A 148 -21.86 -22.80 108.92
C VAL A 148 -21.36 -21.82 107.85
N LEU A 149 -21.89 -21.91 106.63
CA LEU A 149 -21.33 -21.15 105.50
C LEU A 149 -21.35 -19.64 105.68
N PRO A 150 -22.41 -18.99 106.22
CA PRO A 150 -22.34 -17.53 106.44
C PRO A 150 -21.23 -17.09 107.36
N TRP A 151 -20.71 -17.98 108.21
CA TRP A 151 -19.60 -17.65 109.10
C TRP A 151 -19.95 -16.56 110.10
N GLY A 152 -21.16 -16.63 110.65
CA GLY A 152 -21.54 -15.78 111.77
C GLY A 152 -21.11 -16.42 113.08
N GLN A 153 -21.56 -15.83 114.19
CA GLN A 153 -21.17 -16.37 115.49
C GLN A 153 -21.82 -17.72 115.74
N MET A 154 -23.10 -17.87 115.38
CA MET A 154 -23.77 -19.16 115.54
C MET A 154 -23.17 -20.19 114.58
N SER A 155 -22.82 -19.74 113.38
CA SER A 155 -22.16 -20.60 112.39
C SER A 155 -20.88 -21.19 112.96
N PHE A 156 -19.99 -20.34 113.47
CA PHE A 156 -18.67 -20.78 113.88
C PHE A 156 -18.74 -21.70 115.10
N TRP A 157 -19.52 -21.32 116.11
CA TRP A 157 -19.50 -22.07 117.36
C TRP A 157 -20.38 -23.31 117.28
N GLY A 158 -21.42 -23.29 116.45
CA GLY A 158 -22.17 -24.51 116.19
C GLY A 158 -21.30 -25.56 115.52
N ALA A 159 -20.44 -25.12 114.61
CA ALA A 159 -19.54 -26.05 113.93
C ALA A 159 -18.53 -26.64 114.91
N THR A 160 -18.03 -25.82 115.83
CA THR A 160 -17.13 -26.30 116.87
C THR A 160 -17.82 -27.39 117.70
N VAL A 161 -19.07 -27.14 118.11
CA VAL A 161 -19.78 -28.06 118.99
C VAL A 161 -20.10 -29.35 118.25
N ILE A 162 -20.59 -29.25 117.01
CA ILE A 162 -21.11 -30.44 116.33
C ILE A 162 -19.97 -31.34 115.88
N THR A 163 -18.84 -30.76 115.47
CA THR A 163 -17.66 -31.60 115.25
C THR A 163 -17.12 -32.15 116.56
N GLY A 164 -17.38 -31.43 117.66
CA GLY A 164 -16.97 -31.90 118.98
C GLY A 164 -17.71 -33.14 119.43
N LEU A 165 -18.92 -33.37 118.90
CA LEU A 165 -19.68 -34.58 119.24
C LEU A 165 -18.84 -35.82 118.96
N PHE A 166 -18.09 -35.80 117.87
CA PHE A 166 -17.33 -36.97 117.46
C PHE A 166 -16.07 -37.12 118.32
N GLY A 167 -15.63 -36.02 118.94
CA GLY A 167 -14.53 -36.08 119.89
C GLY A 167 -14.88 -36.84 121.16
N ALA A 168 -16.17 -37.06 121.40
CA ALA A 168 -16.63 -37.75 122.60
C ALA A 168 -16.55 -39.28 122.46
N ILE A 169 -16.25 -39.78 121.27
CA ILE A 169 -16.13 -41.23 121.07
C ILE A 169 -14.87 -41.73 121.75
N PRO A 170 -14.94 -42.72 122.65
CA PRO A 170 -13.71 -43.19 123.32
C PRO A 170 -12.67 -43.71 122.35
N GLY A 171 -11.41 -43.45 122.67
CA GLY A 171 -10.29 -43.97 121.92
C GLY A 171 -9.99 -43.18 120.67
N ILE A 172 -10.92 -43.20 119.71
CA ILE A 172 -10.72 -42.63 118.38
C ILE A 172 -11.33 -41.24 118.24
N GLY A 173 -12.02 -40.74 119.26
CA GLY A 173 -12.77 -39.50 119.12
C GLY A 173 -11.90 -38.33 118.69
N HIS A 174 -10.75 -38.15 119.35
CA HIS A 174 -9.93 -36.98 119.04
C HIS A 174 -9.35 -37.08 117.63
N SER A 175 -9.06 -38.30 117.17
CA SER A 175 -8.57 -38.48 115.81
C SER A 175 -9.61 -38.07 114.79
N ILE A 176 -10.85 -38.53 114.96
CA ILE A 176 -11.94 -38.16 114.05
C ILE A 176 -12.13 -36.65 114.03
N GLN A 177 -12.08 -36.02 115.21
CA GLN A 177 -12.33 -34.58 115.28
C GLN A 177 -11.26 -33.81 114.53
N THR A 178 -9.99 -34.15 114.72
CA THR A 178 -8.92 -33.48 113.99
C THR A 178 -9.09 -33.70 112.49
N TRP A 179 -9.46 -34.92 112.10
CA TRP A 179 -9.68 -35.22 110.69
C TRP A 179 -10.80 -34.39 110.10
N LEU A 180 -11.90 -34.25 110.83
CA LEU A 180 -13.01 -33.39 110.38
C LEU A 180 -12.57 -31.94 110.36
N LEU A 181 -11.77 -31.51 111.32
CA LEU A 181 -11.40 -30.11 111.43
C LEU A 181 -10.30 -29.73 110.46
N GLY A 182 -9.40 -30.66 110.15
CA GLY A 182 -8.25 -30.30 109.34
C GLY A 182 -7.22 -29.50 110.10
N GLY A 183 -7.25 -29.59 111.43
CA GLY A 183 -6.33 -28.86 112.27
C GLY A 183 -6.73 -29.00 113.73
N PRO A 184 -6.12 -28.21 114.60
CA PRO A 184 -6.48 -28.31 116.02
C PRO A 184 -7.82 -27.68 116.34
N CYS A 185 -8.22 -26.67 115.56
CA CYS A 185 -9.46 -25.93 115.85
C CYS A 185 -10.13 -25.51 114.55
N VAL A 186 -11.38 -25.08 114.67
CA VAL A 186 -12.21 -24.67 113.54
C VAL A 186 -11.59 -23.46 112.85
N ASP A 187 -11.25 -23.61 111.57
CA ASP A 187 -10.59 -22.55 110.81
C ASP A 187 -11.01 -22.66 109.34
N ASN A 188 -10.20 -22.09 108.44
CA ASN A 188 -10.57 -22.02 107.02
C ASN A 188 -10.72 -23.40 106.40
N ALA A 189 -9.83 -24.34 106.72
CA ALA A 189 -9.94 -25.69 106.20
C ALA A 189 -11.31 -26.30 106.45
N THR A 190 -11.93 -25.98 107.58
CA THR A 190 -13.26 -26.50 107.89
C THR A 190 -14.32 -25.87 106.99
N LEU A 191 -14.27 -24.55 106.81
CA LEU A 191 -15.24 -23.89 105.96
C LEU A 191 -15.20 -24.40 104.52
N ASN A 192 -14.00 -24.62 103.98
CA ASN A 192 -13.89 -25.03 102.57
C ASN A 192 -14.51 -26.39 102.35
N ARG A 193 -14.30 -27.33 103.29
CA ARG A 193 -14.81 -28.68 103.11
C ARG A 193 -16.30 -28.77 103.43
N PHE A 194 -16.81 -27.96 104.35
CA PHE A 194 -18.25 -27.96 104.57
C PHE A 194 -19.01 -27.47 103.34
N PHE A 195 -18.41 -26.57 102.56
CA PHE A 195 -19.09 -26.10 101.36
C PHE A 195 -19.24 -27.23 100.35
N SER A 196 -18.17 -27.99 100.12
CA SER A 196 -18.23 -29.09 99.17
C SER A 196 -19.25 -30.14 99.62
N LEU A 197 -19.27 -30.45 100.91
CA LEU A 197 -20.17 -31.49 101.41
C LEU A 197 -21.61 -30.98 101.47
N HIS A 198 -21.80 -29.68 101.69
CA HIS A 198 -23.14 -29.13 101.66
C HIS A 198 -23.73 -29.20 100.27
N TYR A 199 -22.87 -29.13 99.24
CA TYR A 199 -23.32 -29.22 97.86
C TYR A 199 -23.65 -30.66 97.49
N LEU A 200 -22.79 -31.59 97.92
CA LEU A 200 -22.94 -33.00 97.57
C LEU A 200 -24.21 -33.61 98.16
N LEU A 201 -24.41 -33.45 99.46
CA LEU A 201 -25.44 -34.23 100.17
C LEU A 201 -26.85 -34.06 99.62
N PRO A 202 -27.32 -32.87 99.22
CA PRO A 202 -28.66 -32.78 98.62
C PRO A 202 -28.86 -33.69 97.42
N PHE A 203 -27.79 -34.02 96.69
CA PHE A 203 -27.93 -34.96 95.59
C PHE A 203 -28.05 -36.39 96.11
N VAL A 204 -27.37 -36.69 97.22
CA VAL A 204 -27.55 -37.99 97.86
C VAL A 204 -28.96 -38.13 98.41
N ILE A 205 -29.49 -37.05 99.00
CA ILE A 205 -30.87 -37.04 99.46
C ILE A 205 -31.83 -37.32 98.30
N ALA A 206 -31.57 -36.70 97.16
CA ALA A 206 -32.42 -36.89 95.98
C ALA A 206 -32.41 -38.35 95.55
N ALA A 207 -31.25 -38.99 95.60
CA ALA A 207 -31.17 -40.40 95.25
C ALA A 207 -31.95 -41.25 96.25
N LEU A 208 -31.85 -40.93 97.54
CA LEU A 208 -32.62 -41.65 98.54
C LEU A 208 -34.10 -41.45 98.34
N VAL A 209 -34.51 -40.23 97.99
CA VAL A 209 -35.93 -39.96 97.76
C VAL A 209 -36.45 -40.82 96.61
N ALA A 210 -35.61 -41.07 95.59
CA ALA A 210 -36.06 -41.93 94.49
C ALA A 210 -36.37 -43.34 94.99
N ILE A 211 -35.52 -43.88 95.87
CA ILE A 211 -35.78 -45.19 96.46
C ILE A 211 -36.97 -45.10 97.41
N HIS A 212 -37.03 -44.01 98.18
CA HIS A 212 -38.19 -43.74 99.04
C HIS A 212 -39.47 -43.81 98.23
N ILE A 213 -39.48 -43.16 97.06
CA ILE A 213 -40.68 -43.17 96.22
C ILE A 213 -40.88 -44.56 95.63
N TRP A 214 -39.79 -45.20 95.21
CA TRP A 214 -39.86 -46.57 94.71
C TRP A 214 -40.38 -47.53 95.79
N ALA A 215 -40.05 -47.27 97.06
CA ALA A 215 -40.40 -48.20 98.12
C ALA A 215 -41.90 -48.26 98.36
N PHE A 216 -42.57 -47.11 98.47
CA PHE A 216 -44.00 -47.13 98.75
C PHE A 216 -44.84 -47.28 97.48
N HIS A 217 -44.22 -47.19 96.30
CA HIS A 217 -44.92 -47.55 95.08
C HIS A 217 -44.99 -49.07 94.95
N SER A 218 -43.96 -49.78 95.42
CA SER A 218 -43.98 -51.24 95.37
C SER A 218 -45.06 -51.81 96.28
N THR A 219 -45.24 -51.24 97.47
CA THR A 219 -46.20 -51.73 98.45
C THR A 219 -47.56 -51.04 98.33
N GLY A 220 -47.59 -49.82 97.82
CA GLY A 220 -48.78 -48.98 97.83
C GLY A 220 -48.89 -48.13 99.08
N ASN A 221 -49.49 -46.95 98.91
CA ASN A 221 -49.63 -45.99 99.99
C ASN A 221 -50.51 -46.54 101.10
N ASN A 222 -50.14 -46.22 102.34
CA ASN A 222 -51.01 -46.46 103.48
C ASN A 222 -52.17 -45.47 103.44
N ASN A 223 -53.23 -45.77 104.20
CA ASN A 223 -54.37 -44.87 104.32
C ASN A 223 -54.84 -44.81 105.77
N PRO A 224 -55.68 -43.84 106.14
CA PRO A 224 -56.06 -43.69 107.56
C PRO A 224 -56.62 -44.92 108.25
N THR A 225 -57.20 -45.88 107.51
CA THR A 225 -57.78 -47.06 108.15
C THR A 225 -56.79 -48.18 108.37
N GLY A 226 -55.65 -48.16 107.68
CA GLY A 226 -54.71 -49.26 107.77
C GLY A 226 -55.16 -50.53 107.07
N VAL A 227 -56.31 -50.48 106.37
CA VAL A 227 -56.84 -51.62 105.64
C VAL A 227 -56.32 -51.56 104.22
N GLU A 228 -55.71 -52.65 103.77
CA GLU A 228 -55.08 -52.65 102.46
C GLU A 228 -56.12 -52.73 101.35
N VAL A 229 -55.74 -52.22 100.19
CA VAL A 229 -56.59 -52.29 99.01
C VAL A 229 -56.82 -53.75 98.63
N ARG A 230 -58.06 -54.08 98.27
CA ARG A 230 -58.37 -55.42 97.81
C ARG A 230 -57.69 -55.65 96.47
N ARG A 231 -57.00 -56.79 96.33
CA ARG A 231 -56.20 -57.09 95.16
C ARG A 231 -56.68 -58.30 94.39
N THR A 232 -57.78 -58.93 94.79
CA THR A 232 -58.26 -60.14 94.11
C THR A 232 -58.79 -59.87 92.71
N SER A 233 -59.20 -58.65 92.40
CA SER A 233 -59.66 -58.32 91.06
C SER A 233 -59.64 -56.82 90.85
N LYS A 234 -59.62 -56.42 89.58
CA LYS A 234 -59.60 -55.00 89.23
C LYS A 234 -60.89 -54.31 89.66
N ALA A 235 -62.00 -55.06 89.67
CA ALA A 235 -63.29 -54.47 90.03
C ALA A 235 -63.27 -53.86 91.42
N GLU A 236 -62.84 -54.62 92.42
CA GLU A 236 -62.85 -54.15 93.79
C GLU A 236 -61.59 -53.39 94.17
N ALA A 237 -60.52 -53.49 93.38
CA ALA A 237 -59.38 -52.63 93.60
C ALA A 237 -59.71 -51.19 93.24
N GLN A 238 -60.55 -51.01 92.23
CA GLN A 238 -60.97 -49.69 91.76
C GLN A 238 -61.99 -49.05 92.70
N LYS A 239 -62.77 -49.84 93.41
CA LYS A 239 -63.70 -49.31 94.39
C LYS A 239 -63.00 -48.79 95.64
N ASP A 240 -61.77 -49.26 95.92
CA ASP A 240 -61.00 -48.80 97.06
C ASP A 240 -60.07 -47.64 96.71
N THR A 241 -59.86 -47.36 95.42
CA THR A 241 -58.81 -46.45 94.98
C THR A 241 -59.33 -45.54 93.87
N VAL A 242 -58.56 -44.47 93.63
CA VAL A 242 -58.65 -43.67 92.41
C VAL A 242 -57.22 -43.42 91.92
N PRO A 243 -57.03 -43.18 90.62
CA PRO A 243 -55.67 -42.94 90.15
C PRO A 243 -55.07 -41.67 90.73
N PHE A 244 -53.76 -41.75 91.02
CA PHE A 244 -53.03 -40.64 91.61
C PHE A 244 -53.20 -39.34 90.83
N TRP A 245 -52.95 -39.39 89.52
CA TRP A 245 -53.29 -38.30 88.61
C TRP A 245 -54.69 -38.54 88.02
N PRO A 246 -55.58 -37.53 87.99
CA PRO A 246 -55.48 -36.15 88.48
C PRO A 246 -55.93 -35.95 89.95
N TYR A 247 -56.69 -36.92 90.47
CA TYR A 247 -57.43 -36.72 91.72
C TYR A 247 -56.53 -36.29 92.88
N PHE A 248 -55.39 -36.96 93.05
CA PHE A 248 -54.48 -36.65 94.16
C PHE A 248 -53.31 -35.75 93.79
N ILE A 249 -52.98 -35.62 92.50
CA ILE A 249 -52.02 -34.61 92.08
C ILE A 249 -52.56 -33.22 92.43
N ILE A 250 -53.78 -32.94 92.00
CA ILE A 250 -54.38 -31.62 92.19
C ILE A 250 -54.59 -31.32 93.67
N LYS A 251 -55.03 -32.31 94.45
CA LYS A 251 -55.21 -32.05 95.88
C LYS A 251 -53.88 -31.72 96.53
N ASP A 252 -52.81 -32.38 96.09
CA ASP A 252 -51.49 -32.10 96.66
C ASP A 252 -51.00 -30.73 96.20
N VAL A 253 -51.13 -30.44 94.91
CA VAL A 253 -50.73 -29.14 94.38
C VAL A 253 -51.53 -28.04 95.04
N PHE A 254 -52.82 -28.28 95.30
CA PHE A 254 -53.64 -27.31 96.01
C PHE A 254 -53.08 -27.07 97.40
N ALA A 255 -52.87 -28.15 98.15
CA ALA A 255 -52.32 -28.03 99.50
C ALA A 255 -50.97 -27.33 99.47
N LEU A 256 -50.16 -27.65 98.47
CA LEU A 256 -48.85 -27.00 98.33
C LEU A 256 -49.02 -25.50 98.12
N ALA A 257 -49.98 -25.09 97.30
CA ALA A 257 -50.20 -23.67 97.06
C ALA A 257 -50.56 -22.95 98.34
N VAL A 258 -51.29 -23.62 99.24
CA VAL A 258 -51.67 -22.99 100.50
C VAL A 258 -50.46 -22.94 101.43
N VAL A 259 -49.68 -24.02 101.46
CA VAL A 259 -48.45 -24.04 102.25
C VAL A 259 -47.48 -22.98 101.74
N LEU A 260 -47.32 -22.87 100.42
CA LEU A 260 -46.40 -21.89 99.89
C LEU A 260 -46.92 -20.48 100.05
N LEU A 261 -48.25 -20.30 100.05
CA LEU A 261 -48.82 -18.98 100.33
C LEU A 261 -48.36 -18.48 101.69
N VAL A 262 -48.48 -19.33 102.72
CA VAL A 262 -48.03 -18.96 104.05
C VAL A 262 -46.52 -18.75 104.05
N PHE A 263 -45.79 -19.70 103.44
CA PHE A 263 -44.33 -19.64 103.43
C PHE A 263 -43.82 -18.35 102.80
N PHE A 264 -44.41 -17.92 101.70
CA PHE A 264 -43.96 -16.69 101.06
C PHE A 264 -44.35 -15.46 101.86
N ALA A 265 -45.41 -15.55 102.68
CA ALA A 265 -45.71 -14.45 103.57
C ALA A 265 -44.64 -14.31 104.64
N ILE A 266 -44.18 -15.43 105.18
CA ILE A 266 -43.08 -15.41 106.15
C ILE A 266 -41.84 -14.80 105.52
N VAL A 267 -41.43 -15.33 104.37
CA VAL A 267 -40.19 -14.88 103.74
C VAL A 267 -40.29 -13.40 103.36
N GLY A 268 -41.48 -12.97 102.95
CA GLY A 268 -41.65 -11.59 102.51
C GLY A 268 -41.74 -10.60 103.63
N PHE A 269 -42.29 -11.01 104.79
CA PHE A 269 -42.68 -10.08 105.84
C PHE A 269 -42.06 -10.36 107.21
N MET A 270 -41.53 -11.55 107.45
CA MET A 270 -40.83 -11.82 108.70
C MET A 270 -39.78 -12.89 108.45
N PRO A 271 -38.81 -12.60 107.58
CA PRO A 271 -37.84 -13.63 107.18
C PRO A 271 -36.87 -14.04 108.27
N ASN A 272 -36.72 -13.25 109.34
CA ASN A 272 -35.74 -13.52 110.39
C ASN A 272 -36.35 -14.07 111.68
N TYR A 273 -37.68 -14.27 111.74
CA TYR A 273 -38.31 -14.74 112.96
C TYR A 273 -37.72 -16.07 113.42
N LEU A 274 -37.53 -17.00 112.49
CA LEU A 274 -37.05 -18.33 112.82
C LEU A 274 -35.52 -18.41 112.86
N GLY A 275 -34.82 -17.27 112.80
CA GLY A 275 -33.38 -17.23 112.80
C GLY A 275 -32.86 -16.75 114.15
N HIS A 276 -31.54 -16.77 114.28
CA HIS A 276 -30.86 -16.30 115.48
C HIS A 276 -30.15 -14.99 115.17
N PRO A 277 -30.48 -13.86 115.83
CA PRO A 277 -29.82 -12.59 115.48
C PRO A 277 -28.30 -12.60 115.60
N ASP A 278 -27.73 -13.46 116.44
CA ASP A 278 -26.29 -13.45 116.66
C ASP A 278 -25.50 -13.91 115.44
N ASN A 279 -26.15 -14.49 114.43
CA ASN A 279 -25.45 -14.90 113.22
C ASN A 279 -25.25 -13.76 112.23
N TYR A 280 -25.79 -12.57 112.54
CA TYR A 280 -25.46 -11.35 111.82
C TYR A 280 -24.23 -10.65 112.41
N ILE A 281 -23.51 -11.32 113.31
CA ILE A 281 -22.23 -10.86 113.84
C ILE A 281 -21.17 -11.79 113.30
N GLU A 282 -20.09 -11.21 112.78
CA GLU A 282 -19.02 -12.03 112.21
C GLU A 282 -18.43 -12.96 113.27
N ALA A 283 -18.08 -14.17 112.84
CA ALA A 283 -17.45 -15.16 113.69
C ALA A 283 -16.27 -14.55 114.44
N ASN A 284 -16.25 -14.76 115.75
CA ASN A 284 -15.16 -14.32 116.62
C ASN A 284 -14.65 -15.55 117.36
N PRO A 285 -13.53 -16.15 116.93
CA PRO A 285 -13.08 -17.39 117.59
C PRO A 285 -12.60 -17.23 119.02
N LEU A 286 -12.55 -16.01 119.57
CA LEU A 286 -12.07 -15.78 120.92
C LEU A 286 -13.19 -15.45 121.91
N SER A 287 -14.44 -15.72 121.54
CA SER A 287 -15.55 -15.44 122.45
C SER A 287 -16.82 -16.14 121.97
N THR A 288 -17.50 -16.85 122.87
CA THR A 288 -18.79 -17.48 122.59
C THR A 288 -19.93 -16.58 123.07
N PRO A 289 -20.93 -16.25 122.23
CA PRO A 289 -22.06 -15.43 122.70
C PRO A 289 -22.77 -16.06 123.89
N ALA A 290 -23.28 -15.19 124.76
CA ALA A 290 -23.98 -15.67 125.96
C ALA A 290 -25.29 -16.35 125.60
N HIS A 291 -25.98 -15.85 124.58
CA HIS A 291 -27.30 -16.35 124.20
C HIS A 291 -27.24 -17.25 122.97
N ILE A 292 -26.16 -18.04 122.87
CA ILE A 292 -26.05 -19.03 121.80
C ILE A 292 -27.17 -20.04 121.95
N VAL A 293 -27.91 -20.29 120.87
CA VAL A 293 -28.99 -21.26 120.86
C VAL A 293 -29.02 -21.90 119.48
N PRO A 294 -29.24 -23.22 119.36
CA PRO A 294 -29.31 -23.82 118.02
C PRO A 294 -30.52 -23.36 117.24
N GLU A 295 -30.44 -23.67 115.94
CA GLU A 295 -31.59 -23.51 115.05
C GLU A 295 -32.75 -24.30 115.61
N TRP A 296 -33.96 -23.75 115.46
CA TRP A 296 -35.13 -24.28 116.15
C TRP A 296 -35.36 -25.75 115.84
N TYR A 297 -35.05 -26.19 114.61
CA TYR A 297 -35.29 -27.58 114.22
C TYR A 297 -34.28 -28.54 114.85
N PHE A 298 -33.25 -28.01 115.53
CA PHE A 298 -32.31 -28.81 116.30
C PHE A 298 -32.61 -28.83 117.79
N LEU A 299 -33.52 -27.98 118.27
CA LEU A 299 -33.71 -27.82 119.72
C LEU A 299 -34.07 -29.10 120.45
N PRO A 300 -34.97 -29.98 119.95
CA PRO A 300 -35.31 -31.18 120.76
C PRO A 300 -34.10 -32.06 121.04
N PHE A 301 -33.24 -32.25 120.04
CA PHE A 301 -32.07 -33.11 120.21
C PHE A 301 -30.98 -32.41 121.01
N TYR A 302 -30.88 -31.09 120.87
CA TYR A 302 -29.97 -30.33 121.72
C TYR A 302 -30.40 -30.42 123.19
N ALA A 303 -31.70 -30.30 123.44
CA ALA A 303 -32.20 -30.38 124.81
C ALA A 303 -31.91 -31.76 125.41
N ILE A 304 -32.02 -32.81 124.61
CA ILE A 304 -31.76 -34.16 125.09
C ILE A 304 -30.28 -34.31 125.47
N LEU A 305 -29.38 -33.83 124.62
CA LEU A 305 -27.95 -34.00 124.88
C LEU A 305 -27.55 -33.32 126.19
N ARG A 306 -27.94 -32.05 126.38
CA ARG A 306 -27.46 -31.31 127.53
C ARG A 306 -28.21 -31.63 128.81
N ALA A 307 -29.32 -32.38 128.73
CA ALA A 307 -30.02 -32.78 129.93
C ALA A 307 -29.23 -33.74 130.79
N PHE A 308 -28.26 -34.46 130.19
CA PHE A 308 -27.54 -35.52 130.90
C PHE A 308 -26.20 -34.98 131.37
N THR A 309 -26.23 -34.33 132.55
CA THR A 309 -25.04 -33.80 133.19
C THR A 309 -24.45 -34.84 134.16
N ALA A 310 -23.33 -34.48 134.78
CA ALA A 310 -22.66 -35.38 135.71
C ALA A 310 -23.51 -35.69 136.94
N ASP A 311 -24.48 -34.84 137.26
CA ASP A 311 -25.30 -35.03 138.45
C ASP A 311 -26.43 -36.03 138.23
N VAL A 312 -26.81 -36.29 136.99
CA VAL A 312 -27.93 -37.18 136.71
C VAL A 312 -27.61 -38.59 137.18
N TRP A 313 -28.55 -39.20 137.89
CA TRP A 313 -28.30 -40.49 138.53
C TRP A 313 -27.92 -41.55 137.50
N VAL A 314 -28.68 -41.61 136.39
CA VAL A 314 -28.43 -42.61 135.37
C VAL A 314 -27.07 -42.39 134.72
N VAL A 315 -26.59 -41.16 134.67
CA VAL A 315 -25.24 -40.91 134.17
C VAL A 315 -24.21 -41.50 135.12
N GLN A 316 -24.43 -41.33 136.43
CA GLN A 316 -23.50 -41.85 137.42
C GLN A 316 -23.46 -43.36 137.43
N ILE A 317 -24.60 -44.02 137.14
CA ILE A 317 -24.60 -45.47 137.02
C ILE A 317 -23.81 -45.88 135.78
N ALA A 318 -24.09 -45.22 134.65
CA ALA A 318 -23.36 -45.50 133.41
C ALA A 318 -21.86 -45.34 133.61
N ASN A 319 -21.44 -44.28 134.32
CA ASN A 319 -20.02 -44.05 134.53
C ASN A 319 -19.42 -45.16 135.38
N PHE A 320 -20.14 -45.62 136.39
CA PHE A 320 -19.61 -46.65 137.28
C PHE A 320 -19.53 -47.98 136.54
N ILE A 321 -20.62 -48.39 135.91
CA ILE A 321 -20.65 -49.68 135.21
C ILE A 321 -19.63 -49.69 134.07
N SER A 322 -19.48 -48.57 133.37
CA SER A 322 -18.54 -48.48 132.25
C SER A 322 -17.12 -48.12 132.68
N PHE A 323 -16.82 -48.16 133.98
CA PHE A 323 -15.49 -47.86 134.50
C PHE A 323 -14.98 -46.48 134.07
N GLY A 324 -15.90 -45.53 133.86
CA GLY A 324 -15.54 -44.17 133.56
C GLY A 324 -15.53 -43.84 132.08
N ILE A 325 -15.64 -44.85 131.22
CA ILE A 325 -15.66 -44.64 129.77
C ILE A 325 -16.83 -43.75 129.38
N ILE A 326 -18.02 -44.06 129.90
CA ILE A 326 -19.23 -43.30 129.58
C ILE A 326 -19.39 -42.28 130.71
N ASP A 327 -18.85 -41.08 130.47
CA ASP A 327 -19.05 -39.94 131.35
C ASP A 327 -20.21 -39.10 130.81
N ALA A 328 -20.48 -37.96 131.47
CA ALA A 328 -21.60 -37.12 131.06
C ALA A 328 -21.45 -36.64 129.62
N LYS A 329 -20.21 -36.37 129.20
CA LYS A 329 -19.97 -35.90 127.84
C LYS A 329 -20.42 -36.91 126.80
N PHE A 330 -19.91 -38.15 126.91
CA PHE A 330 -20.22 -39.19 125.93
C PHE A 330 -21.65 -39.70 126.08
N PHE A 331 -22.18 -39.70 127.31
CA PHE A 331 -23.55 -40.15 127.53
C PHE A 331 -24.53 -39.26 126.77
N GLY A 332 -24.34 -37.94 126.84
CA GLY A 332 -25.24 -37.02 126.15
C GLY A 332 -25.20 -37.19 124.65
N VAL A 333 -24.03 -37.49 124.10
CA VAL A 333 -23.93 -37.71 122.66
C VAL A 333 -24.62 -39.01 122.29
N LEU A 334 -24.41 -40.06 123.10
CA LEU A 334 -25.10 -41.32 122.86
C LEU A 334 -26.60 -41.15 122.99
N ALA A 335 -27.06 -40.39 123.99
CA ALA A 335 -28.48 -40.17 124.17
C ALA A 335 -29.07 -39.44 122.97
N MET A 336 -28.34 -38.49 122.42
CA MET A 336 -28.89 -37.70 121.33
C MET A 336 -29.03 -38.56 120.08
N PHE A 337 -27.95 -39.23 119.68
CA PHE A 337 -28.03 -40.14 118.55
C PHE A 337 -28.86 -41.36 118.88
N GLY A 338 -28.91 -41.76 120.15
CA GLY A 338 -29.73 -42.89 120.52
C GLY A 338 -31.21 -42.58 120.37
N ALA A 339 -31.60 -41.33 120.61
CA ALA A 339 -33.00 -40.93 120.46
C ALA A 339 -33.44 -41.08 119.00
N ILE A 340 -32.54 -40.80 118.07
CA ILE A 340 -32.83 -40.97 116.66
C ILE A 340 -32.85 -42.45 116.30
N LEU A 341 -31.97 -43.24 116.90
CA LEU A 341 -31.86 -44.65 116.57
C LEU A 341 -33.12 -45.40 116.98
N VAL A 342 -33.65 -45.13 118.18
CA VAL A 342 -34.84 -45.85 118.64
C VAL A 342 -36.04 -45.53 117.76
N MET A 343 -36.06 -44.33 117.17
CA MET A 343 -37.14 -43.98 116.25
C MET A 343 -36.99 -44.76 114.95
N ALA A 344 -35.76 -45.07 114.55
CA ALA A 344 -35.53 -45.88 113.36
C ALA A 344 -35.93 -47.34 113.60
N LEU A 345 -35.87 -47.81 114.84
CA LEU A 345 -36.15 -49.20 115.17
C LEU A 345 -37.62 -49.46 115.49
N VAL A 346 -38.48 -48.45 115.36
CA VAL A 346 -39.87 -48.57 115.78
C VAL A 346 -40.65 -49.66 115.04
N PRO A 347 -40.32 -50.10 113.82
CA PRO A 347 -41.09 -51.24 113.27
C PRO A 347 -40.94 -52.51 114.08
N TRP A 348 -39.82 -52.69 114.78
CA TRP A 348 -39.56 -53.91 115.54
C TRP A 348 -39.83 -53.76 117.03
N LEU A 349 -40.17 -52.55 117.49
CA LEU A 349 -40.53 -52.31 118.89
C LEU A 349 -42.03 -52.24 119.09
N ASP A 350 -42.77 -51.79 118.08
CA ASP A 350 -44.23 -51.77 118.12
C ASP A 350 -44.72 -53.17 117.81
N THR A 351 -45.15 -53.89 118.83
CA THR A 351 -45.52 -55.28 118.71
C THR A 351 -46.99 -55.49 118.42
N SER A 352 -47.78 -54.41 118.27
CA SER A 352 -49.20 -54.53 118.00
C SER A 352 -49.43 -54.89 116.52
N PRO A 353 -50.36 -55.80 116.20
CA PRO A 353 -50.64 -56.11 114.79
C PRO A 353 -51.59 -55.14 114.10
N VAL A 354 -52.23 -54.23 114.85
CA VAL A 354 -53.12 -53.24 114.26
C VAL A 354 -52.30 -52.10 113.66
N ARG A 355 -52.53 -51.84 112.37
CA ARG A 355 -51.71 -50.85 111.65
C ARG A 355 -52.04 -49.43 112.11
N SER A 356 -53.28 -49.00 111.89
CA SER A 356 -53.64 -47.61 112.17
C SER A 356 -53.88 -47.37 113.64
N GLY A 357 -53.25 -46.32 114.17
CA GLY A 357 -53.46 -45.92 115.57
C GLY A 357 -54.84 -45.38 115.85
N ARG A 358 -55.64 -45.13 114.80
CA ARG A 358 -57.00 -44.65 114.96
C ARG A 358 -57.86 -45.64 115.75
N TYR A 359 -57.52 -46.94 115.69
CA TYR A 359 -58.29 -48.01 116.32
C TYR A 359 -57.53 -48.63 117.49
N ARG A 360 -56.63 -47.86 118.12
CA ARG A 360 -55.82 -48.29 119.26
C ARG A 360 -56.03 -47.28 120.39
N PRO A 361 -57.02 -47.52 121.28
CA PRO A 361 -57.35 -46.49 122.30
C PRO A 361 -56.21 -46.06 123.20
N MET A 362 -55.44 -47.01 123.75
CA MET A 362 -54.34 -46.66 124.64
C MET A 362 -53.19 -45.99 123.88
N PHE A 363 -52.92 -46.47 122.66
CA PHE A 363 -51.83 -45.91 121.85
C PHE A 363 -52.02 -44.42 121.64
N LYS A 364 -53.26 -43.98 121.37
CA LYS A 364 -53.55 -42.58 121.13
C LYS A 364 -53.03 -41.68 122.25
N ILE A 365 -53.22 -42.11 123.50
CA ILE A 365 -52.76 -41.33 124.65
C ILE A 365 -51.26 -41.12 124.58
N TYR A 366 -50.51 -42.22 124.46
CA TYR A 366 -49.06 -42.12 124.52
C TYR A 366 -48.48 -41.46 123.28
N PHE A 367 -49.17 -41.56 122.14
CA PHE A 367 -48.68 -40.90 120.94
C PHE A 367 -48.76 -39.39 121.11
N TRP A 368 -49.92 -38.90 121.55
CA TRP A 368 -50.08 -37.45 121.69
C TRP A 368 -49.21 -36.91 122.81
N LEU A 369 -48.88 -37.76 123.78
CA LEU A 369 -47.88 -37.36 124.77
C LEU A 369 -46.51 -37.21 124.11
N LEU A 370 -46.20 -38.09 123.16
CA LEU A 370 -44.92 -37.98 122.46
C LEU A 370 -44.89 -36.72 121.61
N ALA A 371 -46.00 -36.43 120.93
CA ALA A 371 -46.07 -35.21 120.13
C ALA A 371 -45.94 -33.99 121.04
N ALA A 372 -46.67 -33.99 122.16
CA ALA A 372 -46.54 -32.90 123.12
C ALA A 372 -45.12 -32.84 123.67
N ASP A 373 -44.53 -34.01 123.93
CA ASP A 373 -43.17 -34.07 124.45
C ASP A 373 -42.19 -33.44 123.45
N PHE A 374 -42.41 -33.68 122.16
CA PHE A 374 -41.52 -33.15 121.14
C PHE A 374 -41.58 -31.63 121.11
N VAL A 375 -42.78 -31.06 121.24
CA VAL A 375 -42.91 -29.61 121.33
C VAL A 375 -42.26 -29.09 122.60
N ILE A 376 -42.47 -29.80 123.71
CA ILE A 376 -41.87 -29.41 124.99
C ILE A 376 -40.36 -29.41 124.86
N LEU A 377 -39.81 -30.50 124.32
CA LEU A 377 -38.37 -30.62 124.09
C LEU A 377 -37.85 -29.46 123.25
N THR A 378 -38.61 -29.04 122.24
CA THR A 378 -38.21 -27.88 121.45
C THR A 378 -38.15 -26.62 122.32
N TRP A 379 -39.14 -26.45 123.20
CA TRP A 379 -39.23 -25.25 124.03
C TRP A 379 -38.12 -25.20 125.07
N VAL A 380 -37.86 -26.32 125.75
CA VAL A 380 -36.82 -26.31 126.79
C VAL A 380 -35.44 -26.14 126.17
N GLY A 381 -35.28 -26.58 124.91
CA GLY A 381 -34.00 -26.40 124.24
C GLY A 381 -33.54 -24.95 124.19
N ALA A 382 -34.47 -24.00 124.14
CA ALA A 382 -34.14 -22.59 124.07
C ALA A 382 -34.02 -21.94 125.44
N GLN A 383 -34.26 -22.67 126.53
CA GLN A 383 -34.18 -22.11 127.87
C GLN A 383 -32.81 -22.36 128.47
N GLN A 384 -32.57 -21.75 129.63
CA GLN A 384 -31.36 -21.96 130.38
C GLN A 384 -31.38 -23.34 131.04
N THR A 385 -30.23 -23.77 131.54
CA THR A 385 -30.08 -25.08 132.16
C THR A 385 -30.34 -25.06 133.66
N THR A 386 -30.85 -23.95 134.20
CA THR A 386 -31.15 -23.84 135.61
C THR A 386 -32.48 -24.52 135.93
N PHE A 387 -32.74 -24.67 137.23
CA PHE A 387 -34.02 -25.18 137.70
C PHE A 387 -35.15 -24.23 137.26
N PRO A 388 -36.31 -24.76 136.82
CA PRO A 388 -36.76 -26.15 136.69
C PRO A 388 -36.51 -26.79 135.31
N TYR A 389 -35.97 -26.00 134.38
CA TYR A 389 -35.81 -26.47 133.00
C TYR A 389 -34.95 -27.72 132.93
N ASP A 390 -33.98 -27.85 133.84
CA ASP A 390 -33.15 -29.04 133.88
C ASP A 390 -33.97 -30.30 134.16
N TRP A 391 -34.97 -30.18 135.02
CA TRP A 391 -35.85 -31.31 135.29
C TRP A 391 -36.84 -31.55 134.16
N ILE A 392 -37.42 -30.48 133.62
CA ILE A 392 -38.35 -30.61 132.50
C ILE A 392 -37.69 -31.36 131.34
N SER A 393 -36.41 -31.09 131.11
CA SER A 393 -35.70 -31.74 130.00
C SER A 393 -35.35 -33.19 130.36
N LEU A 394 -35.16 -33.50 131.64
CA LEU A 394 -34.94 -34.90 132.03
C LEU A 394 -36.22 -35.70 131.89
N ILE A 395 -37.35 -35.14 132.36
CA ILE A 395 -38.63 -35.84 132.26
C ILE A 395 -39.00 -36.00 130.80
N ALA A 396 -38.78 -34.97 130.01
CA ALA A 396 -39.11 -35.03 128.59
C ALA A 396 -38.22 -36.04 127.87
N SER A 397 -36.92 -36.02 128.17
CA SER A 397 -36.00 -36.99 127.56
C SER A 397 -36.38 -38.41 127.96
N ALA A 398 -36.75 -38.60 129.23
CA ALA A 398 -37.10 -39.93 129.71
C ALA A 398 -38.29 -40.50 128.95
N TYR A 399 -39.31 -39.67 128.70
CA TYR A 399 -40.51 -40.16 128.04
C TYR A 399 -40.24 -40.55 126.59
N TRP A 400 -39.37 -39.81 125.91
CA TRP A 400 -39.05 -40.13 124.52
C TRP A 400 -38.53 -41.55 124.38
N PHE A 401 -37.58 -41.94 125.24
CA PHE A 401 -37.04 -43.29 125.15
C PHE A 401 -38.03 -44.32 125.67
N ALA A 402 -38.85 -43.95 126.66
CA ALA A 402 -39.84 -44.87 127.21
C ALA A 402 -40.90 -45.23 126.19
N TYR A 403 -41.32 -44.25 125.37
CA TYR A 403 -42.37 -44.49 124.38
C TYR A 403 -41.99 -45.62 123.43
N PHE A 404 -40.80 -45.55 122.86
CA PHE A 404 -40.39 -46.53 121.86
C PHE A 404 -39.92 -47.84 122.49
N LEU A 405 -39.22 -47.76 123.63
CA LEU A 405 -38.55 -48.92 124.18
C LEU A 405 -39.37 -49.67 125.23
N VAL A 406 -40.38 -49.04 125.82
CA VAL A 406 -41.15 -49.66 126.90
C VAL A 406 -42.63 -49.71 126.55
N ILE A 407 -43.24 -48.55 126.28
CA ILE A 407 -44.67 -48.48 126.06
C ILE A 407 -45.07 -49.31 124.84
N LEU A 408 -44.44 -49.04 123.69
CA LEU A 408 -44.86 -49.69 122.45
C LEU A 408 -44.70 -51.21 122.50
N PRO A 409 -43.60 -51.78 122.99
CA PRO A 409 -43.55 -53.25 123.11
C PRO A 409 -44.63 -53.80 124.03
N ILE A 410 -44.86 -53.13 125.16
CA ILE A 410 -45.84 -53.57 126.14
C ILE A 410 -47.25 -53.41 125.59
N LEU A 411 -47.50 -52.30 124.90
CA LEU A 411 -48.83 -51.99 124.38
C LEU A 411 -49.34 -53.08 123.44
N GLY A 412 -48.46 -53.65 122.63
CA GLY A 412 -48.90 -54.64 121.66
C GLY A 412 -49.29 -55.98 122.24
N ALA A 413 -49.09 -56.20 123.55
CA ALA A 413 -49.43 -57.46 124.21
C ALA A 413 -50.43 -57.27 125.33
N ILE A 414 -51.15 -56.15 125.36
CA ILE A 414 -52.08 -55.81 126.43
C ILE A 414 -53.31 -55.12 125.86
N GLU A 415 -53.11 -54.21 124.91
CA GLU A 415 -54.20 -53.38 124.38
C GLU A 415 -55.26 -54.25 123.74
N LYS A 416 -56.52 -53.78 123.85
CA LYS A 416 -57.66 -54.38 123.15
C LYS A 416 -58.13 -53.43 122.06
N PRO A 417 -57.66 -53.58 120.81
CA PRO A 417 -58.01 -52.61 119.77
C PRO A 417 -59.43 -52.78 119.28
N VAL A 418 -59.97 -51.69 118.72
CA VAL A 418 -61.29 -51.71 118.11
C VAL A 418 -61.19 -52.28 116.70
N ALA A 419 -62.25 -52.89 116.22
CA ALA A 419 -62.27 -53.46 114.87
C ALA A 419 -62.20 -52.34 113.82
N PRO A 420 -61.26 -52.39 112.86
CA PRO A 420 -61.29 -51.39 111.76
C PRO A 420 -62.36 -51.73 110.74
N PRO A 421 -62.61 -50.83 109.77
CA PRO A 421 -63.55 -51.16 108.70
C PRO A 421 -63.10 -52.35 107.90
N ALA A 422 -64.07 -52.96 107.19
CA ALA A 422 -63.77 -54.09 106.33
C ALA A 422 -62.91 -53.68 105.15
N THR A 423 -63.17 -52.51 104.57
CA THR A 423 -62.46 -52.05 103.38
C THR A 423 -62.30 -50.54 103.45
N ILE A 424 -61.45 -50.03 102.55
CA ILE A 424 -61.28 -48.59 102.39
C ILE A 424 -62.56 -47.95 101.90
N GLU A 425 -63.29 -48.65 101.02
CA GLU A 425 -64.55 -48.13 100.48
C GLU A 425 -65.55 -47.82 101.58
N GLU A 426 -65.68 -48.71 102.58
CA GLU A 426 -66.60 -48.48 103.68
C GLU A 426 -66.27 -47.17 104.39
N ASP A 427 -65.00 -46.96 104.70
CA ASP A 427 -64.58 -45.75 105.41
C ASP A 427 -64.81 -44.51 104.58
N PHE A 428 -64.55 -44.59 103.27
CA PHE A 428 -64.70 -43.43 102.40
C PHE A 428 -66.15 -42.97 102.32
N ASN A 429 -67.06 -43.91 102.06
CA ASN A 429 -68.48 -43.57 102.00
C ASN A 429 -68.99 -42.99 103.31
N ALA A 430 -68.45 -43.46 104.43
CA ALA A 430 -68.83 -42.93 105.74
C ALA A 430 -68.30 -41.51 105.93
N ALA B 1 -26.58 -13.62 131.56
CA ALA B 1 -27.28 -12.47 130.91
C ALA B 1 -28.76 -12.82 130.66
N GLY B 2 -29.46 -11.92 129.97
CA GLY B 2 -30.86 -12.15 129.70
C GLY B 2 -31.42 -11.09 128.77
N GLY B 3 -32.75 -11.10 128.65
CA GLY B 3 -33.47 -10.09 127.92
C GLY B 3 -34.01 -9.00 128.83
N GLY B 4 -34.48 -7.91 128.21
CA GLY B 4 -34.95 -6.75 128.94
C GLY B 4 -35.99 -5.92 128.22
N HIS B 5 -36.32 -4.76 128.81
CA HIS B 5 -37.37 -3.89 128.28
C HIS B 5 -36.78 -2.89 127.29
N VAL B 6 -37.48 -2.72 126.16
CA VAL B 6 -37.15 -1.73 125.14
C VAL B 6 -38.37 -0.83 124.99
N GLU B 7 -38.12 0.43 124.65
CA GLU B 7 -39.21 1.38 124.38
C GLU B 7 -39.82 1.10 123.02
N ASP B 8 -41.13 0.84 123.00
CA ASP B 8 -41.83 0.46 121.78
C ASP B 8 -42.02 1.72 120.94
N VAL B 9 -41.07 1.96 120.03
CA VAL B 9 -41.12 3.12 119.15
C VAL B 9 -42.05 2.81 117.98
N PRO B 10 -42.86 3.78 117.49
CA PRO B 10 -43.66 3.51 116.28
C PRO B 10 -42.91 3.92 115.02
N PHE B 11 -42.08 3.02 114.51
CA PHE B 11 -41.32 3.29 113.30
C PHE B 11 -42.19 3.17 112.06
N SER B 12 -41.93 4.03 111.07
CA SER B 12 -42.72 4.02 109.86
C SER B 12 -42.60 2.70 109.10
N PHE B 13 -41.45 2.05 109.18
CA PHE B 13 -41.19 0.85 108.40
C PHE B 13 -41.82 -0.41 108.99
N GLU B 14 -42.50 -0.31 110.12
CA GLU B 14 -43.09 -1.47 110.76
C GLU B 14 -44.50 -1.71 110.20
N GLY B 15 -44.94 -2.95 110.28
CA GLY B 15 -46.20 -3.36 109.70
C GLY B 15 -46.00 -3.84 108.28
N PRO B 16 -46.93 -4.65 107.76
CA PRO B 16 -46.74 -5.17 106.40
C PRO B 16 -46.71 -4.08 105.34
N PHE B 17 -47.41 -2.97 105.57
CA PHE B 17 -47.43 -1.83 104.66
C PHE B 17 -46.47 -0.73 105.10
N GLY B 18 -45.59 -1.02 106.06
CA GLY B 18 -44.66 -0.01 106.54
C GLY B 18 -43.59 0.28 105.50
N THR B 19 -43.19 1.55 105.43
CA THR B 19 -42.15 1.98 104.50
C THR B 19 -41.28 3.02 105.18
N PHE B 20 -40.05 3.14 104.67
CA PHE B 20 -39.12 4.13 105.19
C PHE B 20 -39.62 5.54 104.89
N ASP B 21 -39.40 6.44 105.85
CA ASP B 21 -39.61 7.88 105.64
C ASP B 21 -38.31 8.46 105.12
N GLN B 22 -38.35 8.95 103.87
CA GLN B 22 -37.13 9.38 103.18
C GLN B 22 -36.39 10.46 103.96
N HIS B 23 -37.13 11.46 104.46
CA HIS B 23 -36.50 12.55 105.20
C HIS B 23 -35.92 12.07 106.51
N GLN B 24 -36.59 11.12 107.17
CA GLN B 24 -36.07 10.56 108.42
C GLN B 24 -34.73 9.88 108.18
N LEU B 25 -34.62 9.11 107.10
CA LEU B 25 -33.38 8.43 106.79
C LEU B 25 -32.26 9.42 106.53
N GLN B 26 -32.59 10.56 105.91
CA GLN B 26 -31.59 11.59 105.65
C GLN B 26 -31.11 12.22 106.96
N ARG B 27 -32.04 12.49 107.87
CA ARG B 27 -31.65 12.99 109.19
C ARG B 27 -30.77 11.99 109.92
N GLY B 28 -31.12 10.71 109.84
CA GLY B 28 -30.32 9.69 110.50
C GLY B 28 -28.92 9.59 109.90
N LEU B 29 -28.80 9.79 108.59
CA LEU B 29 -27.48 9.78 107.97
C LEU B 29 -26.65 10.95 108.48
N GLN B 30 -27.28 12.10 108.68
CA GLN B 30 -26.56 13.26 109.22
C GLN B 30 -26.09 12.98 110.64
N VAL B 31 -26.93 12.35 111.45
CA VAL B 31 -26.55 12.00 112.82
C VAL B 31 -25.37 11.02 112.81
N TYR B 32 -25.44 9.98 111.98
CA TYR B 32 -24.35 9.01 111.90
C TYR B 32 -23.03 9.68 111.52
N THR B 33 -23.07 10.56 110.53
CA THR B 33 -21.83 11.16 110.04
C THR B 33 -21.23 12.09 111.09
N GLU B 34 -22.07 12.86 111.77
CA GLU B 34 -21.61 13.89 112.68
C GLU B 34 -21.34 13.38 114.09
N VAL B 35 -21.91 12.23 114.48
CA VAL B 35 -21.79 11.72 115.85
C VAL B 35 -21.21 10.31 115.88
N CYS B 36 -21.94 9.34 115.32
CA CYS B 36 -21.58 7.93 115.46
C CYS B 36 -20.28 7.62 114.73
N ALA B 37 -20.05 8.24 113.57
CA ALA B 37 -18.90 7.88 112.73
C ALA B 37 -17.56 8.08 113.42
N ALA B 38 -17.50 8.91 114.47
CA ALA B 38 -16.25 9.11 115.20
C ALA B 38 -15.70 7.81 115.76
N CYS B 39 -16.56 6.84 116.08
CA CYS B 39 -16.18 5.57 116.68
C CYS B 39 -16.63 4.37 115.86
N HIS B 40 -17.85 4.40 115.32
CA HIS B 40 -18.45 3.28 114.62
C HIS B 40 -18.27 3.39 113.10
N GLY B 41 -18.02 2.25 112.47
CA GLY B 41 -17.93 2.13 111.03
C GLY B 41 -19.14 1.36 110.50
N MET B 42 -19.23 1.29 109.16
CA MET B 42 -20.25 0.46 108.49
C MET B 42 -19.63 -0.25 107.28
N LYS B 43 -18.71 -1.18 107.54
CA LYS B 43 -17.84 -1.69 106.48
C LYS B 43 -18.57 -2.48 105.39
N PHE B 44 -19.83 -2.85 105.61
CA PHE B 44 -20.61 -3.60 104.60
C PHE B 44 -21.57 -2.73 103.80
N VAL B 45 -21.71 -1.44 104.10
CA VAL B 45 -22.63 -0.56 103.40
C VAL B 45 -21.86 0.18 102.29
N PRO B 46 -22.19 -0.04 101.02
CA PRO B 46 -21.58 0.79 99.97
C PRO B 46 -22.12 2.21 100.03
N ILE B 47 -21.23 3.20 99.92
CA ILE B 47 -21.65 4.60 99.99
C ILE B 47 -22.63 4.93 98.86
N ARG B 48 -22.46 4.31 97.70
CA ARG B 48 -23.33 4.54 96.55
C ARG B 48 -24.79 4.19 96.83
N SER B 49 -25.07 3.36 97.83
CA SER B 49 -26.44 2.92 98.11
C SER B 49 -27.31 4.04 98.67
N LEU B 50 -26.74 5.19 99.04
CA LEU B 50 -27.54 6.33 99.44
C LEU B 50 -28.39 6.89 98.30
N SER B 51 -28.07 6.55 97.05
CA SER B 51 -28.85 6.97 95.89
C SER B 51 -29.90 5.94 95.50
N GLU B 52 -29.68 4.67 95.83
CA GLU B 52 -30.54 3.59 95.40
C GLU B 52 -31.99 3.81 95.86
N PRO B 53 -32.98 3.36 95.09
CA PRO B 53 -34.37 3.53 95.53
C PRO B 53 -34.67 2.69 96.76
N GLY B 54 -35.53 3.24 97.61
CA GLY B 54 -35.90 2.58 98.85
C GLY B 54 -35.05 2.97 100.04
N GLY B 55 -34.32 4.08 99.94
CA GLY B 55 -33.47 4.55 101.00
C GLY B 55 -33.52 6.07 101.10
N PRO B 56 -32.43 6.69 101.55
CA PRO B 56 -32.43 8.17 101.57
C PRO B 56 -32.62 8.81 100.21
N GLU B 57 -32.19 8.13 99.14
CA GLU B 57 -32.32 8.59 97.76
C GLU B 57 -31.81 10.02 97.60
N LEU B 58 -30.53 10.20 97.92
CA LEU B 58 -29.89 11.49 97.71
C LEU B 58 -29.44 11.62 96.25
N PRO B 59 -29.46 12.83 95.67
CA PRO B 59 -28.90 13.00 94.32
C PRO B 59 -27.46 12.51 94.24
N GLU B 60 -27.11 11.96 93.07
CA GLU B 60 -25.82 11.32 92.91
C GLU B 60 -24.66 12.31 93.08
N ASP B 61 -24.91 13.60 92.84
CA ASP B 61 -23.86 14.60 93.05
C ASP B 61 -23.61 14.82 94.54
N GLN B 62 -24.69 14.85 95.34
CA GLN B 62 -24.52 14.96 96.79
C GLN B 62 -23.77 13.76 97.35
N VAL B 63 -24.11 12.56 96.88
CA VAL B 63 -23.45 11.35 97.38
C VAL B 63 -21.97 11.37 96.99
N ARG B 64 -21.66 11.88 95.80
CA ARG B 64 -20.28 11.99 95.36
C ARG B 64 -19.52 12.95 96.26
N ALA B 65 -20.15 14.07 96.64
CA ALA B 65 -19.53 15.01 97.54
C ALA B 65 -19.36 14.39 98.92
N TYR B 66 -20.36 13.63 99.36
CA TYR B 66 -20.29 13.00 100.68
C TYR B 66 -19.15 12.00 100.75
N ALA B 67 -18.95 11.21 99.70
CA ALA B 67 -17.89 10.22 99.69
C ALA B 67 -16.50 10.86 99.82
N THR B 68 -16.37 12.14 99.44
CA THR B 68 -15.07 12.79 99.45
C THR B 68 -14.46 12.86 100.85
N GLN B 69 -15.28 13.02 101.88
CA GLN B 69 -14.76 13.25 103.23
C GLN B 69 -13.92 12.08 103.76
N PHE B 70 -14.12 10.87 103.24
CA PHE B 70 -13.36 9.71 103.71
C PHE B 70 -12.04 9.63 102.98
N THR B 71 -10.98 9.29 103.72
CA THR B 71 -9.67 9.01 103.15
C THR B 71 -9.51 7.50 103.05
N VAL B 72 -9.51 6.98 101.82
CA VAL B 72 -9.44 5.54 101.55
C VAL B 72 -8.07 5.22 100.97
N THR B 73 -7.49 4.09 101.38
CA THR B 73 -6.25 3.60 100.80
C THR B 73 -6.60 2.75 99.58
N ASP B 74 -6.21 3.23 98.39
CA ASP B 74 -6.48 2.49 97.16
C ASP B 74 -5.72 1.16 97.19
N GLU B 75 -6.38 0.10 96.71
CA GLU B 75 -5.80 -1.23 96.80
C GLU B 75 -4.57 -1.39 95.91
N GLU B 76 -4.70 -1.07 94.62
CA GLU B 76 -3.54 -1.14 93.72
C GLU B 76 -2.50 -0.08 94.05
N THR B 77 -2.90 1.19 94.09
CA THR B 77 -1.95 2.27 94.28
C THR B 77 -1.28 2.20 95.64
N GLY B 78 -2.06 1.92 96.69
CA GLY B 78 -1.58 1.91 98.05
C GLY B 78 -1.48 3.28 98.69
N GLU B 79 -1.66 4.35 97.92
CA GLU B 79 -1.61 5.72 98.42
C GLU B 79 -3.03 6.18 98.75
N ASP B 80 -3.12 7.16 99.63
CA ASP B 80 -4.42 7.66 100.06
C ASP B 80 -5.08 8.49 98.95
N ARG B 81 -6.41 8.51 98.97
CA ARG B 81 -7.17 9.28 98.00
C ARG B 81 -8.53 9.58 98.60
N GLU B 82 -9.26 10.46 97.91
CA GLU B 82 -10.64 10.76 98.31
C GLU B 82 -11.56 9.58 98.03
N GLY B 83 -12.64 9.50 98.80
CA GLY B 83 -13.57 8.39 98.66
C GLY B 83 -14.46 8.56 97.44
N LYS B 84 -14.87 7.44 96.88
CA LYS B 84 -15.85 7.38 95.80
C LYS B 84 -17.15 6.75 96.30
N PRO B 85 -18.25 6.87 95.53
CA PRO B 85 -19.47 6.16 95.93
C PRO B 85 -19.31 4.65 95.94
N THR B 86 -18.38 4.10 95.16
CA THR B 86 -18.18 2.65 95.10
C THR B 86 -17.46 2.11 96.34
N ASP B 87 -16.90 2.98 97.18
CA ASP B 87 -16.27 2.53 98.41
C ASP B 87 -17.32 2.28 99.48
N HIS B 88 -16.97 1.40 100.43
CA HIS B 88 -17.77 1.21 101.62
C HIS B 88 -17.45 2.28 102.64
N PHE B 89 -18.37 2.46 103.60
CA PHE B 89 -18.05 3.25 104.76
C PHE B 89 -16.81 2.67 105.46
N PRO B 90 -16.03 3.50 106.15
CA PRO B 90 -14.81 2.99 106.80
C PRO B 90 -15.13 2.03 107.93
N HIS B 91 -14.10 1.27 108.32
CA HIS B 91 -14.18 0.46 109.53
C HIS B 91 -14.31 1.37 110.74
N SER B 92 -14.68 0.76 111.87
CA SER B 92 -14.77 1.50 113.13
C SER B 92 -13.42 2.11 113.48
N ALA B 93 -13.43 3.42 113.72
CA ALA B 93 -12.22 4.10 114.17
C ALA B 93 -11.80 3.63 115.55
N LEU B 94 -12.77 3.35 116.41
CA LEU B 94 -12.51 2.86 117.76
C LEU B 94 -12.57 1.33 117.75
N GLU B 95 -11.47 0.70 118.19
CA GLU B 95 -11.25 -0.73 117.95
C GLU B 95 -12.35 -1.58 118.58
N ASN B 96 -12.84 -1.20 119.76
CA ASN B 96 -13.87 -1.96 120.45
C ASN B 96 -15.28 -1.41 120.20
N ALA B 97 -15.45 -0.45 119.28
CA ALA B 97 -16.77 0.00 118.89
C ALA B 97 -17.28 -0.90 117.77
N PRO B 98 -18.33 -1.71 117.99
CA PRO B 98 -18.75 -2.65 116.95
C PRO B 98 -19.26 -1.97 115.69
N ASP B 99 -19.11 -2.67 114.57
CA ASP B 99 -19.64 -2.21 113.29
C ASP B 99 -21.17 -2.21 113.33
N LEU B 100 -21.77 -1.15 112.80
CA LEU B 100 -23.20 -0.91 112.87
C LEU B 100 -23.95 -1.28 111.58
N SER B 101 -23.27 -1.88 110.60
CA SER B 101 -23.90 -2.25 109.33
C SER B 101 -25.16 -3.09 109.52
N LEU B 102 -25.10 -4.09 110.40
CA LEU B 102 -26.17 -5.06 110.60
C LEU B 102 -26.69 -5.04 112.03
N MET B 103 -26.40 -3.97 112.78
CA MET B 103 -26.76 -3.90 114.19
C MET B 103 -28.26 -4.00 114.37
N ALA B 104 -29.03 -3.35 113.49
CA ALA B 104 -30.48 -3.32 113.64
C ALA B 104 -31.13 -4.68 113.41
N LYS B 105 -30.39 -5.67 112.90
CA LYS B 105 -30.87 -7.04 112.77
C LYS B 105 -30.15 -8.01 113.69
N ALA B 106 -28.98 -7.64 114.21
CA ALA B 106 -28.18 -8.50 115.08
C ALA B 106 -28.55 -8.35 116.56
N ARG B 107 -29.62 -7.60 116.87
CA ARG B 107 -30.11 -7.41 118.22
C ARG B 107 -31.62 -7.64 118.22
N ALA B 108 -32.10 -8.34 119.24
CA ALA B 108 -33.52 -8.52 119.49
C ALA B 108 -33.94 -7.76 120.74
N GLY B 109 -34.99 -6.96 120.61
CA GLY B 109 -35.53 -6.17 121.70
C GLY B 109 -36.70 -6.84 122.40
N PHE B 110 -37.38 -7.75 121.69
CA PHE B 110 -38.56 -8.44 122.22
C PHE B 110 -38.19 -9.89 122.45
N HIS B 111 -38.50 -10.41 123.64
CA HIS B 111 -38.19 -11.78 124.02
C HIS B 111 -39.41 -12.41 124.70
N GLY B 112 -39.31 -13.72 124.92
CA GLY B 112 -40.30 -14.46 125.66
C GLY B 112 -41.64 -14.57 124.95
N PRO B 113 -42.71 -14.90 125.70
CA PRO B 113 -42.78 -15.20 127.14
C PRO B 113 -42.25 -16.59 127.49
N MET B 114 -41.45 -16.70 128.55
CA MET B 114 -40.82 -17.96 128.98
C MET B 114 -40.08 -18.62 127.81
N GLY B 115 -39.47 -17.80 126.96
CA GLY B 115 -38.75 -18.28 125.79
C GLY B 115 -39.61 -19.04 124.81
N THR B 116 -40.86 -18.60 124.62
CA THR B 116 -41.76 -19.19 123.63
C THR B 116 -41.70 -18.48 122.29
N GLY B 117 -41.20 -17.24 122.26
CA GLY B 117 -41.06 -16.49 121.02
C GLY B 117 -42.34 -15.86 120.51
N ILE B 118 -43.43 -15.88 121.29
CA ILE B 118 -44.68 -15.29 120.84
C ILE B 118 -44.54 -13.77 120.75
N SER B 119 -43.69 -13.17 121.59
CA SER B 119 -43.50 -11.73 121.59
C SER B 119 -42.93 -11.24 120.26
N GLN B 120 -41.91 -11.93 119.74
CA GLN B 120 -41.33 -11.54 118.45
C GLN B 120 -42.32 -11.76 117.31
N LEU B 121 -43.20 -12.76 117.43
CA LEU B 121 -44.14 -13.06 116.35
C LEU B 121 -45.09 -11.90 116.07
N PHE B 122 -45.38 -11.07 117.07
CA PHE B 122 -46.32 -9.96 116.95
C PHE B 122 -45.65 -8.59 116.94
N ASN B 123 -44.51 -8.44 117.62
CA ASN B 123 -43.83 -7.16 117.75
C ASN B 123 -42.55 -7.06 116.93
N GLY B 124 -42.16 -8.11 116.21
CA GLY B 124 -40.92 -8.10 115.46
C GLY B 124 -39.73 -8.42 116.34
N ILE B 125 -38.55 -8.43 115.70
CA ILE B 125 -37.34 -8.77 116.42
C ILE B 125 -36.97 -7.64 117.39
N GLY B 126 -37.13 -6.40 116.96
CA GLY B 126 -37.00 -5.25 117.84
C GLY B 126 -35.61 -4.67 117.88
N GLY B 127 -34.84 -4.80 116.81
CA GLY B 127 -33.50 -4.27 116.75
C GLY B 127 -33.43 -2.75 116.81
N PRO B 128 -34.17 -2.04 115.95
CA PRO B 128 -34.11 -0.57 116.02
C PRO B 128 -34.71 -0.03 117.31
N GLU B 129 -35.66 -0.74 117.90
CA GLU B 129 -36.16 -0.36 119.22
C GLU B 129 -35.05 -0.47 120.25
N TYR B 130 -34.25 -1.54 120.16
CA TYR B 130 -33.15 -1.73 121.09
C TYR B 130 -32.13 -0.60 120.97
N ILE B 131 -31.71 -0.29 119.74
CA ILE B 131 -30.76 0.80 119.51
C ILE B 131 -31.31 2.10 120.11
N TYR B 132 -32.59 2.39 119.84
CA TYR B 132 -33.21 3.57 120.40
C TYR B 132 -33.15 3.55 121.92
N SER B 133 -33.42 2.39 122.51
CA SER B 133 -33.44 2.28 123.97
C SER B 133 -32.06 2.52 124.56
N VAL B 134 -31.01 2.07 123.87
CA VAL B 134 -29.66 2.30 124.36
C VAL B 134 -29.34 3.79 124.29
N LEU B 135 -29.66 4.44 123.17
CA LEU B 135 -29.40 5.87 123.06
C LEU B 135 -30.22 6.68 124.04
N THR B 136 -31.39 6.17 124.44
CA THR B 136 -32.28 6.87 125.35
C THR B 136 -32.00 6.51 126.80
N GLY B 137 -31.51 5.30 127.05
CA GLY B 137 -31.47 4.73 128.38
C GLY B 137 -30.23 5.04 129.20
N PHE B 138 -29.65 6.24 129.04
CA PHE B 138 -28.53 6.67 129.85
C PHE B 138 -29.02 7.62 130.96
N PRO B 139 -29.15 7.16 132.21
CA PRO B 139 -29.60 8.06 133.27
C PRO B 139 -28.44 8.84 133.89
N GLU B 140 -28.76 10.04 134.37
CA GLU B 140 -27.74 10.89 134.97
C GLU B 140 -27.21 10.31 136.28
N GLU B 141 -28.08 9.65 137.11
CA GLU B 141 -27.64 9.01 138.34
C GLU B 141 -27.68 7.48 138.18
N PRO B 142 -26.66 6.74 138.62
CA PRO B 142 -26.74 5.26 138.55
C PRO B 142 -27.67 4.69 139.62
N PRO B 143 -27.97 3.39 139.54
CA PRO B 143 -28.75 2.73 140.59
C PRO B 143 -28.04 2.79 141.94
N LYS B 144 -28.85 2.85 143.02
CA LYS B 144 -28.32 3.09 144.36
C LYS B 144 -27.29 2.04 144.78
N CYS B 145 -27.39 0.82 144.26
CA CYS B 145 -26.51 -0.27 144.65
C CYS B 145 -25.07 -0.08 144.19
N ALA B 146 -24.78 0.87 143.30
CA ALA B 146 -23.45 1.07 142.76
C ALA B 146 -23.00 2.53 142.89
N GLU B 147 -23.49 3.25 143.91
CA GLU B 147 -23.13 4.66 144.04
C GLU B 147 -21.64 4.88 144.18
N GLY B 148 -20.93 3.94 144.83
CA GLY B 148 -19.49 4.03 144.99
C GLY B 148 -18.77 2.80 144.47
N HIS B 149 -19.30 2.21 143.40
CA HIS B 149 -18.77 0.97 142.86
C HIS B 149 -18.84 0.96 141.33
N GLU B 150 -18.96 2.12 140.70
CA GLU B 150 -19.03 2.17 139.25
C GLU B 150 -17.67 1.81 138.66
N PRO B 151 -17.59 0.86 137.71
CA PRO B 151 -16.30 0.63 137.06
C PRO B 151 -15.88 1.87 136.30
N ASP B 152 -14.59 2.19 136.35
CA ASP B 152 -14.11 3.38 135.66
C ASP B 152 -14.07 3.12 134.16
N GLY B 153 -14.57 4.08 133.39
CA GLY B 153 -14.63 3.98 131.95
C GLY B 153 -15.89 3.32 131.42
N PHE B 154 -16.88 3.05 132.29
CA PHE B 154 -18.14 2.44 131.90
C PHE B 154 -19.29 3.28 132.44
N TYR B 155 -20.48 3.06 131.87
CA TYR B 155 -21.64 3.90 132.13
C TYR B 155 -22.89 3.01 132.19
N TYR B 156 -23.75 3.30 133.17
CA TYR B 156 -24.97 2.53 133.32
C TYR B 156 -25.96 2.85 132.21
N ASN B 157 -26.53 1.79 131.62
CA ASN B 157 -27.56 1.91 130.59
C ASN B 157 -28.71 0.97 130.94
N ARG B 158 -29.95 1.49 130.85
CA ARG B 158 -31.11 0.71 131.28
C ARG B 158 -31.30 -0.53 130.41
N ALA B 159 -31.06 -0.41 129.11
CA ALA B 159 -31.40 -1.48 128.16
C ALA B 159 -30.24 -2.44 127.92
N PHE B 160 -29.00 -2.01 128.12
CA PHE B 160 -27.86 -2.89 127.88
C PHE B 160 -27.82 -3.98 128.94
N GLN B 161 -27.79 -5.24 128.49
CA GLN B 161 -27.90 -6.41 129.35
C GLN B 161 -26.63 -7.26 129.42
N ASN B 162 -25.64 -7.02 128.55
CA ASN B 162 -24.45 -7.85 128.46
C ASN B 162 -23.26 -7.27 129.19
N GLY B 163 -23.44 -6.21 129.97
CA GLY B 163 -22.34 -5.56 130.67
C GLY B 163 -22.11 -6.16 132.05
N SER B 164 -20.97 -5.80 132.63
CA SER B 164 -20.64 -6.22 133.98
C SER B 164 -21.50 -5.45 134.98
N VAL B 165 -21.55 -5.95 136.22
CA VAL B 165 -22.36 -5.32 137.26
C VAL B 165 -21.66 -5.48 138.61
N PRO B 166 -21.55 -4.43 139.44
CA PRO B 166 -20.91 -4.58 140.76
C PRO B 166 -21.51 -5.67 141.63
N ASP B 167 -20.68 -6.20 142.53
CA ASP B 167 -21.11 -7.25 143.44
C ASP B 167 -22.29 -6.83 144.31
N THR B 168 -22.38 -5.53 144.65
CA THR B 168 -23.45 -5.01 145.50
C THR B 168 -24.79 -4.91 144.75
N CYS B 169 -24.82 -5.21 143.47
CA CYS B 169 -25.99 -5.12 142.62
C CYS B 169 -26.51 -6.50 142.21
N LYS B 170 -26.04 -7.55 142.88
CA LYS B 170 -26.47 -8.93 142.64
C LYS B 170 -27.25 -9.45 143.85
N ASP B 171 -28.19 -10.36 143.59
CA ASP B 171 -28.98 -10.96 144.64
C ASP B 171 -28.21 -12.13 145.27
N ALA B 172 -28.88 -12.89 146.15
CA ALA B 172 -28.24 -13.99 146.86
C ALA B 172 -27.75 -15.09 145.93
N ASN B 173 -28.31 -15.21 144.73
CA ASN B 173 -27.87 -16.17 143.73
C ASN B 173 -26.95 -15.56 142.68
N GLY B 174 -26.54 -14.29 142.86
CA GLY B 174 -25.61 -13.67 141.95
C GLY B 174 -26.25 -13.06 140.72
N VAL B 175 -27.58 -13.06 140.62
CA VAL B 175 -28.28 -12.46 139.50
C VAL B 175 -28.43 -10.97 139.75
N LYS B 176 -28.24 -10.18 138.69
CA LYS B 176 -28.19 -8.73 138.86
C LYS B 176 -29.57 -8.17 139.22
N THR B 177 -29.56 -7.15 140.07
CA THR B 177 -30.78 -6.49 140.51
C THR B 177 -31.23 -5.41 139.53
N THR B 178 -30.30 -4.75 138.88
CA THR B 178 -30.61 -3.60 138.03
C THR B 178 -31.30 -4.04 136.74
N ALA B 179 -32.13 -3.15 136.22
CA ALA B 179 -32.83 -3.40 134.96
C ALA B 179 -31.85 -3.62 133.81
N GLY B 180 -30.74 -2.88 133.81
CA GLY B 180 -29.72 -2.99 132.78
C GLY B 180 -28.35 -3.32 133.34
N SER B 181 -27.30 -2.77 132.73
CA SER B 181 -25.94 -3.02 133.17
C SER B 181 -25.06 -1.91 132.61
N TRP B 182 -23.75 -2.04 132.82
CA TRP B 182 -22.80 -0.97 132.50
C TRP B 182 -22.17 -1.20 131.13
N ILE B 183 -22.26 -0.17 130.28
CA ILE B 183 -21.84 -0.23 128.89
C ILE B 183 -20.60 0.65 128.72
N ALA B 184 -19.72 0.24 127.81
CA ALA B 184 -18.48 0.97 127.56
C ALA B 184 -18.66 2.18 126.64
N MET B 185 -19.86 2.38 126.08
CA MET B 185 -20.14 3.51 125.22
C MET B 185 -20.55 4.72 126.05
N PRO B 186 -19.81 5.83 126.03
CA PRO B 186 -20.31 7.03 126.71
C PRO B 186 -21.56 7.56 126.02
N PRO B 187 -22.44 8.26 126.74
CA PRO B 187 -23.66 8.82 126.10
C PRO B 187 -23.34 9.65 124.88
N PRO B 188 -23.69 9.19 123.66
CA PRO B 188 -23.25 9.92 122.45
C PRO B 188 -24.11 11.13 122.13
N LEU B 189 -25.38 11.13 122.56
CA LEU B 189 -26.33 12.16 122.18
C LEU B 189 -26.52 13.17 123.31
N MET B 190 -27.14 14.30 122.94
CA MET B 190 -27.48 15.40 123.81
C MET B 190 -28.30 16.38 122.99
N ASP B 191 -29.29 17.01 123.64
CA ASP B 191 -30.27 17.87 122.95
C ASP B 191 -29.62 18.87 122.00
N ASP B 192 -30.05 18.84 120.75
CA ASP B 192 -29.60 19.77 119.72
C ASP B 192 -28.10 19.65 119.47
N LEU B 193 -27.59 18.42 119.54
CA LEU B 193 -26.19 18.17 119.17
C LEU B 193 -25.98 18.27 117.67
N VAL B 194 -27.03 18.04 116.87
CA VAL B 194 -26.98 18.11 115.41
C VAL B 194 -27.91 19.22 114.97
N GLU B 195 -27.49 19.98 113.95
CA GLU B 195 -28.26 21.09 113.40
C GLU B 195 -28.80 20.63 112.04
N TYR B 196 -30.04 20.16 112.05
CA TYR B 196 -30.73 19.76 110.82
C TYR B 196 -31.01 20.98 109.97
N ALA B 197 -30.83 20.83 108.65
CA ALA B 197 -30.96 21.96 107.74
C ALA B 197 -32.39 22.47 107.68
N ASP B 198 -33.36 21.56 107.64
CA ASP B 198 -34.76 21.97 107.53
C ASP B 198 -35.36 22.43 108.86
N GLY B 199 -34.56 22.51 109.91
CA GLY B 199 -35.01 22.95 111.23
C GLY B 199 -35.71 21.90 112.05
N HIS B 200 -35.68 20.64 111.64
CA HIS B 200 -36.26 19.55 112.40
C HIS B 200 -35.62 19.49 113.80
N ASP B 201 -36.41 19.11 114.79
CA ASP B 201 -35.93 19.12 116.17
C ASP B 201 -34.88 18.03 116.33
N ALA B 202 -33.85 18.33 117.12
CA ALA B 202 -32.72 17.42 117.34
C ALA B 202 -32.59 17.04 118.80
N SER B 203 -33.73 16.80 119.46
CA SER B 203 -33.73 16.26 120.80
C SER B 203 -33.14 14.86 120.78
N VAL B 204 -32.72 14.38 121.96
CA VAL B 204 -32.18 13.02 122.05
C VAL B 204 -33.22 12.01 121.56
N HIS B 205 -34.51 12.28 121.83
CA HIS B 205 -35.56 11.39 121.37
C HIS B 205 -35.59 11.32 119.85
N ALA B 206 -35.63 12.48 119.19
CA ALA B 206 -35.75 12.53 117.74
C ALA B 206 -34.53 11.95 117.05
N MET B 207 -33.33 12.36 117.48
CA MET B 207 -32.12 11.85 116.87
C MET B 207 -31.98 10.34 117.07
N ALA B 208 -32.40 9.83 118.23
CA ALA B 208 -32.28 8.41 118.49
C ALA B 208 -33.20 7.61 117.57
N GLU B 209 -34.41 8.13 117.32
CA GLU B 209 -35.34 7.45 116.43
C GLU B 209 -34.89 7.58 114.98
N ASP B 210 -34.40 8.76 114.60
CA ASP B 210 -33.96 8.99 113.22
C ASP B 210 -32.78 8.10 112.87
N VAL B 211 -31.77 8.04 113.74
CA VAL B 211 -30.58 7.26 113.44
C VAL B 211 -30.87 5.77 113.55
N SER B 212 -31.85 5.39 114.37
CA SER B 212 -32.25 4.00 114.44
C SER B 212 -32.90 3.55 113.14
N ALA B 213 -33.66 4.45 112.51
CA ALA B 213 -34.27 4.13 111.22
C ALA B 213 -33.19 4.00 110.15
N PHE B 214 -32.19 4.90 110.17
CA PHE B 214 -31.10 4.82 109.22
C PHE B 214 -30.34 3.51 109.37
N LEU B 215 -30.10 3.08 110.61
CA LEU B 215 -29.37 1.85 110.82
C LEU B 215 -30.20 0.63 110.47
N MET B 216 -31.53 0.78 110.46
CA MET B 216 -32.40 -0.28 109.97
C MET B 216 -32.32 -0.40 108.45
N TRP B 217 -32.27 0.73 107.75
CA TRP B 217 -32.13 0.71 106.31
C TRP B 217 -30.77 0.17 105.90
N ALA B 218 -29.72 0.55 106.63
CA ALA B 218 -28.39 0.07 106.29
C ALA B 218 -28.31 -1.43 106.44
N ALA B 219 -29.09 -2.00 107.36
CA ALA B 219 -29.12 -3.43 107.58
C ALA B 219 -30.03 -4.13 106.57
N GLU B 220 -31.17 -3.51 106.25
CA GLU B 220 -32.16 -4.05 105.31
C GLU B 220 -32.50 -3.01 104.25
N PRO B 221 -31.55 -2.72 103.35
CA PRO B 221 -31.82 -1.70 102.31
C PRO B 221 -32.93 -2.10 101.36
N LYS B 222 -33.17 -3.39 101.18
CA LYS B 222 -34.16 -3.93 100.26
C LYS B 222 -35.48 -4.26 100.95
N LEU B 223 -35.74 -3.63 102.11
CA LEU B 223 -36.94 -3.94 102.88
C LEU B 223 -38.20 -3.73 102.05
N MET B 224 -38.32 -2.59 101.38
CA MET B 224 -39.51 -2.31 100.61
C MET B 224 -39.64 -3.28 99.44
N ALA B 225 -38.53 -3.59 98.77
CA ALA B 225 -38.58 -4.56 97.67
C ALA B 225 -39.03 -5.92 98.16
N ARG B 226 -38.57 -6.31 99.36
CA ARG B 226 -38.92 -7.62 99.89
C ARG B 226 -40.42 -7.74 100.14
N LYS B 227 -41.03 -6.68 100.64
CA LYS B 227 -42.47 -6.71 100.90
C LYS B 227 -43.27 -6.72 99.60
N GLN B 228 -42.87 -5.88 98.63
CA GLN B 228 -43.49 -5.89 97.32
C GLN B 228 -43.50 -7.31 96.75
N ALA B 229 -42.37 -8.00 96.85
CA ALA B 229 -42.30 -9.39 96.39
C ALA B 229 -43.25 -10.25 97.21
N GLY B 230 -43.34 -9.99 98.51
CA GLY B 230 -44.23 -10.76 99.36
C GLY B 230 -45.68 -10.59 98.94
N PHE B 231 -46.11 -9.34 98.78
CA PHE B 231 -47.45 -9.04 98.31
C PHE B 231 -47.73 -9.74 96.99
N THR B 232 -46.82 -9.59 96.03
CA THR B 232 -46.99 -10.21 94.71
C THR B 232 -47.16 -11.71 94.84
N ALA B 233 -46.25 -12.36 95.57
CA ALA B 233 -46.32 -13.80 95.74
C ALA B 233 -47.61 -14.20 96.44
N VAL B 234 -48.04 -13.40 97.42
CA VAL B 234 -49.24 -13.73 98.16
C VAL B 234 -50.48 -13.57 97.28
N MET B 235 -50.52 -12.52 96.47
CA MET B 235 -51.67 -12.34 95.58
C MET B 235 -51.71 -13.42 94.51
N PHE B 236 -50.54 -13.73 93.91
CA PHE B 236 -50.44 -14.84 92.97
C PHE B 236 -50.97 -16.12 93.61
N LEU B 237 -50.42 -16.49 94.76
CA LEU B 237 -50.74 -17.77 95.38
C LEU B 237 -52.16 -17.77 95.93
N THR B 238 -52.70 -16.60 96.27
CA THR B 238 -54.10 -16.54 96.68
C THR B 238 -55.00 -16.90 95.50
N VAL B 239 -54.79 -16.23 94.37
CA VAL B 239 -55.56 -16.53 93.16
C VAL B 239 -55.37 -17.99 92.76
N LEU B 240 -54.13 -18.45 92.74
CA LEU B 240 -53.84 -19.81 92.29
C LEU B 240 -54.48 -20.84 93.23
N SER B 241 -54.49 -20.54 94.53
CA SER B 241 -55.08 -21.46 95.50
C SER B 241 -56.58 -21.57 95.31
N VAL B 242 -57.25 -20.44 95.08
CA VAL B 242 -58.69 -20.43 94.85
C VAL B 242 -59.02 -21.24 93.60
N LEU B 243 -58.31 -20.98 92.51
CA LEU B 243 -58.53 -21.72 91.27
C LEU B 243 -58.28 -23.20 91.46
N LEU B 244 -57.24 -23.56 92.23
CA LEU B 244 -56.94 -24.96 92.48
C LEU B 244 -57.98 -25.61 93.38
N TYR B 245 -58.64 -24.83 94.23
CA TYR B 245 -59.68 -25.38 95.08
C TYR B 245 -60.90 -25.76 94.27
N LEU B 246 -61.38 -24.84 93.42
CA LEU B 246 -62.53 -25.11 92.56
C LEU B 246 -62.25 -26.29 91.63
N THR B 247 -61.06 -26.34 91.05
CA THR B 247 -60.70 -27.47 90.20
C THR B 247 -60.76 -28.78 90.97
N ASN B 248 -60.18 -28.81 92.17
CA ASN B 248 -60.19 -30.03 92.98
C ASN B 248 -61.62 -30.40 93.38
N LYS B 249 -62.44 -29.40 93.67
CA LYS B 249 -63.81 -29.66 94.11
C LYS B 249 -64.64 -30.20 92.96
N ARG B 250 -64.60 -29.52 91.80
CA ARG B 250 -65.39 -29.92 90.65
C ARG B 250 -64.94 -31.27 90.07
N LEU B 251 -63.74 -31.73 90.43
CA LEU B 251 -63.23 -33.01 89.97
C LEU B 251 -63.80 -34.16 90.79
N TRP B 252 -63.70 -34.06 92.12
CA TRP B 252 -64.16 -35.09 93.03
C TRP B 252 -65.68 -35.23 93.07
N ALA B 253 -66.42 -34.33 92.42
CA ALA B 253 -67.88 -34.45 92.39
C ALA B 253 -68.30 -35.77 91.74
N GLY B 254 -67.56 -36.21 90.73
CA GLY B 254 -67.83 -37.47 90.06
C GLY B 254 -67.17 -38.67 90.73
N VAL B 255 -67.08 -38.64 92.06
CA VAL B 255 -66.46 -39.70 92.87
C VAL B 255 -67.24 -39.87 94.16
N LYS B 256 -67.63 -38.76 94.79
CA LYS B 256 -68.37 -38.76 96.05
C LYS B 256 -69.68 -37.98 95.90
N GLY C 9 -71.54 -26.67 80.72
CA GLY C 9 -71.10 -26.10 79.45
C GLY C 9 -69.66 -25.62 79.50
N THR C 10 -69.44 -24.37 79.07
CA THR C 10 -68.11 -23.78 79.00
C THR C 10 -67.73 -23.07 80.31
N ARG C 11 -68.37 -23.41 81.42
CA ARG C 11 -68.05 -22.77 82.69
C ARG C 11 -66.85 -23.44 83.37
N ARG C 12 -66.81 -24.77 83.37
CA ARG C 12 -65.65 -25.49 83.88
C ARG C 12 -64.52 -25.58 82.86
N ASP C 13 -64.79 -25.35 81.58
CA ASP C 13 -63.71 -25.29 80.60
C ASP C 13 -62.89 -24.02 80.73
N PHE C 14 -63.54 -22.91 81.10
CA PHE C 14 -62.80 -21.67 81.30
C PHE C 14 -61.95 -21.73 82.57
N LEU C 15 -62.43 -22.45 83.59
CA LEU C 15 -61.67 -22.58 84.82
C LEU C 15 -60.35 -23.31 84.57
N TYR C 16 -60.41 -24.41 83.83
CA TYR C 16 -59.19 -25.17 83.55
C TYR C 16 -58.21 -24.38 82.71
N TYR C 17 -58.69 -23.39 81.95
CA TYR C 17 -57.79 -22.49 81.25
C TYR C 17 -57.26 -21.45 82.22
N ALA C 18 -58.15 -20.82 82.99
CA ALA C 18 -57.76 -19.78 83.93
C ALA C 18 -56.79 -20.33 84.98
N THR C 19 -57.04 -21.56 85.44
CA THR C 19 -56.15 -22.19 86.42
C THR C 19 -54.77 -22.40 85.83
N ALA C 20 -54.70 -22.99 84.64
CA ALA C 20 -53.42 -23.23 84.00
C ALA C 20 -52.73 -21.91 83.66
N GLY C 21 -53.52 -20.92 83.23
CA GLY C 21 -52.94 -19.62 82.92
C GLY C 21 -52.34 -18.96 84.16
N ALA C 22 -53.03 -19.06 85.29
CA ALA C 22 -52.49 -18.52 86.54
C ALA C 22 -51.23 -19.25 86.94
N GLY C 23 -51.23 -20.58 86.77
CA GLY C 23 -50.04 -21.36 87.11
C GLY C 23 -48.86 -20.98 86.23
N ALA C 24 -49.12 -20.72 84.95
CA ALA C 24 -48.06 -20.33 84.03
C ALA C 24 -47.45 -19.00 84.43
N VAL C 25 -48.28 -18.02 84.76
CA VAL C 25 -47.79 -16.71 85.19
C VAL C 25 -46.95 -16.85 86.45
N ALA C 26 -47.47 -17.60 87.43
CA ALA C 26 -46.75 -17.79 88.69
C ALA C 26 -45.40 -18.44 88.46
N THR C 27 -45.34 -19.42 87.55
CA THR C 27 -44.07 -20.07 87.24
C THR C 27 -43.10 -19.08 86.61
N GLY C 28 -43.56 -18.30 85.63
CA GLY C 28 -42.70 -17.33 84.99
C GLY C 28 -42.13 -16.31 85.97
N ALA C 29 -42.96 -15.88 86.93
CA ALA C 29 -42.48 -14.94 87.93
C ALA C 29 -41.41 -15.56 88.81
N ALA C 30 -41.40 -16.89 88.94
CA ALA C 30 -40.42 -17.61 89.76
C ALA C 30 -39.15 -17.91 88.99
N VAL C 31 -39.25 -18.11 87.68
CA VAL C 31 -38.09 -18.50 86.89
C VAL C 31 -37.23 -17.29 86.56
N TRP C 32 -37.85 -16.15 86.28
CA TRP C 32 -37.12 -14.93 85.93
C TRP C 32 -36.09 -14.52 86.98
N PRO C 33 -36.39 -14.45 88.28
CA PRO C 33 -35.34 -14.07 89.24
C PRO C 33 -34.20 -15.08 89.33
N LEU C 34 -34.43 -16.35 88.96
CA LEU C 34 -33.35 -17.31 88.94
C LEU C 34 -32.41 -17.05 87.77
N ILE C 35 -32.92 -16.44 86.70
CA ILE C 35 -32.10 -16.07 85.57
C ILE C 35 -31.44 -14.70 85.81
N ASN C 36 -32.22 -13.74 86.30
CA ASN C 36 -31.73 -12.36 86.37
C ASN C 36 -30.65 -12.19 87.43
N GLN C 37 -30.53 -13.11 88.38
CA GLN C 37 -29.47 -12.99 89.38
C GLN C 37 -28.08 -13.15 88.78
N MET C 38 -27.97 -13.74 87.60
CA MET C 38 -26.67 -13.92 86.95
C MET C 38 -26.27 -12.70 86.12
N ASN C 39 -27.21 -11.79 85.84
CA ASN C 39 -26.91 -10.54 85.19
C ASN C 39 -26.10 -9.64 86.13
N PRO C 40 -25.39 -8.65 85.58
CA PRO C 40 -24.47 -7.82 86.38
C PRO C 40 -25.14 -7.25 87.63
N SER C 41 -24.48 -7.44 88.76
CA SER C 41 -24.94 -6.96 90.05
C SER C 41 -24.69 -5.45 90.17
N ALA C 42 -25.22 -4.87 91.25
CA ALA C 42 -25.22 -3.43 91.38
C ALA C 42 -23.82 -2.86 91.45
N ASP C 43 -22.86 -3.59 92.01
CA ASP C 43 -21.50 -3.09 92.05
C ASP C 43 -20.92 -3.00 90.65
N VAL C 44 -21.29 -3.95 89.78
CA VAL C 44 -20.80 -3.96 88.41
C VAL C 44 -21.48 -2.85 87.61
N GLN C 45 -22.81 -2.73 87.72
CA GLN C 45 -23.52 -1.73 86.95
C GLN C 45 -23.13 -0.31 87.33
N ALA C 46 -22.50 -0.12 88.49
CA ALA C 46 -22.12 1.22 88.95
C ALA C 46 -20.85 1.63 88.22
N LEU C 47 -20.98 1.76 86.89
CA LEU C 47 -19.82 2.07 86.07
C LEU C 47 -19.17 3.38 86.49
N ALA C 48 -17.85 3.41 86.39
CA ALA C 48 -17.02 4.46 86.94
C ALA C 48 -16.06 4.92 85.85
N SER C 49 -15.59 6.16 85.97
CA SER C 49 -14.69 6.74 84.98
C SER C 49 -13.32 6.79 85.62
N ILE C 50 -12.28 6.94 84.79
CA ILE C 50 -10.92 6.98 85.30
C ILE C 50 -10.11 8.03 84.53
N PHE C 51 -8.95 8.35 85.09
CA PHE C 51 -8.02 9.31 84.54
C PHE C 51 -6.66 8.66 84.44
N VAL C 52 -5.96 8.90 83.34
CA VAL C 52 -4.69 8.25 83.05
C VAL C 52 -3.64 9.33 82.89
N ASP C 53 -2.54 9.22 83.64
CA ASP C 53 -1.43 10.14 83.46
C ASP C 53 -0.65 9.69 82.23
N VAL C 54 -0.34 10.65 81.36
CA VAL C 54 0.15 10.33 80.02
C VAL C 54 1.48 11.06 79.74
N SER C 55 1.92 11.92 80.66
CA SER C 55 3.15 12.69 80.47
C SER C 55 4.38 11.80 80.20
N SER C 56 4.35 10.54 80.62
CA SER C 56 5.51 9.66 80.52
C SER C 56 5.53 8.83 79.24
N VAL C 57 4.57 9.01 78.34
CA VAL C 57 4.41 8.15 77.16
C VAL C 57 5.13 8.82 75.99
N GLU C 58 6.24 8.20 75.53
CA GLU C 58 6.96 8.62 74.33
C GLU C 58 6.34 7.99 73.10
N PRO C 59 6.60 8.52 71.90
CA PRO C 59 6.11 7.86 70.68
C PRO C 59 6.68 6.45 70.52
N GLY C 60 5.83 5.55 70.06
CA GLY C 60 6.16 4.15 69.89
C GLY C 60 5.88 3.28 71.09
N VAL C 61 5.30 3.84 72.15
CA VAL C 61 4.96 3.12 73.37
C VAL C 61 3.45 2.96 73.44
N GLN C 62 3.00 1.76 73.79
CA GLN C 62 1.58 1.50 74.06
C GLN C 62 1.41 1.32 75.57
N LEU C 63 0.52 2.12 76.14
CA LEU C 63 0.10 1.97 77.53
C LEU C 63 -1.20 1.18 77.57
N THR C 64 -1.23 0.14 78.39
CA THR C 64 -2.39 -0.73 78.54
C THR C 64 -2.94 -0.57 79.95
N VAL C 65 -4.22 -0.20 80.04
CA VAL C 65 -4.86 0.23 81.28
C VAL C 65 -6.17 -0.53 81.41
N LYS C 66 -6.52 -0.87 82.65
CA LYS C 66 -7.74 -1.62 82.95
C LYS C 66 -8.88 -0.64 83.18
N PHE C 67 -10.01 -0.91 82.55
CA PHE C 67 -11.18 -0.04 82.67
C PHE C 67 -12.45 -0.88 82.54
N LEU C 68 -13.24 -0.90 83.60
CA LEU C 68 -14.44 -1.73 83.68
C LEU C 68 -14.09 -3.20 83.49
N GLY C 69 -12.95 -3.61 84.08
CA GLY C 69 -12.57 -5.00 84.04
C GLY C 69 -12.05 -5.48 82.71
N CYS C 70 -11.59 -4.58 81.85
CA CYS C 70 -11.12 -4.93 80.51
C CYS C 70 -9.98 -4.00 80.12
N PRO C 71 -9.15 -4.38 79.15
CA PRO C 71 -8.00 -3.54 78.78
C PRO C 71 -8.38 -2.40 77.85
N ILE C 72 -7.77 -1.24 78.08
CA ILE C 72 -7.83 -0.11 77.17
C ILE C 72 -6.40 0.22 76.74
N PHE C 73 -6.19 0.32 75.42
CA PHE C 73 -4.90 0.64 74.84
C PHE C 73 -4.80 2.14 74.62
N ILE C 74 -3.73 2.74 75.10
CA ILE C 74 -3.38 4.13 74.81
C ILE C 74 -1.99 4.12 74.19
N ARG C 75 -1.93 4.21 72.86
CA ARG C 75 -0.68 4.21 72.11
C ARG C 75 -0.42 5.60 71.54
N ARG C 76 0.78 6.12 71.83
CA ARG C 76 1.27 7.32 71.15
C ARG C 76 1.95 6.86 69.87
N ARG C 77 1.29 7.08 68.74
CA ARG C 77 1.72 6.50 67.48
C ARG C 77 2.93 7.26 66.93
N THR C 78 3.80 6.50 66.26
CA THR C 78 4.95 7.09 65.61
C THR C 78 4.55 7.73 64.27
N GLU C 79 5.53 8.38 63.63
CA GLU C 79 5.30 8.98 62.31
C GLU C 79 4.89 7.94 61.29
N ALA C 80 5.60 6.81 61.25
CA ALA C 80 5.27 5.73 60.31
C ALA C 80 3.85 5.23 60.50
N ASP C 81 3.46 4.97 61.76
CA ASP C 81 2.09 4.54 62.06
C ASP C 81 1.04 5.50 61.50
N ILE C 82 1.26 6.80 61.67
CA ILE C 82 0.27 7.79 61.25
C ILE C 82 0.19 7.84 59.73
N GLU C 83 1.35 7.86 59.06
CA GLU C 83 1.40 7.88 57.60
C GLU C 83 0.71 6.66 57.01
N LEU C 84 1.06 5.46 57.51
CA LEU C 84 0.42 4.23 57.05
C LEU C 84 -1.09 4.28 57.21
N GLY C 85 -1.57 4.79 58.35
CA GLY C 85 -3.00 4.80 58.59
C GLY C 85 -3.75 5.66 57.59
N ARG C 86 -3.20 6.82 57.25
CA ARG C 86 -3.88 7.72 56.32
C ARG C 86 -3.79 7.26 54.88
N SER C 87 -2.85 6.37 54.55
CA SER C 87 -2.67 5.90 53.19
C SER C 87 -3.68 4.84 52.77
N VAL C 88 -4.36 4.22 53.73
CA VAL C 88 -5.34 3.17 53.41
C VAL C 88 -6.61 3.81 52.87
N GLN C 89 -7.08 3.32 51.73
CA GLN C 89 -8.35 3.73 51.16
C GLN C 89 -9.50 2.94 51.77
N LEU C 90 -10.66 3.60 51.87
CA LEU C 90 -11.85 3.02 52.49
C LEU C 90 -12.22 1.66 51.89
N GLY C 91 -12.16 1.54 50.56
CA GLY C 91 -12.55 0.31 49.91
C GLY C 91 -11.64 -0.88 50.17
N GLN C 92 -10.52 -0.68 50.87
CA GLN C 92 -9.61 -1.76 51.20
C GLN C 92 -9.87 -2.33 52.60
N LEU C 93 -10.80 -1.77 53.35
CA LEU C 93 -11.05 -2.19 54.73
C LEU C 93 -12.15 -3.25 54.80
N VAL C 94 -11.97 -4.21 55.70
CA VAL C 94 -13.01 -5.18 55.98
C VAL C 94 -14.23 -4.50 56.59
N ASP C 95 -14.00 -3.62 57.57
CA ASP C 95 -15.05 -2.88 58.28
C ASP C 95 -14.79 -1.40 58.11
N THR C 96 -15.73 -0.72 57.46
CA THR C 96 -15.58 0.68 57.08
C THR C 96 -16.20 1.63 58.09
N ASN C 97 -16.73 1.14 59.21
CA ASN C 97 -17.27 2.00 60.24
C ASN C 97 -16.18 2.37 61.24
N ALA C 98 -16.23 3.61 61.72
CA ALA C 98 -15.19 4.08 62.63
C ALA C 98 -15.25 3.38 63.97
N ARG C 99 -16.43 2.89 64.36
CA ARG C 99 -16.63 2.27 65.67
C ARG C 99 -16.13 3.19 66.79
N ASN C 100 -16.54 4.46 66.71
CA ASN C 100 -16.03 5.51 67.58
C ASN C 100 -17.18 6.16 68.35
N ALA C 101 -17.16 5.97 69.68
CA ALA C 101 -18.21 6.49 70.54
C ALA C 101 -18.20 8.01 70.65
N ASN C 102 -17.09 8.66 70.27
CA ASN C 102 -16.95 10.10 70.46
C ASN C 102 -17.57 10.91 69.33
N ILE C 103 -17.87 10.29 68.19
CA ILE C 103 -18.42 10.96 67.03
C ILE C 103 -19.64 10.17 66.55
N ASP C 104 -20.21 10.61 65.42
CA ASP C 104 -21.39 9.99 64.86
C ASP C 104 -21.19 8.49 64.64
N ALA C 105 -22.27 7.73 64.82
CA ALA C 105 -22.19 6.28 64.70
C ALA C 105 -21.92 5.84 63.26
N GLY C 106 -22.30 6.65 62.29
CA GLY C 106 -22.11 6.32 60.89
C GLY C 106 -20.83 6.81 60.28
N ALA C 107 -19.96 7.43 61.07
CA ALA C 107 -18.70 7.98 60.56
C ALA C 107 -17.85 6.88 59.93
N GLU C 108 -17.11 7.27 58.91
CA GLU C 108 -16.27 6.34 58.16
C GLU C 108 -14.96 6.11 58.89
N ALA C 109 -14.35 4.94 58.64
CA ALA C 109 -13.14 4.50 59.33
C ALA C 109 -11.87 5.12 58.76
N THR C 110 -11.89 6.40 58.42
CA THR C 110 -10.66 7.10 58.07
C THR C 110 -9.78 7.24 59.31
N ASP C 111 -8.47 7.32 59.07
CA ASP C 111 -7.51 7.46 60.17
C ASP C 111 -7.82 8.66 61.04
N GLN C 112 -8.35 9.73 60.44
CA GLN C 112 -8.68 10.94 61.21
C GLN C 112 -9.79 10.65 62.21
N ASN C 113 -10.78 9.84 61.83
CA ASN C 113 -11.90 9.52 62.70
C ASN C 113 -11.60 8.39 63.69
N ARG C 114 -10.34 7.95 63.79
CA ARG C 114 -9.92 6.87 64.67
C ARG C 114 -9.02 7.37 65.81
N THR C 115 -8.73 8.66 65.86
CA THR C 115 -7.86 9.27 66.85
C THR C 115 -8.61 10.37 67.59
N LEU C 116 -8.11 10.70 68.78
CA LEU C 116 -8.73 11.73 69.59
C LEU C 116 -8.40 13.12 69.07
N ASP C 117 -7.19 13.31 68.53
CA ASP C 117 -6.70 14.59 68.08
C ASP C 117 -6.68 14.65 66.56
N GLU C 118 -6.60 15.88 66.04
CA GLU C 118 -6.57 16.09 64.60
C GLU C 118 -5.25 15.64 64.00
N ALA C 119 -4.15 15.77 64.75
CA ALA C 119 -2.85 15.31 64.29
C ALA C 119 -2.76 13.80 64.19
N GLY C 120 -3.68 13.08 64.84
CA GLY C 120 -3.74 11.63 64.76
C GLY C 120 -2.66 10.91 65.52
N GLU C 121 -2.11 11.53 66.55
CA GLU C 121 -1.03 10.93 67.33
C GLU C 121 -1.53 9.98 68.40
N TRP C 122 -2.71 10.25 68.96
CA TRP C 122 -3.22 9.54 70.14
C TRP C 122 -4.34 8.56 69.75
N LEU C 123 -3.99 7.28 69.71
CA LEU C 123 -4.95 6.20 69.43
C LEU C 123 -5.38 5.57 70.75
N VAL C 124 -6.63 5.80 71.15
CA VAL C 124 -7.21 5.25 72.37
C VAL C 124 -8.34 4.32 71.94
N MET C 125 -8.27 3.06 72.35
CA MET C 125 -9.29 2.09 71.97
C MET C 125 -9.30 0.93 72.95
N TRP C 126 -10.43 0.21 72.95
CA TRP C 126 -10.54 -1.04 73.69
C TRP C 126 -9.57 -2.07 73.13
N GLY C 127 -8.71 -2.59 73.97
CA GLY C 127 -7.81 -3.66 73.57
C GLY C 127 -8.47 -5.02 73.63
N VAL C 128 -9.63 -5.15 72.99
CA VAL C 128 -10.44 -6.36 73.05
C VAL C 128 -10.79 -6.76 71.62
N CYS C 129 -10.13 -7.80 71.13
CA CYS C 129 -10.38 -8.31 69.78
C CYS C 129 -11.85 -8.54 69.53
N THR C 130 -12.33 -8.06 68.40
CA THR C 130 -13.75 -8.09 68.10
C THR C 130 -14.22 -9.46 67.62
N HIS C 131 -13.31 -10.42 67.47
CA HIS C 131 -13.71 -11.80 67.19
C HIS C 131 -14.34 -12.43 68.42
N LEU C 132 -13.52 -12.91 69.36
CA LEU C 132 -13.98 -13.61 70.55
C LEU C 132 -13.31 -13.09 71.82
N GLY C 133 -12.81 -11.86 71.79
CA GLY C 133 -12.49 -11.12 72.98
C GLY C 133 -11.06 -11.17 73.47
N CYS C 134 -10.17 -11.92 72.81
CA CYS C 134 -8.79 -11.90 73.25
C CYS C 134 -8.20 -10.50 73.05
N VAL C 135 -7.01 -10.29 73.59
CA VAL C 135 -6.36 -9.00 73.65
C VAL C 135 -5.24 -9.00 72.61
N PRO C 136 -5.34 -8.24 71.52
CA PRO C 136 -4.28 -8.31 70.49
C PRO C 136 -2.94 -7.78 70.98
N ILE C 137 -1.88 -8.35 70.41
CA ILE C 137 -0.51 -7.99 70.77
C ILE C 137 -0.07 -6.82 69.91
N GLY C 138 0.43 -5.77 70.55
CA GLY C 138 0.81 -4.54 69.86
C GLY C 138 2.28 -4.47 69.58
N GLY C 139 2.84 -3.25 69.67
CA GLY C 139 4.22 -3.02 69.30
C GLY C 139 4.46 -3.23 67.82
N VAL C 140 3.53 -2.80 66.98
CA VAL C 140 3.63 -2.97 65.53
C VAL C 140 3.76 -4.45 65.20
N SER C 141 2.69 -5.20 65.44
CA SER C 141 2.63 -6.64 65.19
C SER C 141 1.65 -6.93 64.06
N GLY C 142 1.75 -8.13 63.51
CA GLY C 142 0.88 -8.53 62.43
C GLY C 142 1.43 -8.13 61.08
N ASP C 143 0.57 -8.23 60.08
CA ASP C 143 0.96 -8.03 58.69
C ASP C 143 0.65 -6.64 58.18
N PHE C 144 0.10 -5.76 59.03
CA PHE C 144 -0.34 -4.42 58.64
C PHE C 144 0.21 -3.37 59.59
N GLY C 145 1.36 -3.65 60.20
CA GLY C 145 2.02 -2.69 61.07
C GLY C 145 1.16 -2.21 62.22
N GLY C 146 0.41 -3.12 62.86
CA GLY C 146 -0.50 -2.77 63.94
C GLY C 146 -0.52 -3.77 65.07
N TRP C 147 -1.56 -4.60 65.12
CA TRP C 147 -1.75 -5.59 66.17
C TRP C 147 -2.03 -6.96 65.59
N PHE C 148 -1.62 -8.00 66.31
CA PHE C 148 -1.89 -9.39 65.97
C PHE C 148 -2.55 -10.08 67.15
N CYS C 149 -3.74 -10.65 66.93
CA CYS C 149 -4.44 -11.39 67.98
C CYS C 149 -4.05 -12.87 67.90
N PRO C 150 -3.38 -13.44 68.92
CA PRO C 150 -2.87 -14.81 68.78
C PRO C 150 -3.93 -15.89 68.96
N CYS C 151 -5.18 -15.55 69.26
CA CYS C 151 -6.17 -16.58 69.56
C CYS C 151 -6.69 -17.25 68.30
N HIS C 152 -7.01 -16.48 67.26
CA HIS C 152 -7.41 -17.04 65.98
C HIS C 152 -6.88 -16.26 64.79
N GLY C 153 -5.90 -15.37 64.99
CA GLY C 153 -5.15 -14.82 63.88
C GLY C 153 -5.76 -13.61 63.22
N SER C 154 -6.35 -12.68 63.98
CA SER C 154 -6.81 -11.43 63.39
C SER C 154 -5.65 -10.44 63.33
N HIS C 155 -5.57 -9.72 62.22
CA HIS C 155 -4.57 -8.68 62.01
C HIS C 155 -5.24 -7.32 61.93
N TYR C 156 -4.77 -6.39 62.74
CA TYR C 156 -5.20 -5.00 62.74
C TYR C 156 -4.06 -4.11 62.27
N ASP C 157 -4.41 -2.99 61.65
CA ASP C 157 -3.42 -2.06 61.10
C ASP C 157 -3.05 -0.99 62.12
N SER C 158 -2.33 0.05 61.66
CA SER C 158 -1.79 1.03 62.58
C SER C 158 -2.85 1.93 63.19
N ALA C 159 -4.09 1.89 62.69
CA ALA C 159 -5.22 2.59 63.28
C ALA C 159 -6.16 1.64 64.01
N GLY C 160 -5.78 0.37 64.16
CA GLY C 160 -6.60 -0.59 64.88
C GLY C 160 -7.77 -1.11 64.07
N ARG C 161 -7.71 -0.98 62.75
CA ARG C 161 -8.79 -1.43 61.88
C ARG C 161 -8.53 -2.88 61.46
N ILE C 162 -9.59 -3.68 61.44
CA ILE C 162 -9.45 -5.08 61.07
C ILE C 162 -9.19 -5.19 59.57
N ARG C 163 -8.20 -6.01 59.21
CA ARG C 163 -7.75 -6.18 57.82
C ARG C 163 -7.73 -7.63 57.37
N LYS C 164 -7.67 -8.60 58.29
CA LYS C 164 -7.46 -9.99 57.95
C LYS C 164 -7.83 -10.83 59.16
N GLY C 165 -8.52 -11.94 58.91
CA GLY C 165 -8.90 -12.89 59.93
C GLY C 165 -10.39 -12.98 60.18
N PRO C 166 -10.77 -13.69 61.26
CA PRO C 166 -12.21 -13.86 61.55
C PRO C 166 -12.89 -12.67 62.18
N ALA C 167 -12.15 -11.75 62.80
CA ALA C 167 -12.76 -10.64 63.52
C ALA C 167 -13.60 -9.79 62.57
N PRO C 168 -14.85 -9.44 62.92
CA PRO C 168 -15.69 -8.72 61.95
C PRO C 168 -15.50 -7.23 61.92
N GLU C 169 -15.03 -6.61 63.01
CA GLU C 169 -15.05 -5.16 63.14
C GLU C 169 -13.73 -4.62 63.66
N ASN C 170 -13.56 -3.32 63.44
CA ASN C 170 -12.46 -2.57 64.00
C ASN C 170 -12.58 -2.54 65.52
N LEU C 171 -11.43 -2.49 66.20
CA LEU C 171 -11.41 -2.39 67.65
C LEU C 171 -12.18 -1.15 68.12
N PRO C 172 -13.17 -1.28 69.02
CA PRO C 172 -13.98 -0.11 69.36
C PRO C 172 -13.20 0.93 70.16
N ILE C 173 -13.56 2.18 69.95
CA ILE C 173 -12.95 3.32 70.64
C ILE C 173 -13.93 3.82 71.70
N PRO C 174 -13.55 3.84 72.98
CA PRO C 174 -14.50 4.28 74.02
C PRO C 174 -14.63 5.79 74.03
N LEU C 175 -15.60 6.26 74.81
CA LEU C 175 -15.67 7.69 75.11
C LEU C 175 -14.38 8.12 75.79
N ALA C 176 -13.63 9.01 75.13
CA ALA C 176 -12.33 9.43 75.63
C ALA C 176 -12.04 10.85 75.15
N LYS C 177 -11.50 11.66 76.06
CA LYS C 177 -11.18 13.05 75.75
C LYS C 177 -10.10 13.52 76.70
N PHE C 178 -9.24 14.38 76.18
CA PHE C 178 -8.20 15.00 76.99
C PHE C 178 -8.79 16.04 77.94
N ILE C 179 -8.64 15.81 79.23
CA ILE C 179 -9.10 16.79 80.23
C ILE C 179 -8.11 17.93 80.33
N ASP C 180 -6.83 17.65 80.17
CA ASP C 180 -5.80 18.68 80.07
C ASP C 180 -4.69 18.14 79.18
N GLU C 181 -3.51 18.76 79.25
CA GLU C 181 -2.41 18.40 78.36
C GLU C 181 -2.00 16.94 78.50
N THR C 182 -2.21 16.34 79.68
CA THR C 182 -1.61 15.04 80.02
C THR C 182 -2.59 14.04 80.61
N THR C 183 -3.90 14.32 80.63
CA THR C 183 -4.88 13.45 81.27
C THR C 183 -6.05 13.19 80.33
N ILE C 184 -6.37 11.91 80.14
CA ILE C 184 -7.51 11.45 79.36
C ILE C 184 -8.58 10.95 80.32
N GLN C 185 -9.82 11.38 80.12
CA GLN C 185 -10.97 10.83 80.86
C GLN C 185 -11.64 9.78 79.98
N LEU C 186 -11.62 8.54 80.45
CA LEU C 186 -12.31 7.45 79.76
C LEU C 186 -13.73 7.34 80.31
N GLY C 187 -14.69 7.10 79.42
CA GLY C 187 -16.09 7.00 79.80
C GLY C 187 -16.80 8.33 79.78
N GLY D 3 -34.98 -57.26 76.34
CA GLY D 3 -36.01 -58.28 76.25
C GLY D 3 -35.51 -59.56 75.62
N ILE D 4 -34.29 -59.95 75.99
CA ILE D 4 -33.68 -61.18 75.48
C ILE D 4 -34.22 -62.31 76.35
N PRO D 5 -34.46 -63.52 75.83
CA PRO D 5 -34.95 -64.59 76.73
C PRO D 5 -33.85 -64.96 77.71
N HIS D 6 -34.22 -65.03 78.99
CA HIS D 6 -33.28 -65.29 80.06
C HIS D 6 -34.05 -65.75 81.29
N ASP D 7 -33.31 -66.30 82.25
CA ASP D 7 -33.90 -66.73 83.51
C ASP D 7 -33.96 -65.55 84.47
N HIS D 8 -34.95 -65.58 85.35
CA HIS D 8 -35.24 -64.47 86.26
C HIS D 8 -34.78 -64.78 87.69
N TYR D 9 -34.84 -63.74 88.52
CA TYR D 9 -34.40 -63.81 89.91
C TYR D 9 -35.37 -64.63 90.74
N GLU D 10 -34.85 -65.24 91.80
CA GLU D 10 -35.63 -65.99 92.78
C GLU D 10 -35.00 -65.79 94.16
N PRO D 11 -35.71 -65.24 95.15
CA PRO D 11 -35.09 -65.04 96.47
C PRO D 11 -34.76 -66.35 97.14
N ARG D 12 -33.57 -66.41 97.74
CA ARG D 12 -33.08 -67.62 98.40
C ARG D 12 -32.87 -67.43 99.90
N THR D 13 -32.07 -66.46 100.32
CA THR D 13 -31.88 -66.20 101.75
C THR D 13 -33.15 -65.63 102.38
N GLY D 14 -33.27 -65.83 103.69
CA GLY D 14 -34.39 -65.26 104.42
C GLY D 14 -34.41 -63.75 104.34
N ILE D 15 -33.23 -63.13 104.31
CA ILE D 15 -33.13 -61.68 104.19
C ILE D 15 -33.60 -61.25 102.80
N GLU D 16 -33.33 -62.08 101.78
CA GLU D 16 -33.74 -61.75 100.42
C GLU D 16 -35.25 -61.88 100.26
N LYS D 17 -35.84 -62.94 100.81
CA LYS D 17 -37.29 -63.07 100.75
C LYS D 17 -37.97 -61.90 101.46
N TRP D 18 -37.38 -61.46 102.57
CA TRP D 18 -37.92 -60.34 103.33
C TRP D 18 -37.81 -59.04 102.54
N LEU D 19 -36.63 -58.77 101.99
CA LEU D 19 -36.38 -57.54 101.25
C LEU D 19 -37.12 -57.54 99.92
N HIS D 20 -37.15 -58.68 99.23
CA HIS D 20 -37.75 -58.72 97.89
C HIS D 20 -39.25 -58.41 97.91
N SER D 21 -39.94 -58.74 99.00
CA SER D 21 -41.36 -58.47 99.12
C SER D 21 -41.67 -57.03 99.52
N ARG D 22 -40.64 -56.17 99.65
CA ARG D 22 -40.82 -54.79 100.08
C ARG D 22 -40.20 -53.83 99.08
N LEU D 23 -38.97 -54.12 98.66
CA LEU D 23 -38.26 -53.33 97.65
C LEU D 23 -37.42 -54.28 96.81
N PRO D 24 -37.86 -54.63 95.54
CA PRO D 24 -37.14 -55.61 94.74
C PRO D 24 -35.84 -55.09 94.11
N ILE D 25 -35.01 -54.42 94.91
CA ILE D 25 -33.78 -53.84 94.39
C ILE D 25 -32.78 -54.94 94.06
N VAL D 26 -32.78 -56.03 94.82
CA VAL D 26 -31.89 -57.14 94.50
C VAL D 26 -32.33 -57.82 93.20
N ALA D 27 -33.65 -57.96 93.01
CA ALA D 27 -34.16 -58.52 91.77
C ALA D 27 -33.75 -57.68 90.58
N LEU D 28 -33.72 -56.36 90.75
CA LEU D 28 -33.36 -55.46 89.66
C LEU D 28 -31.88 -55.58 89.34
N ALA D 29 -31.04 -55.63 90.37
CA ALA D 29 -29.61 -55.80 90.16
C ALA D 29 -29.30 -57.14 89.52
N TYR D 30 -30.05 -58.18 89.87
CA TYR D 30 -29.80 -59.50 89.27
C TYR D 30 -30.14 -59.48 87.79
N ASP D 31 -31.36 -59.08 87.44
CA ASP D 31 -31.77 -59.05 86.04
C ASP D 31 -30.91 -58.09 85.23
N THR D 32 -30.35 -57.07 85.88
CA THR D 32 -29.47 -56.13 85.19
C THR D 32 -28.11 -56.75 84.95
N ILE D 33 -27.51 -57.34 85.99
CA ILE D 33 -26.12 -57.79 85.89
C ILE D 33 -25.99 -59.13 85.19
N MET D 34 -27.10 -59.84 84.95
CA MET D 34 -27.11 -61.16 84.33
C MET D 34 -27.70 -61.14 82.92
N ILE D 35 -27.86 -59.95 82.33
CA ILE D 35 -28.42 -59.83 80.98
C ILE D 35 -27.60 -60.67 80.01
N PRO D 36 -28.20 -61.51 79.16
CA PRO D 36 -27.41 -62.24 78.15
C PRO D 36 -26.84 -61.28 77.12
N THR D 37 -25.50 -61.26 77.01
CA THR D 37 -24.73 -60.36 76.17
C THR D 37 -24.07 -61.16 75.04
N PRO D 38 -24.01 -60.65 73.80
CA PRO D 38 -23.38 -61.40 72.70
C PRO D 38 -21.97 -61.90 73.02
N ARG D 39 -21.74 -63.17 72.66
CA ARG D 39 -20.48 -63.83 72.97
C ARG D 39 -19.29 -63.20 72.27
N ASN D 40 -19.51 -62.51 71.14
CA ASN D 40 -18.46 -62.14 70.21
C ASN D 40 -18.02 -60.67 70.34
N LEU D 41 -18.20 -60.06 71.51
CA LEU D 41 -17.73 -58.69 71.69
C LEU D 41 -16.21 -58.69 71.73
N ASN D 42 -15.60 -57.74 71.01
CA ASN D 42 -14.16 -57.59 70.95
C ASN D 42 -13.68 -56.48 71.89
N TRP D 43 -12.39 -56.16 71.81
CA TRP D 43 -11.77 -55.25 72.76
C TRP D 43 -12.21 -53.81 72.61
N MET D 44 -12.97 -53.48 71.56
CA MET D 44 -13.48 -52.13 71.38
C MET D 44 -14.74 -51.86 72.21
N TRP D 45 -15.24 -52.85 72.94
CA TRP D 45 -16.43 -52.70 73.76
C TRP D 45 -16.10 -52.35 75.21
N ILE D 46 -14.82 -52.11 75.52
CA ILE D 46 -14.42 -51.82 76.89
C ILE D 46 -14.56 -50.34 77.25
N TRP D 47 -14.62 -49.45 76.25
CA TRP D 47 -14.51 -48.02 76.53
C TRP D 47 -15.73 -47.49 77.26
N GLY D 48 -16.84 -48.22 77.24
CA GLY D 48 -17.99 -47.83 78.04
C GLY D 48 -17.72 -47.91 79.53
N VAL D 49 -17.06 -48.99 79.96
CA VAL D 49 -16.72 -49.17 81.37
C VAL D 49 -15.65 -48.17 81.79
N VAL D 50 -14.71 -47.89 80.89
CA VAL D 50 -13.68 -46.89 81.19
C VAL D 50 -14.32 -45.54 81.42
N LEU D 51 -15.28 -45.17 80.57
CA LEU D 51 -16.00 -43.91 80.75
C LEU D 51 -16.73 -43.88 82.08
N ALA D 52 -17.34 -44.99 82.45
CA ALA D 52 -18.04 -45.06 83.72
C ALA D 52 -17.08 -44.84 84.88
N PHE D 53 -15.92 -45.50 84.83
CA PHE D 53 -14.90 -45.31 85.86
C PHE D 53 -14.47 -43.86 85.93
N CYS D 54 -14.19 -43.24 84.77
CA CYS D 54 -13.75 -41.85 84.74
C CYS D 54 -14.73 -40.93 85.44
N LEU D 55 -16.03 -41.11 85.19
CA LEU D 55 -17.03 -40.24 85.82
C LEU D 55 -16.97 -40.38 87.33
N VAL D 56 -16.79 -41.61 87.82
CA VAL D 56 -16.65 -41.84 89.25
C VAL D 56 -15.33 -41.27 89.75
N LEU D 57 -14.24 -41.51 89.01
CA LEU D 57 -12.93 -40.97 89.38
C LEU D 57 -12.98 -39.45 89.46
N GLN D 58 -13.54 -38.79 88.45
CA GLN D 58 -13.60 -37.34 88.43
C GLN D 58 -14.43 -36.80 89.59
N ILE D 59 -15.55 -37.46 89.90
CA ILE D 59 -16.44 -36.96 90.95
C ILE D 59 -15.76 -37.07 92.30
N VAL D 60 -15.16 -38.21 92.61
CA VAL D 60 -14.59 -38.40 93.94
C VAL D 60 -13.33 -37.55 94.10
N THR D 61 -12.50 -37.47 93.05
CA THR D 61 -11.34 -36.58 93.15
C THR D 61 -11.80 -35.13 93.12
N GLY D 62 -12.89 -34.85 92.40
CA GLY D 62 -13.41 -33.49 92.36
C GLY D 62 -13.88 -33.03 93.71
N ILE D 63 -14.72 -33.85 94.36
CA ILE D 63 -15.24 -33.52 95.70
C ILE D 63 -14.10 -33.28 96.66
N VAL D 64 -13.08 -34.15 96.59
CA VAL D 64 -11.93 -34.01 97.48
C VAL D 64 -11.18 -32.73 97.18
N LEU D 65 -10.93 -32.45 95.90
CA LEU D 65 -10.26 -31.21 95.52
C LEU D 65 -11.06 -29.99 95.95
N ALA D 66 -12.40 -30.08 95.86
CA ALA D 66 -13.26 -28.96 96.23
C ALA D 66 -13.22 -28.64 97.73
N MET D 67 -12.68 -29.53 98.55
CA MET D 67 -12.54 -29.25 99.98
C MET D 67 -11.41 -28.27 100.29
N HIS D 68 -10.55 -27.98 99.31
CA HIS D 68 -9.35 -27.17 99.53
C HIS D 68 -9.21 -26.04 98.52
N TYR D 69 -10.12 -25.91 97.57
CA TYR D 69 -10.04 -24.92 96.50
C TYR D 69 -10.94 -23.75 96.85
N THR D 70 -10.52 -22.54 96.49
CA THR D 70 -11.28 -21.32 96.73
C THR D 70 -11.68 -20.66 95.42
N PRO D 71 -12.97 -20.62 95.04
CA PRO D 71 -13.34 -19.96 93.76
C PRO D 71 -13.39 -18.45 93.87
N HIS D 72 -12.22 -17.84 94.03
CA HIS D 72 -12.09 -16.39 94.04
C HIS D 72 -10.79 -16.01 93.35
N VAL D 73 -10.87 -14.98 92.50
CA VAL D 73 -9.77 -14.62 91.62
C VAL D 73 -8.49 -14.28 92.40
N ASP D 74 -8.62 -13.72 93.59
CA ASP D 74 -7.46 -13.39 94.41
C ASP D 74 -6.86 -14.60 95.12
N LEU D 75 -7.59 -15.71 95.18
CA LEU D 75 -7.20 -16.87 95.98
C LEU D 75 -7.20 -18.18 95.20
N ALA D 76 -7.83 -18.23 94.03
CA ALA D 76 -8.00 -19.49 93.32
C ALA D 76 -6.65 -20.12 92.99
N PHE D 77 -5.81 -19.40 92.25
CA PHE D 77 -4.50 -19.94 91.87
C PHE D 77 -3.68 -20.29 93.10
N ALA D 78 -3.66 -19.40 94.11
CA ALA D 78 -2.91 -19.69 95.33
C ALA D 78 -3.44 -20.93 96.04
N SER D 79 -4.77 -21.14 96.00
CA SER D 79 -5.37 -22.28 96.70
C SER D 79 -5.05 -23.59 96.00
N VAL D 80 -4.84 -23.55 94.68
CA VAL D 80 -4.45 -24.76 93.95
C VAL D 80 -3.00 -25.13 94.27
N GLU D 81 -2.12 -24.14 94.42
CA GLU D 81 -0.77 -24.44 94.86
C GLU D 81 -0.76 -24.92 96.29
N HIS D 82 -1.71 -24.47 97.11
CA HIS D 82 -1.82 -24.99 98.47
C HIS D 82 -2.12 -26.48 98.45
N ILE D 83 -3.04 -26.89 97.58
CA ILE D 83 -3.32 -28.31 97.37
C ILE D 83 -2.07 -29.05 96.94
N MET D 84 -1.38 -28.55 95.92
CA MET D 84 -0.20 -29.22 95.38
C MET D 84 0.91 -29.40 96.42
N ARG D 85 1.11 -28.42 97.30
CA ARG D 85 2.26 -28.39 98.19
C ARG D 85 1.97 -28.86 99.61
N ASN D 86 0.80 -28.57 100.15
CA ASN D 86 0.52 -28.75 101.58
C ASN D 86 -0.45 -29.87 101.90
N VAL D 87 -1.50 -30.05 101.11
CA VAL D 87 -2.50 -31.06 101.41
C VAL D 87 -1.90 -32.44 101.21
N ASN D 88 -2.15 -33.33 102.17
CA ASN D 88 -1.69 -34.72 102.10
C ASN D 88 -2.18 -35.36 100.81
N GLY D 89 -1.24 -35.76 99.97
CA GLY D 89 -1.58 -36.36 98.69
C GLY D 89 -2.22 -35.41 97.70
N GLY D 90 -2.18 -34.10 97.98
CA GLY D 90 -2.90 -33.14 97.15
C GLY D 90 -2.33 -33.07 95.75
N PHE D 91 -1.02 -33.18 95.62
CA PHE D 91 -0.37 -33.14 94.31
C PHE D 91 -0.90 -34.26 93.41
N MET D 92 -1.14 -35.44 94.00
CA MET D 92 -1.58 -36.59 93.21
C MET D 92 -3.06 -36.47 92.86
N LEU D 93 -3.88 -35.99 93.78
CA LEU D 93 -5.31 -35.83 93.52
C LEU D 93 -5.55 -34.78 92.43
N ARG D 94 -4.76 -33.72 92.44
CA ARG D 94 -4.86 -32.67 91.41
C ARG D 94 -4.51 -33.22 90.04
N TYR D 95 -3.38 -33.92 89.95
CA TYR D 95 -2.95 -34.46 88.67
C TYR D 95 -3.92 -35.54 88.16
N LEU D 96 -4.53 -36.31 89.07
CA LEU D 96 -5.50 -37.33 88.66
C LEU D 96 -6.73 -36.67 88.06
N HIS D 97 -7.20 -35.59 88.67
CA HIS D 97 -8.38 -34.90 88.16
C HIS D 97 -8.11 -34.28 86.81
N ALA D 98 -6.92 -33.67 86.65
CA ALA D 98 -6.59 -33.00 85.40
C ALA D 98 -6.36 -34.01 84.29
N ASN D 99 -5.43 -34.95 84.51
CA ASN D 99 -5.19 -36.00 83.53
C ASN D 99 -6.38 -36.94 83.40
N GLY D 100 -7.20 -37.05 84.44
CA GLY D 100 -8.40 -37.88 84.34
C GLY D 100 -9.36 -37.36 83.30
N ALA D 101 -9.40 -36.04 83.12
CA ALA D 101 -10.23 -35.46 82.07
C ALA D 101 -9.74 -35.90 80.70
N SER D 102 -8.41 -35.99 80.52
CA SER D 102 -7.85 -36.43 79.25
C SER D 102 -8.21 -37.89 78.98
N LEU D 103 -8.06 -38.75 79.99
CA LEU D 103 -8.46 -40.14 79.84
C LEU D 103 -9.93 -40.24 79.50
N PHE D 104 -10.75 -39.39 80.14
CA PHE D 104 -12.18 -39.36 79.88
C PHE D 104 -12.46 -39.13 78.40
N PHE D 105 -11.69 -38.24 77.77
CA PHE D 105 -11.96 -37.84 76.40
C PHE D 105 -11.32 -38.80 75.40
N ILE D 106 -10.18 -39.38 75.73
CA ILE D 106 -9.63 -40.46 74.92
C ILE D 106 -10.66 -41.57 74.79
N ALA D 107 -11.34 -41.88 75.89
CA ALA D 107 -12.32 -42.96 75.94
C ALA D 107 -13.56 -42.66 75.11
N VAL D 108 -14.09 -41.42 75.17
CA VAL D 108 -15.27 -41.09 74.38
C VAL D 108 -14.97 -41.19 72.90
N TYR D 109 -13.79 -40.72 72.48
CA TYR D 109 -13.52 -40.70 71.05
C TYR D 109 -13.41 -42.12 70.50
N LEU D 110 -12.78 -43.03 71.25
CA LEU D 110 -12.78 -44.44 70.87
C LEU D 110 -14.18 -45.02 70.94
N HIS D 111 -14.90 -44.69 72.01
CA HIS D 111 -16.31 -45.08 72.17
C HIS D 111 -17.14 -44.61 70.99
N ILE D 112 -16.99 -43.34 70.58
CA ILE D 112 -17.80 -42.82 69.48
C ILE D 112 -17.45 -43.52 68.17
N PHE D 113 -16.16 -43.62 67.88
CA PHE D 113 -15.75 -44.20 66.60
C PHE D 113 -16.03 -45.69 66.53
N ARG D 114 -16.07 -46.38 67.68
CA ARG D 114 -16.56 -47.75 67.69
C ARG D 114 -17.98 -47.79 67.15
N GLY D 115 -18.84 -46.93 67.70
CA GLY D 115 -20.22 -46.85 67.25
C GLY D 115 -20.32 -46.51 65.78
N LEU D 116 -19.47 -45.58 65.32
CA LEU D 116 -19.54 -45.14 63.94
C LEU D 116 -19.14 -46.27 62.98
N TYR D 117 -18.29 -47.19 63.42
CA TYR D 117 -17.83 -48.27 62.55
C TYR D 117 -18.85 -49.41 62.48
N TYR D 118 -19.36 -49.82 63.64
CA TYR D 118 -20.22 -51.00 63.75
C TYR D 118 -21.70 -50.68 63.63
N GLY D 119 -22.07 -49.42 63.40
CA GLY D 119 -23.46 -49.06 63.25
C GLY D 119 -24.26 -49.20 64.52
N SER D 120 -23.64 -48.90 65.67
CA SER D 120 -24.32 -48.97 66.97
C SER D 120 -25.33 -47.83 67.15
N TYR D 121 -25.36 -46.87 66.24
CA TYR D 121 -26.32 -45.76 66.27
C TYR D 121 -27.58 -46.06 65.47
N LYS D 122 -27.53 -47.04 64.57
CA LYS D 122 -28.66 -47.38 63.72
C LYS D 122 -29.76 -48.02 64.55
N ALA D 123 -30.98 -47.98 64.01
CA ALA D 123 -32.16 -48.53 64.65
C ALA D 123 -31.90 -49.94 65.17
N PRO D 124 -32.39 -50.30 66.38
CA PRO D 124 -33.26 -49.60 67.33
C PRO D 124 -32.52 -48.76 68.39
N ARG D 125 -31.31 -48.31 68.08
CA ARG D 125 -30.42 -47.72 69.08
C ARG D 125 -30.29 -46.20 68.94
N GLU D 126 -31.28 -45.55 68.32
CA GLU D 126 -31.22 -44.09 68.15
C GLU D 126 -31.18 -43.37 69.49
N VAL D 127 -32.00 -43.83 70.45
CA VAL D 127 -32.08 -43.13 71.74
C VAL D 127 -30.74 -43.20 72.47
N THR D 128 -30.09 -44.37 72.45
CA THR D 128 -28.78 -44.51 73.07
C THR D 128 -27.80 -43.49 72.50
N TRP D 129 -27.83 -43.29 71.18
CA TRP D 129 -26.87 -42.40 70.53
C TRP D 129 -27.12 -40.94 70.91
N ILE D 130 -28.38 -40.52 70.92
CA ILE D 130 -28.70 -39.13 71.24
C ILE D 130 -28.38 -38.85 72.71
N VAL D 131 -28.71 -39.78 73.60
CA VAL D 131 -28.35 -39.62 75.01
C VAL D 131 -26.84 -39.54 75.14
N GLY D 132 -26.12 -40.35 74.36
CA GLY D 132 -24.67 -40.25 74.33
C GLY D 132 -24.23 -38.87 73.92
N MET D 133 -24.86 -38.31 72.87
CA MET D 133 -24.50 -36.98 72.39
C MET D 133 -24.79 -35.91 73.44
N LEU D 134 -25.87 -36.06 74.19
CA LEU D 134 -26.14 -35.11 75.26
C LEU D 134 -25.07 -35.22 76.33
N ILE D 135 -24.67 -36.44 76.67
CA ILE D 135 -23.58 -36.63 77.62
C ILE D 135 -22.33 -35.96 77.10
N TYR D 136 -22.08 -36.10 75.79
CA TYR D 136 -20.88 -35.55 75.20
C TYR D 136 -20.85 -34.03 75.30
N LEU D 137 -21.99 -33.39 75.02
CA LEU D 137 -22.08 -31.94 75.20
C LEU D 137 -21.85 -31.55 76.65
N ALA D 138 -22.41 -32.32 77.58
CA ALA D 138 -22.26 -31.99 78.99
C ALA D 138 -20.80 -32.14 79.42
N MET D 139 -20.12 -33.18 78.93
CA MET D 139 -18.71 -33.38 79.25
C MET D 139 -17.88 -32.18 78.82
N MET D 140 -18.09 -31.69 77.59
CA MET D 140 -17.30 -30.56 77.11
C MET D 140 -17.57 -29.32 77.94
N ALA D 141 -18.84 -29.03 78.22
CA ALA D 141 -19.17 -27.88 79.06
C ALA D 141 -18.57 -28.07 80.44
N THR D 142 -18.65 -29.28 80.99
CA THR D 142 -18.06 -29.56 82.30
C THR D 142 -16.55 -29.38 82.26
N ALA D 143 -15.90 -29.97 81.24
CA ALA D 143 -14.45 -29.92 81.15
C ALA D 143 -13.98 -28.49 80.93
N PHE D 144 -14.74 -27.72 80.16
CA PHE D 144 -14.42 -26.32 79.93
C PHE D 144 -14.38 -25.56 81.25
N MET D 145 -15.45 -25.65 82.03
CA MET D 145 -15.53 -24.88 83.27
C MET D 145 -14.47 -25.32 84.26
N GLY D 146 -14.15 -26.62 84.30
CA GLY D 146 -13.07 -27.08 85.17
C GLY D 146 -11.75 -26.42 84.86
N TYR D 147 -11.45 -26.27 83.56
CA TYR D 147 -10.17 -25.72 83.17
C TYR D 147 -10.05 -24.25 83.55
N VAL D 148 -11.18 -23.57 83.74
CA VAL D 148 -11.16 -22.17 84.13
C VAL D 148 -10.81 -22.01 85.62
N LEU D 149 -11.11 -23.02 86.44
CA LEU D 149 -11.00 -22.85 87.89
C LEU D 149 -9.59 -22.53 88.40
N PRO D 150 -8.51 -23.11 87.91
CA PRO D 150 -7.17 -22.71 88.39
C PRO D 150 -6.84 -21.24 88.16
N TRP D 151 -7.52 -20.57 87.23
CA TRP D 151 -7.29 -19.15 86.96
C TRP D 151 -5.87 -18.88 86.50
N GLY D 152 -5.36 -19.74 85.62
CA GLY D 152 -4.11 -19.50 84.92
C GLY D 152 -4.38 -18.67 83.68
N GLN D 153 -3.34 -18.52 82.86
CA GLN D 153 -3.53 -17.72 81.65
C GLN D 153 -4.44 -18.43 80.65
N MET D 154 -4.28 -19.76 80.51
CA MET D 154 -5.17 -20.51 79.62
C MET D 154 -6.58 -20.55 80.17
N SER D 155 -6.69 -20.65 81.50
CA SER D 155 -8.00 -20.62 82.17
C SER D 155 -8.76 -19.35 81.81
N PHE D 156 -8.12 -18.20 82.01
CA PHE D 156 -8.80 -16.92 81.86
C PHE D 156 -9.20 -16.66 80.41
N TRP D 157 -8.28 -16.90 79.47
CA TRP D 157 -8.57 -16.50 78.10
C TRP D 157 -9.45 -17.53 77.39
N GLY D 158 -9.38 -18.79 77.79
CA GLY D 158 -10.33 -19.76 77.29
C GLY D 158 -11.75 -19.41 77.69
N ALA D 159 -11.92 -18.93 78.92
CA ALA D 159 -13.25 -18.55 79.37
C ALA D 159 -13.76 -17.34 78.61
N THR D 160 -12.88 -16.37 78.33
CA THR D 160 -13.26 -15.23 77.51
C THR D 160 -13.73 -15.69 76.12
N VAL D 161 -12.97 -16.57 75.49
CA VAL D 161 -13.27 -17.00 74.13
C VAL D 161 -14.55 -17.82 74.08
N ILE D 162 -14.71 -18.77 75.02
CA ILE D 162 -15.81 -19.72 74.92
C ILE D 162 -17.14 -19.04 75.26
N THR D 163 -17.13 -18.10 76.21
CA THR D 163 -18.32 -17.29 76.43
C THR D 163 -18.57 -16.37 75.26
N GLY D 164 -17.51 -16.00 74.53
CA GLY D 164 -17.67 -15.18 73.34
C GLY D 164 -18.43 -15.86 72.23
N LEU D 165 -18.41 -17.21 72.19
CA LEU D 165 -19.15 -17.96 71.18
C LEU D 165 -20.61 -17.55 71.15
N PHE D 166 -21.19 -17.31 72.33
CA PHE D 166 -22.61 -17.01 72.44
C PHE D 166 -22.87 -15.57 72.03
N GLY D 167 -21.86 -14.70 72.09
CA GLY D 167 -21.97 -13.34 71.60
C GLY D 167 -22.12 -13.25 70.10
N ALA D 168 -21.82 -14.32 69.37
CA ALA D 168 -21.90 -14.32 67.92
C ALA D 168 -23.31 -14.54 67.40
N ILE D 169 -24.26 -14.88 68.26
CA ILE D 169 -25.64 -15.09 67.83
C ILE D 169 -26.26 -13.74 67.48
N PRO D 170 -26.81 -13.55 66.26
CA PRO D 170 -27.39 -12.25 65.92
C PRO D 170 -28.52 -11.84 66.87
N GLY D 171 -28.58 -10.54 67.14
CA GLY D 171 -29.67 -9.99 67.93
C GLY D 171 -29.49 -10.18 69.41
N ILE D 172 -29.53 -11.43 69.87
CA ILE D 172 -29.55 -11.74 71.30
C ILE D 172 -28.18 -12.13 71.83
N GLY D 173 -27.16 -12.20 70.97
CA GLY D 173 -25.86 -12.72 71.38
C GLY D 173 -25.24 -11.94 72.53
N HIS D 174 -25.24 -10.61 72.45
CA HIS D 174 -24.58 -9.81 73.47
C HIS D 174 -25.29 -9.91 74.81
N SER D 175 -26.61 -10.04 74.81
CA SER D 175 -27.33 -10.20 76.07
C SER D 175 -26.93 -11.49 76.77
N ILE D 176 -26.91 -12.60 76.03
CA ILE D 176 -26.51 -13.88 76.59
C ILE D 176 -25.09 -13.81 77.11
N GLN D 177 -24.19 -13.16 76.38
CA GLN D 177 -22.79 -13.10 76.78
C GLN D 177 -22.64 -12.34 78.10
N THR D 178 -23.30 -11.18 78.21
CA THR D 178 -23.25 -10.42 79.45
C THR D 178 -23.84 -11.24 80.60
N TRP D 179 -24.93 -11.96 80.34
CA TRP D 179 -25.56 -12.80 81.35
C TRP D 179 -24.61 -13.90 81.82
N LEU D 180 -23.91 -14.55 80.90
CA LEU D 180 -22.93 -15.56 81.28
C LEU D 180 -21.76 -14.94 82.04
N LEU D 181 -21.35 -13.73 81.66
CA LEU D 181 -20.17 -13.12 82.26
C LEU D 181 -20.47 -12.51 83.62
N GLY D 182 -21.68 -12.00 83.81
CA GLY D 182 -21.96 -11.28 85.04
C GLY D 182 -21.35 -9.90 85.06
N GLY D 183 -21.05 -9.36 83.89
CA GLY D 183 -20.44 -8.06 83.77
C GLY D 183 -20.01 -7.82 82.34
N PRO D 184 -19.25 -6.77 82.10
CA PRO D 184 -18.80 -6.52 80.72
C PRO D 184 -17.72 -7.47 80.27
N CYS D 185 -16.93 -8.01 81.21
CA CYS D 185 -15.80 -8.87 80.87
C CYS D 185 -15.66 -9.96 81.92
N VAL D 186 -14.68 -10.84 81.71
CA VAL D 186 -14.46 -12.00 82.57
C VAL D 186 -13.82 -11.54 83.88
N ASP D 187 -14.49 -11.80 85.00
CA ASP D 187 -14.01 -11.36 86.31
C ASP D 187 -14.44 -12.36 87.37
N ASN D 188 -14.49 -11.93 88.63
CA ASN D 188 -14.77 -12.82 89.74
C ASN D 188 -16.17 -13.44 89.67
N ALA D 189 -17.18 -12.65 89.29
CA ALA D 189 -18.54 -13.18 89.15
C ALA D 189 -18.58 -14.40 88.26
N THR D 190 -17.75 -14.44 87.22
CA THR D 190 -17.70 -15.59 86.31
C THR D 190 -17.07 -16.80 86.98
N LEU D 191 -15.96 -16.58 87.69
CA LEU D 191 -15.30 -17.68 88.40
C LEU D 191 -16.23 -18.33 89.42
N ASN D 192 -16.98 -17.51 90.17
CA ASN D 192 -17.81 -18.06 91.24
C ASN D 192 -18.92 -18.96 90.67
N ARG D 193 -19.53 -18.54 89.56
CA ARG D 193 -20.62 -19.32 88.99
C ARG D 193 -20.14 -20.54 88.21
N PHE D 194 -18.95 -20.47 87.59
CA PHE D 194 -18.43 -21.66 86.93
C PHE D 194 -18.14 -22.77 87.93
N PHE D 195 -17.75 -22.42 89.16
CA PHE D 195 -17.51 -23.46 90.15
C PHE D 195 -18.79 -24.20 90.49
N SER D 196 -19.87 -23.46 90.73
CA SER D 196 -21.15 -24.10 91.05
C SER D 196 -21.61 -24.99 89.91
N LEU D 197 -21.49 -24.53 88.67
CA LEU D 197 -21.96 -25.32 87.54
C LEU D 197 -21.03 -26.48 87.24
N HIS D 198 -19.74 -26.32 87.52
CA HIS D 198 -18.80 -27.43 87.35
C HIS D 198 -19.11 -28.56 88.33
N TYR D 199 -19.65 -28.22 89.49
CA TYR D 199 -20.03 -29.20 90.50
C TYR D 199 -21.32 -29.90 90.10
N LEU D 200 -22.30 -29.13 89.62
CA LEU D 200 -23.62 -29.65 89.28
C LEU D 200 -23.57 -30.63 88.12
N LEU D 201 -22.95 -30.24 87.00
CA LEU D 201 -23.08 -30.99 85.75
C LEU D 201 -22.62 -32.44 85.83
N PRO D 202 -21.54 -32.79 86.53
CA PRO D 202 -21.18 -34.21 86.67
C PRO D 202 -22.31 -35.07 87.22
N PHE D 203 -23.20 -34.49 88.03
CA PHE D 203 -24.34 -35.25 88.52
C PHE D 203 -25.37 -35.40 87.41
N VAL D 204 -25.51 -34.39 86.55
CA VAL D 204 -26.39 -34.51 85.40
C VAL D 204 -25.85 -35.56 84.43
N ILE D 205 -24.54 -35.60 84.23
CA ILE D 205 -23.93 -36.64 83.41
C ILE D 205 -24.24 -37.99 84.01
N ALA D 206 -24.11 -38.11 85.34
CA ALA D 206 -24.40 -39.38 85.99
C ALA D 206 -25.86 -39.76 85.78
N ALA D 207 -26.76 -38.78 85.84
CA ALA D 207 -28.17 -39.05 85.59
C ALA D 207 -28.37 -39.44 84.13
N LEU D 208 -27.69 -38.76 83.21
CA LEU D 208 -27.77 -39.12 81.81
C LEU D 208 -27.19 -40.51 81.57
N VAL D 209 -26.09 -40.83 82.25
CA VAL D 209 -25.47 -42.14 82.10
C VAL D 209 -26.44 -43.23 82.55
N ALA D 210 -27.25 -42.94 83.58
CA ALA D 210 -28.23 -43.93 84.03
C ALA D 210 -29.24 -44.22 82.92
N ILE D 211 -29.70 -43.18 82.23
CA ILE D 211 -30.62 -43.36 81.10
C ILE D 211 -29.88 -44.00 79.94
N HIS D 212 -28.62 -43.57 79.72
CA HIS D 212 -27.75 -44.19 78.73
C HIS D 212 -27.67 -45.70 78.96
N ILE D 213 -27.48 -46.11 80.22
CA ILE D 213 -27.40 -47.53 80.54
C ILE D 213 -28.76 -48.19 80.37
N TRP D 214 -29.84 -47.51 80.79
CA TRP D 214 -31.19 -48.02 80.58
C TRP D 214 -31.50 -48.21 79.10
N ALA D 215 -30.97 -47.35 78.23
CA ALA D 215 -31.33 -47.40 76.81
C ALA D 215 -30.81 -48.67 76.13
N PHE D 216 -29.52 -48.99 76.32
CA PHE D 216 -28.98 -50.17 75.65
C PHE D 216 -29.23 -51.46 76.40
N HIS D 217 -29.75 -51.39 77.63
CA HIS D 217 -30.22 -52.59 78.29
C HIS D 217 -31.58 -53.01 77.75
N SER D 218 -32.41 -52.04 77.35
CA SER D 218 -33.72 -52.37 76.78
C SER D 218 -33.58 -53.09 75.45
N THR D 219 -32.65 -52.66 74.60
CA THR D 219 -32.46 -53.26 73.28
C THR D 219 -31.46 -54.39 73.27
N GLY D 220 -30.51 -54.39 74.20
CA GLY D 220 -29.38 -55.31 74.16
C GLY D 220 -28.20 -54.75 73.38
N ASN D 221 -27.01 -55.14 73.81
CA ASN D 221 -25.78 -54.64 73.22
C ASN D 221 -25.65 -55.06 71.76
N ASN D 222 -25.11 -54.16 70.95
CA ASN D 222 -24.68 -54.49 69.59
C ASN D 222 -23.44 -55.36 69.67
N ASN D 223 -23.13 -56.02 68.56
CA ASN D 223 -21.92 -56.83 68.47
C ASN D 223 -21.22 -56.62 67.14
N PRO D 224 -19.95 -57.06 66.97
CA PRO D 224 -19.20 -56.76 65.74
C PRO D 224 -19.85 -57.17 64.42
N THR D 225 -20.76 -58.15 64.45
CA THR D 225 -21.40 -58.61 63.22
C THR D 225 -22.63 -57.81 62.84
N GLY D 226 -23.22 -57.07 63.79
CA GLY D 226 -24.45 -56.36 63.51
C GLY D 226 -25.67 -57.25 63.43
N VAL D 227 -25.52 -58.55 63.69
CA VAL D 227 -26.62 -59.50 63.67
C VAL D 227 -27.20 -59.61 65.06
N GLU D 228 -28.51 -59.40 65.17
CA GLU D 228 -29.16 -59.37 66.47
C GLU D 228 -29.28 -60.77 67.07
N VAL D 229 -29.34 -60.81 68.40
CA VAL D 229 -29.54 -62.07 69.11
C VAL D 229 -30.89 -62.67 68.74
N ARG D 230 -30.89 -63.98 68.54
CA ARG D 230 -32.14 -64.69 68.27
C ARG D 230 -32.99 -64.67 69.53
N ARG D 231 -34.27 -64.32 69.36
CA ARG D 231 -35.17 -64.12 70.49
C ARG D 231 -36.34 -65.11 70.51
N THR D 232 -36.40 -66.05 69.56
CA THR D 232 -37.52 -66.98 69.49
C THR D 232 -37.54 -67.99 70.62
N SER D 233 -36.42 -68.27 71.27
CA SER D 233 -36.42 -69.21 72.38
C SER D 233 -35.16 -69.05 73.22
N LYS D 234 -35.24 -69.52 74.46
CA LYS D 234 -34.10 -69.44 75.37
C LYS D 234 -32.95 -70.32 74.89
N ALA D 235 -33.28 -71.42 74.21
CA ALA D 235 -32.27 -72.37 73.72
C ALA D 235 -31.25 -71.67 72.83
N GLU D 236 -31.73 -70.97 71.80
CA GLU D 236 -30.83 -70.34 70.83
C GLU D 236 -30.41 -68.95 71.25
N ALA D 237 -31.08 -68.34 72.23
CA ALA D 237 -30.59 -67.09 72.79
C ALA D 237 -29.30 -67.34 73.56
N GLN D 238 -29.20 -68.50 74.22
CA GLN D 238 -28.03 -68.84 75.01
C GLN D 238 -26.85 -69.24 74.13
N LYS D 239 -27.11 -69.78 72.93
CA LYS D 239 -26.02 -70.06 72.01
C LYS D 239 -25.42 -68.80 71.41
N ASP D 240 -26.17 -67.69 71.40
CA ASP D 240 -25.69 -66.42 70.90
C ASP D 240 -25.08 -65.54 71.99
N THR D 241 -25.30 -65.88 73.26
CA THR D 241 -25.00 -64.99 74.37
C THR D 241 -24.34 -65.76 75.50
N VAL D 242 -23.75 -65.01 76.42
CA VAL D 242 -23.38 -65.48 77.75
C VAL D 242 -23.81 -64.40 78.73
N PRO D 243 -24.09 -64.71 80.00
CA PRO D 243 -24.51 -63.67 80.95
C PRO D 243 -23.40 -62.65 81.18
N PHE D 244 -23.81 -61.39 81.31
CA PHE D 244 -22.88 -60.27 81.51
C PHE D 244 -21.93 -60.54 82.67
N TRP D 245 -22.48 -60.88 83.85
CA TRP D 245 -21.69 -61.39 84.96
C TRP D 245 -21.63 -62.91 84.89
N PRO D 246 -20.46 -63.54 85.04
CA PRO D 246 -19.10 -63.03 85.25
C PRO D 246 -18.31 -62.77 83.97
N TYR D 247 -18.75 -63.36 82.86
CA TYR D 247 -17.93 -63.45 81.65
C TYR D 247 -17.44 -62.09 81.17
N PHE D 248 -18.32 -61.09 81.10
CA PHE D 248 -17.95 -59.76 80.62
C PHE D 248 -17.65 -58.75 81.73
N ILE D 249 -18.08 -58.99 82.96
CA ILE D 249 -17.63 -58.16 84.08
C ILE D 249 -16.12 -58.28 84.23
N ILE D 250 -15.62 -59.52 84.31
CA ILE D 250 -14.19 -59.74 84.55
C ILE D 250 -13.39 -59.24 83.36
N LYS D 251 -13.89 -59.45 82.14
CA LYS D 251 -13.16 -58.97 80.96
C LYS D 251 -13.07 -57.44 80.97
N ASP D 252 -14.12 -56.77 81.43
CA ASP D 252 -14.09 -55.31 81.50
C ASP D 252 -13.15 -54.84 82.60
N VAL D 253 -13.25 -55.47 83.79
CA VAL D 253 -12.37 -55.11 84.89
C VAL D 253 -10.92 -55.37 84.52
N PHE D 254 -10.66 -56.44 83.77
CA PHE D 254 -9.31 -56.71 83.29
C PHE D 254 -8.82 -55.58 82.40
N ALA D 255 -9.61 -55.25 81.37
CA ALA D 255 -9.25 -54.17 80.46
C ALA D 255 -9.07 -52.86 81.21
N LEU D 256 -9.94 -52.61 82.20
CA LEU D 256 -9.82 -51.40 83.00
C LEU D 256 -8.49 -51.38 83.76
N ALA D 257 -8.10 -52.53 84.34
CA ALA D 257 -6.83 -52.59 85.06
C ALA D 257 -5.66 -52.29 84.15
N VAL D 258 -5.74 -52.68 82.88
CA VAL D 258 -4.67 -52.41 81.94
C VAL D 258 -4.69 -50.94 81.55
N VAL D 259 -5.88 -50.40 81.31
CA VAL D 259 -6.02 -48.99 81.00
C VAL D 259 -5.51 -48.13 82.17
N LEU D 260 -5.87 -48.49 83.39
CA LEU D 260 -5.44 -47.69 84.52
C LEU D 260 -3.95 -47.85 84.80
N LEU D 261 -3.37 -49.01 84.47
CA LEU D 261 -1.93 -49.18 84.58
C LEU D 261 -1.20 -48.14 83.75
N VAL D 262 -1.60 -47.99 82.49
CA VAL D 262 -1.00 -46.98 81.61
C VAL D 262 -1.29 -45.58 82.16
N PHE D 263 -2.56 -45.32 82.51
CA PHE D 263 -2.97 -44.00 83.00
C PHE D 263 -2.17 -43.58 84.21
N PHE D 264 -1.95 -44.49 85.16
CA PHE D 264 -1.20 -44.12 86.35
C PHE D 264 0.28 -43.95 86.06
N ALA D 265 0.80 -44.58 85.01
CA ALA D 265 2.18 -44.32 84.62
C ALA D 265 2.33 -42.90 84.10
N ILE D 266 1.37 -42.44 83.29
CA ILE D 266 1.39 -41.06 82.81
C ILE D 266 1.34 -40.09 83.98
N VAL D 267 0.35 -40.26 84.86
CA VAL D 267 0.16 -39.33 85.97
C VAL D 267 1.37 -39.36 86.90
N GLY D 268 1.96 -40.54 87.07
CA GLY D 268 3.07 -40.67 88.00
C GLY D 268 4.39 -40.13 87.48
N PHE D 269 4.60 -40.19 86.16
CA PHE D 269 5.91 -39.95 85.56
C PHE D 269 5.93 -38.86 84.52
N MET D 270 4.78 -38.45 83.97
CA MET D 270 4.73 -37.32 83.03
C MET D 270 3.36 -36.67 83.16
N PRO D 271 3.04 -36.13 84.34
CA PRO D 271 1.68 -35.60 84.57
C PRO D 271 1.35 -34.34 83.81
N ASN D 272 2.34 -33.62 83.27
CA ASN D 272 2.10 -32.35 82.59
C ASN D 272 2.21 -32.45 81.07
N TYR D 273 2.49 -33.62 80.51
CA TYR D 273 2.65 -33.76 79.07
C TYR D 273 1.42 -33.30 78.31
N LEU D 274 0.22 -33.68 78.78
CA LEU D 274 -1.02 -33.35 78.10
C LEU D 274 -1.58 -31.99 78.52
N GLY D 275 -0.81 -31.20 79.27
CA GLY D 275 -1.25 -29.90 79.74
C GLY D 275 -0.55 -28.79 78.97
N HIS D 276 -0.97 -27.57 79.28
CA HIS D 276 -0.39 -26.38 78.66
C HIS D 276 0.46 -25.65 79.71
N PRO D 277 1.77 -25.49 79.53
CA PRO D 277 2.57 -24.82 80.58
C PRO D 277 2.10 -23.42 80.93
N ASP D 278 1.44 -22.71 80.02
CA ASP D 278 1.05 -21.34 80.30
C ASP D 278 -0.02 -21.22 81.38
N ASN D 279 -0.67 -22.32 81.77
CA ASN D 279 -1.67 -22.25 82.84
C ASN D 279 -1.04 -22.30 84.22
N TYR D 280 0.28 -22.47 84.31
CA TYR D 280 1.03 -22.27 85.54
C TYR D 280 1.48 -20.81 85.70
N ILE D 281 0.95 -19.92 84.86
CA ILE D 281 1.15 -18.49 84.96
C ILE D 281 -0.19 -17.89 85.37
N GLU D 282 -0.17 -17.02 86.37
CA GLU D 282 -1.40 -16.41 86.86
C GLU D 282 -2.09 -15.61 85.74
N ALA D 283 -3.42 -15.67 85.76
CA ALA D 283 -4.26 -14.93 84.84
C ALA D 283 -3.86 -13.47 84.79
N ASN D 284 -3.68 -12.95 83.58
CA ASN D 284 -3.37 -11.54 83.35
C ASN D 284 -4.43 -10.98 82.41
N PRO D 285 -5.43 -10.26 82.92
CA PRO D 285 -6.51 -9.78 82.04
C PRO D 285 -6.10 -8.72 81.04
N LEU D 286 -4.85 -8.23 81.07
CA LEU D 286 -4.38 -7.19 80.16
C LEU D 286 -3.44 -7.72 79.08
N SER D 287 -3.35 -9.03 78.91
CA SER D 287 -2.45 -9.59 77.90
C SER D 287 -2.83 -11.03 77.63
N THR D 288 -2.78 -11.42 76.36
CA THR D 288 -3.06 -12.77 75.91
C THR D 288 -1.76 -13.48 75.57
N PRO D 289 -1.46 -14.66 76.10
CA PRO D 289 -0.22 -15.35 75.71
C PRO D 289 -0.14 -15.59 74.21
N ALA D 290 1.09 -15.53 73.70
CA ALA D 290 1.29 -15.72 72.27
C ALA D 290 0.97 -17.14 71.86
N HIS D 291 1.26 -18.11 72.72
CA HIS D 291 1.11 -19.53 72.40
C HIS D 291 -0.12 -20.11 73.07
N ILE D 292 -1.20 -19.33 73.15
CA ILE D 292 -2.46 -19.84 73.65
C ILE D 292 -2.96 -20.94 72.72
N VAL D 293 -3.29 -22.10 73.30
CA VAL D 293 -3.80 -23.24 72.54
C VAL D 293 -4.82 -23.97 73.41
N PRO D 294 -5.94 -24.45 72.87
CA PRO D 294 -6.91 -25.18 73.70
C PRO D 294 -6.37 -26.52 74.20
N GLU D 295 -7.10 -27.05 75.18
CA GLU D 295 -6.88 -28.40 75.65
C GLU D 295 -7.01 -29.35 74.46
N TRP D 296 -6.17 -30.39 74.45
CA TRP D 296 -6.04 -31.23 73.26
C TRP D 296 -7.38 -31.82 72.83
N TYR D 297 -8.26 -32.12 73.77
CA TYR D 297 -9.55 -32.74 73.43
C TYR D 297 -10.52 -31.75 72.78
N PHE D 298 -10.20 -30.45 72.76
CA PHE D 298 -10.97 -29.43 72.06
C PHE D 298 -10.39 -29.07 70.70
N LEU D 299 -9.16 -29.51 70.39
CA LEU D 299 -8.48 -29.03 69.20
C LEU D 299 -9.22 -29.26 67.87
N PRO D 300 -9.86 -30.42 67.62
CA PRO D 300 -10.51 -30.60 66.30
C PRO D 300 -11.60 -29.57 66.03
N PHE D 301 -12.41 -29.25 67.05
CA PHE D 301 -13.50 -28.30 66.90
C PHE D 301 -12.98 -26.88 66.88
N TYR D 302 -11.89 -26.61 67.60
CA TYR D 302 -11.23 -25.32 67.51
C TYR D 302 -10.69 -25.08 66.11
N ALA D 303 -10.07 -26.10 65.52
CA ALA D 303 -9.53 -25.97 64.17
C ALA D 303 -10.64 -25.65 63.17
N ILE D 304 -11.80 -26.27 63.35
CA ILE D 304 -12.93 -26.03 62.45
C ILE D 304 -13.40 -24.59 62.56
N LEU D 305 -13.54 -24.08 63.78
CA LEU D 305 -14.05 -22.72 63.96
C LEU D 305 -13.13 -21.70 63.30
N ARG D 306 -11.83 -21.78 63.57
CA ARG D 306 -10.92 -20.75 63.08
C ARG D 306 -10.54 -20.94 61.62
N ALA D 307 -10.88 -22.08 61.01
CA ALA D 307 -10.61 -22.28 59.60
C ALA D 307 -11.45 -21.36 58.72
N PHE D 308 -12.58 -20.86 59.23
CA PHE D 308 -13.52 -20.09 58.42
C PHE D 308 -13.31 -18.61 58.68
N THR D 309 -12.34 -18.05 57.96
CA THR D 309 -12.03 -16.62 58.02
C THR D 309 -12.81 -15.85 56.96
N ALA D 310 -12.63 -14.54 56.94
CA ALA D 310 -13.33 -13.69 55.98
C ALA D 310 -12.93 -13.99 54.53
N ASP D 311 -11.76 -14.59 54.31
CA ASP D 311 -11.28 -14.87 52.96
C ASP D 311 -11.89 -16.14 52.37
N VAL D 312 -12.40 -17.05 53.20
CA VAL D 312 -12.91 -18.32 52.70
C VAL D 312 -14.13 -18.09 51.82
N TRP D 313 -14.14 -18.74 50.65
CA TRP D 313 -15.17 -18.48 49.64
C TRP D 313 -16.56 -18.78 50.17
N VAL D 314 -16.75 -19.92 50.83
CA VAL D 314 -18.08 -20.29 51.33
C VAL D 314 -18.55 -19.32 52.40
N VAL D 315 -17.63 -18.73 53.15
CA VAL D 315 -17.98 -17.71 54.12
C VAL D 315 -18.49 -16.46 53.41
N GLN D 316 -17.83 -16.09 52.30
CA GLN D 316 -18.22 -14.91 51.55
C GLN D 316 -19.58 -15.09 50.89
N ILE D 317 -19.93 -16.31 50.49
CA ILE D 317 -21.27 -16.56 49.97
C ILE D 317 -22.31 -16.39 51.08
N ALA D 318 -22.05 -17.00 52.24
CA ALA D 318 -22.95 -16.87 53.38
C ALA D 318 -23.19 -15.40 53.74
N ASN D 319 -22.13 -14.59 53.74
CA ASN D 319 -22.28 -13.18 54.11
C ASN D 319 -23.14 -12.44 53.10
N PHE D 320 -22.96 -12.73 51.81
CA PHE D 320 -23.72 -12.04 50.79
C PHE D 320 -25.19 -12.44 50.83
N ILE D 321 -25.45 -13.75 50.82
CA ILE D 321 -26.82 -14.24 50.83
C ILE D 321 -27.55 -13.82 52.10
N SER D 322 -26.85 -13.81 53.23
CA SER D 322 -27.48 -13.44 54.50
C SER D 322 -27.46 -11.93 54.77
N PHE D 323 -27.12 -11.11 53.78
CA PHE D 323 -27.10 -9.65 53.94
C PHE D 323 -26.19 -9.21 55.09
N GLY D 324 -25.14 -9.98 55.37
CA GLY D 324 -24.14 -9.62 56.35
C GLY D 324 -24.38 -10.23 57.72
N ILE D 325 -25.54 -10.85 57.94
CA ILE D 325 -25.86 -11.46 59.23
C ILE D 325 -24.85 -12.55 59.57
N ILE D 326 -24.56 -13.43 58.61
CA ILE D 326 -23.61 -14.53 58.81
C ILE D 326 -22.27 -14.06 58.29
N ASP D 327 -21.45 -13.51 59.19
CA ASP D 327 -20.07 -13.17 58.87
C ASP D 327 -19.16 -14.32 59.28
N ALA D 328 -17.85 -14.14 59.10
CA ALA D 328 -16.90 -15.18 59.41
C ALA D 328 -16.97 -15.59 60.88
N LYS D 329 -17.24 -14.62 61.76
CA LYS D 329 -17.31 -14.89 63.18
C LYS D 329 -18.43 -15.88 63.50
N PHE D 330 -19.65 -15.58 63.05
CA PHE D 330 -20.79 -16.44 63.35
C PHE D 330 -20.74 -17.72 62.54
N PHE D 331 -20.17 -17.66 61.33
CA PHE D 331 -20.06 -18.86 60.50
C PHE D 331 -19.18 -19.89 61.20
N GLY D 332 -18.07 -19.46 61.78
CA GLY D 332 -17.18 -20.40 62.44
C GLY D 332 -17.86 -21.06 63.63
N VAL D 333 -18.71 -20.32 64.34
CA VAL D 333 -19.42 -20.90 65.47
C VAL D 333 -20.46 -21.89 64.98
N LEU D 334 -21.18 -21.54 63.91
CA LEU D 334 -22.13 -22.49 63.32
C LEU D 334 -21.42 -23.73 62.82
N ALA D 335 -20.27 -23.56 62.17
CA ALA D 335 -19.52 -24.71 61.66
C ALA D 335 -19.05 -25.59 62.80
N MET D 336 -18.64 -25.00 63.91
CA MET D 336 -18.11 -25.78 65.02
C MET D 336 -19.21 -26.59 65.68
N PHE D 337 -20.30 -25.92 66.05
CA PHE D 337 -21.44 -26.63 66.61
C PHE D 337 -22.14 -27.49 65.56
N GLY D 338 -22.05 -27.09 64.29
CA GLY D 338 -22.63 -27.90 63.23
C GLY D 338 -21.91 -29.21 63.05
N ALA D 339 -20.60 -29.24 63.28
CA ALA D 339 -19.84 -30.47 63.16
C ALA D 339 -20.32 -31.48 64.20
N ILE D 340 -20.67 -30.98 65.38
CA ILE D 340 -21.20 -31.85 66.41
C ILE D 340 -22.63 -32.26 66.09
N LEU D 341 -23.41 -31.33 65.51
CA LEU D 341 -24.81 -31.61 65.22
C LEU D 341 -24.96 -32.70 64.15
N VAL D 342 -24.15 -32.64 63.08
CA VAL D 342 -24.27 -33.63 62.01
C VAL D 342 -23.90 -35.01 62.54
N MET D 343 -23.03 -35.07 63.55
CA MET D 343 -22.69 -36.34 64.16
C MET D 343 -23.85 -36.87 64.99
N ALA D 344 -24.64 -35.96 65.57
CA ALA D 344 -25.84 -36.38 66.29
C ALA D 344 -26.92 -36.90 65.35
N LEU D 345 -26.96 -36.41 64.11
CA LEU D 345 -27.99 -36.76 63.15
C LEU D 345 -27.64 -37.98 62.30
N VAL D 346 -26.50 -38.61 62.57
CA VAL D 346 -26.02 -39.72 61.74
C VAL D 346 -26.98 -40.91 61.68
N PRO D 347 -27.86 -41.19 62.67
CA PRO D 347 -28.81 -42.30 62.45
C PRO D 347 -29.75 -42.07 61.28
N TRP D 348 -30.06 -40.83 60.95
CA TRP D 348 -31.02 -40.51 59.90
C TRP D 348 -30.34 -40.11 58.60
N LEU D 349 -29.01 -40.01 58.57
CA LEU D 349 -28.26 -39.71 57.35
C LEU D 349 -27.65 -40.95 56.72
N ASP D 350 -27.30 -41.94 57.54
CA ASP D 350 -26.78 -43.22 57.05
C ASP D 350 -27.97 -44.06 56.61
N THR D 351 -28.19 -44.16 55.30
CA THR D 351 -29.35 -44.82 54.73
C THR D 351 -29.13 -46.29 54.42
N SER D 352 -27.95 -46.85 54.73
CA SER D 352 -27.68 -48.26 54.46
C SER D 352 -28.37 -49.15 55.49
N PRO D 353 -28.98 -50.28 55.06
CA PRO D 353 -29.59 -51.18 56.04
C PRO D 353 -28.61 -52.15 56.71
N VAL D 354 -27.37 -52.22 56.25
CA VAL D 354 -26.37 -53.10 56.87
C VAL D 354 -25.82 -52.38 58.10
N ARG D 355 -25.91 -53.05 59.25
CA ARG D 355 -25.54 -52.43 60.51
C ARG D 355 -24.03 -52.28 60.65
N SER D 356 -23.30 -53.39 60.66
CA SER D 356 -21.88 -53.35 60.92
C SER D 356 -21.10 -52.94 59.68
N GLY D 357 -20.18 -51.98 59.86
CA GLY D 357 -19.31 -51.54 58.79
C GLY D 357 -18.29 -52.58 58.34
N ARG D 358 -18.17 -53.68 59.10
CA ARG D 358 -17.27 -54.76 58.75
C ARG D 358 -17.63 -55.38 57.40
N TYR D 359 -18.91 -55.30 57.01
CA TYR D 359 -19.42 -55.88 55.78
C TYR D 359 -19.84 -54.82 54.77
N ARG D 360 -19.23 -53.64 54.85
CA ARG D 360 -19.51 -52.52 53.94
C ARG D 360 -18.19 -52.08 53.31
N PRO D 361 -17.80 -52.64 52.16
CA PRO D 361 -16.46 -52.35 51.60
C PRO D 361 -16.16 -50.88 51.33
N MET D 362 -17.07 -50.14 50.70
CA MET D 362 -16.80 -48.73 50.42
C MET D 362 -16.82 -47.89 51.69
N PHE D 363 -17.73 -48.21 52.62
CA PHE D 363 -17.84 -47.47 53.88
C PHE D 363 -16.52 -47.45 54.62
N LYS D 364 -15.83 -48.61 54.66
CA LYS D 364 -14.56 -48.70 55.38
C LYS D 364 -13.58 -47.63 54.92
N ILE D 365 -13.50 -47.38 53.61
CA ILE D 365 -12.59 -46.38 53.09
C ILE D 365 -12.91 -45.01 53.68
N TYR D 366 -14.16 -44.59 53.54
CA TYR D 366 -14.54 -43.24 53.96
C TYR D 366 -14.55 -43.11 55.47
N PHE D 367 -14.79 -44.21 56.20
CA PHE D 367 -14.75 -44.15 57.65
C PHE D 367 -13.33 -43.91 58.15
N TRP D 368 -12.36 -44.67 57.62
CA TRP D 368 -10.99 -44.52 58.08
C TRP D 368 -10.41 -43.18 57.66
N LEU D 369 -10.93 -42.60 56.59
CA LEU D 369 -10.55 -41.23 56.25
C LEU D 369 -11.05 -40.28 57.32
N LEU D 370 -12.25 -40.54 57.85
CA LEU D 370 -12.79 -39.68 58.90
C LEU D 370 -11.95 -39.82 60.16
N ALA D 371 -11.54 -41.05 60.49
CA ALA D 371 -10.67 -41.27 61.64
C ALA D 371 -9.34 -40.54 61.42
N ALA D 372 -8.77 -40.69 60.23
CA ALA D 372 -7.55 -39.95 59.91
C ALA D 372 -7.81 -38.46 59.98
N ASP D 373 -8.97 -38.02 59.48
CA ASP D 373 -9.33 -36.61 59.50
C ASP D 373 -9.38 -36.08 60.93
N PHE D 374 -9.90 -36.90 61.85
CA PHE D 374 -10.00 -36.46 63.24
C PHE D 374 -8.63 -36.25 63.84
N VAL D 375 -7.68 -37.14 63.55
CA VAL D 375 -6.32 -36.96 64.00
C VAL D 375 -5.69 -35.74 63.33
N ILE D 376 -5.94 -35.57 62.04
CA ILE D 376 -5.41 -34.41 61.32
C ILE D 376 -5.95 -33.12 61.93
N LEU D 377 -7.28 -33.07 62.14
CA LEU D 377 -7.91 -31.92 62.77
C LEU D 377 -7.30 -31.61 64.13
N THR D 378 -6.98 -32.65 64.90
CA THR D 378 -6.33 -32.43 66.19
C THR D 378 -4.96 -31.78 66.01
N TRP D 379 -4.19 -32.25 65.02
CA TRP D 379 -2.85 -31.74 64.82
C TRP D 379 -2.84 -30.30 64.34
N VAL D 380 -3.69 -29.96 63.36
CA VAL D 380 -3.68 -28.59 62.84
C VAL D 380 -4.17 -27.61 63.89
N GLY D 381 -5.02 -28.06 64.82
CA GLY D 381 -5.49 -27.18 65.87
C GLY D 381 -4.36 -26.54 66.67
N ALA D 382 -3.23 -27.24 66.82
CA ALA D 382 -2.10 -26.74 67.58
C ALA D 382 -1.10 -25.94 66.74
N GLN D 383 -1.31 -25.82 65.44
CA GLN D 383 -0.39 -25.08 64.58
C GLN D 383 -0.85 -23.64 64.43
N GLN D 384 0.00 -22.83 63.80
CA GLN D 384 -0.34 -21.44 63.51
C GLN D 384 -1.36 -21.39 62.38
N THR D 385 -1.95 -20.20 62.20
CA THR D 385 -2.98 -20.00 61.18
C THR D 385 -2.39 -19.55 59.84
N THR D 386 -1.07 -19.59 59.69
CA THR D 386 -0.43 -19.21 58.44
C THR D 386 -0.54 -20.35 57.44
N PHE D 387 -0.18 -20.03 56.20
CA PHE D 387 -0.10 -21.05 55.16
C PHE D 387 0.95 -22.09 55.56
N PRO D 388 0.70 -23.39 55.33
CA PRO D 388 -0.42 -24.10 54.69
C PRO D 388 -1.52 -24.59 55.64
N TYR D 389 -1.31 -24.39 56.94
CA TYR D 389 -2.23 -24.95 57.94
C TYR D 389 -3.66 -24.45 57.74
N ASP D 390 -3.81 -23.23 57.25
CA ASP D 390 -5.14 -22.68 56.96
C ASP D 390 -5.88 -23.50 55.91
N TRP D 391 -5.15 -24.00 54.90
CA TRP D 391 -5.77 -24.84 53.89
C TRP D 391 -6.03 -26.25 54.40
N ILE D 392 -5.07 -26.82 55.13
CA ILE D 392 -5.24 -28.16 55.70
C ILE D 392 -6.50 -28.22 56.54
N SER D 393 -6.79 -27.15 57.28
CA SER D 393 -7.98 -27.12 58.13
C SER D 393 -9.26 -26.93 57.33
N LEU D 394 -9.18 -26.28 56.16
CA LEU D 394 -10.36 -26.17 55.31
C LEU D 394 -10.69 -27.52 54.68
N ILE D 395 -9.68 -28.23 54.17
CA ILE D 395 -9.92 -29.52 53.56
C ILE D 395 -10.42 -30.51 54.60
N ALA D 396 -9.82 -30.47 55.80
CA ALA D 396 -10.23 -31.38 56.86
C ALA D 396 -11.64 -31.07 57.32
N SER D 397 -11.95 -29.79 57.50
CA SER D 397 -13.30 -29.40 57.89
C SER D 397 -14.31 -29.80 56.83
N ALA D 398 -13.96 -29.62 55.55
CA ALA D 398 -14.86 -29.94 54.47
C ALA D 398 -15.23 -31.42 54.46
N TYR D 399 -14.25 -32.30 54.70
CA TYR D 399 -14.52 -33.73 54.64
C TYR D 399 -15.43 -34.17 55.78
N TRP D 400 -15.28 -33.56 56.96
CA TRP D 400 -16.13 -33.93 58.09
C TRP D 400 -17.60 -33.77 57.73
N PHE D 401 -17.96 -32.63 57.14
CA PHE D 401 -19.36 -32.41 56.77
C PHE D 401 -19.75 -33.24 55.56
N ALA D 402 -18.81 -33.48 54.64
CA ALA D 402 -19.11 -34.29 53.47
C ALA D 402 -19.43 -35.73 53.87
N TYR D 403 -18.70 -36.24 54.86
CA TYR D 403 -18.90 -37.61 55.31
C TYR D 403 -20.34 -37.84 55.76
N PHE D 404 -20.84 -36.95 56.63
CA PHE D 404 -22.17 -37.16 57.18
C PHE D 404 -23.26 -36.73 56.21
N LEU D 405 -23.03 -35.66 55.45
CA LEU D 405 -24.09 -35.06 54.66
C LEU D 405 -24.14 -35.55 53.22
N VAL D 406 -23.05 -36.11 52.70
CA VAL D 406 -22.98 -36.52 51.29
C VAL D 406 -22.62 -37.99 51.14
N ILE D 407 -21.49 -38.41 51.70
CA ILE D 407 -21.01 -39.78 51.50
C ILE D 407 -22.01 -40.77 52.07
N LEU D 408 -22.36 -40.61 53.35
CA LEU D 408 -23.20 -41.60 54.03
C LEU D 408 -24.58 -41.72 53.39
N PRO D 409 -25.29 -40.63 53.06
CA PRO D 409 -26.56 -40.81 52.34
C PRO D 409 -26.39 -41.49 50.99
N ILE D 410 -25.35 -41.12 50.26
CA ILE D 410 -25.10 -41.68 48.93
C ILE D 410 -24.67 -43.14 49.05
N LEU D 411 -23.83 -43.45 50.04
CA LEU D 411 -23.30 -44.80 50.21
C LEU D 411 -24.42 -45.82 50.37
N GLY D 412 -25.49 -45.46 51.10
CA GLY D 412 -26.56 -46.41 51.36
C GLY D 412 -27.42 -46.75 50.16
N ALA D 413 -27.21 -46.07 49.02
CA ALA D 413 -27.99 -46.28 47.80
C ALA D 413 -27.09 -46.67 46.63
N ILE D 414 -25.87 -47.14 46.90
CA ILE D 414 -24.89 -47.47 45.87
C ILE D 414 -24.10 -48.71 46.27
N GLU D 415 -23.72 -48.78 47.55
CA GLU D 415 -22.85 -49.84 48.04
C GLU D 415 -23.48 -51.22 47.85
N LYS D 416 -22.62 -52.21 47.57
CA LYS D 416 -22.99 -53.62 47.52
C LYS D 416 -22.39 -54.33 48.73
N PRO D 417 -23.11 -54.48 49.83
CA PRO D 417 -22.50 -55.04 51.05
C PRO D 417 -22.26 -56.54 50.96
N VAL D 418 -21.32 -56.99 51.79
CA VAL D 418 -21.00 -58.41 51.90
C VAL D 418 -22.01 -59.06 52.85
N ALA D 419 -22.26 -60.34 52.65
CA ALA D 419 -23.20 -61.05 53.51
C ALA D 419 -22.66 -61.17 54.93
N PRO D 420 -23.41 -60.76 55.96
CA PRO D 420 -22.95 -61.01 57.34
C PRO D 420 -23.20 -62.45 57.73
N PRO D 421 -22.68 -62.88 58.88
CA PRO D 421 -22.98 -64.24 59.36
C PRO D 421 -24.47 -64.43 59.59
N ALA D 422 -24.87 -65.70 59.59
CA ALA D 422 -26.26 -66.03 59.87
C ALA D 422 -26.63 -65.71 61.31
N THR D 423 -25.72 -65.97 62.24
CA THR D 423 -25.97 -65.78 63.67
C THR D 423 -24.70 -65.31 64.34
N ILE D 424 -24.84 -64.88 65.59
CA ILE D 424 -23.70 -64.53 66.42
C ILE D 424 -22.86 -65.78 66.71
N GLU D 425 -23.52 -66.92 66.89
CA GLU D 425 -22.82 -68.18 67.17
C GLU D 425 -21.84 -68.52 66.06
N GLU D 426 -22.25 -68.36 64.80
CA GLU D 426 -21.36 -68.67 63.68
C GLU D 426 -20.07 -67.85 63.75
N ASP D 427 -20.20 -66.54 63.99
CA ASP D 427 -19.02 -65.67 64.03
C ASP D 427 -18.14 -66.02 65.22
N PHE D 428 -18.74 -66.34 66.36
CA PHE D 428 -17.98 -66.64 67.57
C PHE D 428 -17.15 -67.91 67.41
N ASN D 429 -17.77 -68.99 66.91
CA ASN D 429 -17.03 -70.24 66.71
C ASN D 429 -15.89 -70.07 65.72
N ALA D 430 -16.05 -69.20 64.72
CA ALA D 430 -15.00 -68.93 63.76
C ALA D 430 -13.85 -68.15 64.41
N ALA E 1 5.76 -14.97 67.82
CA ALA E 1 6.77 -15.73 68.63
C ALA E 1 6.73 -17.21 68.24
N GLY E 2 7.48 -18.02 68.97
CA GLY E 2 7.56 -19.44 68.67
C GLY E 2 8.34 -20.18 69.72
N GLY E 3 8.63 -21.45 69.41
CA GLY E 3 9.51 -22.28 70.23
C GLY E 3 10.93 -22.29 69.69
N GLY E 4 11.84 -22.82 70.50
CA GLY E 4 13.25 -22.82 70.15
C GLY E 4 14.07 -23.93 70.76
N HIS E 5 15.38 -23.84 70.55
CA HIS E 5 16.33 -24.86 70.99
C HIS E 5 16.80 -24.58 72.41
N VAL E 6 16.82 -25.62 73.24
CA VAL E 6 17.36 -25.57 74.59
C VAL E 6 18.48 -26.59 74.68
N GLU E 7 19.47 -26.30 75.53
CA GLU E 7 20.56 -27.24 75.76
C GLU E 7 20.05 -28.39 76.62
N ASP E 8 20.17 -29.61 76.11
CA ASP E 8 19.64 -30.80 76.79
C ASP E 8 20.59 -31.13 77.94
N VAL E 9 20.27 -30.62 79.12
CA VAL E 9 21.07 -30.86 80.32
C VAL E 9 20.67 -32.23 80.88
N PRO E 10 21.63 -33.04 81.41
CA PRO E 10 21.25 -34.29 82.07
C PRO E 10 21.03 -34.07 83.56
N PHE E 11 19.82 -33.67 83.94
CA PHE E 11 19.50 -33.43 85.34
C PHE E 11 19.27 -34.74 86.07
N SER E 12 19.69 -34.78 87.34
CA SER E 12 19.57 -35.99 88.13
C SER E 12 18.10 -36.40 88.31
N PHE E 13 17.19 -35.42 88.37
CA PHE E 13 15.79 -35.71 88.66
C PHE E 13 15.01 -36.25 87.47
N GLU E 14 15.63 -36.38 86.31
CA GLU E 14 14.94 -36.87 85.12
C GLU E 14 14.99 -38.39 85.06
N GLY E 15 14.01 -38.98 84.36
CA GLY E 15 13.86 -40.41 84.31
C GLY E 15 12.95 -40.92 85.40
N PRO E 16 12.33 -42.10 85.21
CA PRO E 16 11.39 -42.59 86.23
C PRO E 16 12.04 -42.82 87.58
N PHE E 17 13.32 -43.18 87.62
CA PHE E 17 14.06 -43.39 88.86
C PHE E 17 14.89 -42.17 89.25
N GLY E 18 14.68 -41.03 88.58
CA GLY E 18 15.45 -39.84 88.87
C GLY E 18 15.05 -39.24 90.21
N THR E 19 16.03 -38.68 90.91
CA THR E 19 15.81 -38.04 92.20
C THR E 19 16.68 -36.80 92.32
N PHE E 20 16.24 -35.89 93.18
CA PHE E 20 16.99 -34.67 93.44
C PHE E 20 18.32 -34.99 94.13
N ASP E 21 19.35 -34.23 93.78
CA ASP E 21 20.63 -34.26 94.49
C ASP E 21 20.56 -33.22 95.60
N GLN E 22 20.59 -33.68 96.85
CA GLN E 22 20.36 -32.80 98.00
C GLN E 22 21.34 -31.64 98.03
N HIS E 23 22.63 -31.93 97.81
CA HIS E 23 23.64 -30.87 97.84
C HIS E 23 23.48 -29.90 96.68
N GLN E 24 23.08 -30.39 95.50
CA GLN E 24 22.86 -29.50 94.36
C GLN E 24 21.75 -28.50 94.65
N LEU E 25 20.66 -28.95 95.28
CA LEU E 25 19.57 -28.03 95.60
C LEU E 25 20.04 -26.97 96.58
N GLN E 26 20.93 -27.34 97.51
CA GLN E 26 21.45 -26.37 98.46
C GLN E 26 22.33 -25.35 97.74
N ARG E 27 23.15 -25.80 96.81
CA ARG E 27 23.95 -24.87 96.01
C ARG E 27 23.05 -23.95 95.20
N GLY E 28 21.98 -24.50 94.60
CA GLY E 28 21.07 -23.67 93.84
C GLY E 28 20.37 -22.64 94.71
N LEU E 29 20.07 -23.01 95.96
CA LEU E 29 19.47 -22.05 96.88
C LEU E 29 20.43 -20.92 97.18
N GLN E 30 21.72 -21.24 97.31
CA GLN E 30 22.73 -20.21 97.54
C GLN E 30 22.81 -19.27 96.35
N VAL E 31 22.77 -19.82 95.13
CA VAL E 31 22.79 -18.98 93.93
C VAL E 31 21.55 -18.08 93.90
N TYR E 32 20.38 -18.67 94.16
CA TYR E 32 19.14 -17.90 94.17
C TYR E 32 19.19 -16.77 95.18
N THR E 33 19.68 -17.05 96.40
CA THR E 33 19.66 -16.04 97.46
C THR E 33 20.61 -14.89 97.16
N GLU E 34 21.78 -15.19 96.62
CA GLU E 34 22.81 -14.17 96.44
C GLU E 34 22.67 -13.39 95.15
N VAL E 35 21.97 -13.92 94.14
CA VAL E 35 21.86 -13.30 92.83
C VAL E 35 20.41 -13.05 92.44
N CYS E 36 19.64 -14.12 92.27
CA CYS E 36 18.29 -13.99 91.71
C CYS E 36 17.36 -13.23 92.65
N ALA E 37 17.50 -13.43 93.96
CA ALA E 37 16.54 -12.87 94.91
C ALA E 37 16.49 -11.35 94.87
N ALA E 38 17.53 -10.69 94.35
CA ALA E 38 17.53 -9.24 94.23
C ALA E 38 16.37 -8.72 93.40
N CYS E 39 15.89 -9.51 92.44
CA CYS E 39 14.81 -9.13 91.54
C CYS E 39 13.63 -10.08 91.58
N HIS E 40 13.88 -11.38 91.64
CA HIS E 40 12.83 -12.40 91.57
C HIS E 40 12.36 -12.86 92.95
N GLY E 41 11.06 -13.09 93.06
CA GLY E 41 10.45 -13.65 94.25
C GLY E 41 9.97 -15.06 93.98
N MET E 42 9.50 -15.73 95.04
CA MET E 42 8.85 -17.05 94.92
C MET E 42 7.63 -17.11 95.83
N LYS E 43 6.60 -16.33 95.50
CA LYS E 43 5.52 -16.06 96.44
C LYS E 43 4.68 -17.28 96.79
N PHE E 44 4.80 -18.40 96.05
CA PHE E 44 4.04 -19.62 96.32
C PHE E 44 4.83 -20.68 97.07
N VAL E 45 6.12 -20.47 97.31
CA VAL E 45 6.97 -21.46 97.99
C VAL E 45 7.01 -21.12 99.48
N PRO E 46 6.50 -21.98 100.37
CA PRO E 46 6.72 -21.72 101.80
C PRO E 46 8.18 -21.93 102.19
N ILE E 47 8.72 -20.99 102.97
CA ILE E 47 10.12 -21.07 103.37
C ILE E 47 10.38 -22.35 104.18
N ARG E 48 9.40 -22.79 104.96
CA ARG E 48 9.53 -24.00 105.77
C ARG E 48 9.78 -25.25 104.94
N SER E 49 9.46 -25.23 103.64
CA SER E 49 9.61 -26.41 102.81
C SER E 49 11.07 -26.76 102.53
N LEU E 50 12.01 -25.89 102.88
CA LEU E 50 13.43 -26.25 102.78
C LEU E 50 13.83 -27.36 103.74
N SER E 51 13.01 -27.64 104.76
CA SER E 51 13.25 -28.74 105.69
C SER E 51 12.57 -30.02 105.28
N GLU E 52 11.47 -29.93 104.53
CA GLU E 52 10.64 -31.08 104.19
C GLU E 52 11.47 -32.13 103.45
N PRO E 53 11.15 -33.42 103.64
CA PRO E 53 11.91 -34.45 102.91
C PRO E 53 11.64 -34.38 101.42
N GLY E 54 12.68 -34.68 100.65
CA GLY E 54 12.60 -34.64 99.21
C GLY E 54 13.01 -33.31 98.61
N GLY E 55 13.73 -32.48 99.37
CA GLY E 55 14.18 -31.19 98.92
C GLY E 55 15.57 -30.90 99.45
N PRO E 56 15.91 -29.63 99.67
CA PRO E 56 17.21 -29.32 100.27
C PRO E 56 17.42 -29.94 101.64
N GLU E 57 16.33 -30.15 102.39
CA GLU E 57 16.37 -30.76 103.72
C GLU E 57 17.41 -30.11 104.62
N LEU E 58 17.22 -28.81 104.85
CA LEU E 58 18.06 -28.10 105.79
C LEU E 58 17.54 -28.33 107.21
N PRO E 59 18.42 -28.38 108.23
CA PRO E 59 17.92 -28.48 109.61
C PRO E 59 16.96 -27.34 109.96
N GLU E 60 15.98 -27.66 110.79
CA GLU E 60 14.91 -26.72 111.09
C GLU E 60 15.42 -25.47 111.81
N ASP E 61 16.55 -25.57 112.52
CA ASP E 61 17.12 -24.41 113.18
C ASP E 61 17.76 -23.47 112.16
N GLN E 62 18.43 -24.02 111.14
CA GLN E 62 18.98 -23.22 110.07
C GLN E 62 17.89 -22.48 109.30
N VAL E 63 16.77 -23.16 109.03
CA VAL E 63 15.68 -22.54 108.28
C VAL E 63 15.10 -21.38 109.08
N ARG E 64 15.01 -21.54 110.40
CA ARG E 64 14.50 -20.46 111.25
C ARG E 64 15.44 -19.26 111.17
N ALA E 65 16.76 -19.52 111.18
CA ALA E 65 17.74 -18.44 111.04
C ALA E 65 17.66 -17.83 109.65
N TYR E 66 17.44 -18.67 108.63
CA TYR E 66 17.35 -18.19 107.25
C TYR E 66 16.16 -17.25 107.09
N ALA E 67 15.02 -17.61 107.66
CA ALA E 67 13.82 -16.78 107.55
C ALA E 67 14.00 -15.38 108.13
N THR E 68 14.95 -15.21 109.06
CA THR E 68 15.14 -13.94 109.74
C THR E 68 15.51 -12.82 108.77
N GLN E 69 16.27 -13.13 107.72
CA GLN E 69 16.79 -12.08 106.84
C GLN E 69 15.68 -11.31 106.15
N PHE E 70 14.49 -11.91 106.01
CA PHE E 70 13.38 -11.26 105.33
C PHE E 70 12.64 -10.36 106.31
N THR E 71 12.23 -9.19 105.83
CA THR E 71 11.37 -8.28 106.59
C THR E 71 9.94 -8.45 106.11
N VAL E 72 9.09 -9.02 106.97
CA VAL E 72 7.70 -9.34 106.64
C VAL E 72 6.80 -8.38 107.41
N THR E 73 5.73 -7.92 106.75
CA THR E 73 4.70 -7.11 107.40
C THR E 73 3.67 -8.05 108.04
N ASP E 74 3.58 -8.04 109.37
CA ASP E 74 2.61 -8.88 110.06
C ASP E 74 1.19 -8.45 109.70
N GLU E 75 0.32 -9.43 109.50
CA GLU E 75 -1.02 -9.15 109.02
C GLU E 75 -1.85 -8.39 110.06
N GLU E 76 -1.95 -8.92 111.28
CA GLU E 76 -2.68 -8.22 112.33
C GLU E 76 -1.98 -6.93 112.75
N THR E 77 -0.71 -7.02 113.11
CA THR E 77 0.01 -5.85 113.63
C THR E 77 0.13 -4.78 112.56
N GLY E 78 0.46 -5.17 111.33
CA GLY E 78 0.71 -4.24 110.26
C GLY E 78 2.10 -3.64 110.27
N GLU E 79 2.88 -3.88 111.32
CA GLU E 79 4.23 -3.39 111.46
C GLU E 79 5.19 -4.47 110.99
N ASP E 80 6.40 -4.05 110.59
CA ASP E 80 7.38 -4.98 110.08
C ASP E 80 7.96 -5.84 111.18
N ARG E 81 8.40 -7.05 110.80
CA ARG E 81 9.02 -7.98 111.73
C ARG E 81 9.92 -8.93 110.94
N GLU E 82 10.70 -9.71 111.68
CA GLU E 82 11.52 -10.74 111.05
C GLU E 82 10.67 -11.88 110.51
N GLY E 83 11.21 -12.56 109.49
CA GLY E 83 10.50 -13.65 108.85
C GLY E 83 10.51 -14.91 109.69
N LYS E 84 9.46 -15.71 109.55
CA LYS E 84 9.36 -17.03 110.14
C LYS E 84 9.40 -18.11 109.06
N PRO E 85 9.62 -19.38 109.44
CA PRO E 85 9.53 -20.46 108.43
C PRO E 85 8.16 -20.61 107.82
N THR E 86 7.10 -20.18 108.51
CA THR E 86 5.74 -20.29 108.01
C THR E 86 5.41 -19.26 106.94
N ASP E 87 6.28 -18.27 106.75
CA ASP E 87 6.08 -17.28 105.69
C ASP E 87 6.54 -17.84 104.35
N HIS E 88 5.96 -17.32 103.28
CA HIS E 88 6.43 -17.59 101.93
C HIS E 88 7.62 -16.70 101.60
N PHE E 89 8.38 -17.09 100.58
CA PHE E 89 9.38 -16.19 100.02
C PHE E 89 8.70 -14.91 99.57
N PRO E 90 9.42 -13.78 99.56
CA PRO E 90 8.79 -12.51 99.19
C PRO E 90 8.40 -12.47 97.72
N HIS E 91 7.52 -11.51 97.41
CA HIS E 91 7.20 -11.19 96.02
C HIS E 91 8.45 -10.65 95.34
N SER E 92 8.39 -10.58 94.01
CA SER E 92 9.50 -10.02 93.26
C SER E 92 9.78 -8.57 93.67
N ALA E 93 11.02 -8.31 94.04
CA ALA E 93 11.45 -6.94 94.36
C ALA E 93 11.37 -6.05 93.13
N LEU E 94 11.71 -6.63 91.97
CA LEU E 94 11.67 -5.91 90.69
C LEU E 94 10.31 -6.18 90.04
N GLU E 95 9.58 -5.09 89.74
CA GLU E 95 8.17 -5.19 89.39
C GLU E 95 7.93 -6.04 88.15
N ASN E 96 8.83 -5.97 87.17
CA ASN E 96 8.72 -6.71 85.93
C ASN E 96 9.53 -8.01 85.93
N ALA E 97 10.08 -8.41 87.07
CA ALA E 97 10.75 -9.70 87.18
C ALA E 97 9.71 -10.77 87.53
N PRO E 98 9.42 -11.73 86.65
CA PRO E 98 8.33 -12.68 86.95
C PRO E 98 8.65 -13.57 88.14
N ASP E 99 7.59 -14.01 88.81
CA ASP E 99 7.74 -14.95 89.91
C ASP E 99 8.25 -16.29 89.40
N LEU E 100 9.20 -16.87 90.14
CA LEU E 100 9.91 -18.08 89.75
C LEU E 100 9.39 -19.34 90.44
N SER E 101 8.31 -19.23 91.23
CA SER E 101 7.78 -20.39 91.95
C SER E 101 7.51 -21.57 91.02
N LEU E 102 6.89 -21.30 89.86
CA LEU E 102 6.45 -22.34 88.93
C LEU E 102 7.11 -22.19 87.56
N MET E 103 8.21 -21.44 87.49
CA MET E 103 8.85 -21.17 86.20
C MET E 103 9.30 -22.45 85.53
N ALA E 104 9.83 -23.39 86.31
CA ALA E 104 10.37 -24.62 85.75
C ALA E 104 9.28 -25.53 85.16
N LYS E 105 8.00 -25.23 85.40
CA LYS E 105 6.89 -25.93 84.78
C LYS E 105 6.12 -25.06 83.80
N ALA E 106 6.25 -23.73 83.89
CA ALA E 106 5.53 -22.79 83.05
C ALA E 106 6.27 -22.46 81.76
N ARG E 107 7.38 -23.16 81.49
CA ARG E 107 8.16 -23.00 80.28
C ARG E 107 8.44 -24.37 79.69
N ALA E 108 8.33 -24.47 78.37
CA ALA E 108 8.70 -25.67 77.64
C ALA E 108 9.94 -25.39 76.80
N GLY E 109 10.95 -26.23 76.94
CA GLY E 109 12.19 -26.11 76.21
C GLY E 109 12.25 -26.98 74.97
N PHE E 110 11.46 -28.05 74.94
CA PHE E 110 11.45 -29.00 73.83
C PHE E 110 10.13 -28.84 73.09
N HIS E 111 10.21 -28.71 71.77
CA HIS E 111 9.05 -28.54 70.92
C HIS E 111 9.16 -29.44 69.69
N GLY E 112 8.07 -29.51 68.94
CA GLY E 112 8.05 -30.23 67.70
C GLY E 112 8.18 -31.73 67.86
N PRO E 113 8.54 -32.44 66.78
CA PRO E 113 8.82 -31.97 65.41
C PRO E 113 7.56 -31.65 64.63
N MET E 114 7.57 -30.51 63.91
CA MET E 114 6.42 -30.04 63.13
C MET E 114 5.15 -29.99 64.00
N GLY E 115 5.33 -29.63 65.27
CA GLY E 115 4.24 -29.56 66.22
C GLY E 115 3.53 -30.87 66.46
N THR E 116 4.28 -31.97 66.48
CA THR E 116 3.72 -33.29 66.80
C THR E 116 3.83 -33.63 68.28
N GLY E 117 4.72 -32.97 69.01
CA GLY E 117 4.89 -33.18 70.44
C GLY E 117 5.67 -34.41 70.82
N ILE E 118 6.29 -35.10 69.85
CA ILE E 118 7.06 -36.31 70.16
C ILE E 118 8.31 -35.94 70.96
N SER E 119 8.85 -34.74 70.76
CA SER E 119 10.06 -34.32 71.47
C SER E 119 9.81 -34.25 72.98
N GLN E 120 8.68 -33.66 73.39
CA GLN E 120 8.37 -33.59 74.80
C GLN E 120 8.10 -34.97 75.38
N LEU E 121 7.55 -35.88 74.58
CA LEU E 121 7.21 -37.22 75.09
C LEU E 121 8.44 -37.97 75.56
N PHE E 122 9.61 -37.69 74.98
CA PHE E 122 10.86 -38.37 75.29
C PHE E 122 11.84 -37.54 76.09
N ASN E 123 11.82 -36.20 75.92
CA ASN E 123 12.76 -35.31 76.56
C ASN E 123 12.15 -34.48 77.69
N GLY E 124 10.84 -34.63 77.95
CA GLY E 124 10.17 -33.83 78.95
C GLY E 124 9.78 -32.46 78.43
N ILE E 125 9.15 -31.69 79.32
CA ILE E 125 8.67 -30.37 78.94
C ILE E 125 9.86 -29.43 78.73
N GLY E 126 10.86 -29.53 79.59
CA GLY E 126 12.11 -28.83 79.38
C GLY E 126 12.16 -27.46 80.02
N GLY E 127 11.43 -27.25 81.10
CA GLY E 127 11.43 -25.98 81.78
C GLY E 127 12.78 -25.66 82.40
N PRO E 128 13.35 -26.56 83.19
CA PRO E 128 14.67 -26.25 83.77
C PRO E 128 15.75 -26.19 82.70
N GLU E 129 15.59 -26.94 81.60
CA GLU E 129 16.52 -26.81 80.49
C GLU E 129 16.40 -25.42 79.89
N TYR E 130 15.18 -24.92 79.75
CA TYR E 130 14.96 -23.58 79.22
C TYR E 130 15.58 -22.53 80.14
N ILE E 131 15.30 -22.62 81.44
CA ILE E 131 15.88 -21.71 82.41
C ILE E 131 17.40 -21.74 82.31
N TYR E 132 17.98 -22.95 82.28
CA TYR E 132 19.42 -23.10 82.15
C TYR E 132 19.93 -22.41 80.90
N SER E 133 19.21 -22.59 79.79
CA SER E 133 19.63 -22.03 78.50
C SER E 133 19.62 -20.51 78.55
N VAL E 134 18.64 -19.91 79.24
CA VAL E 134 18.60 -18.47 79.35
C VAL E 134 19.79 -17.97 80.16
N LEU E 135 20.08 -18.62 81.29
CA LEU E 135 21.22 -18.21 82.10
C LEU E 135 22.53 -18.43 81.36
N THR E 136 22.56 -19.39 80.43
CA THR E 136 23.75 -19.73 79.67
C THR E 136 23.83 -18.93 78.39
N GLY E 137 22.68 -18.54 77.84
CA GLY E 137 22.58 -18.03 76.49
C GLY E 137 22.79 -16.53 76.35
N PHE E 138 23.65 -15.94 77.16
CA PHE E 138 24.02 -14.53 77.02
C PHE E 138 25.35 -14.44 76.28
N PRO E 139 25.38 -14.10 74.98
CA PRO E 139 26.67 -13.97 74.28
C PRO E 139 27.29 -12.60 74.44
N GLU E 140 28.63 -12.59 74.37
CA GLU E 140 29.36 -11.33 74.50
C GLU E 140 29.13 -10.39 73.33
N GLU E 141 28.99 -10.94 72.09
CA GLU E 141 28.68 -10.14 70.91
C GLU E 141 27.25 -10.36 70.43
N PRO E 142 26.48 -9.33 70.08
CA PRO E 142 25.14 -9.56 69.53
C PRO E 142 25.20 -10.06 68.10
N PRO E 143 24.07 -10.49 67.54
CA PRO E 143 24.03 -10.88 66.12
C PRO E 143 24.37 -9.70 65.22
N LYS E 144 25.01 -10.02 64.07
CA LYS E 144 25.55 -8.98 63.20
C LYS E 144 24.47 -8.01 62.73
N CYS E 145 23.22 -8.47 62.63
CA CYS E 145 22.11 -7.68 62.13
C CYS E 145 21.69 -6.55 63.06
N ALA E 146 22.18 -6.53 64.32
CA ALA E 146 21.78 -5.53 65.29
C ALA E 146 23.00 -4.87 65.94
N GLU E 147 24.10 -4.76 65.19
CA GLU E 147 25.31 -4.19 65.75
C GLU E 147 25.11 -2.75 66.23
N GLY E 148 24.27 -1.98 65.54
CA GLY E 148 23.97 -0.61 65.91
C GLY E 148 22.51 -0.31 66.11
N HIS E 149 21.75 -1.29 66.62
CA HIS E 149 20.31 -1.17 66.76
C HIS E 149 19.80 -1.84 68.04
N GLU E 150 20.68 -2.09 69.01
CA GLU E 150 20.25 -2.73 70.24
C GLU E 150 19.37 -1.77 71.04
N PRO E 151 18.17 -2.18 71.48
CA PRO E 151 17.40 -1.30 72.35
C PRO E 151 18.13 -1.08 73.67
N ASP E 152 18.07 0.15 74.17
CA ASP E 152 18.76 0.46 75.42
C ASP E 152 17.99 -0.15 76.57
N GLY E 153 18.73 -0.79 77.49
CA GLY E 153 18.14 -1.45 78.64
C GLY E 153 17.75 -2.90 78.38
N PHE E 154 18.11 -3.46 77.23
CA PHE E 154 17.80 -4.84 76.87
C PHE E 154 19.08 -5.53 76.43
N TYR E 155 19.03 -6.85 76.42
CA TYR E 155 20.22 -7.68 76.19
C TYR E 155 19.82 -8.88 75.36
N TYR E 156 20.66 -9.22 74.39
CA TYR E 156 20.40 -10.35 73.52
C TYR E 156 20.59 -11.66 74.28
N ASN E 157 19.62 -12.57 74.15
CA ASN E 157 19.69 -13.89 74.75
C ASN E 157 19.36 -14.96 73.71
N ARG E 158 20.19 -16.01 73.69
CA ARG E 158 20.09 -17.06 72.68
C ARG E 158 18.77 -17.82 72.78
N ALA E 159 18.31 -18.09 74.02
CA ALA E 159 17.17 -18.97 74.23
C ALA E 159 15.86 -18.22 74.34
N PHE E 160 15.89 -16.95 74.72
CA PHE E 160 14.66 -16.17 74.89
C PHE E 160 14.03 -15.90 73.52
N GLN E 161 12.75 -16.26 73.39
CA GLN E 161 12.04 -16.20 72.11
C GLN E 161 10.91 -15.18 72.08
N ASN E 162 10.54 -14.61 73.23
CA ASN E 162 9.40 -13.70 73.32
C ASN E 162 9.80 -12.23 73.34
N GLY E 163 11.08 -11.92 73.07
CA GLY E 163 11.54 -10.55 73.12
C GLY E 163 11.41 -9.84 71.77
N SER E 164 11.58 -8.53 71.81
CA SER E 164 11.56 -7.74 70.60
C SER E 164 12.85 -7.98 69.80
N VAL E 165 12.83 -7.59 68.53
CA VAL E 165 13.98 -7.79 67.65
C VAL E 165 14.07 -6.61 66.67
N PRO E 166 15.26 -6.01 66.45
CA PRO E 166 15.37 -4.90 65.49
C PRO E 166 14.86 -5.23 64.10
N ASP E 167 14.43 -4.18 63.39
CA ASP E 167 13.92 -4.33 62.03
C ASP E 167 14.94 -4.96 61.09
N THR E 168 16.24 -4.71 61.32
CA THR E 168 17.29 -5.27 60.47
C THR E 168 17.52 -6.76 60.68
N CYS E 169 16.83 -7.37 61.64
CA CYS E 169 16.98 -8.77 62.00
C CYS E 169 15.76 -9.60 61.60
N LYS E 170 14.90 -9.07 60.74
CA LYS E 170 13.72 -9.76 60.22
C LYS E 170 13.89 -10.01 58.73
N ASP E 171 13.28 -11.10 58.25
CA ASP E 171 13.34 -11.45 56.85
C ASP E 171 12.26 -10.67 56.08
N ALA E 172 12.08 -11.01 54.79
CA ALA E 172 11.14 -10.31 53.94
C ALA E 172 9.69 -10.42 54.41
N ASN E 173 9.36 -11.47 55.18
CA ASN E 173 8.03 -11.64 55.76
C ASN E 173 7.93 -11.18 57.20
N GLY E 174 8.97 -10.56 57.74
CA GLY E 174 8.93 -10.02 59.08
C GLY E 174 9.24 -11.01 60.18
N VAL E 175 9.61 -12.24 59.84
CA VAL E 175 9.98 -13.23 60.84
C VAL E 175 11.44 -13.02 61.21
N LYS E 176 11.75 -13.16 62.49
CA LYS E 176 13.07 -12.81 62.98
C LYS E 176 14.11 -13.81 62.49
N THR E 177 15.31 -13.29 62.19
CA THR E 177 16.40 -14.11 61.71
C THR E 177 17.20 -14.75 62.85
N THR E 178 17.29 -14.05 63.98
CA THR E 178 18.14 -14.50 65.08
C THR E 178 17.51 -15.69 65.78
N ALA E 179 18.39 -16.54 66.35
CA ALA E 179 17.93 -17.72 67.09
C ALA E 179 17.08 -17.32 68.28
N GLY E 180 17.42 -16.21 68.94
CA GLY E 180 16.69 -15.71 70.10
C GLY E 180 16.20 -14.29 69.90
N SER E 181 16.17 -13.52 70.98
CA SER E 181 15.71 -12.14 70.92
C SER E 181 16.25 -11.42 72.16
N TRP E 182 15.84 -10.17 72.35
CA TRP E 182 16.39 -9.31 73.39
C TRP E 182 15.54 -9.36 74.65
N ILE E 183 16.19 -9.67 75.77
CA ILE E 183 15.54 -9.88 77.05
C ILE E 183 15.91 -8.73 77.97
N ALA E 184 14.99 -8.36 78.85
CA ALA E 184 15.22 -7.26 79.78
C ALA E 184 16.06 -7.67 80.99
N MET E 185 16.38 -8.96 81.13
CA MET E 185 17.20 -9.44 82.23
C MET E 185 18.67 -9.29 81.87
N PRO E 186 19.48 -8.50 82.60
CA PRO E 186 20.91 -8.51 82.34
C PRO E 186 21.52 -9.85 82.70
N PRO E 187 22.66 -10.22 82.08
CA PRO E 187 23.32 -11.51 82.40
C PRO E 187 23.55 -11.66 83.89
N PRO E 188 22.85 -12.58 84.58
CA PRO E 188 22.95 -12.63 86.04
C PRO E 188 24.18 -13.36 86.58
N LEU E 189 24.74 -14.29 85.81
CA LEU E 189 25.81 -15.14 86.28
C LEU E 189 27.16 -14.65 85.75
N MET E 190 28.22 -15.17 86.36
CA MET E 190 29.60 -14.89 86.00
C MET E 190 30.48 -15.81 86.84
N ASP E 191 31.57 -16.28 86.22
CA ASP E 191 32.45 -17.29 86.82
C ASP E 191 32.83 -16.95 88.26
N ASP E 192 32.55 -17.89 89.17
CA ASP E 192 32.91 -17.77 90.59
C ASP E 192 32.25 -16.56 91.23
N LEU E 193 31.02 -16.27 90.83
CA LEU E 193 30.25 -15.21 91.48
C LEU E 193 29.79 -15.63 92.88
N VAL E 194 29.65 -16.94 93.12
CA VAL E 194 29.24 -17.49 94.40
C VAL E 194 30.38 -18.33 94.93
N GLU E 195 30.60 -18.26 96.26
CA GLU E 195 31.66 -19.02 96.93
C GLU E 195 30.98 -20.15 97.71
N TYR E 196 30.94 -21.33 97.09
CA TYR E 196 30.41 -22.51 97.74
C TYR E 196 31.31 -22.96 98.88
N ALA E 197 30.71 -23.38 99.98
CA ALA E 197 31.48 -23.71 101.18
C ALA E 197 32.35 -24.94 100.95
N ASP E 198 31.81 -25.97 100.28
CA ASP E 198 32.55 -27.21 100.07
C ASP E 198 33.57 -27.11 98.93
N GLY E 199 33.75 -25.93 98.34
CA GLY E 199 34.70 -25.72 97.27
C GLY E 199 34.23 -26.17 95.90
N HIS E 200 32.96 -26.51 95.75
CA HIS E 200 32.40 -26.87 94.45
C HIS E 200 32.60 -25.73 93.47
N ASP E 201 32.83 -26.06 92.21
CA ASP E 201 33.12 -25.04 91.22
C ASP E 201 31.87 -24.20 90.98
N ALA E 202 32.06 -22.90 90.79
CA ALA E 202 30.97 -21.95 90.62
C ALA E 202 31.07 -21.23 89.27
N SER E 203 31.42 -21.99 88.24
CA SER E 203 31.38 -21.48 86.88
C SER E 203 29.93 -21.17 86.50
N VAL E 204 29.77 -20.35 85.44
CA VAL E 204 28.43 -20.02 84.97
C VAL E 204 27.67 -21.29 84.59
N HIS E 205 28.39 -22.30 84.06
CA HIS E 205 27.76 -23.56 83.71
C HIS E 205 27.18 -24.22 84.95
N ALA E 206 27.99 -24.37 86.00
CA ALA E 206 27.57 -25.08 87.19
C ALA E 206 26.45 -24.35 87.92
N MET E 207 26.61 -23.03 88.12
CA MET E 207 25.59 -22.25 88.81
C MET E 207 24.26 -22.26 88.05
N ALA E 208 24.31 -22.22 86.71
CA ALA E 208 23.07 -22.21 85.95
C ALA E 208 22.31 -23.52 86.12
N GLU E 209 23.05 -24.63 86.16
CA GLU E 209 22.43 -25.94 86.35
C GLU E 209 21.94 -26.10 87.78
N ASP E 210 22.72 -25.62 88.75
CA ASP E 210 22.37 -25.74 90.16
C ASP E 210 21.09 -24.96 90.48
N VAL E 211 21.02 -23.71 90.02
CA VAL E 211 19.85 -22.89 90.34
C VAL E 211 18.64 -23.36 89.54
N SER E 212 18.87 -23.96 88.36
CA SER E 212 17.76 -24.52 87.58
C SER E 212 17.17 -25.72 88.30
N ALA E 213 18.02 -26.52 88.96
CA ALA E 213 17.53 -27.65 89.74
C ALA E 213 16.76 -27.17 90.94
N PHE E 214 17.24 -26.12 91.61
CA PHE E 214 16.53 -25.56 92.76
C PHE E 214 15.16 -25.04 92.33
N LEU E 215 15.09 -24.38 91.17
CA LEU E 215 13.82 -23.84 90.71
C LEU E 215 12.87 -24.93 90.22
N MET E 216 13.41 -26.10 89.85
CA MET E 216 12.54 -27.23 89.51
C MET E 216 11.90 -27.82 90.76
N TRP E 217 12.66 -27.92 91.86
CA TRP E 217 12.12 -28.43 93.11
C TRP E 217 11.08 -27.46 93.67
N ALA E 218 11.34 -26.16 93.56
CA ALA E 218 10.41 -25.18 94.07
C ALA E 218 9.08 -25.25 93.34
N ALA E 219 9.10 -25.65 92.06
CA ALA E 219 7.89 -25.77 91.28
C ALA E 219 7.19 -27.11 91.55
N GLU E 220 7.96 -28.18 91.71
CA GLU E 220 7.44 -29.52 91.94
C GLU E 220 8.13 -30.11 93.17
N PRO E 221 7.82 -29.58 94.37
CA PRO E 221 8.48 -30.09 95.58
C PRO E 221 8.17 -31.54 95.88
N LYS E 222 7.03 -32.05 95.42
CA LYS E 222 6.61 -33.41 95.70
C LYS E 222 6.96 -34.36 94.54
N LEU E 223 7.94 -33.96 93.72
CA LEU E 223 8.33 -34.74 92.54
C LEU E 223 8.73 -36.16 92.91
N MET E 224 9.60 -36.32 93.90
CA MET E 224 10.08 -37.65 94.28
C MET E 224 8.94 -38.51 94.84
N ALA E 225 8.08 -37.91 95.65
CA ALA E 225 6.93 -38.65 96.18
C ALA E 225 6.02 -39.11 95.06
N ARG E 226 5.85 -38.27 94.04
CA ARG E 226 4.96 -38.60 92.93
C ARG E 226 5.45 -39.83 92.17
N LYS E 227 6.76 -39.93 91.96
CA LYS E 227 7.31 -41.08 91.24
C LYS E 227 7.22 -42.35 92.08
N GLN E 228 7.56 -42.26 93.37
CA GLN E 228 7.38 -43.40 94.28
C GLN E 228 5.97 -43.94 94.19
N ALA E 229 4.98 -43.03 94.20
CA ALA E 229 3.58 -43.43 94.07
C ALA E 229 3.34 -44.09 92.72
N GLY E 230 3.98 -43.58 91.68
CA GLY E 230 3.82 -44.17 90.36
C GLY E 230 4.31 -45.60 90.32
N PHE E 231 5.53 -45.84 90.82
CA PHE E 231 6.05 -47.20 90.91
C PHE E 231 5.08 -48.11 91.67
N THR E 232 4.65 -47.67 92.85
CA THR E 232 3.75 -48.47 93.67
C THR E 232 2.46 -48.78 92.92
N ALA E 233 1.83 -47.75 92.36
CA ALA E 233 0.58 -47.94 91.62
C ALA E 233 0.79 -48.86 90.43
N VAL E 234 1.93 -48.73 89.76
CA VAL E 234 2.21 -49.53 88.57
C VAL E 234 2.44 -50.98 88.97
N MET E 235 3.15 -51.21 90.09
CA MET E 235 3.37 -52.58 90.53
C MET E 235 2.07 -53.24 90.98
N PHE E 236 1.23 -52.52 91.73
CA PHE E 236 -0.09 -53.03 92.09
C PHE E 236 -0.87 -53.45 90.85
N LEU E 237 -1.03 -52.54 89.89
CA LEU E 237 -1.88 -52.81 88.74
C LEU E 237 -1.26 -53.83 87.79
N THR E 238 0.07 -53.95 87.81
CA THR E 238 0.70 -55.01 87.02
C THR E 238 0.32 -56.38 87.56
N VAL E 239 0.48 -56.57 88.87
CA VAL E 239 0.09 -57.83 89.50
C VAL E 239 -1.39 -58.07 89.28
N LEU E 240 -2.21 -57.04 89.52
CA LEU E 240 -3.66 -57.18 89.40
C LEU E 240 -4.05 -57.49 87.97
N SER E 241 -3.35 -56.89 87.00
CA SER E 241 -3.67 -57.14 85.60
C SER E 241 -3.34 -58.57 85.22
N VAL E 242 -2.19 -59.06 85.69
CA VAL E 242 -1.81 -60.45 85.43
C VAL E 242 -2.84 -61.40 86.04
N LEU E 243 -3.18 -61.17 87.31
CA LEU E 243 -4.17 -62.00 87.97
C LEU E 243 -5.51 -61.93 87.26
N LEU E 244 -5.88 -60.73 86.80
CA LEU E 244 -7.15 -60.58 86.10
C LEU E 244 -7.10 -61.21 84.72
N TYR E 245 -5.91 -61.30 84.13
CA TYR E 245 -5.79 -61.95 82.83
C TYR E 245 -6.00 -63.45 82.95
N LEU E 246 -5.31 -64.08 83.91
CA LEU E 246 -5.48 -65.51 84.13
C LEU E 246 -6.91 -65.86 84.51
N THR E 247 -7.53 -65.04 85.37
CA THR E 247 -8.92 -65.26 85.74
C THR E 247 -9.84 -65.18 84.52
N ASN E 248 -9.67 -64.14 83.71
CA ASN E 248 -10.50 -63.97 82.53
C ASN E 248 -10.29 -65.10 81.53
N LYS E 249 -9.03 -65.54 81.38
CA LYS E 249 -8.72 -66.59 80.42
C LYS E 249 -9.29 -67.92 80.88
N ARG E 250 -9.05 -68.28 82.14
CA ARG E 250 -9.52 -69.55 82.67
C ARG E 250 -11.04 -69.62 82.76
N LEU E 251 -11.72 -68.48 82.70
CA LEU E 251 -13.18 -68.45 82.76
C LEU E 251 -13.77 -68.78 81.39
N TRP E 252 -13.31 -68.07 80.35
CA TRP E 252 -13.80 -68.25 78.99
C TRP E 252 -13.37 -69.58 78.37
N ALA E 253 -12.53 -70.36 79.05
CA ALA E 253 -12.14 -71.68 78.54
C ALA E 253 -13.35 -72.57 78.37
N GLY E 254 -14.32 -72.46 79.27
CA GLY E 254 -15.55 -73.24 79.20
C GLY E 254 -16.62 -72.58 78.35
N VAL E 255 -16.21 -71.90 77.28
CA VAL E 255 -17.12 -71.19 76.37
C VAL E 255 -16.60 -71.34 74.94
N LYS E 256 -15.29 -71.20 74.76
CA LYS E 256 -14.65 -71.29 73.44
C LYS E 256 -13.57 -72.37 73.46
N GLY F 9 -8.64 -79.16 91.35
CA GLY F 9 -8.81 -79.02 92.79
C GLY F 9 -8.85 -77.56 93.24
N THR F 10 -8.03 -77.23 94.23
CA THR F 10 -7.98 -75.91 94.82
C THR F 10 -6.97 -74.99 94.11
N ARG F 11 -6.60 -75.31 92.87
CA ARG F 11 -5.65 -74.48 92.13
C ARG F 11 -6.35 -73.31 91.45
N ARG F 12 -7.51 -73.56 90.85
CA ARG F 12 -8.31 -72.50 90.28
C ARG F 12 -9.14 -71.76 91.33
N ASP F 13 -9.31 -72.35 92.51
CA ASP F 13 -9.97 -71.65 93.62
C ASP F 13 -9.06 -70.59 94.23
N PHE F 14 -7.74 -70.84 94.24
CA PHE F 14 -6.79 -69.87 94.78
C PHE F 14 -6.64 -68.65 93.87
N LEU F 15 -6.78 -68.82 92.56
CA LEU F 15 -6.66 -67.68 91.66
C LEU F 15 -7.77 -66.67 91.94
N TYR F 16 -9.01 -67.13 92.11
CA TYR F 16 -10.11 -66.21 92.36
C TYR F 16 -9.94 -65.49 93.70
N TYR F 17 -9.19 -66.06 94.65
CA TYR F 17 -8.85 -65.37 95.88
C TYR F 17 -7.73 -64.36 95.66
N ALA F 18 -6.64 -64.79 95.00
CA ALA F 18 -5.50 -63.91 94.78
C ALA F 18 -5.91 -62.68 93.98
N THR F 19 -6.77 -62.86 92.98
CA THR F 19 -7.25 -61.74 92.19
C THR F 19 -8.05 -60.77 93.05
N ALA F 20 -9.00 -61.31 93.83
CA ALA F 20 -9.82 -60.47 94.69
C ALA F 20 -8.97 -59.82 95.78
N GLY F 21 -7.99 -60.53 96.31
CA GLY F 21 -7.12 -59.97 97.33
C GLY F 21 -6.31 -58.80 96.81
N ALA F 22 -5.80 -58.92 95.58
CA ALA F 22 -5.07 -57.80 94.98
C ALA F 22 -5.99 -56.62 94.76
N GLY F 23 -7.22 -56.87 94.33
CA GLY F 23 -8.17 -55.79 94.11
C GLY F 23 -8.51 -55.05 95.40
N ALA F 24 -8.62 -55.80 96.50
CA ALA F 24 -8.91 -55.16 97.79
C ALA F 24 -7.78 -54.24 98.21
N VAL F 25 -6.53 -54.71 98.08
CA VAL F 25 -5.38 -53.89 98.43
C VAL F 25 -5.35 -52.63 97.55
N ALA F 26 -5.54 -52.81 96.24
CA ALA F 26 -5.52 -51.68 95.32
C ALA F 26 -6.59 -50.66 95.69
N THR F 27 -7.77 -51.13 96.07
CA THR F 27 -8.84 -50.22 96.49
C THR F 27 -8.44 -49.49 97.76
N GLY F 28 -7.92 -50.22 98.76
CA GLY F 28 -7.51 -49.59 100.00
C GLY F 28 -6.45 -48.53 99.79
N ALA F 29 -5.51 -48.79 98.89
CA ALA F 29 -4.47 -47.82 98.61
C ALA F 29 -5.05 -46.56 97.98
N ALA F 30 -6.20 -46.68 97.32
CA ALA F 30 -6.88 -45.57 96.68
C ALA F 30 -7.79 -44.83 97.64
N VAL F 31 -8.33 -45.52 98.64
CA VAL F 31 -9.29 -44.90 99.54
C VAL F 31 -8.57 -44.10 100.62
N TRP F 32 -7.44 -44.60 101.11
CA TRP F 32 -6.69 -43.91 102.16
C TRP F 32 -6.31 -42.47 101.79
N PRO F 33 -5.75 -42.18 100.60
CA PRO F 33 -5.43 -40.78 100.30
C PRO F 33 -6.66 -39.90 100.18
N LEU F 34 -7.83 -40.49 99.90
CA LEU F 34 -9.06 -39.71 99.87
C LEU F 34 -9.50 -39.32 101.27
N ILE F 35 -9.11 -40.12 102.26
CA ILE F 35 -9.37 -39.80 103.66
C ILE F 35 -8.29 -38.90 104.23
N ASN F 36 -7.02 -39.23 103.95
CA ASN F 36 -5.89 -38.55 104.58
C ASN F 36 -5.74 -37.11 104.11
N GLN F 37 -6.32 -36.75 102.96
CA GLN F 37 -6.23 -35.38 102.49
C GLN F 37 -6.98 -34.42 103.40
N MET F 38 -7.93 -34.91 104.19
CA MET F 38 -8.70 -34.07 105.11
C MET F 38 -7.99 -33.86 106.44
N ASN F 39 -6.97 -34.67 106.72
CA ASN F 39 -6.14 -34.49 107.90
C ASN F 39 -5.30 -33.22 107.73
N PRO F 40 -4.81 -32.65 108.84
CA PRO F 40 -4.12 -31.35 108.77
C PRO F 40 -3.01 -31.28 107.74
N SER F 41 -3.08 -30.24 106.91
CA SER F 41 -2.10 -30.01 105.86
C SER F 41 -0.81 -29.43 106.45
N ALA F 42 0.22 -29.32 105.60
CA ALA F 42 1.55 -29.00 106.09
C ALA F 42 1.63 -27.61 106.71
N ASP F 43 0.84 -26.65 106.21
CA ASP F 43 0.88 -25.33 106.83
C ASP F 43 0.31 -25.38 108.23
N VAL F 44 -0.69 -26.22 108.45
CA VAL F 44 -1.30 -26.34 109.78
C VAL F 44 -0.36 -27.09 110.72
N GLN F 45 0.21 -28.21 110.25
CA GLN F 45 1.09 -28.98 111.12
C GLN F 45 2.35 -28.22 111.52
N ALA F 46 2.70 -27.15 110.80
CA ALA F 46 3.90 -26.37 111.08
C ALA F 46 3.62 -25.48 112.29
N LEU F 47 3.33 -26.12 113.43
CA LEU F 47 2.95 -25.39 114.62
C LEU F 47 4.05 -24.42 115.05
N ALA F 48 3.59 -23.28 115.58
CA ALA F 48 4.44 -22.13 115.84
C ALA F 48 4.18 -21.68 117.27
N SER F 49 5.16 -21.00 117.85
CA SER F 49 5.09 -20.54 119.23
C SER F 49 4.88 -19.04 119.18
N ILE F 50 4.43 -18.45 120.29
CA ILE F 50 4.17 -17.02 120.35
C ILE F 50 4.60 -16.47 121.70
N PHE F 51 4.68 -15.14 121.75
CA PHE F 51 5.08 -14.39 122.93
C PHE F 51 3.99 -13.37 123.21
N VAL F 52 3.65 -13.19 124.48
CA VAL F 52 2.54 -12.34 124.90
C VAL F 52 3.09 -11.27 125.82
N ASP F 53 2.83 -10.01 125.49
CA ASP F 53 3.19 -8.91 126.36
C ASP F 53 2.17 -8.83 127.49
N VAL F 54 2.67 -8.70 128.72
CA VAL F 54 1.86 -8.90 129.91
C VAL F 54 1.96 -7.67 130.84
N SER F 55 2.83 -6.72 130.51
CA SER F 55 3.03 -5.53 131.36
C SER F 55 1.74 -4.76 131.63
N SER F 56 0.73 -4.87 130.77
CA SER F 56 -0.48 -4.07 130.87
C SER F 56 -1.58 -4.74 131.68
N VAL F 57 -1.35 -5.94 132.22
CA VAL F 57 -2.39 -6.74 132.85
C VAL F 57 -2.38 -6.46 134.36
N GLU F 58 -3.44 -5.81 134.85
CA GLU F 58 -3.67 -5.59 136.27
C GLU F 58 -4.39 -6.80 136.86
N PRO F 59 -4.36 -6.98 138.19
CA PRO F 59 -5.15 -8.06 138.79
C PRO F 59 -6.63 -7.89 138.52
N GLY F 60 -7.30 -9.02 138.24
CA GLY F 60 -8.72 -9.03 137.92
C GLY F 60 -9.03 -8.93 136.44
N VAL F 61 -8.02 -8.89 135.58
CA VAL F 61 -8.19 -8.80 134.13
C VAL F 61 -7.84 -10.15 133.51
N GLN F 62 -8.66 -10.59 132.57
CA GLN F 62 -8.38 -11.77 131.75
C GLN F 62 -8.01 -11.31 130.35
N LEU F 63 -6.84 -11.74 129.89
CA LEU F 63 -6.39 -11.56 128.52
C LEU F 63 -6.68 -12.82 127.71
N THR F 64 -7.32 -12.65 126.56
CA THR F 64 -7.68 -13.75 125.68
C THR F 64 -6.88 -13.60 124.39
N VAL F 65 -6.11 -14.63 124.05
CA VAL F 65 -5.12 -14.59 122.99
C VAL F 65 -5.32 -15.80 122.10
N LYS F 66 -5.07 -15.62 120.80
CA LYS F 66 -5.24 -16.68 119.82
C LYS F 66 -3.92 -17.42 119.67
N PHE F 67 -3.99 -18.76 119.70
CA PHE F 67 -2.80 -19.58 119.58
C PHE F 67 -3.17 -20.89 118.92
N LEU F 68 -2.60 -21.13 117.74
CA LEU F 68 -2.93 -22.30 116.92
C LEU F 68 -4.43 -22.31 116.60
N GLY F 69 -4.99 -21.13 116.33
CA GLY F 69 -6.37 -21.07 115.93
C GLY F 69 -7.36 -21.29 117.04
N CYS F 70 -6.97 -21.09 118.30
CA CYS F 70 -7.83 -21.32 119.45
C CYS F 70 -7.48 -20.33 120.54
N PRO F 71 -8.40 -20.07 121.48
CA PRO F 71 -8.10 -19.08 122.53
C PRO F 71 -7.29 -19.65 123.67
N ILE F 72 -6.35 -18.85 124.17
CA ILE F 72 -5.63 -19.13 125.41
C ILE F 72 -5.93 -18.00 126.38
N PHE F 73 -6.33 -18.36 127.59
CA PHE F 73 -6.65 -17.40 128.64
C PHE F 73 -5.40 -17.18 129.49
N ILE F 74 -5.05 -15.91 129.68
CA ILE F 74 -4.01 -15.50 130.62
C ILE F 74 -4.68 -14.52 131.57
N ARG F 75 -5.04 -15.01 132.76
CA ARG F 75 -5.70 -14.22 133.80
C ARG F 75 -4.74 -13.98 134.95
N ARG F 76 -4.59 -12.71 135.32
CA ARG F 76 -3.89 -12.34 136.55
C ARG F 76 -4.94 -12.37 137.67
N ARG F 77 -4.89 -13.40 138.49
CA ARG F 77 -5.95 -13.66 139.45
C ARG F 77 -5.86 -12.69 140.63
N THR F 78 -7.01 -12.32 141.17
CA THR F 78 -7.06 -11.48 142.35
C THR F 78 -6.80 -12.31 143.60
N GLU F 79 -6.73 -11.63 144.75
CA GLU F 79 -6.55 -12.31 146.03
C GLU F 79 -7.72 -13.26 146.32
N ALA F 80 -8.95 -12.80 146.08
CA ALA F 80 -10.13 -13.63 146.31
C ALA F 80 -10.09 -14.90 145.47
N ASP F 81 -9.77 -14.77 144.17
CA ASP F 81 -9.65 -15.92 143.28
C ASP F 81 -8.68 -16.95 143.83
N ILE F 82 -7.52 -16.50 144.32
CA ILE F 82 -6.49 -17.42 144.78
C ILE F 82 -6.93 -18.13 146.06
N GLU F 83 -7.50 -17.39 147.00
CA GLU F 83 -7.99 -17.99 148.25
C GLU F 83 -9.04 -19.06 148.00
N LEU F 84 -10.04 -18.74 147.18
CA LEU F 84 -11.08 -19.71 146.82
C LEU F 84 -10.48 -20.97 146.21
N GLY F 85 -9.50 -20.81 145.31
CA GLY F 85 -8.92 -21.95 144.63
C GLY F 85 -8.22 -22.91 145.58
N ARG F 86 -7.49 -22.38 146.56
CA ARG F 86 -6.76 -23.23 147.48
C ARG F 86 -7.66 -23.87 148.53
N SER F 87 -8.87 -23.34 148.72
CA SER F 87 -9.78 -23.86 149.73
C SER F 87 -10.51 -25.13 149.29
N VAL F 88 -10.52 -25.43 147.99
CA VAL F 88 -11.20 -26.63 147.51
C VAL F 88 -10.35 -27.85 147.83
N GLN F 89 -10.98 -28.85 148.45
CA GLN F 89 -10.34 -30.13 148.71
C GLN F 89 -10.45 -31.04 147.50
N LEU F 90 -9.44 -31.91 147.35
CA LEU F 90 -9.36 -32.80 146.19
C LEU F 90 -10.61 -33.64 146.01
N GLY F 91 -11.16 -34.17 147.11
CA GLY F 91 -12.34 -35.01 147.02
C GLY F 91 -13.61 -34.29 146.59
N GLN F 92 -13.57 -32.96 146.49
CA GLN F 92 -14.72 -32.17 146.06
C GLN F 92 -14.71 -31.87 144.57
N LEU F 93 -13.67 -32.28 143.84
CA LEU F 93 -13.54 -31.95 142.43
C LEU F 93 -14.12 -33.06 141.58
N VAL F 94 -14.76 -32.68 140.47
CA VAL F 94 -15.22 -33.65 139.49
C VAL F 94 -14.03 -34.38 138.88
N ASP F 95 -13.01 -33.63 138.48
CA ASP F 95 -11.80 -34.15 137.86
C ASP F 95 -10.61 -33.74 138.71
N THR F 96 -9.92 -34.74 139.28
CA THR F 96 -8.85 -34.52 140.22
C THR F 96 -7.47 -34.49 139.58
N ASN F 97 -7.39 -34.58 138.26
CA ASN F 97 -6.12 -34.49 137.56
C ASN F 97 -5.84 -33.03 137.22
N ALA F 98 -4.57 -32.63 137.32
CA ALA F 98 -4.22 -31.23 137.10
C ALA F 98 -4.40 -30.82 135.64
N ARG F 99 -4.31 -31.78 134.71
CA ARG F 99 -4.39 -31.50 133.28
C ARG F 99 -3.39 -30.41 132.88
N ASN F 100 -2.15 -30.56 133.36
CA ASN F 100 -1.12 -29.52 133.23
C ASN F 100 0.08 -30.07 132.47
N ALA F 101 0.31 -29.52 131.27
CA ALA F 101 1.41 -29.96 130.42
C ALA F 101 2.78 -29.62 130.99
N ASN F 102 2.86 -28.69 131.94
CA ASN F 102 4.13 -28.21 132.45
C ASN F 102 4.72 -29.08 133.54
N ILE F 103 3.92 -29.96 134.15
CA ILE F 103 4.34 -30.83 135.24
C ILE F 103 3.91 -32.25 134.92
N ASP F 104 4.14 -33.15 135.88
CA ASP F 104 3.83 -34.57 135.71
C ASP F 104 2.36 -34.77 135.34
N ALA F 105 2.12 -35.81 134.52
CA ALA F 105 0.78 -36.10 134.03
C ALA F 105 -0.14 -36.57 135.15
N GLY F 106 0.42 -37.16 136.21
CA GLY F 106 -0.36 -37.68 137.32
C GLY F 106 -0.56 -36.70 138.45
N ALA F 107 -0.09 -35.46 138.29
CA ALA F 107 -0.21 -34.45 139.34
C ALA F 107 -1.67 -34.22 139.71
N GLU F 108 -1.89 -33.89 140.98
CA GLU F 108 -3.23 -33.68 141.51
C GLU F 108 -3.69 -32.27 141.19
N ALA F 109 -5.02 -32.10 141.12
CA ALA F 109 -5.61 -30.82 140.72
C ALA F 109 -5.70 -29.81 141.86
N THR F 110 -4.68 -29.71 142.69
CA THR F 110 -4.58 -28.64 143.66
C THR F 110 -4.34 -27.32 142.94
N ASP F 111 -4.77 -26.23 143.57
CA ASP F 111 -4.61 -24.91 142.98
C ASP F 111 -3.15 -24.62 142.66
N GLN F 112 -2.23 -25.16 143.45
CA GLN F 112 -0.80 -24.95 143.23
C GLN F 112 -0.36 -25.57 141.90
N ASN F 113 -0.90 -26.74 141.56
CA ASN F 113 -0.54 -27.43 140.32
C ASN F 113 -1.29 -26.91 139.10
N ARG F 114 -2.02 -25.80 139.23
CA ARG F 114 -2.82 -25.21 138.16
C ARG F 114 -2.26 -23.88 137.68
N THR F 115 -1.17 -23.38 138.29
CA THR F 115 -0.58 -22.11 137.94
C THR F 115 0.87 -22.31 137.53
N LEU F 116 1.40 -21.35 136.78
CA LEU F 116 2.77 -21.41 136.31
C LEU F 116 3.77 -21.06 137.42
N ASP F 117 3.41 -20.15 138.30
CA ASP F 117 4.29 -19.66 139.35
C ASP F 117 3.90 -20.24 140.70
N GLU F 118 4.84 -20.16 141.65
CA GLU F 118 4.59 -20.68 142.98
C GLU F 118 3.59 -19.81 143.75
N ALA F 119 3.60 -18.50 143.50
CA ALA F 119 2.64 -17.61 144.15
C ALA F 119 1.21 -17.82 143.66
N GLY F 120 1.04 -18.48 142.51
CA GLY F 120 -0.28 -18.80 142.01
C GLY F 120 -1.04 -17.62 141.45
N GLU F 121 -0.32 -16.59 140.99
CA GLU F 121 -0.97 -15.39 140.46
C GLU F 121 -1.37 -15.54 139.00
N TRP F 122 -0.60 -16.32 138.23
CA TRP F 122 -0.74 -16.40 136.78
C TRP F 122 -1.36 -17.74 136.38
N LEU F 123 -2.64 -17.70 136.00
CA LEU F 123 -3.38 -18.85 135.53
C LEU F 123 -3.41 -18.80 134.01
N VAL F 124 -2.68 -19.72 133.38
CA VAL F 124 -2.60 -19.82 131.92
C VAL F 124 -3.21 -21.16 131.53
N MET F 125 -4.22 -21.12 130.66
CA MET F 125 -4.90 -22.33 130.24
C MET F 125 -5.59 -22.10 128.91
N TRP F 126 -5.89 -23.20 128.23
CA TRP F 126 -6.72 -23.16 127.02
C TRP F 126 -8.12 -22.70 127.38
N GLY F 127 -8.57 -21.63 126.74
CA GLY F 127 -9.93 -21.16 126.93
C GLY F 127 -10.92 -21.93 126.07
N VAL F 128 -10.88 -23.26 126.15
CA VAL F 128 -11.66 -24.16 125.33
C VAL F 128 -12.35 -25.16 126.23
N CYS F 129 -13.66 -24.99 126.44
CA CYS F 129 -14.44 -25.88 127.27
C CYS F 129 -14.21 -27.34 126.87
N THR F 130 -13.98 -28.18 127.87
CA THR F 130 -13.62 -29.58 127.63
C THR F 130 -14.82 -30.44 127.29
N HIS F 131 -16.03 -29.87 127.31
CA HIS F 131 -17.21 -30.59 126.83
C HIS F 131 -17.18 -30.68 125.31
N LEU F 132 -17.57 -29.62 124.61
CA LEU F 132 -17.65 -29.63 123.15
C LEU F 132 -17.01 -28.39 122.53
N GLY F 133 -16.09 -27.74 123.25
CA GLY F 133 -15.15 -26.81 122.67
C GLY F 133 -15.53 -25.34 122.70
N CYS F 134 -16.69 -24.97 123.23
CA CYS F 134 -16.99 -23.56 123.32
C CYS F 134 -16.01 -22.86 124.27
N VAL F 135 -16.08 -21.54 124.29
CA VAL F 135 -15.13 -20.70 125.02
C VAL F 135 -15.83 -20.19 126.28
N PRO F 136 -15.43 -20.64 127.48
CA PRO F 136 -16.13 -20.18 128.67
C PRO F 136 -15.96 -18.69 128.92
N ILE F 137 -16.99 -18.10 129.53
CA ILE F 137 -17.04 -16.68 129.84
C ILE F 137 -16.40 -16.45 131.20
N GLY F 138 -15.44 -15.53 131.26
CA GLY F 138 -14.70 -15.26 132.48
C GLY F 138 -15.22 -14.06 133.23
N GLY F 139 -14.32 -13.32 133.85
CA GLY F 139 -14.71 -12.21 134.70
C GLY F 139 -15.44 -12.65 135.94
N VAL F 140 -15.03 -13.76 136.54
CA VAL F 140 -15.67 -14.33 137.73
C VAL F 140 -17.13 -14.62 137.40
N SER F 141 -17.35 -15.59 136.54
CA SER F 141 -18.68 -16.00 136.10
C SER F 141 -18.96 -17.41 136.61
N GLY F 142 -20.24 -17.77 136.59
CA GLY F 142 -20.64 -19.08 137.05
C GLY F 142 -20.89 -19.11 138.53
N ASP F 143 -21.00 -20.32 139.06
CA ASP F 143 -21.38 -20.56 140.44
C ASP F 143 -20.18 -20.81 141.34
N PHE F 144 -18.96 -20.77 140.80
CA PHE F 144 -17.75 -21.08 141.54
C PHE F 144 -16.69 -19.99 141.35
N GLY F 145 -17.12 -18.76 141.08
CA GLY F 145 -16.21 -17.63 140.96
C GLY F 145 -15.12 -17.82 139.93
N GLY F 146 -15.47 -18.37 138.77
CA GLY F 146 -14.49 -18.65 137.72
C GLY F 146 -14.99 -18.36 136.32
N TRP F 147 -15.37 -19.42 135.60
CA TRP F 147 -15.83 -19.31 134.23
C TRP F 147 -17.15 -20.05 134.07
N PHE F 148 -17.97 -19.56 133.14
CA PHE F 148 -19.24 -20.19 132.76
C PHE F 148 -19.26 -20.40 131.25
N CYS F 149 -19.48 -21.65 130.83
CA CYS F 149 -19.59 -21.95 129.41
C CYS F 149 -21.07 -21.89 128.99
N PRO F 150 -21.48 -20.96 128.12
CA PRO F 150 -22.92 -20.79 127.84
C PRO F 150 -23.50 -21.84 126.90
N CYS F 151 -22.70 -22.77 126.39
CA CYS F 151 -23.20 -23.69 125.38
C CYS F 151 -24.05 -24.80 125.99
N HIS F 152 -23.59 -25.38 127.10
CA HIS F 152 -24.39 -26.37 127.83
C HIS F 152 -24.25 -26.25 129.34
N GLY F 153 -23.72 -25.14 129.84
CA GLY F 153 -23.83 -24.84 131.25
C GLY F 153 -22.76 -25.47 132.12
N SER F 154 -21.51 -25.51 131.66
CA SER F 154 -20.45 -25.97 132.53
C SER F 154 -19.96 -24.80 133.37
N HIS F 155 -19.69 -25.07 134.65
CA HIS F 155 -19.15 -24.08 135.58
C HIS F 155 -17.75 -24.50 136.00
N TYR F 156 -16.81 -23.57 135.85
CA TYR F 156 -15.43 -23.75 136.30
C TYR F 156 -15.15 -22.78 137.43
N ASP F 157 -14.24 -23.17 138.32
CA ASP F 157 -13.91 -22.36 139.48
C ASP F 157 -12.74 -21.42 139.17
N SER F 158 -12.19 -20.79 140.20
CA SER F 158 -11.18 -19.75 140.01
C SER F 158 -9.85 -20.30 139.52
N ALA F 159 -9.64 -21.62 139.55
CA ALA F 159 -8.47 -22.27 138.99
C ALA F 159 -8.77 -22.99 137.68
N GLY F 160 -9.97 -22.80 137.13
CA GLY F 160 -10.32 -23.42 135.87
C GLY F 160 -10.67 -24.88 135.97
N ARG F 161 -11.00 -25.36 137.17
CA ARG F 161 -11.35 -26.76 137.37
C ARG F 161 -12.85 -26.95 137.20
N ILE F 162 -13.22 -28.04 136.53
CA ILE F 162 -14.64 -28.31 136.29
C ILE F 162 -15.32 -28.73 137.59
N ARG F 163 -16.49 -28.13 137.84
CA ARG F 163 -17.25 -28.34 139.07
C ARG F 163 -18.69 -28.75 138.83
N LYS F 164 -19.25 -28.48 137.65
CA LYS F 164 -20.67 -28.67 137.40
C LYS F 164 -20.89 -28.66 135.89
N GLY F 165 -21.75 -29.56 135.42
CA GLY F 165 -22.12 -29.63 134.02
C GLY F 165 -21.67 -30.87 133.29
N PRO F 166 -21.81 -30.88 131.96
CA PRO F 166 -21.42 -32.07 131.17
C PRO F 166 -19.92 -32.22 130.94
N ALA F 167 -19.15 -31.15 131.05
CA ALA F 167 -17.72 -31.20 130.75
C ALA F 167 -17.02 -32.20 131.66
N PRO F 168 -16.18 -33.11 131.13
CA PRO F 168 -15.61 -34.15 131.99
C PRO F 168 -14.35 -33.74 132.73
N GLU F 169 -13.59 -32.76 132.24
CA GLU F 169 -12.26 -32.48 132.76
C GLU F 169 -12.03 -30.98 132.98
N ASN F 170 -11.01 -30.71 133.79
CA ASN F 170 -10.53 -29.35 133.98
C ASN F 170 -9.98 -28.80 132.67
N LEU F 171 -10.10 -27.48 132.49
CA LEU F 171 -9.54 -26.83 131.32
C LEU F 171 -8.04 -27.12 131.19
N PRO F 172 -7.55 -27.63 130.07
CA PRO F 172 -6.13 -28.01 130.00
C PRO F 172 -5.23 -26.79 130.01
N ILE F 173 -4.06 -26.96 130.60
CA ILE F 173 -3.04 -25.92 130.69
C ILE F 173 -1.94 -26.24 129.68
N PRO F 174 -1.63 -25.36 128.72
CA PRO F 174 -0.60 -25.69 127.73
C PRO F 174 0.79 -25.52 128.32
N LEU F 175 1.77 -25.97 127.55
CA LEU F 175 3.16 -25.63 127.90
C LEU F 175 3.32 -24.13 127.91
N ALA F 176 3.63 -23.58 129.07
CA ALA F 176 3.75 -22.14 129.23
C ALA F 176 4.74 -21.85 130.36
N LYS F 177 5.61 -20.87 130.13
CA LYS F 177 6.61 -20.51 131.11
C LYS F 177 7.03 -19.08 130.87
N PHE F 178 7.34 -18.37 131.96
CA PHE F 178 7.86 -17.02 131.85
C PHE F 178 9.29 -17.03 131.34
N ILE F 179 9.50 -16.39 130.19
CA ILE F 179 10.82 -16.26 129.62
C ILE F 179 11.59 -15.17 130.34
N ASP F 180 10.90 -14.12 130.76
CA ASP F 180 11.49 -13.09 131.60
C ASP F 180 10.36 -12.54 132.49
N GLU F 181 10.58 -11.36 133.06
CA GLU F 181 9.63 -10.80 134.02
C GLU F 181 8.24 -10.61 133.41
N THR F 182 8.16 -10.39 132.09
CA THR F 182 6.92 -9.91 131.46
C THR F 182 6.51 -10.69 130.21
N THR F 183 7.17 -11.79 129.87
CA THR F 183 6.88 -12.51 128.62
C THR F 183 6.71 -13.99 128.91
N ILE F 184 5.59 -14.55 128.44
CA ILE F 184 5.29 -15.97 128.53
C ILE F 184 5.45 -16.57 127.13
N GLN F 185 6.16 -17.69 127.04
CA GLN F 185 6.25 -18.47 125.81
C GLN F 185 5.24 -19.60 125.89
N LEU F 186 4.25 -19.57 125.00
CA LEU F 186 3.27 -20.65 124.89
C LEU F 186 3.73 -21.70 123.89
N GLY F 187 3.52 -22.96 124.24
CA GLY F 187 3.93 -24.08 123.39
C GLY F 187 5.34 -24.55 123.70
N GLY G 3 -28.32 -26.96 -5.65
CA GLY G 3 -28.90 -27.70 -6.76
C GLY G 3 -30.42 -27.73 -6.73
N ILE G 4 -31.02 -26.55 -6.70
CA ILE G 4 -32.47 -26.40 -6.68
C ILE G 4 -32.94 -26.52 -8.14
N PRO G 5 -34.10 -27.11 -8.45
CA PRO G 5 -34.51 -27.15 -9.86
C PRO G 5 -34.86 -25.76 -10.37
N HIS G 6 -34.32 -25.42 -11.54
CA HIS G 6 -34.49 -24.11 -12.14
C HIS G 6 -34.15 -24.24 -13.62
N ASP G 7 -34.54 -23.22 -14.39
CA ASP G 7 -34.22 -23.20 -15.81
C ASP G 7 -32.83 -22.61 -16.01
N HIS G 8 -32.18 -23.06 -17.08
CA HIS G 8 -30.79 -22.71 -17.36
C HIS G 8 -30.73 -21.70 -18.50
N TYR G 9 -29.52 -21.18 -18.70
CA TYR G 9 -29.30 -20.16 -19.72
C TYR G 9 -29.37 -20.80 -21.11
N GLU G 10 -29.76 -19.98 -22.10
CA GLU G 10 -29.78 -20.39 -23.49
C GLU G 10 -29.41 -19.19 -24.36
N PRO G 11 -28.32 -19.25 -25.14
CA PRO G 11 -27.98 -18.08 -25.97
C PRO G 11 -29.01 -17.82 -27.05
N ARG G 12 -29.35 -16.54 -27.21
CA ARG G 12 -30.36 -16.10 -28.18
C ARG G 12 -29.75 -15.21 -29.24
N THR G 13 -29.11 -14.11 -28.84
CA THR G 13 -28.46 -13.21 -29.78
C THR G 13 -27.23 -13.88 -30.40
N GLY G 14 -26.85 -13.40 -31.59
CA GLY G 14 -25.64 -13.91 -32.23
C GLY G 14 -24.39 -13.68 -31.41
N ILE G 15 -24.34 -12.56 -30.68
CA ILE G 15 -23.20 -12.28 -29.81
C ILE G 15 -23.17 -13.26 -28.65
N GLU G 16 -24.33 -13.69 -28.17
CA GLU G 16 -24.41 -14.62 -27.05
C GLU G 16 -23.99 -16.03 -27.48
N LYS G 17 -24.44 -16.48 -28.65
CA LYS G 17 -24.03 -17.79 -29.15
C LYS G 17 -22.52 -17.85 -29.34
N TRP G 18 -21.92 -16.75 -29.78
CA TRP G 18 -20.47 -16.69 -30.00
C TRP G 18 -19.72 -16.81 -28.68
N LEU G 19 -20.11 -16.02 -27.67
CA LEU G 19 -19.41 -16.03 -26.39
C LEU G 19 -19.64 -17.33 -25.62
N HIS G 20 -20.85 -17.87 -25.65
CA HIS G 20 -21.17 -19.05 -24.85
C HIS G 20 -20.37 -20.28 -25.29
N SER G 21 -20.01 -20.38 -26.56
CA SER G 21 -19.24 -21.51 -27.05
C SER G 21 -17.73 -21.40 -26.76
N ARG G 22 -17.29 -20.36 -26.05
CA ARG G 22 -15.88 -20.14 -25.76
C ARG G 22 -15.63 -19.97 -24.26
N LEU G 23 -16.45 -19.13 -23.63
CA LEU G 23 -16.38 -18.89 -22.18
C LEU G 23 -17.80 -18.68 -21.67
N PRO G 24 -18.44 -19.71 -20.96
CA PRO G 24 -19.84 -19.58 -20.53
C PRO G 24 -20.03 -18.66 -19.31
N ILE G 25 -19.41 -17.47 -19.36
CA ILE G 25 -19.48 -16.56 -18.23
C ILE G 25 -20.88 -15.95 -18.13
N VAL G 26 -21.56 -15.74 -19.25
CA VAL G 26 -22.93 -15.24 -19.18
C VAL G 26 -23.85 -16.32 -18.61
N ALA G 27 -23.62 -17.58 -19.02
CA ALA G 27 -24.42 -18.69 -18.48
C ALA G 27 -24.25 -18.79 -16.97
N LEU G 28 -23.04 -18.54 -16.47
CA LEU G 28 -22.78 -18.63 -15.05
C LEU G 28 -23.46 -17.49 -14.30
N ALA G 29 -23.38 -16.28 -14.85
CA ALA G 29 -24.05 -15.14 -14.23
C ALA G 29 -25.55 -15.32 -14.26
N TYR G 30 -26.08 -15.94 -15.32
CA TYR G 30 -27.51 -16.17 -15.41
C TYR G 30 -27.96 -17.15 -14.31
N ASP G 31 -27.30 -18.32 -14.25
CA ASP G 31 -27.66 -19.33 -13.25
C ASP G 31 -27.45 -18.81 -11.84
N THR G 32 -26.53 -17.85 -11.65
CA THR G 32 -26.31 -17.26 -10.34
C THR G 32 -27.41 -16.27 -9.99
N ILE G 33 -27.73 -15.36 -10.91
CA ILE G 33 -28.63 -14.25 -10.59
C ILE G 33 -30.10 -14.66 -10.65
N MET G 34 -30.40 -15.85 -11.16
CA MET G 34 -31.77 -16.33 -11.31
C MET G 34 -32.08 -17.48 -10.36
N ILE G 35 -31.24 -17.70 -9.35
CA ILE G 35 -31.43 -18.78 -8.37
C ILE G 35 -32.82 -18.65 -7.73
N PRO G 36 -33.64 -19.71 -7.67
CA PRO G 36 -34.92 -19.60 -6.95
C PRO G 36 -34.70 -19.41 -5.46
N THR G 37 -35.23 -18.28 -4.93
CA THR G 37 -35.04 -17.86 -3.54
C THR G 37 -36.39 -17.93 -2.79
N PRO G 38 -36.42 -18.39 -1.53
CA PRO G 38 -37.69 -18.44 -0.79
C PRO G 38 -38.46 -17.13 -0.78
N ARG G 39 -39.77 -17.23 -1.02
CA ARG G 39 -40.64 -16.06 -1.13
C ARG G 39 -40.75 -15.25 0.16
N ASN G 40 -40.51 -15.88 1.31
CA ASN G 40 -40.91 -15.32 2.61
C ASN G 40 -39.75 -14.68 3.37
N LEU G 41 -38.72 -14.21 2.67
CA LEU G 41 -37.62 -13.54 3.34
C LEU G 41 -38.09 -12.19 3.86
N ASN G 42 -37.74 -11.89 5.10
CA ASN G 42 -38.07 -10.63 5.76
C ASN G 42 -36.86 -9.69 5.70
N TRP G 43 -36.96 -8.56 6.39
CA TRP G 43 -35.96 -7.50 6.28
C TRP G 43 -34.62 -7.85 6.90
N MET G 44 -34.51 -8.98 7.62
CA MET G 44 -33.23 -9.39 8.18
C MET G 44 -32.32 -10.08 7.17
N TRP G 45 -32.76 -10.30 5.95
CA TRP G 45 -31.95 -10.95 4.93
C TRP G 45 -31.20 -9.94 4.06
N ILE G 46 -31.26 -8.65 4.38
CA ILE G 46 -30.63 -7.61 3.58
C ILE G 46 -29.17 -7.39 3.94
N TRP G 47 -28.75 -7.82 5.13
CA TRP G 47 -27.46 -7.41 5.65
C TRP G 47 -26.29 -8.01 4.87
N GLY G 48 -26.55 -9.06 4.09
CA GLY G 48 -25.52 -9.58 3.22
C GLY G 48 -25.11 -8.59 2.15
N VAL G 49 -26.10 -7.93 1.53
CA VAL G 49 -25.82 -6.93 0.50
C VAL G 49 -25.19 -5.71 1.12
N VAL G 50 -25.62 -5.33 2.32
CA VAL G 50 -25.01 -4.20 3.01
C VAL G 50 -23.54 -4.49 3.27
N LEU G 51 -23.25 -5.70 3.74
CA LEU G 51 -21.88 -6.10 3.98
C LEU G 51 -21.08 -6.09 2.68
N ALA G 52 -21.69 -6.56 1.59
CA ALA G 52 -21.03 -6.56 0.30
C ALA G 52 -20.70 -5.14 -0.14
N PHE G 53 -21.66 -4.23 0.02
CA PHE G 53 -21.42 -2.84 -0.33
C PHE G 53 -20.28 -2.27 0.49
N CYS G 54 -20.29 -2.53 1.80
CA CYS G 54 -19.22 -2.02 2.67
C CYS G 54 -17.86 -2.48 2.20
N LEU G 55 -17.72 -3.75 1.83
CA LEU G 55 -16.43 -4.25 1.40
C LEU G 55 -15.96 -3.50 0.16
N VAL G 56 -16.88 -3.24 -0.77
CA VAL G 56 -16.53 -2.46 -1.96
C VAL G 56 -16.25 -1.01 -1.57
N LEU G 57 -17.10 -0.44 -0.73
CA LEU G 57 -16.92 0.94 -0.26
C LEU G 57 -15.57 1.10 0.41
N GLN G 58 -15.21 0.20 1.32
CA GLN G 58 -13.95 0.29 2.02
C GLN G 58 -12.78 0.19 1.06
N ILE G 59 -12.89 -0.70 0.06
CA ILE G 59 -11.77 -0.92 -0.85
C ILE G 59 -11.55 0.31 -1.72
N VAL G 60 -12.61 0.87 -2.30
CA VAL G 60 -12.41 1.99 -3.21
C VAL G 60 -11.99 3.24 -2.44
N THR G 61 -12.61 3.48 -1.27
CA THR G 61 -12.18 4.61 -0.45
C THR G 61 -10.81 4.32 0.16
N GLY G 62 -10.53 3.05 0.45
CA GLY G 62 -9.23 2.70 1.00
C GLY G 62 -8.11 2.95 0.01
N ILE G 63 -8.26 2.44 -1.21
CA ILE G 63 -7.26 2.63 -2.25
C ILE G 63 -7.01 4.11 -2.49
N VAL G 64 -8.08 4.89 -2.53
CA VAL G 64 -7.96 6.33 -2.76
C VAL G 64 -7.20 7.00 -1.61
N LEU G 65 -7.57 6.66 -0.37
CA LEU G 65 -6.88 7.21 0.78
C LEU G 65 -5.41 6.83 0.77
N ALA G 66 -5.08 5.61 0.32
CA ALA G 66 -3.70 5.16 0.29
C ALA G 66 -2.86 5.92 -0.74
N MET G 67 -3.50 6.66 -1.64
CA MET G 67 -2.76 7.48 -2.59
C MET G 67 -2.19 8.74 -1.97
N HIS G 68 -2.59 9.07 -0.73
CA HIS G 68 -2.21 10.32 -0.08
C HIS G 68 -1.67 10.11 1.33
N TYR G 69 -1.64 8.87 1.82
CA TYR G 69 -1.22 8.56 3.17
C TYR G 69 0.21 8.04 3.14
N THR G 70 0.99 8.38 4.17
CA THR G 70 2.38 7.96 4.29
C THR G 70 2.56 7.08 5.52
N PRO G 71 2.85 5.78 5.40
CA PRO G 71 3.03 4.95 6.61
C PRO G 71 4.40 5.15 7.26
N HIS G 72 4.59 6.33 7.83
CA HIS G 72 5.81 6.64 8.57
C HIS G 72 5.43 7.50 9.77
N VAL G 73 6.04 7.19 10.91
CA VAL G 73 5.65 7.80 12.19
C VAL G 73 5.80 9.32 12.17
N ASP G 74 6.78 9.84 11.44
CA ASP G 74 6.96 11.29 11.35
C ASP G 74 5.97 11.96 10.42
N LEU G 75 5.29 11.18 9.56
CA LEU G 75 4.47 11.72 8.49
C LEU G 75 3.05 11.16 8.47
N ALA G 76 2.79 10.04 9.16
CA ALA G 76 1.49 9.36 9.06
C ALA G 76 0.36 10.30 9.49
N PHE G 77 0.43 10.79 10.72
CA PHE G 77 -0.61 11.68 11.23
C PHE G 77 -0.71 12.94 10.37
N ALA G 78 0.44 13.52 10.00
CA ALA G 78 0.43 14.71 9.16
C ALA G 78 -0.18 14.42 7.79
N SER G 79 0.05 13.21 7.26
CA SER G 79 -0.48 12.89 5.93
C SER G 79 -1.98 12.71 5.97
N VAL G 80 -2.52 12.28 7.11
CA VAL G 80 -3.96 12.17 7.26
C VAL G 80 -4.59 13.55 7.35
N GLU G 81 -3.92 14.48 8.04
CA GLU G 81 -4.39 15.86 8.06
C GLU G 81 -4.25 16.50 6.69
N HIS G 82 -3.25 16.07 5.92
CA HIS G 82 -3.12 16.56 4.55
C HIS G 82 -4.33 16.16 3.73
N ILE G 83 -4.77 14.90 3.89
CA ILE G 83 -6.00 14.44 3.27
C ILE G 83 -7.18 15.30 3.70
N MET G 84 -7.34 15.50 5.01
CA MET G 84 -8.48 16.26 5.52
C MET G 84 -8.52 17.69 5.01
N ARG G 85 -7.36 18.35 4.87
CA ARG G 85 -7.33 19.77 4.58
C ARG G 85 -7.05 20.10 3.12
N ASN G 86 -6.21 19.30 2.45
CA ASN G 86 -5.69 19.65 1.13
C ASN G 86 -6.24 18.81 0.00
N VAL G 87 -6.39 17.50 0.19
CA VAL G 87 -6.85 16.65 -0.90
C VAL G 87 -8.29 16.97 -1.24
N ASN G 88 -8.58 17.11 -2.54
CA ASN G 88 -9.93 17.35 -3.03
C ASN G 88 -10.86 16.24 -2.53
N GLY G 89 -11.85 16.64 -1.73
CA GLY G 89 -12.80 15.70 -1.16
C GLY G 89 -12.20 14.76 -0.14
N GLY G 90 -10.99 15.04 0.33
CA GLY G 90 -10.29 14.11 1.20
C GLY G 90 -11.00 13.94 2.53
N PHE G 91 -11.56 15.03 3.05
CA PHE G 91 -12.28 14.96 4.31
C PHE G 91 -13.44 13.97 4.23
N MET G 92 -14.13 13.93 3.10
CA MET G 92 -15.29 13.07 2.95
C MET G 92 -14.88 11.62 2.75
N LEU G 93 -13.81 11.39 1.99
CA LEU G 93 -13.36 10.03 1.77
C LEU G 93 -12.87 9.39 3.07
N ARG G 94 -12.19 10.17 3.91
CA ARG G 94 -11.73 9.65 5.20
C ARG G 94 -12.91 9.27 6.09
N TYR G 95 -13.88 10.18 6.22
CA TYR G 95 -15.02 9.90 7.07
C TYR G 95 -15.85 8.74 6.53
N LEU G 96 -15.90 8.57 5.21
CA LEU G 96 -16.64 7.45 4.67
C LEU G 96 -15.95 6.14 5.03
N HIS G 97 -14.61 6.11 4.94
CA HIS G 97 -13.87 4.90 5.27
C HIS G 97 -13.97 4.58 6.75
N ALA G 98 -13.87 5.60 7.61
CA ALA G 98 -13.89 5.38 9.04
C ALA G 98 -15.27 4.95 9.51
N ASN G 99 -16.30 5.76 9.22
CA ASN G 99 -17.66 5.38 9.57
C ASN G 99 -18.11 4.17 8.79
N GLY G 100 -17.53 3.93 7.60
CA GLY G 100 -17.88 2.74 6.85
C GLY G 100 -17.50 1.48 7.59
N ALA G 101 -16.41 1.53 8.36
CA ALA G 101 -16.04 0.38 9.18
C ALA G 101 -17.10 0.09 10.24
N SER G 102 -17.69 1.15 10.83
CA SER G 102 -18.73 0.96 11.83
C SER G 102 -19.96 0.34 11.19
N LEU G 103 -20.37 0.87 10.04
CA LEU G 103 -21.51 0.28 9.32
C LEU G 103 -21.22 -1.16 8.99
N PHE G 104 -19.97 -1.45 8.60
CA PHE G 104 -19.57 -2.81 8.28
C PHE G 104 -19.83 -3.75 9.47
N PHE G 105 -19.56 -3.26 10.69
CA PHE G 105 -19.65 -4.11 11.88
C PHE G 105 -21.06 -4.13 12.44
N ILE G 106 -21.81 -3.03 12.32
CA ILE G 106 -23.23 -3.07 12.65
C ILE G 106 -23.91 -4.15 11.84
N ALA G 107 -23.53 -4.25 10.57
CA ALA G 107 -24.14 -5.21 9.66
C ALA G 107 -23.79 -6.64 10.01
N VAL G 108 -22.54 -6.93 10.35
CA VAL G 108 -22.16 -8.29 10.70
C VAL G 108 -22.88 -8.76 11.95
N TYR G 109 -23.01 -7.90 12.96
CA TYR G 109 -23.61 -8.36 14.20
C TYR G 109 -25.08 -8.69 13.99
N LEU G 110 -25.79 -7.87 13.21
CA LEU G 110 -27.16 -8.20 12.83
C LEU G 110 -27.18 -9.43 11.94
N HIS G 111 -26.26 -9.49 10.98
CA HIS G 111 -26.09 -10.67 10.13
C HIS G 111 -25.85 -11.93 10.98
N ILE G 112 -24.95 -11.84 11.97
CA ILE G 112 -24.64 -13.01 12.79
C ILE G 112 -25.84 -13.42 13.62
N PHE G 113 -26.47 -12.46 14.30
CA PHE G 113 -27.59 -12.80 15.16
C PHE G 113 -28.79 -13.25 14.35
N ARG G 114 -28.91 -12.79 13.10
CA ARG G 114 -29.93 -13.34 12.21
C ARG G 114 -29.69 -14.84 12.06
N GLY G 115 -28.45 -15.22 11.73
CA GLY G 115 -28.12 -16.62 11.56
C GLY G 115 -28.34 -17.43 12.83
N LEU G 116 -27.99 -16.86 13.99
CA LEU G 116 -28.13 -17.56 15.25
C LEU G 116 -29.59 -17.80 15.60
N TYR G 117 -30.48 -16.92 15.15
CA TYR G 117 -31.91 -17.03 15.46
C TYR G 117 -32.60 -18.03 14.56
N TYR G 118 -32.33 -17.96 13.26
CA TYR G 118 -33.05 -18.75 12.26
C TYR G 118 -32.37 -20.08 11.96
N GLY G 119 -31.28 -20.41 12.65
CA GLY G 119 -30.59 -21.67 12.46
C GLY G 119 -29.94 -21.78 11.10
N SER G 120 -29.39 -20.65 10.60
CA SER G 120 -28.70 -20.63 9.33
C SER G 120 -27.34 -21.31 9.38
N TYR G 121 -26.87 -21.70 10.57
CA TYR G 121 -25.61 -22.40 10.75
C TYR G 121 -25.78 -23.91 10.74
N LYS G 122 -27.00 -24.41 10.97
CA LYS G 122 -27.26 -25.83 11.03
C LYS G 122 -27.15 -26.45 9.65
N ALA G 123 -26.93 -27.77 9.64
CA ALA G 123 -26.78 -28.55 8.42
C ALA G 123 -27.89 -28.21 7.41
N PRO G 124 -27.59 -28.09 6.11
CA PRO G 124 -26.31 -28.31 5.39
C PRO G 124 -25.45 -27.05 5.25
N ARG G 125 -25.59 -26.09 6.17
CA ARG G 125 -25.01 -24.76 6.01
C ARG G 125 -23.80 -24.54 6.91
N GLU G 126 -23.13 -25.61 7.35
CA GLU G 126 -21.97 -25.44 8.23
C GLU G 126 -20.85 -24.68 7.53
N VAL G 127 -20.60 -24.99 6.25
CA VAL G 127 -19.50 -24.37 5.53
C VAL G 127 -19.71 -22.86 5.40
N THR G 128 -20.93 -22.44 5.06
CA THR G 128 -21.22 -21.01 5.00
C THR G 128 -20.89 -20.33 6.32
N TRP G 129 -21.24 -20.98 7.43
CA TRP G 129 -21.03 -20.38 8.74
C TRP G 129 -19.56 -20.29 9.08
N ILE G 130 -18.79 -21.35 8.83
CA ILE G 130 -17.37 -21.34 9.15
C ILE G 130 -16.62 -20.34 8.29
N VAL G 131 -16.94 -20.28 6.99
CA VAL G 131 -16.33 -19.26 6.13
C VAL G 131 -16.68 -17.87 6.63
N GLY G 132 -17.92 -17.70 7.09
CA GLY G 132 -18.31 -16.43 7.70
C GLY G 132 -17.44 -16.08 8.89
N MET G 133 -17.17 -17.07 9.75
CA MET G 133 -16.35 -16.84 10.93
C MET G 133 -14.94 -16.42 10.54
N LEU G 134 -14.40 -16.99 9.47
CA LEU G 134 -13.09 -16.58 9.01
C LEU G 134 -13.12 -15.13 8.55
N ILE G 135 -14.18 -14.76 7.83
CA ILE G 135 -14.35 -13.37 7.40
C ILE G 135 -14.40 -12.45 8.61
N TYR G 136 -15.09 -12.88 9.66
CA TYR G 136 -15.24 -12.03 10.84
C TYR G 136 -13.89 -11.80 11.50
N LEU G 137 -13.06 -12.84 11.60
CA LEU G 137 -11.72 -12.67 12.12
C LEU G 137 -10.90 -11.73 11.24
N ALA G 138 -11.03 -11.86 9.92
CA ALA G 138 -10.27 -11.02 9.01
C ALA G 138 -10.70 -9.56 9.12
N MET G 139 -12.01 -9.33 9.24
CA MET G 139 -12.51 -7.97 9.41
C MET G 139 -11.91 -7.32 10.65
N MET G 140 -11.90 -8.05 11.76
CA MET G 140 -11.35 -7.49 12.99
C MET G 140 -9.87 -7.20 12.81
N ALA G 141 -9.13 -8.15 12.24
CA ALA G 141 -7.71 -7.91 11.99
C ALA G 141 -7.53 -6.75 11.03
N THR G 142 -8.36 -6.70 9.98
CA THR G 142 -8.28 -5.59 9.03
C THR G 142 -8.62 -4.28 9.71
N ALA G 143 -9.74 -4.25 10.43
CA ALA G 143 -10.19 -3.03 11.07
C ALA G 143 -9.21 -2.57 12.12
N PHE G 144 -8.62 -3.53 12.83
CA PHE G 144 -7.61 -3.22 13.83
C PHE G 144 -6.45 -2.48 13.18
N MET G 145 -5.88 -3.06 12.12
CA MET G 145 -4.72 -2.45 11.50
C MET G 145 -5.05 -1.12 10.86
N GLY G 146 -6.27 -0.98 10.31
CA GLY G 146 -6.68 0.30 9.77
C GLY G 146 -6.66 1.38 10.83
N TYR G 147 -7.13 1.05 12.03
CA TYR G 147 -7.21 2.02 13.10
C TYR G 147 -5.83 2.45 13.57
N VAL G 148 -4.81 1.63 13.33
CA VAL G 148 -3.44 1.99 13.71
C VAL G 148 -2.86 3.04 12.76
N LEU G 149 -3.30 3.06 11.51
CA LEU G 149 -2.65 3.89 10.48
C LEU G 149 -2.64 5.39 10.77
N PRO G 150 -3.70 6.02 11.30
CA PRO G 150 -3.62 7.45 11.63
C PRO G 150 -2.56 7.79 12.66
N TRP G 151 -2.12 6.82 13.47
CA TRP G 151 -1.06 7.03 14.44
C TRP G 151 -1.46 8.07 15.50
N GLY G 152 -2.70 8.00 15.96
CA GLY G 152 -3.14 8.77 17.11
C GLY G 152 -2.82 8.01 18.39
N GLN G 153 -3.33 8.54 19.50
CA GLN G 153 -3.05 7.89 20.78
C GLN G 153 -3.76 6.54 20.89
N MET G 154 -5.02 6.46 20.44
CA MET G 154 -5.73 5.20 20.47
C MET G 154 -5.11 4.22 19.48
N SER G 155 -4.68 4.74 18.33
CA SER G 155 -3.99 3.94 17.32
C SER G 155 -2.77 3.25 17.91
N PHE G 156 -1.88 4.03 18.52
CA PHE G 156 -0.61 3.49 18.98
C PHE G 156 -0.79 2.49 20.10
N TRP G 157 -1.63 2.81 21.09
CA TRP G 157 -1.73 1.96 22.27
C TRP G 157 -2.63 0.76 22.03
N GLY G 158 -3.60 0.88 21.13
CA GLY G 158 -4.35 -0.29 20.72
C GLY G 158 -3.45 -1.30 20.04
N ALA G 159 -2.51 -0.83 19.24
CA ALA G 159 -1.58 -1.74 18.58
C ALA G 159 -0.67 -2.41 19.59
N THR G 160 -0.22 -1.67 20.60
CA THR G 160 0.58 -2.25 21.67
C THR G 160 -0.19 -3.37 22.37
N VAL G 161 -1.44 -3.12 22.72
CA VAL G 161 -2.24 -4.09 23.48
C VAL G 161 -2.53 -5.33 22.63
N ILE G 162 -2.93 -5.13 21.38
CA ILE G 162 -3.42 -6.25 20.58
C ILE G 162 -2.28 -7.16 20.16
N THR G 163 -1.10 -6.59 19.87
CA THR G 163 0.07 -7.43 19.66
C THR G 163 0.49 -8.10 20.97
N GLY G 164 0.17 -7.48 22.10
CA GLY G 164 0.45 -8.06 23.39
C GLY G 164 -0.33 -9.33 23.70
N LEU G 165 -1.51 -9.47 23.07
CA LEU G 165 -2.31 -10.69 23.24
C LEU G 165 -1.49 -11.93 22.93
N PHE G 166 -0.65 -11.86 21.90
CA PHE G 166 0.12 -13.03 21.48
C PHE G 166 1.29 -13.28 22.41
N GLY G 167 1.72 -12.25 23.16
CA GLY G 167 2.74 -12.45 24.16
C GLY G 167 2.26 -13.28 25.34
N ALA G 168 0.95 -13.47 25.47
CA ALA G 168 0.35 -14.22 26.57
C ALA G 168 0.38 -15.73 26.31
N ILE G 169 0.74 -16.17 25.12
CA ILE G 169 0.80 -17.60 24.82
C ILE G 169 2.00 -18.21 25.54
N PRO G 170 1.83 -19.26 26.36
CA PRO G 170 2.98 -19.84 27.07
C PRO G 170 4.06 -20.34 26.12
N GLY G 171 5.31 -20.16 26.54
CA GLY G 171 6.46 -20.68 25.81
C GLY G 171 6.86 -19.83 24.63
N ILE G 172 6.00 -19.77 23.62
CA ILE G 172 6.31 -19.12 22.35
C ILE G 172 5.75 -17.71 22.24
N GLY G 173 4.99 -17.24 23.24
CA GLY G 173 4.28 -15.98 23.11
C GLY G 173 5.19 -14.79 22.84
N HIS G 174 6.29 -14.68 23.60
CA HIS G 174 7.15 -13.51 23.44
C HIS G 174 7.86 -13.51 22.08
N SER G 175 8.18 -14.69 21.55
CA SER G 175 8.79 -14.79 20.23
C SER G 175 7.84 -14.28 19.16
N ILE G 176 6.59 -14.73 19.19
CA ILE G 176 5.59 -14.28 18.22
C ILE G 176 5.42 -12.78 18.30
N GLN G 177 5.39 -12.23 19.52
CA GLN G 177 5.16 -10.79 19.70
C GLN G 177 6.27 -9.98 19.06
N THR G 178 7.53 -10.35 19.31
CA THR G 178 8.65 -9.64 18.71
C THR G 178 8.58 -9.74 17.19
N TRP G 179 8.24 -10.91 16.67
CA TRP G 179 8.12 -11.08 15.22
C TRP G 179 7.03 -10.18 14.64
N LEU G 180 5.88 -10.08 15.30
CA LEU G 180 4.83 -9.18 14.85
C LEU G 180 5.26 -7.72 14.97
N LEU G 181 6.00 -7.38 16.02
CA LEU G 181 6.35 -5.98 16.26
C LEU G 181 7.51 -5.53 15.39
N GLY G 182 8.44 -6.42 15.08
CA GLY G 182 9.64 -6.02 14.39
C GLY G 182 10.63 -5.30 15.28
N GLY G 183 10.52 -5.50 16.59
CA GLY G 183 11.39 -4.85 17.54
C GLY G 183 10.90 -5.10 18.95
N PRO G 184 11.47 -4.39 19.92
CA PRO G 184 11.02 -4.59 21.30
C PRO G 184 9.67 -3.94 21.57
N CYS G 185 9.36 -2.86 20.85
CA CYS G 185 8.13 -2.12 21.08
C CYS G 185 7.60 -1.56 19.77
N VAL G 186 6.34 -1.12 19.80
CA VAL G 186 5.65 -0.58 18.64
C VAL G 186 6.37 0.66 18.14
N ASP G 187 6.84 0.61 16.90
CA ASP G 187 7.61 1.71 16.32
C ASP G 187 7.34 1.75 14.81
N ASN G 188 8.25 2.36 14.05
CA ASN G 188 8.04 2.57 12.61
C ASN G 188 7.93 1.25 11.85
N ALA G 189 8.80 0.27 12.17
CA ALA G 189 8.72 -1.03 11.52
C ALA G 189 7.32 -1.64 11.62
N THR G 190 6.64 -1.41 12.73
CA THR G 190 5.29 -1.91 12.92
C THR G 190 4.30 -1.17 12.03
N LEU G 191 4.41 0.16 11.99
CA LEU G 191 3.53 0.95 11.15
C LEU G 191 3.63 0.57 9.68
N ASN G 192 4.87 0.37 9.18
CA ASN G 192 5.06 0.10 7.75
C ASN G 192 4.41 -1.22 7.35
N ARG G 193 4.53 -2.24 8.19
CA ARG G 193 3.98 -3.55 7.85
C ARG G 193 2.48 -3.61 8.07
N PHE G 194 1.94 -2.88 9.05
CA PHE G 194 0.50 -2.84 9.20
C PHE G 194 -0.15 -2.21 7.99
N PHE G 195 0.52 -1.26 7.34
CA PHE G 195 -0.04 -0.65 6.15
C PHE G 195 -0.15 -1.67 5.03
N SER G 196 0.92 -2.45 4.83
CA SER G 196 0.91 -3.48 3.79
C SER G 196 -0.17 -4.51 4.08
N LEU G 197 -0.30 -4.93 5.35
CA LEU G 197 -1.27 -5.95 5.67
C LEU G 197 -2.68 -5.40 5.68
N HIS G 198 -2.84 -4.12 6.02
CA HIS G 198 -4.17 -3.54 5.95
C HIS G 198 -4.64 -3.47 4.51
N TYR G 199 -3.72 -3.33 3.56
CA TYR G 199 -4.06 -3.29 2.16
C TYR G 199 -4.39 -4.70 1.67
N LEU G 200 -3.58 -5.68 2.09
CA LEU G 200 -3.71 -7.06 1.64
C LEU G 200 -5.02 -7.69 2.11
N LEU G 201 -5.31 -7.60 3.41
CA LEU G 201 -6.40 -8.39 3.99
C LEU G 201 -7.77 -8.14 3.37
N PRO G 202 -8.16 -6.92 3.02
CA PRO G 202 -9.45 -6.75 2.32
C PRO G 202 -9.57 -7.58 1.05
N PHE G 203 -8.44 -7.87 0.38
CA PHE G 203 -8.50 -8.73 -0.79
C PHE G 203 -8.66 -10.19 -0.37
N VAL G 204 -8.08 -10.56 0.77
CA VAL G 204 -8.30 -11.89 1.32
C VAL G 204 -9.75 -12.04 1.74
N ILE G 205 -10.31 -10.99 2.33
CA ILE G 205 -11.73 -10.98 2.68
C ILE G 205 -12.56 -11.18 1.42
N ALA G 206 -12.18 -10.49 0.33
CA ALA G 206 -12.91 -10.62 -0.92
C ALA G 206 -12.88 -12.06 -1.43
N ALA G 207 -11.72 -12.72 -1.30
CA ALA G 207 -11.63 -14.11 -1.71
C ALA G 207 -12.50 -14.98 -0.82
N LEU G 208 -12.52 -14.71 0.48
CA LEU G 208 -13.37 -15.46 1.39
C LEU G 208 -14.84 -15.23 1.07
N VAL G 209 -15.21 -14.00 0.72
CA VAL G 209 -16.60 -13.69 0.39
C VAL G 209 -17.04 -14.47 -0.84
N ALA G 210 -16.14 -14.70 -1.79
CA ALA G 210 -16.52 -15.48 -2.98
C ALA G 210 -16.92 -16.90 -2.60
N ILE G 211 -16.18 -17.53 -1.69
CA ILE G 211 -16.53 -18.87 -1.23
C ILE G 211 -17.80 -18.81 -0.38
N HIS G 212 -17.93 -17.78 0.45
CA HIS G 212 -19.15 -17.54 1.22
C HIS G 212 -20.38 -17.53 0.30
N ILE G 213 -20.29 -16.81 -0.83
CA ILE G 213 -21.42 -16.75 -1.75
C ILE G 213 -21.61 -18.10 -2.44
N TRP G 214 -20.51 -18.75 -2.83
CA TRP G 214 -20.58 -20.08 -3.42
C TRP G 214 -21.19 -21.10 -2.45
N ALA G 215 -20.95 -20.93 -1.15
CA ALA G 215 -21.39 -21.93 -0.17
C ALA G 215 -22.92 -21.97 -0.05
N PHE G 216 -23.57 -20.81 0.09
CA PHE G 216 -25.02 -20.82 0.25
C PHE G 216 -25.76 -20.85 -1.08
N HIS G 217 -25.06 -20.70 -2.20
CA HIS G 217 -25.68 -20.97 -3.50
C HIS G 217 -25.77 -22.47 -3.76
N SER G 218 -24.79 -23.24 -3.26
CA SER G 218 -24.84 -24.68 -3.43
C SER G 218 -26.00 -25.30 -2.65
N THR G 219 -26.24 -24.80 -1.44
CA THR G 219 -27.29 -25.34 -0.58
C THR G 219 -28.63 -24.62 -0.73
N GLY G 220 -28.62 -23.36 -1.15
CA GLY G 220 -29.82 -22.54 -1.15
C GLY G 220 -30.03 -21.80 0.16
N ASN G 221 -30.63 -20.61 0.04
CA ASN G 221 -30.85 -19.74 1.18
C ASN G 221 -31.81 -20.36 2.20
N ASN G 222 -31.52 -20.13 3.48
CA ASN G 222 -32.45 -20.42 4.56
C ASN G 222 -33.61 -19.42 4.52
N ASN G 223 -34.72 -19.76 5.20
CA ASN G 223 -35.87 -18.86 5.30
C ASN G 223 -36.45 -18.86 6.72
N PRO G 224 -37.31 -17.89 7.07
CA PRO G 224 -37.81 -17.81 8.46
C PRO G 224 -38.47 -19.06 9.01
N THR G 225 -39.01 -19.95 8.18
CA THR G 225 -39.69 -21.14 8.68
C THR G 225 -38.75 -22.31 8.93
N GLY G 226 -37.55 -22.30 8.35
CA GLY G 226 -36.64 -23.42 8.47
C GLY G 226 -37.03 -24.65 7.67
N VAL G 227 -38.11 -24.56 6.89
CA VAL G 227 -38.56 -25.67 6.05
C VAL G 227 -37.92 -25.53 4.68
N GLU G 228 -37.25 -26.59 4.24
CA GLU G 228 -36.50 -26.52 2.99
C GLU G 228 -37.43 -26.55 1.79
N VAL G 229 -36.95 -25.98 0.69
CA VAL G 229 -37.69 -25.99 -0.56
C VAL G 229 -37.88 -27.43 -1.04
N ARG G 230 -39.08 -27.73 -1.51
CA ARG G 230 -39.37 -29.04 -2.09
C ARG G 230 -38.57 -29.18 -3.37
N ARG G 231 -37.89 -30.32 -3.52
CA ARG G 231 -36.99 -30.55 -4.64
C ARG G 231 -37.44 -31.70 -5.53
N THR G 232 -38.59 -32.33 -5.25
CA THR G 232 -39.03 -33.48 -6.03
C THR G 232 -39.44 -33.12 -7.45
N SER G 233 -39.81 -31.85 -7.71
CA SER G 233 -40.16 -31.45 -9.06
C SER G 233 -40.12 -29.94 -9.18
N LYS G 234 -39.98 -29.47 -10.42
CA LYS G 234 -39.94 -28.04 -10.69
C LYS G 234 -41.27 -27.37 -10.36
N ALA G 235 -42.37 -28.12 -10.50
CA ALA G 235 -43.71 -27.58 -10.26
C ALA G 235 -43.83 -27.02 -8.84
N GLU G 236 -43.48 -27.81 -7.84
CA GLU G 236 -43.64 -27.39 -6.45
C GLU G 236 -42.44 -26.61 -5.94
N ALA G 237 -41.31 -26.65 -6.64
CA ALA G 237 -40.18 -25.78 -6.31
C ALA G 237 -40.50 -24.32 -6.62
N GLN G 238 -41.29 -24.08 -7.69
CA GLN G 238 -41.64 -22.72 -8.09
C GLN G 238 -42.70 -22.11 -7.18
N LYS G 239 -43.55 -22.95 -6.58
CA LYS G 239 -44.53 -22.45 -5.63
C LYS G 239 -43.90 -22.04 -4.31
N ASP G 240 -42.71 -22.55 -3.99
CA ASP G 240 -41.99 -22.20 -2.78
C ASP G 240 -41.02 -21.03 -2.96
N THR G 241 -40.72 -20.64 -4.21
CA THR G 241 -39.63 -19.71 -4.50
C THR G 241 -40.07 -18.69 -5.55
N VAL G 242 -39.29 -17.63 -5.66
CA VAL G 242 -39.30 -16.71 -6.80
C VAL G 242 -37.86 -16.44 -7.20
N PRO G 243 -37.57 -16.07 -8.45
CA PRO G 243 -36.18 -15.80 -8.83
C PRO G 243 -35.60 -14.61 -8.10
N PHE G 244 -34.32 -14.73 -7.75
CA PHE G 244 -33.59 -13.70 -7.01
C PHE G 244 -33.70 -12.33 -7.69
N TRP G 245 -33.37 -12.27 -8.99
CA TRP G 245 -33.65 -11.10 -9.83
C TRP G 245 -35.00 -11.24 -10.52
N PRO G 246 -35.86 -10.21 -10.51
CA PRO G 246 -35.80 -8.87 -9.91
C PRO G 246 -36.34 -8.78 -8.48
N TYR G 247 -37.15 -9.78 -8.08
CA TYR G 247 -37.99 -9.67 -6.88
C TYR G 247 -37.20 -9.33 -5.63
N PHE G 248 -36.07 -10.01 -5.40
CA PHE G 248 -35.26 -9.79 -4.20
C PHE G 248 -34.06 -8.87 -4.41
N ILE G 249 -33.63 -8.64 -5.64
CA ILE G 249 -32.64 -7.60 -5.91
C ILE G 249 -33.17 -6.23 -5.47
N ILE G 250 -34.36 -5.87 -5.94
CA ILE G 250 -34.91 -4.54 -5.66
C ILE G 250 -35.21 -4.38 -4.17
N LYS G 251 -35.72 -5.43 -3.50
CA LYS G 251 -35.99 -5.29 -2.08
C LYS G 251 -34.70 -5.07 -1.30
N ASP G 252 -33.61 -5.72 -1.72
CA ASP G 252 -32.33 -5.54 -1.04
C ASP G 252 -31.76 -4.15 -1.33
N VAL G 253 -31.79 -3.75 -2.61
CA VAL G 253 -31.30 -2.42 -3.00
C VAL G 253 -32.12 -1.33 -2.32
N PHE G 254 -33.43 -1.55 -2.19
CA PHE G 254 -34.27 -0.60 -1.48
C PHE G 254 -33.83 -0.49 -0.04
N ALA G 255 -33.71 -1.63 0.64
CA ALA G 255 -33.28 -1.63 2.04
C ALA G 255 -31.91 -0.98 2.15
N LEU G 256 -31.03 -1.26 1.17
CA LEU G 256 -29.70 -0.65 1.17
C LEU G 256 -29.81 0.86 1.07
N ALA G 257 -30.71 1.37 0.21
CA ALA G 257 -30.88 2.81 0.07
C ALA G 257 -31.33 3.43 1.39
N VAL G 258 -32.11 2.70 2.17
CA VAL G 258 -32.56 3.23 3.46
C VAL G 258 -31.41 3.18 4.45
N VAL G 259 -30.66 2.07 4.44
CA VAL G 259 -29.49 1.95 5.28
C VAL G 259 -28.46 3.02 4.93
N LEU G 260 -28.23 3.23 3.63
CA LEU G 260 -27.23 4.23 3.22
C LEU G 260 -27.73 5.65 3.47
N LEU G 261 -29.04 5.86 3.42
CA LEU G 261 -29.61 7.14 3.78
C LEU G 261 -29.22 7.52 5.20
N VAL G 262 -29.40 6.59 6.14
CA VAL G 262 -29.00 6.83 7.52
C VAL G 262 -27.50 7.02 7.61
N PHE G 263 -26.73 6.12 6.96
CA PHE G 263 -25.28 6.17 7.02
C PHE G 263 -24.73 7.51 6.53
N PHE G 264 -25.27 8.03 5.43
CA PHE G 264 -24.78 9.30 4.93
C PHE G 264 -25.23 10.47 5.80
N ALA G 265 -26.32 10.32 6.54
CA ALA G 265 -26.69 11.34 7.51
C ALA G 265 -25.66 11.37 8.64
N ILE G 266 -25.23 10.19 9.11
CA ILE G 266 -24.18 10.13 10.12
C ILE G 266 -22.92 10.80 9.61
N VAL G 267 -22.45 10.39 8.44
CA VAL G 267 -21.18 10.90 7.90
C VAL G 267 -21.28 12.41 7.67
N GLY G 268 -22.44 12.89 7.24
CA GLY G 268 -22.60 14.30 6.94
C GLY G 268 -22.74 15.17 8.16
N PHE G 269 -23.34 14.66 9.24
CA PHE G 269 -23.78 15.47 10.37
C PHE G 269 -23.24 15.05 11.73
N MET G 270 -22.74 13.83 11.88
CA MET G 270 -22.11 13.41 13.12
C MET G 270 -21.07 12.34 12.81
N PRO G 271 -20.05 12.68 12.01
CA PRO G 271 -19.09 11.66 11.55
C PRO G 271 -18.19 11.10 12.64
N ASN G 272 -18.08 11.78 13.78
CA ASN G 272 -17.17 11.37 14.85
C ASN G 272 -17.88 10.72 16.04
N TYR G 273 -19.21 10.59 16.01
CA TYR G 273 -19.92 10.02 17.15
C TYR G 273 -19.43 8.63 17.51
N LEU G 274 -19.20 7.78 16.50
CA LEU G 274 -18.77 6.41 16.72
C LEU G 274 -17.26 6.27 16.83
N GLY G 275 -16.53 7.38 16.91
CA GLY G 275 -15.08 7.37 17.00
C GLY G 275 -14.65 7.73 18.40
N HIS G 276 -13.34 7.66 18.63
CA HIS G 276 -12.77 8.03 19.92
C HIS G 276 -12.00 9.34 19.76
N PRO G 277 -12.37 10.44 20.46
CA PRO G 277 -11.65 11.71 20.26
C PRO G 277 -10.15 11.65 20.51
N ASP G 278 -9.67 10.74 21.35
CA ASP G 278 -8.25 10.72 21.70
C ASP G 278 -7.36 10.32 20.53
N ASN G 279 -7.91 9.80 19.44
CA ASN G 279 -7.09 9.45 18.28
C ASN G 279 -6.82 10.66 17.39
N TYR G 280 -7.39 11.81 17.72
CA TYR G 280 -7.01 13.09 17.12
C TYR G 280 -5.84 13.74 17.86
N ILE G 281 -5.20 13.02 18.77
CA ILE G 281 -3.98 13.44 19.45
C ILE G 281 -2.85 12.54 18.93
N GLU G 282 -1.73 13.15 18.55
CA GLU G 282 -0.62 12.38 18.02
C GLU G 282 -0.13 11.35 19.02
N ALA G 283 0.25 10.18 18.50
CA ALA G 283 0.81 9.09 19.28
C ALA G 283 1.93 9.58 20.17
N ASN G 284 1.85 9.23 21.44
CA ASN G 284 2.88 9.56 22.42
C ASN G 284 3.33 8.25 23.05
N PRO G 285 4.47 7.68 22.64
CA PRO G 285 4.86 6.36 23.17
C PRO G 285 5.25 6.38 24.65
N LEU G 286 5.29 7.54 25.30
CA LEU G 286 5.68 7.64 26.71
C LEU G 286 4.49 7.90 27.61
N SER G 287 3.28 7.71 27.12
CA SER G 287 2.09 7.92 27.96
C SER G 287 0.86 7.31 27.32
N THR G 288 0.12 6.51 28.09
CA THR G 288 -1.16 5.96 27.66
C THR G 288 -2.27 6.85 28.18
N PRO G 289 -3.21 7.33 27.34
CA PRO G 289 -4.32 8.14 27.85
C PRO G 289 -5.13 7.42 28.93
N ALA G 290 -5.65 8.21 29.88
CA ALA G 290 -6.42 7.66 30.98
C ALA G 290 -7.74 7.08 30.50
N HIS G 291 -8.37 7.68 29.49
CA HIS G 291 -9.70 7.29 29.03
C HIS G 291 -9.60 6.48 27.74
N ILE G 292 -8.56 5.65 27.64
CA ILE G 292 -8.42 4.73 26.51
C ILE G 292 -9.58 3.75 26.52
N VAL G 293 -10.25 3.62 25.38
CA VAL G 293 -11.36 2.69 25.23
C VAL G 293 -11.31 2.13 23.81
N PRO G 294 -11.57 0.84 23.59
CA PRO G 294 -11.55 0.32 22.22
C PRO G 294 -12.67 0.87 21.36
N GLU G 295 -12.50 0.67 20.07
CA GLU G 295 -13.56 0.93 19.10
C GLU G 295 -14.79 0.14 19.53
N TRP G 296 -15.97 0.74 19.36
CA TRP G 296 -17.20 0.20 19.94
C TRP G 296 -17.45 -1.24 19.50
N TYR G 297 -17.07 -1.59 18.27
CA TYR G 297 -17.33 -2.94 17.75
C TYR G 297 -16.41 -3.99 18.37
N PHE G 298 -15.39 -3.56 19.13
CA PHE G 298 -14.53 -4.47 19.88
C PHE G 298 -14.93 -4.58 21.34
N LEU G 299 -15.83 -3.73 21.83
CA LEU G 299 -16.10 -3.64 23.26
C LEU G 299 -16.58 -4.95 23.91
N PRO G 300 -17.47 -5.75 23.31
CA PRO G 300 -17.92 -6.96 24.02
C PRO G 300 -16.80 -7.93 24.35
N PHE G 301 -15.88 -8.13 23.40
CA PHE G 301 -14.78 -9.07 23.58
C PHE G 301 -13.70 -8.48 24.48
N TYR G 302 -13.54 -7.16 24.42
CA TYR G 302 -12.65 -6.49 25.36
C TYR G 302 -13.16 -6.64 26.79
N ALA G 303 -14.47 -6.49 26.98
CA ALA G 303 -15.04 -6.63 28.31
C ALA G 303 -14.81 -8.03 28.85
N ILE G 304 -14.91 -9.04 27.98
CA ILE G 304 -14.70 -10.43 28.40
C ILE G 304 -13.26 -10.63 28.87
N LEU G 305 -12.30 -10.13 28.11
CA LEU G 305 -10.89 -10.33 28.45
C LEU G 305 -10.56 -9.73 29.80
N ARG G 306 -10.95 -8.47 30.02
CA ARG G 306 -10.52 -7.79 31.24
C ARG G 306 -11.37 -8.17 32.46
N ALA G 307 -12.48 -8.88 32.26
CA ALA G 307 -13.27 -9.34 33.39
C ALA G 307 -12.53 -10.38 34.23
N PHE G 308 -11.56 -11.08 33.64
CA PHE G 308 -10.91 -12.21 34.32
C PHE G 308 -9.57 -11.74 34.90
N THR G 309 -9.65 -11.17 36.10
CA THR G 309 -8.48 -10.72 36.85
C THR G 309 -7.99 -11.81 37.78
N ALA G 310 -6.90 -11.52 38.50
CA ALA G 310 -6.32 -12.48 39.43
C ALA G 310 -7.24 -12.81 40.60
N ASP G 311 -8.21 -11.95 40.89
CA ASP G 311 -9.11 -12.16 42.03
C ASP G 311 -10.24 -13.13 41.73
N VAL G 312 -10.56 -13.35 40.45
CA VAL G 312 -11.68 -14.20 40.08
C VAL G 312 -11.42 -15.64 40.51
N TRP G 313 -12.40 -16.26 41.16
CA TRP G 313 -12.20 -17.58 41.77
C TRP G 313 -11.81 -18.63 40.72
N VAL G 314 -12.52 -18.67 39.60
CA VAL G 314 -12.23 -19.67 38.57
C VAL G 314 -10.84 -19.45 37.97
N VAL G 315 -10.37 -18.21 37.93
CA VAL G 315 -9.02 -17.92 37.47
C VAL G 315 -8.01 -18.51 38.45
N GLN G 316 -8.27 -18.37 39.75
CA GLN G 316 -7.35 -18.88 40.75
C GLN G 316 -7.28 -20.39 40.71
N ILE G 317 -8.38 -21.06 40.37
CA ILE G 317 -8.36 -22.51 40.19
C ILE G 317 -7.52 -22.89 38.98
N ALA G 318 -7.74 -22.20 37.86
CA ALA G 318 -6.96 -22.45 36.65
C ALA G 318 -5.46 -22.31 36.92
N ASN G 319 -5.06 -21.29 37.66
CA ASN G 319 -3.64 -21.08 37.93
C ASN G 319 -3.08 -22.22 38.77
N PHE G 320 -3.86 -22.67 39.75
CA PHE G 320 -3.41 -23.73 40.64
C PHE G 320 -3.32 -25.05 39.90
N ILE G 321 -4.40 -25.42 39.21
CA ILE G 321 -4.44 -26.70 38.49
C ILE G 321 -3.39 -26.70 37.39
N SER G 322 -3.17 -25.57 36.73
CA SER G 322 -2.19 -25.48 35.65
C SER G 322 -0.77 -25.16 36.11
N PHE G 323 -0.49 -25.25 37.41
CA PHE G 323 0.85 -25.00 37.95
C PHE G 323 1.38 -23.62 37.55
N GLY G 324 0.50 -22.65 37.38
CA GLY G 324 0.89 -21.28 37.12
C GLY G 324 0.91 -20.90 35.66
N ILE G 325 0.78 -21.87 34.76
CA ILE G 325 0.78 -21.60 33.32
C ILE G 325 -0.36 -20.65 32.95
N ILE G 326 -1.56 -20.95 33.43
CA ILE G 326 -2.74 -20.13 33.13
C ILE G 326 -2.91 -19.15 34.28
N ASP G 327 -2.34 -17.95 34.12
CA ASP G 327 -2.55 -16.86 35.05
C ASP G 327 -3.67 -15.97 34.50
N ALA G 328 -3.96 -14.88 35.20
CA ALA G 328 -5.05 -14.00 34.79
C ALA G 328 -4.82 -13.45 33.39
N LYS G 329 -3.56 -13.17 33.05
CA LYS G 329 -3.24 -12.61 31.74
C LYS G 329 -3.65 -13.56 30.62
N PHE G 330 -3.17 -14.81 30.70
CA PHE G 330 -3.46 -15.78 29.65
C PHE G 330 -4.90 -16.26 29.69
N PHE G 331 -5.49 -16.31 30.89
CA PHE G 331 -6.88 -16.74 31.00
C PHE G 331 -7.79 -15.78 30.25
N GLY G 332 -7.58 -14.47 30.41
CA GLY G 332 -8.42 -13.51 29.72
C GLY G 332 -8.31 -13.60 28.22
N VAL G 333 -7.12 -13.90 27.71
CA VAL G 333 -6.94 -14.04 26.28
C VAL G 333 -7.63 -15.31 25.79
N LEU G 334 -7.50 -16.40 26.54
CA LEU G 334 -8.20 -17.63 26.19
C LEU G 334 -9.71 -17.43 26.22
N ALA G 335 -10.21 -16.72 27.23
CA ALA G 335 -11.64 -16.47 27.32
C ALA G 335 -12.12 -15.65 26.13
N MET G 336 -11.32 -14.67 25.71
CA MET G 336 -11.77 -13.80 24.64
C MET G 336 -11.81 -14.56 23.32
N PHE G 337 -10.71 -15.23 22.98
CA PHE G 337 -10.70 -16.05 21.77
C PHE G 337 -11.60 -17.26 21.96
N GLY G 338 -11.76 -17.73 23.21
CA GLY G 338 -12.66 -18.84 23.45
C GLY G 338 -14.10 -18.44 23.21
N ALA G 339 -14.45 -17.19 23.50
CA ALA G 339 -15.82 -16.74 23.27
C ALA G 339 -16.15 -16.76 21.77
N ILE G 340 -15.16 -16.44 20.94
CA ILE G 340 -15.36 -16.48 19.49
C ILE G 340 -15.38 -17.93 19.02
N LEU G 341 -14.54 -18.77 19.61
CA LEU G 341 -14.44 -20.16 19.16
C LEU G 341 -15.75 -20.92 19.40
N VAL G 342 -16.37 -20.73 20.56
CA VAL G 342 -17.60 -21.46 20.84
C VAL G 342 -18.70 -21.02 19.90
N MET G 343 -18.65 -19.77 19.42
CA MET G 343 -19.62 -19.30 18.44
C MET G 343 -19.38 -19.94 17.08
N ALA G 344 -18.12 -20.23 16.76
CA ALA G 344 -17.80 -20.95 15.53
C ALA G 344 -18.25 -22.40 15.58
N LEU G 345 -18.30 -22.99 16.79
CA LEU G 345 -18.63 -24.39 16.98
C LEU G 345 -20.12 -24.63 17.17
N VAL G 346 -20.95 -23.60 17.05
CA VAL G 346 -22.37 -23.72 17.36
C VAL G 346 -23.12 -24.73 16.48
N PRO G 347 -22.73 -25.07 15.24
CA PRO G 347 -23.47 -26.14 14.55
C PRO G 347 -23.42 -27.47 15.26
N TRP G 348 -22.35 -27.74 16.01
CA TRP G 348 -22.16 -29.02 16.67
C TRP G 348 -22.52 -28.97 18.14
N LEU G 349 -22.85 -27.78 18.66
CA LEU G 349 -23.28 -27.63 20.05
C LEU G 349 -24.79 -27.54 20.17
N ASP G 350 -25.45 -26.99 19.16
CA ASP G 350 -26.90 -26.91 19.10
C ASP G 350 -27.41 -28.29 18.66
N THR G 351 -27.93 -29.06 19.61
CA THR G 351 -28.34 -30.44 19.36
C THR G 351 -29.81 -30.55 18.96
N SER G 352 -30.54 -29.42 18.87
CA SER G 352 -31.95 -29.45 18.50
C SER G 352 -32.11 -29.68 16.99
N PRO G 353 -33.06 -30.52 16.55
CA PRO G 353 -33.26 -30.70 15.09
C PRO G 353 -34.12 -29.63 14.43
N VAL G 354 -34.78 -28.75 15.19
CA VAL G 354 -35.59 -27.69 14.61
C VAL G 354 -34.69 -26.55 14.18
N ARG G 355 -34.79 -26.19 12.90
CA ARG G 355 -33.89 -25.19 12.32
C ARG G 355 -34.23 -23.78 12.82
N SER G 356 -35.43 -23.30 12.53
CA SER G 356 -35.79 -21.92 12.85
C SER G 356 -36.16 -21.77 14.32
N GLY G 357 -35.58 -20.76 14.97
CA GLY G 357 -35.88 -20.43 16.35
C GLY G 357 -37.27 -19.86 16.57
N ARG G 358 -37.99 -19.52 15.49
CA ARG G 358 -39.36 -19.02 15.61
C ARG G 358 -40.28 -20.02 16.27
N TYR G 359 -39.98 -21.33 16.15
CA TYR G 359 -40.82 -22.41 16.66
C TYR G 359 -40.15 -23.14 17.83
N ARG G 360 -39.26 -22.44 18.56
CA ARG G 360 -38.55 -22.99 19.71
C ARG G 360 -38.82 -22.07 20.90
N PRO G 361 -39.87 -22.34 21.70
CA PRO G 361 -40.24 -21.39 22.78
C PRO G 361 -39.15 -21.10 23.80
N MET G 362 -38.46 -22.12 24.31
CA MET G 362 -37.41 -21.90 25.30
C MET G 362 -36.19 -21.25 24.69
N PHE G 363 -35.84 -21.61 23.45
CA PHE G 363 -34.66 -21.03 22.79
C PHE G 363 -34.77 -19.51 22.73
N LYS G 364 -35.96 -18.98 22.40
CA LYS G 364 -36.16 -17.53 22.30
C LYS G 364 -35.72 -16.81 23.57
N ILE G 365 -36.04 -17.38 24.74
CA ILE G 365 -35.67 -16.76 26.00
C ILE G 365 -34.15 -16.63 26.09
N TYR G 366 -33.45 -17.74 25.90
CA TYR G 366 -32.01 -17.72 26.09
C TYR G 366 -31.33 -16.96 24.96
N PHE G 367 -31.93 -16.94 23.77
CA PHE G 367 -31.36 -16.18 22.67
C PHE G 367 -31.44 -14.69 22.96
N TRP G 368 -32.62 -14.21 23.36
CA TRP G 368 -32.78 -12.79 23.61
C TRP G 368 -31.98 -12.37 24.83
N LEU G 369 -31.73 -13.30 25.76
CA LEU G 369 -30.81 -13.01 26.85
C LEU G 369 -29.40 -12.85 26.29
N LEU G 370 -29.04 -13.67 25.30
CA LEU G 370 -27.72 -13.55 24.70
C LEU G 370 -27.60 -12.25 23.93
N ALA G 371 -28.66 -11.87 23.20
CA ALA G 371 -28.67 -10.60 22.49
C ALA G 371 -28.55 -9.46 23.50
N ALA G 372 -29.35 -9.53 24.58
CA ALA G 372 -29.24 -8.54 25.63
C ALA G 372 -27.85 -8.58 26.24
N ASP G 373 -27.32 -9.80 26.45
CA ASP G 373 -25.98 -9.95 27.01
C ASP G 373 -24.93 -9.29 26.13
N PHE G 374 -25.09 -9.42 24.81
CA PHE G 374 -24.11 -8.85 23.89
C PHE G 374 -24.13 -7.33 23.99
N VAL G 375 -25.32 -6.73 24.08
CA VAL G 375 -25.43 -5.30 24.27
C VAL G 375 -24.88 -4.90 25.63
N ILE G 376 -25.17 -5.70 26.66
CA ILE G 376 -24.65 -5.42 27.99
C ILE G 376 -23.13 -5.44 27.96
N LEU G 377 -22.57 -6.49 27.36
CA LEU G 377 -21.13 -6.61 27.21
C LEU G 377 -20.55 -5.39 26.51
N THR G 378 -21.24 -4.88 25.48
CA THR G 378 -20.77 -3.68 24.81
C THR G 378 -20.75 -2.49 25.77
N TRP G 379 -21.80 -2.35 26.58
CA TRP G 379 -21.92 -1.21 27.48
C TRP G 379 -20.87 -1.26 28.59
N VAL G 380 -20.70 -2.43 29.22
CA VAL G 380 -19.72 -2.51 30.30
C VAL G 380 -18.31 -2.36 29.78
N GLY G 381 -18.07 -2.73 28.53
CA GLY G 381 -16.75 -2.56 27.95
C GLY G 381 -16.22 -1.14 28.03
N ALA G 382 -17.12 -0.15 27.97
CA ALA G 382 -16.72 1.24 28.02
C ALA G 382 -16.67 1.80 29.43
N GLN G 383 -17.04 1.02 30.45
CA GLN G 383 -17.03 1.50 31.82
C GLN G 383 -15.72 1.14 32.49
N GLN G 384 -15.54 1.67 33.70
CA GLN G 384 -14.37 1.35 34.51
C GLN G 384 -14.50 -0.07 35.06
N THR G 385 -13.40 -0.58 35.59
CA THR G 385 -13.33 -1.93 36.13
C THR G 385 -13.66 -1.97 37.62
N THR G 386 -14.16 -0.87 38.17
CA THR G 386 -14.53 -0.82 39.57
C THR G 386 -15.89 -1.47 39.78
N PHE G 387 -16.23 -1.68 41.05
CA PHE G 387 -17.55 -2.19 41.39
C PHE G 387 -18.61 -1.19 40.94
N PRO G 388 -19.76 -1.65 40.39
CA PRO G 388 -20.24 -3.02 40.16
C PRO G 388 -19.92 -3.58 38.76
N TYR G 389 -19.32 -2.75 37.91
CA TYR G 389 -19.10 -3.15 36.52
C TYR G 389 -18.26 -4.42 36.41
N ASP G 390 -17.35 -4.62 37.37
CA ASP G 390 -16.53 -5.83 37.38
C ASP G 390 -17.39 -7.09 37.52
N TRP G 391 -18.45 -7.02 38.32
CA TRP G 391 -19.35 -8.16 38.46
C TRP G 391 -20.25 -8.31 37.25
N ILE G 392 -20.77 -7.19 36.72
CA ILE G 392 -21.62 -7.23 35.53
C ILE G 392 -20.89 -7.93 34.38
N SER G 393 -19.59 -7.68 34.25
CA SER G 393 -18.83 -8.28 33.16
C SER G 393 -18.54 -9.76 33.42
N LEU G 394 -18.47 -10.17 34.69
CA LEU G 394 -18.31 -11.59 35.00
C LEU G 394 -19.60 -12.34 34.71
N ILE G 395 -20.74 -11.79 35.13
CA ILE G 395 -22.02 -12.44 34.89
C ILE G 395 -22.30 -12.50 33.41
N ALA G 396 -22.00 -11.41 32.70
CA ALA G 396 -22.24 -11.36 31.27
C ALA G 396 -21.34 -12.35 30.52
N SER G 397 -20.05 -12.38 30.90
CA SER G 397 -19.13 -13.34 30.28
C SER G 397 -19.58 -14.76 30.58
N ALA G 398 -20.00 -15.02 31.82
CA ALA G 398 -20.42 -16.35 32.21
C ALA G 398 -21.60 -16.83 31.38
N TYR G 399 -22.57 -15.95 31.13
CA TYR G 399 -23.76 -16.34 30.38
C TYR G 399 -23.41 -16.65 28.94
N TRP G 400 -22.47 -15.91 28.36
CA TRP G 400 -22.07 -16.12 26.97
C TRP G 400 -21.59 -17.56 26.77
N PHE G 401 -20.72 -18.04 27.67
CA PHE G 401 -20.22 -19.41 27.54
C PHE G 401 -21.28 -20.42 27.93
N ALA G 402 -22.16 -20.07 28.87
CA ALA G 402 -23.21 -20.99 29.26
C ALA G 402 -24.17 -21.24 28.11
N TYR G 403 -24.48 -20.18 27.34
CA TYR G 403 -25.41 -20.30 26.23
C TYR G 403 -24.94 -21.35 25.22
N PHE G 404 -23.69 -21.27 24.79
CA PHE G 404 -23.19 -22.17 23.75
C PHE G 404 -22.82 -23.54 24.30
N LEU G 405 -22.24 -23.58 25.51
CA LEU G 405 -21.65 -24.80 26.03
C LEU G 405 -22.60 -25.61 26.91
N VAL G 406 -23.65 -25.00 27.44
CA VAL G 406 -24.55 -25.67 28.37
C VAL G 406 -25.99 -25.63 27.87
N ILE G 407 -26.53 -24.44 27.63
CA ILE G 407 -27.93 -24.31 27.26
C ILE G 407 -28.22 -25.02 25.94
N LEU G 408 -27.46 -24.70 24.89
CA LEU G 408 -27.77 -25.24 23.57
C LEU G 408 -27.65 -26.77 23.51
N PRO G 409 -26.60 -27.40 24.05
CA PRO G 409 -26.60 -28.88 24.08
C PRO G 409 -27.77 -29.43 24.87
N ILE G 410 -28.08 -28.81 26.01
CA ILE G 410 -29.16 -29.28 26.87
C ILE G 410 -30.51 -29.03 26.21
N LEU G 411 -30.68 -27.87 25.56
CA LEU G 411 -31.97 -27.51 24.96
C LEU G 411 -32.40 -28.54 23.92
N GLY G 412 -31.47 -29.07 23.14
CA GLY G 412 -31.85 -29.99 22.08
C GLY G 412 -32.33 -31.35 22.57
N ALA G 413 -32.23 -31.63 23.87
CA ALA G 413 -32.63 -32.90 24.46
C ALA G 413 -33.69 -32.71 25.53
N ILE G 414 -34.37 -31.56 25.55
CA ILE G 414 -35.35 -31.23 26.58
C ILE G 414 -36.52 -30.48 25.97
N GLU G 415 -36.24 -29.53 25.07
CA GLU G 415 -37.25 -28.65 24.51
C GLU G 415 -38.33 -29.45 23.77
N LYS G 416 -39.57 -28.94 23.82
CA LYS G 416 -40.68 -29.46 23.04
C LYS G 416 -41.05 -28.44 21.96
N PRO G 417 -40.52 -28.56 20.73
CA PRO G 417 -40.77 -27.52 19.71
C PRO G 417 -42.17 -27.58 19.13
N VAL G 418 -42.60 -26.42 18.59
CA VAL G 418 -43.89 -26.34 17.92
C VAL G 418 -43.73 -26.83 16.48
N ALA G 419 -44.81 -27.36 15.90
CA ALA G 419 -44.76 -27.84 14.53
C ALA G 419 -44.58 -26.67 13.56
N PRO G 420 -43.60 -26.69 12.66
CA PRO G 420 -43.52 -25.63 11.64
C PRO G 420 -44.52 -25.83 10.53
N PRO G 421 -44.67 -24.86 9.63
CA PRO G 421 -45.55 -25.06 8.47
C PRO G 421 -45.07 -26.21 7.62
N ALA G 422 -45.98 -26.73 6.80
CA ALA G 422 -45.61 -27.81 5.89
C ALA G 422 -44.63 -27.34 4.82
N THR G 423 -44.83 -26.12 4.30
CA THR G 423 -44.00 -25.61 3.21
C THR G 423 -43.80 -24.10 3.39
N ILE G 424 -42.87 -23.58 2.59
CA ILE G 424 -42.64 -22.14 2.51
C ILE G 424 -43.87 -21.43 1.95
N GLU G 425 -44.55 -22.06 0.99
CA GLU G 425 -45.75 -21.49 0.38
C GLU G 425 -46.82 -21.19 1.43
N GLU G 426 -47.03 -22.11 2.37
CA GLU G 426 -48.04 -21.91 3.42
C GLU G 426 -47.77 -20.63 4.21
N ASP G 427 -46.51 -20.42 4.62
CA ASP G 427 -46.18 -19.24 5.41
C ASP G 427 -46.37 -17.94 4.63
N PHE G 428 -46.01 -17.93 3.34
CA PHE G 428 -46.11 -16.71 2.55
C PHE G 428 -47.57 -16.28 2.38
N ASN G 429 -48.43 -17.21 1.98
CA ASN G 429 -49.85 -16.90 1.80
C ASN G 429 -50.50 -16.45 3.11
N ALA G 430 -50.05 -16.99 4.24
CA ALA G 430 -50.56 -16.59 5.54
C ALA G 430 -50.10 -15.18 5.89
N ALA H 1 -9.33 9.47 36.70
CA ALA H 1 -9.95 10.70 36.11
C ALA H 1 -11.40 10.40 35.68
N GLY H 2 -12.03 11.37 35.03
CA GLY H 2 -13.42 11.19 34.63
C GLY H 2 -13.89 12.33 33.76
N GLY H 3 -15.20 12.35 33.53
CA GLY H 3 -15.85 13.44 32.83
C GLY H 3 -16.45 14.46 33.80
N GLY H 4 -16.86 15.59 33.23
CA GLY H 4 -17.38 16.68 34.02
C GLY H 4 -18.36 17.58 33.28
N HIS H 5 -18.74 18.68 33.92
CA HIS H 5 -19.74 19.61 33.37
C HIS H 5 -19.09 20.66 32.49
N VAL H 6 -19.69 20.89 31.32
CA VAL H 6 -19.31 21.96 30.41
C VAL H 6 -20.52 22.85 30.22
N GLU H 7 -20.27 24.14 29.99
CA GLU H 7 -21.34 25.09 29.71
C GLU H 7 -21.84 24.90 28.28
N ASP H 8 -23.14 24.62 28.15
CA ASP H 8 -23.75 24.34 26.85
C ASP H 8 -23.93 25.66 26.11
N VAL H 9 -22.93 26.00 25.29
CA VAL H 9 -22.96 27.24 24.51
C VAL H 9 -23.82 27.02 23.26
N PRO H 10 -24.64 28.01 22.82
CA PRO H 10 -25.37 27.85 21.55
C PRO H 10 -24.58 28.40 20.36
N PHE H 11 -23.70 27.58 19.79
CA PHE H 11 -22.91 28.00 18.65
C PHE H 11 -23.72 27.97 17.37
N SER H 12 -23.43 28.94 16.48
CA SER H 12 -24.17 29.05 15.22
C SER H 12 -23.98 27.81 14.35
N PHE H 13 -22.81 27.17 14.43
CA PHE H 13 -22.47 26.06 13.55
C PHE H 13 -23.13 24.75 13.99
N GLU H 14 -23.88 24.74 15.08
CA GLU H 14 -24.52 23.53 15.57
C GLU H 14 -25.86 23.36 14.87
N GLY H 15 -26.31 22.11 14.80
CA GLY H 15 -27.51 21.79 14.07
C GLY H 15 -27.17 21.45 12.63
N PRO H 16 -28.05 20.69 11.96
CA PRO H 16 -27.74 20.29 10.57
C PRO H 16 -27.59 21.47 9.63
N PHE H 17 -28.30 22.57 9.88
CA PHE H 17 -28.22 23.78 9.06
C PHE H 17 -27.28 24.81 9.65
N GLY H 18 -26.49 24.44 10.65
CA GLY H 18 -25.58 25.39 11.27
C GLY H 18 -24.42 25.74 10.35
N THR H 19 -24.00 27.00 10.41
CA THR H 19 -22.89 27.49 9.61
C THR H 19 -22.05 28.44 10.44
N PHE H 20 -20.78 28.57 10.04
CA PHE H 20 -19.88 29.50 10.71
C PHE H 20 -20.29 30.95 10.50
N ASP H 21 -20.10 31.76 11.53
CA ASP H 21 -20.23 33.21 11.45
C ASP H 21 -18.88 33.78 11.07
N GLN H 22 -18.79 34.38 9.88
CA GLN H 22 -17.52 34.82 9.32
C GLN H 22 -16.80 35.79 10.26
N HIS H 23 -17.52 36.78 10.78
CA HIS H 23 -16.90 37.77 11.66
C HIS H 23 -16.43 37.16 12.97
N GLN H 24 -17.18 36.21 13.53
CA GLN H 24 -16.75 35.57 14.77
C GLN H 24 -15.43 34.84 14.56
N LEU H 25 -15.28 34.14 13.44
CA LEU H 25 -14.04 33.42 13.18
C LEU H 25 -12.86 34.37 13.07
N GLN H 26 -13.10 35.56 12.50
CA GLN H 26 -12.04 36.56 12.39
C GLN H 26 -11.65 37.08 13.77
N ARG H 27 -12.64 37.34 14.61
CA ARG H 27 -12.35 37.75 15.99
C ARG H 27 -11.58 36.67 16.73
N GLY H 28 -11.95 35.40 16.55
CA GLY H 28 -11.24 34.32 17.20
C GLY H 28 -9.80 34.20 16.74
N LEU H 29 -9.54 34.49 15.47
CA LEU H 29 -8.18 34.46 14.96
C LEU H 29 -7.34 35.54 15.63
N GLN H 30 -7.94 36.71 15.87
CA GLN H 30 -7.25 37.79 16.55
C GLN H 30 -6.91 37.37 17.98
N VAL H 31 -7.86 36.71 18.66
CA VAL H 31 -7.62 36.22 20.01
C VAL H 31 -6.48 35.21 20.03
N TYR H 32 -6.50 34.25 19.09
CA TYR H 32 -5.43 33.27 19.04
C TYR H 32 -4.09 33.97 18.85
N THR H 33 -4.03 34.93 17.94
CA THR H 33 -2.75 35.57 17.63
C THR H 33 -2.24 36.40 18.81
N GLU H 34 -3.14 37.12 19.48
CA GLU H 34 -2.74 38.04 20.53
C GLU H 34 -2.60 37.39 21.90
N VAL H 35 -3.24 36.24 22.13
CA VAL H 35 -3.24 35.60 23.44
C VAL H 35 -2.71 34.17 23.35
N CYS H 36 -3.43 33.29 22.65
CA CYS H 36 -3.10 31.87 22.68
C CYS H 36 -1.76 31.59 22.00
N ALA H 37 -1.44 32.32 20.94
CA ALA H 37 -0.26 32.02 20.13
C ALA H 37 1.04 32.15 20.92
N ALA H 38 1.03 32.88 22.04
CA ALA H 38 2.23 33.00 22.88
C ALA H 38 2.73 31.64 23.37
N CYS H 39 1.83 30.68 23.55
CA CYS H 39 2.15 29.35 24.06
C CYS H 39 1.73 28.24 23.11
N HIS H 40 0.55 28.36 22.51
CA HIS H 40 -0.01 27.31 21.66
C HIS H 40 0.28 27.55 20.19
N GLY H 41 0.57 26.46 19.48
CA GLY H 41 0.74 26.48 18.04
C GLY H 41 -0.42 25.77 17.38
N MET H 42 -0.44 25.83 16.04
CA MET H 42 -1.40 25.09 15.23
C MET H 42 -0.65 24.53 14.01
N LYS H 43 0.25 23.59 14.26
CA LYS H 43 1.24 23.18 13.25
C LYS H 43 0.62 22.50 12.05
N PHE H 44 -0.65 22.10 12.11
CA PHE H 44 -1.35 21.45 11.01
C PHE H 44 -2.23 22.38 10.20
N VAL H 45 -2.38 23.64 10.59
CA VAL H 45 -3.24 24.60 9.89
C VAL H 45 -2.38 25.39 8.90
N PRO H 46 -2.60 25.28 7.58
CA PRO H 46 -1.90 26.17 6.66
C PRO H 46 -2.42 27.59 6.79
N ILE H 47 -1.48 28.56 6.83
CA ILE H 47 -1.87 29.96 6.98
C ILE H 47 -2.76 30.40 5.82
N ARG H 48 -2.50 29.87 4.62
CA ARG H 48 -3.28 30.22 3.43
C ARG H 48 -4.76 29.89 3.56
N SER H 49 -5.13 28.98 4.48
CA SER H 49 -6.52 28.56 4.62
C SER H 49 -7.41 29.66 5.20
N LEU H 50 -6.85 30.76 5.69
CA LEU H 50 -7.65 31.89 6.13
C LEU H 50 -8.40 32.56 4.97
N SER H 51 -8.01 32.31 3.72
CA SER H 51 -8.69 32.84 2.55
C SER H 51 -9.75 31.89 2.01
N GLU H 52 -9.60 30.59 2.26
CA GLU H 52 -10.47 29.58 1.67
C GLU H 52 -11.94 29.83 2.06
N PRO H 53 -12.89 29.49 1.19
CA PRO H 53 -14.30 29.68 1.54
C PRO H 53 -14.73 28.77 2.67
N GLY H 54 -15.63 29.28 3.52
CA GLY H 54 -16.13 28.54 4.65
C GLY H 54 -15.38 28.78 5.94
N GLY H 55 -14.61 29.87 6.01
CA GLY H 55 -13.83 30.20 7.18
C GLY H 55 -13.86 31.71 7.41
N PRO H 56 -12.79 32.27 8.00
CA PRO H 56 -12.75 33.74 8.16
C PRO H 56 -12.82 34.49 6.84
N GLU H 57 -12.32 33.89 5.77
CA GLU H 57 -12.32 34.45 4.42
C GLU H 57 -11.77 35.87 4.41
N LEU H 58 -10.51 35.98 4.85
CA LEU H 58 -9.80 37.24 4.80
C LEU H 58 -9.22 37.44 3.39
N PRO H 59 -9.14 38.69 2.91
CA PRO H 59 -8.46 38.92 1.63
C PRO H 59 -7.04 38.38 1.64
N GLU H 60 -6.59 37.90 0.48
CA GLU H 60 -5.31 37.21 0.39
C GLU H 60 -4.14 38.13 0.71
N ASP H 61 -4.31 39.44 0.54
CA ASP H 61 -3.24 40.38 0.90
C ASP H 61 -3.12 40.49 2.42
N GLN H 62 -4.26 40.49 3.12
CA GLN H 62 -4.22 40.50 4.58
C GLN H 62 -3.55 39.23 5.11
N VAL H 63 -3.85 38.08 4.51
CA VAL H 63 -3.26 36.82 4.97
C VAL H 63 -1.75 36.84 4.74
N ARG H 64 -1.31 37.44 3.63
CA ARG H 64 0.12 37.54 3.38
C ARG H 64 0.80 38.43 4.42
N ALA H 65 0.14 39.52 4.80
CA ALA H 65 0.70 40.39 5.84
C ALA H 65 0.71 39.68 7.19
N TYR H 66 -0.34 38.90 7.48
CA TYR H 66 -0.40 38.20 8.76
C TYR H 66 0.73 37.18 8.86
N ALA H 67 0.99 36.45 7.79
CA ALA H 67 2.05 35.45 7.79
C ALA H 67 3.42 36.04 8.06
N THR H 68 3.61 37.33 7.79
CA THR H 68 4.92 37.97 7.92
C THR H 68 5.44 37.90 9.37
N GLN H 69 4.54 38.02 10.35
CA GLN H 69 4.96 38.15 11.74
C GLN H 69 5.71 36.92 12.24
N PHE H 70 5.51 35.76 11.61
CA PHE H 70 6.15 34.52 12.02
C PHE H 70 7.53 34.43 11.39
N THR H 71 8.50 33.93 12.16
CA THR H 71 9.84 33.62 11.66
C THR H 71 9.91 32.12 11.39
N VAL H 72 10.00 31.77 10.10
CA VAL H 72 10.00 30.39 9.64
C VAL H 72 11.40 30.04 9.14
N THR H 73 11.83 28.81 9.43
CA THR H 73 13.08 28.28 8.88
C THR H 73 12.80 27.64 7.53
N ASP H 74 13.34 28.24 6.47
CA ASP H 74 13.14 27.71 5.12
C ASP H 74 13.76 26.32 4.99
N GLU H 75 13.05 25.43 4.29
CA GLU H 75 13.49 24.04 4.19
C GLU H 75 14.78 23.90 3.37
N GLU H 76 14.79 24.44 2.15
CA GLU H 76 16.01 24.40 1.34
C GLU H 76 17.12 25.25 1.93
N THR H 77 16.84 26.53 2.16
CA THR H 77 17.88 27.46 2.61
C THR H 77 18.40 27.08 4.00
N GLY H 78 17.50 26.71 4.91
CA GLY H 78 17.84 26.43 6.28
C GLY H 78 18.01 27.66 7.15
N GLU H 79 17.99 28.86 6.57
CA GLU H 79 18.10 30.12 7.29
C GLU H 79 16.71 30.67 7.56
N ASP H 80 16.61 31.50 8.59
CA ASP H 80 15.32 32.04 8.97
C ASP H 80 14.84 33.08 7.95
N ARG H 81 13.52 33.21 7.86
CA ARG H 81 12.90 34.19 6.97
C ARG H 81 11.51 34.51 7.49
N GLU H 82 10.89 35.53 6.89
CA GLU H 82 9.51 35.86 7.21
C GLU H 82 8.56 34.81 6.66
N GLY H 83 7.40 34.68 7.30
CA GLY H 83 6.43 33.67 6.90
C GLY H 83 5.68 34.04 5.64
N LYS H 84 5.28 33.00 4.91
CA LYS H 84 4.43 33.10 3.73
C LYS H 84 3.06 32.47 4.01
N PRO H 85 2.07 32.72 3.15
CA PRO H 85 0.78 32.03 3.33
C PRO H 85 0.87 30.52 3.19
N THR H 86 1.86 30.02 2.45
CA THR H 86 2.00 28.58 2.26
C THR H 86 2.57 27.87 3.48
N ASP H 87 3.06 28.60 4.47
CA ASP H 87 3.54 28.01 5.72
C ASP H 87 2.38 27.69 6.65
N HIS H 88 2.61 26.73 7.53
CA HIS H 88 1.70 26.43 8.62
C HIS H 88 1.95 27.40 9.77
N PHE H 89 0.95 27.51 10.65
CA PHE H 89 1.20 28.20 11.91
C PHE H 89 2.35 27.52 12.64
N PRO H 90 3.09 28.25 13.48
CA PRO H 90 4.24 27.64 14.14
C PRO H 90 3.83 26.59 15.15
N HIS H 91 4.80 25.77 15.53
CA HIS H 91 4.61 24.84 16.65
C HIS H 91 4.41 25.65 17.94
N SER H 92 3.94 24.96 18.97
CA SER H 92 3.77 25.60 20.28
C SER H 92 5.11 26.14 20.77
N ALA H 93 5.11 27.43 21.11
CA ALA H 93 6.30 28.04 21.70
C ALA H 93 6.61 27.44 23.06
N LEU H 94 5.58 27.11 23.83
CA LEU H 94 5.73 26.51 25.14
C LEU H 94 5.64 24.99 24.97
N GLU H 95 6.68 24.28 25.42
CA GLU H 95 6.87 22.88 25.06
C GLU H 95 5.71 22.02 25.52
N ASN H 96 5.15 22.30 26.69
CA ASN H 96 4.05 21.52 27.25
C ASN H 96 2.67 22.13 26.98
N ALA H 97 2.60 23.18 26.13
CA ALA H 97 1.32 23.71 25.70
C ALA H 97 0.85 22.91 24.49
N PRO H 98 -0.24 22.13 24.57
CA PRO H 98 -0.61 21.28 23.44
C PRO H 98 -1.00 22.07 22.21
N ASP H 99 -0.79 21.45 21.05
CA ASP H 99 -1.21 22.01 19.79
C ASP H 99 -2.73 22.07 19.71
N LEU H 100 -3.25 23.20 19.22
CA LEU H 100 -4.69 23.47 19.20
C LEU H 100 -5.33 23.22 17.84
N SER H 101 -4.57 22.70 16.86
CA SER H 101 -5.10 22.45 15.52
C SER H 101 -6.37 21.60 15.56
N LEU H 102 -6.37 20.54 16.37
CA LEU H 102 -7.44 19.56 16.41
C LEU H 102 -8.08 19.46 17.79
N MET H 103 -7.87 20.47 18.63
CA MET H 103 -8.34 20.43 20.01
C MET H 103 -9.86 20.32 20.06
N ALA H 104 -10.55 21.03 19.17
CA ALA H 104 -12.00 21.06 19.18
C ALA H 104 -12.62 19.73 18.79
N LYS H 105 -11.83 18.77 18.29
CA LYS H 105 -12.30 17.42 18.01
C LYS H 105 -11.67 16.39 18.93
N ALA H 106 -10.56 16.71 19.59
CA ALA H 106 -9.85 15.79 20.47
C ALA H 106 -10.35 15.84 21.91
N ARG H 107 -11.43 16.58 22.18
CA ARG H 107 -12.03 16.68 23.50
C ARG H 107 -13.53 16.48 23.37
N ALA H 108 -14.10 15.71 24.29
CA ALA H 108 -15.54 15.54 24.42
C ALA H 108 -16.04 16.21 25.68
N GLY H 109 -17.06 17.06 25.54
CA GLY H 109 -17.65 17.76 26.66
C GLY H 109 -18.90 17.10 27.22
N PHE H 110 -19.57 16.28 26.41
CA PHE H 110 -20.79 15.61 26.82
C PHE H 110 -20.52 14.12 26.97
N HIS H 111 -20.95 13.55 28.09
CA HIS H 111 -20.73 12.14 28.43
C HIS H 111 -22.01 11.52 28.95
N GLY H 112 -21.98 10.20 29.09
CA GLY H 112 -23.06 9.45 29.69
C GLY H 112 -24.30 9.44 28.83
N PRO H 113 -25.47 9.11 29.41
CA PRO H 113 -25.74 8.72 30.81
C PRO H 113 -25.32 7.29 31.12
N MET H 114 -24.66 7.09 32.27
CA MET H 114 -24.14 5.78 32.67
C MET H 114 -23.30 5.15 31.57
N GLY H 115 -22.56 6.00 30.86
CA GLY H 115 -21.72 5.58 29.74
C GLY H 115 -22.49 4.93 28.63
N THR H 116 -23.69 5.41 28.35
CA THR H 116 -24.50 4.94 27.24
C THR H 116 -24.28 5.75 25.96
N GLY H 117 -23.76 6.97 26.08
CA GLY H 117 -23.48 7.80 24.93
C GLY H 117 -24.68 8.50 24.35
N ILE H 118 -25.83 8.45 25.01
CA ILE H 118 -27.04 9.11 24.50
C ILE H 118 -26.86 10.63 24.56
N SER H 119 -26.08 11.13 25.51
CA SER H 119 -25.87 12.57 25.63
C SER H 119 -25.18 13.14 24.40
N GLN H 120 -24.12 12.46 23.93
CA GLN H 120 -23.45 12.92 22.73
C GLN H 120 -24.34 12.80 21.50
N LEU H 121 -25.23 11.81 21.50
CA LEU H 121 -26.10 11.57 20.35
C LEU H 121 -27.01 12.76 20.07
N PHE H 122 -27.37 13.53 21.10
CA PHE H 122 -28.29 14.66 20.97
C PHE H 122 -27.63 16.02 21.07
N ASN H 123 -26.54 16.13 21.84
CA ASN H 123 -25.87 17.41 22.07
C ASN H 123 -24.53 17.55 21.35
N GLY H 124 -24.10 16.51 20.61
CA GLY H 124 -22.81 16.54 19.94
C GLY H 124 -21.67 16.19 20.87
N ILE H 125 -20.46 16.18 20.31
CA ILE H 125 -19.29 15.80 21.08
C ILE H 125 -18.94 16.88 22.11
N GLY H 126 -19.06 18.15 21.74
CA GLY H 126 -18.95 19.23 22.69
C GLY H 126 -17.54 19.77 22.85
N GLY H 127 -16.72 19.70 21.82
CA GLY H 127 -15.37 20.19 21.89
C GLY H 127 -15.27 21.70 22.08
N PRO H 128 -15.93 22.49 21.24
CA PRO H 128 -15.84 23.95 21.46
C PRO H 128 -16.52 24.38 22.74
N GLU H 129 -17.54 23.64 23.18
CA GLU H 129 -18.14 23.88 24.49
C GLU H 129 -17.12 23.63 25.60
N TYR H 130 -16.35 22.56 25.46
CA TYR H 130 -15.32 22.23 26.45
C TYR H 130 -14.28 23.32 26.54
N ILE H 131 -13.74 23.76 25.39
CA ILE H 131 -12.76 24.83 25.37
C ILE H 131 -13.31 26.07 26.06
N TYR H 132 -14.54 26.45 25.74
CA TYR H 132 -15.17 27.59 26.37
C TYR H 132 -15.23 27.41 27.88
N SER H 133 -15.58 26.21 28.33
CA SER H 133 -15.72 25.96 29.77
C SER H 133 -14.39 26.09 30.48
N VAL H 134 -13.30 25.66 29.85
CA VAL H 134 -11.98 25.81 30.47
C VAL H 134 -11.61 27.28 30.58
N LEU H 135 -11.81 28.04 29.50
CA LEU H 135 -11.51 29.47 29.53
C LEU H 135 -12.40 30.21 30.51
N THR H 136 -13.59 29.68 30.79
CA THR H 136 -14.56 30.32 31.68
C THR H 136 -14.38 29.85 33.11
N GLY H 137 -13.89 28.63 33.31
CA GLY H 137 -13.94 27.97 34.60
C GLY H 137 -12.75 28.26 35.50
N PHE H 138 -12.20 29.48 35.43
CA PHE H 138 -11.13 29.90 36.33
C PHE H 138 -11.70 30.77 37.47
N PRO H 139 -11.87 30.25 38.69
CA PRO H 139 -12.36 31.09 39.78
C PRO H 139 -11.23 31.84 40.46
N GLU H 140 -11.58 33.01 41.01
CA GLU H 140 -10.56 33.83 41.67
C GLU H 140 -10.05 33.17 42.95
N GLU H 141 -10.94 32.49 43.72
CA GLU H 141 -10.53 31.76 44.92
C GLU H 141 -10.62 30.24 44.67
N PRO H 142 -9.63 29.43 45.08
CA PRO H 142 -9.80 27.98 44.91
C PRO H 142 -10.76 27.42 45.94
N PRO H 143 -11.15 26.15 45.79
CA PRO H 143 -11.98 25.49 46.81
C PRO H 143 -11.28 25.40 48.16
N LYS H 144 -12.07 25.46 49.24
CA LYS H 144 -11.53 25.56 50.59
C LYS H 144 -10.62 24.39 50.93
N CYS H 145 -10.83 23.22 50.30
CA CYS H 145 -10.03 22.06 50.64
C CYS H 145 -8.57 22.20 50.21
N ALA H 146 -8.24 23.22 49.39
CA ALA H 146 -6.89 23.42 48.89
C ALA H 146 -6.45 24.85 49.14
N GLU H 147 -6.96 25.46 50.23
CA GLU H 147 -6.62 26.85 50.53
C GLU H 147 -5.13 27.03 50.74
N GLY H 148 -4.47 26.02 51.32
CA GLY H 148 -3.04 26.05 51.56
C GLY H 148 -2.34 24.84 50.96
N HIS H 149 -2.82 24.37 49.81
CA HIS H 149 -2.30 23.15 49.20
C HIS H 149 -2.26 23.25 47.68
N GLU H 150 -2.31 24.44 47.12
CA GLU H 150 -2.28 24.57 45.67
C GLU H 150 -0.89 24.20 45.17
N PRO H 151 -0.75 23.29 44.19
CA PRO H 151 0.58 23.04 43.64
C PRO H 151 1.11 24.30 42.98
N ASP H 152 2.40 24.56 43.15
CA ASP H 152 2.98 25.76 42.56
C ASP H 152 3.11 25.56 41.06
N GLY H 153 2.72 26.58 40.31
CA GLY H 153 2.74 26.55 38.87
C GLY H 153 1.50 25.96 38.24
N PHE H 154 0.46 25.68 39.03
CA PHE H 154 -0.79 25.12 38.55
C PHE H 154 -1.94 25.97 39.05
N TYR H 155 -3.10 25.82 38.41
CA TYR H 155 -4.26 26.69 38.66
C TYR H 155 -5.53 25.85 38.61
N TYR H 156 -6.44 26.12 39.55
CA TYR H 156 -7.70 25.39 39.61
C TYR H 156 -8.62 25.79 38.47
N ASN H 157 -9.19 24.79 37.79
CA ASN H 157 -10.17 25.02 36.73
C ASN H 157 -11.39 24.13 36.93
N ARG H 158 -12.58 24.73 36.81
CA ARG H 158 -13.83 24.01 37.08
C ARG H 158 -14.05 22.86 36.10
N ALA H 159 -13.70 23.08 34.82
CA ALA H 159 -14.05 22.14 33.77
C ALA H 159 -12.94 21.13 33.49
N PHE H 160 -11.69 21.47 33.80
CA PHE H 160 -10.57 20.58 33.55
C PHE H 160 -10.65 19.38 34.49
N GLN H 161 -10.63 18.18 33.91
CA GLN H 161 -10.84 16.93 34.64
C GLN H 161 -9.60 16.05 34.72
N ASN H 162 -8.55 16.34 33.96
CA ASN H 162 -7.38 15.49 33.87
C ASN H 162 -6.22 15.97 34.73
N GLY H 163 -6.45 16.98 35.59
CA GLY H 163 -5.39 17.53 36.42
C GLY H 163 -5.25 16.84 37.76
N SER H 164 -4.14 17.14 38.43
CA SER H 164 -3.90 16.64 39.77
C SER H 164 -4.80 17.37 40.77
N VAL H 165 -4.92 16.80 41.97
CA VAL H 165 -5.77 17.37 43.01
C VAL H 165 -5.13 17.12 44.37
N PRO H 166 -5.03 18.11 45.27
CA PRO H 166 -4.45 17.87 46.60
C PRO H 166 -5.09 16.74 47.38
N ASP H 167 -4.30 16.13 48.27
CA ASP H 167 -4.78 15.04 49.11
C ASP H 167 -5.97 15.45 49.96
N THR H 168 -6.03 16.72 50.38
CA THR H 168 -7.14 17.20 51.21
C THR H 168 -8.43 17.39 50.42
N CYS H 169 -8.40 17.20 49.10
CA CYS H 169 -9.53 17.38 48.21
C CYS H 169 -10.03 16.04 47.68
N LYS H 170 -9.61 14.93 48.28
CA LYS H 170 -10.03 13.58 47.93
C LYS H 170 -10.85 12.99 49.07
N ASP H 171 -11.78 12.12 48.72
CA ASP H 171 -12.61 11.46 49.72
C ASP H 171 -11.85 10.28 50.31
N ALA H 172 -12.54 9.48 51.13
CA ALA H 172 -11.91 8.34 51.81
C ALA H 172 -11.39 7.28 50.85
N ASN H 173 -11.93 7.22 49.63
CA ASN H 173 -11.47 6.31 48.59
C ASN H 173 -10.51 6.98 47.60
N GLY H 174 -10.12 8.23 47.83
CA GLY H 174 -9.16 8.88 46.98
C GLY H 174 -9.74 9.55 45.75
N VAL H 175 -11.07 9.57 45.61
CA VAL H 175 -11.73 10.23 44.49
C VAL H 175 -11.87 11.71 44.79
N LYS H 176 -11.64 12.53 43.78
CA LYS H 176 -11.57 13.98 43.98
C LYS H 176 -12.94 14.55 44.33
N THR H 177 -12.95 15.55 45.20
CA THR H 177 -14.18 16.20 45.63
C THR H 177 -14.58 17.33 44.68
N THR H 178 -13.61 18.01 44.09
CA THR H 178 -13.87 19.18 43.27
C THR H 178 -14.51 18.82 41.95
N ALA H 179 -15.31 19.76 41.43
CA ALA H 179 -15.95 19.58 40.13
C ALA H 179 -14.92 19.40 39.03
N GLY H 180 -13.80 20.11 39.14
CA GLY H 180 -12.72 20.05 38.17
C GLY H 180 -11.41 19.66 38.82
N SER H 181 -10.31 20.22 38.34
CA SER H 181 -9.00 19.90 38.89
C SER H 181 -8.04 21.03 38.49
N TRP H 182 -6.76 20.85 38.79
CA TRP H 182 -5.77 21.90 38.63
C TRP H 182 -5.04 21.77 37.31
N ILE H 183 -5.06 22.85 36.53
CA ILE H 183 -4.54 22.88 35.16
C ILE H 183 -3.28 23.74 35.17
N ALA H 184 -2.33 23.38 34.31
CA ALA H 184 -1.07 24.12 34.24
C ALA H 184 -1.17 25.41 33.43
N MET H 185 -2.31 25.68 32.80
CA MET H 185 -2.50 26.90 32.03
C MET H 185 -2.93 28.04 32.94
N PRO H 186 -2.16 29.13 33.06
CA PRO H 186 -2.67 30.29 33.81
C PRO H 186 -3.84 30.91 33.08
N PRO H 187 -4.75 31.60 33.80
CA PRO H 187 -5.91 32.22 33.14
C PRO H 187 -5.48 33.12 31.99
N PRO H 188 -5.77 32.74 30.73
CA PRO H 188 -5.24 33.51 29.60
C PRO H 188 -6.01 34.77 29.29
N LEU H 189 -7.29 34.81 29.64
CA LEU H 189 -8.16 35.90 29.25
C LEU H 189 -8.37 36.87 30.41
N MET H 190 -8.90 38.04 30.08
CA MET H 190 -9.21 39.11 31.02
C MET H 190 -9.96 40.18 30.23
N ASP H 191 -10.93 40.82 30.88
CA ASP H 191 -11.84 41.77 30.23
C ASP H 191 -11.09 42.80 29.39
N ASP H 192 -11.46 42.87 28.11
CA ASP H 192 -10.92 43.84 27.16
C ASP H 192 -9.41 43.67 27.00
N LEU H 193 -8.96 42.42 27.02
CA LEU H 193 -7.55 42.12 26.73
C LEU H 193 -7.26 42.26 25.24
N VAL H 194 -8.27 42.12 24.39
CA VAL H 194 -8.14 42.24 22.95
C VAL H 194 -9.00 43.42 22.48
N GLU H 195 -8.48 44.17 21.51
CA GLU H 195 -9.16 45.34 20.94
C GLU H 195 -9.66 44.93 19.55
N TYR H 196 -10.92 44.51 19.48
CA TYR H 196 -11.53 44.16 18.20
C TYR H 196 -11.71 45.41 17.35
N ALA H 197 -11.45 45.26 16.04
CA ALA H 197 -11.47 46.41 15.15
C ALA H 197 -12.89 46.96 14.99
N ASP H 198 -13.89 46.09 14.86
CA ASP H 198 -15.27 46.51 14.66
C ASP H 198 -15.95 46.97 15.94
N GLY H 199 -15.24 47.01 17.07
CA GLY H 199 -15.77 47.45 18.34
C GLY H 199 -16.57 46.40 19.09
N HIS H 200 -16.53 45.15 18.63
CA HIS H 200 -17.20 44.05 19.31
C HIS H 200 -16.68 43.94 20.75
N ASP H 201 -17.56 43.54 21.66
CA ASP H 201 -17.19 43.51 23.07
C ASP H 201 -16.18 42.38 23.29
N ALA H 202 -15.22 42.62 24.16
CA ALA H 202 -14.13 41.68 24.41
C ALA H 202 -14.12 41.22 25.87
N SER H 203 -15.31 40.98 26.42
CA SER H 203 -15.41 40.38 27.74
C SER H 203 -14.85 38.96 27.66
N VAL H 204 -14.52 38.39 28.83
CA VAL H 204 -14.02 37.02 28.85
C VAL H 204 -15.05 36.07 28.25
N HIS H 205 -16.34 36.34 28.46
CA HIS H 205 -17.40 35.51 27.89
C HIS H 205 -17.33 35.55 26.36
N ALA H 206 -17.30 36.75 25.80
CA ALA H 206 -17.34 36.92 24.35
C ALA H 206 -16.08 36.34 23.70
N MET H 207 -14.91 36.68 24.24
CA MET H 207 -13.66 36.18 23.68
C MET H 207 -13.57 34.66 23.76
N ALA H 208 -14.09 34.07 24.84
CA ALA H 208 -14.02 32.62 24.98
C ALA H 208 -14.90 31.93 23.94
N GLU H 209 -16.07 32.51 23.65
CA GLU H 209 -16.95 31.93 22.65
C GLU H 209 -16.39 32.15 21.24
N ASP H 210 -15.83 33.33 21.00
CA ASP H 210 -15.28 33.65 19.68
C ASP H 210 -14.12 32.73 19.33
N VAL H 211 -13.18 32.56 20.25
CA VAL H 211 -11.99 31.76 19.99
C VAL H 211 -12.34 30.27 19.96
N SER H 212 -13.40 29.87 20.66
CA SER H 212 -13.84 28.48 20.59
C SER H 212 -14.39 28.18 19.20
N ALA H 213 -15.07 29.16 18.59
CA ALA H 213 -15.55 28.97 17.23
C ALA H 213 -14.39 28.90 16.25
N PHE H 214 -13.39 29.76 16.44
CA PHE H 214 -12.21 29.74 15.57
C PHE H 214 -11.48 28.40 15.67
N LEU H 215 -11.36 27.85 16.89
CA LEU H 215 -10.65 26.59 17.05
C LEU H 215 -11.48 25.43 16.54
N MET H 216 -12.81 25.60 16.43
CA MET H 216 -13.64 24.59 15.79
C MET H 216 -13.42 24.59 14.30
N TRP H 217 -13.29 25.78 13.70
CA TRP H 217 -13.01 25.88 12.28
C TRP H 217 -11.61 25.34 11.98
N ALA H 218 -10.63 25.65 12.83
CA ALA H 218 -9.27 25.18 12.60
C ALA H 218 -9.20 23.66 12.63
N ALA H 219 -10.06 23.02 13.42
CA ALA H 219 -10.09 21.57 13.50
C ALA H 219 -10.90 20.97 12.36
N GLU H 220 -12.01 21.61 11.99
CA GLU H 220 -12.90 21.16 10.92
C GLU H 220 -13.14 22.30 9.94
N PRO H 221 -12.11 22.67 9.17
CA PRO H 221 -12.29 23.78 8.21
C PRO H 221 -13.31 23.49 7.14
N LYS H 222 -13.54 22.21 6.82
CA LYS H 222 -14.46 21.79 5.78
C LYS H 222 -15.83 21.43 6.34
N LEU H 223 -16.17 21.95 7.51
CA LEU H 223 -17.43 21.62 8.18
C LEU H 223 -18.62 21.92 7.28
N MET H 224 -18.67 23.14 6.73
CA MET H 224 -19.81 23.52 5.90
C MET H 224 -19.88 22.67 4.63
N ALA H 225 -18.74 22.40 4.02
CA ALA H 225 -18.73 21.54 2.83
C ALA H 225 -19.21 20.14 3.17
N ARG H 226 -18.84 19.64 4.35
CA ARG H 226 -19.23 18.30 4.77
C ARG H 226 -20.74 18.19 4.91
N LYS H 227 -21.38 19.20 5.48
CA LYS H 227 -22.83 19.18 5.66
C LYS H 227 -23.56 19.30 4.32
N GLN H 228 -23.09 20.22 3.47
CA GLN H 228 -23.64 20.33 2.11
C GLN H 228 -23.65 18.97 1.42
N ALA H 229 -22.53 18.25 1.54
CA ALA H 229 -22.46 16.91 0.97
C ALA H 229 -23.47 15.98 1.64
N GLY H 230 -23.65 16.14 2.95
CA GLY H 230 -24.61 15.31 3.67
C GLY H 230 -26.02 15.51 3.17
N PHE H 231 -26.45 16.77 3.06
CA PHE H 231 -27.77 17.08 2.51
C PHE H 231 -27.97 16.44 1.15
N THR H 232 -27.01 16.64 0.24
CA THR H 232 -27.11 16.11 -1.12
C THR H 232 -27.27 14.59 -1.10
N ALA H 233 -26.39 13.90 -0.37
CA ALA H 233 -26.47 12.44 -0.31
C ALA H 233 -27.79 12.00 0.29
N VAL H 234 -28.26 12.72 1.30
CA VAL H 234 -29.50 12.36 1.97
C VAL H 234 -30.69 12.62 1.05
N MET H 235 -30.67 13.74 0.32
CA MET H 235 -31.76 14.03 -0.60
C MET H 235 -31.77 13.05 -1.77
N PHE H 236 -30.59 12.75 -2.33
CA PHE H 236 -30.49 11.71 -3.36
C PHE H 236 -31.11 10.43 -2.84
N LEU H 237 -30.63 9.96 -1.69
CA LEU H 237 -31.07 8.67 -1.18
C LEU H 237 -32.51 8.72 -0.69
N THR H 238 -33.00 9.90 -0.30
CA THR H 238 -34.41 10.01 0.04
C THR H 238 -35.26 9.78 -1.20
N VAL H 239 -34.97 10.52 -2.26
CA VAL H 239 -35.67 10.34 -3.53
C VAL H 239 -35.51 8.91 -4.02
N LEU H 240 -34.28 8.41 -3.99
CA LEU H 240 -34.01 7.07 -4.50
C LEU H 240 -34.74 6.02 -3.67
N SER H 241 -34.83 6.24 -2.35
CA SER H 241 -35.51 5.29 -1.49
C SER H 241 -37.01 5.26 -1.79
N VAL H 242 -37.60 6.45 -1.97
CA VAL H 242 -39.02 6.53 -2.31
C VAL H 242 -39.29 5.84 -3.65
N LEU H 243 -38.48 6.16 -4.66
CA LEU H 243 -38.64 5.54 -5.97
C LEU H 243 -38.45 4.04 -5.90
N LEU H 244 -37.49 3.59 -5.08
CA LEU H 244 -37.24 2.16 -4.94
C LEU H 244 -38.37 1.48 -4.17
N TYR H 245 -39.06 2.21 -3.30
CA TYR H 245 -40.18 1.64 -2.57
C TYR H 245 -41.36 1.37 -3.50
N LEU H 246 -41.74 2.37 -4.31
CA LEU H 246 -42.85 2.20 -5.24
C LEU H 246 -42.57 1.09 -6.24
N THR H 247 -41.34 1.02 -6.75
CA THR H 247 -40.98 -0.06 -7.65
C THR H 247 -41.12 -1.41 -6.95
N ASN H 248 -40.61 -1.52 -5.73
CA ASN H 248 -40.69 -2.77 -4.99
C ASN H 248 -42.13 -3.16 -4.68
N LYS H 249 -42.97 -2.17 -4.36
CA LYS H 249 -44.35 -2.47 -3.99
C LYS H 249 -45.14 -2.95 -5.21
N ARG H 250 -45.05 -2.20 -6.31
CA ARG H 250 -45.79 -2.54 -7.52
C ARG H 250 -45.33 -3.83 -8.15
N LEU H 251 -44.14 -4.33 -7.78
CA LEU H 251 -43.63 -5.58 -8.34
C LEU H 251 -44.27 -6.77 -7.62
N TRP H 252 -44.21 -6.77 -6.28
CA TRP H 252 -44.75 -7.86 -5.50
C TRP H 252 -46.27 -7.91 -5.51
N ALA H 253 -46.94 -6.91 -6.10
CA ALA H 253 -48.40 -6.92 -6.21
C ALA H 253 -48.87 -8.12 -7.02
N GLY H 254 -48.12 -8.49 -8.05
CA GLY H 254 -48.43 -9.64 -8.88
C GLY H 254 -47.90 -10.95 -8.34
N VAL H 255 -47.89 -11.09 -7.01
CA VAL H 255 -47.38 -12.27 -6.32
C VAL H 255 -48.28 -12.55 -5.11
N LYS H 256 -48.65 -11.50 -4.38
CA LYS H 256 -49.49 -11.60 -3.19
C LYS H 256 -50.73 -10.73 -3.35
N GLY I 9 -50.07 0.23 -19.32
CA GLY I 9 -49.41 0.94 -20.40
C GLY I 9 -48.04 1.47 -20.02
N THR I 10 -47.82 2.75 -20.28
CA THR I 10 -46.55 3.41 -20.02
C THR I 10 -46.47 4.01 -18.60
N ARG I 11 -47.31 3.52 -17.67
CA ARG I 11 -47.29 4.04 -16.31
C ARG I 11 -46.21 3.37 -15.48
N ARG I 12 -46.09 2.04 -15.60
CA ARG I 12 -45.02 1.28 -14.95
C ARG I 12 -43.70 1.32 -15.71
N ASP I 13 -43.69 1.72 -16.98
CA ASP I 13 -42.44 1.88 -17.70
C ASP I 13 -41.68 3.12 -17.27
N PHE I 14 -42.37 4.21 -16.91
CA PHE I 14 -41.65 5.39 -16.44
C PHE I 14 -41.04 5.17 -15.07
N LEU I 15 -41.70 4.40 -14.20
CA LEU I 15 -41.15 4.15 -12.88
C LEU I 15 -39.83 3.38 -12.98
N TYR I 16 -39.81 2.34 -13.81
CA TYR I 16 -38.61 1.52 -13.97
C TYR I 16 -37.46 2.30 -14.60
N TYR I 17 -37.76 3.37 -15.35
CA TYR I 17 -36.71 4.27 -15.85
C TYR I 17 -36.24 5.21 -14.74
N ALA I 18 -37.18 5.85 -14.04
CA ALA I 18 -36.82 6.82 -13.01
C ALA I 18 -36.01 6.15 -11.89
N THR I 19 -36.37 4.94 -11.51
CA THR I 19 -35.60 4.24 -10.48
C THR I 19 -34.18 3.97 -10.97
N ALA I 20 -34.07 3.40 -12.17
CA ALA I 20 -32.76 3.09 -12.74
C ALA I 20 -31.98 4.38 -13.03
N GLY I 21 -32.68 5.41 -13.50
CA GLY I 21 -32.03 6.68 -13.78
C GLY I 21 -31.46 7.33 -12.53
N ALA I 22 -32.21 7.26 -11.43
CA ALA I 22 -31.70 7.82 -10.17
C ALA I 22 -30.48 7.04 -9.69
N GLY I 23 -30.51 5.71 -9.84
CA GLY I 23 -29.37 4.91 -9.43
C GLY I 23 -28.13 5.24 -10.23
N ALA I 24 -28.30 5.50 -11.53
CA ALA I 24 -27.17 5.85 -12.39
C ALA I 24 -26.56 7.18 -11.95
N VAL I 25 -27.40 8.18 -11.69
CA VAL I 25 -26.92 9.48 -11.23
C VAL I 25 -26.17 9.32 -9.91
N ALA I 26 -26.76 8.58 -8.97
CA ALA I 26 -26.13 8.37 -7.67
C ALA I 26 -24.76 7.72 -7.82
N THR I 27 -24.64 6.75 -8.74
CA THR I 27 -23.36 6.11 -8.99
C THR I 27 -22.36 7.12 -9.52
N GLY I 28 -22.79 7.91 -10.52
CA GLY I 28 -21.90 8.91 -11.11
C GLY I 28 -21.41 9.91 -10.07
N ALA I 29 -22.30 10.31 -9.16
CA ALA I 29 -21.93 11.25 -8.11
C ALA I 29 -20.90 10.66 -7.16
N ALA I 30 -20.83 9.34 -7.07
CA ALA I 30 -19.89 8.62 -6.20
C ALA I 30 -18.55 8.41 -6.88
N VAL I 31 -18.53 8.29 -8.20
CA VAL I 31 -17.31 7.98 -8.91
C VAL I 31 -16.47 9.24 -9.11
N TRP I 32 -17.12 10.37 -9.38
CA TRP I 32 -16.38 11.62 -9.61
C TRP I 32 -15.44 11.99 -8.47
N PRO I 33 -15.85 11.99 -7.19
CA PRO I 33 -14.88 12.35 -6.13
C PRO I 33 -13.75 11.36 -6.01
N LEU I 34 -13.93 10.12 -6.47
CA LEU I 34 -12.84 9.16 -6.48
C LEU I 34 -11.82 9.51 -7.55
N ILE I 35 -12.27 10.19 -8.60
CA ILE I 35 -11.38 10.66 -9.66
C ILE I 35 -10.77 12.00 -9.29
N ASN I 36 -11.58 12.93 -8.78
CA ASN I 36 -11.15 14.30 -8.57
C ASN I 36 -10.14 14.45 -7.43
N GLN I 37 -10.05 13.46 -6.53
CA GLN I 37 -9.07 13.52 -5.45
C GLN I 37 -7.64 13.45 -5.96
N MET I 38 -7.44 12.97 -7.18
CA MET I 38 -6.11 12.87 -7.77
C MET I 38 -5.70 14.17 -8.46
N ASN I 39 -6.65 15.07 -8.70
CA ASN I 39 -6.35 16.38 -9.24
C ASN I 39 -5.62 17.22 -8.19
N PRO I 40 -4.89 18.27 -8.60
CA PRO I 40 -4.05 19.03 -7.67
C PRO I 40 -4.78 19.49 -6.42
N SER I 41 -4.17 19.19 -5.27
CA SER I 41 -4.72 19.57 -3.98
C SER I 41 -4.44 21.05 -3.71
N ALA I 42 -5.04 21.56 -2.61
CA ALA I 42 -5.02 22.99 -2.37
C ALA I 42 -3.61 23.50 -2.12
N ASP I 43 -2.74 22.67 -1.53
CA ASP I 43 -1.37 23.10 -1.30
C ASP I 43 -0.61 23.26 -2.61
N VAL I 44 -0.93 22.41 -3.59
CA VAL I 44 -0.26 22.47 -4.89
C VAL I 44 -0.74 23.67 -5.70
N GLN I 45 -2.06 23.91 -5.74
CA GLN I 45 -2.58 25.02 -6.54
C GLN I 45 -2.12 26.39 -6.04
N ALA I 46 -1.62 26.50 -4.81
CA ALA I 46 -1.20 27.78 -4.25
C ALA I 46 0.18 28.17 -4.79
N LEU I 47 0.26 28.31 -6.12
CA LEU I 47 1.55 28.61 -6.75
C LEU I 47 2.16 29.91 -6.23
N ALA I 48 3.50 29.89 -6.13
CA ALA I 48 4.27 30.92 -5.46
C ALA I 48 5.39 31.40 -6.38
N SER I 49 5.89 32.60 -6.12
CA SER I 49 6.92 33.21 -6.96
C SER I 49 8.23 33.14 -6.18
N ILE I 50 9.34 33.31 -6.89
CA ILE I 50 10.67 33.26 -6.27
C ILE I 50 11.59 34.31 -6.88
N PHE I 51 12.72 34.51 -6.22
CA PHE I 51 13.74 35.47 -6.61
C PHE I 51 15.04 34.68 -6.69
N VAL I 52 15.82 34.97 -7.72
CA VAL I 52 17.04 34.22 -8.02
C VAL I 52 18.21 35.19 -8.02
N ASP I 53 19.24 34.89 -7.22
CA ASP I 53 20.46 35.68 -7.23
C ASP I 53 21.28 35.30 -8.45
N VAL I 54 21.76 36.31 -9.17
CA VAL I 54 22.33 36.12 -10.49
C VAL I 54 23.73 36.73 -10.58
N SER I 55 24.17 37.43 -9.51
CA SER I 55 25.47 38.08 -9.50
C SER I 55 26.63 37.13 -9.76
N SER I 56 26.46 35.83 -9.52
CA SER I 56 27.55 34.87 -9.61
C SER I 56 27.67 34.21 -10.98
N VAL I 57 26.84 34.58 -11.95
CA VAL I 57 26.78 33.90 -13.24
C VAL I 57 27.68 34.62 -14.23
N GLU I 58 28.78 33.96 -14.64
CA GLU I 58 29.67 34.44 -15.68
C GLU I 58 29.16 33.97 -17.04
N PRO I 59 29.58 34.60 -18.14
CA PRO I 59 29.17 34.08 -19.46
C PRO I 59 29.65 32.66 -19.69
N GLY I 60 28.77 31.86 -20.31
CA GLY I 60 29.02 30.46 -20.57
C GLY I 60 28.56 29.52 -19.47
N VAL I 61 27.93 30.05 -18.42
CA VAL I 61 27.42 29.26 -17.30
C VAL I 61 25.91 29.23 -17.38
N GLN I 62 25.32 28.06 -17.17
CA GLN I 62 23.87 27.90 -17.04
C GLN I 62 23.55 27.62 -15.58
N LEU I 63 22.68 28.45 -15.01
CA LEU I 63 22.13 28.24 -13.69
C LEU I 63 20.78 27.56 -13.82
N THR I 64 20.60 26.46 -13.08
CA THR I 64 19.36 25.69 -13.10
C THR I 64 18.70 25.81 -11.73
N VAL I 65 17.46 26.27 -11.72
CA VAL I 65 16.76 26.68 -10.51
C VAL I 65 15.38 26.01 -10.54
N LYS I 66 14.90 25.62 -9.37
CA LYS I 66 13.63 24.94 -9.25
C LYS I 66 12.52 25.98 -9.05
N PHE I 67 11.44 25.83 -9.80
CA PHE I 67 10.31 26.75 -9.74
C PHE I 67 9.02 26.03 -10.08
N LEU I 68 8.11 25.99 -9.11
CA LEU I 68 6.86 25.24 -9.24
C LEU I 68 7.14 23.76 -9.53
N GLY I 69 8.16 23.22 -8.88
CA GLY I 69 8.45 21.80 -9.00
C GLY I 69 9.08 21.39 -10.32
N CYS I 70 9.69 22.33 -11.05
CA CYS I 70 10.27 22.02 -12.35
C CYS I 70 11.48 22.92 -12.57
N PRO I 71 12.39 22.54 -13.48
CA PRO I 71 13.61 23.34 -13.65
C PRO I 71 13.41 24.56 -14.52
N ILE I 72 14.06 25.66 -14.13
CA ILE I 72 14.18 26.86 -14.94
C ILE I 72 15.66 27.11 -15.21
N PHE I 73 16.00 27.31 -16.49
CA PHE I 73 17.37 27.58 -16.91
C PHE I 73 17.60 29.08 -16.98
N ILE I 74 18.67 29.56 -16.34
CA ILE I 74 19.12 30.94 -16.48
C ILE I 74 20.56 30.84 -16.99
N ARG I 75 20.74 31.03 -18.30
CA ARG I 75 22.03 30.97 -18.95
C ARG I 75 22.49 32.34 -19.40
N ARG I 76 23.69 32.74 -18.99
CA ARG I 76 24.35 33.93 -19.53
C ARG I 76 25.12 33.48 -20.77
N ARG I 77 24.58 33.81 -21.94
CA ARG I 77 25.08 33.27 -23.19
C ARG I 77 26.39 33.93 -23.60
N THR I 78 27.26 33.14 -24.23
CA THR I 78 28.54 33.62 -24.77
C THR I 78 28.33 34.33 -26.10
N GLU I 79 29.44 34.88 -26.62
CA GLU I 79 29.41 35.53 -27.94
C GLU I 79 29.03 34.55 -29.03
N ALA I 80 29.61 33.35 -29.01
CA ALA I 80 29.29 32.33 -30.01
C ALA I 80 27.81 31.98 -29.98
N ASP I 81 27.26 31.74 -28.78
CA ASP I 81 25.84 31.46 -28.62
C ASP I 81 24.97 32.54 -29.26
N ILE I 82 25.32 33.81 -29.02
CA ILE I 82 24.50 34.92 -29.50
C ILE I 82 24.58 35.03 -31.02
N GLU I 83 25.80 34.93 -31.57
CA GLU I 83 25.98 34.99 -33.01
C GLU I 83 25.21 33.87 -33.71
N LEU I 84 25.37 32.64 -33.23
CA LEU I 84 24.63 31.50 -33.78
C LEU I 84 23.12 31.72 -33.70
N GLY I 85 22.64 32.24 -32.57
CA GLY I 85 21.21 32.42 -32.40
C GLY I 85 20.62 33.42 -33.38
N ARG I 86 21.34 34.52 -33.63
CA ARG I 86 20.84 35.57 -34.52
C ARG I 86 20.98 35.19 -35.99
N SER I 87 21.81 34.20 -36.33
CA SER I 87 22.05 33.80 -37.71
C SER I 87 20.93 32.92 -38.26
N VAL I 88 20.08 32.36 -37.40
CA VAL I 88 19.01 31.50 -37.85
C VAL I 88 17.89 32.35 -38.45
N GLN I 89 17.47 31.99 -39.66
CA GLN I 89 16.33 32.62 -40.30
C GLN I 89 15.02 31.99 -39.85
N LEU I 90 13.97 32.79 -39.82
CA LEU I 90 12.66 32.36 -39.34
C LEU I 90 12.19 31.10 -40.06
N GLY I 91 12.37 31.05 -41.38
CA GLY I 91 11.91 29.91 -42.16
C GLY I 91 12.68 28.62 -41.89
N GLN I 92 13.75 28.66 -41.11
CA GLN I 92 14.52 27.49 -40.76
C GLN I 92 14.10 26.86 -39.44
N LEU I 93 13.14 27.47 -38.73
CA LEU I 93 12.75 26.98 -37.41
C LEU I 93 11.55 26.04 -37.54
N VAL I 94 11.55 24.99 -36.70
CA VAL I 94 10.39 24.11 -36.60
C VAL I 94 9.18 24.88 -36.07
N ASP I 95 9.39 25.64 -35.00
CA ASP I 95 8.34 26.42 -34.35
C ASP I 95 8.72 27.90 -34.35
N THR I 96 7.92 28.72 -35.03
CA THR I 96 8.23 30.12 -35.25
C THR I 96 7.59 31.05 -34.22
N ASN I 97 6.90 30.52 -33.22
CA ASN I 97 6.31 31.32 -32.15
C ASN I 97 7.33 31.49 -31.03
N ALA I 98 7.36 32.68 -30.43
CA ALA I 98 8.34 32.97 -29.40
C ALA I 98 8.08 32.18 -28.11
N ARG I 99 6.84 31.78 -27.86
CA ARG I 99 6.45 31.08 -26.63
C ARG I 99 6.93 31.87 -25.40
N ASN I 100 6.65 33.17 -25.39
CA ASN I 100 7.18 34.09 -24.40
C ASN I 100 6.02 34.77 -23.66
N ALA I 101 5.91 34.47 -22.36
CA ALA I 101 4.83 35.01 -21.55
C ALA I 101 4.96 36.51 -21.32
N ASN I 102 6.15 37.08 -21.54
CA ASN I 102 6.40 38.48 -21.22
C ASN I 102 5.97 39.44 -22.33
N ILE I 103 5.72 38.95 -23.54
CA ILE I 103 5.34 39.75 -24.67
C ILE I 103 4.13 39.11 -25.33
N ASP I 104 3.70 39.66 -26.47
CA ASP I 104 2.52 39.18 -27.17
C ASP I 104 2.63 37.70 -27.49
N ALA I 105 1.46 37.02 -27.47
CA ALA I 105 1.42 35.58 -27.69
C ALA I 105 1.76 35.23 -29.14
N GLY I 106 1.54 36.16 -30.07
CA GLY I 106 1.79 35.94 -31.47
C GLY I 106 3.17 36.34 -31.94
N ALA I 107 4.03 36.79 -31.02
CA ALA I 107 5.38 37.24 -31.37
C ALA I 107 6.17 36.12 -32.05
N GLU I 108 7.05 36.52 -32.96
CA GLU I 108 7.84 35.58 -33.75
C GLU I 108 9.06 35.13 -32.94
N ALA I 109 9.55 33.94 -33.28
CA ALA I 109 10.65 33.30 -32.56
C ALA I 109 12.03 33.82 -32.94
N THR I 110 12.17 35.13 -33.14
CA THR I 110 13.48 35.71 -33.32
C THR I 110 14.28 35.64 -32.02
N ASP I 111 15.61 35.60 -32.15
CA ASP I 111 16.49 35.51 -30.98
C ASP I 111 16.24 36.66 -30.01
N GLN I 112 15.87 37.83 -30.52
CA GLN I 112 15.60 38.98 -29.68
C GLN I 112 14.38 38.76 -28.80
N ASN I 113 13.34 38.11 -29.33
CA ASN I 113 12.11 37.87 -28.58
C ASN I 113 12.21 36.65 -27.66
N ARG I 114 13.42 36.08 -27.48
CA ARG I 114 13.64 34.90 -26.66
C ARG I 114 14.47 35.21 -25.41
N THR I 115 14.91 36.46 -25.23
CA THR I 115 15.73 36.89 -24.10
C THR I 115 15.04 38.02 -23.36
N LEU I 116 15.44 38.20 -22.10
CA LEU I 116 14.84 39.25 -21.26
C LEU I 116 15.38 40.63 -21.61
N ASP I 117 16.65 40.74 -21.99
CA ASP I 117 17.31 42.01 -22.28
C ASP I 117 17.49 42.20 -23.78
N GLU I 118 17.75 43.45 -24.17
CA GLU I 118 17.94 43.77 -25.58
C GLU I 118 19.26 43.23 -26.10
N ALA I 119 20.30 43.20 -25.26
CA ALA I 119 21.59 42.66 -25.67
C ALA I 119 21.54 41.15 -25.89
N GLY I 120 20.51 40.48 -25.37
CA GLY I 120 20.35 39.05 -25.59
C GLY I 120 21.31 38.18 -24.80
N GLU I 121 21.81 38.69 -23.68
CA GLU I 121 22.78 37.95 -22.87
C GLU I 121 22.10 36.96 -21.94
N TRP I 122 20.89 37.28 -21.47
CA TRP I 122 20.21 36.52 -20.44
C TRP I 122 19.06 35.73 -21.05
N LEU I 123 19.28 34.42 -21.21
CA LEU I 123 18.28 33.50 -21.73
C LEU I 123 17.64 32.78 -20.54
N VAL I 124 16.39 33.11 -20.26
CA VAL I 124 15.62 32.49 -19.18
C VAL I 124 14.47 31.72 -19.80
N MET I 125 14.40 30.42 -19.51
CA MET I 125 13.36 29.58 -20.08
C MET I 125 13.16 28.35 -19.22
N TRP I 126 11.99 27.72 -19.37
CA TRP I 126 11.73 26.43 -18.74
C TRP I 126 12.65 25.36 -19.30
N GLY I 127 13.41 24.71 -18.42
CA GLY I 127 14.24 23.60 -18.84
C GLY I 127 13.46 22.32 -18.92
N VAL I 128 12.33 22.31 -19.64
CA VAL I 128 11.43 21.17 -19.72
C VAL I 128 11.15 20.90 -21.19
N CYS I 129 11.76 19.84 -21.73
CA CYS I 129 11.57 19.43 -23.12
C CYS I 129 10.09 19.29 -23.47
N THR I 130 9.70 19.87 -24.60
CA THR I 130 8.30 19.91 -24.98
C THR I 130 7.80 18.60 -25.59
N HIS I 131 8.67 17.60 -25.80
CA HIS I 131 8.23 16.28 -26.23
C HIS I 131 7.53 15.57 -25.08
N LEU I 132 8.30 14.98 -24.16
CA LEU I 132 7.76 14.20 -23.05
C LEU I 132 8.42 14.56 -21.72
N GLY I 133 8.99 15.77 -21.61
CA GLY I 133 9.29 16.39 -20.33
C GLY I 133 10.69 16.21 -19.76
N CYS I 134 11.59 15.49 -20.42
CA CYS I 134 12.95 15.41 -19.90
C CYS I 134 13.62 16.79 -19.93
N VAL I 135 14.78 16.89 -19.29
CA VAL I 135 15.49 18.14 -19.09
C VAL I 135 16.70 18.17 -20.03
N PRO I 136 16.74 19.04 -21.04
CA PRO I 136 17.86 19.01 -21.99
C PRO I 136 19.20 19.37 -21.36
N ILE I 137 20.25 18.78 -21.92
CA ILE I 137 21.62 18.98 -21.45
C ILE I 137 22.20 20.19 -22.18
N GLY I 138 22.74 21.13 -21.41
CA GLY I 138 23.27 22.38 -21.96
C GLY I 138 24.77 22.34 -22.13
N GLY I 139 25.41 23.48 -21.90
CA GLY I 139 26.85 23.60 -22.14
C GLY I 139 27.20 23.50 -23.60
N VAL I 140 26.39 24.09 -24.48
CA VAL I 140 26.60 24.03 -25.92
C VAL I 140 26.63 22.58 -26.37
N SER I 141 25.49 21.90 -26.29
CA SER I 141 25.33 20.51 -26.68
C SER I 141 24.41 20.41 -27.89
N GLY I 142 24.45 19.26 -28.54
CA GLY I 142 23.63 19.03 -29.70
C GLY I 142 24.27 19.50 -30.99
N ASP I 143 23.45 19.55 -32.03
CA ASP I 143 23.89 19.83 -33.38
C ASP I 143 23.67 21.29 -33.77
N PHE I 144 23.13 22.12 -32.85
CA PHE I 144 22.77 23.50 -33.14
C PHE I 144 23.34 24.44 -32.07
N GLY I 145 24.44 24.04 -31.44
CA GLY I 145 25.12 24.88 -30.45
C GLY I 145 24.22 25.32 -29.31
N GLY I 146 23.38 24.42 -28.81
CA GLY I 146 22.44 24.75 -27.75
C GLY I 146 22.27 23.66 -26.71
N TRP I 147 21.17 22.92 -26.80
CA TRP I 147 20.83 21.87 -25.85
C TRP I 147 20.50 20.58 -26.60
N PHE I 148 20.77 19.46 -25.95
CA PHE I 148 20.45 18.12 -26.45
C PHE I 148 19.64 17.37 -25.40
N CYS I 149 18.44 16.90 -25.79
CA CYS I 149 17.61 16.11 -24.88
C CYS I 149 17.91 14.63 -25.07
N PRO I 150 18.47 13.92 -24.07
CA PRO I 150 18.89 12.53 -24.30
C PRO I 150 17.77 11.52 -24.30
N CYS I 151 16.52 11.92 -24.03
CA CYS I 151 15.45 10.94 -23.87
C CYS I 151 14.95 10.43 -25.23
N HIS I 152 14.74 11.31 -26.22
CA HIS I 152 14.37 10.89 -27.57
C HIS I 152 15.03 11.74 -28.64
N GLY I 153 16.06 12.52 -28.32
CA GLY I 153 16.91 13.12 -29.33
C GLY I 153 16.45 14.43 -29.92
N SER I 154 15.88 15.32 -29.11
CA SER I 154 15.54 16.64 -29.59
C SER I 154 16.75 17.55 -29.47
N HIS I 155 16.98 18.37 -30.48
CA HIS I 155 18.06 19.36 -30.49
C HIS I 155 17.48 20.76 -30.47
N TYR I 156 17.95 21.58 -29.53
CA TYR I 156 17.61 22.98 -29.43
C TYR I 156 18.84 23.83 -29.71
N ASP I 157 18.62 25.04 -30.23
CA ASP I 157 19.72 25.92 -30.60
C ASP I 157 20.07 26.85 -29.43
N SER I 158 20.91 27.85 -29.70
CA SER I 158 21.43 28.70 -28.64
C SER I 158 20.39 29.62 -28.02
N ALA I 159 19.22 29.74 -28.63
CA ALA I 159 18.08 30.47 -28.07
C ALA I 159 17.01 29.55 -27.54
N GLY I 160 17.28 28.24 -27.49
CA GLY I 160 16.33 27.29 -26.97
C GLY I 160 15.20 26.94 -27.90
N ARG I 161 15.36 27.19 -29.19
CA ARG I 161 14.31 26.90 -30.16
C ARG I 161 14.50 25.50 -30.72
N ILE I 162 13.39 24.78 -30.87
CA ILE I 162 13.44 23.41 -31.38
C ILE I 162 13.77 23.41 -32.86
N ARG I 163 14.71 22.55 -33.25
CA ARG I 163 15.24 22.47 -34.61
C ARG I 163 15.17 21.06 -35.20
N LYS I 164 15.11 20.02 -34.38
CA LYS I 164 15.24 18.65 -34.85
C LYS I 164 14.73 17.72 -33.76
N GLY I 165 14.00 16.69 -34.18
CA GLY I 165 13.50 15.67 -33.28
C GLY I 165 11.99 15.65 -33.14
N PRO I 166 11.48 14.87 -32.17
CA PRO I 166 10.02 14.77 -31.99
C PRO I 166 9.36 15.95 -31.29
N ALA I 167 10.11 16.74 -30.53
CA ALA I 167 9.52 17.82 -29.77
C ALA I 167 8.84 18.83 -30.71
N PRO I 168 7.59 19.24 -30.45
CA PRO I 168 6.91 20.11 -31.42
C PRO I 168 7.20 21.60 -31.29
N GLU I 169 7.59 22.09 -30.12
CA GLU I 169 7.65 23.53 -29.84
C GLU I 169 8.95 23.92 -29.14
N ASN I 170 9.22 25.22 -29.21
CA ASN I 170 10.32 25.84 -28.47
C ASN I 170 10.09 25.74 -26.97
N LEU I 171 11.20 25.64 -26.22
CA LEU I 171 11.14 25.61 -24.77
C LEU I 171 10.40 26.86 -24.25
N PRO I 172 9.35 26.72 -23.43
CA PRO I 172 8.60 27.91 -23.05
C PRO I 172 9.37 28.82 -22.11
N ILE I 173 9.12 30.12 -22.24
CA ILE I 173 9.77 31.15 -21.43
C ILE I 173 8.76 31.64 -20.39
N PRO I 174 9.04 31.53 -19.09
CA PRO I 174 8.05 31.94 -18.09
C PRO I 174 8.02 33.47 -17.97
N LEU I 175 7.04 33.95 -17.22
CA LEU I 175 7.07 35.34 -16.82
C LEU I 175 8.33 35.59 -16.01
N ALA I 176 9.20 36.45 -16.53
CA ALA I 176 10.49 36.70 -15.90
C ALA I 176 10.93 38.12 -16.24
N LYS I 177 11.45 38.82 -15.24
CA LYS I 177 11.91 40.19 -15.43
C LYS I 177 12.93 40.50 -14.35
N PHE I 178 13.91 41.31 -14.70
CA PHE I 178 14.91 41.76 -13.73
C PHE I 178 14.28 42.79 -12.78
N ILE I 179 14.26 42.45 -11.49
CA ILE I 179 13.76 43.38 -10.47
C ILE I 179 14.81 44.43 -10.18
N ASP I 180 16.09 44.05 -10.23
CA ASP I 180 17.19 45.00 -10.13
C ASP I 180 18.36 44.43 -10.95
N GLU I 181 19.56 44.95 -10.71
CA GLU I 181 20.73 44.58 -11.51
C GLU I 181 21.03 43.09 -11.44
N THR I 182 20.66 42.42 -10.33
CA THR I 182 21.15 41.07 -10.05
C THR I 182 20.07 40.08 -9.64
N THR I 183 18.78 40.43 -9.71
CA THR I 183 17.72 39.56 -9.24
C THR I 183 16.63 39.43 -10.29
N ILE I 184 16.28 38.18 -10.62
CA ILE I 184 15.19 37.87 -11.54
C ILE I 184 14.02 37.34 -10.72
N GLN I 185 12.82 37.86 -10.98
CA GLN I 185 11.59 37.32 -10.40
C GLN I 185 10.93 36.39 -11.42
N LEU I 186 10.84 35.11 -11.06
CA LEU I 186 10.15 34.13 -11.88
C LEU I 186 8.69 34.03 -11.44
N GLY I 187 7.80 33.92 -12.42
CA GLY I 187 6.38 33.85 -12.15
C GLY I 187 5.73 35.22 -12.11
N GLY J 3 -18.06 -29.53 -22.41
CA GLY J 3 -16.75 -29.95 -21.92
C GLY J 3 -16.19 -31.13 -22.70
N ILE J 4 -14.98 -31.53 -22.33
CA ILE J 4 -14.31 -32.68 -22.96
C ILE J 4 -14.88 -33.92 -22.27
N PRO J 5 -15.07 -35.06 -22.93
CA PRO J 5 -15.59 -36.23 -22.20
C PRO J 5 -14.54 -36.76 -21.23
N HIS J 6 -14.96 -36.98 -19.99
CA HIS J 6 -14.09 -37.42 -18.92
C HIS J 6 -14.93 -38.01 -17.80
N ASP J 7 -14.27 -38.72 -16.89
CA ASP J 7 -14.95 -39.28 -15.73
C ASP J 7 -14.99 -38.21 -14.64
N HIS J 8 -16.02 -38.28 -13.80
CA HIS J 8 -16.28 -37.26 -12.78
C HIS J 8 -15.90 -37.75 -11.40
N TYR J 9 -15.93 -36.80 -10.46
CA TYR J 9 -15.57 -37.03 -9.07
C TYR J 9 -16.64 -37.85 -8.37
N GLU J 10 -16.24 -38.60 -7.34
CA GLU J 10 -17.17 -39.36 -6.52
C GLU J 10 -16.69 -39.40 -5.06
N PRO J 11 -17.46 -38.89 -4.09
CA PRO J 11 -16.99 -38.92 -2.69
C PRO J 11 -16.92 -40.35 -2.16
N ARG J 12 -15.83 -40.64 -1.43
CA ARG J 12 -15.60 -41.98 -0.89
C ARG J 12 -15.59 -41.97 0.64
N THR J 13 -14.74 -41.18 1.28
CA THR J 13 -14.73 -41.11 2.73
C THR J 13 -16.01 -40.45 3.25
N GLY J 14 -16.36 -40.77 4.50
CA GLY J 14 -17.50 -40.13 5.12
C GLY J 14 -17.35 -38.63 5.21
N ILE J 15 -16.11 -38.16 5.42
CA ILE J 15 -15.84 -36.73 5.46
C ILE J 15 -16.03 -36.13 4.07
N GLU J 16 -15.70 -36.88 3.02
CA GLU J 16 -15.86 -36.39 1.65
C GLU J 16 -17.32 -36.32 1.25
N LYS J 17 -18.11 -37.35 1.59
CA LYS J 17 -19.54 -37.33 1.31
C LYS J 17 -20.20 -36.16 2.02
N TRP J 18 -19.74 -35.86 3.24
CA TRP J 18 -20.29 -34.77 4.02
C TRP J 18 -19.99 -33.42 3.36
N LEU J 19 -18.73 -33.20 2.99
CA LEU J 19 -18.33 -31.92 2.40
C LEU J 19 -18.89 -31.73 1.00
N HIS J 20 -18.90 -32.80 0.18
CA HIS J 20 -19.33 -32.65 -1.21
C HIS J 20 -20.79 -32.26 -1.32
N SER J 21 -21.61 -32.66 -0.36
CA SER J 21 -23.04 -32.34 -0.36
C SER J 21 -23.32 -30.93 0.14
N ARG J 22 -22.29 -30.13 0.44
CA ARG J 22 -22.44 -28.78 0.97
C ARG J 22 -21.68 -27.78 0.12
N LEU J 23 -20.44 -28.08 -0.21
CA LEU J 23 -19.61 -27.23 -1.08
C LEU J 23 -18.70 -28.11 -1.94
N PRO J 24 -19.03 -28.30 -3.29
CA PRO J 24 -18.25 -29.21 -4.14
C PRO J 24 -16.89 -28.66 -4.58
N ILE J 25 -16.13 -28.09 -3.63
CA ILE J 25 -14.85 -27.49 -3.98
C ILE J 25 -13.82 -28.56 -4.33
N VAL J 26 -13.92 -29.74 -3.71
CA VAL J 26 -13.01 -30.82 -4.07
C VAL J 26 -13.33 -31.33 -5.47
N ALA J 27 -14.63 -31.42 -5.80
CA ALA J 27 -15.03 -31.83 -7.14
C ALA J 27 -14.48 -30.87 -8.18
N LEU J 28 -14.44 -29.58 -7.87
CA LEU J 28 -13.96 -28.57 -8.81
C LEU J 28 -12.46 -28.68 -9.01
N ALA J 29 -11.71 -28.88 -7.92
CA ALA J 29 -10.27 -29.05 -8.02
C ALA J 29 -9.93 -30.31 -8.78
N TYR J 30 -10.74 -31.36 -8.63
CA TYR J 30 -10.48 -32.61 -9.34
C TYR J 30 -10.67 -32.41 -10.85
N ASP J 31 -11.83 -31.89 -11.25
CA ASP J 31 -12.10 -31.68 -12.67
C ASP J 31 -11.12 -30.69 -13.30
N THR J 32 -10.54 -29.79 -12.50
CA THR J 32 -9.56 -28.84 -13.03
C THR J 32 -8.22 -29.52 -13.24
N ILE J 33 -7.73 -30.26 -12.24
CA ILE J 33 -6.38 -30.79 -12.28
C ILE J 33 -6.25 -32.05 -13.12
N MET J 34 -7.38 -32.64 -13.56
CA MET J 34 -7.41 -33.88 -14.32
C MET J 34 -7.88 -33.64 -15.76
N ILE J 35 -7.90 -32.39 -16.22
CA ILE J 35 -8.35 -32.06 -17.58
C ILE J 35 -7.53 -32.84 -18.61
N PRO J 36 -8.15 -33.52 -19.58
CA PRO J 36 -7.34 -34.19 -20.62
C PRO J 36 -6.62 -33.17 -21.49
N THR J 37 -5.28 -33.26 -21.49
CA THR J 37 -4.39 -32.34 -22.18
C THR J 37 -3.70 -33.07 -23.33
N PRO J 38 -3.53 -32.44 -24.51
CA PRO J 38 -2.86 -33.12 -25.63
C PRO J 38 -1.50 -33.72 -25.25
N ARG J 39 -1.28 -34.96 -25.69
CA ARG J 39 -0.07 -35.70 -25.34
C ARG J 39 1.18 -35.05 -25.90
N ASN J 40 1.07 -34.26 -26.97
CA ASN J 40 2.19 -33.85 -27.80
C ASN J 40 2.68 -32.43 -27.50
N LEU J 41 2.44 -31.93 -26.30
CA LEU J 41 2.95 -30.61 -25.95
C LEU J 41 4.47 -30.67 -25.83
N ASN J 42 5.14 -29.69 -26.41
CA ASN J 42 6.59 -29.60 -26.37
C ASN J 42 7.02 -28.59 -25.29
N TRP J 43 8.31 -28.29 -25.26
CA TRP J 43 8.88 -27.50 -24.18
C TRP J 43 8.45 -26.03 -24.21
N MET J 44 7.78 -25.58 -25.27
CA MET J 44 7.29 -24.22 -25.34
C MET J 44 5.97 -24.00 -24.59
N TRP J 45 5.39 -25.06 -24.01
CA TRP J 45 4.14 -24.97 -23.27
C TRP J 45 4.35 -24.78 -21.77
N ILE J 46 5.59 -24.58 -21.32
CA ILE J 46 5.89 -24.43 -19.90
C ILE J 46 5.71 -23.00 -19.41
N TRP J 47 5.72 -22.02 -20.31
CA TRP J 47 5.83 -20.63 -19.86
C TRP J 47 4.56 -20.16 -19.16
N GLY J 48 3.45 -20.87 -19.33
CA GLY J 48 2.26 -20.54 -18.56
C GLY J 48 2.45 -20.80 -17.08
N VAL J 49 3.06 -21.94 -16.73
CA VAL J 49 3.29 -22.27 -15.33
C VAL J 49 4.36 -21.35 -14.75
N VAL J 50 5.38 -21.02 -15.54
CA VAL J 50 6.41 -20.10 -15.09
C VAL J 50 5.79 -18.74 -14.78
N LEU J 51 4.92 -18.26 -15.66
CA LEU J 51 4.22 -17.00 -15.43
C LEU J 51 3.38 -17.04 -14.18
N ALA J 52 2.69 -18.17 -13.95
CA ALA J 52 1.87 -18.31 -12.75
C ALA J 52 2.74 -18.21 -11.50
N PHE J 53 3.88 -18.91 -11.50
CA PHE J 53 4.81 -18.83 -10.39
C PHE J 53 5.30 -17.40 -10.17
N CYS J 54 5.68 -16.72 -11.26
CA CYS J 54 6.19 -15.35 -11.16
C CYS J 54 5.19 -14.43 -10.46
N LEU J 55 3.90 -14.53 -10.83
CA LEU J 55 2.91 -13.66 -10.24
C LEU J 55 2.83 -13.89 -8.73
N VAL J 56 2.91 -15.15 -8.31
CA VAL J 56 2.92 -15.45 -6.89
C VAL J 56 4.22 -14.97 -6.25
N LEU J 57 5.36 -15.23 -6.90
CA LEU J 57 6.64 -14.75 -6.38
C LEU J 57 6.63 -13.24 -6.21
N GLN J 58 6.17 -12.51 -7.24
CA GLN J 58 6.15 -11.06 -7.17
C GLN J 58 5.24 -10.58 -6.05
N ILE J 59 4.09 -11.25 -5.89
CA ILE J 59 3.12 -10.81 -4.88
C ILE J 59 3.68 -11.03 -3.48
N VAL J 60 4.23 -12.21 -3.21
CA VAL J 60 4.68 -12.48 -1.85
C VAL J 60 5.92 -11.68 -1.53
N THR J 61 6.85 -11.55 -2.48
CA THR J 61 8.01 -10.69 -2.24
C THR J 61 7.58 -9.24 -2.23
N GLY J 62 6.55 -8.91 -3.01
CA GLY J 62 6.05 -7.55 -3.03
C GLY J 62 5.47 -7.16 -1.69
N ILE J 63 4.59 -8.01 -1.15
CA ILE J 63 3.96 -7.75 0.14
C ILE J 63 5.04 -7.56 1.20
N VAL J 64 6.05 -8.41 1.16
CA VAL J 64 7.14 -8.34 2.13
C VAL J 64 7.91 -7.03 1.98
N LEU J 65 8.26 -6.66 0.73
CA LEU J 65 8.96 -5.41 0.50
C LEU J 65 8.14 -4.19 0.95
N ALA J 66 6.81 -4.24 0.77
CA ALA J 66 5.98 -3.12 1.16
C ALA J 66 5.93 -2.94 2.68
N MET J 67 6.38 -3.92 3.45
CA MET J 67 6.45 -3.80 4.89
C MET J 67 7.59 -2.92 5.37
N HIS J 68 8.53 -2.55 4.48
CA HIS J 68 9.72 -1.80 4.85
C HIS J 68 9.97 -0.58 3.99
N TYR J 69 9.12 -0.32 2.98
CA TYR J 69 9.30 0.76 2.04
C TYR J 69 8.39 1.93 2.42
N THR J 70 8.88 3.15 2.21
CA THR J 70 8.12 4.37 2.51
C THR J 70 7.90 5.17 1.22
N PRO J 71 6.66 5.29 0.70
CA PRO J 71 6.45 6.07 -0.54
C PRO J 71 6.45 7.59 -0.31
N HIS J 72 7.61 8.12 0.02
CA HIS J 72 7.80 9.56 0.18
C HIS J 72 9.16 9.94 -0.37
N VAL J 73 9.21 11.06 -1.10
CA VAL J 73 10.40 11.46 -1.84
C VAL J 73 11.61 11.63 -0.94
N ASP J 74 11.39 12.05 0.31
CA ASP J 74 12.49 12.22 1.25
C ASP J 74 12.96 10.90 1.83
N LEU J 75 12.16 9.83 1.70
CA LEU J 75 12.41 8.56 2.38
C LEU J 75 12.42 7.35 1.46
N ALA J 76 11.90 7.45 0.23
CA ALA J 76 11.75 6.29 -0.64
C ALA J 76 13.07 5.61 -0.91
N PHE J 77 14.04 6.36 -1.47
CA PHE J 77 15.34 5.78 -1.78
C PHE J 77 16.03 5.26 -0.53
N ALA J 78 15.98 6.02 0.56
CA ALA J 78 16.60 5.58 1.81
C ALA J 78 15.95 4.30 2.33
N SER J 79 14.64 4.14 2.14
CA SER J 79 13.97 2.96 2.67
C SER J 79 14.37 1.71 1.90
N VAL J 80 14.71 1.87 0.62
CA VAL J 80 15.19 0.73 -0.17
C VAL J 80 16.59 0.32 0.28
N GLU J 81 17.44 1.30 0.59
CA GLU J 81 18.75 0.97 1.15
C GLU J 81 18.61 0.37 2.54
N HIS J 82 17.58 0.76 3.28
CA HIS J 82 17.33 0.14 4.57
C HIS J 82 17.03 -1.34 4.39
N ILE J 83 16.20 -1.67 3.39
CA ILE J 83 15.94 -3.06 3.03
C ILE J 83 17.25 -3.76 2.67
N MET J 84 18.03 -3.16 1.77
CA MET J 84 19.26 -3.79 1.31
C MET J 84 20.24 -4.06 2.44
N ARG J 85 20.35 -3.14 3.40
CA ARG J 85 21.40 -3.21 4.41
C ARG J 85 20.94 -3.77 5.75
N ASN J 86 19.71 -3.49 6.17
CA ASN J 86 19.26 -3.77 7.53
C ASN J 86 18.23 -4.89 7.63
N VAL J 87 17.27 -4.97 6.71
CA VAL J 87 16.24 -6.00 6.80
C VAL J 87 16.86 -7.37 6.56
N ASN J 88 16.51 -8.34 7.43
CA ASN J 88 16.97 -9.71 7.28
C ASN J 88 16.61 -10.23 5.89
N GLY J 89 17.64 -10.56 5.11
CA GLY J 89 17.41 -11.04 3.76
C GLY J 89 16.84 -10.00 2.83
N GLY J 90 16.85 -8.72 3.22
CA GLY J 90 16.20 -7.70 2.43
C GLY J 90 16.88 -7.53 1.09
N PHE J 91 18.21 -7.63 1.07
CA PHE J 91 18.95 -7.50 -0.17
C PHE J 91 18.50 -8.58 -1.15
N MET J 92 18.25 -9.79 -0.65
CA MET J 92 17.88 -10.89 -1.51
C MET J 92 16.42 -10.76 -1.94
N LEU J 93 15.56 -10.33 -1.02
CA LEU J 93 14.15 -10.15 -1.34
C LEU J 93 13.99 -9.03 -2.36
N ARG J 94 14.80 -7.98 -2.23
CA ARG J 94 14.76 -6.87 -3.16
C ARG J 94 15.18 -7.31 -4.56
N TYR J 95 16.31 -8.03 -4.65
CA TYR J 95 16.80 -8.49 -5.94
C TYR J 95 15.87 -9.52 -6.56
N LEU J 96 15.19 -10.33 -5.74
CA LEU J 96 14.24 -11.29 -6.27
C LEU J 96 13.06 -10.59 -6.91
N HIS J 97 12.56 -9.53 -6.28
CA HIS J 97 11.41 -8.81 -6.84
C HIS J 97 11.80 -8.11 -8.13
N ALA J 98 12.99 -7.48 -8.15
CA ALA J 98 13.40 -6.74 -9.33
C ALA J 98 13.72 -7.67 -10.49
N ASN J 99 14.64 -8.62 -10.28
CA ASN J 99 14.95 -9.59 -11.32
C ASN J 99 13.77 -10.51 -11.60
N GLY J 100 12.88 -10.70 -10.61
CA GLY J 100 11.70 -11.51 -10.86
C GLY J 100 10.81 -10.89 -11.92
N ALA J 101 10.79 -9.56 -11.99
CA ALA J 101 10.05 -8.86 -13.04
C ALA J 101 10.64 -9.17 -14.41
N SER J 102 11.97 -9.28 -14.50
CA SER J 102 12.61 -9.61 -15.77
C SER J 102 12.24 -11.03 -16.19
N LEU J 103 12.31 -11.98 -15.27
CA LEU J 103 11.91 -13.35 -15.58
C LEU J 103 10.44 -13.37 -16.01
N PHE J 104 9.61 -12.56 -15.34
CA PHE J 104 8.20 -12.46 -15.67
C PHE J 104 8.02 -12.06 -17.14
N PHE J 105 8.85 -11.13 -17.63
CA PHE J 105 8.68 -10.58 -18.98
C PHE J 105 9.35 -11.44 -20.02
N ILE J 106 10.48 -12.09 -19.69
CA ILE J 106 11.06 -13.10 -20.58
C ILE J 106 10.01 -14.17 -20.86
N ALA J 107 9.26 -14.55 -19.82
CA ALA J 107 8.28 -15.62 -19.94
C ALA J 107 7.09 -15.20 -20.81
N VAL J 108 6.59 -13.97 -20.64
CA VAL J 108 5.46 -13.52 -21.45
C VAL J 108 5.84 -13.44 -22.92
N TYR J 109 7.04 -12.95 -23.22
CA TYR J 109 7.41 -12.76 -24.62
C TYR J 109 7.51 -14.10 -25.32
N LEU J 110 8.09 -15.11 -24.65
CA LEU J 110 8.10 -16.46 -25.19
C LEU J 110 6.67 -17.02 -25.25
N HIS J 111 5.90 -16.78 -24.18
CA HIS J 111 4.48 -17.15 -24.15
C HIS J 111 3.75 -16.54 -25.34
N ILE J 112 3.97 -15.24 -25.61
CA ILE J 112 3.27 -14.56 -26.70
C ILE J 112 3.69 -15.13 -28.05
N PHE J 113 5.01 -15.26 -28.29
CA PHE J 113 5.48 -15.73 -29.59
C PHE J 113 5.14 -17.19 -29.81
N ARG J 114 5.00 -17.97 -28.74
CA ARG J 114 4.47 -19.33 -28.87
C ARG J 114 3.09 -19.27 -29.50
N GLY J 115 2.21 -18.44 -28.95
CA GLY J 115 0.86 -18.30 -29.47
C GLY J 115 0.83 -17.83 -30.92
N LEU J 116 1.70 -16.89 -31.29
CA LEU J 116 1.67 -16.36 -32.64
C LEU J 116 2.08 -17.39 -33.68
N TYR J 117 2.92 -18.37 -33.32
CA TYR J 117 3.39 -19.37 -34.27
C TYR J 117 2.35 -20.48 -34.47
N TYR J 118 1.80 -20.98 -33.37
CA TYR J 118 0.92 -22.15 -33.39
C TYR J 118 -0.55 -21.78 -33.53
N GLY J 119 -0.88 -20.50 -33.69
CA GLY J 119 -2.25 -20.07 -33.87
C GLY J 119 -3.13 -20.27 -32.66
N SER J 120 -2.58 -20.05 -31.47
CA SER J 120 -3.33 -20.20 -30.23
C SER J 120 -4.32 -19.04 -30.02
N TYR J 121 -4.29 -18.00 -30.87
CA TYR J 121 -5.22 -16.89 -30.79
C TYR J 121 -6.45 -17.06 -31.67
N LYS J 122 -6.39 -17.96 -32.65
CA LYS J 122 -7.49 -18.17 -33.57
C LYS J 122 -8.65 -18.85 -32.85
N ALA J 123 -9.84 -18.70 -33.45
CA ALA J 123 -11.06 -19.28 -32.92
C ALA J 123 -10.85 -20.75 -32.55
N PRO J 124 -11.40 -21.23 -31.42
CA PRO J 124 -12.29 -20.60 -30.43
C PRO J 124 -11.58 -19.90 -29.26
N ARG J 125 -10.33 -19.46 -29.46
CA ARG J 125 -9.49 -19.01 -28.35
C ARG J 125 -9.31 -17.50 -28.31
N GLU J 126 -10.25 -16.75 -28.91
CA GLU J 126 -10.14 -15.28 -28.90
C GLU J 126 -10.19 -14.73 -27.48
N VAL J 127 -11.09 -15.27 -26.65
CA VAL J 127 -11.26 -14.74 -25.30
C VAL J 127 -9.98 -14.94 -24.49
N THR J 128 -9.36 -16.12 -24.59
CA THR J 128 -8.09 -16.32 -23.91
C THR J 128 -7.07 -15.27 -24.33
N TRP J 129 -7.04 -14.96 -25.63
CA TRP J 129 -6.06 -14.02 -26.17
C TRP J 129 -6.32 -12.60 -25.69
N ILE J 130 -7.60 -12.17 -25.70
CA ILE J 130 -7.92 -10.81 -25.29
C ILE J 130 -7.67 -10.63 -23.79
N VAL J 131 -8.04 -11.64 -22.98
CA VAL J 131 -7.74 -11.58 -21.55
C VAL J 131 -6.24 -11.52 -21.34
N GLY J 132 -5.48 -12.27 -22.14
CA GLY J 132 -4.04 -12.20 -22.08
C GLY J 132 -3.51 -10.80 -22.35
N MET J 133 -4.06 -10.12 -23.37
CA MET J 133 -3.61 -8.77 -23.70
C MET J 133 -3.89 -7.80 -22.56
N LEU J 134 -5.03 -7.97 -21.89
CA LEU J 134 -5.32 -7.12 -20.74
C LEU J 134 -4.30 -7.37 -19.64
N ILE J 135 -3.98 -8.64 -19.41
CA ILE J 135 -2.96 -8.98 -18.41
C ILE J 135 -1.63 -8.33 -18.77
N TYR J 136 -1.27 -8.34 -20.06
CA TYR J 136 0.01 -7.79 -20.49
C TYR J 136 0.09 -6.29 -20.24
N LEU J 137 -0.99 -5.56 -20.55
CA LEU J 137 -1.03 -4.13 -20.25
C LEU J 137 -0.90 -3.88 -18.76
N ALA J 138 -1.55 -4.70 -17.95
CA ALA J 138 -1.49 -4.49 -16.51
C ALA J 138 -0.09 -4.74 -16.01
N MET J 139 0.58 -5.76 -16.56
CA MET J 139 1.96 -6.04 -16.18
C MET J 139 2.86 -4.84 -16.46
N MET J 140 2.75 -4.26 -17.66
CA MET J 140 3.60 -3.13 -18.01
C MET J 140 3.30 -1.94 -17.10
N ALA J 141 2.01 -1.63 -16.90
CA ALA J 141 1.65 -0.54 -16.01
C ALA J 141 2.14 -0.86 -14.59
N THR J 142 1.98 -2.11 -14.17
CA THR J 142 2.45 -2.52 -12.85
C THR J 142 3.97 -2.38 -12.76
N ALA J 143 4.68 -2.92 -13.75
CA ALA J 143 6.14 -2.91 -13.72
C ALA J 143 6.67 -1.49 -13.81
N PHE J 144 6.00 -0.65 -14.60
CA PHE J 144 6.39 0.75 -14.71
C PHE J 144 6.33 1.43 -13.34
N MET J 145 5.19 1.32 -12.68
CA MET J 145 5.00 2.00 -11.40
C MET J 145 5.93 1.43 -10.34
N GLY J 146 6.21 0.12 -10.39
CA GLY J 146 7.16 -0.45 -9.46
C GLY J 146 8.53 0.18 -9.59
N TYR J 147 8.96 0.42 -10.83
CA TYR J 147 10.29 0.97 -11.08
C TYR J 147 10.41 2.40 -10.58
N VAL J 148 9.29 3.10 -10.43
CA VAL J 148 9.32 4.46 -9.91
C VAL J 148 9.55 4.49 -8.40
N LEU J 149 9.15 3.42 -7.70
CA LEU J 149 9.13 3.45 -6.24
C LEU J 149 10.50 3.68 -5.58
N PRO J 150 11.62 3.09 -6.03
CA PRO J 150 12.92 3.42 -5.41
C PRO J 150 13.30 4.89 -5.49
N TRP J 151 12.72 5.65 -6.42
CA TRP J 151 12.97 7.08 -6.56
C TRP J 151 14.43 7.38 -6.90
N GLY J 152 15.00 6.57 -7.79
CA GLY J 152 16.30 6.84 -8.37
C GLY J 152 16.14 7.76 -9.58
N GLN J 153 17.24 7.94 -10.31
CA GLN J 153 17.19 8.82 -11.47
C GLN J 153 16.33 8.22 -12.59
N MET J 154 16.46 6.91 -12.84
CA MET J 154 15.62 6.29 -13.86
C MET J 154 14.17 6.27 -13.42
N SER J 155 13.95 6.05 -12.11
CA SER J 155 12.61 6.09 -11.53
C SER J 155 11.94 7.42 -11.82
N PHE J 156 12.60 8.51 -11.46
CA PHE J 156 11.98 9.82 -11.56
C PHE J 156 11.72 10.21 -13.01
N TRP J 157 12.71 10.01 -13.89
CA TRP J 157 12.58 10.50 -15.25
C TRP J 157 11.78 9.55 -16.12
N GLY J 158 11.79 8.26 -15.80
CA GLY J 158 10.88 7.33 -16.48
C GLY J 158 9.44 7.70 -16.19
N ALA J 159 9.16 8.10 -14.95
CA ALA J 159 7.80 8.50 -14.58
C ALA J 159 7.41 9.78 -15.28
N THR J 160 8.34 10.73 -15.40
CA THR J 160 8.08 11.96 -16.15
C THR J 160 7.72 11.66 -17.60
N VAL J 161 8.50 10.79 -18.25
CA VAL J 161 8.30 10.52 -19.67
C VAL J 161 6.99 9.76 -19.90
N ILE J 162 6.73 8.74 -19.08
CA ILE J 162 5.61 7.85 -19.36
C ILE J 162 4.29 8.53 -19.05
N THR J 163 4.25 9.38 -18.03
CA THR J 163 3.06 10.21 -17.83
C THR J 163 2.95 11.24 -18.94
N GLY J 164 4.08 11.63 -19.54
CA GLY J 164 4.06 12.56 -20.64
C GLY J 164 3.41 11.98 -21.89
N LEU J 165 3.42 10.65 -22.04
CA LEU J 165 2.75 10.02 -23.17
C LEU J 165 1.30 10.45 -23.27
N PHE J 166 0.63 10.55 -22.11
CA PHE J 166 -0.79 10.85 -22.08
C PHE J 166 -1.05 12.33 -22.32
N GLY J 167 -0.04 13.17 -22.09
CA GLY J 167 -0.11 14.59 -22.43
C GLY J 167 -0.15 14.86 -23.91
N ALA J 168 0.20 13.87 -24.74
CA ALA J 168 0.23 14.04 -26.18
C ALA J 168 -1.15 13.90 -26.81
N ILE J 169 -2.17 13.49 -26.07
CA ILE J 169 -3.52 13.36 -26.65
C ILE J 169 -4.08 14.77 -26.89
N PRO J 170 -4.52 15.11 -28.10
CA PRO J 170 -5.03 16.47 -28.35
C PRO J 170 -6.24 16.81 -27.47
N GLY J 171 -6.29 18.06 -27.05
CA GLY J 171 -7.42 18.58 -26.30
C GLY J 171 -7.37 18.23 -24.82
N ILE J 172 -7.48 16.94 -24.49
CA ILE J 172 -7.63 16.48 -23.12
C ILE J 172 -6.31 15.99 -22.52
N GLY J 173 -5.23 15.98 -23.31
CA GLY J 173 -3.98 15.37 -22.86
C GLY J 173 -3.44 16.00 -21.58
N HIS J 174 -3.42 17.33 -21.52
CA HIS J 174 -2.85 17.98 -20.35
C HIS J 174 -3.68 17.75 -19.10
N SER J 175 -5.01 17.66 -19.24
CA SER J 175 -5.85 17.37 -18.09
C SER J 175 -5.54 16.00 -17.51
N ILE J 176 -5.49 14.98 -18.38
CA ILE J 176 -5.16 13.62 -17.93
C ILE J 176 -3.77 13.60 -17.30
N GLN J 177 -2.81 14.31 -17.90
CA GLN J 177 -1.44 14.30 -17.39
C GLN J 177 -1.39 14.91 -15.99
N THR J 178 -2.04 16.07 -15.82
CA THR J 178 -2.08 16.70 -14.50
C THR J 178 -2.77 15.78 -13.51
N TRP J 179 -3.85 15.14 -13.96
CA TRP J 179 -4.58 14.20 -13.11
C TRP J 179 -3.70 13.03 -12.70
N LEU J 180 -2.93 12.47 -13.63
CA LEU J 180 -2.00 11.40 -13.30
C LEU J 180 -0.88 11.91 -12.40
N LEU J 181 -0.41 13.14 -12.63
CA LEU J 181 0.73 13.66 -11.89
C LEU J 181 0.33 14.17 -10.52
N GLY J 182 -0.89 14.70 -10.39
CA GLY J 182 -1.29 15.35 -9.16
C GLY J 182 -0.68 16.72 -8.97
N GLY J 183 -0.24 17.35 -10.06
CA GLY J 183 0.38 18.65 -10.00
C GLY J 183 0.96 19.03 -11.35
N PRO J 184 1.76 20.10 -11.39
CA PRO J 184 2.35 20.50 -12.66
C PRO J 184 3.51 19.61 -13.09
N CYS J 185 4.20 18.98 -12.14
CA CYS J 185 5.38 18.18 -12.45
C CYS J 185 5.43 16.99 -11.49
N VAL J 186 6.27 16.02 -11.84
CA VAL J 186 6.43 14.79 -11.05
C VAL J 186 6.95 15.14 -9.67
N ASP J 187 6.18 14.81 -8.63
CA ASP J 187 6.57 15.14 -7.26
C ASP J 187 6.02 14.07 -6.32
N ASN J 188 5.89 14.42 -5.03
CA ASN J 188 5.51 13.44 -4.01
C ASN J 188 4.10 12.89 -4.24
N ALA J 189 3.14 13.75 -4.62
CA ALA J 189 1.79 13.29 -4.90
C ALA J 189 1.77 12.16 -5.92
N THR J 190 2.69 12.19 -6.88
CA THR J 190 2.76 11.14 -7.89
C THR J 190 3.30 9.85 -7.26
N LEU J 191 4.35 9.96 -6.46
CA LEU J 191 4.91 8.77 -5.81
C LEU J 191 3.89 8.08 -4.92
N ASN J 192 3.12 8.86 -4.13
CA ASN J 192 2.19 8.24 -3.18
C ASN J 192 1.10 7.47 -3.90
N ARG J 193 0.58 8.02 -5.00
CA ARG J 193 -0.52 7.33 -5.69
C ARG J 193 -0.01 6.18 -6.54
N PHE J 194 1.20 6.29 -7.08
CA PHE J 194 1.77 5.16 -7.80
C PHE J 194 1.98 3.97 -6.89
N PHE J 195 2.29 4.21 -5.61
CA PHE J 195 2.48 3.10 -4.68
C PHE J 195 1.17 2.34 -4.48
N SER J 196 0.08 3.07 -4.27
CA SER J 196 -1.22 2.43 -4.07
C SER J 196 -1.60 1.61 -5.31
N LEU J 197 -1.35 2.16 -6.49
CA LEU J 197 -1.75 1.47 -7.71
C LEU J 197 -0.81 0.31 -8.01
N HIS J 198 0.46 0.39 -7.61
CA HIS J 198 1.35 -0.74 -7.80
C HIS J 198 0.91 -1.92 -6.95
N TYR J 199 0.29 -1.63 -5.80
CA TYR J 199 -0.22 -2.67 -4.91
C TYR J 199 -1.50 -3.26 -5.47
N LEU J 200 -2.38 -2.40 -5.98
CA LEU J 200 -3.68 -2.84 -6.48
C LEU J 200 -3.55 -3.75 -7.69
N LEU J 201 -2.80 -3.31 -8.71
CA LEU J 201 -2.85 -3.98 -10.01
C LEU J 201 -2.47 -5.45 -10.00
N PRO J 202 -1.47 -5.91 -9.23
CA PRO J 202 -1.20 -7.37 -9.17
C PRO J 202 -2.41 -8.20 -8.77
N PHE J 203 -3.35 -7.63 -8.01
CA PHE J 203 -4.55 -8.36 -7.67
C PHE J 203 -5.52 -8.39 -8.84
N VAL J 204 -5.54 -7.33 -9.65
CA VAL J 204 -6.34 -7.34 -10.87
C VAL J 204 -5.80 -8.36 -11.85
N ILE J 205 -4.48 -8.44 -11.96
CA ILE J 205 -3.85 -9.46 -12.81
C ILE J 205 -4.24 -10.85 -12.32
N ALA J 206 -4.22 -11.06 -11.00
CA ALA J 206 -4.59 -12.36 -10.44
C ALA J 206 -6.02 -12.73 -10.78
N ALA J 207 -6.93 -11.75 -10.71
CA ALA J 207 -8.32 -12.00 -11.08
C ALA J 207 -8.42 -12.31 -12.57
N LEU J 208 -7.66 -11.58 -13.40
CA LEU J 208 -7.64 -11.83 -14.83
C LEU J 208 -7.05 -13.20 -15.12
N VAL J 209 -6.02 -13.60 -14.38
CA VAL J 209 -5.42 -14.91 -14.58
C VAL J 209 -6.44 -16.00 -14.28
N ALA J 210 -7.32 -15.77 -13.30
CA ALA J 210 -8.35 -16.76 -13.02
C ALA J 210 -9.25 -16.94 -14.23
N ILE J 211 -9.62 -15.84 -14.89
CA ILE J 211 -10.42 -15.90 -16.10
C ILE J 211 -9.61 -16.49 -17.24
N HIS J 212 -8.34 -16.09 -17.33
CA HIS J 212 -7.41 -16.67 -18.30
C HIS J 212 -7.39 -18.19 -18.20
N ILE J 213 -7.28 -18.71 -16.97
CA ILE J 213 -7.22 -20.16 -16.78
C ILE J 213 -8.58 -20.77 -17.10
N TRP J 214 -9.66 -20.11 -16.69
CA TRP J 214 -10.99 -20.58 -17.03
C TRP J 214 -11.21 -20.60 -18.54
N ALA J 215 -10.59 -19.64 -19.27
CA ALA J 215 -10.85 -19.52 -20.70
C ALA J 215 -10.31 -20.71 -21.48
N PHE J 216 -9.06 -21.10 -21.25
CA PHE J 216 -8.49 -22.21 -22.01
C PHE J 216 -8.83 -23.57 -21.39
N HIS J 217 -9.41 -23.59 -20.19
CA HIS J 217 -9.97 -24.82 -19.66
C HIS J 217 -11.32 -25.15 -20.28
N SER J 218 -12.11 -24.12 -20.62
CA SER J 218 -13.40 -24.34 -21.26
C SER J 218 -13.23 -24.92 -22.65
N THR J 219 -12.25 -24.43 -23.42
CA THR J 219 -12.05 -24.88 -24.79
C THR J 219 -11.05 -26.03 -24.89
N GLY J 220 -10.15 -26.16 -23.93
CA GLY J 220 -9.04 -27.09 -24.01
C GLY J 220 -7.81 -26.49 -24.66
N ASN J 221 -6.65 -26.96 -24.21
CA ASN J 221 -5.37 -26.45 -24.68
C ASN J 221 -5.16 -26.74 -26.16
N ASN J 222 -4.54 -25.77 -26.84
CA ASN J 222 -4.04 -25.98 -28.20
C ASN J 222 -2.82 -26.89 -28.15
N ASN J 223 -2.45 -27.47 -29.31
CA ASN J 223 -1.27 -28.31 -29.41
C ASN J 223 -0.50 -27.97 -30.69
N PRO J 224 0.75 -28.42 -30.83
CA PRO J 224 1.55 -28.02 -32.01
C PRO J 224 0.94 -28.33 -33.37
N THR J 225 0.04 -29.31 -33.49
CA THR J 225 -0.54 -29.64 -34.79
C THR J 225 -1.77 -28.82 -35.15
N GLY J 226 -2.42 -28.19 -34.17
CA GLY J 226 -3.66 -27.48 -34.42
C GLY J 226 -4.85 -28.37 -34.67
N VAL J 227 -4.68 -29.70 -34.56
CA VAL J 227 -5.76 -30.66 -34.76
C VAL J 227 -6.39 -30.93 -33.41
N GLU J 228 -7.70 -30.77 -33.33
CA GLU J 228 -8.39 -30.89 -32.05
C GLU J 228 -8.52 -32.35 -31.62
N VAL J 229 -8.62 -32.55 -30.31
CA VAL J 229 -8.83 -33.87 -29.73
C VAL J 229 -10.15 -34.44 -30.20
N ARG J 230 -10.15 -35.73 -30.56
CA ARG J 230 -11.40 -36.39 -30.93
C ARG J 230 -12.27 -36.47 -29.68
N ARG J 231 -13.54 -36.07 -29.84
CA ARG J 231 -14.47 -35.97 -28.73
C ARG J 231 -15.68 -36.89 -28.86
N THR J 232 -15.74 -37.73 -29.89
CA THR J 232 -16.89 -38.60 -30.11
C THR J 232 -17.04 -39.69 -29.05
N SER J 233 -15.97 -40.07 -28.36
CA SER J 233 -16.09 -41.08 -27.31
C SER J 233 -14.89 -41.03 -26.38
N LYS J 234 -15.09 -41.57 -25.17
CA LYS J 234 -14.03 -41.62 -24.18
C LYS J 234 -12.89 -42.53 -24.62
N ALA J 235 -13.20 -43.55 -25.41
CA ALA J 235 -12.18 -44.51 -25.86
C ALA J 235 -11.06 -43.79 -26.61
N GLU J 236 -11.42 -43.00 -27.62
CA GLU J 236 -10.44 -42.33 -28.45
C GLU J 236 -10.01 -40.98 -27.88
N ALA J 237 -10.76 -40.44 -26.92
CA ALA J 237 -10.30 -39.26 -26.21
C ALA J 237 -9.11 -39.58 -25.33
N GLN J 238 -9.06 -40.79 -24.77
CA GLN J 238 -7.94 -41.18 -23.91
C GLN J 238 -6.71 -41.51 -24.73
N LYS J 239 -6.89 -41.95 -25.98
CA LYS J 239 -5.76 -42.19 -26.87
C LYS J 239 -5.13 -40.90 -27.37
N ASP J 240 -5.85 -39.78 -27.35
CA ASP J 240 -5.31 -38.49 -27.76
C ASP J 240 -4.72 -37.68 -26.61
N THR J 241 -4.99 -38.05 -25.36
CA THR J 241 -4.70 -37.22 -24.21
C THR J 241 -4.12 -38.08 -23.10
N VAL J 242 -3.53 -37.40 -22.11
CA VAL J 242 -3.25 -37.98 -20.80
C VAL J 242 -3.67 -36.96 -19.76
N PRO J 243 -4.00 -37.37 -18.53
CA PRO J 243 -4.43 -36.37 -17.52
C PRO J 243 -3.30 -35.43 -17.15
N PHE J 244 -3.67 -34.16 -16.94
CA PHE J 244 -2.73 -33.10 -16.60
C PHE J 244 -1.87 -33.50 -15.40
N TRP J 245 -2.52 -33.90 -14.30
CA TRP J 245 -1.84 -34.53 -13.17
C TRP J 245 -1.83 -36.05 -13.34
N PRO J 246 -0.68 -36.73 -13.14
CA PRO J 246 0.67 -36.28 -12.78
C PRO J 246 1.57 -35.96 -13.99
N TYR J 247 1.18 -36.46 -15.16
CA TYR J 247 2.08 -36.51 -16.32
C TYR J 247 2.66 -35.15 -16.69
N PHE J 248 1.81 -34.11 -16.74
CA PHE J 248 2.23 -32.76 -17.11
C PHE J 248 2.49 -31.84 -15.93
N ILE J 249 1.97 -32.16 -14.74
CA ILE J 249 2.36 -31.42 -13.54
C ILE J 249 3.86 -31.54 -13.30
N ILE J 250 4.37 -32.77 -13.27
CA ILE J 250 5.77 -33.00 -12.95
C ILE J 250 6.67 -32.40 -14.03
N LYS J 251 6.28 -32.52 -15.31
CA LYS J 251 7.11 -31.95 -16.37
C LYS J 251 7.20 -30.43 -16.25
N ASP J 252 6.11 -29.79 -15.85
CA ASP J 252 6.13 -28.34 -15.69
C ASP J 252 6.96 -27.95 -14.48
N VAL J 253 6.74 -28.66 -13.36
CA VAL J 253 7.51 -28.40 -12.14
C VAL J 253 8.99 -28.65 -12.39
N PHE J 254 9.29 -29.68 -13.19
CA PHE J 254 10.68 -29.94 -13.55
C PHE J 254 11.25 -28.75 -14.31
N ALA J 255 10.55 -28.32 -15.36
CA ALA J 255 10.99 -27.17 -16.14
C ALA J 255 11.13 -25.93 -15.26
N LEU J 256 10.20 -25.75 -14.32
CA LEU J 256 10.27 -24.62 -13.41
C LEU J 256 11.55 -24.68 -12.58
N ALA J 257 11.90 -25.87 -12.09
CA ALA J 257 13.13 -25.99 -11.30
C ALA J 257 14.35 -25.62 -12.13
N VAL J 258 14.32 -25.91 -13.43
CA VAL J 258 15.45 -25.56 -14.28
C VAL J 258 15.44 -24.07 -14.56
N VAL J 259 14.25 -23.50 -14.81
CA VAL J 259 14.14 -22.06 -15.01
C VAL J 259 14.57 -21.32 -13.76
N LEU J 260 14.13 -21.79 -12.58
CA LEU J 260 14.50 -21.10 -11.36
C LEU J 260 15.96 -21.30 -11.02
N LEU J 261 16.54 -22.44 -11.43
CA LEU J 261 17.97 -22.66 -11.26
C LEU J 261 18.75 -21.55 -11.96
N VAL J 262 18.42 -21.27 -13.21
CA VAL J 262 19.06 -20.19 -13.94
C VAL J 262 18.75 -18.86 -13.29
N PHE J 263 17.46 -18.64 -12.96
CA PHE J 263 17.04 -17.37 -12.37
C PHE J 263 17.79 -17.08 -11.08
N PHE J 264 17.95 -18.09 -10.23
CA PHE J 264 18.65 -17.86 -8.98
C PHE J 264 20.15 -17.68 -9.20
N ALA J 265 20.70 -18.21 -10.30
CA ALA J 265 22.08 -17.92 -10.63
C ALA J 265 22.26 -16.45 -11.01
N ILE J 266 21.32 -15.91 -11.79
CA ILE J 266 21.35 -14.49 -12.12
C ILE J 266 21.28 -13.65 -10.85
N VAL J 267 20.27 -13.90 -10.01
CA VAL J 267 20.05 -13.09 -8.82
C VAL J 267 21.23 -13.21 -7.87
N GLY J 268 21.83 -14.40 -7.79
CA GLY J 268 22.92 -14.60 -6.85
C GLY J 268 24.24 -14.01 -7.31
N PHE J 269 24.48 -13.97 -8.62
CA PHE J 269 25.79 -13.69 -9.18
C PHE J 269 25.83 -12.52 -10.17
N MET J 270 24.71 -12.08 -10.71
CA MET J 270 24.69 -10.89 -11.55
C MET J 270 23.32 -10.23 -11.45
N PRO J 271 22.95 -9.79 -10.25
CA PRO J 271 21.59 -9.26 -10.05
C PRO J 271 21.33 -7.94 -10.74
N ASN J 272 22.37 -7.20 -11.13
CA ASN J 272 22.21 -5.88 -11.72
C ASN J 272 22.45 -5.86 -13.23
N TYR J 273 22.77 -7.01 -13.84
CA TYR J 273 23.06 -7.04 -15.27
C TYR J 273 21.89 -6.51 -16.09
N LEU J 274 20.67 -6.90 -15.74
CA LEU J 274 19.48 -6.50 -16.48
C LEU J 274 18.91 -5.18 -16.00
N GLY J 275 19.64 -4.46 -15.13
CA GLY J 275 19.21 -3.21 -14.56
C GLY J 275 20.00 -2.06 -15.17
N HIS J 276 19.62 -0.85 -14.76
CA HIS J 276 20.29 0.35 -15.19
C HIS J 276 21.10 0.92 -14.03
N PRO J 277 22.44 1.04 -14.12
CA PRO J 277 23.20 1.54 -12.97
C PRO J 277 22.78 2.92 -12.46
N ASP J 278 22.20 3.76 -13.32
CA ASP J 278 21.84 5.13 -12.94
C ASP J 278 20.71 5.20 -11.92
N ASN J 279 20.01 4.09 -11.66
CA ASN J 279 18.95 4.09 -10.66
C ASN J 279 19.48 3.91 -9.24
N TYR J 280 20.79 3.72 -9.08
CA TYR J 280 21.44 3.80 -7.78
C TYR J 280 21.87 5.23 -7.44
N ILE J 281 21.42 6.22 -8.21
CA ILE J 281 21.62 7.63 -7.91
C ILE J 281 20.25 8.22 -7.56
N GLU J 282 20.20 8.98 -6.47
CA GLU J 282 18.95 9.58 -6.04
C GLU J 282 18.40 10.52 -7.10
N ALA J 283 17.08 10.53 -7.23
CA ALA J 283 16.36 11.41 -8.15
C ALA J 283 16.82 12.85 -8.00
N ASN J 284 17.15 13.48 -9.13
CA ASN J 284 17.53 14.89 -9.20
C ASN J 284 16.58 15.56 -10.18
N PRO J 285 15.55 16.29 -9.73
CA PRO J 285 14.58 16.87 -10.67
C PRO J 285 15.12 17.98 -11.55
N LEU J 286 16.37 18.41 -11.38
CA LEU J 286 16.94 19.50 -12.16
C LEU J 286 17.95 19.01 -13.21
N SER J 287 17.98 17.70 -13.49
CA SER J 287 18.91 17.16 -14.47
C SER J 287 18.52 15.75 -14.88
N THR J 288 18.48 15.49 -16.21
CA THR J 288 18.23 14.16 -16.76
C THR J 288 19.56 13.48 -17.07
N PRO J 289 19.82 12.26 -16.60
CA PRO J 289 21.07 11.59 -16.95
C PRO J 289 21.28 11.46 -18.45
N ALA J 290 22.54 11.54 -18.86
CA ALA J 290 22.87 11.47 -20.29
C ALA J 290 22.59 10.08 -20.85
N HIS J 291 22.79 9.04 -20.05
CA HIS J 291 22.66 7.66 -20.52
C HIS J 291 21.36 7.03 -20.04
N ILE J 292 20.29 7.83 -20.00
CA ILE J 292 18.97 7.31 -19.68
C ILE J 292 18.56 6.32 -20.77
N VAL J 293 18.12 5.14 -20.33
CA VAL J 293 17.67 4.09 -21.25
C VAL J 293 16.53 3.36 -20.54
N PRO J 294 15.45 2.98 -21.24
CA PRO J 294 14.38 2.27 -20.55
C PRO J 294 14.79 0.88 -20.08
N GLU J 295 13.94 0.34 -19.21
CA GLU J 295 14.04 -1.06 -18.80
C GLU J 295 13.95 -1.93 -20.05
N TRP J 296 14.73 -3.01 -20.07
CA TRP J 296 14.91 -3.78 -21.31
C TRP J 296 13.58 -4.28 -21.87
N TYR J 297 12.62 -4.61 -21.00
CA TYR J 297 11.35 -5.14 -21.50
C TYR J 297 10.47 -4.06 -22.12
N PHE J 298 10.84 -2.78 -22.01
CA PHE J 298 10.17 -1.68 -22.67
C PHE J 298 10.85 -1.22 -23.96
N LEU J 299 12.07 -1.70 -24.23
CA LEU J 299 12.84 -1.14 -25.35
C LEU J 299 12.17 -1.25 -26.71
N PRO J 300 11.53 -2.37 -27.11
CA PRO J 300 10.95 -2.41 -28.47
C PRO J 300 9.90 -1.36 -28.74
N PHE J 301 9.04 -1.09 -27.76
CA PHE J 301 7.97 -0.13 -27.91
C PHE J 301 8.50 1.29 -27.78
N TYR J 302 9.54 1.48 -26.98
CA TYR J 302 10.22 2.77 -26.90
C TYR J 302 10.86 3.14 -28.24
N ALA J 303 11.49 2.17 -28.90
CA ALA J 303 12.14 2.41 -30.19
C ALA J 303 11.13 2.87 -31.24
N ILE J 304 9.92 2.31 -31.19
CA ILE J 304 8.88 2.69 -32.16
C ILE J 304 8.49 4.16 -31.99
N LEU J 305 8.27 4.61 -30.73
CA LEU J 305 7.83 5.98 -30.52
C LEU J 305 8.84 7.00 -31.04
N ARG J 306 10.11 6.85 -30.66
CA ARG J 306 11.06 7.90 -31.01
C ARG J 306 11.55 7.80 -32.45
N ALA J 307 11.23 6.71 -33.15
CA ALA J 307 11.57 6.62 -34.56
C ALA J 307 10.81 7.62 -35.41
N PHE J 308 9.65 8.10 -34.93
CA PHE J 308 8.75 8.94 -35.71
C PHE J 308 8.97 10.40 -35.34
N THR J 309 9.95 11.01 -35.98
CA THR J 309 10.28 12.42 -35.82
C THR J 309 9.52 13.23 -36.87
N ALA J 310 9.68 14.55 -36.85
CA ALA J 310 8.99 15.42 -37.79
C ALA J 310 9.40 15.16 -39.24
N ASP J 311 10.57 14.57 -39.47
CA ASP J 311 11.06 14.33 -40.83
C ASP J 311 10.46 13.10 -41.49
N VAL J 312 9.91 12.16 -40.71
CA VAL J 312 9.37 10.92 -41.25
C VAL J 312 8.17 11.19 -42.14
N TRP J 313 8.16 10.55 -43.32
CA TRP J 313 7.16 10.85 -44.34
C TRP J 313 5.75 10.58 -43.82
N VAL J 314 5.56 9.43 -43.16
CA VAL J 314 4.24 9.06 -42.65
C VAL J 314 3.76 10.03 -41.60
N VAL J 315 4.68 10.65 -40.86
CA VAL J 315 4.30 11.68 -39.89
C VAL J 315 3.76 12.91 -40.62
N GLN J 316 4.39 13.30 -41.73
CA GLN J 316 3.97 14.47 -42.48
C GLN J 316 2.60 14.27 -43.13
N ILE J 317 2.27 13.04 -43.53
CA ILE J 317 0.94 12.76 -44.05
C ILE J 317 -0.09 12.89 -42.93
N ALA J 318 0.21 12.29 -41.78
CA ALA J 318 -0.68 12.39 -40.62
C ALA J 318 -0.94 13.85 -40.25
N ASN J 319 0.11 14.68 -40.29
CA ASN J 319 -0.04 16.10 -39.94
C ASN J 319 -0.95 16.82 -40.93
N PHE J 320 -0.81 16.50 -42.22
CA PHE J 320 -1.61 17.17 -43.24
C PHE J 320 -3.07 16.74 -43.16
N ILE J 321 -3.33 15.43 -43.14
CA ILE J 321 -4.69 14.91 -43.10
C ILE J 321 -5.40 15.35 -41.81
N SER J 322 -4.67 15.36 -40.70
CA SER J 322 -5.24 15.75 -39.41
C SER J 322 -5.20 17.25 -39.16
N PHE J 323 -4.90 18.07 -40.18
CA PHE J 323 -4.85 19.52 -40.05
C PHE J 323 -3.89 19.98 -38.95
N GLY J 324 -2.84 19.20 -38.70
CA GLY J 324 -1.80 19.57 -37.76
C GLY J 324 -1.99 18.98 -36.38
N ILE J 325 -3.15 18.39 -36.10
CA ILE J 325 -3.44 17.78 -34.81
C ILE J 325 -2.44 16.66 -34.49
N ILE J 326 -2.19 15.78 -35.44
CA ILE J 326 -1.27 14.66 -35.24
C ILE J 326 0.09 15.09 -35.76
N ASP J 327 0.91 15.60 -34.85
CA ASP J 327 2.31 15.93 -35.14
C ASP J 327 3.18 14.74 -34.72
N ALA J 328 4.51 14.92 -34.85
CA ALA J 328 5.44 13.84 -34.54
C ALA J 328 5.30 13.38 -33.10
N LYS J 329 5.01 14.30 -32.18
CA LYS J 329 4.88 13.94 -30.77
C LYS J 329 3.74 12.95 -30.58
N PHE J 330 2.55 13.31 -31.07
CA PHE J 330 1.39 12.45 -30.91
C PHE J 330 1.47 11.24 -31.81
N PHE J 331 2.09 11.37 -32.98
CA PHE J 331 2.24 10.24 -33.88
C PHE J 331 3.06 9.13 -33.21
N GLY J 332 4.16 9.50 -32.55
CA GLY J 332 4.98 8.51 -31.91
C GLY J 332 4.24 7.79 -30.81
N VAL J 333 3.37 8.50 -30.10
CA VAL J 333 2.56 7.87 -29.06
C VAL J 333 1.54 6.94 -29.70
N LEU J 334 0.92 7.39 -30.80
CA LEU J 334 -0.03 6.56 -31.55
C LEU J 334 0.66 5.31 -32.09
N ALA J 335 1.88 5.46 -32.63
CA ALA J 335 2.59 4.31 -33.16
C ALA J 335 2.88 3.28 -32.09
N MET J 336 3.24 3.71 -30.88
CA MET J 336 3.60 2.77 -29.84
C MET J 336 2.38 1.98 -29.38
N PHE J 337 1.31 2.69 -29.02
CA PHE J 337 0.07 2.02 -28.64
C PHE J 337 -0.59 1.33 -29.84
N GLY J 338 -0.39 1.86 -31.05
CA GLY J 338 -0.94 1.20 -32.22
C GLY J 338 -0.28 -0.14 -32.48
N ALA J 339 1.02 -0.25 -32.18
CA ALA J 339 1.74 -1.51 -32.37
C ALA J 339 1.17 -2.58 -31.44
N ILE J 340 0.78 -2.18 -30.23
CA ILE J 340 0.17 -3.11 -29.27
C ILE J 340 -1.25 -3.44 -29.70
N LEU J 341 -1.97 -2.44 -30.23
CA LEU J 341 -3.37 -2.65 -30.60
C LEU J 341 -3.47 -3.67 -31.74
N VAL J 342 -2.61 -3.55 -32.75
CA VAL J 342 -2.69 -4.47 -33.87
C VAL J 342 -2.36 -5.89 -33.42
N MET J 343 -1.53 -6.04 -32.39
CA MET J 343 -1.25 -7.37 -31.86
C MET J 343 -2.45 -7.94 -31.12
N ALA J 344 -3.26 -7.07 -30.50
CA ALA J 344 -4.48 -7.52 -29.86
C ALA J 344 -5.53 -7.93 -30.88
N LEU J 345 -5.48 -7.34 -32.07
CA LEU J 345 -6.47 -7.57 -33.12
C LEU J 345 -6.09 -8.72 -34.04
N VAL J 346 -5.00 -9.43 -33.76
CA VAL J 346 -4.49 -10.47 -34.66
C VAL J 346 -5.47 -11.61 -34.90
N PRO J 347 -6.44 -11.95 -34.03
CA PRO J 347 -7.39 -13.01 -34.43
C PRO J 347 -8.21 -12.64 -35.66
N TRP J 348 -8.45 -11.35 -35.90
CA TRP J 348 -9.30 -10.90 -36.99
C TRP J 348 -8.50 -10.41 -38.20
N LEU J 349 -7.17 -10.35 -38.11
CA LEU J 349 -6.30 -9.98 -39.21
C LEU J 349 -5.67 -11.19 -39.90
N ASP J 350 -5.45 -12.27 -39.16
CA ASP J 350 -4.92 -13.51 -39.74
C ASP J 350 -6.09 -14.25 -40.39
N THR J 351 -6.14 -14.20 -41.72
CA THR J 351 -7.26 -14.74 -42.48
C THR J 351 -7.05 -16.18 -42.91
N SER J 352 -5.93 -16.80 -42.54
CA SER J 352 -5.70 -18.19 -42.92
C SER J 352 -6.55 -19.12 -42.07
N PRO J 353 -7.17 -20.17 -42.64
CA PRO J 353 -7.92 -21.12 -41.81
C PRO J 353 -7.07 -22.18 -41.14
N VAL J 354 -5.79 -22.30 -41.50
CA VAL J 354 -4.90 -23.27 -40.88
C VAL J 354 -4.41 -22.72 -39.54
N ARG J 355 -4.63 -23.48 -38.47
CA ARG J 355 -4.31 -22.99 -37.14
C ARG J 355 -2.80 -22.93 -36.89
N SER J 356 -2.13 -24.08 -36.95
CA SER J 356 -0.71 -24.14 -36.60
C SER J 356 0.16 -23.66 -37.75
N GLY J 357 1.11 -22.78 -37.43
CA GLY J 357 2.07 -22.30 -38.41
C GLY J 357 3.06 -23.36 -38.87
N ARG J 358 3.09 -24.51 -38.20
CA ARG J 358 3.96 -25.61 -38.58
C ARG J 358 3.65 -26.10 -39.99
N TYR J 359 2.40 -25.92 -40.44
CA TYR J 359 1.94 -26.39 -41.74
C TYR J 359 1.66 -25.21 -42.67
N ARG J 360 2.33 -24.09 -42.42
CA ARG J 360 2.19 -22.87 -43.21
C ARG J 360 3.59 -22.49 -43.68
N PRO J 361 4.03 -22.97 -44.86
CA PRO J 361 5.43 -22.74 -45.29
C PRO J 361 5.86 -21.29 -45.34
N MET J 362 5.04 -20.42 -45.94
CA MET J 362 5.40 -19.00 -46.05
C MET J 362 5.34 -18.30 -44.69
N PHE J 363 4.36 -18.67 -43.86
CA PHE J 363 4.22 -18.06 -42.54
C PHE J 363 5.49 -18.22 -41.70
N LYS J 364 6.12 -19.40 -41.75
CA LYS J 364 7.34 -19.65 -40.98
C LYS J 364 8.40 -18.58 -41.23
N ILE J 365 8.56 -18.19 -42.49
CA ILE J 365 9.56 -17.18 -42.84
C ILE J 365 9.25 -15.88 -42.11
N TYR J 366 8.02 -15.38 -42.26
CA TYR J 366 7.66 -14.08 -41.71
C TYR J 366 7.59 -14.10 -40.19
N PHE J 367 7.29 -15.24 -39.58
CA PHE J 367 7.25 -15.31 -38.13
C PHE J 367 8.65 -15.14 -37.56
N TRP J 368 9.63 -15.87 -38.10
CA TRP J 368 10.98 -15.78 -37.57
C TRP J 368 11.58 -14.42 -37.87
N LEU J 369 11.11 -13.75 -38.92
CA LEU J 369 11.49 -12.36 -39.15
C LEU J 369 10.91 -11.47 -38.05
N LEU J 370 9.69 -11.76 -37.60
CA LEU J 370 9.09 -10.97 -36.54
C LEU J 370 9.83 -11.17 -35.23
N ALA J 371 10.21 -12.40 -34.93
CA ALA J 371 10.99 -12.65 -33.73
C ALA J 371 12.33 -11.91 -33.80
N ALA J 372 13.00 -12.02 -34.96
CA ALA J 372 14.25 -11.28 -35.16
C ALA J 372 14.00 -9.78 -35.09
N ASP J 373 12.89 -9.32 -35.67
CA ASP J 373 12.54 -7.89 -35.65
C ASP J 373 12.36 -7.42 -34.21
N PHE J 374 11.75 -8.26 -33.38
CA PHE J 374 11.51 -7.87 -32.00
C PHE J 374 12.84 -7.71 -31.27
N VAL J 375 13.79 -8.61 -31.52
CA VAL J 375 15.12 -8.49 -30.95
C VAL J 375 15.82 -7.27 -31.52
N ILE J 376 15.68 -7.03 -32.81
CA ILE J 376 16.29 -5.87 -33.45
C ILE J 376 15.73 -4.59 -32.83
N LEU J 377 14.40 -4.51 -32.69
CA LEU J 377 13.75 -3.37 -32.06
C LEU J 377 14.31 -3.13 -30.66
N THR J 378 14.55 -4.21 -29.92
CA THR J 378 15.15 -4.10 -28.59
C THR J 378 16.54 -3.49 -28.68
N TRP J 379 17.32 -3.91 -29.67
CA TRP J 379 18.70 -3.44 -29.80
C TRP J 379 18.77 -1.96 -30.16
N VAL J 380 17.97 -1.52 -31.13
CA VAL J 380 18.03 -0.10 -31.51
C VAL J 380 17.51 0.80 -30.41
N GLY J 381 16.61 0.29 -29.54
CA GLY J 381 16.12 1.09 -28.43
C GLY J 381 17.19 1.65 -27.52
N ALA J 382 18.31 0.95 -27.37
CA ALA J 382 19.39 1.40 -26.49
C ALA J 382 20.44 2.26 -27.21
N GLN J 383 20.32 2.46 -28.52
CA GLN J 383 21.27 3.26 -29.28
C GLN J 383 20.81 4.72 -29.41
N GLN J 384 21.71 5.56 -29.93
CA GLN J 384 21.37 6.95 -30.20
C GLN J 384 20.43 7.04 -31.41
N THR J 385 19.86 8.24 -31.59
CA THR J 385 18.92 8.48 -32.68
C THR J 385 19.59 9.01 -33.94
N THR J 386 20.92 8.98 -34.00
CA THR J 386 21.63 9.44 -35.18
C THR J 386 21.62 8.35 -36.27
N PHE J 387 22.04 8.74 -37.46
CA PHE J 387 22.20 7.79 -38.54
C PHE J 387 23.25 6.74 -38.17
N PRO J 388 23.05 5.44 -38.49
CA PRO J 388 21.95 4.79 -39.22
C PRO J 388 20.83 4.25 -38.34
N TYR J 389 20.97 4.34 -37.01
CA TYR J 389 20.00 3.73 -36.10
C TYR J 389 18.59 4.25 -36.33
N ASP J 390 18.46 5.52 -36.75
CA ASP J 390 17.14 6.08 -37.04
C ASP J 390 16.47 5.31 -38.17
N TRP J 391 17.25 4.88 -39.17
CA TRP J 391 16.69 4.09 -40.25
C TRP J 391 16.42 2.65 -39.81
N ILE J 392 17.35 2.04 -39.06
CA ILE J 392 17.16 0.68 -38.57
C ILE J 392 15.85 0.59 -37.79
N SER J 393 15.53 1.64 -37.01
CA SER J 393 14.30 1.61 -36.23
C SER J 393 13.08 1.84 -37.11
N LEU J 394 13.25 2.57 -38.22
CA LEU J 394 12.16 2.74 -39.18
C LEU J 394 11.90 1.44 -39.93
N ILE J 395 12.97 0.77 -40.39
CA ILE J 395 12.80 -0.49 -41.10
C ILE J 395 12.21 -1.53 -40.16
N ALA J 396 12.70 -1.57 -38.93
CA ALA J 396 12.20 -2.54 -37.97
C ALA J 396 10.74 -2.25 -37.63
N SER J 397 10.43 -0.97 -37.38
CA SER J 397 9.05 -0.57 -37.09
C SER J 397 8.13 -0.89 -38.26
N ALA J 398 8.60 -0.63 -39.48
CA ALA J 398 7.77 -0.87 -40.67
C ALA J 398 7.36 -2.34 -40.78
N TYR J 399 8.30 -3.25 -40.53
CA TYR J 399 7.97 -4.67 -40.68
C TYR J 399 6.97 -5.12 -39.64
N TRP J 400 7.05 -4.58 -38.42
CA TRP J 400 6.12 -4.96 -37.36
C TRP J 400 4.68 -4.70 -37.79
N PHE J 401 4.41 -3.52 -38.34
CA PHE J 401 3.05 -3.22 -38.76
C PHE J 401 2.71 -3.98 -40.03
N ALA J 402 3.71 -4.21 -40.89
CA ALA J 402 3.46 -4.94 -42.13
C ALA J 402 3.08 -6.39 -41.86
N TYR J 403 3.72 -7.02 -40.87
CA TYR J 403 3.45 -8.41 -40.56
C TYR J 403 1.97 -8.63 -40.23
N PHE J 404 1.43 -7.82 -39.33
CA PHE J 404 0.06 -8.01 -38.88
C PHE J 404 -0.97 -7.44 -39.86
N LEU J 405 -0.66 -6.30 -40.48
CA LEU J 405 -1.64 -5.56 -41.27
C LEU J 405 -1.63 -5.90 -42.76
N VAL J 406 -0.54 -6.47 -43.27
CA VAL J 406 -0.39 -6.74 -44.71
C VAL J 406 -0.14 -8.21 -44.96
N ILE J 407 0.93 -8.76 -44.36
CA ILE J 407 1.31 -10.14 -44.64
C ILE J 407 0.21 -11.10 -44.21
N LEU J 408 -0.22 -11.01 -42.95
CA LEU J 408 -1.18 -11.98 -42.41
C LEU J 408 -2.51 -11.97 -43.15
N PRO J 409 -3.14 -10.83 -43.45
CA PRO J 409 -4.37 -10.87 -44.27
C PRO J 409 -4.13 -11.47 -45.64
N ILE J 410 -3.03 -11.10 -46.28
CA ILE J 410 -2.71 -11.58 -47.63
C ILE J 410 -2.34 -13.06 -47.60
N LEU J 411 -1.59 -13.49 -46.59
CA LEU J 411 -1.13 -14.87 -46.52
C LEU J 411 -2.30 -15.85 -46.51
N GLY J 412 -3.40 -15.51 -45.84
CA GLY J 412 -4.51 -16.45 -45.74
C GLY J 412 -5.29 -16.65 -47.03
N ALA J 413 -4.98 -15.87 -48.07
CA ALA J 413 -5.67 -15.94 -49.37
C ALA J 413 -4.70 -16.24 -50.50
N ILE J 414 -3.49 -16.73 -50.18
CA ILE J 414 -2.44 -16.98 -51.17
C ILE J 414 -1.68 -18.25 -50.80
N GLU J 415 -1.41 -18.44 -49.52
CA GLU J 415 -0.59 -19.54 -49.03
C GLU J 415 -1.21 -20.88 -49.41
N LYS J 416 -0.33 -21.86 -49.67
CA LYS J 416 -0.74 -23.25 -49.88
C LYS J 416 -0.28 -24.08 -48.68
N PRO J 417 -1.14 -24.28 -47.68
CA PRO J 417 -0.70 -24.95 -46.45
C PRO J 417 -0.51 -26.45 -46.64
N VAL J 418 0.31 -27.03 -45.78
CA VAL J 418 0.52 -28.48 -45.78
C VAL J 418 -0.62 -29.14 -45.00
N ALA J 419 -0.92 -30.38 -45.35
CA ALA J 419 -1.96 -31.13 -44.66
C ALA J 419 -1.52 -31.45 -43.23
N PRO J 420 -2.30 -31.14 -42.21
CA PRO J 420 -1.93 -31.57 -40.86
C PRO J 420 -2.22 -33.05 -40.64
N PRO J 421 -1.78 -33.63 -39.52
CA PRO J 421 -2.12 -35.02 -39.22
C PRO J 421 -3.63 -35.23 -39.09
N ALA J 422 -4.03 -36.49 -39.23
CA ALA J 422 -5.44 -36.83 -39.07
C ALA J 422 -5.87 -36.66 -37.63
N THR J 423 -5.01 -37.04 -36.67
CA THR J 423 -5.34 -36.99 -35.26
C THR J 423 -4.10 -36.63 -34.45
N ILE J 424 -4.33 -36.30 -33.17
CA ILE J 424 -3.23 -36.08 -32.24
C ILE J 424 -2.43 -37.36 -32.01
N GLU J 425 -3.14 -38.50 -31.96
CA GLU J 425 -2.48 -39.79 -31.74
C GLU J 425 -1.43 -40.07 -32.82
N GLU J 426 -1.76 -39.79 -34.08
CA GLU J 426 -0.82 -40.02 -35.17
C GLU J 426 0.48 -39.25 -34.95
N ASP J 427 0.37 -37.96 -34.60
CA ASP J 427 1.57 -37.16 -34.40
C ASP J 427 2.39 -37.65 -33.21
N PHE J 428 1.72 -38.06 -32.12
CA PHE J 428 2.44 -38.49 -30.92
C PHE J 428 3.23 -39.76 -31.17
N ASN J 429 2.61 -40.78 -31.76
CA ASN J 429 3.32 -42.02 -32.03
C ASN J 429 4.48 -41.81 -32.99
N ALA J 430 4.34 -40.86 -33.93
CA ALA J 430 5.42 -40.54 -34.85
C ALA J 430 6.55 -39.83 -34.12
N ALA K 1 28.11 13.42 -23.72
CA ALA K 1 29.01 12.49 -22.95
C ALA K 1 28.99 11.11 -23.59
N GLY K 2 29.64 10.16 -22.93
CA GLY K 2 29.71 8.81 -23.45
C GLY K 2 30.36 7.88 -22.45
N GLY K 3 30.67 6.67 -22.92
CA GLY K 3 31.42 5.70 -22.16
C GLY K 3 32.90 5.74 -22.52
N GLY K 4 33.70 5.05 -21.70
CA GLY K 4 35.14 5.08 -21.90
C GLY K 4 35.86 3.86 -21.39
N HIS K 5 37.19 3.93 -21.42
CA HIS K 5 38.05 2.81 -21.05
C HIS K 5 38.34 2.85 -19.55
N VAL K 6 38.23 1.69 -18.90
CA VAL K 6 38.60 1.51 -17.50
C VAL K 6 39.67 0.44 -17.45
N GLU K 7 40.56 0.54 -16.47
CA GLU K 7 41.58 -0.48 -16.25
C GLU K 7 40.96 -1.70 -15.59
N ASP K 8 41.07 -2.86 -16.25
CA ASP K 8 40.44 -4.09 -15.77
C ASP K 8 41.28 -4.60 -14.60
N VAL K 9 40.88 -4.20 -13.39
CA VAL K 9 41.57 -4.60 -12.16
C VAL K 9 41.10 -6.00 -11.75
N PRO K 10 42.01 -6.88 -11.24
CA PRO K 10 41.54 -8.17 -10.71
C PRO K 10 41.21 -8.10 -9.23
N PHE K 11 39.98 -7.68 -8.91
CA PHE K 11 39.55 -7.56 -7.52
C PHE K 11 39.21 -8.94 -6.96
N SER K 12 39.50 -9.11 -5.67
CA SER K 12 39.27 -10.40 -5.01
C SER K 12 37.79 -10.77 -5.02
N PHE K 13 36.90 -9.78 -4.97
CA PHE K 13 35.48 -10.08 -4.84
C PHE K 13 34.83 -10.49 -6.15
N GLU K 14 35.57 -10.52 -7.26
CA GLU K 14 35.02 -10.88 -8.55
C GLU K 14 35.07 -12.39 -8.75
N GLY K 15 34.18 -12.89 -9.60
CA GLY K 15 34.04 -14.31 -9.80
C GLY K 15 33.01 -14.90 -8.85
N PRO K 16 32.42 -16.06 -9.20
CA PRO K 16 31.38 -16.64 -8.33
C PRO K 16 31.89 -16.98 -6.93
N PHE K 17 33.17 -17.34 -6.80
CA PHE K 17 33.77 -17.66 -5.52
C PHE K 17 34.54 -16.49 -4.92
N GLY K 18 34.40 -15.29 -5.49
CA GLY K 18 35.14 -14.14 -4.99
C GLY K 18 34.61 -13.67 -3.65
N THR K 19 35.53 -13.22 -2.80
CA THR K 19 35.19 -12.71 -1.47
C THR K 19 36.07 -11.51 -1.15
N PHE K 20 35.59 -10.67 -0.25
CA PHE K 20 36.36 -9.51 0.19
C PHE K 20 37.60 -9.94 0.96
N ASP K 21 38.68 -9.19 0.77
CA ASP K 21 39.88 -9.32 1.58
C ASP K 21 39.75 -8.38 2.77
N GLN K 22 39.68 -8.96 3.97
CA GLN K 22 39.38 -8.19 5.18
C GLN K 22 40.40 -7.07 5.39
N HIS K 23 41.69 -7.38 5.24
CA HIS K 23 42.72 -6.37 5.45
C HIS K 23 42.67 -5.28 4.40
N GLN K 24 42.34 -5.64 3.15
CA GLN K 24 42.22 -4.63 2.10
C GLN K 24 41.10 -3.64 2.42
N LEU K 25 39.96 -4.14 2.90
CA LEU K 25 38.86 -3.26 3.24
C LEU K 25 39.25 -2.32 4.38
N GLN K 26 40.06 -2.81 5.32
CA GLN K 26 40.52 -1.96 6.41
C GLN K 26 41.45 -0.88 5.90
N ARG K 27 42.35 -1.23 4.99
CA ARG K 27 43.22 -0.24 4.37
C ARG K 27 42.40 0.80 3.61
N GLY K 28 41.38 0.35 2.89
CA GLY K 28 40.54 1.26 2.14
C GLY K 28 39.78 2.23 3.03
N LEU K 29 39.37 1.77 4.21
CA LEU K 29 38.70 2.64 5.16
C LEU K 29 39.63 3.75 5.64
N GLN K 30 40.90 3.42 5.85
CA GLN K 30 41.88 4.42 6.26
C GLN K 30 42.07 5.46 5.17
N VAL K 31 42.13 5.01 3.91
CA VAL K 31 42.26 5.94 2.79
C VAL K 31 41.05 6.86 2.71
N TYR K 32 39.84 6.29 2.82
CA TYR K 32 38.63 7.10 2.76
C TYR K 32 38.62 8.15 3.87
N THR K 33 38.99 7.75 5.09
CA THR K 33 38.92 8.68 6.21
C THR K 33 39.95 9.80 6.08
N GLU K 34 41.15 9.46 5.62
CA GLU K 34 42.25 10.42 5.59
C GLU K 34 42.27 11.27 4.33
N VAL K 35 41.63 10.81 3.24
CA VAL K 35 41.68 11.50 1.95
C VAL K 35 40.27 11.84 1.47
N CYS K 36 39.48 10.82 1.16
CA CYS K 36 38.18 11.04 0.50
C CYS K 36 37.21 11.77 1.42
N ALA K 37 37.22 11.45 2.72
CA ALA K 37 36.21 11.97 3.63
C ALA K 37 36.19 13.49 3.73
N ALA K 38 37.26 14.17 3.35
CA ALA K 38 37.29 15.63 3.37
C ALA K 38 36.20 16.25 2.51
N CYS K 39 35.78 15.56 1.43
CA CYS K 39 34.78 16.07 0.49
C CYS K 39 33.57 15.17 0.34
N HIS K 40 33.78 13.85 0.29
CA HIS K 40 32.71 12.89 0.03
C HIS K 40 32.15 12.31 1.32
N GLY K 41 30.82 12.10 1.33
CA GLY K 41 30.14 11.45 2.42
C GLY K 41 29.66 10.08 1.95
N MET K 42 29.12 9.30 2.90
CA MET K 42 28.48 8.02 2.60
C MET K 42 27.20 7.89 3.41
N LYS K 43 26.21 8.72 3.10
CA LYS K 43 25.07 8.93 3.98
C LYS K 43 24.17 7.71 4.15
N PHE K 44 24.35 6.66 3.33
CA PHE K 44 23.54 5.45 3.43
C PHE K 44 24.24 4.31 4.16
N VAL K 45 25.51 4.46 4.53
CA VAL K 45 26.27 3.41 5.19
C VAL K 45 26.20 3.63 6.70
N PRO K 46 25.59 2.72 7.47
CA PRO K 46 25.69 2.86 8.94
C PRO K 46 27.11 2.55 9.39
N ILE K 47 27.62 3.39 10.30
CA ILE K 47 28.99 3.19 10.79
C ILE K 47 29.13 1.84 11.47
N ARG K 48 28.07 1.38 12.13
CA ARG K 48 28.08 0.08 12.82
C ARG K 48 28.34 -1.08 11.88
N SER K 49 28.12 -0.92 10.57
CA SER K 49 28.29 -2.02 9.64
C SER K 49 29.74 -2.44 9.45
N LEU K 50 30.69 -1.66 9.97
CA LEU K 50 32.09 -2.07 9.96
C LEU K 50 32.33 -3.29 10.83
N SER K 51 31.41 -3.62 11.74
CA SER K 51 31.50 -4.81 12.58
C SER K 51 30.80 -6.02 11.97
N GLU K 52 29.80 -5.78 11.11
CA GLU K 52 28.97 -6.86 10.59
C GLU K 52 29.83 -7.89 9.85
N PRO K 53 29.45 -9.17 9.88
CA PRO K 53 30.24 -10.16 9.14
C PRO K 53 30.14 -9.94 7.65
N GLY K 54 31.25 -10.23 6.97
CA GLY K 54 31.34 -10.06 5.54
C GLY K 54 31.88 -8.71 5.10
N GLY K 55 32.54 -7.99 6.00
CA GLY K 55 33.09 -6.69 5.72
C GLY K 55 34.43 -6.51 6.41
N PRO K 56 34.80 -5.27 6.76
CA PRO K 56 36.05 -5.07 7.52
C PRO K 56 36.07 -5.79 8.85
N GLU K 57 34.91 -6.00 9.48
CA GLU K 57 34.77 -6.70 10.75
C GLU K 57 35.74 -6.17 11.81
N LEU K 58 35.59 -4.87 12.11
CA LEU K 58 36.37 -4.26 13.18
C LEU K 58 35.74 -4.55 14.54
N PRO K 59 36.53 -4.69 15.61
CA PRO K 59 35.95 -4.84 16.95
C PRO K 59 35.02 -3.68 17.30
N GLU K 60 33.97 -4.01 18.07
CA GLU K 60 32.92 -3.02 18.34
C GLU K 60 33.44 -1.83 19.14
N ASP K 61 34.53 -2.03 19.92
CA ASP K 61 35.12 -0.91 20.65
C ASP K 61 35.87 0.03 19.71
N GLN K 62 36.58 -0.54 18.73
CA GLN K 62 37.25 0.29 17.72
C GLN K 62 36.24 1.09 16.91
N VAL K 63 35.13 0.45 16.53
CA VAL K 63 34.12 1.15 15.72
C VAL K 63 33.51 2.29 16.52
N ARG K 64 33.34 2.08 17.83
CA ARG K 64 32.81 3.13 18.69
C ARG K 64 33.76 4.31 18.75
N ALA K 65 35.06 4.05 18.81
CA ALA K 65 36.03 5.13 18.82
C ALA K 65 36.04 5.85 17.47
N TYR K 66 35.91 5.10 16.37
CA TYR K 66 35.91 5.72 15.05
C TYR K 66 34.72 6.65 14.88
N ALA K 67 33.54 6.22 15.32
CA ALA K 67 32.34 7.04 15.19
C ALA K 67 32.45 8.36 15.94
N THR K 68 33.31 8.44 16.95
CA THR K 68 33.41 9.64 17.78
C THR K 68 33.83 10.86 16.97
N GLN K 69 34.69 10.66 15.96
CA GLN K 69 35.26 11.80 15.24
C GLN K 69 34.21 12.64 14.53
N PHE K 70 33.04 12.07 14.22
CA PHE K 70 31.99 12.78 13.52
C PHE K 70 31.14 13.56 14.50
N THR K 71 30.76 14.79 14.11
CA THR K 71 29.81 15.61 14.86
C THR K 71 28.43 15.48 14.20
N VAL K 72 27.51 14.83 14.90
CA VAL K 72 26.17 14.56 14.39
C VAL K 72 25.19 15.43 15.15
N THR K 73 24.20 15.96 14.43
CA THR K 73 23.10 16.69 15.05
C THR K 73 22.02 15.69 15.43
N ASP K 74 21.79 15.53 16.74
CA ASP K 74 20.77 14.61 17.21
C ASP K 74 19.39 15.08 16.73
N GLU K 75 18.56 14.12 16.31
CA GLU K 75 17.27 14.47 15.73
C GLU K 75 16.32 15.09 16.75
N GLU K 76 16.12 14.40 17.88
CA GLU K 76 15.26 14.95 18.93
C GLU K 76 15.87 16.18 19.58
N THR K 77 17.11 16.06 20.08
CA THR K 77 17.73 17.16 20.82
C THR K 77 17.95 18.37 19.92
N GLY K 78 18.43 18.14 18.70
CA GLY K 78 18.78 19.21 17.79
C GLY K 78 20.13 19.83 18.04
N GLU K 79 20.80 19.49 19.15
CA GLU K 79 22.11 20.00 19.48
C GLU K 79 23.16 19.00 19.02
N ASP K 80 24.38 19.50 18.79
CA ASP K 80 25.46 18.66 18.29
C ASP K 80 25.96 17.72 19.38
N ARG K 81 26.48 16.57 18.94
CA ARG K 81 27.05 15.58 19.85
C ARG K 81 28.05 14.73 19.07
N GLU K 82 28.80 13.91 19.80
CA GLU K 82 29.71 12.97 19.18
C GLU K 82 28.95 11.85 18.48
N GLY K 83 29.58 11.27 17.46
CA GLY K 83 28.91 10.22 16.69
C GLY K 83 28.91 8.90 17.44
N LYS K 84 27.88 8.11 17.17
CA LYS K 84 27.75 6.74 17.65
C LYS K 84 27.86 5.75 16.50
N PRO K 85 28.05 4.45 16.78
CA PRO K 85 28.03 3.46 15.69
C PRO K 85 26.69 3.38 14.97
N THR K 86 25.59 3.74 15.63
CA THR K 86 24.28 3.68 15.00
C THR K 86 24.04 4.82 14.02
N ASP K 87 24.91 5.83 13.99
CA ASP K 87 24.83 6.90 13.02
C ASP K 87 25.40 6.48 11.68
N HIS K 88 24.93 7.13 10.62
CA HIS K 88 25.51 6.98 9.30
C HIS K 88 26.75 7.89 9.16
N PHE K 89 27.57 7.58 8.17
CA PHE K 89 28.62 8.51 7.77
C PHE K 89 27.99 9.84 7.40
N PRO K 90 28.70 10.96 7.54
CA PRO K 90 28.09 12.26 7.24
C PRO K 90 27.79 12.42 5.75
N HIS K 91 26.92 13.40 5.46
CA HIS K 91 26.69 13.81 4.09
C HIS K 91 27.96 14.42 3.50
N SER K 92 27.96 14.57 2.17
CA SER K 92 29.08 15.20 1.47
C SER K 92 29.28 16.62 1.99
N ALA K 93 30.51 16.93 2.41
CA ALA K 93 30.83 18.29 2.82
C ALA K 93 30.76 19.25 1.64
N LEU K 94 31.18 18.79 0.46
CA LEU K 94 31.14 19.59 -0.76
C LEU K 94 29.85 19.29 -1.52
N GLU K 95 29.06 20.33 -1.79
CA GLU K 95 27.68 20.16 -2.24
C GLU K 95 27.60 19.40 -3.57
N ASN K 96 28.54 19.63 -4.48
CA ASN K 96 28.55 18.99 -5.79
C ASN K 96 29.46 17.76 -5.83
N ALA K 97 29.98 17.32 -4.69
CA ALA K 97 30.73 16.06 -4.62
C ALA K 97 29.72 14.94 -4.41
N PRO K 98 29.53 14.03 -5.36
CA PRO K 98 28.45 13.03 -5.21
C PRO K 98 28.69 12.09 -4.04
N ASP K 99 27.59 11.60 -3.49
CA ASP K 99 27.65 10.61 -2.43
C ASP K 99 28.23 9.30 -2.96
N LEU K 100 29.12 8.70 -2.18
CA LEU K 100 29.87 7.53 -2.60
C LEU K 100 29.31 6.22 -2.04
N SER K 101 28.16 6.27 -1.34
CA SER K 101 27.58 5.06 -0.75
C SER K 101 27.38 3.98 -1.79
N LEU K 102 26.86 4.34 -2.97
CA LEU K 102 26.48 3.40 -4.02
C LEU K 102 27.24 3.64 -5.31
N MET K 103 28.35 4.40 -5.24
CA MET K 103 29.07 4.78 -6.45
C MET K 103 29.59 3.55 -7.19
N ALA K 104 30.08 2.54 -6.45
CA ALA K 104 30.66 1.36 -7.05
C ALA K 104 29.65 0.48 -7.78
N LYS K 105 28.35 0.76 -7.61
CA LYS K 105 27.28 0.09 -8.34
C LYS K 105 26.56 1.02 -9.30
N ALA K 106 26.70 2.33 -9.12
CA ALA K 106 26.04 3.33 -9.95
C ALA K 106 26.86 3.73 -11.16
N ARG K 107 27.98 3.04 -11.43
CA ARG K 107 28.82 3.29 -12.60
C ARG K 107 29.13 1.96 -13.27
N ALA K 108 29.06 1.96 -14.60
CA ALA K 108 29.48 0.81 -15.42
C ALA K 108 30.73 1.18 -16.19
N GLY K 109 31.76 0.34 -16.07
CA GLY K 109 33.02 0.56 -16.77
C GLY K 109 33.10 -0.23 -18.06
N PHE K 110 32.35 -1.32 -18.16
CA PHE K 110 32.34 -2.21 -19.31
C PHE K 110 31.02 -2.08 -20.05
N HIS K 111 31.10 -1.89 -21.37
CA HIS K 111 29.94 -1.71 -22.23
C HIS K 111 30.11 -2.58 -23.48
N GLY K 112 29.04 -2.66 -24.26
CA GLY K 112 29.08 -3.35 -25.53
C GLY K 112 29.25 -4.85 -25.39
N PRO K 113 29.66 -5.54 -26.47
CA PRO K 113 29.98 -5.08 -27.83
C PRO K 113 28.75 -4.78 -28.68
N MET K 114 28.79 -3.65 -29.39
CA MET K 114 27.69 -3.16 -30.23
C MET K 114 26.37 -3.12 -29.43
N GLY K 115 26.49 -2.78 -28.15
CA GLY K 115 25.35 -2.71 -27.25
C GLY K 115 24.63 -4.03 -27.10
N THR K 116 25.37 -5.14 -27.08
CA THR K 116 24.82 -6.47 -26.86
C THR K 116 24.86 -6.86 -25.39
N GLY K 117 25.71 -6.22 -24.61
CA GLY K 117 25.83 -6.47 -23.19
C GLY K 117 26.63 -7.71 -22.85
N ILE K 118 27.27 -8.34 -23.83
CA ILE K 118 28.06 -9.54 -23.55
C ILE K 118 29.28 -9.17 -22.72
N SER K 119 29.80 -7.95 -22.87
CA SER K 119 30.97 -7.53 -22.11
C SER K 119 30.65 -7.52 -20.62
N GLN K 120 29.51 -6.95 -20.25
CA GLN K 120 29.11 -6.94 -18.85
C GLN K 120 28.81 -8.35 -18.37
N LEU K 121 28.33 -9.22 -19.27
CA LEU K 121 27.96 -10.58 -18.89
C LEU K 121 29.18 -11.37 -18.40
N PHE K 122 30.38 -11.04 -18.89
CA PHE K 122 31.61 -11.77 -18.54
C PHE K 122 32.55 -11.00 -17.62
N ASN K 123 32.56 -9.66 -17.70
CA ASN K 123 33.48 -8.84 -16.92
C ASN K 123 32.80 -8.08 -15.79
N GLY K 124 31.48 -8.19 -15.63
CA GLY K 124 30.77 -7.44 -14.63
C GLY K 124 30.46 -6.02 -15.08
N ILE K 125 29.78 -5.29 -14.19
CA ILE K 125 29.38 -3.93 -14.52
C ILE K 125 30.60 -3.00 -14.57
N GLY K 126 31.54 -3.20 -13.65
CA GLY K 126 32.81 -2.52 -13.70
C GLY K 126 32.87 -1.20 -12.97
N GLY K 127 32.06 -1.03 -11.92
CA GLY K 127 32.05 0.18 -11.14
C GLY K 127 33.33 0.45 -10.38
N PRO K 128 33.81 -0.52 -9.58
CA PRO K 128 35.08 -0.28 -8.85
C PRO K 128 36.27 -0.16 -9.77
N GLU K 129 36.25 -0.81 -10.94
CA GLU K 129 37.30 -0.60 -11.93
C GLU K 129 37.29 0.84 -12.41
N TYR K 130 36.10 1.40 -12.64
CA TYR K 130 35.99 2.79 -13.07
C TYR K 130 36.56 3.73 -12.01
N ILE K 131 36.15 3.55 -10.75
CA ILE K 131 36.67 4.37 -9.66
C ILE K 131 38.19 4.30 -9.63
N TYR K 132 38.73 3.08 -9.73
CA TYR K 132 40.18 2.91 -9.75
C TYR K 132 40.80 3.70 -10.89
N SER K 133 40.17 3.65 -12.07
CA SER K 133 40.70 4.33 -13.24
C SER K 133 40.72 5.84 -13.05
N VAL K 134 39.73 6.40 -12.35
CA VAL K 134 39.73 7.83 -12.10
C VAL K 134 40.88 8.20 -11.16
N LEU K 135 41.07 7.42 -10.09
CA LEU K 135 42.17 7.68 -9.18
C LEU K 135 43.52 7.49 -9.87
N THR K 136 43.57 6.64 -10.90
CA THR K 136 44.79 6.32 -11.62
C THR K 136 45.00 7.26 -12.81
N GLY K 137 43.91 7.77 -13.38
CA GLY K 137 43.92 8.43 -14.67
C GLY K 137 44.22 9.92 -14.65
N PHE K 138 45.08 10.36 -13.72
CA PHE K 138 45.55 11.74 -13.67
C PHE K 138 46.94 11.82 -14.31
N PRO K 139 47.09 12.31 -15.54
CA PRO K 139 48.42 12.42 -16.14
C PRO K 139 49.11 13.71 -15.77
N GLU K 140 50.45 13.65 -15.73
CA GLU K 140 51.24 14.83 -15.39
C GLU K 140 51.14 15.90 -16.47
N GLU K 141 51.09 15.50 -17.77
CA GLU K 141 50.92 16.43 -18.87
C GLU K 141 49.51 16.31 -19.48
N PRO K 142 48.80 17.40 -19.77
CA PRO K 142 47.50 17.27 -20.45
C PRO K 142 47.65 16.93 -21.92
N PRO K 143 46.55 16.60 -22.60
CA PRO K 143 46.61 16.37 -24.05
C PRO K 143 47.02 17.62 -24.81
N LYS K 144 47.73 17.41 -25.93
CA LYS K 144 48.35 18.53 -26.66
C LYS K 144 47.32 19.55 -27.12
N CYS K 145 46.06 19.13 -27.35
CA CYS K 145 45.01 19.99 -27.88
C CYS K 145 44.52 21.04 -26.88
N ALA K 146 44.88 20.95 -25.60
CA ALA K 146 44.40 21.88 -24.58
C ALA K 146 45.56 22.47 -23.77
N GLU K 147 46.73 22.62 -24.38
CA GLU K 147 47.88 23.13 -23.65
C GLU K 147 47.64 24.53 -23.10
N GLY K 148 46.86 25.36 -23.81
CA GLY K 148 46.53 26.70 -23.39
C GLY K 148 45.03 26.98 -23.34
N HIS K 149 44.23 25.97 -22.99
CA HIS K 149 42.78 26.09 -23.01
C HIS K 149 42.13 25.35 -21.84
N GLU K 150 42.87 25.03 -20.79
CA GLU K 150 42.31 24.32 -19.65
C GLU K 150 41.32 25.22 -18.90
N PRO K 151 40.09 24.79 -18.65
CA PRO K 151 39.20 25.61 -17.80
C PRO K 151 39.77 25.74 -16.40
N ASP K 152 39.65 26.92 -15.82
CA ASP K 152 40.19 27.14 -14.49
C ASP K 152 39.29 26.46 -13.45
N GLY K 153 39.93 25.77 -12.53
CA GLY K 153 39.23 25.04 -11.49
C GLY K 153 38.86 23.62 -11.88
N PHE K 154 39.33 23.13 -13.03
CA PHE K 154 39.05 21.79 -13.50
C PHE K 154 40.37 21.09 -13.86
N TYR K 155 40.32 19.76 -13.98
CA TYR K 155 41.51 18.95 -14.14
C TYR K 155 41.22 17.81 -15.11
N TYR K 156 42.19 17.56 -16.00
CA TYR K 156 42.05 16.50 -17.00
C TYR K 156 42.17 15.13 -16.36
N ASN K 157 41.25 14.23 -16.70
CA ASN K 157 41.30 12.85 -16.24
C ASN K 157 41.08 11.92 -17.43
N ARG K 158 41.94 10.89 -17.54
CA ARG K 158 41.91 10.01 -18.69
C ARG K 158 40.61 9.22 -18.77
N ALA K 159 40.08 8.79 -17.62
CA ALA K 159 38.94 7.88 -17.59
C ALA K 159 37.60 8.60 -17.48
N PHE K 160 37.58 9.83 -16.95
CA PHE K 160 36.34 10.58 -16.80
C PHE K 160 35.82 10.99 -18.16
N GLN K 161 34.56 10.65 -18.46
CA GLN K 161 33.98 10.85 -19.78
C GLN K 161 32.85 11.87 -19.81
N ASN K 162 32.35 12.33 -18.67
CA ASN K 162 31.20 13.22 -18.61
C ASN K 162 31.57 14.69 -18.43
N GLY K 163 32.85 15.03 -18.52
CA GLY K 163 33.30 16.38 -18.31
C GLY K 163 33.29 17.20 -19.59
N SER K 164 33.45 18.50 -19.42
CA SER K 164 33.54 19.40 -20.57
C SER K 164 34.90 19.22 -21.23
N VAL K 165 35.01 19.70 -22.47
CA VAL K 165 36.24 19.56 -23.24
C VAL K 165 36.43 20.81 -24.10
N PRO K 166 37.62 21.42 -24.16
CA PRO K 166 37.82 22.61 -25.02
C PRO K 166 37.46 22.36 -26.48
N ASP K 167 37.10 23.46 -27.16
CA ASP K 167 36.73 23.40 -28.57
C ASP K 167 37.85 22.85 -29.45
N THR K 168 39.12 23.08 -29.07
CA THR K 168 40.26 22.59 -29.85
C THR K 168 40.49 21.09 -29.71
N CYS K 169 39.73 20.42 -28.86
CA CYS K 169 39.84 19.00 -28.56
C CYS K 169 38.67 18.20 -29.12
N LYS K 170 37.89 18.79 -30.02
CA LYS K 170 36.75 18.16 -30.67
C LYS K 170 37.06 17.96 -32.16
N ASP K 171 36.48 16.92 -32.73
CA ASP K 171 36.66 16.63 -34.15
C ASP K 171 35.68 17.47 -34.97
N ALA K 172 35.62 17.20 -36.28
CA ALA K 172 34.77 17.97 -37.18
C ALA K 172 33.29 17.85 -36.85
N ASN K 173 32.86 16.79 -36.16
CA ASN K 173 31.49 16.62 -35.73
C ASN K 173 31.27 17.03 -34.27
N GLY K 174 32.28 17.60 -33.62
CA GLY K 174 32.14 18.08 -32.26
C GLY K 174 32.33 17.03 -31.19
N VAL K 175 32.70 15.81 -31.56
CA VAL K 175 32.96 14.74 -30.61
C VAL K 175 34.39 14.89 -30.11
N LYS K 176 34.59 14.66 -28.81
CA LYS K 176 35.87 14.94 -28.20
C LYS K 176 36.93 13.95 -28.69
N THR K 177 38.16 14.46 -28.83
CA THR K 177 39.28 13.66 -29.31
C THR K 177 39.95 12.92 -28.15
N THR K 178 39.95 13.51 -26.97
CA THR K 178 40.67 12.97 -25.83
C THR K 178 39.96 11.73 -25.29
N ALA K 179 40.77 10.83 -24.71
CA ALA K 179 40.22 9.61 -24.12
C ALA K 179 39.23 9.92 -23.00
N GLY K 180 39.49 10.98 -22.23
CA GLY K 180 38.63 11.38 -21.13
C GLY K 180 38.13 12.81 -21.27
N SER K 181 37.97 13.49 -20.14
CA SER K 181 37.49 14.86 -20.13
C SER K 181 37.90 15.50 -18.80
N TRP K 182 37.43 16.72 -18.54
CA TRP K 182 37.90 17.49 -17.40
C TRP K 182 36.94 17.33 -16.24
N ILE K 183 37.48 16.92 -15.09
CA ILE K 183 36.72 16.59 -13.90
C ILE K 183 36.96 17.65 -12.85
N ALA K 184 35.94 17.92 -12.04
CA ALA K 184 36.01 18.93 -10.99
C ALA K 184 36.72 18.44 -9.73
N MET K 185 37.07 17.15 -9.67
CA MET K 185 37.77 16.59 -8.52
C MET K 185 39.27 16.81 -8.65
N PRO K 186 39.93 17.54 -7.73
CA PRO K 186 41.40 17.60 -7.77
C PRO K 186 41.99 16.24 -7.46
N PRO K 187 43.21 15.96 -7.93
CA PRO K 187 43.85 14.65 -7.66
C PRO K 187 43.88 14.33 -6.17
N PRO K 188 43.09 13.32 -5.70
CA PRO K 188 42.99 13.11 -4.26
C PRO K 188 44.15 12.32 -3.67
N LEU K 189 44.81 11.50 -4.49
CA LEU K 189 45.85 10.59 -4.02
C LEU K 189 47.23 11.14 -4.31
N MET K 190 48.22 10.53 -3.67
CA MET K 190 49.62 10.88 -3.81
C MET K 190 50.44 9.85 -3.06
N ASP K 191 51.61 9.49 -3.62
CA ASP K 191 52.44 8.42 -3.08
C ASP K 191 52.65 8.57 -1.58
N ASP K 192 52.31 7.52 -0.83
CA ASP K 192 52.52 7.49 0.62
C ASP K 192 51.77 8.62 1.32
N LEU K 193 50.57 8.93 0.81
CA LEU K 193 49.71 9.90 1.50
C LEU K 193 49.11 9.31 2.77
N VAL K 194 48.98 7.99 2.83
CA VAL K 194 48.44 7.27 3.98
C VAL K 194 49.55 6.38 4.54
N GLU K 195 49.61 6.29 5.87
CA GLU K 195 50.60 5.48 6.58
C GLU K 195 49.91 4.24 7.14
N TYR K 196 49.97 3.14 6.40
CA TYR K 196 49.41 1.87 6.85
C TYR K 196 50.21 1.33 8.04
N ALA K 197 49.50 0.79 9.02
CA ALA K 197 50.16 0.34 10.25
C ALA K 197 51.08 -0.85 10.00
N ASP K 198 50.64 -1.81 9.20
CA ASP K 198 51.43 -3.02 8.94
C ASP K 198 52.55 -2.81 7.93
N GLY K 199 52.76 -1.57 7.46
CA GLY K 199 53.80 -1.26 6.51
C GLY K 199 53.47 -1.59 5.07
N HIS K 200 52.21 -1.92 4.77
CA HIS K 200 51.78 -2.15 3.40
C HIS K 200 52.06 -0.91 2.55
N ASP K 201 52.40 -1.13 1.29
CA ASP K 201 52.79 -0.01 0.44
C ASP K 201 51.58 0.86 0.15
N ALA K 202 51.80 2.17 0.12
CA ALA K 202 50.74 3.16 -0.06
C ALA K 202 50.96 4.01 -1.31
N SER K 203 51.41 3.38 -2.38
CA SER K 203 51.49 4.05 -3.67
C SER K 203 50.09 4.40 -4.14
N VAL K 204 50.01 5.34 -5.09
CA VAL K 204 48.71 5.72 -5.65
C VAL K 204 48.02 4.50 -6.26
N HIS K 205 48.81 3.60 -6.84
CA HIS K 205 48.26 2.39 -7.43
C HIS K 205 47.59 1.54 -6.34
N ALA K 206 48.31 1.29 -5.25
CA ALA K 206 47.82 0.42 -4.19
C ALA K 206 46.61 1.04 -3.50
N MET K 207 46.70 2.32 -3.14
CA MET K 207 45.59 2.99 -2.47
C MET K 207 44.35 3.04 -3.35
N ALA K 208 44.53 3.20 -4.66
CA ALA K 208 43.39 3.29 -5.55
C ALA K 208 42.63 1.97 -5.60
N GLU K 209 43.36 0.85 -5.57
CA GLU K 209 42.71 -0.46 -5.58
C GLU K 209 42.06 -0.76 -4.24
N ASP K 210 42.72 -0.38 -3.14
CA ASP K 210 42.19 -0.63 -1.81
C ASP K 210 40.89 0.14 -1.59
N VAL K 211 40.87 1.43 -1.91
CA VAL K 211 39.69 2.24 -1.66
C VAL K 211 38.57 1.89 -2.63
N SER K 212 38.91 1.40 -3.83
CA SER K 212 37.89 0.95 -4.76
C SER K 212 37.20 -0.30 -4.21
N ALA K 213 37.96 -1.17 -3.56
CA ALA K 213 37.37 -2.36 -2.94
C ALA K 213 36.48 -1.97 -1.76
N PHE K 214 36.94 -1.00 -0.97
CA PHE K 214 36.13 -0.52 0.17
C PHE K 214 34.83 0.09 -0.31
N LEU K 215 34.85 0.86 -1.39
CA LEU K 215 33.64 1.48 -1.88
C LEU K 215 32.69 0.47 -2.52
N MET K 216 33.22 -0.68 -2.96
CA MET K 216 32.34 -1.75 -3.44
C MET K 216 31.61 -2.42 -2.28
N TRP K 217 32.30 -2.63 -1.16
CA TRP K 217 31.65 -3.22 0.01
C TRP K 217 30.61 -2.27 0.57
N ALA K 218 30.91 -0.97 0.59
CA ALA K 218 29.97 0.00 1.12
C ALA K 218 28.68 0.02 0.30
N ALA K 219 28.78 -0.28 -1.00
CA ALA K 219 27.61 -0.30 -1.87
C ALA K 219 26.87 -1.63 -1.75
N GLU K 220 27.61 -2.73 -1.62
CA GLU K 220 27.06 -4.08 -1.51
C GLU K 220 27.66 -4.77 -0.28
N PRO K 221 27.29 -4.31 0.92
CA PRO K 221 27.86 -4.93 2.13
C PRO K 221 27.51 -6.40 2.30
N LYS K 222 26.39 -6.82 1.73
CA LYS K 222 25.91 -8.20 1.86
C LYS K 222 26.32 -9.06 0.66
N LEU K 223 27.36 -8.63 -0.05
CA LEU K 223 27.81 -9.33 -1.26
C LEU K 223 28.12 -10.79 -0.98
N MET K 224 28.92 -11.05 0.06
CA MET K 224 29.31 -12.43 0.36
C MET K 224 28.10 -13.25 0.77
N ALA K 225 27.21 -12.67 1.57
CA ALA K 225 25.98 -13.39 1.94
C ALA K 225 25.14 -13.70 0.72
N ARG K 226 25.10 -12.77 -0.24
CA ARG K 226 24.30 -12.95 -1.44
C ARG K 226 24.81 -14.13 -2.27
N LYS K 227 26.12 -14.28 -2.38
CA LYS K 227 26.67 -15.40 -3.16
C LYS K 227 26.45 -16.73 -2.44
N GLN K 228 26.69 -16.77 -1.13
CA GLN K 228 26.39 -17.97 -0.34
C GLN K 228 24.96 -18.43 -0.58
N ALA K 229 24.01 -17.50 -0.55
CA ALA K 229 22.62 -17.83 -0.83
C ALA K 229 22.45 -18.36 -2.25
N GLY K 230 23.19 -17.77 -3.21
CA GLY K 230 23.10 -18.23 -4.58
C GLY K 230 23.54 -19.67 -4.73
N PHE K 231 24.73 -20.00 -4.20
CA PHE K 231 25.22 -21.37 -4.21
C PHE K 231 24.20 -22.31 -3.58
N THR K 232 23.71 -21.95 -2.39
CA THR K 232 22.77 -22.78 -1.67
C THR K 232 21.51 -23.03 -2.50
N ALA K 233 20.92 -21.94 -3.03
CA ALA K 233 19.71 -22.06 -3.83
C ALA K 233 19.96 -22.92 -5.06
N VAL K 234 21.14 -22.75 -5.67
CA VAL K 234 21.49 -23.49 -6.88
C VAL K 234 21.69 -24.96 -6.55
N MET K 235 22.29 -25.27 -5.41
CA MET K 235 22.47 -26.66 -5.04
C MET K 235 21.13 -27.32 -4.73
N PHE K 236 20.25 -26.64 -4.00
CA PHE K 236 18.89 -27.14 -3.81
C PHE K 236 18.24 -27.46 -5.15
N LEU K 237 18.19 -26.47 -6.04
CA LEU K 237 17.48 -26.64 -7.29
C LEU K 237 18.20 -27.61 -8.21
N THR K 238 19.52 -27.74 -8.07
CA THR K 238 20.24 -28.75 -8.84
C THR K 238 19.79 -30.14 -8.42
N VAL K 239 19.83 -30.41 -7.11
CA VAL K 239 19.37 -31.70 -6.60
C VAL K 239 17.91 -31.91 -6.97
N LEU K 240 17.08 -30.89 -6.75
CA LEU K 240 15.66 -31.01 -7.00
C LEU K 240 15.37 -31.24 -8.48
N SER K 241 16.16 -30.60 -9.36
CA SER K 241 15.95 -30.77 -10.80
C SER K 241 16.28 -32.19 -11.24
N VAL K 242 17.38 -32.75 -10.72
CA VAL K 242 17.75 -34.11 -11.05
C VAL K 242 16.66 -35.07 -10.58
N LEU K 243 16.23 -34.90 -9.33
CA LEU K 243 15.17 -35.75 -8.79
C LEU K 243 13.89 -35.59 -9.59
N LEU K 244 13.58 -34.36 -10.01
CA LEU K 244 12.38 -34.12 -10.80
C LEU K 244 12.52 -34.71 -12.19
N TYR K 245 13.76 -34.81 -12.70
CA TYR K 245 13.96 -35.40 -14.01
C TYR K 245 13.70 -36.90 -13.93
N LEU K 246 14.30 -37.58 -12.94
CA LEU K 246 14.07 -39.01 -12.76
C LEU K 246 12.60 -39.30 -12.50
N THR K 247 11.95 -38.48 -11.67
CA THR K 247 10.52 -38.64 -11.43
C THR K 247 9.75 -38.49 -12.72
N ASN K 248 10.07 -37.45 -13.50
CA ASN K 248 9.38 -37.23 -14.77
C ASN K 248 9.66 -38.39 -15.72
N LYS K 249 10.89 -38.91 -15.69
CA LYS K 249 11.26 -39.98 -16.60
C LYS K 249 10.54 -41.27 -16.25
N ARG K 250 10.57 -41.66 -14.96
CA ARG K 250 9.94 -42.90 -14.55
C ARG K 250 8.43 -42.85 -14.70
N LEU K 251 7.85 -41.65 -14.81
CA LEU K 251 6.41 -41.49 -14.97
C LEU K 251 5.99 -41.68 -16.43
N TRP K 252 6.63 -40.95 -17.35
CA TRP K 252 6.33 -40.98 -18.77
C TRP K 252 6.72 -42.28 -19.46
N ALA K 253 7.43 -43.19 -18.76
CA ALA K 253 7.78 -44.47 -19.37
C ALA K 253 6.56 -45.27 -19.79
N GLY K 254 5.47 -45.19 -19.02
CA GLY K 254 4.24 -45.89 -19.34
C GLY K 254 3.30 -45.11 -20.25
N VAL K 255 3.86 -44.33 -21.19
CA VAL K 255 3.05 -43.52 -22.11
C VAL K 255 3.71 -43.51 -23.49
N LYS K 256 5.03 -43.35 -23.53
CA LYS K 256 5.79 -43.28 -24.78
C LYS K 256 6.89 -44.34 -24.80
N GLY L 9 9.02 -52.92 -7.17
CA GLY L 9 8.81 -52.88 -5.73
C GLY L 9 8.87 -51.47 -5.18
N THR L 10 9.68 -51.29 -4.13
CA THR L 10 9.81 -50.01 -3.44
C THR L 10 10.90 -49.13 -4.04
N ARG L 11 11.30 -49.37 -5.30
CA ARG L 11 12.34 -48.57 -5.92
C ARG L 11 11.77 -47.29 -6.52
N ARG L 12 10.63 -47.39 -7.21
CA ARG L 12 9.95 -46.20 -7.71
C ARG L 12 9.13 -45.51 -6.63
N ASP L 13 8.83 -46.20 -5.53
CA ASP L 13 8.16 -45.56 -4.41
C ASP L 13 9.11 -44.65 -3.65
N PHE L 14 10.39 -45.02 -3.58
CA PHE L 14 11.37 -44.16 -2.91
C PHE L 14 11.69 -42.92 -3.71
N LEU L 15 11.66 -42.99 -5.05
CA LEU L 15 11.93 -41.81 -5.86
C LEU L 15 10.88 -40.74 -5.62
N TYR L 16 9.60 -41.15 -5.61
CA TYR L 16 8.51 -40.20 -5.40
C TYR L 16 8.56 -39.61 -4.00
N TYR L 17 9.21 -40.30 -3.05
CA TYR L 17 9.46 -39.74 -1.72
C TYR L 17 10.63 -38.77 -1.75
N ALA L 18 11.75 -39.17 -2.36
CA ALA L 18 12.94 -38.31 -2.39
C ALA L 18 12.64 -37.00 -3.12
N THR L 19 11.87 -37.07 -4.20
CA THR L 19 11.51 -35.86 -4.94
C THR L 19 10.64 -34.95 -4.07
N ALA L 20 9.60 -35.51 -3.46
CA ALA L 20 8.71 -34.73 -2.61
C ALA L 20 9.45 -34.21 -1.38
N GLY L 21 10.35 -35.02 -0.82
CA GLY L 21 11.11 -34.56 0.34
C GLY L 21 12.00 -33.38 0.00
N ALA L 22 12.63 -33.41 -1.17
CA ALA L 22 13.45 -32.27 -1.60
C ALA L 22 12.59 -31.04 -1.82
N GLY L 23 11.40 -31.22 -2.40
CA GLY L 23 10.51 -30.09 -2.61
C GLY L 23 10.07 -29.45 -1.30
N ALA L 24 9.82 -30.28 -0.29
CA ALA L 24 9.41 -29.76 1.01
C ALA L 24 10.53 -28.92 1.62
N VAL L 25 11.77 -29.43 1.55
CA VAL L 25 12.92 -28.70 2.09
C VAL L 25 13.08 -27.38 1.34
N ALA L 26 13.01 -27.44 0.00
CA ALA L 26 13.16 -26.24 -0.82
C ALA L 26 12.08 -25.21 -0.45
N THR L 27 10.86 -25.67 -0.22
CA THR L 27 9.79 -24.77 0.17
C THR L 27 10.09 -24.14 1.51
N GLY L 28 10.50 -24.96 2.49
CA GLY L 28 10.82 -24.43 3.80
C GLY L 28 11.92 -23.39 3.75
N ALA L 29 12.93 -23.62 2.89
CA ALA L 29 14.02 -22.67 2.76
C ALA L 29 13.54 -21.35 2.16
N ALA L 30 12.44 -21.38 1.40
CA ALA L 30 11.87 -20.18 0.77
C ALA L 30 10.92 -19.46 1.70
N VAL L 31 10.25 -20.19 2.58
CA VAL L 31 9.23 -19.59 3.44
C VAL L 31 9.88 -18.91 4.63
N TRP L 32 10.94 -19.51 5.17
CA TRP L 32 11.63 -18.94 6.34
C TRP L 32 12.09 -17.50 6.12
N PRO L 33 12.77 -17.14 5.02
CA PRO L 33 13.16 -15.72 4.87
C PRO L 33 11.98 -14.80 4.73
N LEU L 34 10.82 -15.31 4.29
CA LEU L 34 9.62 -14.48 4.22
C LEU L 34 9.07 -14.23 5.62
N ILE L 35 9.35 -15.14 6.54
CA ILE L 35 8.96 -14.96 7.93
C ILE L 35 10.00 -14.14 8.67
N ASN L 36 11.29 -14.47 8.45
CA ASN L 36 12.36 -13.87 9.25
C ASN L 36 12.58 -12.40 8.91
N GLN L 37 12.11 -11.93 7.75
CA GLN L 37 12.26 -10.53 7.41
C GLN L 37 11.45 -9.62 8.33
N MET L 38 10.43 -10.15 9.00
CA MET L 38 9.62 -9.35 9.92
C MET L 38 10.23 -9.28 11.30
N ASN L 39 11.19 -10.16 11.61
CA ASN L 39 11.92 -10.10 12.84
C ASN L 39 12.82 -8.86 12.82
N PRO L 40 13.26 -8.38 14.00
CA PRO L 40 14.00 -7.12 14.08
C PRO L 40 15.18 -7.03 13.12
N SER L 41 15.23 -5.95 12.36
CA SER L 41 16.29 -5.68 11.40
C SER L 41 17.55 -5.21 12.12
N ALA L 42 18.65 -5.09 11.36
CA ALA L 42 19.94 -4.85 11.96
C ALA L 42 20.01 -3.51 12.67
N ASP L 43 19.26 -2.51 12.19
CA ASP L 43 19.27 -1.23 12.88
C ASP L 43 18.60 -1.36 14.24
N VAL L 44 17.57 -2.20 14.33
CA VAL L 44 16.87 -2.39 15.60
C VAL L 44 17.72 -3.23 16.55
N GLN L 45 18.31 -4.32 16.06
CA GLN L 45 19.09 -5.19 16.92
C GLN L 45 20.33 -4.50 17.47
N ALA L 46 20.76 -3.39 16.87
CA ALA L 46 21.97 -2.68 17.30
C ALA L 46 21.64 -1.86 18.55
N LEU L 47 21.24 -2.57 19.61
CA LEU L 47 20.82 -1.90 20.83
C LEU L 47 21.93 -1.03 21.40
N ALA L 48 21.53 0.10 21.98
CA ALA L 48 22.44 1.17 22.37
C ALA L 48 22.13 1.53 23.81
N SER L 49 23.12 2.09 24.50
CA SER L 49 22.98 2.44 25.90
C SER L 49 22.87 3.96 25.95
N ILE L 50 22.37 4.48 27.07
CA ILE L 50 22.22 5.92 27.23
C ILE L 50 22.57 6.33 28.65
N PHE L 51 22.72 7.64 28.83
CA PHE L 51 23.07 8.27 30.09
C PHE L 51 22.01 9.32 30.36
N VAL L 52 21.58 9.42 31.61
CA VAL L 52 20.48 10.30 31.99
C VAL L 52 20.97 11.27 33.05
N ASP L 53 20.79 12.57 32.79
CA ASP L 53 21.10 13.60 33.76
C ASP L 53 19.97 13.64 34.79
N VAL L 54 20.35 13.66 36.07
CA VAL L 54 19.41 13.43 37.15
C VAL L 54 19.44 14.56 38.18
N SER L 55 20.36 15.51 38.01
CA SER L 55 20.50 16.63 38.96
C SER L 55 19.21 17.44 39.15
N SER L 56 18.29 17.40 38.18
CA SER L 56 17.10 18.24 38.20
C SER L 56 15.89 17.56 38.85
N VAL L 57 16.04 16.35 39.35
CA VAL L 57 14.91 15.56 39.84
C VAL L 57 14.80 15.78 41.35
N GLU L 58 13.72 16.46 41.78
CA GLU L 58 13.43 16.61 43.18
C GLU L 58 12.64 15.40 43.67
N PRO L 59 12.60 15.14 44.97
CA PRO L 59 11.75 14.04 45.45
C PRO L 59 10.29 14.26 45.11
N GLY L 60 9.62 13.18 44.73
CA GLY L 60 8.24 13.23 44.31
C GLY L 60 8.03 13.47 42.83
N VAL L 61 9.09 13.55 42.04
CA VAL L 61 9.01 13.78 40.60
C VAL L 61 9.37 12.48 39.88
N GLN L 62 8.59 12.13 38.88
CA GLN L 62 8.88 11.01 37.99
C GLN L 62 9.32 11.55 36.64
N LEU L 63 10.50 11.13 36.20
CA LEU L 63 11.03 11.38 34.87
C LEU L 63 10.75 10.17 34.00
N THR L 64 10.18 10.41 32.81
CA THR L 64 9.85 9.34 31.87
C THR L 64 10.74 9.54 30.64
N VAL L 65 11.50 8.49 30.31
CA VAL L 65 12.56 8.56 29.31
C VAL L 65 12.41 7.39 28.36
N LYS L 66 12.74 7.62 27.10
CA LYS L 66 12.64 6.60 26.05
C LYS L 66 13.97 5.86 25.97
N PHE L 67 13.90 4.53 25.91
CA PHE L 67 15.09 3.70 25.85
C PHE L 67 14.75 2.43 25.08
N LEU L 68 15.42 2.24 23.95
CA LEU L 68 15.15 1.14 23.04
C LEU L 68 13.70 1.17 22.58
N GLY L 69 13.19 2.38 22.32
CA GLY L 69 11.86 2.52 21.79
C GLY L 69 10.74 2.28 22.77
N CYS L 70 11.00 2.38 24.07
CA CYS L 70 9.99 2.13 25.08
C CYS L 70 10.27 3.02 26.28
N PRO L 71 9.28 3.25 27.15
CA PRO L 71 9.49 4.17 28.29
C PRO L 71 10.21 3.51 29.44
N ILE L 72 11.11 4.28 30.05
CA ILE L 72 11.74 3.94 31.31
C ILE L 72 11.38 5.02 32.33
N PHE L 73 10.90 4.60 33.49
CA PHE L 73 10.52 5.50 34.56
C PHE L 73 11.70 5.66 35.50
N ILE L 74 12.04 6.92 35.80
CA ILE L 74 13.03 7.26 36.82
C ILE L 74 12.31 8.17 37.82
N ARG L 75 11.88 7.61 38.95
CA ARG L 75 11.19 8.35 40.00
C ARG L 75 12.11 8.48 41.21
N ARG L 76 12.28 9.72 41.67
CA ARG L 76 12.93 9.98 42.96
C ARG L 76 11.83 9.94 44.02
N ARG L 77 11.81 8.86 44.80
CA ARG L 77 10.71 8.57 45.70
C ARG L 77 10.77 9.45 46.94
N THR L 78 9.58 9.81 47.44
CA THR L 78 9.46 10.56 48.67
C THR L 78 9.62 9.63 49.87
N GLU L 79 9.62 10.22 51.07
CA GLU L 79 9.71 9.43 52.30
C GLU L 79 8.52 8.48 52.42
N ALA L 80 7.30 9.00 52.16
CA ALA L 80 6.11 8.17 52.23
C ALA L 80 6.18 6.98 51.28
N ASP L 81 6.57 7.24 50.02
CA ASP L 81 6.74 6.16 49.04
C ASP L 81 7.68 5.08 49.57
N ILE L 82 8.81 5.49 50.15
CA ILE L 82 9.81 4.53 50.59
C ILE L 82 9.28 3.74 51.78
N GLU L 83 8.67 4.44 52.73
CA GLU L 83 8.10 3.78 53.91
C GLU L 83 7.04 2.77 53.51
N LEU L 84 6.10 3.19 52.65
CA LEU L 84 5.06 2.29 52.17
C LEU L 84 5.67 1.05 51.50
N GLY L 85 6.70 1.25 50.68
CA GLY L 85 7.29 0.11 49.97
C GLY L 85 7.91 -0.91 50.89
N ARG L 86 8.59 -0.44 51.94
CA ARG L 86 9.26 -1.36 52.86
C ARG L 86 8.31 -2.04 53.82
N SER L 87 7.10 -1.50 54.00
CA SER L 87 6.16 -2.08 54.96
C SER L 87 5.44 -3.30 54.41
N VAL L 88 5.47 -3.51 53.10
CA VAL L 88 4.80 -4.66 52.50
C VAL L 88 5.62 -5.92 52.76
N GLN L 89 4.96 -6.95 53.28
CA GLN L 89 5.56 -8.26 53.46
C GLN L 89 5.47 -9.07 52.17
N LEU L 90 6.46 -9.95 51.98
CA LEU L 90 6.57 -10.76 50.77
C LEU L 90 5.30 -11.53 50.47
N GLY L 91 4.69 -12.12 51.49
CA GLY L 91 3.48 -12.91 51.26
C GLY L 91 2.26 -12.09 50.85
N GLN L 92 2.36 -10.76 50.87
CA GLN L 92 1.26 -9.88 50.47
C GLN L 92 1.37 -9.46 49.01
N LEU L 93 2.43 -9.86 48.30
CA LEU L 93 2.66 -9.43 46.94
C LEU L 93 2.08 -10.45 45.97
N VAL L 94 1.53 -9.96 44.86
CA VAL L 94 1.08 -10.85 43.80
C VAL L 94 2.26 -11.59 43.18
N ASP L 95 3.34 -10.85 42.89
CA ASP L 95 4.55 -11.39 42.29
C ASP L 95 5.71 -11.09 43.23
N THR L 96 6.33 -12.15 43.76
CA THR L 96 7.35 -12.01 44.78
C THR L 96 8.77 -11.99 44.22
N ASN L 97 8.94 -12.01 42.90
CA ASN L 97 10.25 -11.90 42.29
C ASN L 97 10.57 -10.44 42.04
N ALA L 98 11.84 -10.07 42.26
CA ALA L 98 12.22 -8.67 42.12
C ALA L 98 12.16 -8.20 40.67
N ARG L 99 12.31 -9.11 39.71
CA ARG L 99 12.35 -8.78 38.29
C ARG L 99 13.39 -7.69 38.03
N ASN L 100 14.59 -7.88 38.59
CA ASN L 100 15.63 -6.86 38.59
C ASN L 100 16.89 -7.39 37.92
N ALA L 101 17.24 -6.77 36.78
CA ALA L 101 18.40 -7.19 36.00
C ALA L 101 19.72 -6.90 36.69
N ASN L 102 19.73 -6.01 37.69
CA ASN L 102 20.97 -5.59 38.32
C ASN L 102 21.45 -6.54 39.41
N ILE L 103 20.59 -7.43 39.88
CA ILE L 103 20.91 -8.37 40.95
C ILE L 103 20.48 -9.76 40.51
N ASP L 104 20.63 -10.72 41.42
CA ASP L 104 20.32 -12.12 41.15
C ASP L 104 18.88 -12.29 40.65
N ALA L 105 18.71 -13.26 39.75
CA ALA L 105 17.39 -13.49 39.15
C ALA L 105 16.39 -14.02 40.16
N GLY L 106 16.86 -14.68 41.21
CA GLY L 106 16.02 -15.27 42.23
C GLY L 106 15.74 -14.36 43.41
N ALA L 107 16.23 -13.13 43.38
CA ALA L 107 16.05 -12.19 44.47
C ALA L 107 14.58 -11.96 44.78
N GLU L 108 14.29 -11.72 46.06
CA GLU L 108 12.93 -11.52 46.51
C GLU L 108 12.51 -10.09 46.25
N ALA L 109 11.19 -9.88 46.11
CA ALA L 109 10.66 -8.56 45.76
C ALA L 109 10.52 -7.62 46.95
N THR L 110 11.51 -7.61 47.85
CA THR L 110 11.55 -6.61 48.89
C THR L 110 11.86 -5.26 48.26
N ASP L 111 11.40 -4.19 48.93
CA ASP L 111 11.63 -2.84 48.44
C ASP L 111 13.11 -2.56 48.23
N GLN L 112 13.98 -3.17 49.05
CA GLN L 112 15.41 -2.96 48.92
C GLN L 112 15.92 -3.51 47.60
N ASN L 113 15.40 -4.65 47.16
CA ASN L 113 15.83 -5.28 45.91
C ASN L 113 15.15 -4.68 44.67
N ARG L 114 14.43 -3.57 44.82
CA ARG L 114 13.71 -2.91 43.74
C ARG L 114 14.29 -1.55 43.38
N THR L 115 15.34 -1.10 44.09
CA THR L 115 15.96 0.19 43.87
C THR L 115 17.43 0.01 43.55
N LEU L 116 17.99 1.05 42.92
CA LEU L 116 19.40 1.01 42.55
C LEU L 116 20.32 1.25 43.74
N ASP L 117 19.89 2.09 44.68
CA ASP L 117 20.70 2.45 45.84
C ASP L 117 20.20 1.75 47.09
N GLU L 118 21.06 1.72 48.11
CA GLU L 118 20.70 1.08 49.37
C GLU L 118 19.65 1.88 50.12
N ALA L 119 19.70 3.21 50.01
CA ALA L 119 18.71 4.08 50.65
C ALA L 119 17.32 3.93 50.02
N GLY L 120 17.25 3.37 48.82
CA GLY L 120 15.97 3.12 48.18
C GLY L 120 15.31 4.37 47.63
N GLU L 121 16.10 5.39 47.32
CA GLU L 121 15.57 6.64 46.82
C GLU L 121 15.31 6.62 45.32
N TRP L 122 16.11 5.86 44.56
CA TRP L 122 16.11 5.91 43.09
C TRP L 122 15.45 4.66 42.52
N LEU L 123 14.21 4.80 42.05
CA LEU L 123 13.45 3.72 41.42
C LEU L 123 13.53 3.87 39.90
N VAL L 124 14.26 2.96 39.26
CA VAL L 124 14.44 2.93 37.80
C VAL L 124 13.81 1.64 37.29
N MET L 125 12.85 1.76 36.36
CA MET L 125 12.20 0.57 35.84
C MET L 125 11.59 0.87 34.47
N TRP L 126 11.33 -0.21 33.73
CA TRP L 126 10.58 -0.12 32.47
C TRP L 126 9.16 0.33 32.73
N GLY L 127 8.75 1.42 32.10
CA GLY L 127 7.38 1.88 32.20
C GLY L 127 6.45 1.15 31.25
N VAL L 128 6.46 -0.18 31.27
CA VAL L 128 5.70 -1.01 30.34
C VAL L 128 4.93 -2.04 31.15
N CYS L 129 3.62 -1.83 31.28
CA CYS L 129 2.76 -2.74 32.01
C CYS L 129 2.95 -4.17 31.57
N THR L 130 3.09 -5.07 32.53
CA THR L 130 3.40 -6.46 32.25
C THR L 130 2.18 -7.25 31.82
N HIS L 131 1.00 -6.62 31.82
CA HIS L 131 -0.17 -7.25 31.25
C HIS L 131 -0.08 -7.27 29.74
N LEU L 132 -0.41 -6.15 29.10
CA LEU L 132 -0.41 -6.07 27.64
C LEU L 132 0.28 -4.80 27.13
N GLY L 133 1.16 -4.21 27.94
CA GLY L 133 2.15 -3.27 27.45
C GLY L 133 1.78 -1.81 27.56
N CYS L 134 0.59 -1.46 28.05
CA CYS L 134 0.29 -0.05 28.20
C CYS L 134 1.23 0.57 29.25
N VAL L 135 1.18 1.90 29.32
CA VAL L 135 2.10 2.67 30.15
C VAL L 135 1.31 3.14 31.38
N PRO L 136 1.58 2.60 32.58
CA PRO L 136 0.79 3.01 33.74
C PRO L 136 0.99 4.47 34.09
N ILE L 137 -0.07 5.05 34.66
CA ILE L 137 -0.09 6.46 35.04
C ILE L 137 0.46 6.59 36.44
N GLY L 138 1.45 7.46 36.62
CA GLY L 138 2.12 7.64 37.89
C GLY L 138 1.58 8.82 38.66
N GLY L 139 2.47 9.51 39.37
CA GLY L 139 2.03 10.59 40.23
C GLY L 139 1.19 10.08 41.39
N VAL L 140 1.57 8.94 41.96
CA VAL L 140 0.84 8.32 43.06
C VAL L 140 -0.61 8.06 42.64
N SER L 141 -0.79 7.11 41.72
CA SER L 141 -2.10 6.74 41.21
C SER L 141 -2.42 5.32 41.65
N GLY L 142 -3.69 4.96 41.57
CA GLY L 142 -4.12 3.63 41.95
C GLY L 142 -4.43 3.57 43.43
N ASP L 143 -4.58 2.33 43.88
CA ASP L 143 -5.01 2.04 45.25
C ASP L 143 -3.85 1.71 46.18
N PHE L 144 -2.61 1.77 45.68
CA PHE L 144 -1.43 1.38 46.47
C PHE L 144 -0.35 2.45 46.38
N GLY L 145 -0.75 3.70 46.16
CA GLY L 145 0.18 4.82 46.15
C GLY L 145 1.32 4.66 45.14
N GLY L 146 1.01 4.18 43.95
CA GLY L 146 2.01 3.94 42.93
C GLY L 146 1.58 4.30 41.53
N TRP L 147 1.23 3.29 40.74
CA TRP L 147 0.83 3.48 39.35
C TRP L 147 -0.49 2.76 39.08
N PHE L 148 -1.26 3.32 38.13
CA PHE L 148 -2.51 2.74 37.65
C PHE L 148 -2.45 2.59 36.15
N CYS L 149 -2.68 1.37 35.66
CA CYS L 149 -2.71 1.13 34.21
C CYS L 149 -4.14 1.29 33.69
N PRO L 150 -4.44 2.27 32.84
CA PRO L 150 -5.83 2.51 32.46
C PRO L 150 -6.38 1.53 31.43
N CYS L 151 -5.56 0.61 30.93
CA CYS L 151 -5.99 -0.25 29.84
C CYS L 151 -6.89 -1.38 30.34
N HIS L 152 -6.52 -2.03 31.43
CA HIS L 152 -7.36 -3.05 32.05
C HIS L 152 -7.30 -3.01 33.57
N GLY L 153 -6.79 -1.95 34.17
CA GLY L 153 -6.98 -1.73 35.59
C GLY L 153 -5.98 -2.41 36.50
N SER L 154 -4.71 -2.46 36.12
CA SER L 154 -3.70 -2.97 37.03
C SER L 154 -3.22 -1.85 37.95
N HIS L 155 -3.04 -2.17 39.23
CA HIS L 155 -2.53 -1.24 40.22
C HIS L 155 -1.16 -1.71 40.70
N TYR L 156 -0.18 -0.81 40.64
CA TYR L 156 1.16 -1.04 41.15
C TYR L 156 1.41 -0.14 42.35
N ASP L 157 2.29 -0.59 43.25
CA ASP L 157 2.57 0.14 44.47
C ASP L 157 3.78 1.06 44.27
N SER L 158 4.29 1.62 45.37
CA SER L 158 5.33 2.65 45.32
C SER L 158 6.67 2.11 44.88
N ALA L 159 6.85 0.78 44.83
CA ALA L 159 8.06 0.16 44.29
C ALA L 159 7.81 -0.45 42.92
N GLY L 160 6.65 -0.20 42.31
CA GLY L 160 6.34 -0.71 41.00
C GLY L 160 5.97 -2.18 40.99
N ARG L 161 5.57 -2.73 42.13
CA ARG L 161 5.20 -4.13 42.23
C ARG L 161 3.70 -4.28 41.99
N ILE L 162 3.34 -5.31 41.24
CA ILE L 162 1.94 -5.54 40.92
C ILE L 162 1.19 -6.02 42.16
N ARG L 163 0.02 -5.42 42.40
CA ARG L 163 -0.79 -5.67 43.60
C ARG L 163 -2.23 -6.05 43.26
N LYS L 164 -2.74 -5.70 42.09
CA LYS L 164 -4.14 -5.85 41.77
C LYS L 164 -4.28 -5.74 40.25
N GLY L 165 -5.13 -6.60 39.69
CA GLY L 165 -5.42 -6.57 38.28
C GLY L 165 -4.95 -7.79 37.50
N PRO L 166 -5.03 -7.71 36.17
CA PRO L 166 -4.61 -8.86 35.33
C PRO L 166 -3.11 -9.02 35.15
N ALA L 167 -2.32 -7.98 35.37
CA ALA L 167 -0.88 -8.06 35.11
C ALA L 167 -0.25 -9.15 36.00
N PRO L 168 0.57 -10.04 35.44
CA PRO L 168 1.08 -11.14 36.28
C PRO L 168 2.32 -10.80 37.09
N GLU L 169 3.12 -9.81 36.69
CA GLU L 169 4.43 -9.58 37.28
C GLU L 169 4.68 -8.11 37.58
N ASN L 170 5.66 -7.89 38.46
CA ASN L 170 6.17 -6.57 38.76
C ASN L 170 6.82 -5.95 37.53
N LEU L 171 6.74 -4.62 37.45
CA LEU L 171 7.38 -3.89 36.37
C LEU L 171 8.88 -4.19 36.33
N PRO L 172 9.44 -4.62 35.20
CA PRO L 172 10.85 -5.03 35.22
C PRO L 172 11.79 -3.84 35.38
N ILE L 173 12.92 -4.10 36.04
CA ILE L 173 13.95 -3.09 36.29
C ILE L 173 15.12 -3.37 35.34
N PRO L 174 15.50 -2.44 34.47
CA PRO L 174 16.60 -2.71 33.54
C PRO L 174 17.95 -2.62 34.23
N LEU L 175 18.98 -3.02 33.50
CA LEU L 175 20.34 -2.73 33.94
C LEU L 175 20.53 -1.23 34.06
N ALA L 176 20.81 -0.77 35.28
CA ALA L 176 20.95 0.66 35.55
C ALA L 176 21.88 0.84 36.73
N LYS L 177 22.78 1.82 36.62
CA LYS L 177 23.75 2.07 37.67
C LYS L 177 24.23 3.51 37.57
N PHE L 178 24.51 4.11 38.73
CA PHE L 178 25.07 5.45 38.78
C PHE L 178 26.52 5.45 38.34
N ILE L 179 26.81 6.18 37.25
CA ILE L 179 28.17 6.32 36.77
C ILE L 179 28.92 7.31 37.63
N ASP L 180 28.23 8.33 38.12
CA ASP L 180 28.79 9.26 39.09
C ASP L 180 27.64 9.75 39.97
N GLU L 181 27.85 10.86 40.67
CA GLU L 181 26.86 11.34 41.64
C GLU L 181 25.51 11.63 40.97
N THR L 182 25.50 11.98 39.68
CA THR L 182 24.31 12.55 39.05
C THR L 182 23.93 11.93 37.72
N THR L 183 24.58 10.84 37.29
CA THR L 183 24.34 10.25 35.98
C THR L 183 24.12 8.75 36.13
N ILE L 184 23.01 8.27 35.57
CA ILE L 184 22.66 6.85 35.51
C ILE L 184 22.87 6.36 34.09
N GLN L 185 23.56 5.23 33.93
CA GLN L 185 23.68 4.56 32.64
C GLN L 185 22.66 3.43 32.57
N LEU L 186 21.71 3.54 31.66
CA LEU L 186 20.73 2.48 31.42
C LEU L 186 21.23 1.55 30.34
N GLY L 187 21.01 0.25 30.55
CA GLY L 187 21.46 -0.77 29.62
C GLY L 187 22.87 -1.25 29.93
N GLY M 3 -10.42 -5.94 -96.02
CA GLY M 3 -10.91 -7.22 -96.51
C GLY M 3 -12.40 -7.42 -96.23
N ILE M 4 -13.15 -6.32 -96.30
CA ILE M 4 -14.60 -6.35 -96.09
C ILE M 4 -15.20 -6.76 -97.43
N PRO M 5 -16.29 -7.54 -97.49
CA PRO M 5 -16.85 -7.87 -98.80
C PRO M 5 -17.43 -6.64 -99.48
N HIS M 6 -17.06 -6.43 -100.73
CA HIS M 6 -17.47 -5.26 -101.50
C HIS M 6 -17.27 -5.57 -102.97
N ASP M 7 -17.88 -4.74 -103.82
CA ASP M 7 -17.73 -4.87 -105.27
C ASP M 7 -16.46 -4.15 -105.71
N HIS M 8 -15.87 -4.66 -106.79
CA HIS M 8 -14.59 -4.19 -107.29
C HIS M 8 -14.79 -3.34 -108.55
N TYR M 9 -13.68 -2.72 -108.96
CA TYR M 9 -13.67 -1.84 -110.11
C TYR M 9 -13.80 -2.65 -111.40
N GLU M 10 -14.36 -2.01 -112.43
CA GLU M 10 -14.47 -2.61 -113.75
C GLU M 10 -14.30 -1.51 -114.81
N PRO M 11 -13.28 -1.59 -115.69
CA PRO M 11 -13.12 -0.53 -116.69
C PRO M 11 -14.24 -0.49 -117.72
N ARG M 12 -14.69 0.73 -118.03
CA ARG M 12 -15.78 0.97 -118.94
C ARG M 12 -15.34 1.74 -120.18
N THR M 13 -14.73 2.92 -120.02
CA THR M 13 -14.23 3.68 -121.15
C THR M 13 -13.04 2.96 -121.78
N GLY M 14 -12.80 3.26 -123.06
CA GLY M 14 -11.65 2.70 -123.74
C GLY M 14 -10.33 3.10 -123.10
N ILE M 15 -10.27 4.32 -122.55
CA ILE M 15 -9.07 4.77 -121.87
C ILE M 15 -8.87 3.98 -120.58
N GLU M 16 -9.96 3.61 -119.91
CA GLU M 16 -9.87 2.86 -118.66
C GLU M 16 -9.43 1.42 -118.90
N LYS M 17 -9.98 0.76 -119.93
CA LYS M 17 -9.57 -0.60 -120.24
C LYS M 17 -8.08 -0.67 -120.57
N TRP M 18 -7.57 0.36 -121.24
CA TRP M 18 -6.15 0.39 -121.60
C TRP M 18 -5.27 0.51 -120.36
N LEU M 19 -5.59 1.46 -119.48
CA LEU M 19 -4.78 1.68 -118.29
C LEU M 19 -4.89 0.53 -117.28
N HIS M 20 -6.10 -0.02 -117.10
CA HIS M 20 -6.29 -1.03 -116.07
C HIS M 20 -5.51 -2.31 -116.37
N SER M 21 -5.28 -2.61 -117.65
CA SER M 21 -4.53 -3.80 -118.02
C SER M 21 -3.02 -3.61 -117.93
N ARG M 22 -2.55 -2.45 -117.47
CA ARG M 22 -1.13 -2.14 -117.38
C ARG M 22 -0.74 -1.70 -115.98
N LEU M 23 -1.53 -0.80 -115.39
CA LEU M 23 -1.30 -0.32 -114.03
C LEU M 23 -2.67 -0.07 -113.39
N PRO M 24 -3.16 -0.97 -112.47
CA PRO M 24 -4.51 -0.83 -111.90
C PRO M 24 -4.63 0.25 -110.83
N ILE M 25 -4.09 1.44 -111.11
CA ILE M 25 -4.11 2.51 -110.12
C ILE M 25 -5.52 3.06 -109.97
N VAL M 26 -6.31 3.06 -111.04
CA VAL M 26 -7.70 3.50 -110.91
C VAL M 26 -8.50 2.48 -110.11
N ALA M 27 -8.23 1.19 -110.33
CA ALA M 27 -8.90 0.15 -109.55
C ALA M 27 -8.60 0.30 -108.07
N LEU M 28 -7.37 0.69 -107.74
CA LEU M 28 -6.99 0.82 -106.34
C LEU M 28 -7.69 2.02 -105.71
N ALA M 29 -7.74 3.14 -106.45
CA ALA M 29 -8.44 4.32 -105.94
C ALA M 29 -9.93 4.04 -105.78
N TYR M 30 -10.50 3.23 -106.68
CA TYR M 30 -11.92 2.89 -106.59
C TYR M 30 -12.17 2.06 -105.34
N ASP M 31 -11.44 0.95 -105.20
CA ASP M 31 -11.63 0.07 -104.04
C ASP M 31 -11.31 0.78 -102.72
N THR M 32 -10.46 1.80 -102.76
CA THR M 32 -10.14 2.58 -101.58
C THR M 32 -11.28 3.52 -101.22
N ILE M 33 -11.78 4.27 -102.21
CA ILE M 33 -12.74 5.34 -101.92
C ILE M 33 -14.15 4.84 -101.72
N MET M 34 -14.42 3.55 -102.02
CA MET M 34 -15.75 2.97 -101.93
C MET M 34 -15.85 1.94 -100.79
N ILE M 35 -14.89 1.93 -99.87
CA ILE M 35 -14.89 0.99 -98.73
C ILE M 35 -16.19 1.12 -97.95
N PRO M 36 -16.91 0.03 -97.64
CA PRO M 36 -18.11 0.16 -96.79
C PRO M 36 -17.72 0.59 -95.38
N THR M 37 -18.25 1.76 -94.95
CA THR M 37 -17.95 2.39 -93.68
C THR M 37 -19.19 2.38 -92.77
N PRO M 38 -19.04 2.12 -91.46
CA PRO M 38 -20.22 2.12 -90.56
C PRO M 38 -21.07 3.37 -90.68
N ARG M 39 -22.39 3.16 -90.72
CA ARG M 39 -23.36 4.24 -90.91
C ARG M 39 -23.38 5.23 -89.75
N ASN M 40 -22.95 4.82 -88.56
CA ASN M 40 -23.22 5.53 -87.32
C ASN M 40 -22.03 6.36 -86.83
N LEU M 41 -21.13 6.77 -87.71
CA LEU M 41 -20.02 7.62 -87.29
C LEU M 41 -20.53 9.00 -86.90
N ASN M 42 -20.05 9.51 -85.76
CA ASN M 42 -20.41 10.82 -85.26
C ASN M 42 -19.32 11.84 -85.58
N TRP M 43 -19.45 13.05 -85.04
CA TRP M 43 -18.57 14.16 -85.41
C TRP M 43 -17.15 14.00 -84.89
N MET M 44 -16.86 13.01 -84.05
CA MET M 44 -15.50 12.78 -83.59
C MET M 44 -14.66 11.99 -84.58
N TRP M 45 -15.24 11.56 -85.70
CA TRP M 45 -14.53 10.80 -86.72
C TRP M 45 -13.98 11.69 -87.83
N ILE M 46 -14.09 13.00 -87.69
CA ILE M 46 -13.63 13.93 -88.71
C ILE M 46 -12.15 14.26 -88.61
N TRP M 47 -11.53 14.02 -87.45
CA TRP M 47 -10.20 14.55 -87.20
C TRP M 47 -9.12 13.88 -88.05
N GLY M 48 -9.41 12.72 -88.65
CA GLY M 48 -8.48 12.14 -89.59
C GLY M 48 -8.30 12.98 -90.84
N VAL M 49 -9.42 13.48 -91.39
CA VAL M 49 -9.35 14.32 -92.59
C VAL M 49 -8.74 15.68 -92.27
N VAL M 50 -9.04 16.23 -91.10
CA VAL M 50 -8.45 17.50 -90.69
C VAL M 50 -6.94 17.36 -90.59
N LEU M 51 -6.49 16.27 -89.98
CA LEU M 51 -5.06 16.01 -89.86
C LEU M 51 -4.41 15.88 -91.23
N ALA M 52 -5.09 15.21 -92.16
CA ALA M 52 -4.53 15.06 -93.50
C ALA M 52 -4.36 16.42 -94.17
N PHE M 53 -5.37 17.29 -94.07
CA PHE M 53 -5.25 18.63 -94.63
C PHE M 53 -4.09 19.38 -94.01
N CYS M 54 -3.98 19.33 -92.67
CA CYS M 54 -2.90 20.03 -91.96
C CYS M 54 -1.53 19.61 -92.49
N LEU M 55 -1.33 18.30 -92.69
CA LEU M 55 -0.04 17.82 -93.16
C LEU M 55 0.26 18.41 -94.53
N VAL M 56 -0.77 18.50 -95.38
CA VAL M 56 -0.60 19.11 -96.68
C VAL M 56 -0.38 20.61 -96.53
N LEU M 57 -1.18 21.26 -95.67
CA LEU M 57 -1.01 22.69 -95.42
C LEU M 57 0.40 23.00 -94.92
N GLN M 58 0.88 22.25 -93.93
CA GLN M 58 2.21 22.50 -93.38
C GLN M 58 3.30 22.28 -94.43
N ILE M 59 3.15 21.25 -95.25
CA ILE M 59 4.19 20.94 -96.21
C ILE M 59 4.28 22.03 -97.28
N VAL M 60 3.13 22.44 -97.83
CA VAL M 60 3.18 23.41 -98.92
C VAL M 60 3.58 24.78 -98.40
N THR M 61 3.07 25.17 -97.22
CA THR M 61 3.50 26.43 -96.63
C THR M 61 4.93 26.34 -96.14
N GLY M 62 5.34 25.16 -95.70
CA GLY M 62 6.72 24.98 -95.25
C GLY M 62 7.70 25.16 -96.38
N ILE M 63 7.45 24.47 -97.50
CA ILE M 63 8.30 24.56 -98.68
C ILE M 63 8.40 26.01 -99.13
N VAL M 64 7.27 26.72 -99.12
CA VAL M 64 7.25 28.11 -99.56
C VAL M 64 8.09 28.97 -98.62
N LEU M 65 7.91 28.78 -97.30
CA LEU M 65 8.71 29.54 -96.34
C LEU M 65 10.19 29.24 -96.50
N ALA M 66 10.53 27.99 -96.81
CA ALA M 66 11.93 27.63 -96.98
C ALA M 66 12.56 28.26 -98.21
N MET M 67 11.76 28.81 -99.12
CA MET M 67 12.30 29.51 -100.28
C MET M 67 12.85 30.88 -99.93
N HIS M 68 12.59 31.39 -98.73
CA HIS M 68 12.96 32.74 -98.33
C HIS M 68 13.69 32.79 -96.99
N TYR M 69 13.89 31.65 -96.32
CA TYR M 69 14.49 31.58 -95.01
C TYR M 69 15.95 31.14 -95.13
N THR M 70 16.80 31.69 -94.26
CA THR M 70 18.23 31.38 -94.24
C THR M 70 18.59 30.73 -92.91
N PRO M 71 18.96 29.43 -92.85
CA PRO M 71 19.31 28.81 -91.56
C PRO M 71 20.72 29.17 -91.11
N HIS M 72 20.91 30.44 -90.75
CA HIS M 72 22.18 30.91 -90.22
C HIS M 72 21.88 31.95 -89.14
N VAL M 73 22.62 31.86 -88.04
CA VAL M 73 22.33 32.65 -86.84
C VAL M 73 22.37 34.14 -87.13
N ASP M 74 23.21 34.57 -88.07
CA ASP M 74 23.28 35.98 -88.43
C ASP M 74 22.12 36.42 -89.32
N LEU M 75 21.40 35.47 -89.91
CA LEU M 75 20.39 35.75 -90.93
C LEU M 75 19.04 35.13 -90.65
N ALA M 76 18.95 34.14 -89.74
CA ALA M 76 17.71 33.40 -89.53
C ALA M 76 16.58 34.32 -89.11
N PHE M 77 16.76 35.05 -88.01
CA PHE M 77 15.73 35.96 -87.53
C PHE M 77 15.39 37.02 -88.56
N ALA M 78 16.42 37.59 -89.20
CA ALA M 78 16.19 38.61 -90.23
C ALA M 78 15.44 38.05 -91.42
N SER M 79 15.69 36.79 -91.78
CA SER M 79 15.03 36.21 -92.95
C SER M 79 13.55 35.96 -92.71
N VAL M 80 13.17 35.69 -91.44
CA VAL M 80 11.76 35.52 -91.14
C VAL M 80 11.04 36.87 -91.20
N GLU M 81 11.70 37.94 -90.72
CA GLU M 81 11.13 39.27 -90.88
C GLU M 81 11.09 39.69 -92.33
N HIS M 82 12.04 39.20 -93.13
CA HIS M 82 12.00 39.47 -94.56
C HIS M 82 10.74 38.87 -95.18
N ILE M 83 10.42 37.63 -94.80
CA ILE M 83 9.17 37.00 -95.20
C ILE M 83 7.98 37.84 -94.77
N MET M 84 7.94 38.22 -93.49
CA MET M 84 6.80 38.96 -92.95
C MET M 84 6.58 40.29 -93.67
N ARG M 85 7.66 40.98 -94.03
CA ARG M 85 7.56 42.35 -94.54
C ARG M 85 7.64 42.46 -96.06
N ASN M 86 8.45 41.62 -96.71
CA ASN M 86 8.79 41.80 -98.12
C ASN M 86 8.19 40.75 -99.05
N VAL M 87 8.16 39.49 -98.65
CA VAL M 87 7.66 38.44 -99.54
C VAL M 87 6.16 38.60 -99.75
N ASN M 88 5.74 38.51 -101.01
CA ASN M 88 4.32 38.57 -101.37
C ASN M 88 3.55 37.52 -100.57
N GLY M 89 2.63 37.98 -99.74
CA GLY M 89 1.85 37.10 -98.90
C GLY M 89 2.66 36.40 -97.83
N GLY M 90 3.88 36.84 -97.58
CA GLY M 90 4.76 36.14 -96.65
C GLY M 90 4.23 36.19 -95.23
N PHE M 91 3.64 37.32 -94.84
CA PHE M 91 3.08 37.46 -93.50
C PHE M 91 2.01 36.41 -93.25
N MET M 92 1.21 36.11 -94.28
CA MET M 92 0.12 35.17 -94.13
C MET M 92 0.64 33.73 -94.15
N LEU M 93 1.63 33.48 -95.00
CA LEU M 93 2.21 32.14 -95.09
C LEU M 93 2.92 31.77 -93.79
N ARG M 94 3.59 32.74 -93.16
CA ARG M 94 4.25 32.49 -91.89
C ARG M 94 3.24 32.15 -90.81
N TYR M 95 2.20 32.97 -90.70
CA TYR M 95 1.18 32.73 -89.68
C TYR M 95 0.39 31.45 -89.97
N LEU M 96 0.20 31.10 -91.24
CA LEU M 96 -0.50 29.86 -91.56
C LEU M 96 0.33 28.65 -91.10
N HIS M 97 1.64 28.70 -91.34
CA HIS M 97 2.50 27.59 -90.93
C HIS M 97 2.55 27.50 -89.41
N ALA M 98 2.67 28.64 -88.73
CA ALA M 98 2.78 28.62 -87.28
C ALA M 98 1.48 28.20 -86.63
N ASN M 99 0.39 28.92 -86.92
CA ASN M 99 -0.91 28.54 -86.38
C ASN M 99 -1.38 27.21 -86.95
N GLY M 100 -0.91 26.84 -88.15
CA GLY M 100 -1.27 25.55 -88.68
C GLY M 100 -0.74 24.42 -87.84
N ALA M 101 0.42 24.61 -87.21
CA ALA M 101 0.95 23.62 -86.30
C ALA M 101 0.04 23.44 -85.09
N SER M 102 -0.53 24.56 -84.60
CA SER M 102 -1.45 24.46 -83.47
C SER M 102 -2.70 23.70 -83.86
N LEU M 103 -3.27 24.03 -85.02
CA LEU M 103 -4.45 23.30 -85.50
C LEU M 103 -4.11 21.83 -85.67
N PHE M 104 -2.91 21.55 -86.17
CA PHE M 104 -2.45 20.17 -86.35
C PHE M 104 -2.50 19.41 -85.03
N PHE M 105 -2.11 20.07 -83.93
CA PHE M 105 -2.00 19.39 -82.64
C PHE M 105 -3.32 19.33 -81.89
N ILE M 106 -4.17 20.35 -82.04
CA ILE M 106 -5.54 20.27 -81.52
C ILE M 106 -6.22 19.06 -82.11
N ALA M 107 -5.99 18.80 -83.39
CA ALA M 107 -6.65 17.71 -84.09
C ALA M 107 -6.15 16.35 -83.60
N VAL M 108 -4.84 16.19 -83.40
CA VAL M 108 -4.31 14.92 -82.91
C VAL M 108 -4.84 14.60 -81.52
N TYR M 109 -4.90 15.60 -80.64
CA TYR M 109 -5.31 15.31 -79.27
C TYR M 109 -6.77 14.86 -79.23
N LEU M 110 -7.62 15.50 -80.03
CA LEU M 110 -9.01 15.06 -80.17
C LEU M 110 -9.06 13.69 -80.85
N HIS M 111 -8.25 13.52 -81.90
CA HIS M 111 -8.11 12.22 -82.57
C HIS M 111 -7.70 11.15 -81.56
N ILE M 112 -6.70 11.43 -80.72
CA ILE M 112 -6.21 10.44 -79.75
C ILE M 112 -7.27 10.15 -78.70
N PHE M 113 -7.88 11.20 -78.12
CA PHE M 113 -8.86 10.99 -77.05
C PHE M 113 -10.11 10.33 -77.59
N ARG M 114 -10.42 10.54 -78.88
CA ARG M 114 -11.50 9.77 -79.50
C ARG M 114 -11.18 8.28 -79.40
N GLY M 115 -9.97 7.90 -79.81
CA GLY M 115 -9.57 6.50 -79.74
C GLY M 115 -9.61 5.92 -78.34
N LEU M 116 -9.16 6.70 -77.35
CA LEU M 116 -9.11 6.21 -75.98
C LEU M 116 -10.50 5.96 -75.42
N TYR M 117 -11.51 6.71 -75.87
CA TYR M 117 -12.86 6.55 -75.34
C TYR M 117 -13.56 5.36 -75.98
N TYR M 118 -13.46 5.25 -77.30
CA TYR M 118 -14.20 4.26 -78.08
C TYR M 118 -13.44 2.96 -78.26
N GLY M 119 -12.25 2.83 -77.68
CA GLY M 119 -11.47 1.60 -77.76
C GLY M 119 -10.97 1.29 -79.15
N SER M 120 -10.58 2.33 -79.89
CA SER M 120 -10.04 2.17 -81.23
C SER M 120 -8.62 1.59 -81.24
N TYR M 121 -7.99 1.44 -80.07
CA TYR M 121 -6.66 0.85 -79.95
C TYR M 121 -6.68 -0.65 -79.68
N LYS M 122 -7.81 -1.18 -79.23
CA LYS M 122 -7.91 -2.60 -78.90
C LYS M 122 -7.88 -3.44 -80.16
N ALA M 123 -7.54 -4.71 -79.99
CA ALA M 123 -7.45 -5.68 -81.07
C ALA M 123 -8.70 -5.61 -81.96
N PRO M 124 -8.57 -5.71 -83.29
CA PRO M 124 -7.38 -5.97 -84.13
C PRO M 124 -6.63 -4.72 -84.61
N ARG M 125 -6.72 -3.62 -83.85
CA ARG M 125 -6.26 -2.32 -84.32
C ARG M 125 -4.97 -1.87 -83.63
N GLU M 126 -4.17 -2.82 -83.11
CA GLU M 126 -2.92 -2.47 -82.44
C GLU M 126 -1.95 -1.78 -83.39
N VAL M 127 -1.83 -2.29 -84.61
CA VAL M 127 -0.84 -1.75 -85.56
C VAL M 127 -1.17 -0.31 -85.91
N THR M 128 -2.44 0.00 -86.15
CA THR M 128 -2.86 1.38 -86.41
C THR M 128 -2.41 2.29 -85.28
N TRP M 129 -2.54 1.82 -84.04
CA TRP M 129 -2.22 2.62 -82.86
C TRP M 129 -0.72 2.90 -82.77
N ILE M 130 0.11 1.86 -83.01
CA ILE M 130 1.55 2.03 -82.91
C ILE M 130 2.05 2.97 -84.01
N VAL M 131 1.52 2.82 -85.23
CA VAL M 131 1.87 3.75 -86.30
C VAL M 131 1.44 5.16 -85.93
N GLY M 132 0.28 5.28 -85.30
CA GLY M 132 -0.17 6.57 -84.80
C GLY M 132 0.81 7.18 -83.82
N MET M 133 1.33 6.37 -82.88
CA MET M 133 2.27 6.89 -81.90
C MET M 133 3.55 7.37 -82.56
N LEU M 134 4.01 6.68 -83.60
CA LEU M 134 5.19 7.13 -84.32
C LEU M 134 4.92 8.45 -85.02
N ILE M 135 3.75 8.60 -85.63
CA ILE M 135 3.38 9.86 -86.27
C ILE M 135 3.38 10.98 -85.24
N TYR M 136 2.85 10.71 -84.05
CA TYR M 136 2.77 11.73 -83.02
C TYR M 136 4.16 12.17 -82.58
N LEU M 137 5.07 11.21 -82.39
CA LEU M 137 6.45 11.53 -82.05
C LEU M 137 7.11 12.35 -83.15
N ALA M 138 6.85 12.00 -84.42
CA ALA M 138 7.46 12.74 -85.51
C ALA M 138 6.95 14.16 -85.56
N MET M 139 5.65 14.34 -85.32
CA MET M 139 5.08 15.68 -85.29
C MET M 139 5.75 16.54 -84.22
N MET M 140 5.91 15.98 -83.01
CA MET M 140 6.51 16.74 -81.93
C MET M 140 7.95 17.09 -82.26
N ALA M 141 8.72 16.12 -82.75
CA ALA M 141 10.09 16.39 -83.15
C ALA M 141 10.12 17.43 -84.26
N THR M 142 9.20 17.30 -85.22
CA THR M 142 9.13 18.27 -86.31
C THR M 142 8.77 19.65 -85.78
N ALA M 143 7.74 19.73 -84.93
CA ALA M 143 7.30 21.03 -84.45
C ALA M 143 8.37 21.68 -83.59
N PHE M 144 9.09 20.86 -82.80
CA PHE M 144 10.18 21.38 -81.99
C PHE M 144 11.22 22.04 -82.89
N MET M 145 11.69 21.31 -83.90
CA MET M 145 12.75 21.82 -84.75
C MET M 145 12.26 23.03 -85.54
N GLY M 146 11.00 23.04 -85.93
CA GLY M 146 10.44 24.20 -86.60
C GLY M 146 10.52 25.44 -85.74
N TYR M 147 10.23 25.29 -84.45
CA TYR M 147 10.21 26.42 -83.53
C TYR M 147 11.60 27.02 -83.32
N VAL M 148 12.65 26.24 -83.55
CA VAL M 148 14.01 26.75 -83.40
C VAL M 148 14.40 27.66 -84.56
N LEU M 149 13.82 27.45 -85.74
CA LEU M 149 14.29 28.12 -86.96
C LEU M 149 14.23 29.65 -86.91
N PRO M 150 13.18 30.30 -86.37
CA PRO M 150 13.20 31.77 -86.30
C PRO M 150 14.36 32.34 -85.47
N TRP M 151 14.95 31.54 -84.58
CA TRP M 151 16.10 31.96 -83.77
C TRP M 151 15.77 33.14 -82.87
N GLY M 152 14.59 33.09 -82.25
CA GLY M 152 14.23 34.02 -81.20
C GLY M 152 14.73 33.51 -79.86
N GLN M 153 14.30 34.19 -78.79
CA GLN M 153 14.75 33.79 -77.46
C GLN M 153 14.17 32.44 -77.07
N MET M 154 12.90 32.20 -77.38
CA MET M 154 12.31 30.90 -77.08
C MET M 154 12.92 29.82 -77.97
N SER M 155 13.19 30.18 -79.22
CA SER M 155 13.85 29.26 -80.15
C SER M 155 15.18 28.78 -79.60
N PHE M 156 16.05 29.71 -79.21
CA PHE M 156 17.40 29.35 -78.81
C PHE M 156 17.40 28.55 -77.51
N TRP M 157 16.64 29.01 -76.51
CA TRP M 157 16.72 28.39 -75.20
C TRP M 157 15.86 27.14 -75.14
N GLY M 158 14.79 27.08 -75.93
CA GLY M 158 14.05 25.83 -76.07
C GLY M 158 14.92 24.73 -76.66
N ALA M 159 15.75 25.09 -77.64
CA ALA M 159 16.65 24.12 -78.26
C ALA M 159 17.70 23.64 -77.26
N THR M 160 18.22 24.56 -76.44
CA THR M 160 19.16 24.18 -75.39
C THR M 160 18.54 23.17 -74.44
N VAL M 161 17.32 23.41 -73.99
CA VAL M 161 16.69 22.53 -73.01
C VAL M 161 16.39 21.16 -73.61
N ILE M 162 15.83 21.14 -74.83
CA ILE M 162 15.35 19.89 -75.38
C ILE M 162 16.52 18.99 -75.81
N THR M 163 17.60 19.59 -76.31
CA THR M 163 18.81 18.80 -76.54
C THR M 163 19.43 18.39 -75.22
N GLY M 164 19.19 19.17 -74.16
CA GLY M 164 19.70 18.82 -72.85
C GLY M 164 19.05 17.57 -72.28
N LEU M 165 17.82 17.27 -72.71
CA LEU M 165 17.13 16.06 -72.27
C LEU M 165 17.98 14.82 -72.50
N PHE M 166 18.68 14.78 -73.64
CA PHE M 166 19.46 13.60 -74.01
C PHE M 166 20.78 13.53 -73.25
N GLY M 167 21.25 14.67 -72.72
CA GLY M 167 22.42 14.68 -71.86
C GLY M 167 22.20 14.01 -70.52
N ALA M 168 20.95 13.77 -70.14
CA ALA M 168 20.61 13.16 -68.86
C ALA M 168 20.73 11.65 -68.88
N ILE M 169 20.93 11.03 -70.03
CA ILE M 169 21.06 9.57 -70.10
C ILE M 169 22.40 9.16 -69.50
N PRO M 170 22.45 8.25 -68.50
CA PRO M 170 23.75 7.88 -67.92
C PRO M 170 24.70 7.28 -68.95
N GLY M 171 25.98 7.61 -68.79
CA GLY M 171 27.03 7.04 -69.61
C GLY M 171 27.15 7.71 -70.97
N ILE M 172 26.14 7.55 -71.81
CA ILE M 172 26.18 8.00 -73.20
C ILE M 172 25.49 9.34 -73.41
N GLY M 173 24.88 9.91 -72.37
CA GLY M 173 24.07 11.11 -72.56
C GLY M 173 24.84 12.27 -73.14
N HIS M 174 26.04 12.54 -72.60
CA HIS M 174 26.80 13.69 -73.05
C HIS M 174 27.28 13.52 -74.48
N SER M 175 27.60 12.28 -74.88
CA SER M 175 28.01 12.04 -76.26
C SER M 175 26.87 12.35 -77.22
N ILE M 176 25.66 11.84 -76.91
CA ILE M 176 24.50 12.11 -77.76
C ILE M 176 24.24 13.61 -77.82
N GLN M 177 24.35 14.30 -76.68
CA GLN M 177 24.06 15.74 -76.65
C GLN M 177 25.04 16.52 -77.51
N THR M 178 26.34 16.23 -77.37
CA THR M 178 27.33 16.91 -78.21
C THR M 178 27.09 16.57 -79.68
N TRP M 179 26.76 15.32 -79.96
CA TRP M 179 26.48 14.89 -81.32
C TRP M 179 25.26 15.62 -81.89
N LEU M 180 24.21 15.75 -81.09
CA LEU M 180 23.04 16.51 -81.53
C LEU M 180 23.37 17.99 -81.67
N LEU M 181 24.20 18.53 -80.77
CA LEU M 181 24.48 19.96 -80.77
C LEU M 181 25.52 20.34 -81.82
N GLY M 182 26.47 19.46 -82.10
CA GLY M 182 27.57 19.80 -82.98
C GLY M 182 28.61 20.71 -82.35
N GLY M 183 28.67 20.75 -81.01
CA GLY M 183 29.59 21.58 -80.30
C GLY M 183 29.30 21.57 -78.81
N PRO M 184 29.92 22.48 -78.06
CA PRO M 184 29.66 22.50 -76.61
C PRO M 184 28.31 23.09 -76.26
N CYS M 185 27.77 24.01 -77.07
CA CYS M 185 26.51 24.66 -76.78
C CYS M 185 25.78 24.94 -78.09
N VAL M 186 24.49 25.29 -77.96
CA VAL M 186 23.63 25.55 -79.11
C VAL M 186 24.20 26.72 -79.91
N ASP M 187 24.53 26.47 -81.17
CA ASP M 187 25.13 27.50 -82.02
C ASP M 187 24.70 27.24 -83.45
N ASN M 188 25.47 27.77 -84.42
CA ASN M 188 25.08 27.69 -85.83
C ASN M 188 25.03 26.26 -86.34
N ALA M 189 26.01 25.43 -85.96
CA ALA M 189 25.99 24.02 -86.37
C ALA M 189 24.68 23.34 -86.00
N THR M 190 24.10 23.73 -84.86
CA THR M 190 22.84 23.14 -84.43
C THR M 190 21.69 23.62 -85.29
N LEU M 191 21.64 24.92 -85.57
CA LEU M 191 20.57 25.47 -86.42
C LEU M 191 20.59 24.85 -87.81
N ASN M 192 21.76 24.68 -88.40
CA ASN M 192 21.83 24.18 -89.78
C ASN M 192 21.32 22.74 -89.85
N ARG M 193 21.65 21.90 -88.87
CA ARG M 193 21.22 20.51 -88.94
C ARG M 193 19.77 20.33 -88.52
N PHE M 194 19.28 21.15 -87.61
CA PHE M 194 17.86 21.09 -87.26
C PHE M 194 17.00 21.48 -88.45
N PHE M 195 17.50 22.37 -89.30
CA PHE M 195 16.77 22.81 -90.49
C PHE M 195 16.60 21.65 -91.46
N SER M 196 17.67 20.90 -91.70
CA SER M 196 17.60 19.76 -92.62
C SER M 196 16.61 18.72 -92.11
N LEU M 197 16.61 18.46 -90.81
CA LEU M 197 15.73 17.43 -90.26
C LEU M 197 14.28 17.91 -90.20
N HIS M 198 14.06 19.22 -90.04
CA HIS M 198 12.69 19.74 -90.07
C HIS M 198 12.09 19.55 -91.45
N TYR M 199 12.91 19.58 -92.49
CA TYR M 199 12.44 19.38 -93.86
C TYR M 199 12.14 17.90 -94.10
N LEU M 200 13.03 17.03 -93.63
CA LEU M 200 12.91 15.59 -93.87
C LEU M 200 11.68 15.01 -93.22
N LEU M 201 11.49 15.26 -91.92
CA LEU M 201 10.51 14.53 -91.14
C LEU M 201 9.07 14.63 -91.64
N PRO M 202 8.58 15.79 -92.13
CA PRO M 202 7.22 15.81 -92.69
C PRO M 202 6.99 14.81 -93.81
N PHE M 203 8.05 14.45 -94.54
CA PHE M 203 7.91 13.42 -95.56
C PHE M 203 7.85 12.05 -94.93
N VAL M 204 8.56 11.85 -93.81
CA VAL M 204 8.46 10.61 -93.07
C VAL M 204 7.07 10.46 -92.49
N ILE M 205 6.50 11.55 -91.98
CA ILE M 205 5.12 11.54 -91.50
C ILE M 205 4.19 11.14 -92.62
N ALA M 206 4.41 11.69 -93.82
CA ALA M 206 3.56 11.36 -94.96
C ALA M 206 3.65 9.87 -95.27
N ALA M 207 4.86 9.30 -95.20
CA ALA M 207 5.01 7.87 -95.43
C ALA M 207 4.33 7.06 -94.35
N LEU M 208 4.43 7.49 -93.10
CA LEU M 208 3.74 6.81 -92.01
C LEU M 208 2.23 6.89 -92.17
N VAL M 209 1.73 8.04 -92.61
CA VAL M 209 0.29 8.21 -92.81
C VAL M 209 -0.21 7.24 -93.87
N ALA M 210 0.62 6.95 -94.88
CA ALA M 210 0.20 5.99 -95.90
C ALA M 210 -0.01 4.61 -95.27
N ILE M 211 0.88 4.23 -94.36
CA ILE M 211 0.73 2.97 -93.65
C ILE M 211 -0.45 3.03 -92.69
N HIS M 212 -0.62 4.18 -92.02
CA HIS M 212 -1.78 4.43 -91.18
C HIS M 212 -3.09 4.17 -91.91
N ILE M 213 -3.23 4.67 -93.13
CA ILE M 213 -4.45 4.49 -93.89
C ILE M 213 -4.62 3.03 -94.31
N TRP M 214 -3.52 2.38 -94.70
CA TRP M 214 -3.56 0.97 -95.03
C TRP M 214 -3.99 0.12 -93.84
N ALA M 215 -3.63 0.53 -92.62
CA ALA M 215 -3.90 -0.32 -91.44
C ALA M 215 -5.39 -0.43 -91.16
N PHE M 216 -6.12 0.69 -91.14
CA PHE M 216 -7.54 0.61 -90.82
C PHE M 216 -8.39 0.29 -92.06
N HIS M 217 -7.81 0.30 -93.26
CA HIS M 217 -8.52 -0.21 -94.43
C HIS M 217 -8.52 -1.74 -94.46
N SER M 218 -7.45 -2.36 -93.98
CA SER M 218 -7.40 -3.82 -93.93
C SER M 218 -8.42 -4.38 -92.95
N THR M 219 -8.55 -3.73 -91.79
CA THR M 219 -9.46 -4.18 -90.73
C THR M 219 -10.85 -3.56 -90.83
N GLY M 220 -10.96 -2.38 -91.43
CA GLY M 220 -12.19 -1.60 -91.42
C GLY M 220 -12.27 -0.66 -90.24
N ASN M 221 -12.92 0.48 -90.46
CA ASN M 221 -13.03 1.51 -89.44
C ASN M 221 -13.83 1.01 -88.23
N ASN M 222 -13.40 1.43 -87.04
CA ASN M 222 -14.18 1.27 -85.83
C ASN M 222 -15.37 2.23 -85.86
N ASN M 223 -16.36 1.97 -85.00
CA ASN M 223 -17.52 2.85 -84.87
C ASN M 223 -17.88 3.03 -83.40
N PRO M 224 -18.72 4.01 -83.05
CA PRO M 224 -18.99 4.29 -81.63
C PRO M 224 -19.50 3.11 -80.81
N THR M 225 -20.12 2.09 -81.42
CA THR M 225 -20.64 0.97 -80.64
C THR M 225 -19.62 -0.13 -80.42
N GLY M 226 -18.53 -0.17 -81.19
CA GLY M 226 -17.57 -1.24 -81.07
C GLY M 226 -18.03 -2.57 -81.65
N VAL M 227 -19.22 -2.61 -82.25
CA VAL M 227 -19.76 -3.83 -82.85
C VAL M 227 -19.33 -3.87 -84.31
N GLU M 228 -18.70 -4.96 -84.71
CA GLU M 228 -18.15 -5.05 -86.05
C GLU M 228 -19.27 -5.25 -87.08
N VAL M 229 -18.98 -4.83 -88.31
CA VAL M 229 -19.91 -5.02 -89.41
C VAL M 229 -20.12 -6.50 -89.65
N ARG M 230 -21.36 -6.89 -89.89
CA ARG M 230 -21.65 -8.28 -90.23
C ARG M 230 -21.03 -8.58 -91.58
N ARG M 231 -20.31 -9.69 -91.67
CA ARG M 231 -19.55 -10.04 -92.86
C ARG M 231 -20.00 -11.34 -93.50
N THR M 232 -21.05 -11.98 -92.98
CA THR M 232 -21.49 -13.26 -93.53
C THR M 232 -22.10 -13.16 -94.92
N SER M 233 -22.59 -11.97 -95.31
CA SER M 233 -23.13 -11.80 -96.65
C SER M 233 -23.21 -10.32 -96.98
N LYS M 234 -23.25 -10.03 -98.29
CA LYS M 234 -23.34 -8.65 -98.75
C LYS M 234 -24.66 -8.02 -98.36
N ALA M 235 -25.73 -8.82 -98.26
CA ALA M 235 -27.05 -8.30 -97.93
C ALA M 235 -27.03 -7.54 -96.60
N GLU M 236 -26.53 -8.17 -95.55
CA GLU M 236 -26.53 -7.57 -94.22
C GLU M 236 -25.30 -6.71 -93.96
N ALA M 237 -24.26 -6.84 -94.79
CA ALA M 237 -23.14 -5.90 -94.70
C ALA M 237 -23.55 -4.52 -95.17
N GLN M 238 -24.44 -4.44 -96.16
CA GLN M 238 -24.89 -3.17 -96.70
C GLN M 238 -25.89 -2.49 -95.78
N LYS M 239 -26.63 -3.26 -94.97
CA LYS M 239 -27.53 -2.68 -93.98
C LYS M 239 -26.78 -2.08 -92.80
N ASP M 240 -25.53 -2.50 -92.56
CA ASP M 240 -24.71 -1.95 -91.49
C ASP M 240 -23.82 -0.80 -91.93
N THR M 241 -23.66 -0.59 -93.24
CA THR M 241 -22.65 0.32 -93.78
C THR M 241 -23.25 1.15 -94.91
N VAL M 242 -22.52 2.21 -95.27
CA VAL M 242 -22.71 2.92 -96.53
C VAL M 242 -21.32 3.18 -97.14
N PRO M 243 -21.20 3.33 -98.47
CA PRO M 243 -19.86 3.58 -99.04
C PRO M 243 -19.27 4.90 -98.60
N PHE M 244 -17.95 4.88 -98.40
CA PHE M 244 -17.20 6.06 -97.95
C PHE M 244 -17.48 7.27 -98.84
N TRP M 245 -17.29 7.10 -100.16
CA TRP M 245 -17.73 8.08 -101.16
C TRP M 245 -19.14 7.75 -101.62
N PRO M 246 -20.06 8.73 -101.68
CA PRO M 246 -20.02 10.16 -101.36
C PRO M 246 -20.39 10.50 -99.91
N TYR M 247 -21.05 9.56 -99.23
CA TYR M 247 -21.74 9.84 -97.96
C TYR M 247 -20.83 10.46 -96.92
N PHE M 248 -19.63 9.90 -96.72
CA PHE M 248 -18.69 10.38 -95.71
C PHE M 248 -17.61 11.32 -96.24
N ILE M 249 -17.37 11.32 -97.56
CA ILE M 249 -16.50 12.33 -98.15
C ILE M 249 -17.08 13.73 -97.92
N ILE M 250 -18.34 13.93 -98.26
CA ILE M 250 -18.96 15.24 -98.16
C ILE M 250 -19.05 15.70 -96.71
N LYS M 251 -19.36 14.79 -95.78
CA LYS M 251 -19.43 15.18 -94.38
C LYS M 251 -18.07 15.65 -93.87
N ASP M 252 -16.99 15.00 -94.33
CA ASP M 252 -15.66 15.40 -93.90
C ASP M 252 -15.27 16.74 -94.50
N VAL M 253 -15.50 16.92 -95.80
CA VAL M 253 -15.19 18.19 -96.44
C VAL M 253 -15.99 19.32 -95.80
N PHE M 254 -17.25 19.03 -95.43
CA PHE M 254 -18.06 20.01 -94.73
C PHE M 254 -17.42 20.37 -93.40
N ALA M 255 -17.09 19.36 -92.59
CA ALA M 255 -16.46 19.61 -91.30
C ALA M 255 -15.15 20.37 -91.47
N LEU M 256 -14.39 20.02 -92.52
CA LEU M 256 -13.14 20.72 -92.78
C LEU M 256 -13.38 22.19 -93.07
N ALA M 257 -14.42 22.50 -93.86
CA ALA M 257 -14.73 23.89 -94.16
C ALA M 257 -15.06 24.66 -92.90
N VAL M 258 -15.70 24.00 -91.92
CA VAL M 258 -16.05 24.66 -90.67
C VAL M 258 -14.80 24.82 -89.81
N VAL M 259 -13.96 23.79 -89.76
CA VAL M 259 -12.71 23.88 -89.02
C VAL M 259 -11.82 24.97 -89.61
N LEU M 260 -11.73 25.02 -90.94
CA LEU M 260 -10.88 26.02 -91.56
C LEU M 260 -11.48 27.42 -91.44
N LEU M 261 -12.81 27.52 -91.36
CA LEU M 261 -13.45 28.79 -91.11
C LEU M 261 -12.95 29.40 -89.81
N VAL M 262 -12.96 28.61 -88.74
CA VAL M 262 -12.44 29.07 -87.46
C VAL M 262 -10.95 29.36 -87.56
N PHE M 263 -10.19 28.43 -88.15
CA PHE M 263 -8.74 28.58 -88.26
C PHE M 263 -8.34 29.86 -88.98
N PHE M 264 -9.02 30.20 -90.06
CA PHE M 264 -8.66 31.43 -90.77
C PHE M 264 -9.09 32.67 -90.01
N ALA M 265 -10.09 32.57 -89.14
CA ALA M 265 -10.42 33.69 -88.28
C ALA M 265 -9.30 33.92 -87.26
N ILE M 266 -8.75 32.85 -86.70
CA ILE M 266 -7.61 32.97 -85.79
C ILE M 266 -6.43 33.63 -86.49
N VAL M 267 -6.04 33.09 -87.65
CA VAL M 267 -4.86 33.58 -88.35
C VAL M 267 -5.08 35.04 -88.77
N GLY M 268 -6.31 35.38 -89.14
CA GLY M 268 -6.58 36.73 -89.60
C GLY M 268 -6.70 37.75 -88.49
N PHE M 269 -7.17 37.34 -87.31
CA PHE M 269 -7.57 38.26 -86.26
C PHE M 269 -6.89 38.06 -84.91
N MET M 270 -6.29 36.89 -84.66
CA MET M 270 -5.53 36.70 -83.42
C MET M 270 -4.43 35.67 -83.67
N PRO M 271 -3.50 35.97 -84.58
CA PRO M 271 -2.49 34.97 -84.97
C PRO M 271 -1.46 34.65 -83.90
N ASN M 272 -1.32 35.50 -82.88
CA ASN M 272 -0.31 35.32 -81.84
C ASN M 272 -0.87 34.82 -80.52
N TYR M 273 -2.18 34.59 -80.43
CA TYR M 273 -2.79 34.16 -79.17
C TYR M 273 -2.15 32.87 -78.66
N LEU M 274 -1.91 31.91 -79.54
CA LEU M 274 -1.36 30.61 -79.16
C LEU M 274 0.16 30.61 -79.16
N GLY M 275 0.79 31.77 -79.30
CA GLY M 275 2.23 31.90 -79.36
C GLY M 275 2.81 32.50 -78.09
N HIS M 276 4.15 32.56 -78.06
CA HIS M 276 4.89 33.15 -76.96
C HIS M 276 5.51 34.48 -77.41
N PRO M 277 5.17 35.64 -76.82
CA PRO M 277 5.74 36.91 -77.30
C PRO M 277 7.27 36.98 -77.31
N ASP M 278 7.95 36.23 -76.45
CA ASP M 278 9.40 36.33 -76.34
C ASP M 278 10.16 35.82 -77.55
N ASN M 279 9.49 35.14 -78.48
CA ASN M 279 10.17 34.68 -79.68
C ASN M 279 10.24 35.77 -80.75
N TYR M 280 9.64 36.93 -80.50
CA TYR M 280 9.85 38.14 -81.30
C TYR M 280 11.05 38.95 -80.80
N ILE M 281 11.85 38.39 -79.88
CA ILE M 281 13.10 38.97 -79.42
C ILE M 281 14.23 38.10 -79.94
N GLU M 282 15.25 38.74 -80.52
CA GLU M 282 16.37 38.01 -81.08
C GLU M 282 17.08 37.18 -80.02
N ALA M 283 17.52 35.98 -80.43
CA ALA M 283 18.29 35.07 -79.57
C ALA M 283 19.43 35.79 -78.88
N ASN M 284 19.51 35.62 -77.56
CA ASN M 284 20.61 36.16 -76.76
C ASN M 284 21.26 35.01 -76.00
N PRO M 285 22.41 34.49 -76.45
CA PRO M 285 22.99 33.31 -75.78
C PRO M 285 23.52 33.59 -74.38
N LEU M 286 23.52 34.83 -73.90
CA LEU M 286 24.05 35.18 -72.58
C LEU M 286 22.96 35.50 -71.57
N SER M 287 21.71 35.13 -71.85
CA SER M 287 20.62 35.38 -70.91
C SER M 287 19.38 34.58 -71.27
N THR M 288 18.79 33.91 -70.27
CA THR M 288 17.54 33.18 -70.44
C THR M 288 16.39 34.07 -69.98
N PRO M 289 15.34 34.29 -70.79
CA PRO M 289 14.20 35.09 -70.31
C PRO M 289 13.58 34.53 -69.04
N ALA M 290 13.09 35.42 -68.20
CA ALA M 290 12.49 35.01 -66.94
C ALA M 290 11.19 34.25 -67.15
N HIS M 291 10.41 34.62 -68.16
CA HIS M 291 9.09 34.06 -68.41
C HIS M 291 9.10 33.06 -69.58
N ILE M 292 10.19 32.30 -69.70
CA ILE M 292 10.27 31.22 -70.68
C ILE M 292 9.20 30.17 -70.39
N VAL M 293 8.41 29.83 -71.40
CA VAL M 293 7.36 28.80 -71.26
C VAL M 293 7.27 28.05 -72.58
N PRO M 294 7.09 26.72 -72.59
CA PRO M 294 6.95 26.00 -73.87
C PRO M 294 5.68 26.35 -74.63
N GLU M 295 5.69 25.95 -75.90
CA GLU M 295 4.50 25.99 -76.73
C GLU M 295 3.39 25.19 -76.07
N TRP M 296 2.15 25.67 -76.18
CA TRP M 296 1.05 25.14 -75.38
C TRP M 296 0.86 23.64 -75.58
N TYR M 297 1.11 23.12 -76.78
CA TYR M 297 0.89 21.70 -77.02
C TYR M 297 1.98 20.83 -76.37
N PHE M 298 3.04 21.45 -75.84
CA PHE M 298 4.08 20.78 -75.08
C PHE M 298 3.89 20.88 -73.57
N LEU M 299 2.99 21.74 -73.11
CA LEU M 299 2.90 22.04 -71.67
C LEU M 299 2.65 20.82 -70.78
N PRO M 300 1.77 19.85 -71.11
CA PRO M 300 1.55 18.74 -70.17
C PRO M 300 2.80 17.93 -69.85
N PHE M 301 3.61 17.67 -70.86
CA PHE M 301 4.81 16.86 -70.65
C PHE M 301 5.91 17.69 -69.99
N TYR M 302 5.95 18.99 -70.26
CA TYR M 302 6.87 19.87 -69.54
C TYR M 302 6.54 19.93 -68.06
N ALA M 303 5.24 20.01 -67.73
CA ALA M 303 4.83 20.07 -66.33
C ALA M 303 5.25 18.80 -65.59
N ILE M 304 5.19 17.65 -66.27
CA ILE M 304 5.60 16.39 -65.67
C ILE M 304 7.09 16.43 -65.35
N LEU M 305 7.91 16.91 -66.31
CA LEU M 305 9.35 16.93 -66.12
C LEU M 305 9.76 17.76 -64.90
N ARG M 306 9.25 19.00 -64.82
CA ARG M 306 9.73 19.87 -63.75
C ARG M 306 9.07 19.59 -62.41
N ALA M 307 8.03 18.75 -62.38
CA ALA M 307 7.42 18.37 -61.11
C ALA M 307 8.34 17.52 -60.26
N PHE M 308 9.31 16.83 -60.87
CA PHE M 308 10.14 15.86 -60.15
C PHE M 308 11.48 16.50 -59.79
N THR M 309 11.48 17.22 -58.68
CA THR M 309 12.68 17.85 -58.15
C THR M 309 13.34 16.90 -57.16
N ALA M 310 14.48 17.31 -56.60
CA ALA M 310 15.19 16.47 -55.65
C ALA M 310 14.39 16.22 -54.38
N ASP M 311 13.42 17.08 -54.07
CA ASP M 311 12.63 16.96 -52.84
C ASP M 311 11.49 15.95 -52.93
N VAL M 312 11.04 15.59 -54.14
CA VAL M 312 9.91 14.69 -54.30
C VAL M 312 10.20 13.30 -53.75
N TRP M 313 9.26 12.77 -52.97
CA TRP M 313 9.48 11.50 -52.26
C TRP M 313 9.77 10.36 -53.22
N VAL M 314 8.98 10.26 -54.29
CA VAL M 314 9.15 9.17 -55.26
C VAL M 314 10.49 9.25 -55.96
N VAL M 315 11.05 10.46 -56.11
CA VAL M 315 12.38 10.60 -56.68
C VAL M 315 13.44 10.04 -55.75
N GLN M 316 13.29 10.27 -54.44
CA GLN M 316 14.26 9.79 -53.46
C GLN M 316 14.27 8.27 -53.35
N ILE M 317 13.13 7.62 -53.56
CA ILE M 317 13.11 6.15 -53.58
C ILE M 317 13.87 5.65 -54.80
N ALA M 318 13.59 6.23 -55.98
CA ALA M 318 14.29 5.87 -57.20
C ALA M 318 15.80 6.01 -57.05
N ASN M 319 16.24 7.10 -56.41
CA ASN M 319 17.68 7.35 -56.24
C ASN M 319 18.30 6.28 -55.35
N PHE M 320 17.58 5.87 -54.31
CA PHE M 320 18.13 4.89 -53.38
C PHE M 320 18.21 3.52 -54.03
N ILE M 321 17.11 3.05 -54.64
CA ILE M 321 17.11 1.73 -55.26
C ILE M 321 18.11 1.66 -56.41
N SER M 322 18.25 2.75 -57.17
CA SER M 322 19.19 2.77 -58.30
C SER M 322 20.60 3.19 -57.91
N PHE M 323 20.91 3.25 -56.61
CA PHE M 323 22.25 3.60 -56.11
C PHE M 323 22.74 4.95 -56.64
N GLY M 324 21.82 5.88 -56.91
CA GLY M 324 22.16 7.24 -57.30
C GLY M 324 22.18 7.49 -58.80
N ILE M 325 22.10 6.44 -59.62
CA ILE M 325 22.11 6.61 -61.07
C ILE M 325 20.92 7.46 -61.52
N ILE M 326 19.72 7.15 -61.01
CA ILE M 326 18.50 7.88 -61.36
C ILE M 326 18.28 8.94 -60.29
N ASP M 327 18.77 10.15 -60.56
CA ASP M 327 18.50 11.32 -59.73
C ASP M 327 17.30 12.07 -60.31
N ALA M 328 16.97 13.22 -59.71
CA ALA M 328 15.81 13.98 -60.15
C ALA M 328 15.91 14.38 -61.62
N LYS M 329 17.12 14.68 -62.09
CA LYS M 329 17.29 15.08 -63.49
C LYS M 329 16.86 13.96 -64.43
N PHE M 330 17.43 12.77 -64.25
CA PHE M 330 17.13 11.64 -65.13
C PHE M 330 15.73 11.07 -64.86
N PHE M 331 15.27 11.13 -63.61
CA PHE M 331 13.94 10.63 -63.28
C PHE M 331 12.87 11.41 -64.04
N GLY M 332 12.99 12.75 -64.06
CA GLY M 332 12.00 13.55 -64.74
C GLY M 332 11.95 13.26 -66.23
N VAL M 333 13.11 13.00 -66.83
CA VAL M 333 13.13 12.67 -68.25
C VAL M 333 12.52 11.29 -68.47
N LEU M 334 12.84 10.32 -67.61
CA LEU M 334 12.21 9.00 -67.72
C LEU M 334 10.71 9.08 -67.52
N ALA M 335 10.27 9.86 -66.52
CA ALA M 335 8.84 10.02 -66.27
C ALA M 335 8.13 10.65 -67.46
N MET M 336 8.77 11.64 -68.09
CA MET M 336 8.13 12.35 -69.18
C MET M 336 8.00 11.45 -70.39
N PHE M 337 9.11 10.82 -70.81
CA PHE M 337 9.05 9.87 -71.91
C PHE M 337 8.30 8.61 -71.50
N GLY M 338 8.32 8.26 -70.20
CA GLY M 338 7.57 7.13 -69.74
C GLY M 338 6.07 7.36 -69.84
N ALA M 339 5.63 8.60 -69.64
CA ALA M 339 4.22 8.93 -69.74
C ALA M 339 3.71 8.71 -71.15
N ILE M 340 4.57 8.99 -72.14
CA ILE M 340 4.20 8.75 -73.53
C ILE M 340 4.25 7.26 -73.81
N LEU M 341 5.23 6.56 -73.21
CA LEU M 341 5.40 5.14 -73.47
C LEU M 341 4.20 4.35 -72.95
N VAL M 342 3.73 4.67 -71.74
CA VAL M 342 2.60 3.93 -71.20
C VAL M 342 1.36 4.16 -72.06
N MET M 343 1.27 5.33 -72.69
CA MET M 343 0.14 5.58 -73.58
C MET M 343 0.26 4.76 -74.85
N ALA M 344 1.49 4.48 -75.29
CA ALA M 344 1.70 3.61 -76.45
C ALA M 344 1.35 2.17 -76.12
N LEU M 345 1.48 1.77 -74.85
CA LEU M 345 1.28 0.40 -74.42
C LEU M 345 -0.16 0.11 -74.01
N VAL M 346 -1.07 1.07 -74.17
CA VAL M 346 -2.45 0.95 -73.68
C VAL M 346 -3.24 -0.22 -74.28
N PRO M 347 -2.96 -0.75 -75.49
CA PRO M 347 -3.73 -1.94 -75.92
C PRO M 347 -3.53 -3.15 -75.03
N TRP M 348 -2.38 -3.27 -74.36
CA TRP M 348 -2.05 -4.43 -73.53
C TRP M 348 -2.27 -4.20 -72.05
N LEU M 349 -2.64 -2.97 -71.65
CA LEU M 349 -2.95 -2.67 -70.26
C LEU M 349 -4.44 -2.66 -70.00
N ASP M 350 -5.25 -2.30 -70.99
CA ASP M 350 -6.71 -2.36 -70.87
C ASP M 350 -7.12 -3.81 -71.10
N THR M 351 -7.47 -4.49 -70.02
CA THR M 351 -7.74 -5.92 -70.05
C THR M 351 -9.22 -6.25 -70.28
N SER M 352 -10.07 -5.24 -70.47
CA SER M 352 -11.48 -5.49 -70.69
C SER M 352 -11.70 -5.98 -72.13
N PRO M 353 -12.57 -6.99 -72.35
CA PRO M 353 -12.83 -7.42 -73.73
C PRO M 353 -13.87 -6.57 -74.45
N VAL M 354 -14.55 -5.67 -73.76
CA VAL M 354 -15.53 -4.79 -74.38
C VAL M 354 -14.79 -3.66 -75.07
N ARG M 355 -15.03 -3.49 -76.37
CA ARG M 355 -14.27 -2.52 -77.15
C ARG M 355 -14.67 -1.07 -76.82
N SER M 356 -15.93 -0.71 -77.07
CA SER M 356 -16.34 0.68 -76.92
C SER M 356 -16.60 1.07 -75.47
N GLY M 357 -16.03 2.20 -75.05
CA GLY M 357 -16.23 2.76 -73.72
C GLY M 357 -17.62 3.31 -73.47
N ARG M 358 -18.45 3.43 -74.52
CA ARG M 358 -19.83 3.89 -74.35
C ARG M 358 -20.62 2.97 -73.42
N TYR M 359 -20.25 1.70 -73.36
CA TYR M 359 -20.95 0.68 -72.57
C TYR M 359 -20.11 0.21 -71.39
N ARG M 360 -19.20 1.06 -70.91
CA ARG M 360 -18.33 0.78 -69.78
C ARG M 360 -18.54 1.89 -68.76
N PRO M 361 -19.49 1.73 -67.81
CA PRO M 361 -19.81 2.86 -66.90
C PRO M 361 -18.64 3.40 -66.08
N MET M 362 -17.84 2.51 -65.46
CA MET M 362 -16.72 2.96 -64.66
C MET M 362 -15.60 3.55 -65.52
N PHE M 363 -15.34 2.95 -66.68
CA PHE M 363 -14.28 3.45 -67.56
C PHE M 363 -14.51 4.92 -67.92
N LYS M 364 -15.77 5.28 -68.21
CA LYS M 364 -16.10 6.66 -68.57
C LYS M 364 -15.61 7.65 -67.52
N ILE M 365 -15.78 7.31 -66.25
CA ILE M 365 -15.36 8.20 -65.17
C ILE M 365 -13.86 8.46 -65.25
N TYR M 366 -13.06 7.40 -65.30
CA TYR M 366 -11.61 7.58 -65.26
C TYR M 366 -11.09 8.17 -66.55
N PHE M 367 -11.77 7.94 -67.68
CA PHE M 367 -11.33 8.55 -68.93
C PHE M 367 -11.53 10.06 -68.89
N TRP M 368 -12.71 10.49 -68.48
CA TRP M 368 -12.99 11.92 -68.46
C TRP M 368 -12.16 12.62 -67.40
N LEU M 369 -11.76 11.90 -66.36
CA LEU M 369 -10.79 12.43 -65.42
C LEU M 369 -9.44 12.62 -66.10
N LEU M 370 -9.07 11.68 -66.97
CA LEU M 370 -7.80 11.78 -67.68
C LEU M 370 -7.83 12.97 -68.65
N ALA M 371 -8.97 13.16 -69.35
CA ALA M 371 -9.10 14.31 -70.24
C ALA M 371 -9.00 15.59 -69.43
N ALA M 372 -9.71 15.64 -68.30
CA ALA M 372 -9.60 16.81 -67.41
C ALA M 372 -8.17 16.94 -66.91
N ASP M 373 -7.54 15.82 -66.58
CA ASP M 373 -6.17 15.85 -66.09
C ASP M 373 -5.25 16.45 -67.16
N PHE M 374 -5.50 16.10 -68.42
CA PHE M 374 -4.66 16.60 -69.50
C PHE M 374 -4.80 18.11 -69.62
N VAL M 375 -6.03 18.62 -69.48
CA VAL M 375 -6.24 20.06 -69.48
C VAL M 375 -5.59 20.70 -68.26
N ILE M 376 -5.70 20.05 -67.10
CA ILE M 376 -5.09 20.56 -65.88
C ILE M 376 -3.57 20.61 -66.06
N LEU M 377 -2.98 19.52 -66.55
CA LEU M 377 -1.55 19.48 -66.82
C LEU M 377 -1.14 20.61 -67.75
N THR M 378 -1.96 20.88 -68.77
CA THR M 378 -1.68 22.00 -69.66
C THR M 378 -1.71 23.32 -68.89
N TRP M 379 -2.70 23.46 -68.01
CA TRP M 379 -2.88 24.71 -67.27
C TRP M 379 -1.74 24.94 -66.27
N VAL M 380 -1.37 23.90 -65.51
CA VAL M 380 -0.30 24.08 -64.52
C VAL M 380 1.05 24.28 -65.21
N GLY M 381 1.21 23.75 -66.42
CA GLY M 381 2.44 23.95 -67.17
C GLY M 381 2.84 25.41 -67.35
N ALA M 382 1.86 26.30 -67.44
CA ALA M 382 2.13 27.73 -67.63
C ALA M 382 2.25 28.51 -66.33
N GLN M 383 2.08 27.85 -65.17
CA GLN M 383 2.18 28.53 -63.87
C GLN M 383 3.58 28.40 -63.30
N GLN M 384 3.82 29.12 -62.20
CA GLN M 384 5.07 29.05 -61.48
C GLN M 384 5.16 27.72 -60.72
N THR M 385 6.36 27.42 -60.24
CA THR M 385 6.63 26.17 -59.53
C THR M 385 6.44 26.33 -58.01
N THR M 386 5.89 27.45 -57.56
CA THR M 386 5.63 27.68 -56.15
C THR M 386 4.36 26.96 -55.71
N PHE M 387 4.16 26.90 -54.40
CA PHE M 387 2.94 26.35 -53.84
C PHE M 387 1.74 27.19 -54.31
N PRO M 388 0.60 26.56 -54.66
CA PRO M 388 0.23 25.14 -54.66
C PRO M 388 0.47 24.41 -55.98
N TYR M 389 0.90 25.15 -57.02
CA TYR M 389 1.02 24.55 -58.36
C TYR M 389 1.95 23.36 -58.38
N ASP M 390 2.97 23.36 -57.53
CA ASP M 390 3.89 22.21 -57.47
C ASP M 390 3.15 20.96 -57.03
N TRP M 391 2.20 21.09 -56.11
CA TRP M 391 1.39 19.95 -55.69
C TRP M 391 0.34 19.57 -56.73
N ILE M 392 -0.32 20.57 -57.33
CA ILE M 392 -1.31 20.31 -58.37
C ILE M 392 -0.69 19.48 -59.49
N SER M 393 0.58 19.75 -59.82
CA SER M 393 1.25 19.03 -60.89
C SER M 393 1.65 17.63 -60.43
N LEU M 394 1.89 17.44 -59.13
CA LEU M 394 2.17 16.10 -58.60
C LEU M 394 0.91 15.25 -58.62
N ILE M 395 -0.23 15.82 -58.19
CA ILE M 395 -1.47 15.07 -58.18
C ILE M 395 -1.87 14.73 -59.60
N ALA M 396 -1.71 15.68 -60.52
CA ALA M 396 -2.07 15.45 -61.91
C ALA M 396 -1.17 14.40 -62.54
N SER M 397 0.14 14.49 -62.29
CA SER M 397 1.06 13.50 -62.82
C SER M 397 0.76 12.11 -62.29
N ALA M 398 0.42 12.02 -61.00
CA ALA M 398 0.14 10.72 -60.39
C ALA M 398 -1.06 10.05 -61.07
N TYR M 399 -2.10 10.82 -61.37
CA TYR M 399 -3.28 10.21 -61.98
C TYR M 399 -2.99 9.73 -63.39
N TRP M 400 -2.15 10.47 -64.13
CA TRP M 400 -1.82 10.08 -65.50
C TRP M 400 -1.22 8.68 -65.54
N PHE M 401 -0.26 8.41 -64.66
CA PHE M 401 0.36 7.09 -64.65
C PHE M 401 -0.58 6.05 -64.07
N ALA M 402 -1.42 6.46 -63.11
CA ALA M 402 -2.36 5.54 -62.48
C ALA M 402 -3.42 5.06 -63.48
N TYR M 403 -3.88 5.96 -64.36
CA TYR M 403 -4.91 5.59 -65.32
C TYR M 403 -4.47 4.43 -66.20
N PHE M 404 -3.27 4.53 -66.78
CA PHE M 404 -2.82 3.50 -67.71
C PHE M 404 -2.28 2.27 -66.99
N LEU M 405 -1.57 2.46 -65.88
CA LEU M 405 -0.82 1.38 -65.23
C LEU M 405 -1.58 0.66 -64.13
N VAL M 406 -2.63 1.26 -63.58
CA VAL M 406 -3.36 0.69 -62.44
C VAL M 406 -4.84 0.54 -62.76
N ILE M 407 -5.49 1.64 -63.12
CA ILE M 407 -6.95 1.62 -63.33
C ILE M 407 -7.32 0.67 -64.47
N LEU M 408 -6.70 0.86 -65.65
CA LEU M 408 -7.11 0.10 -66.83
C LEU M 408 -6.89 -1.41 -66.66
N PRO M 409 -5.75 -1.90 -66.16
CA PRO M 409 -5.64 -3.35 -65.90
C PRO M 409 -6.68 -3.85 -64.91
N ILE M 410 -6.91 -3.08 -63.84
CA ILE M 410 -7.83 -3.46 -62.79
C ILE M 410 -9.27 -3.39 -63.30
N LEU M 411 -9.58 -2.36 -64.11
CA LEU M 411 -10.95 -2.16 -64.60
C LEU M 411 -11.45 -3.36 -65.39
N GLY M 412 -10.58 -3.99 -66.18
CA GLY M 412 -11.02 -5.09 -67.04
C GLY M 412 -11.38 -6.37 -66.31
N ALA M 413 -11.17 -6.44 -64.99
CA ALA M 413 -11.45 -7.61 -64.17
C ALA M 413 -12.45 -7.33 -63.05
N ILE M 414 -13.21 -6.23 -63.18
CA ILE M 414 -14.15 -5.78 -62.14
C ILE M 414 -15.43 -5.23 -62.77
N GLU M 415 -15.29 -4.47 -63.86
CA GLU M 415 -16.43 -3.78 -64.46
C GLU M 415 -17.52 -4.75 -64.90
N LYS M 416 -18.77 -4.29 -64.80
CA LYS M 416 -19.94 -4.99 -65.33
C LYS M 416 -20.47 -4.19 -66.53
N PRO M 417 -20.06 -4.52 -67.75
CA PRO M 417 -20.45 -3.69 -68.90
C PRO M 417 -21.91 -3.86 -69.28
N VAL M 418 -22.44 -2.83 -69.94
CA VAL M 418 -23.81 -2.86 -70.46
C VAL M 418 -23.82 -3.60 -71.79
N ALA M 419 -24.95 -4.21 -72.12
CA ALA M 419 -25.08 -4.92 -73.39
C ALA M 419 -25.06 -3.94 -74.56
N PRO M 420 -24.20 -4.12 -75.57
CA PRO M 420 -24.27 -3.25 -76.76
C PRO M 420 -25.43 -3.66 -77.66
N PRO M 421 -25.73 -2.86 -78.70
CA PRO M 421 -26.76 -3.27 -79.65
C PRO M 421 -26.39 -4.58 -80.35
N ALA M 422 -27.40 -5.24 -80.90
CA ALA M 422 -27.16 -6.47 -81.64
C ALA M 422 -26.40 -6.20 -82.93
N THR M 423 -26.70 -5.10 -83.62
CA THR M 423 -26.08 -4.79 -84.90
C THR M 423 -25.92 -3.28 -85.03
N ILE M 424 -25.16 -2.89 -86.04
CA ILE M 424 -25.03 -1.46 -86.37
C ILE M 424 -26.37 -0.91 -86.85
N GLU M 425 -27.14 -1.72 -87.59
CA GLU M 425 -28.44 -1.30 -88.09
C GLU M 425 -29.36 -0.90 -86.94
N GLU M 426 -29.39 -1.69 -85.86
CA GLU M 426 -30.25 -1.37 -84.72
C GLU M 426 -29.92 0.01 -84.16
N ASP M 427 -28.63 0.31 -83.97
CA ASP M 427 -28.24 1.59 -83.41
C ASP M 427 -28.59 2.73 -84.36
N PHE M 428 -28.41 2.52 -85.66
CA PHE M 428 -28.67 3.57 -86.64
C PHE M 428 -30.15 3.94 -86.68
N ASN M 429 -31.03 2.95 -86.79
CA ASN M 429 -32.46 3.24 -86.81
C ASN M 429 -32.93 3.91 -85.52
N ALA M 430 -32.32 3.57 -84.39
CA ALA M 430 -32.65 4.19 -83.12
C ALA M 430 -32.18 5.63 -83.08
N ALA N 1 9.96 38.45 -60.82
CA ALA N 1 9.09 39.39 -61.58
C ALA N 1 7.65 38.87 -61.62
N GLY N 2 6.80 39.56 -62.37
CA GLY N 2 5.40 39.17 -62.46
C GLY N 2 4.68 40.00 -63.49
N GLY N 3 3.35 39.86 -63.50
CA GLY N 3 2.49 40.69 -64.33
C GLY N 3 1.93 41.87 -63.57
N GLY N 4 1.34 42.80 -64.33
CA GLY N 4 0.81 44.02 -63.76
C GLY N 4 -0.32 44.64 -64.54
N HIS N 5 -0.73 45.84 -64.12
CA HIS N 5 -1.87 46.54 -64.72
C HIS N 5 -1.41 47.40 -65.88
N VAL N 6 -2.16 47.34 -66.98
CA VAL N 6 -1.95 48.21 -68.13
C VAL N 6 -3.25 48.99 -68.35
N GLU N 7 -3.12 50.21 -68.86
CA GLU N 7 -4.28 51.02 -69.20
C GLU N 7 -4.94 50.53 -70.48
N ASP N 8 -6.21 50.17 -70.40
CA ASP N 8 -6.93 49.61 -71.54
C ASP N 8 -7.25 50.77 -72.47
N VAL N 9 -6.37 51.03 -73.44
CA VAL N 9 -6.55 52.11 -74.40
C VAL N 9 -7.49 51.66 -75.52
N PRO N 10 -8.41 52.53 -76.03
CA PRO N 10 -9.20 52.13 -77.19
C PRO N 10 -8.53 52.52 -78.50
N PHE N 11 -7.63 51.67 -79.00
CA PHE N 11 -6.93 51.94 -80.25
C PHE N 11 -7.83 51.66 -81.44
N SER N 12 -7.67 52.46 -82.50
CA SER N 12 -8.51 52.32 -83.68
C SER N 12 -8.31 50.96 -84.34
N PHE N 13 -7.10 50.40 -84.25
CA PHE N 13 -6.79 49.16 -84.95
C PHE N 13 -7.33 47.92 -84.24
N GLU N 14 -7.96 48.07 -83.08
CA GLU N 14 -8.49 46.95 -82.32
C GLU N 14 -9.89 46.60 -82.82
N GLY N 15 -10.27 45.34 -82.60
CA GLY N 15 -11.52 44.84 -83.11
C GLY N 15 -11.33 44.25 -84.49
N PRO N 16 -12.22 43.35 -84.91
CA PRO N 16 -12.04 42.72 -86.23
C PRO N 16 -12.08 43.72 -87.38
N PHE N 17 -12.83 44.81 -87.22
CA PHE N 17 -12.93 45.86 -88.23
C PHE N 17 -12.00 47.04 -87.92
N GLY N 18 -11.10 46.88 -86.96
CA GLY N 18 -10.21 47.96 -86.60
C GLY N 18 -9.18 48.22 -87.69
N THR N 19 -8.85 49.50 -87.87
CA THR N 19 -7.86 49.90 -88.86
C THR N 19 -7.02 51.03 -88.31
N PHE N 20 -5.82 51.18 -88.86
CA PHE N 20 -4.93 52.25 -88.47
C PHE N 20 -5.49 53.61 -88.88
N ASP N 21 -5.27 54.60 -88.02
CA ASP N 21 -5.55 55.99 -88.34
C ASP N 21 -4.31 56.58 -88.99
N GLN N 22 -4.42 56.93 -90.27
CA GLN N 22 -3.27 57.34 -91.06
C GLN N 22 -2.54 58.53 -90.43
N HIS N 23 -3.30 59.54 -89.99
CA HIS N 23 -2.68 60.72 -89.40
C HIS N 23 -2.00 60.39 -88.08
N GLN N 24 -2.59 59.48 -87.30
CA GLN N 24 -1.97 59.06 -86.04
C GLN N 24 -0.63 58.41 -86.27
N LEU N 25 -0.52 57.56 -87.30
CA LEU N 25 0.76 56.92 -87.58
C LEU N 25 1.82 57.93 -87.97
N GLN N 26 1.42 58.99 -88.68
CA GLN N 26 2.39 60.03 -89.05
C GLN N 26 2.85 60.79 -87.82
N ARG N 27 1.93 61.11 -86.91
CA ARG N 27 2.31 61.76 -85.66
C ARG N 27 3.24 60.87 -84.85
N GLY N 28 2.95 59.56 -84.80
CA GLY N 28 3.81 58.65 -84.06
C GLY N 28 5.20 58.58 -84.67
N LEU N 29 5.28 58.67 -86.00
CA LEU N 29 6.57 58.69 -86.68
C LEU N 29 7.37 59.92 -86.29
N GLN N 30 6.67 61.06 -86.16
CA GLN N 30 7.33 62.29 -85.75
C GLN N 30 7.90 62.16 -84.34
N VAL N 31 7.14 61.53 -83.44
CA VAL N 31 7.60 61.33 -82.07
C VAL N 31 8.85 60.44 -82.07
N TYR N 32 8.81 59.33 -82.82
CA TYR N 32 9.96 58.44 -82.88
C TYR N 32 11.21 59.16 -83.38
N THR N 33 11.08 59.95 -84.44
CA THR N 33 12.24 60.59 -85.04
C THR N 33 12.84 61.64 -84.10
N GLU N 34 11.98 62.41 -83.43
CA GLU N 34 12.44 63.54 -82.63
C GLU N 34 12.83 63.17 -81.21
N VAL N 35 12.35 62.03 -80.69
CA VAL N 35 12.58 61.63 -79.30
C VAL N 35 13.25 60.27 -79.23
N CYS N 36 12.52 59.23 -79.67
CA CYS N 36 12.98 57.85 -79.47
C CYS N 36 14.24 57.56 -80.26
N ALA N 37 14.35 58.10 -81.47
CA ALA N 37 15.45 57.74 -82.36
C ALA N 37 16.83 58.07 -81.80
N ALA N 38 16.92 58.97 -80.82
CA ALA N 38 18.20 59.30 -80.20
C ALA N 38 18.88 58.08 -79.58
N CYS N 39 18.11 57.09 -79.12
CA CYS N 39 18.63 55.89 -78.47
C CYS N 39 18.20 54.60 -79.15
N HIS N 40 16.94 54.52 -79.56
CA HIS N 40 16.36 53.30 -80.13
C HIS N 40 16.42 53.30 -81.65
N GLY N 41 16.70 52.12 -82.22
CA GLY N 41 16.68 51.90 -83.63
C GLY N 41 15.50 51.01 -84.00
N MET N 42 15.31 50.83 -85.31
CA MET N 42 14.31 49.89 -85.83
C MET N 42 14.92 49.15 -87.02
N LYS N 43 15.93 48.32 -86.73
CA LYS N 43 16.81 47.79 -87.78
C LYS N 43 16.10 46.86 -88.75
N PHE N 44 14.87 46.42 -88.45
CA PHE N 44 14.10 45.53 -89.31
C PHE N 44 13.05 46.25 -90.16
N VAL N 45 12.85 47.55 -89.95
CA VAL N 45 11.85 48.32 -90.69
C VAL N 45 12.52 48.98 -91.89
N PRO N 46 12.16 48.63 -93.13
CA PRO N 46 12.67 49.38 -94.28
C PRO N 46 12.07 50.77 -94.33
N ILE N 47 12.92 51.77 -94.58
CA ILE N 47 12.45 53.16 -94.63
C ILE N 47 11.43 53.34 -95.74
N ARG N 48 11.58 52.59 -96.84
CA ARG N 48 10.65 52.67 -97.96
C ARG N 48 9.23 52.28 -97.58
N SER N 49 9.04 51.55 -96.48
CA SER N 49 7.73 51.07 -96.07
C SER N 49 6.82 52.19 -95.58
N LEU N 50 7.35 53.40 -95.38
CA LEU N 50 6.51 54.55 -95.06
C LEU N 50 5.57 54.93 -96.21
N SER N 51 5.85 54.45 -97.43
CA SER N 51 5.00 54.69 -98.59
C SER N 51 3.97 53.58 -98.79
N GLU N 52 4.27 52.37 -98.31
CA GLU N 52 3.44 51.21 -98.57
C GLU N 52 2.01 51.44 -98.05
N PRO N 53 1.00 50.87 -98.70
CA PRO N 53 -0.37 51.05 -98.21
C PRO N 53 -0.58 50.37 -96.87
N GLY N 54 -1.42 50.99 -96.04
CA GLY N 54 -1.72 50.49 -94.72
C GLY N 54 -0.84 51.05 -93.63
N GLY N 55 -0.16 52.16 -93.88
CA GLY N 55 0.73 52.78 -92.92
C GLY N 55 0.63 54.29 -92.99
N PRO N 56 1.71 55.00 -92.65
CA PRO N 56 1.67 56.48 -92.80
C PRO N 56 1.41 56.93 -94.22
N GLU N 57 1.81 56.14 -95.21
CA GLU N 57 1.60 56.45 -96.63
C GLU N 57 2.06 57.86 -96.99
N LEU N 58 3.36 58.11 -96.75
CA LEU N 58 3.96 59.38 -97.14
C LEU N 58 4.31 59.35 -98.63
N PRO N 59 4.23 60.49 -99.34
CA PRO N 59 4.70 60.52 -100.73
C PRO N 59 6.15 60.07 -100.84
N GLU N 60 6.46 59.42 -101.97
CA GLU N 60 7.77 58.80 -102.13
C GLU N 60 8.89 59.83 -102.13
N ASP N 61 8.60 61.09 -102.48
CA ASP N 61 9.62 62.12 -102.41
C ASP N 61 9.92 62.49 -100.96
N GLN N 62 8.88 62.55 -100.12
CA GLN N 62 9.09 62.78 -98.69
C GLN N 62 9.89 61.65 -98.05
N VAL N 63 9.59 60.40 -98.42
CA VAL N 63 10.30 59.27 -97.83
C VAL N 63 11.77 59.31 -98.22
N ARG N 64 12.05 59.71 -99.46
CA ARG N 64 13.44 59.83 -99.90
C ARG N 64 14.16 60.91 -99.12
N ALA N 65 13.47 62.03 -98.86
CA ALA N 65 14.05 63.10 -98.06
C ALA N 65 14.23 62.66 -96.62
N TYR N 66 13.27 61.89 -96.08
CA TYR N 66 13.37 61.43 -94.70
C TYR N 66 14.58 60.54 -94.53
N ALA N 67 14.81 59.63 -95.49
CA ALA N 67 15.94 58.72 -95.41
C ALA N 67 17.29 59.45 -95.37
N THR N 68 17.33 60.69 -95.87
CA THR N 68 18.59 61.43 -95.96
C THR N 68 19.21 61.66 -94.59
N GLN N 69 18.40 61.88 -93.56
CA GLN N 69 18.93 62.26 -92.26
C GLN N 69 19.84 61.21 -91.66
N PHE N 70 19.69 59.94 -92.07
CA PHE N 70 20.50 58.85 -91.53
C PHE N 70 21.81 58.79 -92.32
N THR N 71 22.91 58.54 -91.60
CA THR N 71 24.21 58.29 -92.22
C THR N 71 24.46 56.78 -92.24
N VAL N 72 24.45 56.20 -93.44
CA VAL N 72 24.59 54.76 -93.64
C VAL N 72 25.95 54.49 -94.27
N THR N 73 26.60 53.42 -93.80
CA THR N 73 27.85 52.93 -94.40
C THR N 73 27.51 51.98 -95.55
N ASP N 74 27.85 52.38 -96.77
CA ASP N 74 27.59 51.54 -97.93
C ASP N 74 28.39 50.25 -97.82
N GLU N 75 27.78 49.13 -98.21
CA GLU N 75 28.41 47.83 -98.02
C GLU N 75 29.63 47.66 -98.92
N GLU N 76 29.47 47.87 -100.22
CA GLU N 76 30.61 47.78 -101.13
C GLU N 76 31.62 48.89 -100.89
N THR N 77 31.17 50.14 -100.92
CA THR N 77 32.10 51.28 -100.81
C THR N 77 32.79 51.29 -99.44
N GLY N 78 32.02 51.05 -98.38
CA GLY N 78 32.53 51.13 -97.03
C GLY N 78 32.58 52.54 -96.48
N GLU N 79 32.36 53.55 -97.31
CA GLU N 79 32.37 54.95 -96.90
C GLU N 79 30.93 55.38 -96.59
N ASP N 80 30.82 56.41 -95.77
CA ASP N 80 29.50 56.89 -95.36
C ASP N 80 28.81 57.60 -96.52
N ARG N 81 27.48 57.58 -96.49
CA ARG N 81 26.67 58.25 -97.50
C ARG N 81 25.30 58.54 -96.91
N GLU N 82 24.52 59.33 -97.64
CA GLU N 82 23.15 59.60 -97.24
C GLU N 82 22.29 58.36 -97.39
N GLY N 83 21.22 58.30 -96.59
CA GLY N 83 20.34 57.15 -96.61
C GLY N 83 19.44 57.15 -97.82
N LYS N 84 19.07 55.95 -98.26
CA LYS N 84 18.09 55.74 -99.32
C LYS N 84 16.81 55.13 -98.74
N PRO N 85 15.71 55.12 -99.50
CA PRO N 85 14.52 54.41 -99.01
C PRO N 85 14.73 52.92 -98.85
N THR N 86 15.68 52.34 -99.59
CA THR N 86 15.93 50.91 -99.49
C THR N 86 16.72 50.53 -98.24
N ASP N 87 17.26 51.50 -97.50
CA ASP N 87 17.94 51.20 -96.25
C ASP N 87 16.93 51.02 -95.11
N HIS N 88 17.35 50.25 -94.12
CA HIS N 88 16.62 50.14 -92.87
C HIS N 88 16.96 51.31 -91.94
N PHE N 89 16.09 51.54 -90.96
CA PHE N 89 16.42 52.43 -89.86
C PHE N 89 17.70 51.93 -89.17
N PRO N 90 18.48 52.81 -88.55
CA PRO N 90 19.73 52.35 -87.92
C PRO N 90 19.49 51.44 -86.72
N HIS N 91 20.54 50.74 -86.33
CA HIS N 91 20.55 49.98 -85.08
C HIS N 91 20.45 50.92 -83.89
N SER N 92 20.15 50.33 -82.72
CA SER N 92 20.09 51.10 -81.48
C SER N 92 21.44 51.76 -81.21
N ALA N 93 21.42 53.07 -81.01
CA ALA N 93 22.64 53.79 -80.63
C ALA N 93 23.13 53.38 -79.25
N LEU N 94 22.20 53.13 -78.32
CA LEU N 94 22.54 52.71 -76.95
C LEU N 94 22.50 51.18 -76.85
N GLU N 95 23.62 50.59 -76.42
CA GLU N 95 23.83 49.16 -76.55
C GLU N 95 22.78 48.35 -75.79
N ASN N 96 22.34 48.82 -74.63
CA ASN N 96 21.36 48.12 -73.82
C ASN N 96 19.95 48.65 -74.03
N ALA N 97 19.74 49.53 -75.01
CA ALA N 97 18.40 49.97 -75.39
C ALA N 97 17.86 48.96 -76.41
N PRO N 98 16.82 48.18 -76.09
CA PRO N 98 16.40 47.14 -77.03
C PRO N 98 15.87 47.72 -78.33
N ASP N 99 16.01 46.95 -79.40
CA ASP N 99 15.46 47.32 -80.69
C ASP N 99 13.95 47.33 -80.62
N LEU N 100 13.34 48.35 -81.21
CA LEU N 100 11.90 48.60 -81.12
C LEU N 100 11.13 48.13 -82.34
N SER N 101 11.79 47.45 -83.29
CA SER N 101 11.13 46.98 -84.51
C SER N 101 9.90 46.14 -84.19
N LEU N 102 10.03 45.23 -83.22
CA LEU N 102 8.99 44.26 -82.88
C LEU N 102 8.52 44.40 -81.44
N MET N 103 8.80 45.54 -80.81
CA MET N 103 8.47 45.71 -79.40
C MET N 103 6.97 45.60 -79.16
N ALA N 104 6.16 46.16 -80.07
CA ALA N 104 4.71 46.18 -79.91
C ALA N 104 4.07 44.80 -80.02
N LYS N 105 4.84 43.78 -80.45
CA LYS N 105 4.39 42.40 -80.48
C LYS N 105 5.14 41.52 -79.50
N ALA N 106 6.31 41.97 -79.02
CA ALA N 106 7.15 41.20 -78.10
C ALA N 106 6.78 41.43 -76.63
N ARG N 107 5.69 42.15 -76.36
CA ARG N 107 5.22 42.39 -75.00
C ARG N 107 3.73 42.10 -74.95
N ALA N 108 3.29 41.44 -73.88
CA ALA N 108 1.88 41.21 -73.59
C ALA N 108 1.47 42.00 -72.37
N GLY N 109 0.39 42.77 -72.50
CA GLY N 109 -0.13 43.58 -71.40
C GLY N 109 -1.26 42.90 -70.64
N PHE N 110 -1.97 41.97 -71.28
CA PHE N 110 -3.10 41.27 -70.69
C PHE N 110 -2.71 39.82 -70.44
N HIS N 111 -2.98 39.32 -69.23
CA HIS N 111 -2.64 37.97 -68.82
C HIS N 111 -3.82 37.34 -68.09
N GLY N 112 -3.69 36.03 -67.84
CA GLY N 112 -4.67 35.30 -67.05
C GLY N 112 -6.01 35.14 -67.73
N PRO N 113 -7.08 34.82 -66.94
CA PRO N 113 -7.12 34.57 -65.49
C PRO N 113 -6.58 33.21 -65.08
N MET N 114 -5.77 33.19 -64.02
CA MET N 114 -5.12 31.97 -63.52
C MET N 114 -4.38 31.25 -64.64
N GLY N 115 -3.81 32.02 -65.55
CA GLY N 115 -3.09 31.50 -66.69
C GLY N 115 -3.95 30.65 -67.60
N THR N 116 -5.22 31.04 -67.78
CA THR N 116 -6.14 30.37 -68.69
C THR N 116 -6.14 31.02 -70.07
N GLY N 117 -5.70 32.27 -70.16
CA GLY N 117 -5.62 32.99 -71.41
C GLY N 117 -6.94 33.56 -71.89
N ILE N 118 -7.99 33.50 -71.08
CA ILE N 118 -9.28 34.04 -71.50
C ILE N 118 -9.19 35.55 -71.62
N SER N 119 -8.34 36.19 -70.81
CA SER N 119 -8.21 37.64 -70.86
C SER N 119 -7.67 38.09 -72.21
N GLN N 120 -6.63 37.42 -72.71
CA GLN N 120 -6.10 37.76 -74.01
C GLN N 120 -7.09 37.45 -75.12
N LEU N 121 -7.94 36.43 -74.92
CA LEU N 121 -8.89 36.03 -75.94
C LEU N 121 -9.88 37.15 -76.24
N PHE N 122 -10.17 38.02 -75.27
CA PHE N 122 -11.14 39.10 -75.42
C PHE N 122 -10.52 40.48 -75.53
N ASN N 123 -9.36 40.72 -74.90
CA ASN N 123 -8.72 42.02 -74.87
C ASN N 123 -7.47 42.11 -75.74
N GLY N 124 -7.06 41.02 -76.39
CA GLY N 124 -5.85 41.02 -77.18
C GLY N 124 -4.59 40.82 -76.34
N ILE N 125 -3.46 40.80 -77.04
CA ILE N 125 -2.18 40.58 -76.38
C ILE N 125 -1.80 41.80 -75.54
N GLY N 126 -2.05 42.99 -76.07
CA GLY N 126 -1.91 44.21 -75.29
C GLY N 126 -0.55 44.86 -75.39
N GLY N 127 0.15 44.68 -76.50
CA GLY N 127 1.46 45.27 -76.69
C GLY N 127 1.43 46.78 -76.77
N PRO N 128 0.59 47.36 -77.64
CA PRO N 128 0.55 48.83 -77.70
C PRO N 128 -0.02 49.43 -76.44
N GLU N 129 -0.90 48.71 -75.73
CA GLU N 129 -1.37 49.15 -74.43
C GLU N 129 -0.21 49.20 -73.45
N TYR N 130 0.67 48.20 -73.49
CA TYR N 130 1.83 48.17 -72.61
C TYR N 130 2.75 49.37 -72.86
N ILE N 131 3.09 49.61 -74.13
CA ILE N 131 3.94 50.75 -74.49
C ILE N 131 3.33 52.05 -73.95
N TYR N 132 2.03 52.23 -74.18
CA TYR N 132 1.34 53.43 -73.69
C TYR N 132 1.48 53.55 -72.18
N SER N 133 1.31 52.42 -71.46
CA SER N 133 1.36 52.45 -70.01
C SER N 133 2.74 52.84 -69.51
N VAL N 134 3.79 52.39 -70.20
CA VAL N 134 5.15 52.76 -69.80
C VAL N 134 5.37 54.26 -70.00
N LEU N 135 4.96 54.79 -71.16
CA LEU N 135 5.12 56.22 -71.40
C LEU N 135 4.25 57.05 -70.47
N THR N 136 3.15 56.50 -69.97
CA THR N 136 2.21 57.21 -69.10
C THR N 136 2.56 57.00 -67.63
N GLY N 137 3.19 55.86 -67.29
CA GLY N 137 3.32 55.40 -65.93
C GLY N 137 4.54 55.90 -65.19
N PHE N 138 4.96 57.14 -65.46
CA PHE N 138 6.05 57.79 -64.73
C PHE N 138 5.46 58.73 -63.68
N PRO N 139 5.42 58.36 -62.40
CA PRO N 139 4.88 59.26 -61.38
C PRO N 139 5.90 60.26 -60.86
N GLU N 140 5.40 61.42 -60.44
CA GLU N 140 6.26 62.47 -59.91
C GLU N 140 6.90 62.06 -58.59
N GLU N 141 6.15 61.33 -57.73
CA GLU N 141 6.67 60.81 -56.46
C GLU N 141 6.84 59.30 -56.53
N PRO N 142 7.96 58.72 -56.05
CA PRO N 142 8.06 57.25 -56.04
C PRO N 142 7.21 56.64 -54.94
N PRO N 143 7.06 55.31 -54.94
CA PRO N 143 6.35 54.65 -53.83
C PRO N 143 7.04 54.87 -52.49
N LYS N 144 6.23 54.94 -51.43
CA LYS N 144 6.73 55.33 -50.11
C LYS N 144 7.84 54.41 -49.63
N CYS N 145 7.82 53.14 -50.05
CA CYS N 145 8.79 52.14 -49.59
C CYS N 145 10.20 52.37 -50.11
N ALA N 146 10.40 53.29 -51.07
CA ALA N 146 11.72 53.52 -51.65
C ALA N 146 12.07 55.00 -51.66
N GLU N 147 11.58 55.77 -50.67
CA GLU N 147 11.85 57.21 -50.65
C GLU N 147 13.34 57.51 -50.56
N GLY N 148 14.10 56.65 -49.87
CA GLY N 148 15.54 56.80 -49.72
C GLY N 148 16.29 55.57 -50.16
N HIS N 149 15.79 54.87 -51.19
CA HIS N 149 16.37 53.61 -51.64
C HIS N 149 16.33 53.45 -53.15
N GLU N 150 16.17 54.54 -53.89
CA GLU N 150 16.12 54.43 -55.35
C GLU N 150 17.48 54.03 -55.92
N PRO N 151 17.57 52.98 -56.75
CA PRO N 151 18.86 52.68 -57.39
C PRO N 151 19.28 53.82 -58.32
N ASP N 152 20.57 54.13 -58.32
CA ASP N 152 21.05 55.22 -59.16
C ASP N 152 21.08 54.76 -60.62
N GLY N 153 20.59 55.64 -61.50
CA GLY N 153 20.52 55.36 -62.92
C GLY N 153 19.26 54.64 -63.35
N PHE N 154 18.29 54.47 -62.45
CA PHE N 154 17.03 53.80 -62.74
C PHE N 154 15.87 54.69 -62.29
N TYR N 155 14.68 54.37 -62.80
CA TYR N 155 13.49 55.20 -62.62
C TYR N 155 12.27 54.30 -62.43
N TYR N 156 11.41 54.69 -61.49
CA TYR N 156 10.21 53.90 -61.21
C TYR N 156 9.19 54.05 -62.33
N ASN N 157 8.65 52.91 -62.78
CA ASN N 157 7.60 52.86 -63.78
C ASN N 157 6.49 51.93 -63.33
N ARG N 158 5.23 52.40 -63.46
CA ARG N 158 4.09 51.64 -62.95
C ARG N 158 3.94 50.30 -63.67
N ALA N 159 4.19 50.28 -64.98
CA ALA N 159 3.90 49.11 -65.80
C ALA N 159 5.10 48.18 -65.96
N PHE N 160 6.32 48.69 -65.83
CA PHE N 160 7.51 47.86 -66.01
C PHE N 160 7.61 46.88 -64.87
N GLN N 161 7.72 45.58 -65.21
CA GLN N 161 7.69 44.50 -64.22
C GLN N 161 9.00 43.73 -64.11
N ASN N 162 9.95 43.95 -65.02
CA ASN N 162 11.19 43.18 -65.06
C ASN N 162 12.36 43.92 -64.42
N GLY N 163 12.10 45.05 -63.75
CA GLY N 163 13.16 45.84 -63.14
C GLY N 163 13.46 45.42 -61.72
N SER N 164 14.57 45.94 -61.20
CA SER N 164 14.93 45.68 -59.82
C SER N 164 14.02 46.47 -58.90
N VAL N 165 14.00 46.09 -57.62
CA VAL N 165 13.15 46.73 -56.63
C VAL N 165 13.88 46.76 -55.29
N PRO N 166 13.91 47.88 -54.55
CA PRO N 166 14.60 47.90 -53.24
C PRO N 166 14.11 46.85 -52.26
N ASP N 167 15.00 46.48 -51.34
CA ASP N 167 14.69 45.47 -50.32
C ASP N 167 13.51 45.88 -49.46
N THR N 168 13.31 47.18 -49.23
CA THR N 168 12.21 47.71 -48.42
C THR N 168 10.85 47.64 -49.11
N CYS N 169 10.81 47.20 -50.37
CA CYS N 169 9.60 47.13 -51.19
C CYS N 169 9.15 45.70 -51.43
N LYS N 170 9.66 44.73 -50.67
CA LYS N 170 9.29 43.33 -50.75
C LYS N 170 8.58 42.92 -49.46
N ASP N 171 7.66 41.96 -49.57
CA ASP N 171 6.92 41.47 -48.41
C ASP N 171 7.75 40.42 -47.67
N ALA N 172 7.13 39.77 -46.68
CA ALA N 172 7.82 38.78 -45.86
C ALA N 172 8.30 37.57 -46.66
N ASN N 173 7.67 37.30 -47.81
CA ASN N 173 8.08 36.21 -48.69
C ASN N 173 8.94 36.69 -49.85
N GLY N 174 9.33 37.97 -49.89
CA GLY N 174 10.21 38.47 -50.92
C GLY N 174 9.54 38.90 -52.20
N VAL N 175 8.21 38.87 -52.26
CA VAL N 175 7.48 39.30 -53.45
C VAL N 175 7.33 40.81 -53.41
N LYS N 176 7.48 41.45 -54.56
CA LYS N 176 7.53 42.91 -54.61
C LYS N 176 6.16 43.50 -54.29
N THR N 177 6.17 44.64 -53.59
CA THR N 177 4.94 45.32 -53.21
C THR N 177 4.45 46.26 -54.31
N THR N 178 5.36 46.86 -55.06
CA THR N 178 4.99 47.87 -56.03
C THR N 178 4.30 47.25 -57.25
N ALA N 179 3.42 48.04 -57.86
CA ALA N 179 2.73 47.59 -59.06
C ALA N 179 3.72 47.30 -60.18
N GLY N 180 4.79 48.10 -60.27
CA GLY N 180 5.83 47.95 -61.26
C GLY N 180 7.20 47.78 -60.64
N SER N 181 8.23 48.32 -61.30
CA SER N 181 9.60 48.21 -60.83
C SER N 181 10.41 49.32 -61.51
N TRP N 182 11.73 49.30 -61.30
CA TRP N 182 12.60 50.38 -61.72
C TRP N 182 13.23 50.07 -63.07
N ILE N 183 13.08 51.00 -64.03
CA ILE N 183 13.49 50.81 -65.42
C ILE N 183 14.68 51.71 -65.71
N ALA N 184 15.57 51.24 -66.60
CA ALA N 184 16.77 51.98 -66.97
C ALA N 184 16.50 53.08 -68.01
N MET N 185 15.29 53.17 -68.53
CA MET N 185 14.94 54.20 -69.50
C MET N 185 14.53 55.48 -68.77
N PRO N 186 15.22 56.61 -68.94
CA PRO N 186 14.71 57.85 -68.35
C PRO N 186 13.41 58.28 -69.02
N PRO N 187 12.56 59.03 -68.31
CA PRO N 187 11.28 59.49 -68.91
C PRO N 187 11.50 60.22 -70.23
N PRO N 188 11.08 59.63 -71.38
CA PRO N 188 11.42 60.25 -72.67
C PRO N 188 10.48 61.40 -73.03
N LEU N 189 9.25 61.37 -72.51
CA LEU N 189 8.22 62.32 -72.88
C LEU N 189 8.03 63.40 -71.83
N MET N 190 7.32 64.44 -72.25
CA MET N 190 6.97 65.60 -71.44
C MET N 190 6.02 66.44 -72.28
N ASP N 191 5.04 67.06 -71.61
CA ASP N 191 3.97 67.79 -72.27
C ASP N 191 4.48 68.74 -73.35
N ASP N 192 3.95 68.58 -74.56
CA ASP N 192 4.26 69.44 -75.71
C ASP N 192 5.74 69.40 -76.06
N LEU N 193 6.34 68.20 -75.95
CA LEU N 193 7.72 68.02 -76.41
C LEU N 193 7.83 68.00 -77.93
N VAL N 194 6.76 67.64 -78.63
CA VAL N 194 6.72 67.59 -80.09
C VAL N 194 5.69 68.59 -80.59
N GLU N 195 6.02 69.27 -81.70
CA GLU N 195 5.15 70.26 -82.33
C GLU N 195 4.57 69.64 -83.59
N TYR N 196 3.37 69.08 -83.47
CA TYR N 196 2.66 68.52 -84.61
C TYR N 196 2.24 69.61 -85.59
N ALA N 197 2.38 69.32 -86.89
CA ALA N 197 2.12 70.34 -87.91
C ALA N 197 0.65 70.73 -87.96
N ASP N 198 -0.26 69.77 -87.85
CA ASP N 198 -1.69 70.05 -87.94
C ASP N 198 -2.28 70.61 -86.64
N GLY N 199 -1.44 70.88 -85.64
CA GLY N 199 -1.87 71.42 -84.37
C GLY N 199 -2.47 70.41 -83.41
N HIS N 200 -2.36 69.12 -83.70
CA HIS N 200 -2.82 68.09 -82.79
C HIS N 200 -2.12 68.22 -81.44
N ASP N 201 -2.84 67.91 -80.37
CA ASP N 201 -2.29 68.10 -79.03
C ASP N 201 -1.15 67.12 -78.80
N ALA N 202 -0.11 67.57 -78.11
CA ALA N 202 1.10 66.77 -77.86
C ALA N 202 1.34 66.57 -76.37
N SER N 203 0.27 66.34 -75.62
CA SER N 203 0.37 65.95 -74.22
C SER N 203 1.04 64.59 -74.14
N VAL N 204 1.54 64.25 -72.95
CA VAL N 204 2.15 62.93 -72.75
C VAL N 204 1.14 61.84 -73.08
N HIS N 205 -0.13 62.09 -72.77
CA HIS N 205 -1.20 61.13 -73.10
C HIS N 205 -1.29 60.94 -74.60
N ALA N 206 -1.38 62.04 -75.34
CA ALA N 206 -1.57 61.99 -76.80
C ALA N 206 -0.37 61.38 -77.50
N MET N 207 0.84 61.85 -77.16
CA MET N 207 2.05 61.33 -77.79
C MET N 207 2.23 59.84 -77.51
N ALA N 208 1.86 59.40 -76.31
CA ALA N 208 2.01 57.99 -75.97
C ALA N 208 1.10 57.12 -76.82
N GLU N 209 -0.12 57.59 -77.09
CA GLU N 209 -1.05 56.84 -77.92
C GLU N 209 -0.61 56.88 -79.39
N ASP N 210 -0.13 58.04 -79.85
CA ASP N 210 0.29 58.17 -81.25
C ASP N 210 1.48 57.27 -81.55
N VAL N 211 2.50 57.32 -80.69
CA VAL N 211 3.71 56.55 -80.94
C VAL N 211 3.46 55.06 -80.71
N SER N 212 2.50 54.71 -79.85
CA SER N 212 2.15 53.31 -79.67
C SER N 212 1.50 52.75 -80.92
N ALA N 213 0.70 53.56 -81.61
CA ALA N 213 0.11 53.12 -82.87
C ALA N 213 1.19 52.97 -83.94
N PHE N 214 2.13 53.91 -84.00
CA PHE N 214 3.22 53.83 -84.96
C PHE N 214 4.07 52.58 -84.71
N LEU N 215 4.36 52.28 -83.44
CA LEU N 215 5.18 51.11 -83.13
C LEU N 215 4.40 49.81 -83.34
N MET N 216 3.07 49.87 -83.31
CA MET N 216 2.27 48.70 -83.65
C MET N 216 2.31 48.44 -85.15
N TRP N 217 2.24 49.51 -85.96
CA TRP N 217 2.33 49.34 -87.40
C TRP N 217 3.72 48.87 -87.82
N ALA N 218 4.76 49.42 -87.18
CA ALA N 218 6.12 49.02 -87.52
C ALA N 218 6.34 47.53 -87.23
N ALA N 219 5.65 47.00 -86.23
CA ALA N 219 5.77 45.59 -85.87
C ALA N 219 4.89 44.72 -86.78
N GLU N 220 3.69 45.20 -87.10
CA GLU N 220 2.72 44.50 -87.93
C GLU N 220 2.26 45.40 -89.07
N PRO N 221 3.15 45.68 -90.03
CA PRO N 221 2.77 46.58 -91.14
C PRO N 221 1.65 46.02 -91.99
N LYS N 222 1.50 44.70 -92.05
CA LYS N 222 0.51 44.03 -92.88
C LYS N 222 -0.75 43.69 -92.10
N LEU N 223 -1.00 44.39 -91.00
CA LEU N 223 -2.15 44.11 -90.15
C LEU N 223 -3.46 44.19 -90.93
N MET N 224 -3.66 45.28 -91.67
CA MET N 224 -4.92 45.45 -92.41
C MET N 224 -5.06 44.40 -93.51
N ALA N 225 -3.96 44.09 -94.21
CA ALA N 225 -4.02 43.05 -95.24
C ALA N 225 -4.36 41.70 -94.62
N ARG N 226 -3.83 41.44 -93.42
CA ARG N 226 -4.08 40.17 -92.75
C ARG N 226 -5.55 40.02 -92.42
N LYS N 227 -6.19 41.09 -91.96
CA LYS N 227 -7.61 41.04 -91.63
C LYS N 227 -8.47 40.90 -92.87
N GLN N 228 -8.15 41.67 -93.92
CA GLN N 228 -8.84 41.55 -95.20
C GLN N 228 -8.83 40.11 -95.68
N ALA N 229 -7.67 39.45 -95.59
CA ALA N 229 -7.59 38.05 -95.97
C ALA N 229 -8.49 37.21 -95.07
N GLY N 230 -8.55 37.56 -93.79
CA GLY N 230 -9.41 36.83 -92.87
C GLY N 230 -10.86 36.95 -93.28
N PHE N 231 -11.32 38.19 -93.52
CA PHE N 231 -12.68 38.42 -94.00
C PHE N 231 -12.96 37.61 -95.25
N THR N 232 -12.06 37.70 -96.25
CA THR N 232 -12.26 37.00 -97.51
C THR N 232 -12.37 35.50 -97.29
N ALA N 233 -11.41 34.93 -96.55
CA ALA N 233 -11.43 33.50 -96.27
C ALA N 233 -12.68 33.12 -95.50
N VAL N 234 -13.10 33.97 -94.56
CA VAL N 234 -14.26 33.68 -93.75
C VAL N 234 -15.53 33.76 -94.60
N MET N 235 -15.61 34.76 -95.48
CA MET N 235 -16.78 34.85 -96.35
C MET N 235 -16.81 33.70 -97.34
N PHE N 236 -15.66 33.39 -97.95
CA PHE N 236 -15.53 32.22 -98.81
C PHE N 236 -16.01 30.98 -98.06
N LEU N 237 -15.40 30.73 -96.90
CA LEU N 237 -15.67 29.50 -96.16
C LEU N 237 -17.06 29.52 -95.56
N THR N 238 -17.61 30.70 -95.30
CA THR N 238 -18.99 30.77 -94.84
C THR N 238 -19.93 30.29 -95.93
N VAL N 239 -19.78 30.86 -97.14
CA VAL N 239 -20.60 30.42 -98.27
C VAL N 239 -20.37 28.93 -98.53
N LEU N 240 -19.11 28.52 -98.55
CA LEU N 240 -18.78 27.13 -98.85
C LEU N 240 -19.33 26.19 -97.79
N SER N 241 -19.29 26.61 -96.52
CA SER N 241 -19.79 25.78 -95.44
C SER N 241 -21.31 25.60 -95.55
N VAL N 242 -22.01 26.69 -95.85
CA VAL N 242 -23.47 26.62 -96.01
C VAL N 242 -23.82 25.70 -97.17
N LEU N 243 -23.15 25.88 -98.30
CA LEU N 243 -23.39 25.04 -99.48
C LEU N 243 -23.07 23.59 -99.17
N LEU N 244 -22.00 23.34 -98.40
CA LEU N 244 -21.63 21.97 -98.06
C LEU N 244 -22.61 21.35 -97.07
N TYR N 245 -23.27 22.17 -96.25
CA TYR N 245 -24.26 21.64 -95.32
C TYR N 245 -25.50 21.16 -96.05
N LEU N 246 -26.03 21.99 -96.96
CA LEU N 246 -27.19 21.62 -97.75
C LEU N 246 -26.92 20.39 -98.59
N THR N 247 -25.73 20.32 -99.20
CA THR N 247 -25.35 19.15 -99.98
C THR N 247 -25.35 17.89 -99.11
N ASN N 248 -24.74 17.98 -97.92
CA ASN N 248 -24.67 16.83 -97.02
C ASN N 248 -26.06 16.40 -96.56
N LYS N 249 -26.95 17.37 -96.32
CA LYS N 249 -28.28 17.04 -95.81
C LYS N 249 -29.11 16.34 -96.89
N ARG N 250 -29.15 16.91 -98.09
CA ARG N 250 -29.96 16.33 -99.17
C ARG N 250 -29.43 14.96 -99.61
N LEU N 251 -28.18 14.62 -99.27
CA LEU N 251 -27.61 13.34 -99.64
C LEU N 251 -28.06 12.25 -98.68
N TRP N 252 -27.91 12.48 -97.38
CA TRP N 252 -28.27 11.51 -96.35
C TRP N 252 -29.78 11.31 -96.20
N ALA N 253 -30.59 12.12 -96.90
CA ALA N 253 -32.04 11.95 -96.84
C ALA N 253 -32.47 10.57 -97.34
N GLY N 254 -31.77 10.05 -98.34
CA GLY N 254 -32.04 8.73 -98.87
C GLY N 254 -31.33 7.60 -98.14
N VAL N 255 -31.20 7.74 -96.82
CA VAL N 255 -30.52 6.75 -95.98
C VAL N 255 -31.25 6.62 -94.64
N LYS N 256 -31.64 7.76 -94.06
CA LYS N 256 -32.33 7.81 -92.77
C LYS N 256 -33.67 8.53 -92.91
N GLY O 9 -36.51 17.93 -108.71
CA GLY O 9 -36.09 18.22 -110.06
C GLY O 9 -34.66 18.73 -110.12
N THR O 10 -34.47 19.86 -110.80
CA THR O 10 -33.15 20.46 -110.98
C THR O 10 -32.79 21.45 -109.86
N ARG O 11 -33.45 21.33 -108.70
CA ARG O 11 -33.15 22.24 -107.59
C ARG O 11 -31.94 21.75 -106.79
N ARG O 12 -31.87 20.44 -106.52
CA ARG O 12 -30.70 19.89 -105.87
C ARG O 12 -29.56 19.64 -106.86
N ASP O 13 -29.87 19.62 -108.16
CA ASP O 13 -28.81 19.53 -109.16
C ASP O 13 -28.05 20.84 -109.28
N PHE O 14 -28.75 21.96 -109.09
CA PHE O 14 -28.09 23.27 -109.13
C PHE O 14 -27.21 23.49 -107.92
N LEU O 15 -27.61 22.94 -106.76
CA LEU O 15 -26.81 23.08 -105.56
C LEU O 15 -25.45 22.41 -105.73
N TYR O 16 -25.44 21.19 -106.28
CA TYR O 16 -24.19 20.47 -106.48
C TYR O 16 -23.29 21.17 -107.49
N TYR O 17 -23.87 21.99 -108.38
CA TYR O 17 -23.08 22.83 -109.26
C TYR O 17 -22.56 24.05 -108.49
N ALA O 18 -23.46 24.73 -107.78
CA ALA O 18 -23.08 25.92 -107.03
C ALA O 18 -22.03 25.59 -105.98
N THR O 19 -22.17 24.44 -105.32
CA THR O 19 -21.20 24.02 -104.31
C THR O 19 -19.83 23.78 -104.94
N ALA O 20 -19.79 23.03 -106.04
CA ALA O 20 -18.52 22.76 -106.71
C ALA O 20 -17.92 24.04 -107.27
N GLY O 21 -18.77 24.94 -107.80
CA GLY O 21 -18.26 26.19 -108.31
C GLY O 21 -17.64 27.05 -107.22
N ALA O 22 -18.28 27.07 -106.04
CA ALA O 22 -17.72 27.80 -104.91
C ALA O 22 -16.40 27.17 -104.46
N GLY O 23 -16.34 25.84 -104.45
CA GLY O 23 -15.11 25.16 -104.05
C GLY O 23 -13.96 25.46 -104.99
N ALA O 24 -14.26 25.54 -106.30
CA ALA O 24 -13.22 25.85 -107.28
C ALA O 24 -12.66 27.25 -107.06
N VAL O 25 -13.55 28.23 -106.84
CA VAL O 25 -13.11 29.60 -106.59
C VAL O 25 -12.26 29.64 -105.32
N ALA O 26 -12.73 29.01 -104.25
CA ALA O 26 -11.99 29.00 -102.99
C ALA O 26 -10.62 28.37 -103.17
N THR O 27 -10.54 27.29 -103.94
CA THR O 27 -9.25 26.65 -104.19
C THR O 27 -8.32 27.59 -104.97
N GLY O 28 -8.84 28.21 -106.03
CA GLY O 28 -8.03 29.12 -106.82
C GLY O 28 -7.49 30.26 -105.99
N ALA O 29 -8.31 30.79 -105.07
CA ALA O 29 -7.87 31.87 -104.20
C ALA O 29 -6.77 31.41 -103.25
N ALA O 30 -6.71 30.11 -102.97
CA ALA O 30 -5.71 29.52 -102.08
C ALA O 30 -4.45 29.16 -102.84
N VAL O 31 -4.59 28.81 -104.12
CA VAL O 31 -3.44 28.36 -104.91
C VAL O 31 -2.63 29.55 -105.39
N TRP O 32 -3.32 30.64 -105.77
CA TRP O 32 -2.64 31.84 -106.27
C TRP O 32 -1.58 32.38 -105.33
N PRO O 33 -1.83 32.58 -104.03
CA PRO O 33 -0.75 33.11 -103.17
C PRO O 33 0.42 32.15 -103.05
N LEU O 34 0.22 30.86 -103.27
CA LEU O 34 1.34 29.91 -103.25
C LEU O 34 2.20 30.09 -104.48
N ILE O 35 1.62 30.59 -105.57
CA ILE O 35 2.36 30.89 -106.78
C ILE O 35 2.97 32.28 -106.70
N ASN O 36 2.18 33.25 -106.25
CA ASN O 36 2.60 34.64 -106.28
C ASN O 36 3.71 34.96 -105.30
N GLN O 37 3.92 34.13 -104.28
CA GLN O 37 5.01 34.37 -103.34
C GLN O 37 6.38 34.24 -104.00
N MET O 38 6.47 33.56 -105.14
CA MET O 38 7.74 33.40 -105.84
C MET O 38 8.01 34.57 -106.78
N ASN O 39 7.01 35.38 -107.08
CA ASN O 39 7.21 36.59 -107.85
C ASN O 39 8.00 37.61 -107.02
N PRO O 40 8.65 38.58 -107.68
CA PRO O 40 9.55 39.51 -106.98
C PRO O 40 8.91 40.15 -105.75
N SER O 41 9.62 40.06 -104.63
CA SER O 41 9.17 40.62 -103.38
C SER O 41 9.35 42.14 -103.37
N ALA O 42 8.82 42.77 -102.32
CA ALA O 42 8.73 44.22 -102.31
C ALA O 42 10.12 44.86 -102.30
N ASP O 43 11.11 44.21 -101.69
CA ASP O 43 12.44 44.79 -101.71
C ASP O 43 13.00 44.78 -103.12
N VAL O 44 12.67 43.75 -103.89
CA VAL O 44 13.15 43.65 -105.27
C VAL O 44 12.41 44.64 -106.16
N GLN O 45 11.07 44.72 -106.03
CA GLN O 45 10.30 45.62 -106.89
C GLN O 45 10.63 47.08 -106.65
N ALA O 46 11.27 47.42 -105.52
CA ALA O 46 11.61 48.80 -105.20
C ALA O 46 12.84 49.22 -106.01
N LEU O 47 12.69 49.21 -107.33
CA LEU O 47 13.81 49.51 -108.20
C LEU O 47 14.39 50.89 -107.92
N ALA O 48 15.71 50.99 -108.04
CA ALA O 48 16.48 52.14 -107.60
C ALA O 48 17.39 52.58 -108.74
N SER O 49 17.80 53.85 -108.71
CA SER O 49 18.63 54.41 -109.76
C SER O 49 20.03 54.56 -109.19
N ILE O 50 21.03 54.70 -110.06
CA ILE O 50 22.41 54.84 -109.63
C ILE O 50 23.14 55.85 -110.51
N PHE O 51 24.31 56.25 -110.04
CA PHE O 51 25.17 57.22 -110.70
C PHE O 51 26.54 56.56 -110.85
N VAL O 52 27.16 56.75 -112.02
CA VAL O 52 28.41 56.09 -112.35
C VAL O 52 29.47 57.13 -112.65
N ASP O 53 30.60 57.06 -111.96
CA ASP O 53 31.73 57.93 -112.26
C ASP O 53 32.45 57.39 -113.49
N VAL O 54 32.75 58.29 -114.43
CA VAL O 54 33.18 57.88 -115.76
C VAL O 54 34.51 58.57 -116.13
N SER O 55 35.00 59.48 -115.29
CA SER O 55 36.23 60.22 -115.56
C SER O 55 37.44 59.31 -115.81
N SER O 56 37.43 58.07 -115.32
CA SER O 56 38.57 57.18 -115.39
C SER O 56 38.59 56.29 -116.63
N VAL O 57 37.63 56.42 -117.53
CA VAL O 57 37.48 55.50 -118.66
C VAL O 57 38.19 56.10 -119.86
N GLU O 58 39.30 55.46 -120.28
CA GLU O 58 40.02 55.82 -121.50
C GLU O 58 39.40 55.10 -122.69
N PRO O 59 39.65 55.58 -123.92
CA PRO O 59 39.16 54.83 -125.09
C PRO O 59 39.75 53.42 -125.15
N GLY O 60 38.90 52.48 -125.54
CA GLY O 60 39.28 51.08 -125.60
C GLY O 60 39.03 50.31 -124.31
N VAL O 61 38.46 50.95 -123.30
CA VAL O 61 38.16 50.33 -122.01
C VAL O 61 36.65 50.12 -121.90
N GLN O 62 36.26 48.95 -121.42
CA GLN O 62 34.87 48.65 -121.09
C GLN O 62 34.75 48.61 -119.57
N LEU O 63 33.84 49.41 -119.04
CA LEU O 63 33.47 49.39 -117.62
C LEU O 63 32.22 48.53 -117.44
N THR O 64 32.28 47.59 -116.51
CA THR O 64 31.18 46.70 -116.20
C THR O 64 30.67 46.99 -114.80
N VAL O 65 29.39 47.31 -114.70
CA VAL O 65 28.78 47.84 -113.48
C VAL O 65 27.52 47.04 -113.19
N LYS O 66 27.25 46.84 -111.90
CA LYS O 66 26.08 46.07 -111.47
C LYS O 66 24.90 47.03 -111.28
N PHE O 67 23.75 46.64 -111.82
CA PHE O 67 22.55 47.47 -111.71
C PHE O 67 21.34 46.56 -111.72
N LEU O 68 20.58 46.57 -110.63
CA LEU O 68 19.44 45.68 -110.44
C LEU O 68 19.87 44.21 -110.55
N GLY O 69 21.04 43.90 -110.00
CA GLY O 69 21.50 42.53 -109.96
C GLY O 69 21.97 41.98 -111.29
N CYS O 70 22.36 42.85 -112.23
CA CYS O 70 22.80 42.42 -113.55
C CYS O 70 23.85 43.39 -114.07
N PRO O 71 24.65 42.97 -115.07
CA PRO O 71 25.72 43.86 -115.56
C PRO O 71 25.22 44.90 -116.55
N ILE O 72 25.76 46.10 -116.44
CA ILE O 72 25.61 47.15 -117.44
C ILE O 72 26.99 47.51 -117.95
N PHE O 73 27.15 47.52 -119.28
CA PHE O 73 28.41 47.85 -119.92
C PHE O 73 28.43 49.33 -120.26
N ILE O 74 29.51 50.01 -119.86
CA ILE O 74 29.78 51.38 -120.27
C ILE O 74 31.15 51.34 -120.93
N ARG O 75 31.17 51.31 -122.26
CA ARG O 75 32.39 51.26 -123.05
C ARG O 75 32.60 52.61 -123.73
N ARG O 76 33.78 53.19 -123.55
CA ARG O 76 34.21 54.36 -124.31
C ARG O 76 34.86 53.83 -125.59
N ARG O 77 34.14 53.94 -126.70
CA ARG O 77 34.54 53.30 -127.94
C ARG O 77 35.70 54.06 -128.59
N THR O 78 36.58 53.30 -129.25
CA THR O 78 37.67 53.90 -129.99
C THR O 78 37.18 54.43 -131.34
N GLU O 79 38.09 55.08 -132.07
CA GLU O 79 37.76 55.57 -133.41
C GLU O 79 37.39 54.42 -134.33
N ALA O 80 38.18 53.33 -134.31
CA ALA O 80 37.89 52.17 -135.14
C ALA O 80 36.51 51.59 -134.84
N ASP O 81 36.20 51.41 -133.55
CA ASP O 81 34.88 50.92 -133.14
C ASP O 81 33.76 51.77 -133.73
N ILE O 82 33.91 53.10 -133.66
CA ILE O 82 32.84 53.98 -134.12
C ILE O 82 32.71 53.91 -135.63
N GLU O 83 33.84 53.94 -136.34
CA GLU O 83 33.82 53.85 -137.79
C GLU O 83 33.19 52.54 -138.26
N LEU O 84 33.63 51.42 -137.68
CA LEU O 84 33.04 50.12 -138.01
C LEU O 84 31.53 50.10 -137.79
N GLY O 85 31.08 50.67 -136.67
CA GLY O 85 29.66 50.63 -136.35
C GLY O 85 28.83 51.39 -137.37
N ARG O 86 29.32 52.54 -137.83
CA ARG O 86 28.56 53.36 -138.77
C ARG O 86 28.60 52.80 -140.20
N SER O 87 29.57 51.92 -140.50
CA SER O 87 29.72 51.38 -141.85
C SER O 87 28.72 50.26 -142.15
N VAL O 88 28.09 49.67 -141.14
CA VAL O 88 27.14 48.58 -141.36
C VAL O 88 25.82 49.16 -141.87
N GLN O 89 25.33 48.60 -142.97
CA GLN O 89 24.02 48.96 -143.49
C GLN O 89 22.92 48.18 -142.79
N LEU O 90 21.75 48.83 -142.69
CA LEU O 90 20.60 48.27 -141.97
C LEU O 90 20.23 46.87 -142.45
N GLY O 91 20.22 46.66 -143.77
CA GLY O 91 19.83 45.37 -144.31
C GLY O 91 20.79 44.22 -144.01
N GLN O 92 21.94 44.49 -143.40
CA GLN O 92 22.90 43.46 -143.05
C GLN O 92 22.74 42.96 -141.62
N LEU O 93 21.82 43.55 -140.85
CA LEU O 93 21.66 43.21 -139.45
C LEU O 93 20.59 42.14 -139.27
N VAL O 94 20.83 41.25 -138.30
CA VAL O 94 19.82 40.25 -137.92
C VAL O 94 18.60 40.95 -137.32
N ASP O 95 18.84 41.90 -136.41
CA ASP O 95 17.79 42.65 -135.73
C ASP O 95 17.99 44.12 -136.01
N THR O 96 17.02 44.72 -136.70
CA THR O 96 17.12 46.09 -137.17
C THR O 96 16.50 47.11 -136.23
N ASN O 97 16.01 46.68 -135.07
CA ASN O 97 15.46 47.59 -134.08
C ASN O 97 16.55 48.08 -133.14
N ALA O 98 16.48 49.36 -132.76
CA ALA O 98 17.52 49.93 -131.93
C ALA O 98 17.51 49.34 -130.52
N ARG O 99 16.36 48.85 -130.06
CA ARG O 99 16.20 48.32 -128.70
C ARG O 99 16.69 49.34 -127.67
N ASN O 100 16.25 50.59 -127.82
CA ASN O 100 16.75 51.72 -127.04
C ASN O 100 15.62 52.38 -126.28
N ALA O 101 15.67 52.28 -124.94
CA ALA O 101 14.63 52.83 -124.08
C ALA O 101 14.58 54.35 -124.08
N ASN O 102 15.65 55.02 -124.54
CA ASN O 102 15.74 56.48 -124.46
C ASN O 102 15.05 57.18 -125.62
N ILE O 103 14.74 56.46 -126.69
CA ILE O 103 14.12 57.01 -127.88
C ILE O 103 12.93 56.12 -128.25
N ASP O 104 12.29 56.45 -129.38
CA ASP O 104 11.12 55.72 -129.85
C ASP O 104 11.40 54.23 -129.96
N ALA O 105 10.36 53.43 -129.69
CA ALA O 105 10.52 51.98 -129.70
C ALA O 105 10.74 51.44 -131.10
N GLY O 106 10.29 52.15 -132.13
CA GLY O 106 10.43 51.73 -133.51
C GLY O 106 11.67 52.23 -134.21
N ALA O 107 12.53 52.96 -133.51
CA ALA O 107 13.75 53.51 -134.09
C ALA O 107 14.63 52.41 -134.67
N GLU O 108 15.33 52.75 -135.74
CA GLU O 108 16.17 51.80 -136.45
C GLU O 108 17.53 51.68 -135.76
N ALA O 109 18.17 50.51 -135.95
CA ALA O 109 19.43 50.18 -135.28
C ALA O 109 20.66 50.79 -135.97
N THR O 110 20.57 52.05 -136.41
CA THR O 110 21.75 52.76 -136.87
C THR O 110 22.68 53.03 -135.70
N ASP O 111 23.97 53.15 -136.00
CA ASP O 111 24.97 53.40 -134.97
C ASP O 111 24.65 54.66 -134.17
N GLN O 112 24.03 55.65 -134.81
CA GLN O 112 23.68 56.89 -134.13
C GLN O 112 22.63 56.63 -133.05
N ASN O 113 21.65 55.76 -133.34
CA ASN O 113 20.58 55.44 -132.41
C ASN O 113 20.96 54.39 -131.36
N ARG O 114 22.24 54.03 -131.26
CA ARG O 114 22.73 53.02 -130.32
C ARG O 114 23.61 53.62 -129.24
N THR O 115 23.86 54.93 -129.28
CA THR O 115 24.72 55.63 -128.34
C THR O 115 23.92 56.74 -127.66
N LEU O 116 24.42 57.17 -126.50
CA LEU O 116 23.76 58.22 -125.74
C LEU O 116 24.00 59.59 -126.37
N ASP O 117 25.18 59.80 -126.94
CA ASP O 117 25.58 61.09 -127.50
C ASP O 117 25.54 61.04 -129.02
N GLU O 118 25.53 62.23 -129.63
CA GLU O 118 25.48 62.34 -131.09
C GLU O 118 26.81 61.92 -131.72
N ALA O 119 27.93 62.17 -131.04
CA ALA O 119 29.23 61.76 -131.53
C ALA O 119 29.41 60.25 -131.52
N GLY O 120 28.57 59.53 -130.78
CA GLY O 120 28.61 58.08 -130.77
C GLY O 120 29.77 57.50 -130.01
N GLU O 121 30.30 58.24 -129.03
CA GLU O 121 31.44 57.77 -128.26
C GLU O 121 31.04 56.86 -127.11
N TRP O 122 29.86 57.07 -126.53
CA TRP O 122 29.43 56.40 -125.29
C TRP O 122 28.37 55.36 -125.59
N LEU O 123 28.78 54.08 -125.57
CA LEU O 123 27.88 52.95 -125.77
C LEU O 123 27.54 52.40 -124.38
N VAL O 124 26.29 52.60 -123.96
CA VAL O 124 25.79 52.12 -122.67
C VAL O 124 24.69 51.10 -122.97
N MET O 125 24.85 49.88 -122.46
CA MET O 125 23.87 48.83 -122.72
C MET O 125 23.95 47.76 -121.65
N TRP O 126 22.86 46.98 -121.54
CA TRP O 126 22.84 45.79 -120.70
C TRP O 126 23.82 44.74 -121.23
N GLY O 127 24.76 44.33 -120.38
CA GLY O 127 25.67 43.26 -120.75
C GLY O 127 25.07 41.89 -120.54
N VAL O 128 23.88 41.66 -121.09
CA VAL O 128 23.11 40.44 -120.88
C VAL O 128 22.68 39.91 -122.25
N CYS O 129 23.34 38.85 -122.70
CA CYS O 129 23.03 38.22 -123.99
C CYS O 129 21.54 37.94 -124.15
N THR O 130 21.00 38.33 -125.31
CA THR O 130 19.57 38.22 -125.53
C THR O 130 19.15 36.80 -125.90
N HIS O 131 20.11 35.88 -126.04
CA HIS O 131 19.76 34.48 -126.21
C HIS O 131 19.25 33.94 -124.88
N LEU O 132 20.16 33.60 -123.97
CA LEU O 132 19.79 33.00 -122.68
C LEU O 132 20.53 33.66 -121.51
N GLY O 133 21.00 34.89 -121.68
CA GLY O 133 21.37 35.74 -120.56
C GLY O 133 22.82 35.75 -120.13
N CYS O 134 23.69 34.97 -120.76
CA CYS O 134 25.10 35.05 -120.39
C CYS O 134 25.66 36.44 -120.73
N VAL O 135 26.87 36.70 -120.25
CA VAL O 135 27.50 38.01 -120.33
C VAL O 135 28.58 37.96 -121.41
N PRO O 136 28.40 38.64 -122.55
CA PRO O 136 29.40 38.53 -123.61
C PRO O 136 30.77 39.09 -123.22
N ILE O 137 31.79 38.49 -123.82
CA ILE O 137 33.18 38.88 -123.57
C ILE O 137 33.54 40.00 -124.52
N GLY O 138 34.06 41.10 -123.99
CA GLY O 138 34.38 42.27 -124.79
C GLY O 138 35.84 42.34 -125.16
N GLY O 139 36.36 43.56 -125.20
CA GLY O 139 37.73 43.78 -125.65
C GLY O 139 37.93 43.45 -127.11
N VAL O 140 36.94 43.78 -127.94
CA VAL O 140 36.97 43.48 -129.37
C VAL O 140 37.14 41.97 -129.56
N SER O 141 36.11 41.22 -129.19
CA SER O 141 36.10 39.77 -129.31
C SER O 141 35.09 39.33 -130.34
N GLY O 142 35.21 38.09 -130.79
CA GLY O 142 34.30 37.57 -131.78
C GLY O 142 34.76 37.88 -133.19
N ASP O 143 33.84 37.65 -134.12
CA ASP O 143 34.13 37.75 -135.55
C ASP O 143 33.70 39.08 -136.15
N PHE O 144 33.17 40.00 -135.34
CA PHE O 144 32.64 41.27 -135.83
C PHE O 144 33.19 42.44 -135.01
N GLY O 145 34.38 42.27 -134.44
CA GLY O 145 35.05 43.34 -133.71
C GLY O 145 34.24 43.92 -132.59
N GLY O 146 33.56 43.08 -131.82
CA GLY O 146 32.69 43.52 -130.75
C GLY O 146 32.76 42.65 -129.52
N TRP O 147 31.73 41.81 -129.35
CA TRP O 147 31.62 40.91 -128.21
C TRP O 147 31.35 39.49 -128.69
N PHE O 148 31.81 38.53 -127.90
CA PHE O 148 31.57 37.11 -128.14
C PHE O 148 30.96 36.51 -126.89
N CYS O 149 29.79 35.90 -127.02
CA CYS O 149 29.14 35.22 -125.90
C CYS O 149 29.57 33.75 -125.88
N PRO O 150 30.28 33.28 -124.85
CA PRO O 150 30.80 31.91 -124.91
C PRO O 150 29.79 30.82 -124.62
N CYS O 151 28.54 31.19 -124.29
CA CYS O 151 27.58 30.17 -123.86
C CYS O 151 27.01 29.38 -125.03
N HIS O 152 26.63 30.06 -126.13
CA HIS O 152 26.17 29.37 -127.33
C HIS O 152 26.63 30.05 -128.60
N GLY O 153 27.59 30.96 -128.54
CA GLY O 153 28.27 31.43 -129.73
C GLY O 153 27.60 32.57 -130.45
N SER O 154 27.01 33.52 -129.72
CA SER O 154 26.47 34.71 -130.37
C SER O 154 27.60 35.72 -130.54
N HIS O 155 27.62 36.37 -131.70
CA HIS O 155 28.59 37.42 -132.00
C HIS O 155 27.88 38.75 -132.14
N TYR O 156 28.37 39.75 -131.40
CA TYR O 156 27.89 41.12 -131.49
C TYR O 156 29.00 42.01 -132.03
N ASP O 157 28.62 43.08 -132.72
CA ASP O 157 29.58 43.98 -133.35
C ASP O 157 29.94 45.14 -132.40
N SER O 158 30.64 46.15 -132.93
CA SER O 158 31.18 47.22 -132.09
C SER O 158 30.10 48.13 -131.54
N ALA O 159 28.86 48.04 -132.03
CA ALA O 159 27.73 48.76 -131.48
C ALA O 159 26.80 47.85 -130.69
N GLY O 160 27.20 46.60 -130.44
CA GLY O 160 26.41 45.70 -129.65
C GLY O 160 25.23 45.09 -130.37
N ARG O 161 25.24 45.12 -131.70
CA ARG O 161 24.14 44.58 -132.49
C ARG O 161 24.42 43.12 -132.81
N ILE O 162 23.39 42.28 -132.72
CA ILE O 162 23.55 40.86 -132.99
C ILE O 162 23.77 40.64 -134.47
N ARG O 163 24.76 39.83 -134.81
CA ARG O 163 25.17 39.58 -136.20
C ARG O 163 25.21 38.11 -136.55
N LYS O 164 25.35 37.22 -135.58
CA LYS O 164 25.58 35.80 -135.84
C LYS O 164 25.29 35.03 -134.55
N GLY O 165 24.63 33.89 -134.70
CA GLY O 165 24.33 33.01 -133.58
C GLY O 165 22.86 32.89 -133.25
N PRO O 166 22.55 32.26 -132.11
CA PRO O 166 21.14 32.04 -131.74
C PRO O 166 20.41 33.26 -131.17
N ALA O 167 21.12 34.26 -130.64
CA ALA O 167 20.47 35.38 -130.00
C ALA O 167 19.57 36.12 -130.99
N PRO O 168 18.31 36.42 -130.65
CA PRO O 168 17.42 37.02 -131.66
C PRO O 168 17.53 38.52 -131.80
N GLU O 169 17.98 39.24 -130.77
CA GLU O 169 17.88 40.69 -130.76
C GLU O 169 19.19 41.33 -130.30
N ASN O 170 19.31 42.61 -130.64
CA ASN O 170 20.40 43.45 -130.15
C ASN O 170 20.34 43.60 -128.63
N LEU O 171 21.51 43.74 -128.02
CA LEU O 171 21.62 43.97 -126.59
C LEU O 171 20.83 45.22 -126.18
N PRO O 172 19.91 45.12 -125.20
CA PRO O 172 19.07 46.30 -124.90
C PRO O 172 19.86 47.40 -124.23
N ILE O 173 19.45 48.64 -124.52
CA ILE O 173 20.06 49.84 -123.97
C ILE O 173 19.13 50.39 -122.88
N PRO O 174 19.58 50.52 -121.63
CA PRO O 174 18.68 51.00 -120.58
C PRO O 174 18.48 52.50 -120.65
N LEU O 175 17.53 52.99 -119.85
CA LEU O 175 17.42 54.43 -119.62
C LEU O 175 18.72 54.95 -119.03
N ALA O 176 19.38 55.83 -119.77
CA ALA O 176 20.68 56.35 -119.37
C ALA O 176 20.85 57.75 -119.95
N LYS O 177 21.39 58.66 -119.14
CA LYS O 177 21.58 60.03 -119.58
C LYS O 177 22.69 60.65 -118.73
N PHE O 178 23.46 61.52 -119.37
CA PHE O 178 24.51 62.26 -118.68
C PHE O 178 23.91 63.33 -117.77
N ILE O 179 24.16 63.21 -116.47
CA ILE O 179 23.71 64.21 -115.52
C ILE O 179 24.62 65.43 -115.57
N ASP O 180 25.91 65.21 -115.80
CA ASP O 180 26.86 66.28 -116.04
C ASP O 180 27.94 65.75 -116.97
N GLU O 181 29.09 66.43 -117.03
CA GLU O 181 30.13 66.07 -117.98
C GLU O 181 30.64 64.65 -117.77
N THR O 182 30.56 64.11 -116.55
CA THR O 182 31.26 62.87 -116.20
C THR O 182 30.39 61.85 -115.47
N THR O 183 29.08 62.07 -115.33
CA THR O 183 28.22 61.17 -114.56
C THR O 183 27.00 60.80 -115.38
N ILE O 184 26.74 59.50 -115.49
CA ILE O 184 25.56 58.95 -116.15
C ILE O 184 24.62 58.43 -115.07
N GLN O 185 23.34 58.77 -115.15
CA GLN O 185 22.32 58.20 -114.29
C GLN O 185 21.64 57.07 -115.05
N LEU O 186 21.79 55.85 -114.55
CA LEU O 186 21.11 54.69 -115.11
C LEU O 186 19.78 54.49 -114.39
N GLY O 187 18.76 54.15 -115.17
CA GLY O 187 17.42 53.94 -114.64
C GLY O 187 16.60 55.22 -114.63
N GLY P 3 -0.23 -11.55 -111.30
CA GLY P 3 -0.22 -11.66 -112.74
C GLY P 3 0.30 -13.00 -113.23
N ILE P 4 1.51 -13.34 -112.81
CA ILE P 4 2.13 -14.61 -113.17
C ILE P 4 1.58 -15.67 -112.21
N PRO P 5 1.34 -16.91 -112.62
CA PRO P 5 0.85 -17.90 -111.64
C PRO P 5 1.95 -18.19 -110.63
N HIS P 6 1.59 -18.14 -109.35
CA HIS P 6 2.55 -18.33 -108.28
C HIS P 6 1.82 -18.67 -106.99
N ASP P 7 2.58 -19.17 -106.01
CA ASP P 7 2.05 -19.48 -104.69
C ASP P 7 2.07 -18.23 -103.83
N HIS P 8 1.13 -18.17 -102.90
CA HIS P 8 0.91 -16.98 -102.07
C HIS P 8 1.44 -17.20 -100.66
N TYR P 9 1.47 -16.10 -99.90
CA TYR P 9 1.98 -16.09 -98.55
C TYR P 9 1.04 -16.83 -97.61
N GLU P 10 1.61 -17.39 -96.53
CA GLU P 10 0.87 -18.05 -95.47
C GLU P 10 1.59 -17.77 -94.15
N PRO P 11 0.96 -17.15 -93.15
CA PRO P 11 1.67 -16.88 -91.90
C PRO P 11 2.02 -18.16 -91.14
N ARG P 12 3.24 -18.20 -90.62
CA ARG P 12 3.77 -19.35 -89.91
C ARG P 12 4.07 -19.04 -88.45
N THR P 13 4.90 -18.04 -88.17
CA THR P 13 5.18 -17.68 -86.78
C THR P 13 3.94 -17.06 -86.13
N GLY P 14 3.90 -17.16 -84.80
CA GLY P 14 2.81 -16.54 -84.06
C GLY P 14 2.75 -15.04 -84.28
N ILE P 15 3.91 -14.41 -84.43
CA ILE P 15 3.95 -12.98 -84.70
C ILE P 15 3.39 -12.71 -86.09
N GLU P 16 3.63 -13.62 -87.04
CA GLU P 16 3.13 -13.43 -88.40
C GLU P 16 1.63 -13.62 -88.47
N LYS P 17 1.10 -14.66 -87.80
CA LYS P 17 -0.35 -14.86 -87.77
C LYS P 17 -1.01 -13.65 -87.11
N TRP P 18 -0.39 -13.11 -86.08
CA TRP P 18 -0.93 -11.96 -85.37
C TRP P 18 -0.93 -10.74 -86.30
N LEU P 19 0.21 -10.47 -86.93
CA LEU P 19 0.34 -9.31 -87.81
C LEU P 19 -0.48 -9.45 -89.08
N HIS P 20 -0.50 -10.65 -89.68
CA HIS P 20 -1.18 -10.81 -90.97
C HIS P 20 -2.68 -10.59 -90.86
N SER P 21 -3.27 -10.88 -89.72
CA SER P 21 -4.70 -10.66 -89.54
C SER P 21 -5.04 -9.21 -89.21
N ARG P 22 -4.04 -8.31 -89.18
CA ARG P 22 -4.23 -6.92 -88.84
C ARG P 22 -3.66 -6.02 -89.93
N LEU P 23 -2.43 -6.33 -90.36
CA LEU P 23 -1.77 -5.60 -91.45
C LEU P 23 -0.91 -6.58 -92.24
N PRO P 24 -1.35 -7.01 -93.49
CA PRO P 24 -0.61 -8.01 -94.26
C PRO P 24 0.65 -7.47 -94.94
N ILE P 25 1.47 -6.71 -94.18
CA ILE P 25 2.65 -6.10 -94.75
C ILE P 25 3.72 -7.14 -95.06
N VAL P 26 3.78 -8.21 -94.28
CA VAL P 26 4.74 -9.26 -94.59
C VAL P 26 4.32 -10.00 -95.86
N ALA P 27 3.00 -10.22 -96.03
CA ALA P 27 2.49 -10.85 -97.24
C ALA P 27 2.83 -10.04 -98.48
N LEU P 28 2.79 -8.70 -98.37
CA LEU P 28 3.07 -7.85 -99.53
C LEU P 28 4.55 -7.90 -99.88
N ALA P 29 5.43 -7.85 -98.87
CA ALA P 29 6.86 -7.94 -99.13
C ALA P 29 7.23 -9.30 -99.71
N TYR P 30 6.52 -10.35 -99.28
CA TYR P 30 6.80 -11.68 -99.79
C TYR P 30 6.44 -11.77 -101.27
N ASP P 31 5.20 -11.42 -101.62
CA ASP P 31 4.77 -11.49 -103.01
C ASP P 31 5.60 -10.56 -103.91
N THR P 32 6.15 -9.48 -103.35
CA THR P 32 6.98 -8.57 -104.11
C THR P 32 8.37 -9.17 -104.35
N ILE P 33 9.02 -9.65 -103.29
CA ILE P 33 10.43 -10.05 -103.39
C ILE P 33 10.60 -11.44 -104.00
N MET P 34 9.52 -12.19 -104.16
CA MET P 34 9.55 -13.56 -104.68
C MET P 34 8.91 -13.65 -106.06
N ILE P 35 8.73 -12.52 -106.74
CA ILE P 35 8.11 -12.48 -108.07
C ILE P 35 8.90 -13.38 -109.03
N PRO P 36 8.26 -14.27 -109.79
CA PRO P 36 9.00 -15.07 -110.78
C PRO P 36 9.55 -14.20 -111.90
N THR P 37 10.88 -14.21 -112.06
CA THR P 37 11.61 -13.37 -113.01
C THR P 37 12.22 -14.25 -114.11
N PRO P 38 12.19 -13.81 -115.39
CA PRO P 38 12.79 -14.63 -116.46
C PRO P 38 14.22 -15.07 -116.17
N ARG P 39 14.48 -16.36 -116.43
CA ARG P 39 15.78 -16.95 -116.13
C ARG P 39 16.92 -16.35 -116.93
N ASN P 40 16.64 -15.76 -118.10
CA ASN P 40 17.65 -15.43 -119.10
C ASN P 40 18.07 -13.97 -119.10
N LEU P 41 17.92 -13.26 -117.99
CA LEU P 41 18.36 -11.88 -117.91
C LEU P 41 19.89 -11.81 -117.94
N ASN P 42 20.42 -10.89 -118.75
CA ASN P 42 21.85 -10.67 -118.88
C ASN P 42 22.28 -9.46 -118.04
N TRP P 43 23.54 -9.04 -118.19
CA TRP P 43 24.14 -8.03 -117.33
C TRP P 43 23.58 -6.63 -117.57
N MET P 44 22.77 -6.42 -118.60
CA MET P 44 22.16 -5.11 -118.84
C MET P 44 20.92 -4.86 -117.99
N TRP P 45 20.49 -5.82 -117.18
CA TRP P 45 19.32 -5.67 -116.32
C TRP P 45 19.67 -5.20 -114.91
N ILE P 46 20.94 -4.86 -114.66
CA ILE P 46 21.38 -4.44 -113.33
C ILE P 46 21.15 -2.95 -113.07
N TRP P 47 20.99 -2.13 -114.12
CA TRP P 47 21.04 -0.70 -113.92
C TRP P 47 19.84 -0.18 -113.16
N GLY P 48 18.77 -0.97 -113.06
CA GLY P 48 17.65 -0.60 -112.23
C GLY P 48 18.02 -0.57 -110.76
N VAL P 49 18.78 -1.58 -110.31
CA VAL P 49 19.21 -1.63 -108.91
C VAL P 49 20.24 -0.54 -108.65
N VAL P 50 21.11 -0.28 -109.64
CA VAL P 50 22.09 0.80 -109.50
C VAL P 50 21.38 2.14 -109.36
N LEU P 51 20.37 2.38 -110.20
CA LEU P 51 19.60 3.62 -110.11
C LEU P 51 18.91 3.74 -108.76
N ALA P 52 18.36 2.64 -108.26
CA ALA P 52 17.69 2.68 -106.97
C ALA P 52 18.68 3.04 -105.89
N PHE P 53 19.87 2.43 -105.92
CA PHE P 53 20.91 2.75 -104.95
C PHE P 53 21.29 4.23 -105.02
N CYS P 54 21.50 4.74 -106.24
CA CYS P 54 21.87 6.14 -106.40
C CYS P 54 20.86 7.07 -105.74
N LEU P 55 19.57 6.83 -105.95
CA LEU P 55 18.55 7.71 -105.37
C LEU P 55 18.64 7.72 -103.86
N VAL P 56 18.87 6.55 -103.25
CA VAL P 56 19.03 6.48 -101.80
C VAL P 56 20.35 7.13 -101.38
N LEU P 57 21.43 6.84 -102.11
CA LEU P 57 22.73 7.44 -101.82
C LEU P 57 22.65 8.95 -101.85
N GLN P 58 22.04 9.52 -102.90
CA GLN P 58 21.94 10.96 -103.01
C GLN P 58 21.14 11.54 -101.85
N ILE P 59 20.06 10.87 -101.45
CA ILE P 59 19.20 11.41 -100.41
C ILE P 59 19.95 11.43 -99.08
N VAL P 60 20.60 10.33 -98.71
CA VAL P 60 21.22 10.29 -97.39
C VAL P 60 22.45 11.18 -97.35
N THR P 61 23.25 11.20 -98.42
CA THR P 61 24.38 12.12 -98.45
C THR P 61 23.89 13.55 -98.60
N GLY P 62 22.77 13.74 -99.29
CA GLY P 62 22.21 15.07 -99.44
C GLY P 62 21.78 15.65 -98.11
N ILE P 63 20.98 14.87 -97.35
CA ILE P 63 20.49 15.31 -96.05
C ILE P 63 21.65 15.67 -95.13
N VAL P 64 22.70 14.85 -95.14
CA VAL P 64 23.86 15.09 -94.30
C VAL P 64 24.57 16.38 -94.72
N LEU P 65 24.78 16.55 -96.03
CA LEU P 65 25.42 17.77 -96.52
C LEU P 65 24.60 19.02 -96.17
N ALA P 66 23.27 18.90 -96.20
CA ALA P 66 22.40 20.03 -95.90
C ALA P 66 22.47 20.44 -94.43
N MET P 67 23.07 19.62 -93.57
CA MET P 67 23.24 19.99 -92.16
C MET P 67 24.32 21.04 -91.96
N HIS P 68 25.14 21.33 -92.97
CA HIS P 68 26.29 22.23 -92.82
C HIS P 68 26.34 23.33 -93.88
N TYR P 69 25.41 23.34 -94.83
CA TYR P 69 25.40 24.27 -95.95
C TYR P 69 24.42 25.40 -95.69
N THR P 70 24.77 26.61 -96.14
CA THR P 70 23.93 27.80 -95.98
C THR P 70 23.51 28.33 -97.34
N PRO P 71 22.22 28.27 -97.74
CA PRO P 71 21.81 28.80 -99.06
C PRO P 71 21.68 30.31 -99.07
N HIS P 72 22.81 30.99 -98.97
CA HIS P 72 22.86 32.45 -99.06
C HIS P 72 24.13 32.83 -99.81
N VAL P 73 23.99 33.79 -100.72
CA VAL P 73 25.07 34.14 -101.65
C VAL P 73 26.35 34.58 -100.94
N ASP P 74 26.21 35.20 -99.76
CA ASP P 74 27.39 35.62 -99.01
C ASP P 74 28.06 34.47 -98.27
N LEU P 75 27.36 33.33 -98.11
CA LEU P 75 27.83 32.24 -97.26
C LEU P 75 27.84 30.89 -97.96
N ALA P 76 27.13 30.75 -99.09
CA ALA P 76 26.97 29.45 -99.74
C ALA P 76 28.30 28.84 -100.12
N PHE P 77 29.07 29.55 -100.94
CA PHE P 77 30.37 29.04 -101.38
C PHE P 77 31.28 28.79 -100.19
N ALA P 78 31.32 29.73 -99.24
CA ALA P 78 32.15 29.57 -98.05
C ALA P 78 31.71 28.36 -97.22
N SER P 79 30.42 28.09 -97.17
CA SER P 79 29.93 26.97 -96.36
C SER P 79 30.30 25.63 -96.98
N VAL P 80 30.42 25.59 -98.30
CA VAL P 80 30.85 24.36 -98.97
C VAL P 80 32.33 24.10 -98.71
N GLU P 81 33.15 25.16 -98.70
CA GLU P 81 34.54 24.98 -98.30
C GLU P 81 34.65 24.60 -96.84
N HIS P 82 33.72 25.07 -96.01
CA HIS P 82 33.70 24.67 -94.61
C HIS P 82 33.47 23.16 -94.48
N ILE P 83 32.53 22.63 -95.25
CA ILE P 83 32.32 21.18 -95.30
C ILE P 83 33.60 20.46 -95.73
N MET P 84 34.21 20.91 -96.83
CA MET P 84 35.39 20.23 -97.36
C MET P 84 36.56 20.22 -96.38
N ARG P 85 36.74 21.30 -95.62
CA ARG P 85 37.93 21.48 -94.80
C ARG P 85 37.72 21.15 -93.32
N ASN P 86 36.55 21.45 -92.78
CA ASN P 86 36.32 21.41 -91.35
C ASN P 86 35.41 20.27 -90.89
N VAL P 87 34.33 19.98 -91.62
CA VAL P 87 33.40 18.94 -91.19
C VAL P 87 34.08 17.58 -91.27
N ASN P 88 33.94 16.79 -90.20
CA ASN P 88 34.46 15.44 -90.14
C ASN P 88 33.97 14.63 -91.32
N GLY P 89 34.91 14.18 -92.16
CA GLY P 89 34.58 13.42 -93.35
C GLY P 89 33.84 14.23 -94.39
N GLY P 90 33.81 15.55 -94.25
CA GLY P 90 33.01 16.37 -95.15
C GLY P 90 33.50 16.31 -96.58
N PHE P 91 34.82 16.25 -96.76
CA PHE P 91 35.39 16.17 -98.10
C PHE P 91 34.88 14.94 -98.83
N MET P 92 34.74 13.82 -98.11
CA MET P 92 34.32 12.57 -98.76
C MET P 92 32.83 12.58 -99.02
N LEU P 93 32.05 13.11 -98.08
CA LEU P 93 30.60 13.17 -98.27
C LEU P 93 30.23 14.12 -99.42
N ARG P 94 30.96 15.22 -99.56
CA ARG P 94 30.72 16.16 -100.65
C ARG P 94 31.01 15.51 -102.00
N TYR P 95 32.17 14.84 -102.11
CA TYR P 95 32.53 14.21 -103.36
C TYR P 95 31.60 13.05 -103.70
N LEU P 96 31.08 12.36 -102.68
CA LEU P 96 30.15 11.27 -102.95
C LEU P 96 28.86 11.80 -103.57
N HIS P 97 28.35 12.92 -103.06
CA HIS P 97 27.11 13.48 -103.59
C HIS P 97 27.33 14.00 -105.01
N ALA P 98 28.46 14.66 -105.25
CA ALA P 98 28.73 15.25 -106.55
C ALA P 98 28.98 14.17 -107.59
N ASN P 99 29.97 13.31 -107.35
CA ASN P 99 30.24 12.21 -108.26
C ASN P 99 29.08 11.21 -108.29
N GLY P 100 28.29 11.13 -107.20
CA GLY P 100 27.14 10.26 -107.21
C GLY P 100 26.12 10.66 -108.26
N ALA P 101 26.02 11.96 -108.54
CA ALA P 101 25.14 12.44 -109.60
C ALA P 101 25.60 11.91 -110.95
N SER P 102 26.91 11.86 -111.17
CA SER P 102 27.45 11.34 -112.42
C SER P 102 27.14 9.86 -112.57
N LEU P 103 27.36 9.08 -111.51
CA LEU P 103 27.02 7.66 -111.55
C LEU P 103 25.53 7.50 -111.82
N PHE P 104 24.71 8.36 -111.21
CA PHE P 104 23.26 8.30 -111.41
C PHE P 104 22.90 8.42 -112.89
N PHE P 105 23.60 9.30 -113.63
CA PHE P 105 23.26 9.58 -115.02
C PHE P 105 23.87 8.58 -115.98
N ILE P 106 25.06 8.06 -115.66
CA ILE P 106 25.61 6.95 -116.43
C ILE P 106 24.61 5.80 -116.41
N ALA P 107 23.99 5.56 -115.26
CA ALA P 107 23.07 4.45 -115.10
C ALA P 107 21.79 4.65 -115.89
N VAL P 108 21.22 5.86 -115.89
CA VAL P 108 19.99 6.09 -116.64
C VAL P 108 20.21 5.90 -118.13
N TYR P 109 21.35 6.40 -118.65
CA TYR P 109 21.55 6.32 -120.09
C TYR P 109 21.69 4.87 -120.52
N LEU P 110 22.40 4.06 -119.73
CA LEU P 110 22.46 2.63 -119.99
C LEU P 110 21.10 1.99 -119.79
N HIS P 111 20.40 2.37 -118.72
CA HIS P 111 19.03 1.91 -118.47
C HIS P 111 18.12 2.25 -119.65
N ILE P 112 18.18 3.48 -120.15
CA ILE P 112 17.30 3.89 -121.24
C ILE P 112 17.64 3.13 -122.52
N PHE P 113 18.93 3.09 -122.87
CA PHE P 113 19.32 2.44 -124.12
C PHE P 113 19.10 0.93 -124.05
N ARG P 114 19.17 0.34 -122.86
CA ARG P 114 18.76 -1.06 -122.71
C ARG P 114 17.31 -1.21 -123.16
N GLY P 115 16.43 -0.36 -122.63
CA GLY P 115 15.02 -0.41 -122.98
C GLY P 115 14.79 -0.19 -124.46
N LEU P 116 15.53 0.74 -125.07
CA LEU P 116 15.35 1.06 -126.47
C LEU P 116 15.73 -0.10 -127.39
N TYR P 117 16.67 -0.95 -126.96
CA TYR P 117 17.11 -2.06 -127.80
C TYR P 117 16.15 -3.25 -127.73
N TYR P 118 15.74 -3.61 -126.53
CA TYR P 118 14.95 -4.82 -126.31
C TYR P 118 13.46 -4.57 -126.36
N GLY P 119 13.04 -3.34 -126.65
CA GLY P 119 11.62 -3.04 -126.75
C GLY P 119 10.91 -3.12 -125.42
N SER P 120 11.58 -2.72 -124.34
CA SER P 120 10.99 -2.72 -123.01
C SER P 120 9.96 -1.60 -122.84
N TYR P 121 9.83 -0.71 -123.83
CA TYR P 121 8.85 0.37 -123.85
C TYR P 121 7.56 -0.02 -124.56
N LYS P 122 7.59 -1.07 -125.37
CA LYS P 122 6.45 -1.52 -126.14
C LYS P 122 5.40 -2.13 -125.23
N ALA P 123 4.16 -2.17 -125.75
CA ALA P 123 3.02 -2.71 -125.02
C ALA P 123 3.36 -4.08 -124.41
N PRO P 124 2.93 -4.35 -123.16
CA PRO P 124 2.06 -3.60 -122.24
C PRO P 124 2.81 -2.67 -121.27
N ARG P 125 3.99 -2.20 -121.66
CA ARG P 125 4.90 -1.51 -120.74
C ARG P 125 4.96 -0.01 -120.99
N GLU P 126 3.93 0.58 -121.61
CA GLU P 126 3.95 2.01 -121.87
C GLU P 126 4.00 2.81 -120.57
N VAL P 127 3.23 2.40 -119.56
CA VAL P 127 3.17 3.17 -118.32
C VAL P 127 4.52 3.19 -117.63
N THR P 128 5.21 2.04 -117.58
CA THR P 128 6.56 2.02 -117.01
C THR P 128 7.47 3.02 -117.71
N TRP P 129 7.36 3.10 -119.03
CA TRP P 129 8.25 3.97 -119.81
C TRP P 129 7.94 5.42 -119.55
N ILE P 130 6.65 5.79 -119.53
CA ILE P 130 6.28 7.18 -119.32
C ILE P 130 6.63 7.62 -117.90
N VAL P 131 6.38 6.76 -116.90
CA VAL P 131 6.78 7.07 -115.53
C VAL P 131 8.28 7.22 -115.47
N GLY P 132 9.01 6.38 -116.20
CA GLY P 132 10.45 6.53 -116.30
C GLY P 132 10.83 7.89 -116.86
N MET P 133 10.12 8.33 -117.91
CA MET P 133 10.41 9.62 -118.53
C MET P 133 10.16 10.76 -117.56
N LEU P 134 9.14 10.65 -116.71
CA LEU P 134 8.90 11.67 -115.72
C LEU P 134 10.05 11.71 -114.72
N ILE P 135 10.51 10.53 -114.30
CA ILE P 135 11.66 10.45 -113.40
C ILE P 135 12.87 11.11 -114.05
N TYR P 136 13.07 10.85 -115.35
CA TYR P 136 14.24 11.39 -116.04
C TYR P 136 14.20 12.91 -116.07
N LEU P 137 13.02 13.47 -116.35
CA LEU P 137 12.87 14.92 -116.31
C LEU P 137 13.13 15.45 -114.92
N ALA P 138 12.66 14.75 -113.90
CA ALA P 138 12.84 15.19 -112.52
C ALA P 138 14.32 15.14 -112.13
N MET P 139 15.02 14.10 -112.57
CA MET P 139 16.45 14.00 -112.29
C MET P 139 17.21 15.19 -112.85
N MET P 140 16.93 15.56 -114.10
CA MET P 140 17.64 16.68 -114.69
C MET P 140 17.32 17.96 -113.95
N ALA P 141 16.04 18.20 -113.66
CA ALA P 141 15.68 19.38 -112.90
C ALA P 141 16.33 19.34 -111.53
N THR P 142 16.32 18.16 -110.90
CA THR P 142 16.96 18.01 -109.60
C THR P 142 18.46 18.25 -109.69
N ALA P 143 19.11 17.61 -110.67
CA ALA P 143 20.56 17.72 -110.81
C ALA P 143 20.96 19.14 -111.15
N PHE P 144 20.13 19.81 -111.96
CA PHE P 144 20.38 21.19 -112.31
C PHE P 144 20.42 22.05 -111.05
N MET P 145 19.38 21.95 -110.22
CA MET P 145 19.31 22.81 -109.04
C MET P 145 20.41 22.50 -108.05
N GLY P 146 20.82 21.23 -107.94
CA GLY P 146 21.94 20.88 -107.08
C GLY P 146 23.21 21.58 -107.50
N TYR P 147 23.45 21.65 -108.80
CA TYR P 147 24.68 22.24 -109.30
C TYR P 147 24.72 23.73 -109.04
N VAL P 148 23.55 24.36 -108.86
CA VAL P 148 23.52 25.78 -108.56
C VAL P 148 23.93 26.05 -107.12
N LEU P 149 23.70 25.10 -106.21
CA LEU P 149 23.86 25.35 -104.78
C LEU P 149 25.27 25.78 -104.37
N PRO P 150 26.36 25.19 -104.88
CA PRO P 150 27.71 25.69 -104.49
C PRO P 150 27.95 27.16 -104.85
N TRP P 151 27.19 27.70 -105.80
CA TRP P 151 27.30 29.11 -106.18
C TRP P 151 28.69 29.45 -106.73
N GLY P 152 29.23 28.54 -107.55
CA GLY P 152 30.43 28.82 -108.31
C GLY P 152 30.06 29.52 -109.61
N GLN P 153 31.07 29.66 -110.49
CA GLN P 153 30.81 30.35 -111.75
C GLN P 153 29.91 29.52 -112.66
N MET P 154 30.12 28.22 -112.73
CA MET P 154 29.25 27.36 -113.54
C MET P 154 27.86 27.29 -112.92
N SER P 155 27.80 27.28 -111.59
CA SER P 155 26.53 27.29 -110.87
C SER P 155 25.69 28.51 -111.27
N PHE P 156 26.28 29.70 -111.16
CA PHE P 156 25.51 30.93 -111.37
C PHE P 156 25.04 31.08 -112.81
N TRP P 157 25.92 30.83 -113.76
CA TRP P 157 25.55 31.12 -115.15
C TRP P 157 24.71 30.01 -115.75
N GLY P 158 24.89 28.78 -115.27
CA GLY P 158 23.97 27.72 -115.67
C GLY P 158 22.56 28.00 -115.23
N ALA P 159 22.41 28.56 -114.02
CA ALA P 159 21.07 28.89 -113.53
C ALA P 159 20.45 30.02 -114.35
N THR P 160 21.25 31.02 -114.73
CA THR P 160 20.78 32.08 -115.60
C THR P 160 20.28 31.51 -116.94
N VAL P 161 21.07 30.63 -117.53
CA VAL P 161 20.74 30.09 -118.85
C VAL P 161 19.51 29.19 -118.78
N ILE P 162 19.46 28.30 -117.79
CA ILE P 162 18.41 27.28 -117.77
C ILE P 162 17.07 27.90 -117.42
N THR P 163 17.04 28.90 -116.54
CA THR P 163 15.81 29.65 -116.32
C THR P 163 15.46 30.48 -117.56
N GLY P 164 16.47 30.86 -118.34
CA GLY P 164 16.23 31.59 -119.56
C GLY P 164 15.50 30.79 -120.62
N LEU P 165 15.61 29.45 -120.56
CA LEU P 165 14.89 28.59 -121.50
C LEU P 165 13.40 28.90 -121.50
N PHE P 166 12.83 29.17 -120.33
CA PHE P 166 11.40 29.39 -120.21
C PHE P 166 11.02 30.78 -120.71
N GLY P 167 11.98 31.71 -120.73
CA GLY P 167 11.75 33.02 -121.31
C GLY P 167 11.54 33.01 -122.81
N ALA P 168 11.88 31.90 -123.48
CA ALA P 168 11.76 31.79 -124.93
C ALA P 168 10.34 31.45 -125.37
N ILE P 169 9.45 31.12 -124.45
CA ILE P 169 8.07 30.79 -124.82
C ILE P 169 7.36 32.06 -125.25
N PRO P 170 6.76 32.13 -126.45
CA PRO P 170 6.09 33.37 -126.87
C PRO P 170 4.97 33.79 -125.93
N GLY P 171 4.84 35.11 -125.75
CA GLY P 171 3.76 35.67 -124.97
C GLY P 171 4.01 35.63 -123.48
N ILE P 172 4.04 34.41 -122.92
CA ILE P 172 4.10 34.22 -121.48
C ILE P 172 5.51 33.95 -120.97
N GLY P 173 6.50 33.87 -121.86
CA GLY P 173 7.84 33.45 -121.46
C GLY P 173 8.46 34.35 -120.40
N HIS P 174 8.39 35.67 -120.59
CA HIS P 174 9.06 36.57 -119.64
C HIS P 174 8.41 36.52 -118.27
N SER P 175 7.09 36.32 -118.20
CA SER P 175 6.43 36.21 -116.91
C SER P 175 6.94 35.00 -116.14
N ILE P 176 7.01 33.84 -116.82
CA ILE P 176 7.51 32.62 -116.20
C ILE P 176 8.93 32.81 -115.70
N GLN P 177 9.77 33.46 -116.50
CA GLN P 177 11.18 33.63 -116.12
C GLN P 177 11.33 34.48 -114.86
N THR P 178 10.62 35.61 -114.80
CA THR P 178 10.66 36.45 -113.61
C THR P 178 10.14 35.71 -112.39
N TRP P 179 9.06 34.93 -112.57
CA TRP P 179 8.49 34.16 -111.48
C TRP P 179 9.49 33.13 -110.95
N LEU P 180 10.20 32.44 -111.84
CA LEU P 180 11.22 31.51 -111.41
C LEU P 180 12.38 32.23 -110.72
N LEU P 181 12.73 33.42 -111.21
CA LEU P 181 13.89 34.13 -110.69
C LEU P 181 13.59 34.85 -109.40
N GLY P 182 12.36 35.34 -109.22
CA GLY P 182 12.07 36.15 -108.06
C GLY P 182 12.63 37.55 -108.17
N GLY P 183 12.92 38.01 -109.38
CA GLY P 183 13.48 39.31 -109.60
C GLY P 183 13.91 39.48 -111.04
N PRO P 184 14.65 40.54 -111.35
CA PRO P 184 15.08 40.72 -112.73
C PRO P 184 16.19 39.78 -113.13
N CYS P 185 17.02 39.35 -112.18
CA CYS P 185 18.17 38.51 -112.49
C CYS P 185 18.41 37.53 -111.35
N VAL P 186 19.25 36.53 -111.63
CA VAL P 186 19.60 35.49 -110.67
C VAL P 186 20.28 36.13 -109.47
N ASP P 187 19.69 35.96 -108.29
CA ASP P 187 20.23 36.57 -107.08
C ASP P 187 19.92 35.67 -105.89
N ASN P 188 19.93 36.24 -104.68
CA ASN P 188 19.76 35.44 -103.47
C ASN P 188 18.40 34.77 -103.40
N ALA P 189 17.32 35.48 -103.76
CA ALA P 189 15.98 34.89 -103.78
C ALA P 189 15.95 33.62 -104.62
N THR P 190 16.73 33.58 -105.70
CA THR P 190 16.78 32.40 -106.56
C THR P 190 17.50 31.25 -105.87
N LEU P 191 18.64 31.54 -105.24
CA LEU P 191 19.38 30.50 -104.55
C LEU P 191 18.56 29.86 -103.44
N ASN P 192 17.83 30.66 -102.68
CA ASN P 192 17.08 30.13 -101.54
C ASN P 192 15.99 29.17 -101.99
N ARG P 193 15.29 29.48 -103.08
CA ARG P 193 14.21 28.61 -103.51
C ARG P 193 14.73 27.38 -104.23
N PHE P 194 15.86 27.47 -104.94
CA PHE P 194 16.42 26.27 -105.52
C PHE P 194 16.85 25.29 -104.45
N PHE P 195 17.26 25.81 -103.29
CA PHE P 195 17.65 24.92 -102.19
C PHE P 195 16.43 24.14 -101.70
N SER P 196 15.31 24.84 -101.50
CA SER P 196 14.09 24.17 -101.07
C SER P 196 13.63 23.15 -102.10
N LEU P 197 13.69 23.51 -103.38
CA LEU P 197 13.21 22.61 -104.43
C LEU P 197 14.17 21.46 -104.69
N HIS P 198 15.48 21.69 -104.48
CA HIS P 198 16.43 20.60 -104.62
C HIS P 198 16.20 19.53 -103.57
N TYR P 199 15.70 19.92 -102.40
CA TYR P 199 15.40 18.99 -101.33
C TYR P 199 14.10 18.24 -101.64
N LEU P 200 13.09 18.96 -102.14
CA LEU P 200 11.78 18.38 -102.39
C LEU P 200 11.81 17.32 -103.48
N LEU P 201 12.38 17.65 -104.64
CA LEU P 201 12.22 16.82 -105.83
C LEU P 201 12.70 15.38 -105.68
N PRO P 202 13.82 15.09 -105.02
CA PRO P 202 14.20 13.67 -104.82
C PRO P 202 13.11 12.84 -104.16
N PHE P 203 12.26 13.45 -103.33
CA PHE P 203 11.16 12.71 -102.74
C PHE P 203 10.05 12.49 -103.76
N VAL P 204 9.87 13.44 -104.67
CA VAL P 204 8.93 13.25 -105.77
C VAL P 204 9.45 12.14 -106.68
N ILE P 205 10.75 12.13 -106.93
CA ILE P 205 11.36 11.06 -107.71
C ILE P 205 11.12 9.72 -107.02
N ALA P 206 11.29 9.69 -105.70
CA ALA P 206 11.07 8.46 -104.95
C ALA P 206 9.64 7.99 -105.09
N ALA P 207 8.68 8.92 -105.06
CA ALA P 207 7.28 8.55 -105.25
C ALA P 207 7.05 8.04 -106.66
N LEU P 208 7.67 8.68 -107.65
CA LEU P 208 7.56 8.21 -109.02
C LEU P 208 8.21 6.84 -109.17
N VAL P 209 9.34 6.63 -108.50
CA VAL P 209 10.01 5.33 -108.56
C VAL P 209 9.11 4.26 -107.97
N ALA P 210 8.33 4.61 -106.94
CA ALA P 210 7.41 3.63 -106.38
C ALA P 210 6.39 3.19 -107.42
N ILE P 211 5.88 4.15 -108.20
CA ILE P 211 4.95 3.83 -109.27
C ILE P 211 5.68 3.09 -110.38
N HIS P 212 6.91 3.53 -110.68
CA HIS P 212 7.77 2.83 -111.63
C HIS P 212 7.91 1.36 -111.27
N ILE P 213 8.17 1.07 -109.99
CA ILE P 213 8.34 -0.32 -109.56
C ILE P 213 7.01 -1.06 -109.62
N TRP P 214 5.92 -0.40 -109.21
CA TRP P 214 4.60 -1.00 -109.31
C TRP P 214 4.24 -1.31 -110.77
N ALA P 215 4.71 -0.49 -111.71
CA ALA P 215 4.31 -0.66 -113.11
C ALA P 215 4.85 -1.95 -113.71
N PHE P 216 6.15 -2.23 -113.55
CA PHE P 216 6.70 -3.44 -114.15
C PHE P 216 6.52 -4.68 -113.29
N HIS P 217 6.06 -4.52 -112.05
CA HIS P 217 5.65 -5.68 -111.27
C HIS P 217 4.27 -6.15 -111.70
N SER P 218 3.40 -5.23 -112.12
CA SER P 218 2.08 -5.59 -112.61
C SER P 218 2.17 -6.38 -113.91
N THR P 219 3.07 -5.98 -114.81
CA THR P 219 3.21 -6.62 -116.11
C THR P 219 4.26 -7.73 -116.13
N GLY P 220 5.24 -7.68 -115.24
CA GLY P 220 6.38 -8.57 -115.28
C GLY P 220 7.53 -8.04 -116.12
N ASN P 221 8.74 -8.41 -115.71
CA ASN P 221 9.96 -7.95 -116.36
C ASN P 221 10.06 -8.45 -117.80
N ASN P 222 10.58 -7.58 -118.68
CA ASN P 222 10.98 -7.99 -120.02
C ASN P 222 12.25 -8.83 -119.93
N ASN P 223 12.54 -9.56 -121.02
CA ASN P 223 13.77 -10.35 -121.09
C ASN P 223 14.40 -10.21 -122.48
N PRO P 224 15.67 -10.63 -122.67
CA PRO P 224 16.33 -10.41 -123.96
C PRO P 224 15.62 -10.97 -125.18
N THR P 225 14.77 -11.99 -125.05
CA THR P 225 14.10 -12.56 -126.20
C THR P 225 12.79 -11.87 -126.59
N GLY P 226 12.19 -11.10 -125.68
CA GLY P 226 10.92 -10.49 -125.95
C GLY P 226 9.75 -11.46 -125.93
N VAL P 227 9.98 -12.73 -125.61
CA VAL P 227 8.93 -13.74 -125.54
C VAL P 227 8.39 -13.78 -124.12
N GLU P 228 7.08 -13.63 -123.99
CA GLU P 228 6.46 -13.54 -122.68
C GLU P 228 6.40 -14.91 -122.00
N VAL P 229 6.37 -14.86 -120.66
CA VAL P 229 6.22 -16.08 -119.87
C VAL P 229 4.88 -16.72 -120.16
N ARG P 230 4.89 -18.05 -120.30
CA ARG P 230 3.65 -18.78 -120.48
C ARG P 230 2.84 -18.68 -119.19
N ARG P 231 1.56 -18.33 -119.32
CA ARG P 231 0.70 -18.07 -118.17
C ARG P 231 -0.47 -19.03 -118.07
N THR P 232 -0.57 -20.02 -118.96
CA THR P 232 -1.70 -20.94 -118.96
C THR P 232 -1.70 -21.88 -117.77
N SER P 233 -0.55 -22.11 -117.12
CA SER P 233 -0.52 -22.96 -115.94
C SER P 233 0.75 -22.72 -115.16
N LYS P 234 0.71 -23.09 -113.87
CA LYS P 234 1.85 -22.93 -112.98
C LYS P 234 3.02 -23.81 -113.41
N ALA P 235 2.73 -24.96 -114.02
CA ALA P 235 3.78 -25.88 -114.45
C ALA P 235 4.77 -25.22 -115.38
N GLU P 236 4.27 -24.60 -116.46
CA GLU P 236 5.15 -24.01 -117.47
C GLU P 236 5.53 -22.57 -117.14
N ALA P 237 4.85 -21.91 -116.20
CA ALA P 237 5.32 -20.62 -115.74
C ALA P 237 6.60 -20.75 -114.93
N GLN P 238 6.73 -21.85 -114.17
CA GLN P 238 7.89 -22.10 -113.34
C GLN P 238 9.10 -22.55 -114.18
N LYS P 239 8.84 -23.20 -115.31
CA LYS P 239 9.90 -23.58 -116.23
C LYS P 239 10.49 -22.39 -116.97
N ASP P 240 9.76 -21.29 -117.07
CA ASP P 240 10.25 -20.07 -117.72
C ASP P 240 10.93 -19.09 -116.77
N THR P 241 10.79 -19.26 -115.45
CA THR P 241 11.18 -18.24 -114.49
C THR P 241 11.89 -18.86 -113.29
N VAL P 242 12.56 -17.99 -112.53
CA VAL P 242 13.02 -18.28 -111.17
C VAL P 242 12.68 -17.08 -110.27
N PRO P 243 12.52 -17.27 -108.95
CA PRO P 243 12.19 -16.12 -108.08
C PRO P 243 13.31 -15.09 -108.01
N PHE P 244 12.90 -13.82 -107.97
CA PHE P 244 13.82 -12.68 -107.92
C PHE P 244 14.86 -12.84 -106.80
N TRP P 245 14.38 -13.05 -105.56
CA TRP P 245 15.25 -13.44 -104.43
C TRP P 245 15.33 -14.95 -104.33
N PRO P 246 16.53 -15.54 -104.16
CA PRO P 246 17.90 -14.99 -104.07
C PRO P 246 18.59 -14.87 -105.43
N TYR P 247 18.10 -15.60 -106.43
CA TYR P 247 18.83 -15.82 -107.67
C TYR P 247 19.25 -14.52 -108.35
N PHE P 248 18.34 -13.56 -108.46
CA PHE P 248 18.62 -12.29 -109.13
C PHE P 248 18.97 -11.15 -108.18
N ILE P 249 18.65 -11.26 -106.90
CA ILE P 249 19.15 -10.30 -105.92
C ILE P 249 20.67 -10.34 -105.88
N ILE P 250 21.24 -11.54 -105.72
CA ILE P 250 22.69 -11.67 -105.58
C ILE P 250 23.40 -11.27 -106.86
N LYS P 251 22.86 -11.63 -108.04
CA LYS P 251 23.52 -11.22 -109.28
C LYS P 251 23.52 -9.71 -109.44
N ASP P 252 22.43 -9.05 -109.02
CA ASP P 252 22.37 -7.60 -109.11
C ASP P 252 23.30 -6.95 -108.09
N VAL P 253 23.26 -7.44 -106.84
CA VAL P 253 24.13 -6.93 -105.79
C VAL P 253 25.59 -7.14 -106.16
N PHE P 254 25.90 -8.28 -106.79
CA PHE P 254 27.27 -8.51 -107.26
C PHE P 254 27.68 -7.44 -108.26
N ALA P 255 26.88 -7.24 -109.30
CA ALA P 255 27.17 -6.23 -110.30
C ALA P 255 27.29 -4.85 -109.66
N LEU P 256 26.42 -4.57 -108.69
CA LEU P 256 26.46 -3.29 -107.99
C LEU P 256 27.79 -3.11 -107.27
N ALA P 257 28.30 -4.18 -106.63
CA ALA P 257 29.58 -4.10 -105.93
C ALA P 257 30.70 -3.75 -106.89
N VAL P 258 30.61 -4.23 -108.14
CA VAL P 258 31.65 -3.93 -109.12
C VAL P 258 31.50 -2.49 -109.58
N VAL P 259 30.26 -2.05 -109.81
CA VAL P 259 30.01 -0.67 -110.17
C VAL P 259 30.48 0.27 -109.06
N LEU P 260 30.17 -0.08 -107.81
CA LEU P 260 30.58 0.79 -106.71
C LEU P 260 32.08 0.74 -106.48
N LEU P 261 32.71 -0.40 -106.79
CA LEU P 261 34.18 -0.49 -106.72
C LEU P 261 34.81 0.57 -107.61
N VAL P 262 34.35 0.66 -108.86
CA VAL P 262 34.85 1.67 -109.78
C VAL P 262 34.49 3.06 -109.27
N PHE P 263 33.24 3.25 -108.87
CA PHE P 263 32.77 4.55 -108.40
C PHE P 263 33.62 5.08 -107.25
N PHE P 264 33.94 4.23 -106.28
CA PHE P 264 34.73 4.69 -105.15
C PHE P 264 36.18 4.92 -105.55
N ALA P 265 36.64 4.26 -106.61
CA ALA P 265 37.97 4.57 -107.13
C ALA P 265 38.02 5.97 -107.72
N ILE P 266 36.97 6.36 -108.46
CA ILE P 266 36.87 7.71 -108.99
C ILE P 266 36.90 8.72 -107.84
N VAL P 267 35.99 8.54 -106.87
CA VAL P 267 35.86 9.51 -105.77
C VAL P 267 37.14 9.56 -104.95
N GLY P 268 37.81 8.43 -104.78
CA GLY P 268 39.00 8.39 -103.96
C GLY P 268 40.25 8.93 -104.62
N PHE P 269 40.36 8.79 -105.95
CA PHE P 269 41.62 9.01 -106.66
C PHE P 269 41.54 10.02 -107.80
N MET P 270 40.35 10.35 -108.30
CA MET P 270 40.21 11.39 -109.31
C MET P 270 38.83 12.02 -109.18
N PRO P 271 38.54 12.64 -108.03
CA PRO P 271 37.19 13.15 -107.77
C PRO P 271 36.78 14.33 -108.64
N ASN P 272 37.73 15.03 -109.27
CA ASN P 272 37.42 16.22 -110.04
C ASN P 272 37.47 16.01 -111.54
N TYR P 273 37.79 14.79 -112.01
CA TYR P 273 37.89 14.54 -113.44
C TYR P 273 36.59 14.87 -114.17
N LEU P 274 35.46 14.47 -113.60
CA LEU P 274 34.16 14.66 -114.23
C LEU P 274 33.53 16.01 -113.88
N GLY P 275 34.30 16.91 -113.25
CA GLY P 275 33.81 18.21 -112.85
C GLY P 275 34.37 19.30 -113.74
N HIS P 276 33.90 20.53 -113.47
CA HIS P 276 34.35 21.70 -114.18
C HIS P 276 35.21 22.53 -113.25
N PRO P 277 36.50 22.79 -113.53
CA PRO P 277 37.32 23.55 -112.58
C PRO P 277 36.77 24.93 -112.25
N ASP P 278 36.01 25.54 -113.16
CA ASP P 278 35.52 26.90 -112.95
C ASP P 278 34.49 26.99 -111.83
N ASN P 279 33.95 25.87 -111.34
CA ASN P 279 33.01 25.92 -110.24
C ASN P 279 33.69 25.98 -108.88
N TYR P 280 35.02 25.91 -108.84
CA TYR P 280 35.78 26.23 -107.64
C TYR P 280 36.14 27.71 -107.58
N ILE P 281 35.54 28.53 -108.45
CA ILE P 281 35.65 29.98 -108.42
C ILE P 281 34.29 30.53 -108.02
N GLU P 282 34.27 31.47 -107.07
CA GLU P 282 33.02 32.05 -106.61
C GLU P 282 32.27 32.74 -107.74
N ALA P 283 30.94 32.62 -107.70
CA ALA P 283 30.05 33.26 -108.65
C ALA P 283 30.39 34.74 -108.80
N ASN P 284 30.53 35.18 -110.04
CA ASN P 284 30.77 36.58 -110.38
C ASN P 284 29.68 37.02 -111.33
N PRO P 285 28.65 37.75 -110.87
CA PRO P 285 27.53 38.09 -111.77
C PRO P 285 27.88 39.07 -112.88
N LEU P 286 29.10 39.59 -112.94
CA LEU P 286 29.50 40.56 -113.96
C LEU P 286 30.43 39.98 -115.02
N SER P 287 30.51 38.65 -115.13
CA SER P 287 31.39 38.04 -116.13
C SER P 287 31.09 36.56 -116.33
N THR P 288 30.96 36.13 -117.60
CA THR P 288 30.80 34.73 -117.94
C THR P 288 32.15 34.11 -118.29
N PRO P 289 32.57 33.00 -117.67
CA PRO P 289 33.84 32.38 -118.07
C PRO P 289 33.87 32.02 -119.55
N ALA P 290 35.07 32.10 -120.13
CA ALA P 290 35.22 31.80 -121.55
C ALA P 290 34.98 30.33 -121.84
N HIS P 291 35.37 29.45 -120.93
CA HIS P 291 35.30 28.01 -121.14
C HIS P 291 34.13 27.41 -120.38
N ILE P 292 33.03 28.16 -120.30
CA ILE P 292 31.81 27.63 -119.70
C ILE P 292 31.32 26.45 -120.52
N VAL P 293 31.05 25.34 -119.84
CA VAL P 293 30.53 24.13 -120.48
C VAL P 293 29.57 23.45 -119.51
N PRO P 294 28.45 22.90 -119.96
CA PRO P 294 27.54 22.21 -119.03
C PRO P 294 28.15 20.94 -118.46
N GLU P 295 27.50 20.46 -117.41
CA GLU P 295 27.81 19.14 -116.86
C GLU P 295 27.67 18.11 -117.97
N TRP P 296 28.56 17.11 -117.97
CA TRP P 296 28.67 16.19 -119.10
C TRP P 296 27.35 15.50 -119.42
N TYR P 297 26.53 15.21 -118.40
CA TYR P 297 25.28 14.50 -118.65
C TYR P 297 24.23 15.39 -119.29
N PHE P 298 24.48 16.69 -119.42
CA PHE P 298 23.62 17.63 -120.15
C PHE P 298 24.10 17.92 -121.56
N LEU P 299 25.33 17.50 -121.90
CA LEU P 299 25.94 17.92 -123.16
C LEU P 299 25.14 17.53 -124.41
N PRO P 300 24.56 16.33 -124.54
CA PRO P 300 23.84 16.02 -125.80
C PRO P 300 22.70 16.97 -126.09
N PHE P 301 21.94 17.34 -125.07
CA PHE P 301 20.80 18.23 -125.25
C PHE P 301 21.25 19.67 -125.41
N TYR P 302 22.36 20.03 -124.76
CA TYR P 302 22.95 21.34 -124.98
C TYR P 302 23.42 21.48 -126.43
N ALA P 303 24.06 20.44 -126.97
CA ALA P 303 24.53 20.49 -128.35
C ALA P 303 23.37 20.65 -129.32
N ILE P 304 22.25 19.99 -129.03
CA ILE P 304 21.07 20.09 -129.89
C ILE P 304 20.53 21.50 -129.90
N LEU P 305 20.41 22.11 -128.71
CA LEU P 305 19.83 23.45 -128.62
C LEU P 305 20.66 24.45 -129.41
N ARG P 306 21.97 24.48 -129.20
CA ARG P 306 22.79 25.51 -129.83
C ARG P 306 23.11 25.21 -131.29
N ALA P 307 22.81 24.00 -131.77
CA ALA P 307 23.02 23.71 -133.18
C ALA P 307 22.08 24.51 -134.07
N PHE P 308 20.94 24.97 -133.55
CA PHE P 308 19.91 25.61 -134.37
C PHE P 308 20.02 27.13 -134.22
N THR P 309 20.91 27.70 -135.04
CA THR P 309 21.11 29.15 -135.09
C THR P 309 20.22 29.78 -136.15
N ALA P 310 20.29 31.11 -136.26
CA ALA P 310 19.50 31.84 -137.24
C ALA P 310 19.87 31.49 -138.68
N ASP P 311 21.07 30.96 -138.91
CA ASP P 311 21.53 30.65 -140.25
C ASP P 311 21.00 29.33 -140.78
N VAL P 312 20.56 28.44 -139.89
CA VAL P 312 20.10 27.11 -140.32
C VAL P 312 18.86 27.24 -141.17
N TRP P 313 18.85 26.53 -142.31
CA TRP P 313 17.78 26.72 -143.30
C TRP P 313 16.41 26.41 -142.72
N VAL P 314 16.29 25.30 -141.99
CA VAL P 314 14.98 24.91 -141.44
C VAL P 314 14.53 25.94 -140.39
N VAL P 315 15.47 26.59 -139.72
CA VAL P 315 15.13 27.65 -138.78
C VAL P 315 14.56 28.85 -139.53
N GLN P 316 15.17 29.19 -140.67
CA GLN P 316 14.70 30.34 -141.45
C GLN P 316 13.32 30.10 -142.02
N ILE P 317 12.98 28.85 -142.36
CA ILE P 317 11.62 28.55 -142.80
C ILE P 317 10.64 28.72 -141.65
N ALA P 318 10.99 28.16 -140.49
CA ALA P 318 10.14 28.32 -139.30
C ALA P 318 9.89 29.78 -138.98
N ASN P 319 10.93 30.61 -139.06
CA ASN P 319 10.78 32.03 -138.74
C ASN P 319 9.85 32.72 -139.74
N PHE P 320 9.98 32.37 -141.02
CA PHE P 320 9.17 33.00 -142.05
C PHE P 320 7.72 32.57 -141.95
N ILE P 321 7.48 31.25 -141.90
CA ILE P 321 6.13 30.71 -141.83
C ILE P 321 5.42 31.15 -140.55
N SER P 322 6.15 31.24 -139.45
CA SER P 322 5.58 31.63 -138.17
C SER P 322 5.56 33.15 -137.96
N PHE P 323 5.83 33.93 -139.00
CA PHE P 323 5.82 35.40 -138.90
C PHE P 323 6.76 35.91 -137.82
N GLY P 324 7.86 35.18 -137.55
CA GLY P 324 8.88 35.62 -136.63
C GLY P 324 8.72 35.08 -135.23
N ILE P 325 7.59 34.44 -134.92
CA ILE P 325 7.35 33.87 -133.59
C ILE P 325 8.42 32.84 -133.26
N ILE P 326 8.70 31.93 -134.17
CA ILE P 326 9.68 30.87 -133.96
C ILE P 326 11.00 31.36 -134.57
N ASP P 327 11.83 31.99 -133.73
CA ASP P 327 13.18 32.36 -134.13
C ASP P 327 14.15 31.26 -133.68
N ALA P 328 15.45 31.49 -133.91
CA ALA P 328 16.46 30.49 -133.57
C ALA P 328 16.44 30.18 -132.08
N LYS P 329 16.17 31.20 -131.26
CA LYS P 329 16.15 31.02 -129.81
C LYS P 329 15.09 30.01 -129.41
N PHE P 330 13.84 30.24 -129.84
CA PHE P 330 12.74 29.35 -129.46
C PHE P 330 12.83 28.03 -130.20
N PHE P 331 13.34 28.03 -131.43
CA PHE P 331 13.48 26.79 -132.18
C PHE P 331 14.41 25.82 -131.45
N GLY P 332 15.53 26.33 -130.95
CA GLY P 332 16.47 25.46 -130.26
C GLY P 332 15.89 24.87 -128.99
N VAL P 333 15.05 25.63 -128.29
CA VAL P 333 14.42 25.13 -127.09
C VAL P 333 13.40 24.06 -127.44
N LEU P 334 12.62 24.28 -128.50
CA LEU P 334 11.67 23.26 -128.95
C LEU P 334 12.42 22.01 -129.38
N ALA P 335 13.53 22.17 -130.10
CA ALA P 335 14.30 21.01 -130.52
C ALA P 335 14.84 20.25 -129.31
N MET P 336 15.28 20.98 -128.29
CA MET P 336 15.89 20.31 -127.14
C MET P 336 14.84 19.54 -126.37
N PHE P 337 13.75 20.21 -126.00
CA PHE P 337 12.66 19.50 -125.34
C PHE P 337 11.97 18.55 -126.30
N GLY P 338 11.99 18.86 -127.59
CA GLY P 338 11.43 17.97 -128.57
C GLY P 338 12.22 16.68 -128.68
N ALA P 339 13.54 16.77 -128.48
CA ALA P 339 14.37 15.57 -128.54
C ALA P 339 14.01 14.62 -127.41
N ILE P 340 13.67 15.18 -126.25
CA ILE P 340 13.23 14.36 -125.13
C ILE P 340 11.82 13.86 -125.37
N LEU P 341 10.97 14.71 -125.96
CA LEU P 341 9.57 14.36 -126.17
C LEU P 341 9.45 13.19 -127.15
N VAL P 342 10.21 13.21 -128.24
CA VAL P 342 10.10 12.13 -129.23
C VAL P 342 10.56 10.82 -128.61
N MET P 343 11.47 10.88 -127.63
CA MET P 343 11.90 9.67 -126.94
C MET P 343 10.81 9.15 -126.00
N ALA P 344 9.99 10.05 -125.45
CA ALA P 344 8.87 9.64 -124.62
C ALA P 344 7.76 8.99 -125.45
N LEU P 345 7.64 9.36 -126.72
CA LEU P 345 6.58 8.88 -127.59
C LEU P 345 6.95 7.60 -128.35
N VAL P 346 8.13 7.03 -128.07
CA VAL P 346 8.63 5.89 -128.84
C VAL P 346 7.73 4.65 -128.77
N PRO P 347 6.90 4.40 -127.73
CA PRO P 347 6.00 3.24 -127.84
C PRO P 347 5.01 3.34 -128.98
N TRP P 348 4.63 4.56 -129.37
CA TRP P 348 3.64 4.80 -130.42
C TRP P 348 4.28 5.16 -131.76
N LEU P 349 5.61 5.30 -131.81
CA LEU P 349 6.32 5.57 -133.05
C LEU P 349 6.96 4.31 -133.62
N ASP P 350 7.35 3.37 -132.76
CA ASP P 350 7.89 2.08 -133.20
C ASP P 350 6.72 1.18 -133.58
N THR P 351 6.51 1.00 -134.89
CA THR P 351 5.35 0.30 -135.42
C THR P 351 5.60 -1.19 -135.64
N SER P 352 6.80 -1.70 -135.31
CA SER P 352 7.10 -3.11 -135.49
C SER P 352 6.44 -3.95 -134.39
N PRO P 353 5.87 -5.11 -134.71
CA PRO P 353 5.29 -5.96 -133.64
C PRO P 353 6.31 -6.84 -132.92
N VAL P 354 7.55 -6.91 -133.41
CA VAL P 354 8.58 -7.69 -132.76
C VAL P 354 9.14 -6.89 -131.59
N ARG P 355 9.10 -7.48 -130.39
CA ARG P 355 9.49 -6.77 -129.19
C ARG P 355 10.99 -6.55 -129.13
N SER P 356 11.76 -7.63 -129.08
CA SER P 356 13.20 -7.52 -128.89
C SER P 356 13.92 -7.15 -130.18
N GLY P 357 14.79 -6.16 -130.10
CA GLY P 357 15.61 -5.75 -131.22
C GLY P 357 16.66 -6.76 -131.63
N ARG P 358 16.87 -7.80 -130.82
CA ARG P 358 17.83 -8.86 -131.14
C ARG P 358 17.48 -9.57 -132.44
N TYR P 359 16.20 -9.61 -132.80
CA TYR P 359 15.69 -10.31 -133.99
C TYR P 359 15.20 -9.35 -135.07
N ARG P 360 15.74 -8.12 -135.08
CA ARG P 360 15.39 -7.09 -136.05
C ARG P 360 16.67 -6.62 -136.74
N PRO P 361 17.05 -7.24 -137.88
CA PRO P 361 18.35 -6.91 -138.49
C PRO P 361 18.57 -5.44 -138.86
N MET P 362 17.59 -4.80 -139.49
CA MET P 362 17.76 -3.40 -139.89
C MET P 362 17.74 -2.47 -138.68
N PHE P 363 16.89 -2.76 -137.69
CA PHE P 363 16.80 -1.92 -136.50
C PHE P 363 18.15 -1.79 -135.81
N LYS P 364 18.90 -2.91 -135.72
CA LYS P 364 20.20 -2.91 -135.07
C LYS P 364 21.12 -1.85 -135.65
N ILE P 365 21.11 -1.70 -136.99
CA ILE P 365 21.97 -0.72 -137.64
C ILE P 365 21.62 0.67 -137.15
N TYR P 366 20.34 1.05 -137.23
CA TYR P 366 19.96 2.41 -136.90
C TYR P 366 20.03 2.66 -135.40
N PHE P 367 19.86 1.62 -134.58
CA PHE P 367 19.98 1.79 -133.14
C PHE P 367 21.42 2.11 -132.74
N TRP P 368 22.37 1.34 -133.26
CA TRP P 368 23.77 1.56 -132.89
C TRP P 368 24.27 2.88 -133.46
N LEU P 369 23.66 3.34 -134.56
CA LEU P 369 23.95 4.68 -135.05
C LEU P 369 23.45 5.71 -134.05
N LEU P 370 22.30 5.45 -133.43
CA LEU P 370 21.76 6.37 -132.44
C LEU P 370 22.68 6.40 -131.22
N ALA P 371 23.16 5.22 -130.80
CA ALA P 371 24.10 5.15 -129.69
C ALA P 371 25.37 5.92 -130.05
N ALA P 372 25.88 5.69 -131.25
CA ALA P 372 27.05 6.45 -131.70
C ALA P 372 26.71 7.93 -131.76
N ASP P 373 25.49 8.26 -132.24
CA ASP P 373 25.06 9.65 -132.31
C ASP P 373 25.03 10.28 -130.92
N PHE P 374 24.58 9.52 -129.92
CA PHE P 374 24.47 10.05 -128.58
C PHE P 374 25.85 10.38 -128.03
N VAL P 375 26.83 9.51 -128.28
CA VAL P 375 28.20 9.80 -127.88
C VAL P 375 28.75 11.00 -128.66
N ILE P 376 28.44 11.05 -129.96
CA ILE P 376 28.89 12.16 -130.80
C ILE P 376 28.31 13.47 -130.28
N LEU P 377 27.00 13.48 -130.03
CA LEU P 377 26.34 14.66 -129.46
C LEU P 377 26.99 15.12 -128.16
N THR P 378 27.36 14.16 -127.30
CA THR P 378 28.06 14.50 -126.07
C THR P 378 29.39 15.17 -126.35
N TRP P 379 30.14 14.63 -127.32
CA TRP P 379 31.47 15.14 -127.63
C TRP P 379 31.41 16.54 -128.23
N VAL P 380 30.51 16.77 -129.19
CA VAL P 380 30.45 18.09 -129.81
C VAL P 380 29.96 19.13 -128.81
N GLY P 381 29.16 18.71 -127.83
CA GLY P 381 28.71 19.65 -126.80
C GLY P 381 29.83 20.38 -126.10
N ALA P 382 30.99 19.73 -125.94
CA ALA P 382 32.11 20.34 -125.25
C ALA P 382 33.06 21.10 -126.17
N GLN P 383 32.80 21.11 -127.47
CA GLN P 383 33.64 21.82 -128.43
C GLN P 383 33.10 23.22 -128.70
N GLN P 384 33.89 23.99 -129.43
CA GLN P 384 33.48 25.33 -129.85
C GLN P 384 32.39 25.22 -130.92
N THR P 385 31.74 26.35 -131.19
CA THR P 385 30.66 26.42 -132.16
C THR P 385 31.16 26.77 -133.56
N THR P 386 32.47 26.77 -133.78
CA THR P 386 33.02 27.05 -135.09
C THR P 386 32.91 25.84 -135.99
N PHE P 387 33.16 26.04 -137.27
CA PHE P 387 33.21 24.94 -138.22
C PHE P 387 34.34 23.98 -137.81
N PRO P 388 34.14 22.65 -137.91
CA PRO P 388 32.99 21.86 -138.37
C PRO P 388 31.99 21.43 -137.32
N TYR P 389 32.27 21.74 -136.04
CA TYR P 389 31.44 21.25 -134.95
C TYR P 389 29.98 21.69 -135.12
N ASP P 390 29.78 22.87 -135.69
CA ASP P 390 28.42 23.35 -135.94
C ASP P 390 27.66 22.43 -136.89
N TRP P 391 28.34 21.90 -137.91
CA TRP P 391 27.70 20.97 -138.83
C TRP P 391 27.50 19.59 -138.23
N ILE P 392 28.51 19.08 -137.51
CA ILE P 392 28.38 17.77 -136.86
C ILE P 392 27.15 17.74 -135.96
N SER P 393 26.87 18.84 -135.27
CA SER P 393 25.73 18.88 -134.38
C SER P 393 24.41 18.98 -135.15
N LEU P 394 24.43 19.57 -136.35
CA LEU P 394 23.23 19.58 -137.17
C LEU P 394 22.94 18.20 -137.70
N ILE P 395 23.97 17.51 -138.21
CA ILE P 395 23.78 16.16 -138.73
C ILE P 395 23.37 15.25 -137.59
N ALA P 396 24.00 15.40 -136.44
CA ALA P 396 23.68 14.57 -135.29
C ALA P 396 22.27 14.86 -134.81
N SER P 397 21.91 16.14 -134.72
CA SER P 397 20.56 16.52 -134.31
C SER P 397 19.55 15.98 -135.32
N ALA P 398 19.86 16.09 -136.60
CA ALA P 398 18.94 15.63 -137.63
C ALA P 398 18.67 14.14 -137.48
N TYR P 399 19.72 13.34 -137.22
CA TYR P 399 19.55 11.90 -137.11
C TYR P 399 18.71 11.52 -135.91
N TRP P 400 18.87 12.25 -134.80
CA TRP P 400 18.10 11.95 -133.59
C TRP P 400 16.61 12.00 -133.88
N PHE P 401 16.16 13.07 -134.54
CA PHE P 401 14.74 13.19 -134.83
C PHE P 401 14.33 12.23 -135.94
N ALA P 402 15.24 11.95 -136.88
CA ALA P 402 14.92 11.03 -137.96
C ALA P 402 14.71 9.63 -137.42
N TYR P 403 15.52 9.23 -136.44
CA TYR P 403 15.42 7.89 -135.86
C TYR P 403 14.02 7.62 -135.32
N PHE P 404 13.51 8.54 -134.49
CA PHE P 404 12.22 8.31 -133.84
C PHE P 404 11.06 8.63 -134.78
N LEU P 405 11.19 9.67 -135.60
CA LEU P 405 10.06 10.18 -136.36
C LEU P 405 9.96 9.61 -137.77
N VAL P 406 11.05 9.06 -138.31
CA VAL P 406 11.08 8.58 -139.69
C VAL P 406 11.47 7.12 -139.76
N ILE P 407 12.65 6.77 -139.23
CA ILE P 407 13.16 5.41 -139.36
C ILE P 407 12.23 4.42 -138.67
N LEU P 408 11.93 4.65 -137.38
CA LEU P 408 11.16 3.67 -136.62
C LEU P 408 9.77 3.44 -137.20
N PRO P 409 8.99 4.47 -137.57
CA PRO P 409 7.71 4.19 -138.23
C PRO P 409 7.90 3.42 -139.54
N ILE P 410 8.92 3.80 -140.30
CA ILE P 410 9.18 3.17 -141.58
C ILE P 410 9.69 1.75 -141.38
N LEU P 411 10.55 1.55 -140.38
CA LEU P 411 11.17 0.23 -140.15
C LEU P 411 10.12 -0.83 -139.89
N GLY P 412 9.05 -0.49 -139.16
CA GLY P 412 8.04 -1.46 -138.80
C GLY P 412 7.17 -1.94 -139.96
N ALA P 413 7.32 -1.34 -141.15
CA ALA P 413 6.51 -1.69 -142.31
C ALA P 413 7.37 -2.16 -143.48
N ILE P 414 8.63 -2.54 -143.23
CA ILE P 414 9.56 -2.93 -144.28
C ILE P 414 10.43 -4.10 -143.81
N GLU P 415 10.88 -4.04 -142.56
CA GLU P 415 11.81 -5.03 -142.04
C GLU P 415 11.18 -6.42 -142.07
N LYS P 416 12.03 -7.44 -142.30
CA LYS P 416 11.63 -8.84 -142.19
C LYS P 416 12.30 -9.46 -140.97
N PRO P 417 11.64 -9.49 -139.81
CA PRO P 417 12.30 -9.96 -138.59
C PRO P 417 12.47 -11.47 -138.56
N VAL P 418 13.46 -11.90 -137.76
CA VAL P 418 13.73 -13.32 -137.54
C VAL P 418 12.77 -13.83 -136.47
N ALA P 419 12.46 -15.13 -136.53
CA ALA P 419 11.57 -15.74 -135.55
C ALA P 419 12.23 -15.77 -134.17
N PRO P 420 11.58 -15.28 -133.12
CA PRO P 420 12.15 -15.44 -131.77
C PRO P 420 11.92 -16.87 -131.27
N PRO P 421 12.51 -17.23 -130.14
CA PRO P 421 12.23 -18.55 -129.56
C PRO P 421 10.76 -18.72 -129.22
N ALA P 422 10.33 -19.98 -129.10
CA ALA P 422 8.95 -20.26 -128.72
C ALA P 422 8.69 -19.81 -127.28
N THR P 423 9.65 -20.02 -126.39
CA THR P 423 9.47 -19.71 -124.98
C THR P 423 10.79 -19.22 -124.41
N ILE P 424 10.72 -18.68 -123.19
CA ILE P 424 11.93 -18.29 -122.46
C ILE P 424 12.77 -19.52 -122.13
N GLU P 425 12.11 -20.63 -121.80
CA GLU P 425 12.82 -21.87 -121.46
C GLU P 425 13.72 -22.32 -122.62
N GLU P 426 13.22 -22.25 -123.85
CA GLU P 426 14.01 -22.67 -125.01
C GLU P 426 15.31 -21.87 -125.10
N ASP P 427 15.23 -20.55 -124.94
CA ASP P 427 16.43 -19.72 -125.03
C ASP P 427 17.40 -20.03 -123.90
N PHE P 428 16.87 -20.28 -122.70
CA PHE P 428 17.71 -20.55 -121.54
C PHE P 428 18.49 -21.84 -121.70
N ASN P 429 17.81 -22.92 -122.10
CA ASN P 429 18.49 -24.20 -122.28
C ASN P 429 19.55 -24.10 -123.38
N ALA P 430 19.32 -23.27 -124.39
CA ALA P 430 20.30 -23.08 -125.46
C ALA P 430 21.50 -22.30 -124.95
N ALA Q 1 39.60 32.60 -126.15
CA ALA Q 1 40.65 31.94 -125.33
C ALA Q 1 40.69 30.43 -125.64
N GLY Q 2 41.50 29.71 -124.89
CA GLY Q 2 41.64 28.28 -125.11
C GLY Q 2 42.49 27.63 -124.04
N GLY Q 3 42.83 26.37 -124.29
CA GLY Q 3 43.75 25.62 -123.46
C GLY Q 3 45.16 25.65 -124.02
N GLY Q 4 46.10 25.19 -123.20
CA GLY Q 4 47.50 25.25 -123.59
C GLY Q 4 48.39 24.19 -122.96
N HIS Q 5 49.68 24.32 -123.19
CA HIS Q 5 50.68 23.36 -122.74
C HIS Q 5 51.18 23.70 -121.34
N VAL Q 6 51.26 22.69 -120.49
CA VAL Q 6 51.84 22.80 -119.15
C VAL Q 6 53.00 21.82 -119.08
N GLU Q 7 54.01 22.17 -118.28
CA GLU Q 7 55.14 21.29 -118.05
C GLU Q 7 54.73 20.15 -117.11
N ASP Q 8 54.87 18.92 -117.57
CA ASP Q 8 54.43 17.76 -116.80
C ASP Q 8 55.46 17.54 -115.70
N VAL Q 9 55.20 18.13 -114.53
CA VAL Q 9 56.07 17.99 -113.37
C VAL Q 9 55.79 16.66 -112.69
N PRO Q 10 56.81 15.92 -112.18
CA PRO Q 10 56.50 14.71 -111.40
C PRO Q 10 56.36 15.01 -109.92
N PHE Q 11 55.16 15.40 -109.50
CA PHE Q 11 54.91 15.70 -108.10
C PHE Q 11 54.74 14.42 -107.29
N SER Q 12 55.22 14.46 -106.05
CA SER Q 12 55.17 13.29 -105.18
C SER Q 12 53.74 12.85 -104.90
N PHE Q 13 52.81 13.80 -104.87
CA PHE Q 13 51.43 13.48 -104.48
C PHE Q 13 50.62 12.83 -105.60
N GLU Q 14 51.19 12.63 -106.78
CA GLU Q 14 50.46 12.04 -107.89
C GLU Q 14 50.58 10.52 -107.84
N GLY Q 15 49.59 9.85 -108.43
CA GLY Q 15 49.48 8.42 -108.36
C GLY Q 15 48.65 7.98 -107.17
N PRO Q 16 48.09 6.77 -107.23
CA PRO Q 16 47.23 6.32 -106.11
C PRO Q 16 47.95 6.23 -104.77
N PHE Q 17 49.25 5.93 -104.78
CA PHE Q 17 50.05 5.85 -103.57
C PHE Q 17 50.84 7.13 -103.29
N GLY Q 18 50.54 8.21 -104.01
CA GLY Q 18 51.27 9.45 -103.82
C GLY Q 18 50.92 10.10 -102.49
N THR Q 19 51.93 10.74 -101.88
CA THR Q 19 51.76 11.43 -100.62
C THR Q 19 52.58 12.72 -100.64
N PHE Q 20 52.17 13.67 -99.81
CA PHE Q 20 52.88 14.93 -99.68
C PHE Q 20 54.27 14.75 -99.06
N ASP Q 21 55.21 15.53 -99.57
CA ASP Q 21 56.54 15.66 -98.97
C ASP Q 21 56.51 16.79 -97.95
N GLN Q 22 56.71 16.44 -96.68
CA GLN Q 22 56.53 17.40 -95.58
C GLN Q 22 57.43 18.63 -95.76
N HIS Q 23 58.71 18.40 -96.10
CA HIS Q 23 59.63 19.52 -96.26
C HIS Q 23 59.28 20.40 -97.46
N GLN Q 24 58.80 19.80 -98.56
CA GLN Q 24 58.41 20.60 -99.72
C GLN Q 24 57.26 21.54 -99.39
N LEU Q 25 56.26 21.05 -98.64
CA LEU Q 25 55.13 21.90 -98.26
C LEU Q 25 55.59 23.06 -97.40
N GLN Q 26 56.58 22.82 -96.54
CA GLN Q 26 57.11 23.89 -95.69
C GLN Q 26 57.83 24.94 -96.53
N ARG Q 27 58.62 24.50 -97.52
CA ARG Q 27 59.28 25.43 -98.41
C ARG Q 27 58.26 26.26 -99.19
N GLY Q 28 57.18 25.63 -99.66
CA GLY Q 28 56.15 26.36 -100.38
C GLY Q 28 55.45 27.41 -99.54
N LEU Q 29 55.26 27.13 -98.24
CA LEU Q 29 54.65 28.12 -97.35
C LEU Q 29 55.54 29.35 -97.22
N GLN Q 30 56.85 29.14 -97.17
CA GLN Q 30 57.79 30.27 -97.09
C GLN Q 30 57.70 31.12 -98.35
N VAL Q 31 57.59 30.47 -99.51
CA VAL Q 31 57.46 31.21 -100.77
C VAL Q 31 56.18 32.02 -100.77
N TYR Q 32 55.06 31.41 -100.38
CA TYR Q 32 53.79 32.14 -100.34
C TYR Q 32 53.87 33.35 -99.42
N THR Q 33 54.45 33.18 -98.23
CA THR Q 33 54.47 34.27 -97.27
C THR Q 33 55.37 35.41 -97.74
N GLU Q 34 56.52 35.08 -98.32
CA GLU Q 34 57.51 36.09 -98.68
C GLU Q 34 57.28 36.71 -100.05
N VAL Q 35 56.53 36.03 -100.94
CA VAL Q 35 56.34 36.49 -102.31
C VAL Q 35 54.86 36.65 -102.62
N CYS Q 36 54.13 35.52 -102.63
CA CYS Q 36 52.74 35.56 -103.12
C CYS Q 36 51.85 36.36 -102.19
N ALA Q 37 52.08 36.27 -100.88
CA ALA Q 37 51.17 36.88 -99.92
C ALA Q 37 51.08 38.39 -100.07
N ALA Q 38 52.09 39.03 -100.69
CA ALA Q 38 52.05 40.46 -100.91
C ALA Q 38 50.85 40.89 -101.74
N CYS Q 39 50.37 40.01 -102.62
CA CYS Q 39 49.26 40.29 -103.52
C CYS Q 39 48.12 39.29 -103.36
N HIS Q 40 48.44 38.01 -103.21
CA HIS Q 40 47.45 36.95 -103.16
C HIS Q 40 47.06 36.60 -101.73
N GLY Q 41 45.77 36.34 -101.53
CA GLY Q 41 45.26 35.87 -100.26
C GLY Q 41 44.83 34.42 -100.38
N MET Q 42 44.44 33.83 -99.23
CA MET Q 42 43.87 32.49 -99.19
C MET Q 42 42.70 32.45 -98.20
N LYS Q 43 41.62 33.16 -98.52
CA LYS Q 43 40.59 33.45 -97.54
C LYS Q 43 39.83 32.21 -97.06
N PHE Q 44 39.99 31.06 -97.72
CA PHE Q 44 39.32 29.82 -97.34
C PHE Q 44 40.19 28.87 -96.54
N VAL Q 45 41.48 29.16 -96.38
CA VAL Q 45 42.39 28.28 -95.65
C VAL Q 45 42.47 28.75 -94.20
N PRO Q 46 42.03 27.95 -93.22
CA PRO Q 46 42.27 28.34 -91.82
C PRO Q 46 43.75 28.20 -91.48
N ILE Q 47 44.29 29.20 -90.78
CA ILE Q 47 45.72 29.17 -90.44
C ILE Q 47 46.03 27.97 -89.57
N ARG Q 48 45.09 27.57 -88.71
CA ARG Q 48 45.26 26.43 -87.81
C ARG Q 48 45.50 25.11 -88.55
N SER Q 49 45.12 25.02 -89.82
CA SER Q 49 45.26 23.76 -90.56
C SER Q 49 46.72 23.39 -90.86
N LEU Q 50 47.67 24.30 -90.61
CA LEU Q 50 49.08 23.95 -90.73
C LEU Q 50 49.52 22.93 -89.69
N SER Q 51 48.74 22.73 -88.62
CA SER Q 51 49.03 21.73 -87.60
C SER Q 51 48.39 20.38 -87.87
N GLU Q 52 47.28 20.35 -88.62
CA GLU Q 52 46.49 19.15 -88.82
C GLU Q 52 47.34 18.04 -89.46
N PRO Q 53 47.08 16.76 -89.14
CA PRO Q 53 47.85 15.68 -89.77
C PRO Q 53 47.58 15.59 -91.26
N GLY Q 54 48.62 15.21 -91.99
CA GLY Q 54 48.53 15.10 -93.43
C GLY Q 54 48.95 16.34 -94.19
N GLY Q 55 49.68 17.25 -93.55
CA GLY Q 55 50.13 18.48 -94.17
C GLY Q 55 51.54 18.83 -93.72
N PRO Q 56 51.89 20.12 -93.68
CA PRO Q 56 53.23 20.47 -93.18
C PRO Q 56 53.49 20.03 -91.75
N GLU Q 57 52.45 19.95 -90.92
CA GLU Q 57 52.54 19.51 -89.52
C GLU Q 57 53.64 20.26 -88.77
N LEU Q 58 53.48 21.59 -88.71
CA LEU Q 58 54.37 22.45 -87.95
C LEU Q 58 53.95 22.45 -86.47
N PRO Q 59 54.90 22.58 -85.53
CA PRO Q 59 54.50 22.71 -84.12
C PRO Q 59 53.54 23.87 -83.90
N GLU Q 60 52.64 23.69 -82.94
CA GLU Q 60 51.56 24.65 -82.72
C GLU Q 60 52.06 26.01 -82.26
N ASP Q 61 53.25 26.08 -81.66
CA ASP Q 61 53.81 27.37 -81.28
C ASP Q 61 54.29 28.16 -82.50
N GLN Q 62 54.90 27.48 -83.48
CA GLN Q 62 55.30 28.16 -84.70
C GLN Q 62 54.08 28.70 -85.46
N VAL Q 63 53.01 27.91 -85.53
CA VAL Q 63 51.82 28.37 -86.26
C VAL Q 63 51.21 29.57 -85.57
N ARG Q 64 51.23 29.58 -84.24
CA ARG Q 64 50.71 30.72 -83.49
C ARG Q 64 51.54 31.97 -83.74
N ALA Q 65 52.87 31.81 -83.82
CA ALA Q 65 53.74 32.94 -84.12
C ALA Q 65 53.53 33.44 -85.54
N TYR Q 66 53.32 32.52 -86.49
CA TYR Q 66 53.12 32.91 -87.88
C TYR Q 66 51.85 33.74 -88.03
N ALA Q 67 50.77 33.33 -87.36
CA ALA Q 67 49.50 34.05 -87.44
C ALA Q 67 49.61 35.48 -86.94
N THR Q 68 50.60 35.78 -86.09
CA THR Q 68 50.72 37.11 -85.50
C THR Q 68 50.92 38.20 -86.54
N GLN Q 69 51.64 37.89 -87.62
CA GLN Q 69 52.02 38.92 -88.58
C GLN Q 69 50.82 39.58 -89.27
N PHE Q 70 49.67 38.89 -89.32
CA PHE Q 70 48.48 39.42 -89.96
C PHE Q 70 47.70 40.31 -88.99
N THR Q 71 47.18 41.42 -89.50
CA THR Q 71 46.28 42.29 -88.73
C THR Q 71 44.84 41.98 -89.12
N VAL Q 72 44.09 41.38 -88.20
CA VAL Q 72 42.70 40.97 -88.43
C VAL Q 72 41.77 41.87 -87.64
N THR Q 73 40.64 42.23 -88.24
CA THR Q 73 39.58 42.97 -87.56
C THR Q 73 38.65 41.98 -86.86
N ASP Q 74 38.63 42.00 -85.53
CA ASP Q 74 37.76 41.11 -84.78
C ASP Q 74 36.30 41.43 -85.09
N GLU Q 75 35.48 40.38 -85.23
CA GLU Q 75 34.10 40.57 -85.66
C GLU Q 75 33.26 41.29 -84.60
N GLU Q 76 33.27 40.77 -83.36
CA GLU Q 76 32.52 41.45 -82.29
C GLU Q 76 33.14 42.80 -81.93
N THR Q 77 34.44 42.81 -81.62
CA THR Q 77 35.09 44.04 -81.15
C THR Q 77 35.09 45.10 -82.23
N GLY Q 78 35.40 44.70 -83.47
CA GLY Q 78 35.53 45.64 -84.57
C GLY Q 78 36.86 46.35 -84.63
N GLU Q 79 37.72 46.19 -83.62
CA GLU Q 79 39.03 46.81 -83.57
C GLU Q 79 40.07 45.82 -84.08
N ASP Q 80 41.19 46.35 -84.57
CA ASP Q 80 42.23 45.50 -85.13
C ASP Q 80 42.95 44.74 -84.02
N ARG Q 81 43.49 43.57 -84.36
CA ARG Q 81 44.24 42.77 -83.40
C ARG Q 81 45.18 41.86 -84.17
N GLU Q 82 46.08 41.21 -83.44
CA GLU Q 82 46.96 40.22 -84.02
C GLU Q 82 46.17 38.97 -84.41
N GLY Q 83 46.69 38.24 -85.40
CA GLY Q 83 46.01 37.05 -85.88
C GLY Q 83 46.16 35.88 -84.94
N LYS Q 84 45.15 35.02 -84.94
CA LYS Q 84 45.16 33.75 -84.23
C LYS Q 84 45.17 32.59 -85.21
N PRO Q 85 45.47 31.36 -84.75
CA PRO Q 85 45.37 30.21 -85.66
C PRO Q 85 43.96 29.94 -86.17
N THR Q 86 42.92 30.37 -85.46
CA THR Q 86 41.55 30.15 -85.90
C THR Q 86 41.13 31.07 -87.02
N ASP Q 87 41.91 32.09 -87.33
CA ASP Q 87 41.62 32.98 -88.45
C ASP Q 87 42.07 32.37 -89.77
N HIS Q 88 41.43 32.79 -90.85
CA HIS Q 88 41.87 32.45 -92.19
C HIS Q 88 42.99 33.40 -92.62
N PHE Q 89 43.75 32.98 -93.63
CA PHE Q 89 44.66 33.88 -94.29
C PHE Q 89 43.89 35.10 -94.82
N PRO Q 90 44.53 36.27 -94.93
CA PRO Q 90 43.80 37.45 -95.39
C PRO Q 90 43.38 37.34 -96.84
N HIS Q 91 42.44 38.19 -97.21
CA HIS Q 91 42.06 38.35 -98.61
C HIS Q 91 43.24 38.90 -99.39
N SER Q 92 43.14 38.82 -100.72
CA SER Q 92 44.17 39.38 -101.57
C SER Q 92 44.33 40.87 -101.32
N ALA Q 93 45.57 41.28 -101.04
CA ALA Q 93 45.86 42.70 -100.88
C ALA Q 93 45.65 43.46 -102.18
N LEU Q 94 45.99 42.82 -103.30
CA LEU Q 94 45.82 43.41 -104.63
C LEU Q 94 44.48 42.96 -105.20
N GLU Q 95 43.63 43.93 -105.54
CA GLU Q 95 42.21 43.66 -105.81
C GLU Q 95 42.02 42.67 -106.97
N ASN Q 96 42.86 42.76 -108.00
CA ASN Q 96 42.75 41.89 -109.17
C ASN Q 96 43.68 40.67 -109.10
N ALA Q 97 44.34 40.44 -107.95
CA ALA Q 97 45.12 39.22 -107.76
C ALA Q 97 44.18 38.13 -107.26
N PRO Q 98 43.92 37.07 -108.02
CA PRO Q 98 42.92 36.08 -107.59
C PRO Q 98 43.34 35.34 -106.32
N ASP Q 99 42.32 34.92 -105.57
CA ASP Q 99 42.56 34.10 -104.39
C ASP Q 99 43.13 32.75 -104.80
N LEU Q 100 44.14 32.29 -104.05
CA LEU Q 100 44.87 31.07 -104.39
C LEU Q 100 44.44 29.86 -103.58
N SER Q 101 43.39 29.99 -102.75
CA SER Q 101 42.92 28.89 -101.93
C SER Q 101 42.64 27.65 -102.75
N LEU Q 102 41.98 27.82 -103.90
CA LEU Q 102 41.52 26.72 -104.74
C LEU Q 102 42.13 26.77 -106.14
N MET Q 103 43.22 27.53 -106.31
CA MET Q 103 43.79 27.71 -107.65
C MET Q 103 44.23 26.38 -108.24
N ALA Q 104 44.81 25.50 -107.41
CA ALA Q 104 45.32 24.23 -107.91
C ALA Q 104 44.20 23.29 -108.35
N LYS Q 105 42.95 23.60 -108.04
CA LYS Q 105 41.79 22.85 -108.52
C LYS Q 105 40.94 23.64 -109.51
N ALA Q 106 41.08 24.96 -109.54
CA ALA Q 106 40.30 25.82 -110.41
C ALA Q 106 40.96 26.03 -111.76
N ARG Q 107 42.05 25.32 -112.04
CA ARG Q 107 42.77 25.38 -113.31
C ARG Q 107 43.05 23.96 -113.78
N ALA Q 108 42.87 23.72 -115.08
CA ALA Q 108 43.25 22.48 -115.72
C ALA Q 108 44.43 22.71 -116.65
N GLY Q 109 45.48 21.90 -116.48
CA GLY Q 109 46.68 22.00 -117.29
C GLY Q 109 46.71 21.04 -118.46
N PHE Q 110 45.96 19.95 -118.37
CA PHE Q 110 45.93 18.92 -119.41
C PHE Q 110 44.58 18.96 -120.10
N HIS Q 111 44.59 18.98 -121.42
CA HIS Q 111 43.39 19.04 -122.24
C HIS Q 111 43.50 18.04 -123.38
N GLY Q 112 42.39 17.87 -124.09
CA GLY Q 112 42.36 17.04 -125.26
C GLY Q 112 42.57 15.57 -124.97
N PRO Q 113 42.92 14.77 -125.99
CA PRO Q 113 43.14 15.12 -127.41
C PRO Q 113 41.84 15.34 -128.19
N MET Q 114 41.79 16.39 -128.99
CA MET Q 114 40.61 16.76 -129.78
C MET Q 114 39.36 16.86 -128.88
N GLY Q 115 39.58 17.33 -127.66
CA GLY Q 115 38.53 17.48 -126.66
C GLY Q 115 37.88 16.17 -126.27
N THR Q 116 38.66 15.09 -126.18
CA THR Q 116 38.16 13.80 -125.72
C THR Q 116 38.36 13.60 -124.22
N GLY Q 117 39.27 14.36 -123.60
CA GLY Q 117 39.51 14.28 -122.18
C GLY Q 117 40.36 13.11 -121.73
N ILE Q 118 40.95 12.37 -122.67
CA ILE Q 118 41.78 11.22 -122.31
C ILE Q 118 43.05 11.69 -121.61
N SER Q 119 43.53 12.89 -121.94
CA SER Q 119 44.75 13.41 -121.32
C SER Q 119 44.57 13.61 -119.82
N GLN Q 120 43.44 14.21 -119.42
CA GLN Q 120 43.19 14.38 -118.00
C GLN Q 120 43.00 13.05 -117.28
N LEU Q 121 42.45 12.05 -117.99
CA LEU Q 121 42.18 10.76 -117.37
C LEU Q 121 43.45 10.07 -116.89
N PHE Q 122 44.58 10.34 -117.54
CA PHE Q 122 45.86 9.70 -117.22
C PHE Q 122 46.85 10.63 -116.53
N ASN Q 123 46.78 11.93 -116.80
CA ASN Q 123 47.73 12.91 -116.27
C ASN Q 123 47.12 13.80 -115.19
N GLY Q 124 45.84 13.64 -114.87
CA GLY Q 124 45.19 14.49 -113.91
C GLY Q 124 44.72 15.81 -114.50
N ILE Q 125 44.12 16.62 -113.65
CA ILE Q 125 43.58 17.91 -114.10
C ILE Q 125 44.72 18.87 -114.45
N GLY Q 126 45.78 18.87 -113.64
CA GLY Q 126 46.97 19.60 -113.98
C GLY Q 126 47.02 21.01 -113.46
N GLY Q 127 46.37 21.28 -112.34
CA GLY Q 127 46.37 22.59 -111.75
C GLY Q 127 47.74 23.03 -111.26
N PRO Q 128 48.42 22.21 -110.44
CA PRO Q 128 49.75 22.63 -109.98
C PRO Q 128 50.76 22.67 -111.11
N GLU Q 129 50.58 21.85 -112.14
CA GLU Q 129 51.41 21.95 -113.33
C GLU Q 129 51.21 23.30 -114.00
N TYR Q 130 49.96 23.75 -114.08
CA TYR Q 130 49.66 25.05 -114.68
C TYR Q 130 50.33 26.17 -113.90
N ILE Q 131 50.14 26.18 -112.57
CA ILE Q 131 50.77 27.20 -111.71
C ILE Q 131 52.28 27.21 -111.94
N TYR Q 132 52.89 26.03 -111.94
CA TYR Q 132 54.32 25.92 -112.18
C TYR Q 132 54.70 26.54 -113.52
N SER Q 133 53.90 26.25 -114.54
CA SER Q 133 54.19 26.75 -115.89
C SER Q 133 54.11 28.26 -115.96
N VAL Q 134 53.17 28.86 -115.23
CA VAL Q 134 53.06 30.32 -115.23
C VAL Q 134 54.28 30.94 -114.56
N LEU Q 135 54.70 30.40 -113.42
CA LEU Q 135 55.88 30.93 -112.75
C LEU Q 135 57.13 30.73 -113.59
N THR Q 136 57.14 29.72 -114.45
CA THR Q 136 58.30 29.41 -115.27
C THR Q 136 58.24 30.11 -116.61
N GLY Q 137 57.04 30.39 -117.11
CA GLY Q 137 56.84 30.80 -118.49
C GLY Q 137 56.93 32.29 -118.72
N PHE Q 138 57.79 32.99 -117.97
CA PHE Q 138 58.05 34.41 -118.19
C PHE Q 138 59.35 34.55 -118.97
N PRO Q 139 59.32 34.82 -120.28
CA PRO Q 139 60.57 34.99 -121.03
C PRO Q 139 61.11 36.41 -120.97
N GLU Q 140 62.44 36.50 -121.07
CA GLU Q 140 63.10 37.80 -121.03
C GLU Q 140 62.76 38.65 -122.25
N GLU Q 141 62.61 38.00 -123.44
CA GLU Q 141 62.21 38.67 -124.68
C GLU Q 141 60.78 38.28 -125.05
N PRO Q 142 59.91 39.21 -125.47
CA PRO Q 142 58.57 38.80 -125.92
C PRO Q 142 58.61 38.16 -127.30
N PRO Q 143 57.49 37.57 -127.75
CA PRO Q 143 57.43 37.06 -129.12
C PRO Q 143 57.62 38.16 -130.16
N LYS Q 144 58.23 37.78 -131.29
CA LYS Q 144 58.64 38.76 -132.29
C LYS Q 144 57.46 39.60 -132.78
N CYS Q 145 56.25 39.04 -132.75
CA CYS Q 145 55.06 39.71 -133.27
C CYS Q 145 54.62 40.89 -132.40
N ALA Q 146 55.17 41.05 -131.20
CA ALA Q 146 54.77 42.12 -130.29
C ALA Q 146 55.99 42.88 -129.80
N GLU Q 147 57.04 42.94 -130.63
CA GLU Q 147 58.28 43.60 -130.22
C GLU Q 147 58.04 45.07 -129.90
N GLY Q 148 57.12 45.73 -130.60
CA GLY Q 148 56.79 47.13 -130.36
C GLY Q 148 55.30 47.33 -130.11
N HIS Q 149 54.68 46.36 -129.45
CA HIS Q 149 53.23 46.38 -129.24
C HIS Q 149 52.84 45.82 -127.87
N GLU Q 150 53.77 45.75 -126.93
CA GLU Q 150 53.43 45.21 -125.62
C GLU Q 150 52.50 46.17 -124.89
N PRO Q 151 51.35 45.72 -124.38
CA PRO Q 151 50.52 46.63 -123.56
C PRO Q 151 51.25 47.05 -122.30
N ASP Q 152 51.09 48.32 -121.94
CA ASP Q 152 51.77 48.82 -120.74
C ASP Q 152 51.05 48.29 -119.50
N GLY Q 153 51.82 47.81 -118.54
CA GLY Q 153 51.29 47.25 -117.33
C GLY Q 153 50.98 45.77 -117.42
N PHE Q 154 51.35 45.11 -118.52
CA PHE Q 154 51.12 43.70 -118.75
C PHE Q 154 52.44 43.05 -119.15
N TYR Q 155 52.48 41.73 -119.04
CA TYR Q 155 53.72 40.97 -119.24
C TYR Q 155 53.38 39.68 -119.96
N TYR Q 156 54.22 39.32 -120.93
CA TYR Q 156 53.99 38.11 -121.70
C TYR Q 156 54.30 36.88 -120.85
N ASN Q 157 53.39 35.90 -120.89
CA ASN Q 157 53.58 34.64 -120.20
C ASN Q 157 53.28 33.49 -121.16
N ARG Q 158 54.17 32.50 -121.18
CA ARG Q 158 54.05 31.41 -122.13
C ARG Q 158 52.80 30.57 -121.88
N ALA Q 159 52.46 30.35 -120.61
CA ALA Q 159 51.39 29.41 -120.25
C ALA Q 159 50.03 30.07 -120.10
N PHE Q 160 49.99 31.38 -119.81
CA PHE Q 160 48.72 32.06 -119.63
C PHE Q 160 48.00 32.17 -120.97
N GLN Q 161 46.76 31.70 -121.03
CA GLN Q 161 45.99 31.61 -122.26
C GLN Q 161 44.77 32.53 -122.31
N ASN Q 162 44.39 33.14 -121.18
CA ASN Q 162 43.18 33.94 -121.11
C ASN Q 162 43.44 35.44 -121.21
N GLY Q 163 44.68 35.83 -121.55
CA GLY Q 163 45.04 37.23 -121.63
C GLY Q 163 44.82 37.82 -123.01
N SER Q 164 44.90 39.14 -123.07
CA SER Q 164 44.80 39.84 -124.34
C SER Q 164 46.07 39.62 -125.14
N VAL Q 165 45.99 39.90 -126.44
CA VAL Q 165 47.13 39.69 -127.33
C VAL Q 165 47.15 40.79 -128.40
N PRO Q 166 48.30 41.42 -128.70
CA PRO Q 166 48.34 42.46 -129.73
C PRO Q 166 47.81 42.00 -131.09
N ASP Q 167 47.31 42.99 -131.85
CA ASP Q 167 46.75 42.73 -133.17
C ASP Q 167 47.75 42.06 -134.12
N THR Q 168 49.04 42.35 -133.96
CA THR Q 168 50.08 41.76 -134.82
C THR Q 168 50.37 40.30 -134.48
N CYS Q 169 49.76 39.76 -133.43
CA CYS Q 169 49.99 38.39 -132.96
C CYS Q 169 48.80 37.46 -133.23
N LYS Q 170 47.86 37.87 -134.07
CA LYS Q 170 46.71 37.07 -134.47
C LYS Q 170 46.80 36.72 -135.95
N ASP Q 171 46.26 35.58 -136.32
CA ASP Q 171 46.28 35.14 -137.71
C ASP Q 171 45.13 35.80 -138.48
N ALA Q 172 44.92 35.38 -139.73
CA ALA Q 172 43.90 35.96 -140.59
C ALA Q 172 42.49 35.77 -140.06
N ASN Q 173 42.26 34.75 -139.22
CA ASN Q 173 40.96 34.52 -138.59
C ASN Q 173 40.88 35.05 -137.16
N GLY Q 174 41.90 35.77 -136.70
CA GLY Q 174 41.87 36.38 -135.40
C GLY Q 174 42.31 35.49 -134.27
N VAL Q 175 42.75 34.26 -134.56
CA VAL Q 175 43.25 33.35 -133.53
C VAL Q 175 44.70 33.70 -133.24
N LYS Q 176 45.08 33.66 -131.97
CA LYS Q 176 46.39 34.15 -131.58
C LYS Q 176 47.50 33.21 -132.07
N THR Q 177 48.63 33.81 -132.44
CA THR Q 177 49.78 33.07 -132.94
C THR Q 177 50.67 32.59 -131.81
N THR Q 178 50.75 33.36 -130.72
CA THR Q 178 51.68 33.08 -129.64
C THR Q 178 51.22 31.88 -128.83
N ALA Q 179 52.20 31.17 -128.26
CA ALA Q 179 51.89 30.02 -127.41
C ALA Q 179 51.05 30.43 -126.21
N GLY Q 180 51.32 31.62 -125.65
CA GLY Q 180 50.59 32.15 -124.51
C GLY Q 180 49.97 33.50 -124.79
N SER Q 181 49.93 34.35 -123.77
CA SER Q 181 49.34 35.68 -123.91
C SER Q 181 49.89 36.53 -122.78
N TRP Q 182 49.38 37.76 -122.66
CA TRP Q 182 49.94 38.73 -121.74
C TRP Q 182 49.18 38.73 -120.42
N ILE Q 183 49.92 38.56 -119.32
CA ILE Q 183 49.38 38.39 -117.98
C ILE Q 183 49.73 39.64 -117.19
N ALA Q 184 48.85 40.03 -116.27
CA ALA Q 184 49.08 41.23 -115.47
C ALA Q 184 50.03 40.99 -114.30
N MET Q 185 50.44 39.74 -114.06
CA MET Q 185 51.36 39.42 -112.98
C MET Q 185 52.80 39.61 -113.48
N PRO Q 186 53.60 40.51 -112.88
CA PRO Q 186 55.02 40.55 -113.25
C PRO Q 186 55.73 39.29 -112.81
N PRO Q 187 56.83 38.91 -113.47
CA PRO Q 187 57.57 37.69 -113.09
C PRO Q 187 57.91 37.68 -111.60
N PRO Q 188 57.29 36.79 -110.79
CA PRO Q 188 57.50 36.89 -109.34
C PRO Q 188 58.78 36.25 -108.84
N LEU Q 189 59.31 35.27 -109.57
CA LEU Q 189 60.46 34.51 -109.10
C LEU Q 189 61.76 34.96 -109.77
N MET Q 190 62.86 34.52 -109.17
CA MET Q 190 64.22 34.79 -109.62
C MET Q 190 65.15 33.96 -108.73
N ASP Q 191 66.23 33.45 -109.33
CA ASP Q 191 67.14 32.53 -108.66
C ASP Q 191 67.55 33.01 -107.27
N ASP Q 192 67.34 32.15 -106.28
CA ASP Q 192 67.73 32.40 -104.88
C ASP Q 192 67.04 33.64 -104.30
N LEU Q 193 65.77 33.85 -104.68
CA LEU Q 193 64.99 34.91 -104.07
C LEU Q 193 64.58 34.57 -102.64
N VAL Q 194 64.50 33.29 -102.30
CA VAL Q 194 64.14 32.80 -100.97
C VAL Q 194 65.32 32.03 -100.40
N GLU Q 195 65.56 32.21 -99.09
CA GLU Q 195 66.65 31.54 -98.38
C GLU Q 195 66.05 30.45 -97.51
N TYR Q 196 66.04 29.22 -98.04
CA TYR Q 196 65.56 28.07 -97.30
C TYR Q 196 66.49 27.74 -96.14
N ALA Q 197 65.92 27.39 -94.99
CA ALA Q 197 66.72 27.17 -93.79
C ALA Q 197 67.62 25.95 -93.92
N ASP Q 198 67.12 24.86 -94.49
CA ASP Q 198 67.90 23.63 -94.61
C ASP Q 198 68.90 23.66 -95.76
N GLY Q 199 69.02 24.79 -96.46
CA GLY Q 199 69.95 24.94 -97.56
C GLY Q 199 69.47 24.38 -98.87
N HIS Q 200 68.20 23.99 -98.97
CA HIS Q 200 67.63 23.53 -100.22
C HIS Q 200 67.77 24.59 -101.29
N ASP Q 201 67.98 24.16 -102.54
CA ASP Q 201 68.23 25.12 -103.60
C ASP Q 201 66.95 25.89 -103.88
N ALA Q 202 67.10 27.19 -104.17
CA ALA Q 202 65.97 28.08 -104.38
C ALA Q 202 65.99 28.69 -105.78
N SER Q 203 66.33 27.87 -106.76
CA SER Q 203 66.22 28.27 -108.16
C SER Q 203 64.76 28.49 -108.50
N VAL Q 204 64.52 29.21 -109.60
CA VAL Q 204 63.15 29.44 -110.04
C VAL Q 204 62.44 28.11 -110.27
N HIS Q 205 63.17 27.11 -110.77
CA HIS Q 205 62.60 25.79 -110.98
C HIS Q 205 62.11 25.20 -109.66
N ALA Q 206 62.99 25.19 -108.65
CA ALA Q 206 62.67 24.56 -107.37
C ALA Q 206 61.54 25.30 -106.67
N MET Q 207 61.64 26.63 -106.59
CA MET Q 207 60.60 27.41 -105.92
C MET Q 207 59.27 27.26 -106.62
N ALA Q 208 59.27 27.18 -107.95
CA ALA Q 208 58.01 27.05 -108.68
C ALA Q 208 57.36 25.71 -108.37
N GLU Q 209 58.18 24.66 -108.25
CA GLU Q 209 57.66 23.34 -107.91
C GLU Q 209 57.22 23.28 -106.46
N ASP Q 210 57.99 23.91 -105.56
CA ASP Q 210 57.66 23.90 -104.14
C ASP Q 210 56.34 24.60 -103.88
N VAL Q 211 56.16 25.79 -104.45
CA VAL Q 211 54.94 26.55 -104.19
C VAL Q 211 53.74 25.94 -104.89
N SER Q 212 53.95 25.24 -106.01
CA SER Q 212 52.85 24.56 -106.66
C SER Q 212 52.34 23.40 -105.81
N ALA Q 213 53.25 22.71 -105.12
CA ALA Q 213 52.84 21.62 -104.22
C ALA Q 213 52.09 22.17 -103.01
N PHE Q 214 52.55 23.29 -102.45
CA PHE Q 214 51.87 23.90 -101.31
C PHE Q 214 50.46 24.34 -101.69
N LEU Q 215 50.29 24.92 -102.87
CA LEU Q 215 48.97 25.39 -103.28
C LEU Q 215 48.03 24.23 -103.62
N MET Q 216 48.58 23.06 -103.94
CA MET Q 216 47.76 21.86 -104.12
C MET Q 216 47.23 21.36 -102.78
N TRP Q 217 48.07 21.38 -101.74
CA TRP Q 217 47.63 20.97 -100.42
C TRP Q 217 46.60 21.96 -99.86
N ALA Q 218 46.84 23.25 -100.07
CA ALA Q 218 45.92 24.28 -99.56
C ALA Q 218 44.53 24.14 -100.17
N ALA Q 219 44.45 23.64 -101.41
CA ALA Q 219 43.18 23.44 -102.09
C ALA Q 219 42.53 22.13 -101.66
N GLU Q 220 43.33 21.08 -101.48
CA GLU Q 220 42.87 19.76 -101.08
C GLU Q 220 43.65 19.31 -99.85
N PRO Q 221 43.41 19.94 -98.69
CA PRO Q 221 44.15 19.56 -97.48
C PRO Q 221 43.91 18.13 -97.05
N LYS Q 222 42.76 17.56 -97.40
CA LYS Q 222 42.39 16.21 -97.01
C LYS Q 222 42.71 15.20 -98.09
N LEU Q 223 43.65 15.53 -98.99
CA LEU Q 223 44.01 14.68 -100.11
C LEU Q 223 44.44 13.30 -99.64
N MET Q 224 45.34 13.25 -98.66
CA MET Q 224 45.85 11.97 -98.17
C MET Q 224 44.74 11.16 -97.51
N ALA Q 225 43.87 11.82 -96.74
CA ALA Q 225 42.76 11.11 -96.14
C ALA Q 225 41.83 10.55 -97.21
N ARG Q 226 41.63 11.30 -98.29
CA ARG Q 226 40.73 10.87 -99.36
C ARG Q 226 41.25 9.60 -100.04
N LYS Q 227 42.57 9.51 -100.27
CA LYS Q 227 43.13 8.33 -100.91
C LYS Q 227 43.08 7.13 -99.97
N GLN Q 228 43.44 7.32 -98.70
CA GLN Q 228 43.32 6.28 -97.69
C GLN Q 228 41.92 5.68 -97.71
N ALA Q 229 40.90 6.55 -97.76
CA ALA Q 229 39.53 6.09 -97.85
C ALA Q 229 39.29 5.30 -99.13
N GLY Q 230 39.91 5.74 -100.23
CA GLY Q 230 39.74 5.03 -101.49
C GLY Q 230 40.27 3.62 -101.43
N PHE Q 231 41.51 3.46 -100.93
CA PHE Q 231 42.09 2.13 -100.75
C PHE Q 231 41.18 1.25 -99.90
N THR Q 232 40.75 1.78 -98.75
CA THR Q 232 39.91 1.04 -97.83
C THR Q 232 38.62 0.60 -98.52
N ALA Q 233 37.94 1.55 -99.18
CA ALA Q 233 36.69 1.24 -99.87
C ALA Q 233 36.92 0.22 -100.97
N VAL Q 234 38.05 0.34 -101.68
CA VAL Q 234 38.35 -0.56 -102.78
C VAL Q 234 38.65 -1.96 -102.26
N MET Q 235 39.35 -2.07 -101.14
CA MET Q 235 39.61 -3.40 -100.60
C MET Q 235 38.34 -4.06 -100.10
N PHE Q 236 37.48 -3.31 -99.38
CA PHE Q 236 36.16 -3.84 -99.01
C PHE Q 236 35.42 -4.36 -100.23
N LEU Q 237 35.26 -3.50 -101.23
CA LEU Q 237 34.43 -3.86 -102.38
C LEU Q 237 35.09 -4.92 -103.24
N THR Q 238 36.42 -5.00 -103.23
CA THR Q 238 37.10 -6.09 -103.94
C THR Q 238 36.77 -7.43 -103.29
N VAL Q 239 36.96 -7.51 -101.98
CA VAL Q 239 36.62 -8.74 -101.24
C VAL Q 239 35.15 -9.05 -101.42
N LEU Q 240 34.29 -8.03 -101.26
CA LEU Q 240 32.85 -8.25 -101.33
C LEU Q 240 32.45 -8.73 -102.72
N SER Q 241 33.10 -8.19 -103.76
CA SER Q 241 32.76 -8.60 -105.12
C SER Q 241 33.15 -10.06 -105.36
N VAL Q 242 34.33 -10.46 -104.88
CA VAL Q 242 34.78 -11.84 -105.04
C VAL Q 242 33.81 -12.77 -104.32
N LEU Q 243 33.49 -12.45 -103.07
CA LEU Q 243 32.56 -13.27 -102.29
C LEU Q 243 31.20 -13.30 -102.96
N LEU Q 244 30.76 -12.18 -103.52
CA LEU Q 244 29.46 -12.14 -104.18
C LEU Q 244 29.50 -12.93 -105.48
N TYR Q 245 30.67 -13.03 -106.12
CA TYR Q 245 30.76 -13.81 -107.35
C TYR Q 245 30.63 -15.28 -107.05
N LEU Q 246 31.37 -15.77 -106.06
CA LEU Q 246 31.29 -17.17 -105.66
C LEU Q 246 29.89 -17.51 -105.18
N THR Q 247 29.29 -16.60 -104.39
CA THR Q 247 27.91 -16.81 -103.94
C THR Q 247 26.98 -16.91 -105.14
N ASN Q 248 27.12 -15.98 -106.08
CA ASN Q 248 26.27 -15.99 -107.27
C ASN Q 248 26.51 -17.25 -108.08
N LYS Q 249 27.76 -17.69 -108.16
CA LYS Q 249 28.08 -18.88 -108.96
C LYS Q 249 27.52 -20.13 -108.31
N ARG Q 250 27.76 -20.32 -107.00
CA ARG Q 250 27.30 -21.51 -106.31
C ARG Q 250 25.77 -21.56 -106.22
N LEU Q 251 25.09 -20.42 -106.41
CA LEU Q 251 23.64 -20.37 -106.37
C LEU Q 251 23.05 -20.82 -107.69
N TRP Q 252 23.51 -20.21 -108.79
CA TRP Q 252 23.00 -20.52 -110.12
C TRP Q 252 23.40 -21.90 -110.62
N ALA Q 253 24.28 -22.62 -109.89
CA ALA Q 253 24.64 -23.97 -110.30
C ALA Q 253 23.43 -24.88 -110.34
N GLY Q 254 22.50 -24.69 -109.41
CA GLY Q 254 21.27 -25.47 -109.36
C GLY Q 254 20.15 -24.88 -110.21
N VAL Q 255 20.49 -24.30 -111.35
CA VAL Q 255 19.53 -23.68 -112.26
C VAL Q 255 19.95 -23.93 -113.71
N LYS Q 256 21.25 -23.78 -113.99
CA LYS Q 256 21.80 -23.97 -115.33
C LYS Q 256 22.91 -25.02 -115.30
N GLY R 9 25.32 -29.60 -99.34
CA GLY R 9 25.27 -29.62 -97.90
C GLY R 9 25.64 -28.28 -97.27
N THR R 10 26.57 -28.32 -96.32
CA THR R 10 27.00 -27.13 -95.60
C THR R 10 28.17 -26.41 -96.29
N ARG R 11 28.38 -26.66 -97.58
CA ARG R 11 29.48 -26.01 -98.30
C ARG R 11 29.07 -24.63 -98.77
N ARG R 12 27.87 -24.51 -99.31
CA ARG R 12 27.30 -23.22 -99.70
C ARG R 12 26.73 -22.45 -98.52
N ASP R 13 26.48 -23.12 -97.38
CA ASP R 13 26.03 -22.40 -96.19
C ASP R 13 27.16 -21.59 -95.54
N PHE R 14 28.40 -22.06 -95.58
CA PHE R 14 29.48 -21.26 -95.00
C PHE R 14 29.80 -20.03 -95.83
N LEU R 15 29.69 -20.14 -97.16
CA LEU R 15 29.95 -19.00 -98.04
C LEU R 15 28.94 -17.88 -97.81
N TYR R 16 27.66 -18.24 -97.68
CA TYR R 16 26.56 -17.29 -97.49
C TYR R 16 26.65 -16.52 -96.18
N TYR R 17 27.38 -17.02 -95.18
CA TYR R 17 27.61 -16.23 -93.98
C TYR R 17 28.69 -15.18 -94.26
N ALA R 18 29.81 -15.59 -94.86
CA ALA R 18 30.90 -14.66 -95.13
C ALA R 18 30.42 -13.54 -96.05
N THR R 19 29.59 -13.87 -97.04
CA THR R 19 29.05 -12.86 -97.95
C THR R 19 28.17 -11.88 -97.19
N ALA R 20 27.24 -12.40 -96.39
CA ALA R 20 26.35 -11.53 -95.61
C ALA R 20 27.12 -10.74 -94.57
N GLY R 21 28.14 -11.37 -93.96
CA GLY R 21 28.95 -10.67 -92.99
C GLY R 21 29.72 -9.52 -93.61
N ALA R 22 30.25 -9.73 -94.82
CA ALA R 22 30.94 -8.66 -95.51
C ALA R 22 29.97 -7.53 -95.86
N GLY R 23 28.76 -7.88 -96.29
CA GLY R 23 27.77 -6.85 -96.59
C GLY R 23 27.40 -6.04 -95.36
N ALA R 24 27.29 -6.72 -94.21
CA ALA R 24 26.98 -6.03 -92.97
C ALA R 24 28.10 -5.06 -92.60
N VAL R 25 29.35 -5.51 -92.71
CA VAL R 25 30.50 -4.65 -92.41
C VAL R 25 30.50 -3.46 -93.35
N ALA R 26 30.32 -3.71 -94.65
CA ALA R 26 30.31 -2.63 -95.62
C ALA R 26 29.22 -1.62 -95.30
N THR R 27 28.05 -2.10 -94.88
CA THR R 27 26.97 -1.20 -94.50
C THR R 27 27.37 -0.38 -93.29
N GLY R 28 27.91 -1.05 -92.27
CA GLY R 28 28.33 -0.35 -91.07
C GLY R 28 29.37 0.71 -91.35
N ALA R 29 30.30 0.41 -92.26
CA ALA R 29 31.33 1.36 -92.63
C ALA R 29 30.75 2.57 -93.33
N ALA R 30 29.58 2.43 -93.95
CA ALA R 30 28.91 3.52 -94.65
C ALA R 30 28.04 4.35 -93.71
N VAL R 31 27.49 3.72 -92.67
CA VAL R 31 26.57 4.40 -91.77
C VAL R 31 27.33 5.23 -90.75
N TRP R 32 28.47 4.71 -90.27
CA TRP R 32 29.26 5.43 -89.27
C TRP R 32 29.67 6.83 -89.70
N PRO R 33 30.22 7.06 -90.90
CA PRO R 33 30.58 8.44 -91.26
C PRO R 33 29.37 9.36 -91.38
N LEU R 34 28.18 8.80 -91.61
CA LEU R 34 26.98 9.61 -91.65
C LEU R 34 26.60 10.08 -90.25
N ILE R 35 27.00 9.32 -89.23
CA ILE R 35 26.77 9.71 -87.84
C ILE R 35 27.88 10.63 -87.36
N ASN R 36 29.14 10.28 -87.65
CA ASN R 36 30.28 10.98 -87.07
C ASN R 36 30.45 12.39 -87.64
N GLN R 37 29.85 12.69 -88.80
CA GLN R 37 29.94 14.04 -89.36
C GLN R 37 29.22 15.07 -88.50
N MET R 38 28.31 14.63 -87.63
CA MET R 38 27.58 15.54 -86.76
C MET R 38 28.34 15.84 -85.49
N ASN R 39 29.39 15.08 -85.18
CA ASN R 39 30.26 15.37 -84.06
C ASN R 39 31.07 16.63 -84.37
N PRO R 40 31.60 17.30 -83.35
CA PRO R 40 32.25 18.61 -83.56
C PRO R 40 33.31 18.61 -84.66
N SER R 41 33.16 19.57 -85.56
CA SER R 41 34.05 19.76 -86.69
C SER R 41 35.35 20.43 -86.24
N ALA R 42 36.31 20.51 -87.16
CA ALA R 42 37.65 20.94 -86.80
C ALA R 42 37.66 22.38 -86.30
N ASP R 43 36.76 23.23 -86.81
CA ASP R 43 36.71 24.61 -86.34
C ASP R 43 36.25 24.67 -84.89
N VAL R 44 35.34 23.77 -84.49
CA VAL R 44 34.85 23.75 -83.13
C VAL R 44 35.93 23.20 -82.18
N GLN R 45 36.57 22.10 -82.55
CA GLN R 45 37.58 21.51 -81.67
C GLN R 45 38.78 22.40 -81.45
N ALA R 46 38.99 23.42 -82.31
CA ALA R 46 40.14 24.32 -82.19
C ALA R 46 39.87 25.34 -81.09
N LEU R 47 39.71 24.85 -79.86
CA LEU R 47 39.36 25.72 -78.74
C LEU R 47 40.40 26.82 -78.54
N ALA R 48 39.91 27.99 -78.15
CA ALA R 48 40.68 29.22 -78.10
C ALA R 48 40.50 29.87 -76.73
N SER R 49 41.46 30.70 -76.33
CA SER R 49 41.44 31.33 -75.03
C SER R 49 41.12 32.81 -75.24
N ILE R 50 40.69 33.48 -74.17
CA ILE R 50 40.34 34.90 -74.24
C ILE R 50 40.81 35.61 -72.98
N PHE R 51 40.80 36.93 -73.04
CA PHE R 51 41.22 37.80 -71.96
C PHE R 51 40.09 38.78 -71.67
N VAL R 52 39.83 39.02 -70.39
CA VAL R 52 38.70 39.85 -69.96
C VAL R 52 39.22 41.01 -69.13
N ASP R 53 38.86 42.24 -69.52
CA ASP R 53 39.21 43.41 -68.74
C ASP R 53 38.24 43.55 -67.57
N VAL R 54 38.79 43.79 -66.38
CA VAL R 54 38.04 43.68 -65.13
C VAL R 54 38.12 44.96 -64.30
N SER R 55 38.93 45.93 -64.74
CA SER R 55 39.11 47.17 -63.99
C SER R 55 37.80 47.91 -63.72
N SER R 56 36.77 47.68 -64.53
CA SER R 56 35.52 48.43 -64.44
C SER R 56 34.47 47.78 -63.54
N VAL R 57 34.79 46.66 -62.91
CA VAL R 57 33.80 45.88 -62.16
C VAL R 57 33.86 46.28 -60.69
N GLU R 58 32.78 46.93 -60.22
CA GLU R 58 32.61 47.27 -58.81
C GLU R 58 31.97 46.10 -58.08
N PRO R 59 32.06 46.05 -56.74
CA PRO R 59 31.36 44.98 -56.01
C PRO R 59 29.85 45.06 -56.23
N GLY R 60 29.23 43.88 -56.37
CA GLY R 60 27.82 43.76 -56.63
C GLY R 60 27.45 43.71 -58.10
N VAL R 61 28.42 43.73 -59.00
CA VAL R 61 28.21 43.67 -60.45
C VAL R 61 28.63 42.30 -60.95
N GLN R 62 27.80 41.70 -61.81
CA GLN R 62 28.14 40.47 -62.51
C GLN R 62 28.41 40.82 -63.97
N LEU R 63 29.58 40.43 -64.46
CA LEU R 63 29.95 40.51 -65.86
C LEU R 63 29.69 39.16 -66.53
N THR R 64 28.98 39.17 -67.65
CA THR R 64 28.65 37.95 -68.39
C THR R 64 29.34 38.01 -69.74
N VAL R 65 30.16 36.99 -70.03
CA VAL R 65 31.08 36.97 -71.15
C VAL R 65 30.89 35.66 -71.89
N LYS R 66 31.04 35.71 -73.22
CA LYS R 66 30.87 34.54 -74.07
C LYS R 66 32.23 33.87 -74.23
N PHE R 67 32.25 32.54 -74.06
CA PHE R 67 33.48 31.78 -74.17
C PHE R 67 33.15 30.37 -74.66
N LEU R 68 33.66 30.04 -75.83
CA LEU R 68 33.35 28.77 -76.50
C LEU R 68 31.85 28.61 -76.71
N GLY R 69 31.19 29.72 -77.08
CA GLY R 69 29.78 29.66 -77.41
C GLY R 69 28.84 29.49 -76.25
N CYS R 70 29.27 29.82 -75.03
CA CYS R 70 28.43 29.67 -73.85
C CYS R 70 28.81 30.74 -72.84
N PRO R 71 27.92 31.05 -71.88
CA PRO R 71 28.24 32.13 -70.93
C PRO R 71 29.15 31.66 -69.80
N ILE R 72 30.08 32.54 -69.44
CA ILE R 72 30.89 32.40 -68.24
C ILE R 72 30.60 33.60 -67.34
N PHE R 73 30.29 33.34 -66.07
CA PHE R 73 29.99 34.40 -65.10
C PHE R 73 31.26 34.78 -64.36
N ILE R 74 31.55 36.07 -64.32
CA ILE R 74 32.61 36.63 -63.48
C ILE R 74 31.94 37.66 -62.58
N ARG R 75 31.65 37.27 -61.34
CA ARG R 75 31.01 38.12 -60.36
C ARG R 75 32.02 38.52 -59.29
N ARG R 76 32.14 39.82 -59.05
CA ARG R 76 32.88 40.33 -57.91
C ARG R 76 31.90 40.38 -56.75
N ARG R 77 32.03 39.43 -55.83
CA ARG R 77 31.02 39.23 -54.81
C ARG R 77 31.12 40.31 -53.74
N THR R 78 29.95 40.68 -53.21
CA THR R 78 29.87 41.63 -52.11
C THR R 78 30.20 40.94 -50.80
N GLU R 79 30.25 41.74 -49.72
CA GLU R 79 30.49 41.19 -48.40
C GLU R 79 29.40 40.21 -47.99
N ALA R 80 28.13 40.57 -48.24
CA ALA R 80 27.01 39.69 -47.91
C ALA R 80 27.11 38.35 -48.64
N ASP R 81 27.38 38.38 -49.94
CA ASP R 81 27.55 37.16 -50.72
C ASP R 81 28.60 36.23 -50.12
N ILE R 82 29.75 36.78 -49.73
CA ILE R 82 30.85 35.95 -49.24
C ILE R 82 30.49 35.33 -47.88
N GLU R 83 29.94 36.14 -46.97
CA GLU R 83 29.55 35.64 -45.66
C GLU R 83 28.51 34.52 -45.76
N LEU R 84 27.45 34.73 -46.55
CA LEU R 84 26.44 33.69 -46.75
C LEU R 84 27.06 32.41 -47.28
N GLY R 85 27.97 32.51 -48.24
CA GLY R 85 28.56 31.32 -48.84
C GLY R 85 29.36 30.50 -47.84
N ARG R 86 30.10 31.16 -46.96
CA ARG R 86 30.93 30.48 -45.98
C ARG R 86 30.14 29.92 -44.81
N SER R 87 28.91 30.41 -44.60
CA SER R 87 28.10 29.97 -43.47
C SER R 87 27.45 28.61 -43.71
N VAL R 88 27.39 28.16 -44.97
CA VAL R 88 26.78 26.87 -45.30
C VAL R 88 27.74 25.76 -44.89
N GLN R 89 27.21 24.78 -44.16
CA GLN R 89 27.98 23.59 -43.81
C GLN R 89 27.91 22.56 -44.93
N LEU R 90 29.00 21.77 -45.04
CA LEU R 90 29.14 20.79 -46.11
C LEU R 90 27.96 19.84 -46.17
N GLY R 91 27.49 19.37 -45.01
CA GLY R 91 26.38 18.43 -44.95
C GLY R 91 25.04 19.02 -45.37
N GLN R 92 24.98 20.34 -45.60
CA GLN R 92 23.79 21.05 -46.02
C GLN R 92 23.68 21.20 -47.53
N LEU R 93 24.68 20.76 -48.30
CA LEU R 93 24.70 20.96 -49.74
C LEU R 93 24.10 19.77 -50.46
N VAL R 94 23.38 20.05 -51.55
CA VAL R 94 22.87 18.99 -52.43
C VAL R 94 24.03 18.24 -53.07
N ASP R 95 25.01 18.97 -53.60
CA ASP R 95 26.18 18.42 -54.28
C ASP R 95 27.43 18.90 -53.55
N THR R 96 28.18 17.95 -52.98
CA THR R 96 29.32 18.28 -52.13
C THR R 96 30.64 18.25 -52.89
N ASN R 97 30.64 18.04 -54.21
CA ASN R 97 31.85 18.08 -55.01
C ASN R 97 32.08 19.50 -55.52
N ALA R 98 33.34 19.92 -55.55
CA ALA R 98 33.64 21.28 -55.95
C ALA R 98 33.36 21.53 -57.42
N ARG R 99 33.42 20.49 -58.26
CA ARG R 99 33.25 20.64 -59.72
C ARG R 99 34.17 21.73 -60.25
N ASN R 100 35.43 21.65 -59.84
CA ASN R 100 36.42 22.69 -60.10
C ASN R 100 37.59 22.15 -60.91
N ALA R 101 37.74 22.64 -62.13
CA ALA R 101 38.78 22.18 -63.04
C ALA R 101 40.17 22.58 -62.58
N ASN R 102 40.29 23.55 -61.67
CA ASN R 102 41.59 24.06 -61.28
C ASN R 102 42.25 23.22 -60.18
N ILE R 103 41.48 22.37 -59.49
CA ILE R 103 41.97 21.53 -58.41
C ILE R 103 41.49 20.11 -58.66
N ASP R 104 41.77 19.23 -57.69
CA ASP R 104 41.40 17.82 -57.79
C ASP R 104 39.91 17.66 -58.07
N ALA R 105 39.57 16.60 -58.83
CA ALA R 105 38.19 16.37 -59.21
C ALA R 105 37.34 15.96 -58.01
N GLY R 106 37.95 15.36 -56.99
CA GLY R 106 37.24 14.91 -55.82
C GLY R 106 37.16 15.92 -54.70
N ALA R 107 37.68 17.13 -54.91
CA ALA R 107 37.69 18.17 -53.89
C ALA R 107 36.27 18.49 -53.44
N GLU R 108 36.14 18.84 -52.17
CA GLU R 108 34.84 19.13 -51.59
C GLU R 108 34.41 20.55 -51.90
N ALA R 109 33.10 20.78 -51.90
CA ALA R 109 32.51 22.06 -52.28
C ALA R 109 32.52 23.10 -51.15
N THR R 110 33.59 23.19 -50.38
CA THR R 110 33.74 24.28 -49.43
C THR R 110 33.92 25.59 -50.17
N ASP R 111 33.52 26.69 -49.53
CA ASP R 111 33.62 28.01 -50.14
C ASP R 111 35.06 28.33 -50.55
N GLN R 112 36.04 27.82 -49.80
CA GLN R 112 37.45 28.06 -50.13
C GLN R 112 37.83 27.42 -51.45
N ASN R 113 37.31 26.22 -51.71
CA ASN R 113 37.62 25.46 -52.93
C ASN R 113 36.78 25.88 -54.14
N ARG R 114 36.02 26.98 -54.06
CA ARG R 114 35.15 27.43 -55.13
C ARG R 114 35.61 28.74 -55.77
N THR R 115 36.70 29.34 -55.29
CA THR R 115 37.21 30.60 -55.80
C THR R 115 38.66 30.44 -56.27
N LEU R 116 39.09 31.36 -57.14
CA LEU R 116 40.46 31.30 -57.67
C LEU R 116 41.47 31.81 -56.66
N ASP R 117 41.10 32.82 -55.86
CA ASP R 117 42.00 33.46 -54.90
C ASP R 117 41.65 33.01 -53.48
N GLU R 118 42.59 33.24 -52.57
CA GLU R 118 42.38 32.85 -51.18
C GLU R 118 41.36 33.76 -50.49
N ALA R 119 41.30 35.05 -50.86
CA ALA R 119 40.31 35.93 -50.26
C ALA R 119 38.88 35.61 -50.71
N GLY R 120 38.70 34.85 -51.78
CA GLY R 120 37.38 34.42 -52.21
C GLY R 120 36.52 35.51 -52.81
N GLU R 121 37.13 36.54 -53.39
CA GLU R 121 36.37 37.66 -53.96
C GLU R 121 35.90 37.38 -55.38
N TRP R 122 36.66 36.60 -56.16
CA TRP R 122 36.43 36.41 -57.59
C TRP R 122 35.86 35.01 -57.84
N LEU R 123 34.55 34.94 -58.11
CA LEU R 123 33.86 33.69 -58.42
C LEU R 123 33.70 33.59 -59.94
N VAL R 124 34.45 32.67 -60.56
CA VAL R 124 34.41 32.41 -61.99
C VAL R 124 33.88 31.01 -62.20
N MET R 125 32.79 30.89 -62.97
CA MET R 125 32.17 29.59 -63.21
C MET R 125 31.35 29.64 -64.49
N TRP R 126 31.09 28.46 -65.05
CA TRP R 126 30.16 28.34 -66.17
C TRP R 126 28.75 28.75 -65.75
N GLY R 127 28.19 29.73 -66.45
CA GLY R 127 26.82 30.14 -66.23
C GLY R 127 25.84 29.25 -66.97
N VAL R 128 25.95 27.93 -66.77
CA VAL R 128 25.16 26.93 -67.51
C VAL R 128 24.56 25.99 -66.50
N CYS R 129 23.25 26.13 -66.26
CA CYS R 129 22.51 25.28 -65.32
C CYS R 129 22.76 23.80 -65.61
N THR R 130 23.06 23.05 -64.55
CA THR R 130 23.43 21.65 -64.69
C THR R 130 22.21 20.74 -64.87
N HIS R 131 20.98 21.28 -64.80
CA HIS R 131 19.80 20.49 -65.14
C HIS R 131 19.75 20.28 -66.63
N LEU R 132 19.27 21.28 -67.39
CA LEU R 132 19.10 21.16 -68.83
C LEU R 132 19.64 22.38 -69.57
N GLY R 133 20.56 23.12 -68.95
CA GLY R 133 21.41 24.04 -69.68
C GLY R 133 20.98 25.49 -69.74
N CYS R 134 19.84 25.88 -69.18
CA CYS R 134 19.48 27.29 -69.20
C CYS R 134 20.50 28.09 -68.36
N VAL R 135 20.40 29.41 -68.46
CA VAL R 135 21.36 30.34 -67.86
C VAL R 135 20.70 30.96 -66.63
N PRO R 136 21.13 30.64 -65.40
CA PRO R 136 20.46 31.22 -64.22
C PRO R 136 20.62 32.72 -64.11
N ILE R 137 19.60 33.35 -63.52
CA ILE R 137 19.55 34.79 -63.33
C ILE R 137 20.23 35.13 -62.01
N GLY R 138 21.18 36.07 -62.06
CA GLY R 138 21.98 36.45 -60.90
C GLY R 138 21.47 37.70 -60.22
N GLY R 139 22.40 38.51 -59.72
CA GLY R 139 22.03 39.67 -58.94
C GLY R 139 21.39 39.31 -57.62
N VAL R 140 21.89 38.27 -56.96
CA VAL R 140 21.35 37.77 -55.70
C VAL R 140 19.89 37.40 -55.89
N SER R 141 19.64 36.34 -56.65
CA SER R 141 18.30 35.84 -56.95
C SER R 141 18.12 34.46 -56.32
N GLY R 142 16.86 34.04 -56.22
CA GLY R 142 16.55 32.76 -55.64
C GLY R 142 16.40 32.82 -54.14
N ASP R 143 16.38 31.63 -53.53
CA ASP R 143 16.11 31.49 -52.11
C ASP R 143 17.37 31.34 -51.28
N PHE R 144 18.56 31.38 -51.90
CA PHE R 144 19.83 31.16 -51.23
C PHE R 144 20.82 32.27 -51.56
N GLY R 145 20.31 33.47 -51.86
CA GLY R 145 21.17 34.62 -52.11
C GLY R 145 22.18 34.40 -53.21
N GLY R 146 21.76 33.78 -54.31
CA GLY R 146 22.66 33.47 -55.41
C GLY R 146 22.04 33.63 -56.79
N TRP R 147 21.69 32.51 -57.41
CA TRP R 147 21.13 32.50 -58.75
C TRP R 147 19.84 31.68 -58.76
N PHE R 148 18.92 32.05 -59.65
CA PHE R 148 17.67 31.33 -59.88
C PHE R 148 17.53 31.00 -61.35
N CYS R 149 17.35 29.72 -61.67
CA CYS R 149 17.15 29.28 -63.04
C CYS R 149 15.65 29.24 -63.37
N PRO R 150 15.14 30.08 -64.29
CA PRO R 150 13.69 30.13 -64.48
C PRO R 150 13.12 28.99 -65.30
N CYS R 151 13.95 28.08 -65.81
CA CYS R 151 13.45 27.05 -66.72
C CYS R 151 12.73 25.92 -65.98
N HIS R 152 13.29 25.43 -64.87
CA HIS R 152 12.62 24.44 -64.05
C HIS R 152 12.81 24.65 -62.55
N GLY R 153 13.30 25.82 -62.13
CA GLY R 153 13.24 26.20 -60.74
C GLY R 153 14.40 25.72 -59.87
N SER R 154 15.61 25.73 -60.40
CA SER R 154 16.78 25.44 -59.59
C SER R 154 17.24 26.69 -58.86
N HIS R 155 17.61 26.52 -57.59
CA HIS R 155 18.15 27.60 -56.77
C HIS R 155 19.60 27.31 -56.44
N TYR R 156 20.48 28.28 -56.72
CA TYR R 156 21.89 28.24 -56.37
C TYR R 156 22.19 29.30 -55.33
N ASP R 157 23.19 29.05 -54.49
CA ASP R 157 23.53 29.97 -53.41
C ASP R 157 24.61 30.95 -53.87
N SER R 158 25.18 31.71 -52.91
CA SER R 158 26.09 32.80 -53.25
C SER R 158 27.44 32.32 -53.80
N ALA R 159 27.74 31.02 -53.69
CA ALA R 159 28.93 30.42 -54.28
C ALA R 159 28.59 29.59 -55.51
N GLY R 160 27.35 29.65 -55.98
CA GLY R 160 26.95 28.92 -57.17
C GLY R 160 26.71 27.45 -56.96
N ARG R 161 26.49 27.02 -55.70
CA ARG R 161 26.27 25.62 -55.40
C ARG R 161 24.78 25.32 -55.44
N ILE R 162 24.43 24.17 -56.01
CA ILE R 162 23.02 23.79 -56.13
C ILE R 162 22.47 23.41 -54.76
N ARG R 163 21.28 23.93 -54.44
CA ARG R 163 20.64 23.74 -53.14
C ARG R 163 19.22 23.22 -53.23
N LYS R 164 18.53 23.41 -54.35
CA LYS R 164 17.11 23.10 -54.43
C LYS R 164 16.73 23.04 -55.91
N GLY R 165 15.90 22.07 -56.26
CA GLY R 165 15.40 21.93 -57.61
C GLY R 165 15.89 20.67 -58.31
N PRO R 166 15.66 20.56 -59.63
CA PRO R 166 16.06 19.34 -60.34
C PRO R 166 17.54 19.24 -60.68
N ALA R 167 18.29 20.34 -60.72
CA ALA R 167 19.68 20.28 -61.13
C ALA R 167 20.50 19.40 -60.18
N PRO R 168 21.31 18.45 -60.69
CA PRO R 168 22.00 17.52 -59.77
C PRO R 168 23.30 18.03 -59.18
N GLU R 169 23.99 18.97 -59.84
CA GLU R 169 25.36 19.33 -59.47
C GLU R 169 25.57 20.84 -59.42
N ASN R 170 26.65 21.23 -58.73
CA ASN R 170 27.12 22.60 -58.72
C ASN R 170 27.57 23.04 -60.12
N LEU R 171 27.40 24.33 -60.39
CA LEU R 171 27.86 24.92 -61.64
C LEU R 171 29.36 24.69 -61.83
N PRO R 172 29.81 24.10 -62.95
CA PRO R 172 31.25 23.77 -63.05
C PRO R 172 32.10 25.04 -63.19
N ILE R 173 33.30 24.97 -62.66
CA ILE R 173 34.27 26.08 -62.70
C ILE R 173 35.33 25.75 -63.74
N PRO R 174 35.52 26.58 -64.78
CA PRO R 174 36.51 26.24 -65.81
C PRO R 174 37.93 26.54 -65.32
N LEU R 175 38.89 26.11 -66.11
CA LEU R 175 40.26 26.55 -65.91
C LEU R 175 40.34 28.06 -66.03
N ALA R 176 40.72 28.72 -64.93
CA ALA R 176 40.76 30.18 -64.89
C ALA R 176 41.82 30.62 -63.90
N LYS R 177 42.59 31.65 -64.28
CA LYS R 177 43.65 32.15 -63.41
C LYS R 177 43.94 33.60 -63.80
N PHE R 178 44.28 34.40 -62.80
CA PHE R 178 44.69 35.78 -63.04
C PHE R 178 46.08 35.85 -63.65
N ILE R 179 46.16 36.40 -64.87
CA ILE R 179 47.46 36.58 -65.53
C ILE R 179 48.19 37.78 -64.94
N ASP R 180 47.44 38.82 -64.58
CA ASP R 180 48.00 39.96 -63.87
C ASP R 180 46.91 40.54 -62.97
N GLU R 181 47.11 41.78 -62.51
CA GLU R 181 46.19 42.40 -61.56
C GLU R 181 44.76 42.52 -62.10
N THR R 182 44.59 42.60 -63.43
CA THR R 182 43.31 43.01 -64.01
C THR R 182 42.83 42.12 -65.16
N THR R 183 43.50 41.01 -65.45
CA THR R 183 43.15 40.17 -66.60
C THR R 183 43.05 38.72 -66.17
N ILE R 184 41.93 38.09 -66.51
CA ILE R 184 41.69 36.66 -66.27
C ILE R 184 41.79 35.95 -67.62
N GLN R 185 42.54 34.85 -67.66
CA GLN R 185 42.58 33.98 -68.83
C GLN R 185 41.65 32.80 -68.60
N LEU R 186 40.59 32.72 -69.41
CA LEU R 186 39.66 31.59 -69.38
C LEU R 186 40.12 30.51 -70.34
N GLY R 187 40.02 29.26 -69.91
CA GLY R 187 40.44 28.13 -70.72
C GLY R 187 41.89 27.76 -70.50
CHA HEM S . -44.52 -41.29 102.21
CHB HEM S . -41.53 -38.05 100.24
CHC HEM S . -38.92 -38.01 104.31
CHD HEM S . -41.31 -41.96 105.79
C1A HEM S . -44.01 -40.34 101.35
C2A HEM S . -44.66 -39.79 100.17
C3A HEM S . -43.83 -38.91 99.63
C4A HEM S . -42.63 -38.84 100.45
CMA HEM S . -44.10 -38.07 98.36
CAA HEM S . -46.05 -40.17 99.64
CBA HEM S . -47.04 -39.08 100.05
CGA HEM S . -47.13 -38.98 101.55
O1A HEM S . -46.90 -37.87 102.09
O2A HEM S . -47.43 -40.01 102.20
C1B HEM S . -40.58 -37.72 101.18
C2B HEM S . -39.55 -36.70 101.03
C3B HEM S . -38.83 -36.69 102.17
C4B HEM S . -39.37 -37.71 103.05
CMB HEM S . -39.39 -35.83 99.76
CAB HEM S . -37.61 -35.83 102.56
CBB HEM S . -36.94 -35.02 101.72
C1C HEM S . -39.33 -39.06 105.09
C2C HEM S . -38.88 -39.36 106.44
C3C HEM S . -39.56 -40.45 106.86
C4C HEM S . -40.44 -40.88 105.78
CMC HEM S . -37.84 -38.51 107.20
CAC HEM S . -39.47 -41.24 108.20
CBC HEM S . -38.48 -41.08 109.09
C1D HEM S . -42.44 -42.11 105.00
C2D HEM S . -43.53 -43.05 105.18
C3D HEM S . -44.40 -42.86 104.18
C4D HEM S . -43.90 -41.80 103.34
CMD HEM S . -43.64 -44.09 106.31
CAD HEM S . -45.74 -43.59 103.89
CBD HEM S . -45.55 -44.54 102.71
CGD HEM S . -46.83 -45.31 102.49
O1D HEM S . -47.93 -44.79 102.83
O2D HEM S . -46.75 -46.46 101.97
NA HEM S . -42.79 -39.73 101.49
NB HEM S . -40.43 -38.32 102.41
NC HEM S . -40.29 -39.98 104.74
ND HEM S . -42.70 -41.37 103.86
FE HEM S . -41.59 -39.89 103.14
HHB HEM S . -41.41 -37.68 99.33
HHC HEM S . -38.24 -37.41 104.69
HHD HEM S . -41.11 -42.68 106.42
HMA HEM S . -43.32 -37.53 98.14
HMAA HEM S . -44.87 -37.48 98.52
HMAB HEM S . -44.31 -38.67 97.61
HAA HEM S . -46.32 -41.02 100.01
HAAA HEM S . -46.02 -40.23 98.67
HBA HEM S . -47.92 -39.29 99.69
HBAA HEM S . -46.74 -38.23 99.69
HMB HEM S . -39.11 -34.94 100.01
HMBA HEM S . -40.25 -35.77 99.29
HMBB HEM S . -38.74 -36.23 99.16
HAB HEM S . -37.31 -35.86 103.48
HBB HEM S . -36.19 -34.50 102.04
HBBA HEM S . -37.23 -34.95 100.80
HMC HEM S . -36.95 -38.87 107.04
HMCA HEM S . -38.03 -38.52 108.14
HMCB HEM S . -37.88 -37.60 106.87
HAC HEM S . -40.14 -41.88 108.39
HBC HEM S . -38.48 -41.61 109.90
HBCA HEM S . -37.77 -40.44 108.92
HMD HEM S . -42.79 -44.54 106.43
HMDA HEM S . -44.33 -44.74 106.10
HMDB HEM S . -43.89 -43.63 107.15
HAD HEM S . -46.42 -42.94 103.69
HADA HEM S . -45.99 -44.10 104.68
HBD HEM S . -44.84 -45.16 102.90
HBDA HEM S . -45.35 -44.02 101.92
HHA HEM S . -45.40 -41.66 101.99
CHA HEM T . -26.57 -21.95 103.26
CHB HEM T . -29.73 -25.55 104.12
CHC HEM T . -29.07 -27.26 99.62
CHD HEM T . -25.73 -23.83 98.84
C1A HEM T . -27.55 -22.73 103.86
C2A HEM T . -28.22 -22.45 105.10
C3A HEM T . -29.10 -23.44 105.33
C4A HEM T . -29.00 -24.39 104.25
CMA HEM T . -30.05 -23.55 106.55
CAA HEM T . -28.00 -21.21 105.99
CBA HEM T . -28.73 -20.00 105.42
CGA HEM T . -28.59 -18.80 106.36
O1A HEM T . -27.79 -18.89 107.32
O2A HEM T . -29.28 -17.78 106.16
C1B HEM T . -29.85 -26.33 102.98
C2B HEM T . -30.68 -27.51 102.83
C3B HEM T . -30.49 -27.98 101.57
C4B HEM T . -29.53 -27.12 100.91
CMB HEM T . -31.60 -28.06 103.94
CAB HEM T . -31.11 -29.21 100.86
CBB HEM T . -31.75 -30.20 101.51
C1C HEM T . -28.07 -26.52 99.03
C2C HEM T . -27.46 -26.80 97.74
C3C HEM T . -26.53 -25.87 97.51
C4C HEM T . -26.52 -24.95 98.65
CMC HEM T . -27.82 -27.97 96.82
CAC HEM T . -25.68 -25.85 96.22
CBC HEM T . -24.72 -24.94 96.01
C1D HEM T . -25.71 -23.02 99.96
C2D HEM T . -24.93 -21.81 100.09
C3D HEM T . -25.17 -21.29 101.29
C4D HEM T . -26.09 -22.15 101.98
CMD HEM T . -24.01 -21.24 98.98
CAD HEM T . -24.55 -19.99 101.88
CBD HEM T . -25.49 -18.84 101.53
CGD HEM T . -26.59 -18.68 102.55
O1D HEM T . -27.79 -18.50 102.15
O2D HEM T . -26.29 -18.70 103.77
NA HEM T . -28.04 -23.92 103.37
NB HEM T . -29.16 -26.13 101.80
NC HEM T . -27.48 -25.38 99.55
ND HEM T . -26.40 -23.19 101.14
FE HEM T . -27.78 -24.67 101.46
HHB HEM T . -30.23 -25.85 104.91
HHC HEM T . -29.50 -27.96 99.07
HHD HEM T . -25.12 -23.58 98.11
HMA HEM T . -29.52 -23.53 107.37
HMAA HEM T . -30.54 -24.40 106.50
HMAB HEM T . -30.68 -22.80 106.54
HAA HEM T . -27.05 -21.02 106.05
HAAA HEM T . -28.34 -21.39 106.89
HBA HEM T . -29.67 -20.20 105.31
HBAA HEM T . -28.35 -19.77 104.56
HMB HEM T . -32.39 -28.44 103.54
HMBA HEM T . -31.84 -27.34 104.54
HMBB HEM T . -31.13 -28.75 104.44
HAB HEM T . -31.03 -29.28 99.91
HBB HEM T . -32.11 -30.94 101.00
HBBA HEM T . -31.85 -30.16 102.47
HMC HEM T . -28.69 -28.33 97.05
HMCA HEM T . -27.16 -28.67 96.89
HMCB HEM T . -27.85 -27.66 95.89
HAC HEM T . -25.84 -26.51 95.54
HBC HEM T . -24.54 -24.26 96.68
HBCA HEM T . -24.21 -24.96 95.19
HMD HEM T . -23.63 -21.98 98.46
HMDA HEM T . -23.28 -20.71 99.38
HMDB HEM T . -24.54 -20.67 98.38
HAD HEM T . -23.68 -19.84 101.49
HADA HEM T . -24.48 -20.08 102.85
HBD HEM T . -25.89 -19.01 100.66
HBDA HEM T . -24.98 -18.02 101.49
HHA HEM T . -26.20 -21.22 103.78
C2 SMA U . -26.92 -29.43 118.15
C3 SMA U . -26.31 -29.52 119.42
C3M SMA U . -26.37 -30.73 120.33
C4 SMA U . -25.56 -28.39 119.90
C4A SMA U . -25.49 -27.20 119.13
C5 SMA U . -24.81 -26.06 119.57
C5M SMA U . -24.87 -25.16 121.73
C6 SMA U . -24.77 -24.94 118.76
C7 SMA U . -25.40 -24.93 117.53
C7M SMA U . -25.50 -22.56 117.37
C8 SMA U . -26.08 -26.04 117.09
C8A SMA U . -26.11 -27.18 117.88
C9 SMA U . -27.76 -30.52 117.51
C10 SMA U . -27.02 -31.43 116.49
C11 SMA U . -28.00 -32.05 115.45
C12 SMA U . -27.39 -33.28 114.72
C13 SMA U . -26.04 -32.97 113.99
C14 SMA U . -25.57 -34.26 113.23
C15 SMA U . -24.10 -34.15 112.90
C16 SMA U . -23.66 -33.91 111.60
C17 SMA U . -22.24 -33.81 111.32
C18 SMA U . -21.83 -33.57 110.01
C19 SMA U . -20.40 -33.45 109.60
C20 SMA U . -20.17 -33.23 108.24
C21 SMA U . -18.83 -33.04 107.57
C22 SMA U . -29.36 -32.47 116.04
C23 SMA U . -27.96 -35.49 115.47
C24 SMA U . -26.19 -31.80 112.98
C25 SMA U . -26.49 -35.68 111.54
C26 SMA U . -19.29 -33.57 110.64
O1 SMA U . -26.79 -28.27 117.42
O4 SMA U . -25.01 -28.48 120.99
O5 SMA U . -24.17 -26.02 120.77
O7 SMA U . -25.39 -23.83 116.70
O8 SMA U . -26.70 -26.02 115.87
O12 SMA U . -27.16 -34.32 115.70
O14 SMA U . -26.38 -34.33 112.04
H1 SMA U . -25.38 -31.16 120.42
H2 SMA U . -27.05 -31.46 119.92
H3 SMA U . -26.73 -30.42 121.31
H4 SMA U . -25.92 -25.20 121.54
H5 SMA U . -24.52 -24.15 121.62
H6 SMA U . -24.67 -25.50 122.72
H7 SMA U . -24.25 -24.07 119.10
H8 SMA U . -25.82 -21.79 116.67
H9 SMA U . -24.55 -22.25 117.78
H10 SMA U . -26.23 -22.59 118.17
H11 SMA U . -28.59 -30.04 117.01
H12 SMA U . -28.16 -31.14 118.30
H13 SMA U . -26.52 -32.21 117.04
H14 SMA U . -26.26 -30.82 116.00
H15 SMA U . -28.16 -31.26 114.71
H16 SMA U . -28.09 -33.57 113.95
H17 SMA U . -25.28 -32.71 114.70
H18 SMA U . -25.74 -35.13 113.85
H19 SMA U . -23.39 -34.24 113.70
H21 SMA U . -24.37 -33.81 110.80
H22 SMA U . -21.52 -33.91 112.11
H23 SMA U . -22.59 -33.47 109.25
H25 SMA U . -20.95 -32.74 107.69
H26 SMA U . -18.92 -32.35 106.73
H27 SMA U . -18.45 -33.99 107.20
H28 SMA U . -18.11 -32.63 108.28
H29 SMA U . -29.86 -33.14 115.36
H30 SMA U . -29.98 -31.61 116.21
H31 SMA U . -29.20 -32.99 116.98
H32 SMA U . -27.64 -36.23 116.19
H33 SMA U . -27.78 -35.81 114.46
H34 SMA U . -28.99 -35.19 115.63
H35 SMA U . -25.33 -31.77 112.32
H36 SMA U . -26.26 -30.86 113.52
H37 SMA U . -27.09 -31.94 112.39
H38 SMA U . -27.05 -35.71 110.62
H39 SMA U . -27.00 -36.33 112.25
H40 SMA U . -25.52 -36.12 111.36
H41 SMA U . -18.33 -33.68 110.14
H42 SMA U . -19.46 -34.45 111.26
H43 SMA U . -19.26 -32.69 111.27
H44 SMA U . -27.32 -25.28 115.85
O1 6PE V . -57.65 -40.18 112.98
O2 6PE V . -59.44 -38.31 113.81
P1 6PE V . -58.22 -38.74 112.96
O3 6PE V . -57.07 -37.64 113.25
C1 6PE V . -55.75 -37.85 112.71
C2 6PE V . -54.72 -37.17 113.59
C3 6PE V . -53.34 -37.78 113.45
O4 6PE V . -52.39 -36.67 113.50
C4 6PE V . -51.13 -36.83 113.08
O5 6PE V . -50.85 -37.30 112.00
C5 6PE V . -50.13 -36.39 114.12
C6 6PE V . -49.82 -34.89 114.02
C7 6PE V . -48.40 -34.57 114.52
C8 6PE V . -48.23 -33.13 115.04
C9 6PE V . -46.83 -32.89 115.61
O6 6PE V . -54.60 -35.81 113.11
C10 6PE V . -55.49 -34.85 113.50
O7 6PE V . -56.05 -34.89 114.58
C11 6PE V . -55.62 -33.82 112.43
C12 6PE V . -54.93 -32.49 112.78
C13 6PE V . -53.51 -32.70 113.37
C14 6PE V . -52.64 -31.44 113.23
C15 6PE V . -51.26 -31.62 113.87
O8 6PE V . -58.48 -38.34 111.42
C16 6PE V . -59.77 -37.89 110.94
C17 6PE V . -59.57 -36.79 109.89
N1 6PE V . -60.44 -36.94 108.71
H1 6PE V . -55.72 -37.46 111.82
H2 6PE V . -55.58 -38.80 112.69
H3 6PE V . -55.01 -37.16 114.52
H4 6PE V . -53.24 -38.23 112.60
H5 6PE V . -53.15 -38.39 114.16
H6 6PE V . -50.49 -36.62 114.98
H7 6PE V . -49.32 -36.92 114.00
H8 6PE V . -49.92 -34.60 113.11
H9 6PE V . -50.46 -34.40 114.55
H10 6PE V . -47.76 -34.72 113.80
H11 6PE V . -48.15 -35.19 115.23
H12 6PE V . -48.39 -32.51 114.31
H13 6PE V . -48.89 -32.96 115.72
H14 6PE V . -46.14 -33.05 114.95
H15 6PE V . -46.72 -31.97 115.92
H16 6PE V . -46.65 -33.48 116.37
H17 6PE V . -55.26 -34.25 111.65
H18 6PE V . -56.57 -33.73 112.31
H19 6PE V . -54.85 -31.94 111.98
H20 6PE V . -55.47 -32.00 113.41
H21 6PE V . -53.08 -33.44 112.92
H22 6PE V . -53.59 -32.93 114.31
H23 6PE V . -53.10 -30.69 113.63
H24 6PE V . -52.53 -31.23 112.29
H25 6PE V . -50.75 -32.29 113.41
H26 6PE V . -50.76 -30.79 113.85
H27 6PE V . -51.35 -31.88 114.80
H28 6PE V . -60.23 -38.64 110.55
H29 6PE V . -60.28 -37.55 111.69
H30 6PE V . -58.64 -36.79 109.61
H31 6PE V . -59.75 -35.93 110.31
H32 6PE V . -60.30 -37.70 108.28
H33 6PE V . -61.30 -36.83 108.89
FE HEC W . -21.64 3.25 120.22
CHA HEC W . -21.61 0.01 121.37
CHB HEC W . -24.86 2.74 119.03
CHC HEC W . -21.78 6.49 119.02
CHD HEC W . -18.46 3.76 121.25
NA HEC W . -23.01 1.69 120.25
C1A HEC W . -22.73 0.40 120.69
C2A HEC W . -23.84 -0.45 120.28
C3A HEC W . -24.74 0.31 119.64
C4A HEC W . -24.22 1.67 119.61
CMA HEC W . -26.09 -0.13 119.03
CAA HEC W . -23.94 -1.97 120.58
CBA HEC W . -24.51 -2.21 121.97
CGA HEC W . -24.51 -3.68 122.25
O1A HEC W . -23.44 -4.33 122.10
O2A HEC W . -25.57 -4.21 122.65
NB HEC W . -23.08 4.42 119.25
C1B HEC W . -24.30 3.98 118.79
C2B HEC W . -24.91 5.04 118.01
C3B HEC W . -24.06 6.08 118.00
C4B HEC W . -22.89 5.70 118.78
CMB HEC W . -26.27 4.98 117.29
CAB HEC W . -24.25 7.44 117.28
CBB HEC W . -25.57 8.14 117.70
NC HEC W . -20.35 4.83 120.12
C1C HEC W . -20.62 6.09 119.65
C2C HEC W . -19.43 6.91 119.83
C3C HEC W . -18.56 6.19 120.56
C4C HEC W . -19.09 4.84 120.68
CMC HEC W . -19.40 8.43 119.53
CAC HEC W . -17.14 6.58 121.03
CBC HEC W . -17.03 8.00 121.62
ND HEC W . -20.26 2.06 121.17
C1D HEC W . -18.97 2.51 121.48
C2D HEC W . -18.25 1.41 122.10
C3D HEC W . -19.24 0.24 122.14
C4D HEC W . -20.45 0.73 121.54
CMD HEC W . -16.80 1.41 122.62
CAD HEC W . -18.97 -1.18 122.71
CBD HEC W . -19.80 -1.39 123.97
CGD HEC W . -19.54 -2.77 124.53
O1D HEC W . -20.22 -3.19 125.49
O2D HEC W . -18.62 -3.46 124.01
HHA HEC W . -21.63 -0.89 121.77
HHB HEC W . -25.80 2.63 118.78
HHC HEC W . -21.83 7.42 118.71
HHD HEC W . -17.52 3.90 121.53
HMA1 HEC W . -26.13 0.16 118.09
HMA2 HEC W . -26.82 0.28 119.53
HMA3 HEC W . -26.17 -1.10 119.07
HAA1 HEC W . -23.06 -2.36 120.52
HAA2 HEC W . -24.52 -2.38 119.92
HBA1 HEC W . -25.42 -1.86 122.02
HBA2 HEC W . -23.96 -1.74 122.63
HMB1 HEC W . -26.14 5.09 116.33
HMB2 HEC W . -26.85 5.69 117.61
HMB3 HEC W . -26.69 4.12 117.46
HAB HEC W . -23.52 8.02 117.54
HBB1 HEC W . -25.37 9.05 117.94
HBB2 HEC W . -25.94 7.67 118.46
HBB3 HEC W . -26.19 8.11 116.95
HMC1 HEC W . -18.53 8.68 119.19
HMC2 HEC W . -19.59 8.92 120.34
HMC3 HEC W . -20.09 8.65 118.87
HAC HEC W . -16.91 5.96 121.74
HBC1 HEC W . -16.43 7.98 122.38
HBC2 HEC W . -17.91 8.30 121.89
HBC3 HEC W . -16.68 8.60 120.94
HMD1 HEC W . -16.26 0.78 122.09
HMD2 HEC W . -16.80 1.12 123.56
HMD3 HEC W . -16.42 2.30 122.55
HAD1 HEC W . -18.03 -1.26 122.93
HAD2 HEC W . -19.20 -1.84 122.05
HBD1 HEC W . -20.75 -1.31 123.76
HBD2 HEC W . -19.57 -0.72 124.64
SR SR X . -42.59 -0.98 117.31
C1 BOG Y . -45.06 -8.07 110.64
O1 BOG Y . -45.40 -9.41 110.44
C2 BOG Y . -44.28 -8.03 111.99
O2 BOG Y . -45.19 -8.25 113.02
C3 BOG Y . -43.65 -6.63 112.17
O3 BOG Y . -42.80 -6.61 113.28
C4 BOG Y . -42.80 -6.31 110.93
O4 BOG Y . -42.34 -4.99 110.99
C5 BOG Y . -43.75 -6.40 109.69
O5 BOG Y . -44.19 -7.73 109.59
C6 BOG Y . -43.02 -6.03 108.39
O6 BOG Y . -42.21 -7.13 108.04
C1' BOG Y . -46.38 -9.59 109.42
C2' BOG Y . -46.66 -11.09 109.33
C3' BOG Y . -47.64 -11.34 108.20
C4' BOG Y . -47.90 -12.84 108.07
C5' BOG Y . -49.07 -13.09 107.11
C6' BOG Y . -49.37 -14.59 107.03
C7' BOG Y . -50.41 -14.88 105.94
C8' BOG Y . -50.77 -16.35 105.90
H1 BOG Y . -45.96 -7.40 110.68
H2 BOG Y . -43.49 -8.81 111.98
HO2 BOG Y . -45.86 -7.56 112.98
H3 BOG Y . -44.47 -5.86 112.29
HO3 BOG Y . -42.04 -6.08 113.05
H4 BOG Y . -41.96 -7.03 110.82
HO4 BOG Y . -41.41 -5.00 110.73
H5 BOG Y . -44.61 -5.69 109.84
H61 BOG Y . -43.77 -5.79 107.60
H62 BOG Y . -42.43 -5.10 108.55
HO6 BOG Y . -41.46 -6.78 107.54
H1'1 BOG Y . -46.01 -9.18 108.46
H1'2 BOG Y . -47.29 -9.01 109.67
H2'1 BOG Y . -47.05 -11.48 110.31
H2'2 BOG Y . -45.72 -11.66 109.17
H3'1 BOG Y . -47.26 -10.91 107.24
H3'2 BOG Y . -48.60 -10.79 108.38
H4'1 BOG Y . -48.10 -13.29 109.06
H4'2 BOG Y . -46.99 -13.35 107.69
H5'1 BOG Y . -48.85 -12.68 106.10
H5'2 BOG Y . -49.96 -12.53 107.44
H6'1 BOG Y . -49.72 -14.97 108.01
H6'2 BOG Y . -48.44 -15.16 106.84
H7'1 BOG Y . -50.03 -14.55 104.95
H7'2 BOG Y . -51.32 -14.27 106.10
H8'1 BOG Y . -51.34 -16.66 106.80
H8'2 BOG Y . -51.39 -16.60 105.03
H8'3 BOG Y . -49.87 -16.99 105.87
FE1 FES Z . -8.96 -12.27 68.55
FE2 FES Z . -10.29 -14.90 67.72
S1 FES Z . -8.89 -13.52 66.75
S2 FES Z . -10.23 -13.73 69.58
CHA HEM AA . -22.77 -48.10 74.98
CHB HEM AA . -21.10 -45.78 78.88
CHC HEM AA . -20.75 -41.70 76.33
CHD HEM AA . -23.03 -43.85 72.65
C1A HEM AA . -22.25 -47.86 76.23
C2A HEM AA . -21.88 -48.86 77.22
C3A HEM AA . -21.43 -48.21 78.30
C4A HEM AA . -21.48 -46.79 78.02
CMA HEM AA . -20.93 -48.87 79.60
CAA HEM AA . -22.01 -50.40 77.08
CBA HEM AA . -20.64 -50.99 76.75
CGA HEM AA . -20.16 -50.44 75.44
O1A HEM AA . -19.04 -49.85 75.42
O2A HEM AA . -20.89 -50.59 74.43
C1B HEM AA . -20.87 -44.46 78.55
C2B HEM AA . -20.42 -43.41 79.45
C3B HEM AA . -20.31 -42.29 78.73
C4B HEM AA . -20.71 -42.58 77.37
CMB HEM AA . -20.11 -43.66 80.95
CAB HEM AA . -19.89 -40.86 79.15
CBB HEM AA . -19.71 -40.47 80.43
C1C HEM AA . -21.29 -41.92 75.08
C2C HEM AA . -21.21 -41.04 73.94
C3C HEM AA . -21.82 -41.65 72.91
C4C HEM AA . -22.33 -42.92 73.39
CMC HEM AA . -20.47 -39.68 74.03
CAC HEM AA . -22.10 -41.18 71.45
CBC HEM AA . -21.94 -39.91 71.05
C1D HEM AA . -23.09 -45.20 72.92
C2D HEM AA . -23.44 -46.25 71.98
C3D HEM AA . -23.38 -47.43 72.64
C4D HEM AA . -22.96 -47.16 74.00
CMD HEM AA . -23.83 -46.03 70.51
CAD HEM AA . -23.65 -48.85 72.12
CBD HEM AA . -24.99 -49.33 72.67
CGD HEM AA . -25.31 -50.68 72.09
O1D HEM AA . -24.36 -51.44 71.74
O2D HEM AA . -26.52 -51.01 71.98
NA HEM AA . -21.97 -46.62 76.76
NB HEM AA . -21.05 -43.92 77.29
NC HEM AA . -21.95 -43.07 74.70
ND HEM AA . -22.81 -45.79 74.13
FE HEM AA . -21.96 -44.89 75.69
HHB HEM AA . -20.96 -46.03 79.82
HHC HEM AA . -20.35 -40.81 76.48
HHD HEM AA . -23.54 -43.53 71.88
HMA HEM AA . -20.69 -48.18 80.25
HMAA HEM AA . -20.14 -49.43 79.40
HMAB HEM AA . -21.64 -49.44 79.97
HAA HEM AA . -22.63 -50.60 76.37
HAAA HEM AA . -22.33 -50.76 77.91
HBA HEM AA . -20.72 -51.95 76.69
HBAA HEM AA . -20.01 -50.76 77.46
HMB HEM AA . -19.38 -43.08 81.23
HMBA HEM AA . -19.87 -44.59 81.09
HMBB HEM AA . -20.90 -43.44 81.48
HAB HEM AA . -19.76 -40.21 78.47
HBB HEM AA . -19.45 -39.55 80.62
HBBA HEM AA . -19.84 -41.11 81.15
HMC HEM AA . -21.03 -39.05 74.50
HMCA HEM AA . -20.30 -39.35 73.13
HMCB HEM AA . -19.63 -39.80 74.50
HAC HEM AA . -22.38 -41.82 70.81
HBC HEM AA . -22.13 -39.67 70.13
HBCA HEM AA . -21.66 -39.23 71.68
HMD HEM AA . -24.21 -46.85 70.13
HMDA HEM AA . -23.04 -45.76 69.99
HMDB HEM AA . -24.50 -45.32 70.45
HAD HEM AA . -22.95 -49.44 72.40
HADA HEM AA . -23.69 -48.83 71.15
HBD HEM AA . -25.69 -48.70 72.42
HBDA HEM AA . -24.94 -49.40 73.64
HHA HEM AA . -23.03 -49.03 74.77
CHA HEM BA . -10.72 -28.44 87.84
CHB HEM BA . -12.64 -31.61 84.66
CHC HEM BA . -15.85 -33.10 87.99
CHD HEM BA . -13.96 -29.93 91.13
C1A HEM BA . -10.93 -29.22 86.72
C2A HEM BA . -10.08 -29.25 85.55
C3A HEM BA . -10.60 -30.12 84.68
C4A HEM BA . -11.81 -30.67 85.25
CMA HEM BA . -10.01 -30.47 83.29
CAA HEM BA . -8.79 -28.43 85.39
CBA HEM BA . -7.68 -29.11 86.18
CGA HEM BA . -6.37 -28.40 85.97
O1A HEM BA . -5.32 -28.91 86.45
O2A HEM BA . -6.38 -27.33 85.31
C1B HEM BA . -13.69 -32.29 85.26
C2B HEM BA . -14.57 -33.26 84.63
C3B HEM BA . -15.45 -33.69 85.56
C4B HEM BA . -15.17 -32.97 86.79
CMB HEM BA . -14.43 -33.71 83.15
CAB HEM BA . -16.62 -34.70 85.47
CBB HEM BA . -17.11 -35.15 84.31
C1C HEM BA . -15.67 -32.35 89.13
C2C HEM BA . -16.49 -32.36 90.33
C3C HEM BA . -15.96 -31.46 91.18
C4C HEM BA . -14.78 -30.89 90.57
CMC HEM BA . -17.73 -33.25 90.52
CAC HEM BA . -16.39 -31.05 92.61
CBC HEM BA . -17.19 -31.77 93.39
C1D HEM BA . -12.89 -29.29 90.54
C2D HEM BA . -11.97 -28.38 91.19
C3D HEM BA . -11.06 -27.99 90.30
C4D HEM BA . -11.39 -28.60 89.03
CMD HEM BA . -12.03 -28.00 92.69
CAD HEM BA . -9.91 -27.00 90.56
CBD HEM BA . -8.66 -27.76 91.01
CGD HEM BA . -7.83 -28.26 89.86
O1D HEM BA . -7.36 -29.43 89.89
O2D HEM BA . -7.58 -27.47 88.93
NA HEM BA . -11.99 -30.09 86.50
NB HEM BA . -14.10 -32.14 86.57
NC HEM BA . -14.64 -31.44 89.31
ND HEM BA . -12.51 -29.39 89.21
FE HEM BA . -13.34 -30.80 87.89
HHB HEM BA . -12.47 -31.81 83.71
HHC HEM BA . -16.53 -33.81 88.02
HHD HEM BA . -14.16 -29.68 92.06
HMA HEM BA . -9.96 -29.66 82.74
HMAA HEM BA . -10.58 -31.13 82.85
HMAB HEM BA . -9.11 -30.84 83.41
HAA HEM BA . -8.92 -27.53 85.73
HAAA HEM BA . -8.54 -28.39 84.45
HBA HEM BA . -7.59 -30.04 85.87
HBAA HEM BA . -7.90 -29.11 87.12
HMB HEM BA . -13.52 -33.58 82.85
HMBA HEM BA . -15.03 -33.19 82.60
HMBB HEM BA . -14.66 -34.65 83.07
HAB HEM BA . -17.02 -35.02 86.29
HBB HEM BA . -17.85 -35.79 84.32
HBBA HEM BA . -16.74 -34.84 83.47
HMC HEM BA . -17.89 -33.76 89.71
HMCA HEM BA . -18.51 -32.69 90.69
HMCB HEM BA . -17.60 -33.86 91.26
HAC HEM BA . -16.05 -30.23 92.95
HBC HEM BA . -17.41 -31.44 94.29
HBCA HEM BA . -17.56 -32.61 93.08
HMD HEM BA . -11.65 -27.11 92.81
HMDA HEM BA . -11.53 -28.66 93.22
HMDB HEM BA . -12.97 -27.99 92.98
HAD HEM BA . -10.17 -26.37 91.25
HADA HEM BA . -9.70 -26.52 89.74
HBD HEM BA . -8.94 -28.52 91.55
HBDA HEM BA . -8.12 -27.17 91.56
HHA HEM BA . -10.06 -27.73 87.78
C2 SMA CA . -12.52 -23.86 72.12
C3 SMA CA . -12.43 -22.76 71.25
C3M SMA CA . -13.31 -22.60 70.02
C4 SMA CA . -11.46 -21.75 71.53
C4A SMA CA . -10.64 -21.85 72.68
C5 SMA CA . -9.70 -20.86 73.04
C5M SMA CA . -8.23 -19.79 71.58
C6 SMA CA . -8.94 -21.02 74.18
C7 SMA CA . -9.10 -22.13 74.97
C7M SMA CA . -6.98 -21.89 76.06
C8 SMA CA . -10.02 -23.10 74.64
C8A SMA CA . -10.78 -22.95 73.51
C9 SMA CA . -13.47 -25.02 71.91
C10 SMA CA . -14.84 -24.96 72.65
C11 SMA CA . -15.47 -26.36 72.81
C12 SMA CA . -17.00 -26.30 73.07
C13 SMA CA . -17.40 -25.43 74.31
C14 SMA CA . -18.92 -25.60 74.56
C15 SMA CA . -19.47 -24.42 75.34
C16 SMA CA . -19.79 -24.54 76.68
C17 SMA CA . -20.31 -23.41 77.42
C18 SMA CA . -20.63 -23.57 78.77
C19 SMA CA . -21.18 -22.48 79.61
C20 SMA CA . -21.45 -22.81 80.94
C21 SMA CA . -21.95 -21.89 82.01
C22 SMA CA . -15.24 -27.31 71.61
C23 SMA CA . -18.49 -26.68 71.20
C24 SMA CA . -16.64 -25.87 75.58
C25 SMA CA . -20.36 -27.44 75.03
C26 SMA CA . -21.42 -21.10 79.03
O1 SMA CA . -11.68 -23.93 73.21
O4 SMA CA . -11.32 -20.84 70.74
O5 SMA CA . -9.51 -19.74 72.28
O7 SMA CA . -8.36 -22.32 76.13
O8 SMA CA . -10.17 -24.20 75.45
O12 SMA CA . -17.65 -25.74 71.88
O14 SMA CA . -19.07 -26.86 75.26
H1 SMA CA . -13.53 -21.54 69.87
H2 SMA CA . -14.24 -23.13 70.17
H3 SMA CA . -12.80 -23.00 69.15
H4 SMA CA . -8.02 -20.80 71.27
H5 SMA CA . -7.44 -19.44 72.22
H6 SMA CA . -8.27 -19.16 70.70
H7 SMA CA . -8.23 -20.27 74.43
H8 SMA CA . -6.40 -22.36 76.84
H9 SMA CA . -6.91 -20.82 76.18
H10 SMA CA . -6.54 -22.16 75.12
H11 SMA CA . -12.96 -25.91 72.25
H12 SMA CA . -13.66 -25.10 70.87
H13 SMA CA . -15.49 -24.31 72.08
H14 SMA CA . -14.68 -24.49 73.62
H15 SMA CA . -14.98 -26.78 73.68
H16 SMA CA . -17.33 -27.31 73.27
H17 SMA CA . -17.18 -24.39 74.13
H18 SMA CA . -19.45 -25.66 73.61
H19 SMA CA . -19.61 -23.49 74.83
H21 SMA CA . -19.64 -25.48 77.18
H22 SMA CA . -20.45 -22.47 76.93
H23 SMA CA . -20.46 -24.53 79.21
H25 SMA CA . -20.90 -23.64 81.36
H26 SMA CA . -21.54 -22.18 82.98
H27 SMA CA . -23.03 -21.92 82.07
H28 SMA CA . -21.64 -20.86 81.80
H29 SMA CA . -15.91 -28.14 71.68
H30 SMA CA . -14.22 -27.68 71.63
H31 SMA CA . -15.40 -26.77 70.69
H32 SMA CA . -19.02 -26.12 70.43
H33 SMA CA . -19.16 -27.10 71.93
H34 SMA CA . -17.83 -27.42 70.77
H35 SMA CA . -17.15 -25.47 76.47
H36 SMA CA . -15.62 -25.49 75.56
H37 SMA CA . -16.61 -26.95 75.65
H38 SMA CA . -20.51 -28.33 75.63
H39 SMA CA . -20.49 -27.73 74.00
H40 SMA CA . -21.17 -26.75 75.27
H41 SMA CA . -22.01 -20.50 79.71
H42 SMA CA . -21.96 -21.19 78.09
H43 SMA CA . -20.47 -20.59 78.84
H44 SMA CA . -9.30 -24.62 75.58
O1 6PE DA . -14.16 -55.55 63.03
O2 6PE DA . -12.99 -54.28 60.95
P1 6PE DA . -12.91 -55.04 62.28
O3 6PE DA . -11.93 -54.17 63.23
C1 6PE DA . -12.47 -53.11 64.03
C2 6PE DA . -11.68 -51.83 63.81
C3 6PE DA . -12.53 -50.58 63.66
O4 6PE DA . -12.37 -49.82 64.90
C4 6PE DA . -13.43 -49.15 65.37
O5 6PE DA . -14.51 -49.67 65.52
C5 6PE DA . -13.11 -47.70 65.67
C6 6PE DA . -11.62 -47.36 65.64
C7 6PE DA . -11.42 -45.85 65.90
C8 6PE DA . -9.95 -45.43 66.10
C9 6PE DA . -9.81 -43.91 66.29
O6 6PE DA . -10.93 -51.64 65.04
C10 6PE DA . -9.58 -51.85 65.12
O7 6PE DA . -8.86 -51.84 64.14
C11 6PE DA . -9.19 -52.07 66.54
C12 6PE DA . -8.05 -51.15 66.99
C13 6PE DA . -8.24 -49.69 66.51
C14 6PE DA . -7.46 -48.70 67.39
C15 6PE DA . -6.99 -47.46 66.59
O8 6PE DA . -11.89 -56.29 62.12
C16 6PE DA . -10.53 -56.12 61.68
C17 6PE DA . -9.59 -56.13 62.89
N1 6PE DA . -8.18 -56.37 62.53
H1 6PE DA . -12.42 -53.37 64.97
H2 6PE DA . -13.40 -52.97 63.77
H3 6PE DA . -11.10 -51.92 63.04
H4 6PE DA . -13.46 -50.80 63.53
H5 6PE DA . -12.23 -50.03 62.91
H6 6PE DA . -13.60 -47.17 65.02
H7 6PE DA . -13.49 -47.50 66.54
H8 6PE DA . -11.15 -47.87 66.31
H9 6PE DA . -11.24 -47.61 64.78
H10 6PE DA . -11.92 -45.59 66.68
H11 6PE DA . -11.78 -45.35 65.15
H12 6PE DA . -9.59 -45.90 66.87
H13 6PE DA . -9.43 -45.72 65.33
H14 6PE DA . -10.31 -43.61 67.07
H15 6PE DA . -8.88 -43.66 66.43
H16 6PE DA . -10.14 -43.43 65.52
H17 6PE DA . -10.02 -51.93 67.03
H18 6PE DA . -8.98 -53.00 66.58
H19 6PE DA . -7.97 -51.16 67.95
H20 6PE DA . -7.21 -51.49 66.64
H21 6PE DA . -9.18 -49.47 66.55
H22 6PE DA . -7.94 -49.61 65.60
H23 6PE DA . -6.68 -49.15 67.78
H24 6PE DA . -8.01 -48.42 68.13
H25 6PE DA . -7.69 -47.16 66.01
H26 6PE DA . -6.75 -46.74 67.20
H27 6PE DA . -6.21 -47.68 66.06
H28 6PE DA . -10.30 -56.83 61.07
H29 6PE DA . -10.46 -55.26 61.22
H30 6PE DA . -9.87 -56.84 63.50
H31 6PE DA . -9.66 -55.29 63.36
H32 6PE DA . -8.05 -57.13 62.10
H33 6PE DA . -7.82 -55.69 62.07
FE HEC EA . 15.76 -12.82 85.91
CHA HEC EA . 13.15 -12.90 83.69
CHB HEC EA . 16.03 -16.29 85.64
CHC HEC EA . 18.29 -12.83 88.17
CHD HEC EA . 15.50 -9.41 86.19
NA HEC EA . 14.80 -14.32 84.83
C1A HEC EA . 13.69 -14.12 84.04
C2A HEC EA . 13.19 -15.41 83.64
C3A HEC EA . 13.97 -16.35 84.17
C4A HEC EA . 15.01 -15.67 84.93
CMA HEC EA . 13.82 -17.88 84.03
CAA HEC EA . 11.94 -15.60 82.75
CBA HEC EA . 12.33 -15.47 81.28
CGA HEC EA . 11.09 -15.54 80.43
O1A HEC EA . 10.12 -14.80 80.71
O2A HEC EA . 11.07 -16.35 79.47
NB HEC EA . 16.96 -14.29 86.72
C1B HEC EA . 16.86 -15.65 86.53
C2B HEC EA . 17.79 -16.31 87.43
C3B HEC EA . 18.42 -15.35 88.12
C4B HEC EA . 17.90 -14.06 87.69
CMB HEC EA . 18.00 -17.84 87.56
CAB HEC EA . 19.49 -15.55 89.23
CBB HEC EA . 20.70 -16.41 88.76
NC HEC EA . 16.70 -11.38 87.00
C1C HEC EA . 17.76 -11.60 87.86
C2C HEC EA . 18.12 -10.33 88.47
C3C HEC EA . 17.45 -9.38 87.80
C4C HEC EA . 16.48 -10.02 86.94
CMC HEC EA . 19.37 -10.16 89.37
CAC HEC EA . 17.46 -7.83 88.02
CBC HEC EA . 18.85 -7.22 88.23
ND HEC EA . 14.48 -11.38 85.11
C1D HEC EA . 14.65 -10.01 85.29
C2D HEC EA . 13.78 -9.31 84.36
C3D HEC EA . 13.06 -10.41 83.58
C4D HEC EA . 13.55 -11.65 84.12
CMD HEC EA . 13.62 -7.79 84.19
CAD HEC EA . 12.01 -10.23 82.46
CBD HEC EA . 12.61 -10.70 81.14
CGD HEC EA . 11.60 -10.55 80.04
O1D HEC EA . 10.55 -11.23 80.10
O2D HEC EA . 11.85 -9.75 79.10
HHA HEC EA . 12.40 -12.92 83.06
HHB HEC EA . 16.16 -17.24 85.49
HHC HEC EA . 19.04 -12.83 88.81
HHD HEC EA . 15.40 -8.45 86.32
HMA1 HEC EA . 13.58 -18.28 84.89
HMA2 HEC EA . 14.68 -18.26 83.72
HMA3 HEC EA . 13.13 -18.08 83.37
HAA1 HEC EA . 11.28 -14.93 82.97
HAA2 HEC EA . 11.57 -16.49 82.90
HBA1 HEC EA . 12.93 -16.18 81.03
HBA2 HEC EA . 12.77 -14.61 81.14
HMB1 HEC EA . 17.73 -18.13 88.45
HMB2 HEC EA . 18.93 -18.05 87.44
HMB3 HEC EA . 17.46 -18.30 86.90
HAB HEC EA . 19.83 -14.68 89.46
HBB1 HEC EA . 21.52 -15.97 89.02
HBB2 HEC EA . 20.66 -16.50 87.80
HBB3 HEC EA . 20.63 -17.28 89.18
HMC1 HEC EA . 19.19 -9.49 90.05
HMC2 HEC EA . 20.12 -9.87 88.82
HMC3 HEC EA . 19.59 -11.00 89.79
HAC HEC EA . 17.10 -7.45 87.22
HBC1 HEC EA . 18.88 -6.35 87.78
HBC2 HEC EA . 19.52 -7.81 87.85
HBC3 HEC EA . 19.01 -7.10 89.17
HMD1 HEC EA . 14.20 -7.32 84.82
HMD2 HEC EA . 12.69 -7.54 84.37
HMD3 HEC EA . 13.86 -7.53 83.27
HAD1 HEC EA . 11.76 -9.29 82.39
HAD2 HEC EA . 11.22 -10.74 82.67
HBD1 HEC EA . 12.86 -11.63 81.23
HBD2 HEC EA . 13.39 -10.17 80.94
C1 BOG FA . 9.75 -39.81 81.48
O1 BOG FA . 8.61 -40.49 81.03
C2 BOG FA . 9.96 -38.61 80.53
O2 BOG FA . 10.39 -39.07 79.29
C3 BOG FA . 11.06 -37.68 81.10
O3 BOG FA . 11.11 -36.48 80.39
C4 BOG FA . 10.67 -37.31 82.55
O4 BOG FA . 11.70 -36.61 83.15
C5 BOG FA . 10.52 -38.64 83.34
O5 BOG FA . 9.45 -39.35 82.78
C6 BOG FA . 10.20 -38.40 84.84
O6 BOG FA . 10.02 -37.01 85.03
C1' BOG FA . 8.50 -41.80 81.56
C2' BOG FA . 7.18 -42.38 81.08
C3' BOG FA . 7.11 -43.83 81.52
C4' BOG FA . 5.87 -44.49 80.93
C5' BOG FA . 5.86 -45.98 81.26
C6' BOG FA . 4.62 -46.65 80.65
C7' BOG FA . 4.50 -48.09 81.14
C8' BOG FA . 3.14 -48.67 80.77
H1 BOG FA . 10.67 -40.48 81.48
H2 BOG FA . 8.99 -38.04 80.42
HO2 BOG FA . 10.61 -38.31 78.75
H3 BOG FA . 12.04 -38.21 81.09
HO3 BOG FA . 11.19 -35.78 81.03
H4 BOG FA . 9.71 -36.74 82.58
HO4 BOG FA . 11.32 -36.06 83.83
H5 BOG FA . 11.49 -39.22 83.29
H61 BOG FA . 9.30 -38.98 85.12
H62 BOG FA . 11.04 -38.80 85.46
HO6 BOG FA . 9.44 -36.90 85.78
H1'1 BOG FA . 8.56 -41.77 82.67
H1'2 BOG FA . 9.37 -42.42 81.23
H2'1 BOG FA . 7.08 -42.28 79.98
H2'2 BOG FA . 6.32 -41.79 81.48
H3'1 BOG FA . 7.09 -43.90 82.63
H3'2 BOG FA . 8.02 -44.38 81.23
H4'1 BOG FA . 5.83 -44.33 79.83
H4'2 BOG FA . 4.95 -44.01 81.30
H5'1 BOG FA . 5.90 -46.14 82.35
H5'2 BOG FA . 6.79 -46.47 80.89
H6'1 BOG FA . 4.68 -46.63 79.54
H6'2 BOG FA . 3.71 -46.07 80.90
H7'1 BOG FA . 4.64 -48.14 82.25
H7'2 BOG FA . 5.31 -48.72 80.74
H8'1 BOG FA . 3.02 -48.76 79.68
H8'2 BOG FA . 2.99 -49.68 81.19
H8'3 BOG FA . 2.31 -48.05 81.13
SR SR GA . 17.14 -33.51 79.82
FE1 FES HA . -18.76 -25.82 126.98
FE2 FES HA . -21.07 -27.78 126.42
S1 FES HA . -20.36 -26.69 128.19
S2 FES HA . -19.57 -26.77 125.18
CHA HEM IA . -25.80 -15.22 4.11
CHB HEM IA . -22.72 -11.81 2.60
CHC HEM IA . -20.28 -12.24 6.77
CHD HEM IA . -22.87 -16.20 7.85
C1A HEM IA . -25.23 -14.22 3.36
C2A HEM IA . -25.77 -13.64 2.14
C3A HEM IA . -24.92 -12.71 1.72
C4A HEM IA . -23.81 -12.65 2.65
CMA HEM IA . -25.10 -11.82 0.46
CAA HEM IA . -27.10 -14.04 1.46
CBA HEM IA . -28.14 -13.00 1.82
CGA HEM IA . -28.35 -12.98 3.31
O1A HEM IA . -28.17 -11.89 3.90
O2A HEM IA . -28.66 -14.05 3.89
C1B HEM IA . -21.79 -11.61 3.60
C2B HEM IA . -20.72 -10.64 3.57
C3B HEM IA . -20.05 -10.75 4.74
C4B HEM IA . -20.68 -11.82 5.52
CMB HEM IA . -20.46 -9.67 2.38
CAB HEM IA . -18.80 -9.99 5.26
CBB HEM IA . -18.06 -9.15 4.52
C1C HEM IA . -20.78 -13.32 7.46
C2C HEM IA . -20.48 -13.70 8.84
C3C HEM IA . -21.21 -14.79 9.13
C4C HEM IA . -22.00 -15.13 7.97
CMC HEM IA . -19.49 -12.92 9.74
CAC HEM IA . -21.25 -15.63 10.42
CBC HEM IA . -20.34 -15.56 11.40
C1D HEM IA . -23.92 -16.27 6.97
C2D HEM IA . -25.02 -17.22 6.97
C3D HEM IA . -25.81 -16.93 5.92
C4D HEM IA . -25.25 -15.80 5.23
CMD HEM IA . -25.20 -18.35 8.00
CAD HEM IA . -27.11 -17.62 5.46
CBD HEM IA . -26.84 -18.45 4.21
CGD HEM IA . -28.08 -19.19 3.81
O1D HEM IA . -29.20 -18.67 4.11
O2D HEM IA . -27.97 -20.26 3.19
NA HEM IA . -24.05 -13.58 3.64
NB HEM IA . -21.74 -12.31 4.79
NC HEM IA . -21.73 -14.20 6.98
ND HEM IA . -24.09 -15.44 5.88
FE HEM IA . -22.94 -13.91 5.31
HHB HEM IA . -22.58 -11.31 1.76
HHC HEM IA . -19.58 -11.71 7.21
HHD HEM IA . -22.74 -16.96 8.46
HMA HEM IA . -25.22 -12.39 -0.33
HMAA HEM IA . -24.30 -11.26 0.33
HMAB HEM IA . -25.89 -11.25 0.56
HAA HEM IA . -27.38 -14.92 1.78
HAAA HEM IA . -26.98 -14.07 0.50
HBA HEM IA . -28.99 -13.22 1.38
HBAA HEM IA . -27.85 -12.13 1.52
HMB HEM IA . -21.31 -9.51 1.92
HMBA HEM IA . -19.82 -10.07 1.77
HMBB HEM IA . -20.12 -8.83 2.72
HAB HEM IA . -18.55 -10.12 6.18
HBB HEM IA . -17.29 -8.71 4.91
HBBA HEM IA . -18.29 -8.99 3.59
HMC HEM IA . -19.84 -12.88 10.64
HMCA HEM IA . -19.37 -12.02 9.40
HMCB HEM IA . -18.63 -13.38 9.76
HAC HEM IA . -21.97 -16.27 10.52
HBC HEM IA . -20.42 -16.12 12.19
HBCA HEM IA . -19.60 -14.94 11.33
HMD HEM IA . -24.36 -18.84 8.09
HMDA HEM IA . -25.91 -18.95 7.70
HMDB HEM IA . -25.46 -17.95 8.86
HAD HEM IA . -27.78 -16.94 5.26
HADA HEM IA . -27.44 -18.20 6.17
HBD HEM IA . -26.13 -19.09 4.40
HBDA HEM IA . -26.55 -17.87 3.49
HHA HEM IA . -26.67 -15.55 3.82
CHA HEM JA . -7.86 3.38 7.80
CHB HEM JA . -10.96 -0.35 8.22
CHC HEM JA . -10.07 -1.61 3.64
CHD HEM JA . -6.63 1.78 3.39
C1A HEM JA . -8.82 2.51 8.30
C2A HEM JA . -9.51 2.63 9.56
C3A HEM JA . -10.37 1.61 9.67
C4A HEM JA . -10.24 0.79 8.48
CMA HEM JA . -11.31 1.34 10.86
CAA HEM JA . -9.31 3.75 10.59
CBA HEM JA . -10.06 4.99 10.10
CGA HEM JA . -9.96 6.08 11.13
O1A HEM JA . -9.32 7.11 10.84
O2A HEM JA . -10.51 5.91 12.25
C1B HEM JA . -11.01 -1.03 7.02
C2B HEM JA . -11.79 -2.20 6.72
C3B HEM JA . -11.56 -2.53 5.44
C4B HEM JA . -10.59 -1.60 4.92
CMB HEM JA . -12.75 -2.87 7.73
CAB HEM JA . -12.10 -3.71 4.60
CBB HEM JA . -12.73 -4.77 5.13
C1C HEM JA . -9.02 -0.84 3.18
C2C HEM JA . -8.34 -1.02 1.92
C3C HEM JA . -7.37 -0.10 1.82
C4C HEM JA . -7.42 0.71 3.05
CMC HEM JA . -8.65 -2.08 0.85
CAC HEM JA . -6.43 0.02 0.59
CBC HEM JA . -5.45 0.92 0.52
C1D HEM JA . -6.69 2.53 4.54
C2D HEM JA . -5.87 3.69 4.84
C3D HEM JA . -6.22 4.16 6.04
C4D HEM JA . -7.24 3.27 6.57
CMD HEM JA . -4.82 4.28 3.86
CAD HEM JA . -5.58 5.37 6.75
CBD HEM JA . -6.34 6.67 6.40
CGD HEM JA . -7.51 6.93 7.31
O1D HEM JA . -8.60 7.28 6.79
O2D HEM JA . -7.36 6.81 8.55
NA HEM JA . -9.29 1.37 7.67
NB HEM JA . -10.28 -0.69 5.89
NC HEM JA . -8.45 0.22 3.84
ND HEM JA . -7.50 2.30 5.63
FE HEM JA . -8.87 0.80 5.73
HHB HEM JA . -11.49 -0.74 8.95
HHC HEM JA . -10.50 -2.20 2.99
HHD HEM JA . -5.94 2.05 2.73
HMA HEM JA . -10.78 1.23 11.67
HMAA HEM JA . -11.84 0.53 10.68
HMAB HEM JA . -11.92 2.10 10.97
HAA HEM JA . -8.36 3.96 10.67
HAAA HEM JA . -9.66 3.48 11.45
HBA HEM JA . -10.99 4.77 9.95
HBAA HEM JA . -9.66 5.29 9.27
HMB HEM JA . -12.27 -3.59 8.19
HMBA HEM JA . -13.52 -3.22 7.27
HMBB HEM JA . -13.03 -2.21 8.39
HAB HEM JA . -11.99 -3.67 3.65
HBB HEM JA . -13.05 -5.47 4.55
HBBA HEM JA . -12.86 -4.82 6.09
HMC HEM JA . -7.98 -2.78 0.88
HMCA HEM JA . -8.65 -1.67 -0.03
HMCB HEM JA . -9.52 -2.47 1.02
HAC HEM JA . -6.58 -0.57 -0.16
HBC HEM JA . -5.28 1.52 1.27
HBCA HEM JA . -4.88 0.95 -0.27
HMD HEM JA . -5.28 4.79 3.16
HMDA HEM JA . -4.30 3.56 3.45
HMDB HEM JA . -4.21 4.87 4.34
HAD HEM JA . -4.66 5.46 6.47
HADA HEM JA . -5.62 5.23 7.71
HBD HEM JA . -6.65 6.60 5.49
HBDA HEM JA . -5.72 7.41 6.48
HHA HEM JA . -7.60 4.12 8.38
C2 SMA KA . -9.23 -5.29 22.03
C3 SMA KA . -8.68 -5.47 23.31
C3M SMA KA . -8.78 -6.77 24.10
C4 SMA KA . -7.99 -4.38 23.92
C4A SMA KA . -7.90 -3.12 23.25
C5 SMA KA . -7.27 -2.01 23.80
C5M SMA KA . -7.46 -1.29 26.02
C6 SMA KA . -7.20 -0.83 23.09
C7 SMA KA . -7.77 -0.73 21.84
C7M SMA KA . -7.91 1.64 21.85
C8 SMA KA . -8.39 -1.83 21.27
C8A SMA KA . -8.46 -3.01 21.98
C9 SMA KA . -10.02 -6.34 21.29
C10 SMA KA . -9.22 -7.16 20.24
C11 SMA KA . -10.15 -7.71 19.12
C12 SMA KA . -9.50 -8.88 18.31
C13 SMA KA . -8.13 -8.50 17.64
C14 SMA KA . -7.61 -9.71 16.81
C15 SMA KA . -6.12 -9.58 16.60
C16 SMA KA . -5.59 -9.22 15.37
C17 SMA KA . -4.15 -9.09 15.22
C18 SMA KA . -3.62 -8.71 13.98
C19 SMA KA . -2.17 -8.56 13.71
C20 SMA KA . -1.82 -8.20 12.41
C21 SMA KA . -0.43 -7.95 11.89
C22 SMA KA . -11.51 -8.21 19.66
C23 SMA KA . -10.08 -11.16 18.81
C24 SMA KA . -8.29 -7.27 16.71
C25 SMA KA . -8.39 -11.01 14.97
C26 SMA KA . -1.16 -8.80 14.83
O1 SMA KA . -9.09 -4.07 21.40
O4 SMA KA . -7.50 -4.54 25.03
O5 SMA KA . -6.69 -2.06 25.04
O7 SMA KA . -7.73 0.42 21.10
O8 SMA KA . -8.96 -1.74 20.03
O12 SMA KA . -9.29 -10.02 19.19
O14 SMA KA . -8.34 -9.70 15.57
H1 SMA KA . -7.84 -6.96 24.60
H2 SMA KA . -8.99 -7.59 23.42
H3 SMA KA . -9.58 -6.69 24.83
H4 SMA KA . -8.51 -1.30 25.75
H5 SMA KA . -7.12 -0.28 26.04
H6 SMA KA . -7.35 -1.72 27.00
H7 SMA KA . -6.72 0.02 23.54
H8 SMA KA . -8.19 2.46 21.20
H9 SMA KA . -6.99 1.92 22.36
H10 SMA KA . -8.68 1.53 22.61
H11 SMA KA . -10.83 -5.84 20.78
H12 SMA KA . -10.43 -7.03 22.01
H13 SMA KA . -8.72 -7.97 20.76
H14 SMA KA . -8.46 -6.51 19.82
H15 SMA KA . -10.30 -6.88 18.44
H16 SMA KA . -10.18 -9.11 17.50
H17 SMA KA . -7.40 -8.26 18.40
H18 SMA KA . -7.82 -10.63 17.34
H19 SMA KA . -5.47 -9.76 17.43
H21 SMA KA . -6.24 -9.03 14.53
H22 SMA KA . -3.51 -9.28 16.06
H23 SMA KA . -4.31 -8.54 13.18
H25 SMA KA . -2.55 -7.65 11.84
H26 SMA KA . -0.46 -7.22 11.08
H27 SMA KA . 0.00 -8.87 11.50
H28 SMA KA . 0.22 -7.57 12.68
H29 SMA KA . -11.98 -8.85 18.91
H30 SMA KA . -12.15 -7.37 19.86
H31 SMA KA . -11.37 -8.77 20.57
H32 SMA KA . -9.75 -11.97 19.44
H33 SMA KA . -9.87 -11.35 17.77
H34 SMA KA . -11.10 -10.90 18.98
H35 SMA KA . -7.43 -7.19 16.04
H36 SMA KA . -8.35 -6.36 17.31
H37 SMA KA . -9.19 -7.37 16.11
H38 SMA KA . -8.86 -10.98 13.99
H39 SMA KA . -8.96 -11.69 15.58
H40 SMA KA . -7.40 -11.42 14.84
H41 SMA KA . -0.15 -8.83 14.42
H42 SMA KA . -1.35 -9.75 15.32
H43 SMA KA . -1.21 -8.00 15.56
H44 SMA KA . -9.36 -0.86 19.94
FE HEC LA . -3.72 26.94 26.86
CHA HEC LA . -3.81 23.63 27.67
CHB HEC LA . -6.78 26.66 25.34
CHC HEC LA . -3.60 30.24 25.96
CHD HEC LA . -0.60 27.28 28.31
NA HEC LA . -5.05 25.45 26.59
C1A HEC LA . -4.87 24.13 26.94
C2A HEC LA . -5.97 23.36 26.43
C3A HEC LA . -6.79 24.20 25.78
C4A HEC LA . -6.22 25.52 25.87
CMA HEC LA . -8.11 23.87 25.05
CAA HEC LA . -6.13 21.82 26.61
CBA HEC LA . -6.78 21.49 27.95
CGA HEC LA . -6.82 19.98 28.10
O1A HEC LA . -5.76 19.33 27.93
O2A HEC LA . -7.91 19.42 28.39
NB HEC LA . -4.96 28.21 25.86
C1B HEC LA . -6.17 27.89 25.28
C2B HEC LA . -6.68 29.06 24.60
C3B HEC LA . -5.81 30.05 24.79
C4B HEC LA . -4.70 29.53 25.57
CMB HEC LA . -8.00 29.14 23.82
CAB HEC LA . -5.89 31.49 24.24
CBB HEC LA . -7.21 32.19 24.60
NC HEC LA . -2.35 28.47 27.08
C1C HEC LA . -2.52 29.77 26.66
C2C HEC LA . -1.33 30.53 26.98
C3C HEC LA . -0.54 29.74 27.74
C4C HEC LA . -1.14 28.41 27.74
CMC HEC LA . -1.20 32.06 26.77
CAC HEC LA . 0.85 30.07 28.35
CBC HEC LA . 0.96 31.44 29.04
ND HEC LA . -2.40 25.65 27.81
C1D HEC LA . -1.18 26.03 28.38
C2D HEC LA . -0.63 24.90 29.08
C3D HEC LA . -1.63 23.75 28.88
C4D HEC LA . -2.69 24.32 28.09
CMD HEC LA . 0.71 24.83 29.86
CAD HEC LA . -1.50 22.32 29.43
CBD HEC LA . -2.54 22.08 30.52
CGD HEC LA . -2.42 20.67 31.04
O1D HEC LA . -2.66 19.72 30.25
O2D HEC LA . -2.09 20.49 32.24
HHA HEC LA . -3.86 22.68 27.92
HHB HEC LA . -7.68 26.58 24.98
HHC HEC LA . -3.58 31.20 25.72
HHD HEC LA . 0.30 27.36 28.69
HMA1 HEC LA . -8.21 22.90 24.98
HMA2 HEC LA . -8.10 24.27 24.16
HMA3 HEC LA . -8.86 24.24 25.56
HAA1 HEC LA . -5.26 21.41 26.56
HAA2 HEC LA . -6.69 21.48 25.89
HBA1 HEC LA . -7.68 21.84 27.97
HBA2 HEC LA . -6.25 21.87 28.67
HMB1 HEC LA . -7.83 29.40 22.90
HMB2 HEC LA . -8.59 29.80 24.23
HMB3 HEC LA . -8.44 28.27 23.82
HAB HEC LA . -5.18 31.99 24.63
HBB1 HEC LA . -7.02 33.08 24.93
HBB2 HEC LA . -7.67 31.68 25.27
HBB3 HEC LA . -7.77 32.26 23.80
HMC1 HEC LA . -0.29 32.29 26.54
HMC2 HEC LA . -1.45 32.52 27.59
HMC3 HEC LA . -1.80 32.34 26.05
HAC HEC LA . 1.01 29.40 29.02
HBC1 HEC LA . 1.47 31.34 29.85
HBC2 HEC LA . 0.06 31.76 29.25
HBC3 HEC LA . 1.39 32.06 28.43
HMD1 HEC LA . 0.53 24.59 30.79
HMD2 HEC LA . 1.15 25.71 29.84
HMD3 HEC LA . 1.30 24.16 29.46
HAD1 HEC LA . -0.61 22.19 29.81
HAD2 HEC LA . -1.64 21.68 28.71
HBD1 HEC LA . -3.43 22.21 30.14
HBD2 HEC LA . -2.41 22.70 31.24
SR SR MA . -24.54 23.47 22.19
C1 BOG NA . -26.60 17.13 15.01
O1 BOG NA . -27.03 15.83 14.74
C2 BOG NA . -25.98 17.11 16.44
O2 BOG NA . -26.96 16.88 17.38
C3 BOG NA . -25.34 18.49 16.70
O3 BOG NA . -24.63 18.51 17.89
C4 BOG NA . -24.34 18.79 15.56
O4 BOG NA . -23.87 20.09 15.66
C5 BOG NA . -25.13 18.73 14.23
O5 BOG NA . -25.60 17.43 14.07
C6 BOG NA . -24.24 19.05 13.02
O6 BOG NA . -22.97 19.35 13.52
C1' BOG NA . -27.93 15.81 13.64
C2' BOG NA . -27.98 14.37 13.14
C3' BOG NA . -28.98 14.35 11.98
C4' BOG NA . -29.26 12.92 11.54
C5' BOG NA . -30.41 12.90 10.54
C6' BOG NA . -30.80 11.45 10.20
C7' BOG NA . -31.57 11.38 8.86
C8' BOG NA . -31.64 9.96 8.36
H1 BOG NA . -27.46 17.86 14.99
H2 BOG NA . -25.19 16.31 16.49
HO2 BOG NA . -26.59 17.10 18.25
H3 BOG NA . -26.15 19.28 16.72
HO3 BOG NA . -24.10 19.30 17.91
H4 BOG NA . -23.52 18.02 15.56
HO4 BOG NA . -22.91 20.03 15.76
H5 BOG NA . -25.97 19.48 14.25
H61 BOG NA . -24.23 18.18 12.32
H62 BOG NA . -24.68 19.90 12.46
HO6 BOG NA . -22.92 20.30 13.61
H1'1 BOG NA . -27.59 16.51 12.85
H1'2 BOG NA . -28.93 16.16 13.97
H2'1 BOG NA . -28.29 13.67 13.94
H2'2 BOG NA . -26.99 14.02 12.82
H3'1 BOG NA . -28.60 14.94 11.13
H3'2 BOG NA . -29.92 14.86 12.27
H4'1 BOG NA . -29.50 12.28 12.42
H4'2 BOG NA . -28.35 12.46 11.10
H5'1 BOG NA . -30.14 13.46 9.62
H5'2 BOG NA . -31.29 13.45 10.94
H6'1 BOG NA . -31.40 11.02 11.01
H6'2 BOG NA . -29.88 10.82 10.15
H7'1 BOG NA . -31.09 12.05 8.11
H7'2 BOG NA . -32.59 11.80 8.99
H8'1 BOG NA . -30.68 9.60 7.98
H8'2 BOG NA . -31.94 9.26 9.15
H8'3 BOG NA . -32.37 9.85 7.54
FE1 FES OA . 12.94 15.40 -24.57
FE2 FES OA . 11.41 13.08 -25.86
S1 FES OA . 12.95 14.48 -26.56
S2 FES OA . 11.52 13.91 -23.84
CHA HEM PA . -2.05 -20.51 -22.29
CHB HEM PA . -0.90 -18.75 -17.94
CHC HEM PA . -0.38 -14.34 -19.93
CHD HEM PA . -2.42 -15.98 -24.01
C1A HEM PA . -1.71 -20.44 -20.95
C2A HEM PA . -1.54 -21.55 -20.05
C3A HEM PA . -1.23 -21.07 -18.84
C4A HEM PA . -1.18 -19.62 -18.95
CMA HEM PA . -0.94 -21.91 -17.59
CAA HEM PA . -1.68 -23.04 -20.41
CBA HEM PA . -0.26 -23.61 -20.57
CGA HEM PA . 0.43 -22.88 -21.69
O1A HEM PA . 1.53 -22.31 -21.46
O2A HEM PA . -0.10 -22.86 -22.83
C1B HEM PA . -0.63 -17.40 -18.10
C2B HEM PA . -0.17 -16.50 -17.06
C3B HEM PA . -0.03 -15.27 -17.62
C4B HEM PA . -0.40 -15.38 -19.01
CMB HEM PA . 0.08 -16.94 -15.59
CAB HEM PA . 0.42 -13.93 -16.98
CBB HEM PA . 0.59 -13.75 -15.66
C1C HEM PA . -0.81 -14.39 -21.23
C2C HEM PA . -0.60 -13.39 -22.25
C3C HEM PA . -1.17 -13.85 -23.40
C4C HEM PA . -1.75 -15.15 -23.11
CMC HEM PA . 0.16 -12.06 -22.02
CAC HEM PA . -1.25 -13.18 -24.80
CBC HEM PA . -0.98 -11.88 -25.02
C1D HEM PA . -2.50 -17.36 -23.93
C2D HEM PA . -2.99 -18.27 -24.94
C3D HEM PA . -2.90 -19.52 -24.44
C4D HEM PA . -2.33 -19.44 -23.12
CMD HEM PA . -3.55 -17.86 -26.32
CAD HEM PA . -3.28 -20.85 -25.14
CBD HEM PA . -4.56 -21.40 -24.51
CGD HEM PA . -4.98 -22.65 -25.23
O1D HEM PA . -4.09 -23.35 -25.80
O2D HEM PA . -6.21 -22.95 -25.26
NA HEM PA . -1.48 -19.27 -20.25
NB HEM PA . -0.77 -16.69 -19.27
NC HEM PA . -1.48 -15.45 -21.80
ND HEM PA . -2.12 -18.11 -22.83
FE HEM PA . -1.47 -17.38 -21.09
HHB HEM PA . -0.88 -19.10 -17.03
HHC HEM PA . -0.03 -13.49 -19.61
HHD HEM PA . -2.89 -15.55 -24.75
HMA HEM PA . -0.86 -21.31 -16.81
HMAA HEM PA . -0.12 -22.42 -17.70
HMAB HEM PA . -1.68 -22.53 -17.43
HAA HEM PA . -2.17 -23.14 -21.24
HAAA HEM PA . -2.14 -23.52 -19.70
HBA HEM PA . -0.32 -24.56 -20.78
HBAA HEM PA . 0.23 -23.48 -19.75
HMB HEM PA . 0.83 -16.45 -15.23
HMBA HEM PA . 0.28 -17.88 -15.57
HMBB HEM PA . -0.71 -16.76 -15.05
HAB HEM PA . 0.58 -13.19 -17.56
HBB HEM PA . 0.42 -14.48 -15.05
HBBA HEM PA . 0.87 -12.89 -15.32
HMC HEM PA . 0.69 -11.84 -22.80
HMCA HEM PA . 0.73 -12.15 -21.25
HMCB HEM PA . -0.48 -11.35 -21.86
HAC HEM PA . -1.53 -13.71 -25.54
HBC HEM PA . -0.71 -11.30 -24.29
HBCA HEM PA . -1.06 -11.51 -25.92
HMD HEM PA . -2.80 -17.59 -26.90
HMDA HEM PA . -4.16 -17.10 -26.20
HMDB HEM PA . -4.02 -18.61 -26.72
HAD HEM PA . -2.57 -21.49 -25.02
HADA HEM PA . -3.42 -20.69 -26.08
HBD HEM PA . -5.27 -20.73 -24.58
HBDA HEM PA . -4.40 -21.61 -23.58
HHA HEM PA . -2.10 -21.41 -22.69
CHA HEM QA . 9.18 -2.49 -6.84
CHB HEM QA . 7.27 -5.08 -10.49
CHC HEM QA . 3.94 -6.93 -7.48
CHD HEM QA . 5.57 -4.00 -4.01
C1A HEM QA . 8.99 -3.08 -8.08
C2A HEM QA . 9.90 -2.99 -9.20
C3A HEM QA . 9.39 -3.69 -10.20
C4A HEM QA . 8.13 -4.27 -9.76
CMA HEM QA . 10.02 -3.85 -11.60
CAA HEM QA . 11.20 -2.15 -9.13
CBA HEM QA . 12.26 -2.92 -8.34
CGA HEM QA . 13.57 -2.18 -8.34
O1A HEM QA . 14.42 -2.48 -7.47
O2A HEM QA . 13.77 -1.26 -9.19
C1B HEM QA . 6.21 -5.83 -10.00
C2B HEM QA . 5.37 -6.75 -10.74
C3B HEM QA . 4.46 -7.27 -9.90
C4B HEM QA . 4.67 -6.67 -8.61
CMB HEM QA . 5.59 -7.05 -12.25
CAB HEM QA . 3.31 -8.27 -10.13
CBB HEM QA . 2.87 -8.61 -11.34
C1C HEM QA . 4.04 -6.25 -6.30
C2C HEM QA . 3.11 -6.32 -5.18
C3C HEM QA . 3.57 -5.49 -4.23
C4C HEM QA . 4.80 -4.89 -4.71
CMC HEM QA . 1.84 -7.20 -5.16
CAC HEM QA . 3.02 -5.15 -2.82
CBC HEM QA . 2.14 -5.89 -2.15
C1D HEM QA . 6.71 -3.36 -4.45
C2D HEM QA . 7.53 -2.45 -3.66
C3D HEM QA . 8.55 -2.05 -4.43
C4D HEM QA . 8.38 -2.66 -5.74
CMD HEM QA . 7.28 -2.08 -2.19
CAD HEM QA . 9.68 -1.06 -4.03
CBD HEM QA . 10.89 -1.80 -3.44
CGD HEM QA . 11.87 -2.27 -4.51
O1D HEM QA . 12.34 -3.43 -4.43
O2D HEM QA . 12.22 -1.48 -5.42
NA HEM QA . 7.93 -3.87 -8.46
NB HEM QA . 5.74 -5.79 -8.70
NC HEM QA . 5.06 -5.38 -5.97
ND HEM QA . 7.25 -3.45 -5.71
FE HEM QA . 6.51 -4.61 -7.22
HHB HEM QA . 7.44 -5.14 -11.45
HHC HEM QA . 3.29 -7.67 -7.53
HHD HEM QA . 5.28 -3.78 -3.10
HMA HEM QA . 10.13 -2.97 -12.02
HMAA HEM QA . 9.45 -4.41 -12.16
HMAB HEM QA . 10.91 -4.28 -11.51
HAA HEM QA . 11.03 -1.30 -8.71
HAAA HEM QA . 11.52 -2.00 -10.04
HBA HEM QA . 12.39 -3.79 -8.75
HBAA HEM QA . 11.95 -3.03 -7.43
HMB HEM QA . 6.52 -6.89 -12.48
HMBA HEM QA . 5.02 -6.47 -12.78
HMBB HEM QA . 5.36 -7.98 -12.42
HAB HEM QA . 2.89 -8.68 -9.36
HBB HEM QA . 2.13 -9.25 -11.43
HBBA HEM QA . 3.26 -8.22 -12.13
HMC HEM QA . 1.07 -6.64 -4.96
HMCA HEM QA . 1.93 -7.88 -4.47
HMCB HEM QA . 1.73 -7.63 -6.01
HAC HEM QA . 3.36 -4.36 -2.40
HBC HEM QA . 1.84 -5.61 -1.27
HBCA HEM QA . 1.78 -6.70 -2.55
HMD HEM QA . 6.33 -1.89 -2.06
HMDA HEM QA . 7.80 -1.29 -1.95
HMDB HEM QA . 7.54 -2.83 -1.61
HAD HEM QA . 9.35 -0.45 -3.37
HADA HEM QA . 9.97 -0.58 -4.81
HBD HEM QA . 10.57 -2.58 -2.96
HBDA HEM QA . 11.36 -1.20 -2.84
HHA HEM QA . 9.96 -1.90 -6.75
C2 SMA RA . 8.80 3.87 -22.52
C3 SMA RA . 9.02 5.05 -23.25
C3M SMA RA . 8.33 5.37 -24.55
C4 SMA RA . 9.95 6.01 -22.75
C4A SMA RA . 10.66 5.75 -21.55
C5 SMA RA . 11.61 6.61 -21.00
C5M SMA RA . 13.25 7.77 -22.21
C6 SMA RA . 12.26 6.30 -19.83
C7 SMA RA . 11.99 5.12 -19.16
C7M SMA RA . 14.02 5.11 -17.89
C8 SMA RA . 11.04 4.25 -19.69
C8A SMA RA . 10.40 4.57 -20.86
C9 SMA RA . 7.89 2.74 -22.93
C10 SMA RA . 6.48 2.73 -22.29
C11 SMA RA . 5.91 1.29 -22.21
C12 SMA RA . 4.38 1.32 -21.97
C13 SMA RA . 3.94 2.10 -20.69
C14 SMA RA . 2.41 1.96 -20.49
C15 SMA RA . 1.91 3.09 -19.64
C16 SMA RA . 1.47 2.88 -18.33
C17 SMA RA . 1.00 4.00 -17.52
C18 SMA RA . 0.56 3.77 -16.22
C19 SMA RA . 0.05 4.85 -15.32
C20 SMA RA . -0.37 4.45 -14.04
C21 SMA RA . -0.90 5.35 -12.94
C22 SMA RA . 6.19 0.42 -23.45
C23 SMA RA . 2.95 1.01 -23.89
C24 SMA RA . 4.66 1.56 -19.43
C25 SMA RA . 0.88 0.16 -20.12
C26 SMA RA . 0.01 6.28 -15.82
O1 SMA RA . 9.49 3.67 -21.33
O4 SMA RA . 10.11 7.04 -23.39
O5 SMA RA . 11.92 7.80 -21.62
O7 SMA RA . 12.62 4.76 -17.98
O8 SMA RA . 10.78 3.08 -19.04
O12 SMA RA . 3.78 1.93 -23.15
O14 SMA RA . 2.20 0.68 -19.86
H1 SMA RA . 8.00 6.41 -24.54
H2 SMA RA . 7.48 4.73 -24.69
H3 SMA RA . 9.02 5.24 -25.38
H4 SMA RA . 13.45 6.80 -22.61
H5 SMA RA . 13.99 8.00 -21.47
H6 SMA RA . 13.31 8.49 -23.00
H7 SMA RA . 12.99 6.98 -19.43
H8 SMA RA . 14.51 4.53 -17.11
H9 SMA RA . 14.15 6.16 -17.66
H10 SMA RA . 14.53 4.91 -18.83
H11 SMA RA . 8.37 1.82 -22.69
H12 SMA RA . 7.76 2.80 -24.00
H13 SMA RA . 5.83 3.37 -22.88
H14 SMA RA . 6.56 3.16 -21.30
H15 SMA RA . 6.41 0.84 -21.37
H16 SMA RA . 4.04 0.30 -21.83
H17 SMA RA . 4.18 3.15 -20.81
H18 SMA RA . 1.90 1.97 -21.45
H19 SMA RA . 1.91 4.09 -20.05
H21 SMA RA . 1.47 1.89 -17.92
H22 SMA RA . 0.99 4.98 -17.94
H23 SMA RA . 0.59 2.76 -15.85
H25 SMA RA . 0.07 3.56 -13.63
H26 SMA RA . -0.73 4.90 -11.98
H27 SMA RA . -1.97 5.50 -13.08
H28 SMA RA . -0.40 6.31 -12.99
H29 SMA RA . 5.53 -0.45 -23.43
H30 SMA RA . 7.22 0.09 -23.45
H31 SMA RA . 5.99 0.98 -24.35
H32 SMA RA . 2.46 1.58 -24.66
H33 SMA RA . 2.25 0.59 -23.19
H34 SMA RA . 3.60 0.26 -24.31
H35 SMA RA . 4.12 1.86 -18.54
H36 SMA RA . 5.67 1.96 -19.38
H37 SMA RA . 4.71 0.48 -19.46
H38 SMA RA . 0.71 -0.76 -19.58
H39 SMA RA . 0.74 -0.04 -21.18
H40 SMA RA . 0.11 0.86 -19.82
H41 SMA RA . -0.52 6.91 -15.10
H42 SMA RA . -0.51 6.33 -16.78
H43 SMA RA . 1.01 6.67 -15.95
H44 SMA RA . 11.59 2.56 -18.96
FE HEC SA . 35.90 12.80 -5.55
CHA HEC SA . 33.51 13.06 -8.00
CHB HEC SA . 36.02 9.35 -6.15
CHC HEC SA . 38.24 12.37 -3.07
CHD HEC SA . 35.71 16.10 -4.86
NA HEC SA . 34.98 11.46 -6.86
C1A HEC SA . 33.96 11.80 -7.72
C2A HEC SA . 33.44 10.58 -8.30
C3A HEC SA . 34.13 9.55 -7.80
C4A HEC SA . 35.12 10.08 -6.87
CMA HEC SA . 33.95 8.05 -8.09
CAA HEC SA . 32.29 10.53 -9.32
CBA HEC SA . 32.85 10.80 -10.70
CGA HEC SA . 31.69 10.87 -11.65
O1A HEC SA . 30.75 11.64 -11.37
O2A HEC SA . 31.72 10.14 -12.68
NB HEC SA . 36.96 11.16 -4.78
C1B HEC SA . 36.81 9.83 -5.13
C2B HEC SA . 37.64 9.04 -4.23
C3B HEC SA . 38.24 9.87 -3.38
C4B HEC SA . 37.83 11.22 -3.71
CMB HEC SA . 37.75 7.49 -4.27
CAB HEC SA . 39.20 9.49 -2.24
CBB HEC SA . 40.41 8.66 -2.74
NC HEC SA . 36.78 14.00 -4.19
C1C HEC SA . 37.78 13.65 -3.29
C2C HEC SA . 38.19 14.84 -2.58
C3C HEC SA . 37.55 15.90 -3.14
C4C HEC SA . 36.61 15.37 -4.12
CMC HEC SA . 39.34 14.88 -1.54
CAC HEC SA . 37.61 17.40 -2.74
CBC HEC SA . 39.05 17.93 -2.49
ND HEC SA . 34.74 14.34 -6.28
C1D HEC SA . 34.93 15.66 -5.90
C2D HEC SA . 34.16 16.50 -6.80
C3D HEC SA . 33.48 15.55 -7.78
C4D HEC SA . 33.90 14.23 -7.38
CMD HEC SA . 34.06 18.05 -6.78
CAD HEC SA . 32.55 15.93 -8.95
CBD HEC SA . 33.25 15.63 -10.28
CGD HEC SA . 32.38 15.99 -11.44
O1D HEC SA . 31.18 16.30 -11.20
O2D HEC SA . 32.86 15.97 -12.60
HHA HEC SA . 32.83 13.14 -8.72
HHB HEC SA . 36.12 8.40 -6.38
HHC HEC SA . 38.93 12.27 -2.38
HHD HEC SA . 35.61 17.05 -4.61
HMA1 HEC SA . 34.72 7.72 -8.60
HMA2 HEC SA . 33.15 7.91 -8.63
HMA3 HEC SA . 33.88 7.55 -7.25
HAA1 HEC SA . 31.64 11.23 -9.09
HAA2 HEC SA . 31.86 9.67 -9.29
HBA1 HEC SA . 33.44 10.06 -10.96
HBA2 HEC SA . 33.33 11.63 -10.71
HMB1 HEC SA . 37.39 7.13 -3.44
HMB2 HEC SA . 38.69 7.24 -4.34
HMB3 HEC SA . 37.26 7.15 -5.02
HAB HEC SA . 39.56 10.31 -1.87
HBB1 HEC SA . 41.23 9.04 -2.37
HBB2 HEC SA . 40.44 8.69 -3.71
HBB3 HEC SA . 40.31 7.75 -2.44
HMC1 HEC SA . 39.08 15.45 -0.79
HMC2 HEC SA . 40.14 15.23 -1.96
HMC3 HEC SA . 39.51 13.99 -1.21
HAC HEC SA . 37.26 17.89 -3.48
HBC1 HEC SA . 39.12 18.82 -2.89
HBC2 HEC SA . 39.69 17.34 -2.91
HBC3 HEC SA . 39.21 17.97 -1.53
HMD1 HEC SA . 34.65 18.41 -6.08
HMD2 HEC SA . 33.14 18.31 -6.59
HMD3 HEC SA . 34.34 18.41 -7.65
HAD1 HEC SA . 32.33 16.88 -8.91
HAD2 HEC SA . 31.73 15.41 -8.89
HBD1 HEC SA . 33.46 14.68 -10.32
HBD2 HEC SA . 34.08 16.15 -10.32
C1 BOG TA . 29.59 -13.63 -13.03
O1 BOG TA . 28.39 -14.04 -13.59
C2 BOG TA . 30.02 -12.33 -13.76
O2 BOG TA . 30.32 -12.62 -15.08
C3 BOG TA . 31.28 -11.77 -13.08
O3 BOG TA . 31.60 -10.53 -13.61
C4 BOG TA . 30.98 -11.58 -11.56
O4 BOG TA . 32.15 -11.28 -10.86
C5 BOG TA . 30.49 -12.95 -10.97
O5 BOG TA . 29.33 -13.32 -11.66
C6 BOG TA . 30.14 -12.81 -9.47
O6 BOG TA . 30.72 -11.62 -9.03
C1' BOG TA . 28.19 -15.44 -13.51
C2' BOG TA . 26.79 -15.74 -14.03
C3' BOG TA . 26.64 -17.24 -14.16
C4' BOG TA . 25.21 -17.55 -14.56
C5' BOG TA . 25.06 -19.02 -14.92
C6' BOG TA . 23.63 -19.28 -15.42
C7' BOG TA . 23.10 -20.64 -14.93
C8' BOG TA . 23.76 -21.79 -15.67
H1 BOG TA . 30.39 -14.41 -13.14
H2 BOG TA . 29.18 -11.58 -13.71
HO2 BOG TA . 30.20 -11.81 -15.58
H3 BOG TA . 32.13 -12.50 -13.20
HO3 BOG TA . 31.65 -9.90 -12.89
H4 BOG TA . 30.19 -10.80 -11.42
HO4 BOG TA . 32.01 -10.44 -10.41
H5 BOG TA . 31.29 -13.72 -11.09
H61 BOG TA . 29.04 -12.81 -9.35
H62 BOG TA . 30.53 -13.70 -8.92
HO6 BOG TA . 31.63 -11.83 -8.78
H1'1 BOG TA . 28.33 -15.78 -12.47
H1'2 BOG TA . 28.97 -15.97 -14.11
H2'1 BOG TA . 26.62 -15.23 -15.00
H2'2 BOG TA . 26.03 -15.32 -13.35
H3'1 BOG TA . 26.89 -17.75 -13.20
H3'2 BOG TA . 27.35 -17.66 -14.88
H4'1 BOG TA . 24.91 -16.91 -15.42
H4'2 BOG TA . 24.51 -17.27 -13.76
H5'1 BOG TA . 25.29 -19.66 -14.04
H5'2 BOG TA . 25.81 -19.32 -15.68
H6'1 BOG TA . 23.62 -19.24 -16.52
H6'2 BOG TA . 22.96 -18.46 -15.10
H7'1 BOG TA . 22.00 -20.68 -15.06
H7'2 BOG TA . 23.25 -20.74 -13.84
H8'1 BOG TA . 23.34 -22.76 -15.37
H8'2 BOG TA . 23.64 -21.71 -16.75
H8'3 BOG TA . 24.84 -21.83 -15.47
SR SR UA . 37.83 -7.35 -13.30
FE1 FES VA . -1.59 -2.61 31.48
FE2 FES VA . -4.00 -4.30 30.69
S1 FES VA . -3.34 -3.34 32.55
S2 FES VA . -2.32 -3.43 29.60
CHA HEM WA . -8.31 6.44 -87.77
CHB HEM WA . -6.05 9.94 -90.25
CHC HEM WA . -2.71 10.25 -86.75
CHD HEM WA . -4.76 6.52 -84.44
C1A HEM WA . -8.01 7.38 -88.73
C2A HEM WA . -8.81 7.67 -89.92
C3A HEM WA . -8.17 8.63 -90.60
C4A HEM WA . -6.97 9.00 -89.88
CMA HEM WA . -8.66 9.25 -91.93
CAA HEM WA . -10.13 7.01 -90.35
CBA HEM WA . -11.32 7.91 -90.00
CGA HEM WA . -11.42 8.16 -88.52
O1A HEM WA . -11.42 9.35 -88.10
O2A HEM WA . -11.50 7.16 -87.74
C1B HEM WA . -4.94 10.33 -89.53
C2B HEM WA . -3.97 11.34 -89.92
C3B HEM WA . -3.05 11.43 -88.94
C4B HEM WA . -3.40 10.47 -87.93
CMB HEM WA . -4.05 12.15 -91.25
CAB HEM WA . -1.78 12.33 -88.83
CBB HEM WA . -1.29 13.09 -89.82
C1C HEM WA . -3.01 9.34 -85.77
C2C HEM WA . -2.45 9.30 -84.44
C3C HEM WA . -3.04 8.27 -83.78
C4C HEM WA . -3.96 7.62 -84.70
CMC HEM WA . -1.41 10.34 -83.96
CAC HEM WA . -2.80 7.74 -82.34
CBC HEM WA . -1.78 8.11 -81.57
C1D HEM WA . -5.91 6.15 -85.13
C2D HEM WA . -6.80 5.05 -84.82
C3D HEM WA . -7.78 5.04 -85.74
C4D HEM WA . -7.53 6.12 -86.68
CMD HEM WA . -6.65 4.10 -83.61
CAD HEM WA . -8.98 4.08 -85.83
CBD HEM WA . -8.77 3.08 -86.97
CGD HEM WA . -9.91 2.10 -87.01
O1D HEM WA . -11.03 2.46 -86.59
O2D HEM WA . -9.69 0.95 -87.47
NA HEM WA . -6.92 8.22 -88.74
NB HEM WA . -4.55 9.82 -88.31
NC HEM WA . -3.94 8.32 -85.89
ND HEM WA . -6.36 6.75 -86.29
FE HEM WA . -5.42 8.27 -87.25
HHB HEM WA . -6.20 10.40 -91.11
HHC HEM WA . -1.91 10.80 -86.60
HHD HEM WA . -4.48 5.93 -83.70
HMA HEM WA . -8.80 8.55 -92.59
HMAA HEM WA . -7.99 9.88 -92.26
HMAB HEM WA . -9.50 9.73 -91.78
HAA HEM WA . -10.22 6.16 -89.88
HAAA HEM WA . -10.11 6.85 -91.30
HBA HEM WA . -12.14 7.48 -90.30
HBAA HEM WA . -11.21 8.75 -90.46
HMB HEM WA . -3.81 13.07 -91.08
HMBA HEM WA . -4.95 12.12 -91.59
HMBB HEM WA . -3.43 11.77 -91.90
HAB HEM WA . -1.31 12.34 -87.99
HBB HEM WA . -0.49 13.63 -89.67
HBBA HEM WA . -1.73 13.12 -90.68
HMC HEM WA . -1.44 10.40 -83.00
HMCA HEM WA . -1.62 11.21 -84.35
HMCB HEM WA . -0.53 10.07 -84.25
HAC HEM WA . -3.43 7.12 -81.99
HBC HEM WA . -1.68 7.74 -80.68
HBCA HEM WA . -1.11 8.74 -81.90
HMD HEM WA . -5.72 3.84 -83.51
HMDA HEM WA . -7.19 3.30 -83.76
HMDB HEM WA . -6.95 4.55 -82.79
HAD HEM WA . -9.79 4.58 -86.01
HADA HEM WA . -9.07 3.59 -85.00
HBD HEM WA . -7.93 2.61 -86.82
HBDA HEM WA . -8.73 3.56 -87.82
HHA HEM WA . -9.15 5.95 -87.87
CHA HEM XA . 8.76 26.78 -88.83
CHB HEM XA . 6.05 22.92 -87.65
CHC HEM XA . 6.49 21.20 -92.15
CHD HEM XA . 9.77 24.65 -93.03
C1A HEM XA . 7.93 25.92 -88.13
C2A HEM XA . 7.35 26.17 -86.83
C3A HEM XA . 6.61 25.10 -86.50
C4A HEM XA . 6.68 24.15 -87.59
CMA HEM XA . 5.80 24.94 -85.20
CAA HEM XA . 7.59 27.45 -86.00
CBA HEM XA . 6.73 28.57 -86.56
CGA HEM XA . 6.88 29.80 -85.71
O1A HEM XA . 7.55 29.73 -84.65
O2A HEM XA . 6.32 30.86 -86.09
C1B HEM XA . 5.90 22.14 -88.77
C2B HEM XA . 5.09 20.93 -88.87
C3B HEM XA . 5.21 20.47 -90.13
C4B HEM XA . 6.11 21.34 -90.84
CMB HEM XA . 4.24 20.36 -87.71
CAB HEM XA . 4.59 19.23 -90.81
CBB HEM XA . 4.00 18.23 -90.14
C1C HEM XA . 7.49 21.93 -92.76
C2C HEM XA . 8.12 21.63 -94.02
C3C HEM XA . 9.06 22.58 -94.25
C4C HEM XA . 9.00 23.52 -93.15
CMC HEM XA . 7.78 20.40 -94.89
CAC HEM XA . 10.03 22.80 -95.42
CBC HEM XA . 9.91 22.25 -96.62
C1D HEM XA . 9.76 25.56 -92.00
C2D HEM XA . 10.49 26.81 -91.95
C3D HEM XA . 10.20 27.41 -90.80
C4D HEM XA . 9.30 26.55 -90.06
CMD HEM XA . 11.41 27.33 -93.09
CAD HEM XA . 10.76 28.77 -90.30
CBD HEM XA . 9.84 29.92 -90.73
CGD HEM XA . 8.72 30.17 -89.75
O1D HEM XA . 7.55 30.33 -90.20
O2D HEM XA . 8.97 30.23 -88.52
NA HEM XA . 7.51 24.68 -88.57
NB HEM XA . 6.52 22.35 -89.98
NC HEM XA . 8.04 23.10 -92.26
ND HEM XA . 9.04 25.43 -90.83
FE HEM XA . 7.80 23.92 -90.41
HHB HEM XA . 5.68 22.58 -86.80
HHC HEM XA . 6.03 20.53 -92.68
HHD HEM XA . 10.42 24.82 -93.76
HMA HEM XA . 6.41 24.99 -84.42
HMAA HEM XA . 5.36 24.06 -85.20
HMAB HEM XA . 5.13 25.65 -85.12
HAA HEM XA . 8.52 27.69 -86.04
HAAA HEM XA . 7.35 27.28 -85.07
HBA HEM XA . 5.80 28.30 -86.58
HBAA HEM XA . 7.02 28.78 -87.47
HMB HEM XA . 4.03 21.08 -87.09
HMBA HEM XA . 4.75 19.68 -87.25
HMBB HEM XA . 3.42 19.99 -88.06
HAB HEM XA . 4.64 19.16 -91.77
HBB HEM XA . 3.63 17.48 -90.62
HBBA HEM XA . 3.94 18.27 -89.17
HMC HEM XA . 7.39 20.69 -95.72
HMCA HEM XA . 7.15 19.83 -94.42
HMCB HEM XA . 8.60 19.89 -95.07
HAC HEM XA . 10.78 23.38 -95.27
HBC HEM XA . 10.56 22.43 -97.31
HBCA HEM XA . 9.15 21.66 -96.81
HMD HEM XA . 12.04 26.61 -93.35
HMDA HEM XA . 11.92 28.09 -92.77
HMDB HEM XA . 10.87 27.58 -93.86
HAD HEM XA . 11.65 28.91 -90.68
HADA HEM XA . 10.82 28.76 -89.33
HBD HEM XA . 9.46 29.70 -91.59
HBDA HEM XA . 10.37 30.72 -90.81
HHA HEM XA . 8.99 27.63 -88.39
C2 SMA YA . 9.58 20.63 -73.50
C3 SMA YA . 10.30 20.69 -72.29
C3M SMA YA . 10.37 19.57 -71.28
C4 SMA YA . 11.04 21.87 -71.97
C4A SMA YA . 11.00 22.99 -72.85
C5 SMA YA . 11.66 24.19 -72.58
C5M SMA YA . 11.74 25.28 -70.50
C6 SMA YA . 11.59 25.24 -73.48
C7 SMA YA . 10.86 25.12 -74.64
C7M SMA YA . 10.67 27.48 -75.01
C8 SMA YA . 10.20 23.93 -74.92
C8A SMA YA . 10.27 22.89 -74.03
C9 SMA YA . 8.74 19.47 -73.95
C10 SMA YA . 9.47 18.51 -74.93
C11 SMA YA . 8.48 17.76 -75.85
C12 SMA YA . 9.13 16.52 -76.53
C13 SMA YA . 10.46 16.85 -77.32
C14 SMA YA . 10.95 15.54 -78.03
C15 SMA YA . 12.40 15.72 -78.43
C16 SMA YA . 12.78 15.85 -79.76
C17 SMA YA . 14.18 16.02 -80.13
C18 SMA YA . 14.52 16.15 -81.48
C19 SMA YA . 15.91 16.32 -81.97
C20 SMA YA . 16.06 16.41 -83.36
C21 SMA YA . 17.35 16.62 -84.12
C22 SMA YA . 7.19 17.29 -75.14
C23 SMA YA . 8.66 14.32 -75.66
C24 SMA YA . 10.23 17.97 -78.36
C25 SMA YA . 10.03 13.98 -79.60
C26 SMA YA . 17.07 16.39 -80.98
O1 SMA YA . 9.61 21.73 -74.33
O4 SMA YA . 11.68 21.88 -70.92
O5 SMA YA . 12.40 24.38 -71.43
O7 SMA YA . 10.77 26.15 -75.56
O8 SMA YA . 9.47 23.80 -76.07
O12 SMA YA . 9.42 15.53 -75.50
O14 SMA YA . 10.07 15.36 -79.16
H1 SMA YA . 11.40 19.31 -71.09
H2 SMA YA . 9.85 18.70 -71.66
H3 SMA YA . 9.90 19.88 -70.36
H4 SMA YA . 10.69 25.12 -70.50
H5 SMA YA . 11.94 26.30 -70.78
H6 SMA YA . 12.12 25.13 -69.51
H7 SMA YA . 12.10 26.15 -73.26
H8 SMA YA . 10.29 28.17 -75.75
H9 SMA YA . 11.64 27.83 -74.69
H10 SMA YA . 10.01 27.49 -74.16
H11 SMA YA . 7.86 19.85 -74.44
H12 SMA YA . 8.45 18.90 -73.08
H13 SMA YA . 10.05 17.79 -74.34
H14 SMA YA . 10.16 19.10 -75.52
H15 SMA YA . 8.20 18.47 -76.63
H16 SMA YA . 8.43 16.15 -77.27
H17 SMA YA . 11.23 17.18 -76.64
H18 SMA YA . 10.86 14.70 -77.37
H19 SMA YA . 13.14 15.76 -77.66
H21 SMA YA . 12.03 15.81 -80.54
H22 SMA YA . 14.93 16.05 -79.37
H23 SMA YA . 13.72 16.11 -82.20
H25 SMA YA . 15.22 16.79 -83.93
H26 SMA YA . 17.17 17.23 -85.00
H27 SMA YA . 17.75 15.66 -84.44
H28 SMA YA . 18.09 17.12 -83.50
H29 SMA YA . 6.67 16.57 -75.75
H30 SMA YA . 6.55 18.14 -74.96
H31 SMA YA . 7.45 16.84 -74.19
H32 SMA YA . 9.03 13.63 -74.93
H33 SMA YA . 8.84 13.98 -76.68
H34 SMA YA . 7.62 14.57 -75.50
H35 SMA YA . 11.08 18.03 -79.03
H36 SMA YA . 10.12 18.93 -77.86
H37 SMA YA . 9.34 17.77 -78.94
H38 SMA YA . 9.43 13.87 -80.49
H39 SMA YA . 9.59 13.34 -78.84
H40 SMA YA . 11.01 13.60 -79.82
H41 SMA YA . 18.01 16.29 -81.52
H42 SMA YA . 16.99 15.58 -80.27
H43 SMA YA . 17.06 17.33 -80.46
H44 SMA YA . 8.80 24.48 -76.10
FE HEC ZA . 13.40 53.61 -74.41
CHA HEC ZA . 13.57 50.40 -73.15
CHB HEC ZA . 10.06 53.01 -75.28
CHC HEC ZA . 13.11 56.75 -75.80
CHD HEC ZA . 16.67 54.16 -73.73
NA HEC ZA . 12.05 52.02 -74.21
C1A HEC ZA . 12.37 50.77 -73.71
C2A HEC ZA . 11.23 49.91 -73.91
C3A HEC ZA . 10.26 50.62 -74.50
C4A HEC ZA . 10.76 51.96 -74.70
CMA HEC ZA . 8.85 50.13 -74.90
CAA HEC ZA . 11.18 48.42 -73.49
CBA HEC ZA . 10.83 48.33 -72.01
CGA HEC ZA . 10.88 46.89 -71.61
O1A HEC ZA . 11.92 46.22 -71.88
O2A HEC ZA . 9.89 46.41 -71.00
NB HEC ZA . 11.85 54.69 -75.32
C1B HEC ZA . 10.59 54.22 -75.66
C2B HEC ZA . 9.94 55.22 -76.49
C3B HEC ZA . 10.78 56.25 -76.63
C4B HEC ZA . 12.00 55.94 -75.90
CMB HEC ZA . 8.53 55.09 -77.10
CAB HEC ZA . 10.53 57.55 -77.44
CBB HEC ZA . 9.24 58.27 -77.01
NC HEC ZA . 14.67 55.16 -74.76
C1C HEC ZA . 14.33 56.39 -75.26
C2C HEC ZA . 15.51 57.25 -75.19
C3C HEC ZA . 16.47 56.56 -74.53
C4C HEC ZA . 15.98 55.21 -74.30
CMC HEC ZA . 15.51 58.75 -75.57
CAC HEC ZA . 17.92 57.00 -74.19
CBC HEC ZA . 18.03 58.43 -73.60
ND HEC ZA . 14.90 52.42 -73.62
C1D HEC ZA . 16.16 52.94 -73.32
C2D HEC ZA . 16.85 51.97 -72.48
C3D HEC ZA . 15.87 50.81 -72.29
C4D HEC ZA . 14.70 51.18 -73.04
CMD HEC ZA . 18.27 52.09 -71.88
CAD HEC ZA . 16.08 49.51 -71.48
CBD HEC ZA . 15.15 49.53 -70.27
CGD HEC ZA . 15.32 48.27 -69.46
O1D HEC ZA . 14.99 47.18 -69.99
O2D HEC ZA . 15.77 48.36 -68.29
HHA HEC ZA . 13.61 49.49 -72.77
HHB HEC ZA . 9.10 52.87 -75.43
HHC HEC ZA . 13.03 57.66 -76.15
HHD HEC ZA . 17.64 54.28 -73.62
HMA1 HEC ZA . 8.77 50.12 -75.88
HMA2 HEC ZA . 8.17 50.74 -74.54
HMA3 HEC ZA . 8.69 49.23 -74.55
HAA1 HEC ZA . 12.05 48.02 -73.63
HAA2 HEC ZA . 10.51 47.95 -74.01
HBA1 HEC ZA . 9.93 48.68 -71.87
HBA2 HEC ZA . 11.46 48.84 -71.50
HMB1 HEC ZA . 8.59 55.13 -78.07
HMB2 HEC ZA . 7.97 55.82 -76.80
HMB3 HEC ZA . 8.12 54.25 -76.83
HAB HEC ZA . 11.27 58.14 -77.27
HBB1 HEC ZA . 9.44 59.22 -76.87
HBB2 HEC ZA . 8.93 57.88 -76.17
HBB3 HEC ZA . 8.58 58.17 -77.70
HMC1 HEC ZA . 16.28 58.94 -76.14
HMC2 HEC ZA . 15.57 59.29 -74.77
HMC3 HEC ZA . 14.69 58.96 -76.04
HAC HEC ZA . 18.23 56.40 -73.51
HBC1 HEC ZA . 18.72 58.44 -72.92
HBC2 HEC ZA . 17.18 58.68 -73.22
HBC3 HEC ZA . 18.27 59.04 -74.32
HMD1 HEC ZA . 18.87 51.49 -72.35
HMD2 HEC ZA . 18.25 51.87 -70.93
HMD3 HEC ZA . 18.59 53.02 -71.99
HAD1 HEC ZA . 17.00 49.45 -71.19
HAD2 HEC ZA . 15.88 48.75 -72.04
HBD1 HEC ZA . 14.23 49.60 -70.58
HBD2 HEC ZA . 15.37 50.30 -69.72
SR SR AB . -7.81 47.94 -75.86
C1 BOG BB . -10.02 40.23 -81.98
O1 BOG BB . -10.42 38.93 -82.29
C2 BOG BB . -9.16 40.17 -80.69
O2 BOG BB . -9.94 39.71 -79.63
C3 BOG BB . -8.68 41.60 -80.38
O3 BOG BB . -7.81 41.59 -79.31
C4 BOG BB . -7.89 42.12 -81.62
O4 BOG BB . -7.58 43.47 -81.45
C5 BOG BB . -8.85 42.04 -82.85
O5 BOG BB . -9.21 40.70 -83.04
C6 BOG BB . -8.12 42.54 -84.12
O6 BOG BB . -7.07 41.64 -84.35
C1' BOG BB . -11.50 38.93 -83.20
C2' BOG BB . -11.82 37.48 -83.56
C3' BOG BB . -12.81 37.53 -84.72
C4' BOG BB . -13.45 36.17 -84.94
C5' BOG BB . -14.42 36.24 -86.12
C6' BOG BB . -15.15 34.90 -86.27
C7' BOG BB . -16.23 35.00 -87.34
C8' BOG BB . -16.93 33.67 -87.53
H1 BOG BB . -10.92 40.89 -81.79
H2 BOG BB . -8.29 39.47 -80.85
HO2 BOG BB . -9.57 40.09 -78.83
H3 BOG BB . -9.56 42.25 -80.18
HO3 BOG BB . -7.00 41.16 -79.59
H4 BOG BB . -6.98 41.49 -81.79
HO4 BOG BB . -6.76 43.63 -81.91
H5 BOG BB . -9.75 42.67 -82.68
H61 BOG BB . -8.84 42.58 -84.97
H62 BOG BB . -7.76 43.58 -83.95
HO6 BOG BB . -6.38 42.12 -84.80
H1'1 BOG BB . -11.24 39.52 -84.10
H1'2 BOG BB . -12.38 39.43 -82.73
H2'1 BOG BB . -12.24 36.93 -82.69
H2'2 BOG BB . -10.90 36.92 -83.83
H3'1 BOG BB . -12.30 37.88 -85.65
H3'2 BOG BB . -13.58 38.30 -84.53
H4'1 BOG BB . -13.96 35.83 -84.02
H4'2 BOG BB . -12.67 35.41 -85.12
H5'1 BOG BB . -13.88 36.49 -87.05
H5'2 BOG BB . -15.14 37.08 -85.98
H6'1 BOG BB . -15.60 34.60 -85.30
H6'2 BOG BB . -14.43 34.09 -86.51
H7'1 BOG BB . -15.79 35.34 -88.31
H7'2 BOG BB . -16.96 35.80 -87.08
H8'1 BOG BB . -16.24 32.89 -87.86
H8'2 BOG BB . -17.38 33.32 -86.60
H8'3 BOG BB . -17.73 33.73 -88.27
FE1 FES CB . 24.59 34.24 -124.82
FE2 FES CB . 23.34 31.61 -125.76
S1 FES CB . 24.75 33.03 -126.64
S2 FES CB . 23.31 32.74 -123.88
CHA HEM DB . 12.86 -1.32 -115.38
CHB HEM DB . 14.45 1.30 -111.62
CHC HEM DB . 14.52 5.24 -114.46
CHD HEM DB . 12.16 2.77 -117.88
C1A HEM DB . 13.37 -0.98 -114.14
C2A HEM DB . 13.77 -1.89 -113.08
C3A HEM DB . 14.20 -1.17 -112.04
C4A HEM DB . 14.11 0.23 -112.41
CMA HEM DB . 14.72 -1.73 -110.69
CAA HEM DB . 13.69 -3.44 -113.12
CBA HEM DB . 15.10 -3.98 -113.41
CGA HEM DB . 15.57 -3.47 -114.75
O1A HEM DB . 16.66 -2.82 -114.82
O2A HEM DB . 14.88 -3.70 -115.77
C1B HEM DB . 14.62 2.60 -112.06
C2B HEM DB . 15.10 3.71 -111.26
C3B HEM DB . 15.12 4.81 -112.05
C4B HEM DB . 14.64 4.41 -113.36
CMB HEM DB . 15.50 3.58 -109.76
CAB HEM DB . 15.52 6.27 -111.73
CBB HEM DB . 15.77 6.72 -110.50
C1C HEM DB . 13.93 4.91 -115.65
C2C HEM DB . 13.95 5.71 -116.86
C3C HEM DB . 13.31 5.01 -117.82
C4C HEM DB . 12.87 3.77 -117.24
CMC HEM DB . 14.62 7.10 -116.92
CAC HEM DB . 12.96 5.38 -119.28
CBC HEM DB . 13.04 6.62 -119.77
C1D HEM DB . 12.16 1.44 -117.54
C2D HEM DB . 11.61 0.34 -118.30
C3D HEM DB . 11.81 -0.79 -117.61
C4D HEM DB . 12.47 -0.45 -116.36
CMD HEM DB . 10.94 0.48 -119.68
CAD HEM DB . 11.42 -2.23 -118.02
CBD HEM DB . 10.22 -2.69 -117.20
CGD HEM DB . 9.82 -4.07 -117.67
O1D HEM DB . 10.69 -4.80 -118.18
O2D HEM DB . 8.61 -4.40 -117.53
NA HEM DB . 13.61 0.30 -113.70
NB HEM DB . 14.34 3.05 -113.33
NC HEM DB . 13.31 3.71 -115.93
ND HEM DB . 12.65 0.93 -116.36
FE HEM DB . 13.47 1.96 -114.84
HHB HEM DB . 14.60 1.13 -110.68
HHC HEM DB . 14.88 6.14 -114.36
HHD HEM DB . 11.61 3.04 -118.65
HMA HEM DB . 14.97 -1.00 -110.10
HMAA HEM DB . 15.50 -2.29 -110.85
HMAB HEM DB . 14.01 -2.26 -110.27
HAA HEM DB . 13.09 -3.72 -113.83
HAAA HEM DB . 13.37 -3.78 -112.27
HBA HEM DB . 15.07 -4.95 -113.42
HBAA HEM DB . 15.70 -3.67 -112.72
HMB HEM DB . 16.22 4.19 -109.56
HMBA HEM DB . 15.78 2.68 -109.58
HMBB HEM DB . 14.73 3.80 -109.20
HAB HEM DB . 15.59 6.89 -112.46
HBB HEM DB . 15.71 6.12 -109.74
HBBA HEM DB . 16.03 7.65 -110.36
HMC HEM DB . 15.42 7.09 -116.37
HMCA HEM DB . 14.00 7.77 -116.59
HMCB HEM DB . 14.87 7.30 -117.84
HAC HEM DB . 12.67 4.68 -119.86
HBC HEM DB . 12.81 6.79 -120.69
HBCA HEM DB . 13.34 7.35 -119.19
HMD HEM DB . 10.39 -0.32 -119.87
HMDA HEM DB . 11.62 0.57 -120.38
HMDB HEM DB . 10.36 1.27 -119.69
HAD HEM DB . 12.17 -2.82 -117.85
HADA HEM DB . 11.18 -2.25 -118.96
HBD HEM DB . 9.48 -2.09 -117.32
HBDA HEM DB . 10.46 -2.73 -116.27
HHA HEM DB . 12.77 -2.27 -115.57
CHA HEM EB . 24.46 19.55 -104.41
CHB HEM EB . 22.40 16.28 -107.38
CHC HEM EB . 19.49 14.87 -103.79
CHD HEM EB . 21.29 18.33 -100.94
C1A HEM EB . 24.19 18.76 -105.51
C2A HEM EB . 24.94 18.75 -106.74
C3A HEM EB . 24.39 17.86 -107.56
C4A HEM EB . 23.25 17.26 -106.88
CMA HEM EB . 24.87 17.53 -108.99
CAA HEM EB . 26.18 19.64 -107.02
CBA HEM EB . 27.38 19.05 -106.30
CGA HEM EB . 28.62 19.84 -106.61
O1A HEM EB . 28.55 20.78 -107.44
O2A HEM EB . 29.69 19.52 -106.03
C1B HEM EB . 21.42 15.60 -106.68
C2B HEM EB . 20.55 14.54 -107.18
C3B HEM EB . 19.76 14.16 -106.17
C4B HEM EB . 20.09 14.96 -105.02
CMB HEM EB . 20.61 14.00 -108.63
CAB HEM EB . 18.64 13.09 -106.12
CBB HEM EB . 18.09 12.54 -107.21
C1C HEM EB . 19.69 15.70 -102.72
C2C HEM EB . 18.92 15.69 -101.50
C3C HEM EB . 19.37 16.66 -100.70
C4C HEM EB . 20.50 17.29 -101.39
CMC HEM EB . 17.73 14.74 -101.19
CAC HEM EB . 18.78 16.92 -99.29
CBC HEM EB . 19.21 17.91 -98.50
C1D HEM EB . 22.32 18.93 -101.62
C2D HEM EB . 23.21 19.96 -101.08
C3D HEM EB . 24.09 20.29 -102.03
C4D HEM EB . 23.78 19.50 -103.20
CMD HEM EB . 23.10 20.52 -99.65
CAD HEM EB . 25.21 21.35 -101.90
CBD HEM EB . 26.50 20.74 -101.38
CGD HEM EB . 27.37 20.16 -102.48
O1D HEM EB . 27.86 19.02 -102.32
O2D HEM EB . 27.58 20.84 -103.52
NA HEM EB . 23.16 17.84 -105.63
NB HEM EB . 21.11 15.82 -105.36
NC HEM EB . 20.65 16.69 -102.61
ND HEM EB . 22.71 18.68 -102.92
FE HEM EB . 21.93 17.28 -104.14
HHB HEM EB . 22.50 16.06 -108.33
HHC HEM EB . 18.86 14.13 -103.66
HHD HEM EB . 21.11 18.68 -100.04
HMA HEM EB . 24.84 18.34 -109.54
HMAA HEM EB . 24.29 16.84 -109.38
HMAB HEM EB . 25.79 17.19 -108.96
HAA HEM EB . 26.01 20.54 -106.68
HAAA HEM EB . 26.35 19.68 -107.97
HBA HEM EB . 27.50 18.13 -106.58
HBAA HEM EB . 27.23 19.07 -105.34
HMB HEM EB . 20.43 13.05 -108.63
HMBA HEM EB . 21.50 14.16 -109.00
HMBB HEM EB . 19.95 14.46 -109.18
HAB HEM EB . 18.31 12.81 -105.25
HBB HEM EB . 18.40 12.81 -108.09
HBBA HEM EB . 17.39 11.88 -107.12
HMC HEM EB . 17.77 13.98 -101.78
HMCA HEM EB . 16.89 15.22 -101.33
HMCB HEM EB . 17.79 14.45 -100.27
HAC HEM EB . 18.09 16.35 -98.97
HBC HEM EB . 18.82 18.04 -97.62
HBCA HEM EB . 19.92 18.50 -98.80
HMD HEM EB . 22.25 20.99 -99.54
HMDA HEM EB . 23.84 21.16 -99.51
HMDB HEM EB . 23.18 19.80 -99.01
HAD HEM EB . 24.92 22.04 -101.28
HADA HEM EB . 25.37 21.75 -102.77
HBD HEM EB . 26.28 20.02 -100.77
HBDA HEM EB . 27.01 21.41 -100.91
HHA HEM EB . 25.19 20.19 -104.49
C2 SMA FB . 21.77 23.15 -120.63
C3 SMA FB . 21.80 24.18 -121.60
C3M SMA FB . 20.95 24.17 -122.85
C4 SMA FB . 22.68 25.29 -121.40
C4A SMA FB . 23.54 25.32 -120.26
C5 SMA FB . 24.45 26.36 -120.02
C5M SMA FB . 25.84 27.35 -121.61
C6 SMA FB . 25.24 26.34 -118.90
C7 SMA FB . 25.15 25.29 -118.01
C7M SMA FB . 27.29 25.69 -117.00
C8 SMA FB . 24.26 24.27 -118.22
C8A SMA FB . 23.46 24.28 -119.34
C9 SMA FB . 20.93 21.91 -120.73
C10 SMA FB . 19.59 21.94 -119.95
C11 SMA FB . 19.12 20.51 -119.57
C12 SMA FB . 17.59 20.45 -119.26
C13 SMA FB . 17.12 21.44 -118.13
C14 SMA FB . 15.62 21.14 -117.83
C15 SMA FB . 14.98 22.29 -117.08
C16 SMA FB . 14.84 22.26 -115.71
C17 SMA FB . 14.24 23.39 -115.00
C18 SMA FB . 14.11 23.36 -113.61
C19 SMA FB . 13.50 24.47 -112.81
C20 SMA FB . 13.44 24.27 -111.43
C21 SMA FB . 12.88 25.24 -110.42
C22 SMA FB . 19.39 19.44 -120.66
C23 SMA FB . 16.09 19.67 -121.01
C24 SMA FB . 17.98 21.28 -116.85
C25 SMA FB . 14.33 19.22 -117.21
C26 SMA FB . 12.98 25.71 -113.51
O1 SMA FB . 22.59 23.26 -119.53
O4 SMA FB . 22.69 26.18 -122.23
O5 SMA FB . 24.58 27.42 -120.88
O7 SMA FB . 25.92 25.24 -116.86
O8 SMA FB . 24.18 23.25 -117.33
O12 SMA FB . 16.87 20.77 -120.48
O14 SMA FB . 15.57 19.92 -117.04
H1 SMA FB . 20.56 25.17 -123.03
H2 SMA FB . 20.12 23.49 -122.73
H3 SMA FB . 21.55 23.86 -123.70
H4 SMA FB . 26.62 27.82 -121.04
H5 SMA FB . 25.75 27.86 -122.55
H6 SMA FB . 26.10 26.32 -121.79
H7 SMA FB . 25.93 27.14 -118.73
H8 SMA FB . 27.90 25.30 -116.20
H9 SMA FB . 27.34 26.76 -116.99
H10 SMA FB . 27.71 25.34 -117.94
H11 SMA FB . 21.52 21.08 -120.36
H12 SMA FB . 20.71 21.74 -121.77
H13 SMA FB . 18.85 22.43 -120.57
H14 SMA FB . 19.73 22.53 -119.05
H15 SMA FB . 19.67 20.25 -118.66
H16 SMA FB . 17.38 19.46 -118.90
H17 SMA FB . 17.21 22.46 -118.45
H18 SMA FB . 15.10 20.98 -118.77
H19 SMA FB . 14.64 23.14 -117.65
H21 SMA FB . 15.18 21.41 -115.14
H22 SMA FB . 13.89 24.23 -115.55
H23 SMA FB . 14.47 22.49 -113.09
H25 SMA FB . 14.17 23.62 -110.98
H26 SMA FB . 11.80 25.18 -110.38
H27 SMA FB . 13.17 26.26 -110.69
H28 SMA FB . 13.28 25.02 -109.43
H29 SMA FB . 18.80 18.55 -120.46
H30 SMA FB . 20.44 19.18 -120.64
H31 SMA FB . 19.13 19.84 -121.63
H32 SMA FB . 15.50 20.08 -121.81
H33 SMA FB . 15.49 19.31 -120.19
H34 SMA FB . 16.80 18.94 -121.35
H35 SMA FB . 17.53 21.84 -116.03
H36 SMA FB . 18.99 21.64 -117.02
H37 SMA FB . 18.02 20.23 -116.56
H38 SMA FB . 14.28 18.35 -116.56
H39 SMA FB . 14.20 18.87 -118.23
H40 SMA FB . 13.49 19.86 -116.97
H41 SMA FB . 12.40 26.32 -112.81
H42 SMA FB . 12.34 25.44 -114.34
H43 SMA FB . 13.80 26.31 -113.88
H44 SMA FB . 25.08 22.93 -117.12
O1 6PE GB . 21.07 -8.78 -126.92
O2 6PE GB . 22.78 -8.94 -129.01
P1 6PE GB . 22.50 -8.83 -127.49
O3 6PE GB . 23.40 -7.60 -126.95
C1 6PE GB . 22.75 -6.42 -126.45
C2 6PE GB . 23.52 -5.17 -126.82
C3 6PE GB . 22.66 -3.91 -126.80
O4 6PE GB . 23.22 -3.09 -125.73
C4 6PE GB . 22.39 -2.40 -124.92
O5 6PE GB . 21.69 -2.93 -124.10
C5 6PE GB . 22.48 -0.91 -125.21
C6 6PE GB . 23.84 -0.30 -124.84
C7 6PE GB . 23.79 1.24 -124.77
C8 6PE GB . 25.17 1.90 -124.64
C9 6PE GB . 25.07 3.43 -124.67
O6 6PE GB . 24.50 -4.99 -125.78
C10 6PE GB . 25.71 -5.62 -125.82
O7 6PE GB . 26.26 -5.90 -126.85
C11 6PE GB . 26.19 -5.88 -124.42
C12 6PE GB . 27.21 -4.85 -123.93
C13 6PE GB . 26.81 -3.39 -124.26
C14 6PE GB . 27.50 -2.38 -123.31
C15 6PE GB . 27.42 -0.93 -123.82
O8 6PE GB . 23.27 -10.02 -126.70
C16 6PE GB . 24.53 -10.56 -127.16
C17 6PE GB . 25.56 -10.48 -126.03
N1 6PE GB . 25.10 -11.09 -124.77
H1 6PE GB . 22.70 -6.49 -125.49
H2 6PE GB . 21.86 -6.38 -126.84
H3 6PE GB . 23.94 -5.28 -127.68
H4 6PE GB . 21.73 -4.12 -126.59
H5 6PE GB . 22.72 -3.43 -127.63
H6 6PE GB . 22.28 -0.79 -126.15
H7 6PE GB . 21.76 -0.47 -124.72
H8 6PE GB . 24.14 -0.67 -124.00
H9 6PE GB . 24.50 -0.59 -125.50
H10 6PE GB . 23.24 1.50 -124.02
H11 6PE GB . 23.36 1.57 -125.58
H12 6PE GB . 25.57 1.62 -123.80
H13 6PE GB . 25.75 1.59 -125.36
H14 6PE GB . 24.52 3.77 -123.95
H15 6PE GB . 25.95 3.85 -124.60
H16 6PE GB . 24.68 3.74 -125.51
H17 6PE GB . 25.38 -5.90 -123.90
H18 6PE GB . 26.54 -6.78 -124.47
H19 6PE GB . 27.30 -4.93 -122.96
H20 6PE GB . 28.07 -5.03 -124.32
H21 6PE GB . 25.85 -3.29 -124.19
H22 6PE GB . 27.06 -3.19 -125.18
H23 6PE GB . 28.43 -2.64 -123.22
H24 6PE GB . 27.10 -2.45 -122.44
H25 6PE GB . 26.50 -0.66 -123.93
H26 6PE GB . 27.84 -0.33 -123.18
H27 6PE GB . 27.88 -0.84 -124.67
H28 6PE GB . 24.39 -11.47 -127.43
H29 6PE GB . 24.83 -10.03 -127.92
H30 6PE GB . 25.78 -9.55 -125.87
H31 6PE GB . 26.37 -10.93 -126.32
H32 6PE GB . 25.70 -11.01 -124.11
H33 6PE GB . 24.85 -11.94 -124.85
FE HEC HB . 50.12 36.06 -109.03
CHA HEC HB . 47.55 35.80 -111.23
CHB HEC HB . 50.65 32.67 -109.19
CHC HEC HB . 52.74 36.35 -106.79
CHD HEC HB . 49.69 39.50 -108.83
NA HEC HB . 49.32 34.53 -110.07
C1A HEC HB . 48.16 34.63 -110.82
C2A HEC HB . 47.70 33.28 -111.11
C3A HEC HB . 48.56 32.42 -110.54
C4A HEC HB . 49.59 33.19 -109.89
CMA HEC HB . 48.50 30.88 -110.56
CAA HEC HB . 46.43 32.95 -111.92
CBA HEC HB . 46.70 32.99 -113.42
CGA HEC HB . 45.40 32.76 -114.13
O1A HEC HB . 44.41 33.46 -113.81
O2A HEC HB . 45.34 31.88 -115.02
NB HEC HB . 51.49 34.76 -108.21
C1B HEC HB . 51.43 33.38 -108.31
C2B HEC HB . 52.33 32.82 -107.32
C3B HEC HB . 52.91 33.84 -106.67
C4B HEC HB . 52.39 35.07 -107.21
CMB HEC HB . 52.57 31.31 -107.08
CAB HEC HB . 53.93 33.74 -105.50
CBB HEC HB . 55.15 32.87 -105.85
NC HEC HB . 51.02 37.63 -107.97
C1C HEC HB . 52.13 37.52 -107.15
C2C HEC HB . 52.48 38.85 -106.67
C3C HEC HB . 51.71 39.73 -107.34
C4C HEC HB . 50.73 38.97 -108.10
CMC HEC HB . 53.75 39.14 -105.84
CAC HEC HB . 51.67 41.28 -107.22
CBC HEC HB . 53.06 41.97 -107.16
ND HEC HB . 48.80 37.43 -109.86
C1D HEC HB . 48.87 38.81 -109.71
C2D HEC HB . 47.93 39.44 -110.59
C3D HEC HB . 47.26 38.29 -111.35
C4D HEC HB . 47.87 37.08 -110.83
CMD HEC HB . 47.65 40.95 -110.77
CAD HEC HB . 46.17 38.42 -112.43
CBD HEC HB . 46.77 38.01 -113.78
CGD HEC HB . 45.73 38.15 -114.86
O1D HEC HB . 44.52 38.24 -114.52
O2D HEC HB . 46.11 38.16 -116.06
HHA HEC HB . 46.82 35.70 -111.87
HHB HEC HB . 50.87 31.74 -109.33
HHC HEC HB . 53.50 36.41 -106.18
HHD HEC HB . 49.52 40.46 -108.73
HMA1 HEC HB . 48.33 30.54 -109.66
HMA2 HEC HB . 49.36 30.53 -110.89
HMA3 HEC HB . 47.78 30.59 -111.16
HAA1 HEC HB . 45.74 33.60 -111.71
HAA2 HEC HB . 46.13 32.07 -111.68
HBA1 HEC HB . 47.34 32.30 -113.66
HBA2 HEC HB . 47.07 33.86 -113.66
HMB1 HEC HB . 52.33 31.09 -106.16
HMB2 HEC HB . 53.50 31.10 -107.23
HMB3 HEC HB . 52.01 30.79 -107.68
HAB HEC HB . 54.25 34.64 -105.34
HBB1 HEC HB . 55.96 33.35 -105.61
HBB2 HEC HB . 55.15 32.69 -106.81
HBB3 HEC HB . 55.10 32.03 -105.36
HMC1 HEC HB . 53.56 39.83 -105.18
HMC2 HEC HB . 54.45 39.45 -106.42
HMC3 HEC HB . 54.03 38.34 -105.38
HAC HEC HB . 51.23 41.61 -108.00
HBC1 HEC HB . 53.02 42.79 -107.68
HBC2 HEC HB . 53.71 41.37 -107.55
HBC3 HEC HB . 53.28 42.16 -106.25
HMD1 HEC HB . 46.71 41.14 -110.56
HMD2 HEC HB . 47.82 41.20 -111.70
HMD3 HEC HB . 48.23 41.46 -110.18
HAD1 HEC HB . 45.86 39.33 -112.47
HAD2 HEC HB . 45.42 37.83 -112.21
HBD1 HEC HB . 47.06 37.09 -113.73
HBD2 HEC HB . 47.52 38.58 -113.98
SR SR IB . 52.36 15.14 -113.42
C1 BOG JB . 45.51 9.43 -110.61
O1 BOG JB . 44.43 8.70 -111.10
C2 BOG JB . 46.08 10.25 -111.81
O2 BOG JB . 46.66 9.40 -112.73
C3 BOG JB . 47.17 11.20 -111.27
O3 BOG JB . 47.60 12.06 -112.28
C4 BOG JB . 46.55 12.06 -110.13
O4 BOG JB . 47.55 12.80 -109.51
C5 BOG JB . 46.00 11.09 -109.05
O5 BOG JB . 45.00 10.31 -109.64
C6 BOG JB . 45.38 11.89 -107.87
O6 BOG JB . 44.66 10.97 -107.11
C1' BOG JB . 44.41 7.35 -110.64
C2' BOG JB . 43.22 6.67 -111.30
C3' BOG JB . 43.16 5.24 -110.77
C4' BOG JB . 42.12 4.42 -111.55
C5' BOG JB . 40.93 4.10 -110.65
C6' BOG JB . 39.92 3.22 -111.41
C7' BOG JB . 39.99 1.77 -110.93
C8' BOG JB . 38.97 0.91 -111.67
H1 BOG JB . 46.32 8.76 -110.19
H2 BOG JB . 45.25 10.84 -112.28
HO2 BOG JB . 47.33 9.91 -113.20
H3 BOG JB . 48.04 10.60 -110.86
HO3 BOG JB . 48.30 12.61 -111.90
H4 BOG JB . 45.73 12.70 -110.54
HO4 BOG JB . 47.13 13.56 -109.10
H5 BOG JB . 46.82 10.44 -108.64
H61 BOG JB . 46.20 12.38 -107.28
H62 BOG JB . 44.76 12.72 -108.27
HO6 BOG JB . 44.11 11.48 -106.52
H1'1 BOG JB . 44.34 7.33 -109.53
H1'2 BOG JB . 45.37 6.85 -110.91
H2'1 BOG JB . 43.31 6.70 -112.41
H2'2 BOG JB . 42.28 7.21 -111.08
H3'1 BOG JB . 42.93 5.24 -109.69
H3'2 BOG JB . 44.16 4.77 -110.85
H4'1 BOG JB . 42.58 3.49 -111.93
H4'2 BOG JB . 41.80 4.96 -112.45
H5'1 BOG JB . 40.45 5.03 -110.30
H5'2 BOG JB . 41.27 3.59 -109.72
H6'1 BOG JB . 40.11 3.28 -112.51
H6'2 BOG JB . 38.89 3.63 -111.28
H7'1 BOG JB . 39.82 1.71 -109.84
H7'2 BOG JB . 41.01 1.36 -111.07
H8'1 BOG JB . 38.96 -0.12 -111.29
H8'2 BOG JB . 37.96 1.31 -111.56
H8'3 BOG JB . 39.19 0.87 -112.74
FE1 FES KB . 18.06 25.24 -65.36
FE2 FES KB . 15.93 23.06 -65.64
S1 FES KB . 16.44 24.52 -64.09
S2 FES KB . 17.45 23.90 -66.99
#